data_2NEF
#
_entry.id   2NEF
#
_cell.length_a   1.000
_cell.length_b   1.000
_cell.length_c   1.000
_cell.angle_alpha   90.00
_cell.angle_beta   90.00
_cell.angle_gamma   90.00
#
_symmetry.space_group_name_H-M   'P 1'
#
_entity_poly.entity_id   1
_entity_poly.type   'polypeptide(L)'
_entity_poly.pdbx_seq_one_letter_code
;AWLEAQEEEEVGFPVTPQVPLRPMTYKAAVDLSHFLKEKGGLEGLIHSQRRQDILDLWIYHTQGYFPDWQNYTPGPGIRY
PLTFGWCYKLVPVEPEKLEEANKDDPEREVLEWRFDSRLAFHHMARELHPEYFKNA
;
_entity_poly.pdbx_strand_id   A
#
# COMPACT_ATOMS: atom_id res chain seq x y z
N ALA A 1 4.67 15.75 5.14
CA ALA A 1 5.23 15.85 3.77
C ALA A 1 4.09 15.87 2.76
N TRP A 2 4.13 15.00 1.78
CA TRP A 2 3.06 14.97 0.76
C TRP A 2 1.77 14.41 1.37
N LEU A 3 1.88 13.66 2.43
CA LEU A 3 0.65 13.10 3.08
C LEU A 3 0.07 14.14 4.03
N GLU A 4 0.88 15.03 4.53
CA GLU A 4 0.37 16.07 5.46
C GLU A 4 -0.39 17.15 4.68
N ALA A 5 -1.51 16.79 4.10
CA ALA A 5 -2.29 17.80 3.33
C ALA A 5 -2.96 18.79 4.30
N GLN A 6 -2.37 19.94 4.48
CA GLN A 6 -2.98 20.94 5.40
C GLN A 6 -4.39 21.28 4.93
N GLU A 7 -4.53 21.87 3.78
CA GLU A 7 -5.88 22.23 3.25
C GLU A 7 -5.84 22.15 1.73
N GLU A 8 -5.40 23.19 1.07
CA GLU A 8 -5.33 23.16 -0.41
C GLU A 8 -4.07 22.41 -0.85
N GLU A 9 -4.17 21.12 -1.01
CA GLU A 9 -2.97 20.32 -1.42
C GLU A 9 -2.24 21.03 -2.56
N GLU A 10 -0.96 20.78 -2.70
CA GLU A 10 -0.17 21.43 -3.78
C GLU A 10 0.90 20.47 -4.28
N VAL A 11 0.61 19.72 -5.32
CA VAL A 11 1.60 18.76 -5.86
C VAL A 11 2.59 19.51 -6.76
N GLY A 12 2.86 20.74 -6.45
CA GLY A 12 3.80 21.53 -7.29
C GLY A 12 3.41 21.35 -8.77
N PHE A 13 4.37 21.16 -9.63
CA PHE A 13 4.04 20.97 -11.08
C PHE A 13 5.16 20.20 -11.78
N PRO A 14 5.67 19.16 -11.17
CA PRO A 14 6.75 18.32 -11.78
C PRO A 14 6.22 17.57 -13.01
N VAL A 15 6.79 17.79 -14.17
CA VAL A 15 6.30 17.10 -15.38
C VAL A 15 6.92 15.69 -15.48
N THR A 16 6.20 14.69 -15.02
CA THR A 16 6.71 13.29 -15.09
C THR A 16 5.60 12.38 -15.64
N PRO A 17 5.61 12.11 -16.92
CA PRO A 17 4.58 11.23 -17.56
C PRO A 17 5.04 9.77 -17.68
N GLN A 18 4.41 9.03 -18.55
CA GLN A 18 4.78 7.61 -18.73
C GLN A 18 6.28 7.51 -19.02
N VAL A 19 7.03 7.23 -18.01
CA VAL A 19 8.51 7.10 -18.18
C VAL A 19 8.82 5.68 -18.67
N PRO A 20 9.93 5.48 -19.34
CA PRO A 20 10.32 4.14 -19.88
C PRO A 20 9.85 3.00 -18.96
N LEU A 21 8.87 2.27 -19.38
CA LEU A 21 8.33 1.16 -18.54
C LEU A 21 9.43 0.13 -18.27
N ARG A 22 10.07 0.20 -17.13
CA ARG A 22 11.13 -0.78 -16.80
C ARG A 22 10.44 -2.04 -16.23
N PRO A 23 11.18 -3.03 -15.84
CA PRO A 23 10.61 -4.28 -15.27
C PRO A 23 10.47 -4.20 -13.74
N MET A 24 9.25 -4.29 -13.24
CA MET A 24 9.06 -4.21 -11.77
C MET A 24 9.71 -5.42 -11.10
N THR A 25 10.84 -5.24 -10.48
CA THR A 25 11.55 -6.37 -9.84
C THR A 25 11.04 -6.58 -8.41
N TYR A 26 11.05 -7.80 -7.94
CA TYR A 26 10.62 -8.04 -6.54
C TYR A 26 11.43 -7.08 -5.69
N LYS A 27 12.70 -7.00 -5.98
CA LYS A 27 13.57 -6.05 -5.27
C LYS A 27 13.02 -4.65 -5.49
N ALA A 28 12.37 -4.40 -6.60
CA ALA A 28 11.82 -3.04 -6.84
C ALA A 28 10.76 -2.75 -5.77
N ALA A 29 9.99 -3.73 -5.40
CA ALA A 29 8.94 -3.52 -4.36
C ALA A 29 9.59 -3.14 -3.03
N VAL A 30 10.57 -3.89 -2.60
CA VAL A 30 11.24 -3.58 -1.31
C VAL A 30 11.92 -2.21 -1.40
N ASP A 31 12.64 -1.96 -2.47
CA ASP A 31 13.30 -0.65 -2.61
C ASP A 31 12.22 0.43 -2.59
N LEU A 32 11.15 0.21 -3.32
CA LEU A 32 10.05 1.20 -3.33
C LEU A 32 9.45 1.32 -1.94
N SER A 33 9.23 0.22 -1.27
CA SER A 33 8.63 0.29 0.10
C SER A 33 9.45 1.26 0.96
N HIS A 34 10.75 1.13 0.95
CA HIS A 34 11.59 2.04 1.77
C HIS A 34 11.63 3.43 1.13
N PHE A 35 11.61 3.50 -0.17
CA PHE A 35 11.65 4.82 -0.84
C PHE A 35 10.46 5.65 -0.36
N LEU A 36 9.28 5.12 -0.47
CA LEU A 36 8.07 5.86 -0.01
C LEU A 36 8.19 6.14 1.49
N LYS A 37 8.85 5.29 2.23
CA LYS A 37 8.98 5.52 3.69
C LYS A 37 9.79 6.79 3.96
N GLU A 38 10.96 6.88 3.40
CA GLU A 38 11.81 8.09 3.64
C GLU A 38 11.18 9.31 2.96
N LYS A 39 10.31 9.10 2.01
CA LYS A 39 9.68 10.26 1.31
C LYS A 39 8.58 10.85 2.20
N GLY A 40 8.72 10.73 3.50
CA GLY A 40 7.70 11.28 4.44
C GLY A 40 7.26 10.19 5.43
N GLY A 41 6.73 9.09 4.95
CA GLY A 41 6.29 7.99 5.86
C GLY A 41 4.83 7.62 5.55
N LEU A 42 4.61 6.63 4.71
CA LEU A 42 3.21 6.22 4.39
C LEU A 42 2.70 5.33 5.53
N GLU A 43 3.60 4.81 6.31
CA GLU A 43 3.20 3.92 7.45
C GLU A 43 2.14 4.58 8.34
N GLY A 44 1.36 3.78 8.98
CA GLY A 44 0.33 4.28 9.92
C GLY A 44 -0.67 5.23 9.24
N LEU A 45 -0.53 5.46 7.96
CA LEU A 45 -1.50 6.37 7.28
C LEU A 45 -2.84 5.64 7.10
N ILE A 46 -3.87 6.09 7.75
CA ILE A 46 -5.19 5.39 7.63
C ILE A 46 -5.70 5.45 6.17
N HIS A 47 -5.64 4.33 5.49
CA HIS A 47 -6.13 4.25 4.10
C HIS A 47 -7.65 4.46 4.08
N SER A 48 -8.11 5.62 3.68
CA SER A 48 -9.57 5.88 3.63
C SER A 48 -10.20 5.00 2.56
N GLN A 49 -10.02 5.36 1.32
CA GLN A 49 -10.61 4.55 0.21
C GLN A 49 -10.06 5.05 -1.12
N ARG A 50 -9.96 6.35 -1.27
CA ARG A 50 -9.43 6.93 -2.55
C ARG A 50 -7.90 7.02 -2.46
N ARG A 51 -7.37 7.10 -1.27
CA ARG A 51 -5.89 7.20 -1.13
C ARG A 51 -5.23 6.02 -1.85
N GLN A 52 -5.93 4.93 -2.00
CA GLN A 52 -5.33 3.76 -2.70
C GLN A 52 -5.02 4.15 -4.15
N ASP A 53 -5.97 4.72 -4.83
CA ASP A 53 -5.74 5.12 -6.24
C ASP A 53 -4.56 6.10 -6.31
N ILE A 54 -4.53 7.08 -5.45
CA ILE A 54 -3.40 8.06 -5.47
C ILE A 54 -2.07 7.31 -5.45
N LEU A 55 -1.97 6.28 -4.66
CA LEU A 55 -0.70 5.50 -4.61
C LEU A 55 -0.41 4.91 -5.99
N ASP A 56 -1.24 4.02 -6.44
CA ASP A 56 -1.02 3.40 -7.78
C ASP A 56 -0.87 4.50 -8.83
N LEU A 57 -1.73 5.49 -8.80
CA LEU A 57 -1.64 6.59 -9.80
C LEU A 57 -0.31 7.34 -9.63
N TRP A 58 0.01 7.72 -8.42
CA TRP A 58 1.28 8.46 -8.19
C TRP A 58 2.42 7.67 -8.83
N ILE A 59 2.45 6.38 -8.62
CA ILE A 59 3.54 5.56 -9.22
C ILE A 59 3.50 5.73 -10.74
N TYR A 60 2.33 5.97 -11.29
CA TYR A 60 2.21 6.13 -12.76
C TYR A 60 2.96 7.38 -13.24
N HIS A 61 2.48 8.56 -12.89
CA HIS A 61 3.15 9.82 -13.34
C HIS A 61 4.56 9.92 -12.77
N THR A 62 5.10 8.87 -12.20
CA THR A 62 6.49 8.93 -11.63
C THR A 62 7.35 7.81 -12.22
N GLN A 63 7.26 6.63 -11.68
CA GLN A 63 8.08 5.50 -12.21
C GLN A 63 7.38 4.88 -13.42
N GLY A 64 6.12 5.16 -13.60
CA GLY A 64 5.38 4.60 -14.77
C GLY A 64 5.14 3.10 -14.61
N TYR A 65 5.39 2.55 -13.45
CA TYR A 65 5.16 1.08 -13.27
C TYR A 65 3.65 0.84 -13.24
N PHE A 66 3.18 -0.11 -13.99
CA PHE A 66 1.73 -0.42 -13.98
C PHE A 66 1.40 -1.14 -12.67
N PRO A 67 0.22 -0.97 -12.14
CA PRO A 67 -0.17 -1.62 -10.84
C PRO A 67 -0.45 -3.13 -10.99
N ASP A 68 0.32 -3.83 -11.77
CA ASP A 68 0.09 -5.29 -11.92
C ASP A 68 0.80 -6.01 -10.77
N TRP A 69 1.22 -5.28 -9.77
CA TRP A 69 1.94 -5.88 -8.59
C TRP A 69 1.18 -5.59 -7.32
N GLN A 70 0.48 -4.50 -7.29
CA GLN A 70 -0.29 -4.11 -6.09
C GLN A 70 -1.55 -4.98 -5.99
N ASN A 71 -1.64 -5.81 -4.98
CA ASN A 71 -2.84 -6.67 -4.83
C ASN A 71 -2.99 -7.10 -3.36
N TYR A 72 -4.05 -7.78 -3.03
CA TYR A 72 -4.26 -8.22 -1.62
C TYR A 72 -5.28 -9.35 -1.58
N THR A 73 -5.28 -10.12 -0.52
CA THR A 73 -6.25 -11.25 -0.42
C THR A 73 -7.68 -10.68 -0.38
N PRO A 74 -8.65 -11.41 -0.88
CA PRO A 74 -10.08 -10.94 -0.88
C PRO A 74 -10.69 -10.94 0.52
N GLY A 75 -11.98 -10.77 0.61
CA GLY A 75 -12.65 -10.77 1.95
C GLY A 75 -12.33 -9.44 2.66
N PRO A 76 -13.27 -8.90 3.42
CA PRO A 76 -13.05 -7.61 4.15
C PRO A 76 -12.18 -7.80 5.40
N GLY A 77 -12.13 -6.81 6.24
CA GLY A 77 -11.31 -6.92 7.48
C GLY A 77 -9.82 -6.79 7.12
N ILE A 78 -8.97 -7.50 7.82
CA ILE A 78 -7.51 -7.43 7.54
C ILE A 78 -7.27 -7.59 6.04
N ARG A 79 -6.05 -7.46 5.61
CA ARG A 79 -5.75 -7.60 4.15
C ARG A 79 -4.23 -7.76 3.97
N TYR A 80 -3.79 -8.96 3.73
CA TYR A 80 -2.33 -9.20 3.55
C TYR A 80 -1.96 -8.95 2.08
N PRO A 81 -0.73 -8.57 1.80
CA PRO A 81 -0.27 -8.31 0.40
C PRO A 81 -0.01 -9.61 -0.36
N LEU A 82 -0.69 -9.83 -1.45
CA LEU A 82 -0.48 -11.09 -2.21
C LEU A 82 0.95 -11.13 -2.76
N THR A 83 1.39 -10.10 -3.42
CA THR A 83 2.77 -10.10 -3.99
C THR A 83 3.81 -10.14 -2.87
N PHE A 84 4.98 -10.64 -3.17
CA PHE A 84 6.06 -10.72 -2.15
C PHE A 84 6.98 -9.50 -2.29
N GLY A 85 7.72 -9.17 -1.26
CA GLY A 85 8.63 -7.99 -1.33
C GLY A 85 7.89 -6.75 -0.83
N TRP A 86 6.62 -6.68 -1.10
CA TRP A 86 5.83 -5.50 -0.64
C TRP A 86 5.58 -5.64 0.86
N CYS A 87 6.42 -5.03 1.64
CA CYS A 87 6.29 -5.13 3.11
C CYS A 87 5.20 -4.19 3.64
N TYR A 88 4.05 -4.23 3.05
CA TYR A 88 2.92 -3.36 3.50
C TYR A 88 1.73 -4.26 3.85
N LYS A 89 1.19 -4.13 5.04
CA LYS A 89 0.03 -4.98 5.47
C LYS A 89 -1.08 -4.09 6.02
N LEU A 90 -2.22 -4.06 5.38
CA LEU A 90 -3.34 -3.22 5.88
C LEU A 90 -3.99 -3.92 7.08
N VAL A 91 -4.32 -3.17 8.10
CA VAL A 91 -4.96 -3.79 9.32
C VAL A 91 -5.77 -2.71 10.05
N PRO A 92 -7.01 -3.00 10.44
CA PRO A 92 -7.86 -2.00 11.18
C PRO A 92 -7.57 -1.98 12.68
N VAL A 93 -6.78 -1.06 13.14
CA VAL A 93 -6.48 -0.99 14.60
C VAL A 93 -7.59 -0.20 15.30
N GLU A 94 -8.53 0.24 14.53
CA GLU A 94 -9.67 1.02 15.09
C GLU A 94 -10.64 0.07 15.81
N PRO A 95 -11.35 0.55 16.81
CA PRO A 95 -12.33 -0.29 17.56
C PRO A 95 -13.59 -0.60 16.72
N GLU A 96 -14.03 -1.82 16.73
CA GLU A 96 -15.24 -2.19 15.92
C GLU A 96 -16.45 -1.38 16.41
N LYS A 97 -16.57 -0.16 15.98
CA LYS A 97 -17.73 0.69 16.41
C LYS A 97 -18.91 0.42 15.48
N LEU A 98 -19.45 -0.77 15.49
CA LEU A 98 -20.62 -1.08 14.61
C LEU A 98 -21.90 -0.59 15.29
N GLU A 99 -21.87 0.57 15.88
CA GLU A 99 -23.09 1.10 16.56
C GLU A 99 -24.08 1.61 15.49
N GLU A 100 -25.06 0.82 15.15
CA GLU A 100 -26.06 1.26 14.14
C GLU A 100 -27.00 2.29 14.76
N ALA A 101 -26.97 3.51 14.31
CA ALA A 101 -27.88 4.54 14.89
C ALA A 101 -27.76 5.83 14.07
N ASN A 102 -26.58 6.39 13.98
CA ASN A 102 -26.40 7.65 13.20
C ASN A 102 -26.62 7.37 11.71
N LYS A 103 -27.59 8.02 11.11
CA LYS A 103 -27.87 7.81 9.66
C LYS A 103 -27.09 8.84 8.84
N ASP A 104 -25.89 9.15 9.24
CA ASP A 104 -25.07 10.15 8.49
C ASP A 104 -24.17 9.42 7.49
N ASP A 105 -22.88 9.60 7.60
CA ASP A 105 -21.95 8.92 6.65
C ASP A 105 -21.66 7.50 7.17
N PRO A 106 -21.33 6.58 6.29
CA PRO A 106 -21.03 5.18 6.69
C PRO A 106 -19.77 5.08 7.56
N GLU A 107 -19.93 4.95 8.85
CA GLU A 107 -18.76 4.86 9.75
C GLU A 107 -18.20 3.43 9.73
N ARG A 108 -17.73 2.98 8.59
CA ARG A 108 -17.18 1.60 8.52
C ARG A 108 -15.75 1.58 9.09
N GLU A 109 -15.20 0.42 9.31
CA GLU A 109 -13.82 0.35 9.86
C GLU A 109 -12.81 0.69 8.77
N VAL A 110 -12.01 1.70 8.97
CA VAL A 110 -11.00 2.08 7.93
C VAL A 110 -9.73 1.27 8.15
N LEU A 111 -8.88 1.20 7.15
CA LEU A 111 -7.62 0.38 7.28
C LEU A 111 -6.37 1.28 7.19
N GLU A 112 -5.29 0.90 7.86
CA GLU A 112 -4.03 1.71 7.82
C GLU A 112 -2.88 0.86 7.25
N TRP A 113 -2.01 1.48 6.52
CA TRP A 113 -0.85 0.76 5.93
C TRP A 113 0.17 0.48 7.04
N ARG A 114 0.38 -0.77 7.38
CA ARG A 114 1.36 -1.10 8.45
C ARG A 114 2.70 -1.50 7.82
N PHE A 115 3.64 -0.60 7.81
CA PHE A 115 4.97 -0.88 7.20
C PHE A 115 5.72 -1.93 8.03
N ASP A 116 6.32 -2.91 7.38
CA ASP A 116 7.05 -3.97 8.11
C ASP A 116 8.13 -4.57 7.18
N SER A 117 9.13 -3.79 6.85
CA SER A 117 10.21 -4.26 5.92
C SER A 117 10.69 -5.68 6.26
N ARG A 118 10.31 -6.23 7.37
CA ARG A 118 10.79 -7.61 7.69
C ARG A 118 10.23 -8.60 6.67
N LEU A 119 9.16 -8.24 6.02
CA LEU A 119 8.57 -9.13 4.99
C LEU A 119 9.59 -9.33 3.86
N ALA A 120 10.74 -8.72 3.97
CA ALA A 120 11.77 -8.87 2.92
C ALA A 120 12.40 -10.25 3.03
N PHE A 121 12.08 -10.98 4.08
CA PHE A 121 12.66 -12.36 4.25
C PHE A 121 11.59 -13.29 4.82
N HIS A 122 10.71 -12.79 5.65
CA HIS A 122 9.66 -13.67 6.23
C HIS A 122 8.62 -13.97 5.15
N HIS A 123 7.60 -14.74 5.47
CA HIS A 123 6.57 -15.06 4.45
C HIS A 123 5.27 -15.48 5.15
N MET A 124 4.55 -14.53 5.69
CA MET A 124 3.28 -14.87 6.39
C MET A 124 2.17 -15.05 5.35
N ALA A 125 2.03 -14.12 4.45
CA ALA A 125 0.95 -14.23 3.42
C ALA A 125 1.03 -15.60 2.72
N ARG A 126 2.18 -16.20 2.71
CA ARG A 126 2.32 -17.53 2.04
C ARG A 126 1.59 -18.59 2.86
N GLU A 127 1.67 -18.50 4.16
CA GLU A 127 0.99 -19.51 5.02
C GLU A 127 -0.53 -19.31 4.97
N LEU A 128 -0.97 -18.15 4.59
CA LEU A 128 -2.45 -17.89 4.52
C LEU A 128 -3.04 -18.55 3.28
N HIS A 129 -2.75 -18.03 2.12
CA HIS A 129 -3.33 -18.63 0.87
C HIS A 129 -2.32 -18.52 -0.28
N PRO A 130 -1.39 -19.46 -0.35
CA PRO A 130 -0.36 -19.47 -1.42
C PRO A 130 -0.86 -20.20 -2.69
N GLU A 131 -1.90 -20.96 -2.57
CA GLU A 131 -2.44 -21.70 -3.74
C GLU A 131 -2.68 -20.74 -4.91
N TYR A 132 -2.63 -19.46 -4.66
CA TYR A 132 -2.86 -18.48 -5.76
C TYR A 132 -1.59 -18.36 -6.62
N PHE A 133 -0.44 -18.45 -6.00
CA PHE A 133 0.83 -18.35 -6.79
C PHE A 133 1.29 -19.74 -7.21
N LYS A 134 1.19 -20.05 -8.48
CA LYS A 134 1.61 -21.39 -8.98
C LYS A 134 3.06 -21.33 -9.46
N ASN A 135 4.00 -21.47 -8.57
CA ASN A 135 5.44 -21.43 -9.00
C ASN A 135 5.83 -22.78 -9.60
N ALA A 136 6.21 -23.71 -8.76
CA ALA A 136 6.62 -25.05 -9.28
C ALA A 136 5.36 -25.90 -9.54
N ALA A 1 4.47 15.70 -3.56
CA ALA A 1 3.87 16.23 -2.30
C ALA A 1 2.42 15.77 -2.20
N TRP A 2 2.16 14.51 -2.46
CA TRP A 2 0.77 14.00 -2.37
C TRP A 2 0.34 13.91 -0.91
N LEU A 3 1.26 13.63 -0.03
CA LEU A 3 0.92 13.54 1.42
C LEU A 3 0.87 14.95 2.01
N GLU A 4 2.02 15.55 2.20
CA GLU A 4 2.05 16.92 2.77
C GLU A 4 1.62 17.95 1.72
N ALA A 5 0.37 17.97 1.37
CA ALA A 5 -0.10 18.95 0.35
C ALA A 5 -0.11 20.35 0.95
N GLN A 6 0.53 21.29 0.31
CA GLN A 6 0.55 22.68 0.84
C GLN A 6 -0.87 23.25 0.88
N GLU A 7 -1.19 24.15 0.00
CA GLU A 7 -2.56 24.74 0.00
C GLU A 7 -2.75 25.58 -1.27
N GLU A 8 -2.07 26.69 -1.35
CA GLU A 8 -2.21 27.56 -2.56
C GLU A 8 -1.28 27.05 -3.66
N GLU A 9 0.00 27.29 -3.54
CA GLU A 9 0.96 26.82 -4.58
C GLU A 9 0.82 25.30 -4.74
N GLU A 10 0.24 24.87 -5.83
CA GLU A 10 0.08 23.40 -6.04
C GLU A 10 1.40 22.81 -6.53
N VAL A 11 1.36 21.61 -7.05
CA VAL A 11 2.61 20.96 -7.54
C VAL A 11 2.93 21.49 -8.94
N GLY A 12 3.62 22.60 -9.02
CA GLY A 12 3.96 23.19 -10.35
C GLY A 12 5.36 22.74 -10.78
N PHE A 13 5.87 21.69 -10.20
CA PHE A 13 7.22 21.19 -10.59
C PHE A 13 7.32 19.69 -10.31
N PRO A 14 6.39 18.93 -10.82
CA PRO A 14 6.35 17.45 -10.63
C PRO A 14 7.49 16.74 -11.39
N VAL A 15 7.54 15.44 -11.31
CA VAL A 15 8.60 14.67 -12.02
C VAL A 15 8.20 14.43 -13.48
N THR A 16 8.79 13.45 -14.12
CA THR A 16 8.45 13.18 -15.55
C THR A 16 7.19 12.30 -15.62
N PRO A 17 6.42 12.41 -16.69
CA PRO A 17 5.18 11.59 -16.87
C PRO A 17 5.47 10.15 -17.32
N GLN A 18 4.48 9.50 -17.88
CA GLN A 18 4.65 8.09 -18.33
C GLN A 18 6.03 7.87 -18.95
N VAL A 19 6.94 7.35 -18.19
CA VAL A 19 8.31 7.05 -18.70
C VAL A 19 8.30 5.60 -19.18
N PRO A 20 9.17 5.22 -20.10
CA PRO A 20 9.20 3.82 -20.62
C PRO A 20 8.86 2.79 -19.53
N LEU A 21 8.05 1.81 -19.87
CA LEU A 21 7.64 0.80 -18.86
C LEU A 21 8.85 0.06 -18.31
N ARG A 22 9.27 0.39 -17.12
CA ARG A 22 10.43 -0.31 -16.50
C ARG A 22 9.94 -1.64 -15.88
N PRO A 23 10.78 -2.63 -15.80
CA PRO A 23 10.39 -3.95 -15.21
C PRO A 23 10.33 -3.91 -13.67
N MET A 24 9.16 -4.01 -13.09
CA MET A 24 9.07 -3.97 -11.60
C MET A 24 9.71 -5.25 -11.03
N THR A 25 10.87 -5.12 -10.46
CA THR A 25 11.55 -6.33 -9.89
C THR A 25 11.10 -6.57 -8.45
N TYR A 26 11.11 -7.81 -8.02
CA TYR A 26 10.71 -8.10 -6.62
C TYR A 26 11.57 -7.17 -5.75
N LYS A 27 12.84 -7.11 -6.08
CA LYS A 27 13.74 -6.20 -5.34
C LYS A 27 13.23 -4.78 -5.53
N ALA A 28 12.56 -4.50 -6.64
CA ALA A 28 12.04 -3.12 -6.82
C ALA A 28 10.98 -2.83 -5.76
N ALA A 29 10.25 -3.83 -5.37
CA ALA A 29 9.18 -3.64 -4.34
C ALA A 29 9.83 -3.23 -3.02
N VAL A 30 10.82 -3.95 -2.57
CA VAL A 30 11.47 -3.60 -1.28
C VAL A 30 12.13 -2.23 -1.39
N ASP A 31 12.81 -1.97 -2.46
CA ASP A 31 13.44 -0.63 -2.63
C ASP A 31 12.33 0.41 -2.61
N LEU A 32 11.32 0.21 -3.41
CA LEU A 32 10.19 1.17 -3.45
C LEU A 32 9.46 1.19 -2.11
N SER A 33 9.27 0.04 -1.49
CA SER A 33 8.55 0.02 -0.19
C SER A 33 9.21 0.98 0.79
N HIS A 34 10.52 0.92 0.92
CA HIS A 34 11.21 1.84 1.86
C HIS A 34 11.22 3.26 1.33
N PHE A 35 11.30 3.44 0.04
CA PHE A 35 11.31 4.82 -0.51
C PHE A 35 10.04 5.53 -0.05
N LEU A 36 8.90 4.93 -0.30
CA LEU A 36 7.62 5.56 0.11
C LEU A 36 7.59 5.70 1.64
N LYS A 37 8.21 4.79 2.35
CA LYS A 37 8.19 4.88 3.84
C LYS A 37 8.86 6.17 4.29
N GLU A 38 9.98 6.52 3.72
CA GLU A 38 10.68 7.76 4.12
C GLU A 38 9.91 9.00 3.63
N LYS A 39 9.97 9.25 2.35
CA LYS A 39 9.28 10.46 1.79
C LYS A 39 7.77 10.20 1.62
N GLY A 40 7.38 9.13 0.99
CA GLY A 40 5.94 8.86 0.80
C GLY A 40 5.18 9.04 2.11
N GLY A 41 5.51 8.28 3.12
CA GLY A 41 4.80 8.41 4.43
C GLY A 41 3.45 7.70 4.34
N LEU A 42 3.42 6.55 3.73
CA LEU A 42 2.13 5.79 3.61
C LEU A 42 1.89 5.01 4.91
N GLU A 43 2.94 4.69 5.62
CA GLU A 43 2.77 3.91 6.89
C GLU A 43 1.73 4.58 7.79
N GLY A 44 1.05 3.77 8.55
CA GLY A 44 0.03 4.28 9.51
C GLY A 44 -0.97 5.23 8.81
N LEU A 45 -0.91 5.38 7.53
CA LEU A 45 -1.89 6.29 6.84
C LEU A 45 -3.25 5.59 6.73
N ILE A 46 -4.21 6.02 7.51
CA ILE A 46 -5.56 5.37 7.44
C ILE A 46 -6.16 5.47 6.04
N HIS A 47 -6.20 4.37 5.35
CA HIS A 47 -6.76 4.34 3.97
C HIS A 47 -8.27 4.61 4.02
N SER A 48 -8.70 5.76 3.57
CA SER A 48 -10.16 6.06 3.60
C SER A 48 -10.90 5.15 2.63
N GLN A 49 -10.89 5.47 1.36
CA GLN A 49 -11.59 4.61 0.36
C GLN A 49 -11.00 4.84 -1.03
N ARG A 50 -10.46 6.01 -1.27
CA ARG A 50 -9.85 6.32 -2.61
C ARG A 50 -8.35 6.58 -2.44
N ARG A 51 -7.87 6.56 -1.23
CA ARG A 51 -6.42 6.82 -1.00
C ARG A 51 -5.57 5.83 -1.80
N GLN A 52 -6.01 4.60 -1.91
CA GLN A 52 -5.21 3.60 -2.68
C GLN A 52 -5.11 4.04 -4.14
N ASP A 53 -6.16 4.62 -4.67
CA ASP A 53 -6.12 5.07 -6.08
C ASP A 53 -4.95 6.03 -6.29
N ILE A 54 -4.85 7.02 -5.45
CA ILE A 54 -3.72 7.99 -5.58
C ILE A 54 -2.39 7.23 -5.59
N LEU A 55 -2.21 6.31 -4.68
CA LEU A 55 -0.94 5.54 -4.63
C LEU A 55 -0.63 5.00 -6.03
N ASP A 56 -1.43 4.09 -6.53
CA ASP A 56 -1.17 3.52 -7.89
C ASP A 56 -0.92 4.65 -8.89
N LEU A 57 -1.73 5.67 -8.87
CA LEU A 57 -1.55 6.79 -9.84
C LEU A 57 -0.20 7.48 -9.59
N TRP A 58 0.04 7.94 -8.39
CA TRP A 58 1.33 8.64 -8.11
C TRP A 58 2.49 7.79 -8.66
N ILE A 59 2.51 6.53 -8.36
CA ILE A 59 3.60 5.66 -8.89
C ILE A 59 3.57 5.71 -10.42
N TYR A 60 2.42 5.95 -10.99
CA TYR A 60 2.33 6.01 -12.47
C TYR A 60 3.13 7.22 -12.99
N HIS A 61 2.81 8.39 -12.55
CA HIS A 61 3.54 9.61 -13.02
C HIS A 61 5.03 9.53 -12.63
N THR A 62 5.44 8.50 -11.92
CA THR A 62 6.88 8.39 -11.52
C THR A 62 7.62 7.44 -12.45
N GLN A 63 7.74 6.19 -12.08
CA GLN A 63 8.47 5.21 -12.95
C GLN A 63 7.53 4.68 -14.04
N GLY A 64 6.27 5.00 -13.97
CA GLY A 64 5.32 4.53 -15.01
C GLY A 64 5.04 3.03 -14.82
N TYR A 65 4.99 2.55 -13.61
CA TYR A 65 4.70 1.11 -13.40
C TYR A 65 3.22 0.86 -13.66
N PHE A 66 2.88 -0.22 -14.32
CA PHE A 66 1.44 -0.51 -14.60
C PHE A 66 0.88 -1.37 -13.44
N PRO A 67 -0.02 -0.86 -12.64
CA PRO A 67 -0.59 -1.63 -11.49
C PRO A 67 -0.91 -3.09 -11.84
N ASP A 68 0.00 -3.98 -11.58
CA ASP A 68 -0.21 -5.42 -11.85
C ASP A 68 0.67 -6.22 -10.90
N TRP A 69 1.10 -5.58 -9.85
CA TRP A 69 1.99 -6.24 -8.84
C TRP A 69 1.32 -6.14 -7.48
N GLN A 70 0.59 -5.09 -7.29
CA GLN A 70 -0.11 -4.89 -5.99
C GLN A 70 -1.29 -5.85 -5.89
N ASN A 71 -1.39 -6.56 -4.81
CA ASN A 71 -2.52 -7.53 -4.65
C ASN A 71 -2.69 -7.82 -3.15
N TYR A 72 -3.76 -8.47 -2.78
CA TYR A 72 -3.99 -8.77 -1.32
C TYR A 72 -5.02 -9.89 -1.19
N THR A 73 -5.00 -10.60 -0.09
CA THR A 73 -5.95 -11.72 0.10
C THR A 73 -7.38 -11.14 0.22
N PRO A 74 -8.39 -11.87 -0.21
CA PRO A 74 -9.80 -11.40 -0.13
C PRO A 74 -10.35 -11.53 1.30
N GLY A 75 -9.53 -11.24 2.27
CA GLY A 75 -9.98 -11.35 3.69
C GLY A 75 -10.81 -10.12 4.07
N PRO A 76 -11.29 -10.09 5.29
CA PRO A 76 -12.11 -8.95 5.81
C PRO A 76 -11.24 -7.80 6.35
N GLY A 77 -11.34 -7.49 7.60
CA GLY A 77 -10.53 -6.38 8.17
C GLY A 77 -9.05 -6.59 7.82
N ILE A 78 -8.36 -7.44 8.53
CA ILE A 78 -6.93 -7.67 8.23
C ILE A 78 -6.77 -8.05 6.76
N ARG A 79 -5.60 -7.86 6.20
CA ARG A 79 -5.39 -8.23 4.77
C ARG A 79 -3.89 -8.26 4.48
N TYR A 80 -3.35 -9.43 4.21
CA TYR A 80 -1.89 -9.53 3.94
C TYR A 80 -1.63 -9.29 2.44
N PRO A 81 -0.47 -8.80 2.08
CA PRO A 81 -0.11 -8.56 0.65
C PRO A 81 0.30 -9.87 -0.02
N LEU A 82 -0.37 -10.25 -1.07
CA LEU A 82 -0.01 -11.51 -1.75
C LEU A 82 1.43 -11.41 -2.26
N THR A 83 1.89 -10.23 -2.55
CA THR A 83 3.30 -10.07 -3.03
C THR A 83 4.25 -10.38 -1.87
N PHE A 84 5.52 -10.48 -2.17
CA PHE A 84 6.52 -10.80 -1.10
C PHE A 84 7.25 -9.53 -0.67
N GLY A 85 8.28 -9.20 -1.37
CA GLY A 85 9.11 -8.00 -1.05
C GLY A 85 8.22 -6.82 -0.62
N TRP A 86 6.97 -6.84 -0.96
CA TRP A 86 6.09 -5.69 -0.57
C TRP A 86 5.78 -5.80 0.93
N CYS A 87 6.52 -5.08 1.73
CA CYS A 87 6.32 -5.13 3.20
C CYS A 87 5.20 -4.18 3.63
N TYR A 88 4.07 -4.25 3.00
CA TYR A 88 2.92 -3.36 3.37
C TYR A 88 1.70 -4.24 3.71
N LYS A 89 1.15 -4.09 4.89
CA LYS A 89 -0.03 -4.92 5.29
C LYS A 89 -1.14 -4.02 5.85
N LEU A 90 -2.34 -4.15 5.36
CA LEU A 90 -3.45 -3.32 5.87
C LEU A 90 -3.89 -3.88 7.23
N VAL A 91 -4.19 -3.01 8.18
CA VAL A 91 -4.61 -3.48 9.54
C VAL A 91 -5.36 -2.34 10.26
N PRO A 92 -6.54 -2.58 10.81
CA PRO A 92 -7.30 -1.53 11.54
C PRO A 92 -6.84 -1.39 13.00
N VAL A 93 -6.60 -0.19 13.44
CA VAL A 93 -6.14 0.00 14.86
C VAL A 93 -7.36 0.04 15.77
N GLU A 94 -8.46 -0.40 15.27
CA GLU A 94 -9.70 -0.40 16.09
C GLU A 94 -9.58 -1.46 17.21
N PRO A 95 -9.84 -1.12 18.45
CA PRO A 95 -9.74 -2.11 19.58
C PRO A 95 -10.98 -3.00 19.67
N GLU A 96 -11.82 -2.77 20.63
CA GLU A 96 -13.04 -3.61 20.79
C GLU A 96 -13.96 -3.43 19.57
N LYS A 97 -15.12 -4.02 19.61
CA LYS A 97 -16.07 -3.89 18.47
C LYS A 97 -16.88 -2.60 18.62
N LEU A 98 -16.25 -1.47 18.46
CA LEU A 98 -16.99 -0.18 18.61
C LEU A 98 -17.76 0.11 17.32
N GLU A 99 -18.87 0.78 17.41
CA GLU A 99 -19.66 1.10 16.20
C GLU A 99 -20.68 2.19 16.52
N GLU A 100 -20.23 3.38 16.79
CA GLU A 100 -21.17 4.49 17.11
C GLU A 100 -20.42 5.82 17.03
N ALA A 101 -21.04 6.84 16.47
CA ALA A 101 -20.35 8.15 16.37
C ALA A 101 -21.34 9.21 15.91
N ASN A 102 -21.80 9.13 14.68
CA ASN A 102 -22.78 10.15 14.15
C ASN A 102 -23.98 9.43 13.55
N LYS A 103 -24.85 10.16 12.90
CA LYS A 103 -26.06 9.53 12.30
C LYS A 103 -25.70 8.96 10.91
N ASP A 104 -24.54 8.35 10.80
CA ASP A 104 -24.12 7.77 9.49
C ASP A 104 -23.25 6.54 9.73
N ASP A 105 -22.54 6.09 8.74
CA ASP A 105 -21.66 4.89 8.93
C ASP A 105 -20.53 4.91 7.90
N PRO A 106 -19.64 5.87 8.00
CA PRO A 106 -18.49 5.99 7.07
C PRO A 106 -17.39 4.97 7.39
N GLU A 107 -17.75 3.88 8.01
CA GLU A 107 -16.73 2.85 8.36
C GLU A 107 -16.44 1.97 7.15
N ARG A 108 -16.04 2.56 6.06
CA ARG A 108 -15.71 1.75 4.85
C ARG A 108 -14.34 1.09 5.08
N GLU A 109 -13.58 0.89 4.05
CA GLU A 109 -12.24 0.25 4.25
C GLU A 109 -11.32 1.24 4.96
N VAL A 110 -11.60 1.48 6.21
CA VAL A 110 -10.75 2.43 7.01
C VAL A 110 -9.59 1.67 7.61
N LEU A 111 -8.67 1.28 6.77
CA LEU A 111 -7.47 0.50 7.24
C LEU A 111 -6.20 1.32 7.03
N GLU A 112 -5.24 1.18 7.89
CA GLU A 112 -3.95 1.94 7.75
C GLU A 112 -2.85 1.02 7.22
N TRP A 113 -1.99 1.56 6.41
CA TRP A 113 -0.87 0.76 5.84
C TRP A 113 0.15 0.51 6.95
N ARG A 114 0.33 -0.73 7.34
CA ARG A 114 1.31 -1.05 8.43
C ARG A 114 2.65 -1.43 7.79
N PHE A 115 3.55 -0.50 7.69
CA PHE A 115 4.88 -0.78 7.07
C PHE A 115 5.71 -1.72 7.98
N ASP A 116 6.31 -2.73 7.40
CA ASP A 116 7.13 -3.68 8.21
C ASP A 116 8.19 -4.33 7.31
N SER A 117 9.21 -3.60 6.94
CA SER A 117 10.27 -4.15 6.05
C SER A 117 10.70 -5.54 6.54
N ARG A 118 10.29 -5.95 7.71
CA ARG A 118 10.69 -7.30 8.20
C ARG A 118 10.15 -8.33 7.21
N LEU A 119 9.10 -8.00 6.52
CA LEU A 119 8.51 -8.92 5.52
C LEU A 119 9.55 -9.17 4.41
N ALA A 120 10.68 -8.50 4.51
CA ALA A 120 11.73 -8.68 3.47
C ALA A 120 12.41 -10.04 3.68
N PHE A 121 12.07 -10.71 4.74
CA PHE A 121 12.68 -12.04 5.03
C PHE A 121 11.61 -13.01 5.53
N HIS A 122 10.83 -12.59 6.50
CA HIS A 122 9.76 -13.47 7.04
C HIS A 122 8.60 -13.55 6.03
N HIS A 123 8.58 -14.56 5.20
CA HIS A 123 7.47 -14.67 4.21
C HIS A 123 6.17 -15.06 4.93
N MET A 124 5.65 -14.17 5.73
CA MET A 124 4.39 -14.47 6.47
C MET A 124 3.22 -14.56 5.49
N ALA A 125 3.09 -13.61 4.61
CA ALA A 125 1.97 -13.62 3.63
C ALA A 125 1.93 -14.97 2.92
N ARG A 126 3.04 -15.45 2.45
CA ARG A 126 3.05 -16.76 1.73
C ARG A 126 2.84 -17.88 2.74
N GLU A 127 3.16 -17.66 3.99
CA GLU A 127 2.98 -18.72 5.01
C GLU A 127 1.49 -18.96 5.25
N LEU A 128 0.71 -17.91 5.28
CA LEU A 128 -0.75 -18.08 5.53
C LEU A 128 -1.44 -18.58 4.26
N HIS A 129 -0.86 -18.33 3.11
CA HIS A 129 -1.50 -18.80 1.82
C HIS A 129 -0.42 -19.15 0.79
N PRO A 130 0.28 -20.24 1.00
CA PRO A 130 1.35 -20.70 0.08
C PRO A 130 0.78 -21.49 -1.11
N GLU A 131 0.06 -22.55 -0.84
CA GLU A 131 -0.52 -23.37 -1.95
C GLU A 131 -1.42 -22.50 -2.82
N TYR A 132 -1.60 -21.26 -2.47
CA TYR A 132 -2.48 -20.38 -3.30
C TYR A 132 -1.73 -19.91 -4.55
N PHE A 133 -0.43 -19.88 -4.50
CA PHE A 133 0.36 -19.43 -5.69
C PHE A 133 0.71 -20.65 -6.55
N LYS A 134 1.89 -20.68 -7.11
CA LYS A 134 2.30 -21.84 -7.96
C LYS A 134 3.81 -22.07 -7.81
N ASN A 135 4.29 -23.20 -8.24
CA ASN A 135 5.75 -23.47 -8.12
C ASN A 135 6.53 -22.43 -8.91
N ALA A 136 7.65 -22.00 -8.42
CA ALA A 136 8.46 -20.98 -9.15
C ALA A 136 9.92 -21.06 -8.68
N ALA A 1 3.48 16.79 -5.35
CA ALA A 1 2.06 16.47 -5.09
C ALA A 1 1.95 15.11 -4.41
N TRP A 2 2.66 14.92 -3.33
CA TRP A 2 2.60 13.61 -2.63
C TRP A 2 1.25 13.48 -1.91
N LEU A 3 1.18 13.91 -0.68
CA LEU A 3 -0.11 13.81 0.07
C LEU A 3 -1.00 15.01 -0.28
N GLU A 4 -1.35 15.16 -1.53
CA GLU A 4 -2.20 16.31 -1.93
C GLU A 4 -3.65 16.03 -1.51
N ALA A 5 -3.87 15.73 -0.26
CA ALA A 5 -5.25 15.45 0.22
C ALA A 5 -6.06 16.75 0.30
N GLN A 6 -5.76 17.70 -0.57
CA GLN A 6 -6.50 19.00 -0.57
C GLN A 6 -7.34 19.11 -1.84
N GLU A 7 -6.72 19.43 -2.95
CA GLU A 7 -7.46 19.55 -4.23
C GLU A 7 -6.58 19.05 -5.38
N GLU A 8 -7.17 18.50 -6.41
CA GLU A 8 -6.38 17.98 -7.55
C GLU A 8 -5.90 19.16 -8.42
N GLU A 9 -4.60 19.33 -8.53
CA GLU A 9 -4.05 20.46 -9.35
C GLU A 9 -2.83 19.97 -10.12
N GLU A 10 -2.06 20.87 -10.66
CA GLU A 10 -0.85 20.45 -11.43
C GLU A 10 0.28 20.10 -10.45
N VAL A 11 1.25 19.34 -10.90
CA VAL A 11 2.38 18.96 -10.01
C VAL A 11 3.40 20.10 -9.95
N GLY A 12 2.94 21.31 -9.83
CA GLY A 12 3.90 22.46 -9.77
C GLY A 12 4.89 22.35 -10.93
N PHE A 13 6.01 21.70 -10.70
CA PHE A 13 7.02 21.55 -11.79
C PHE A 13 6.66 20.30 -12.61
N PRO A 14 6.95 20.30 -13.90
CA PRO A 14 6.64 19.12 -14.77
C PRO A 14 7.56 17.92 -14.51
N VAL A 15 7.03 16.85 -13.97
CA VAL A 15 7.87 15.66 -13.71
C VAL A 15 8.01 14.84 -14.99
N THR A 16 8.36 13.59 -14.88
CA THR A 16 8.53 12.73 -16.09
C THR A 16 7.28 11.86 -16.30
N PRO A 17 6.41 12.17 -17.25
CA PRO A 17 5.19 11.36 -17.51
C PRO A 17 5.52 9.88 -17.74
N GLN A 18 4.62 9.16 -18.37
CA GLN A 18 4.84 7.71 -18.64
C GLN A 18 6.29 7.45 -19.03
N VAL A 19 7.08 7.03 -18.09
CA VAL A 19 8.51 6.74 -18.35
C VAL A 19 8.61 5.29 -18.86
N PRO A 20 9.63 4.96 -19.64
CA PRO A 20 9.81 3.58 -20.18
C PRO A 20 9.31 2.51 -19.20
N LEU A 21 8.32 1.77 -19.59
CA LEU A 21 7.75 0.74 -18.68
C LEU A 21 8.80 -0.33 -18.34
N ARG A 22 9.44 -0.20 -17.21
CA ARG A 22 10.45 -1.22 -16.80
C ARG A 22 9.68 -2.40 -16.16
N PRO A 23 10.36 -3.44 -15.73
CA PRO A 23 9.70 -4.60 -15.10
C PRO A 23 9.66 -4.48 -13.57
N MET A 24 8.50 -4.62 -12.98
CA MET A 24 8.40 -4.52 -11.49
C MET A 24 9.15 -5.70 -10.88
N THR A 25 10.33 -5.46 -10.37
CA THR A 25 11.14 -6.57 -9.77
C THR A 25 10.76 -6.78 -8.31
N TYR A 26 10.86 -8.00 -7.84
CA TYR A 26 10.55 -8.25 -6.40
C TYR A 26 11.39 -7.26 -5.62
N LYS A 27 12.62 -7.12 -6.01
CA LYS A 27 13.52 -6.13 -5.38
C LYS A 27 12.92 -4.74 -5.58
N ALA A 28 12.16 -4.55 -6.65
CA ALA A 28 11.57 -3.19 -6.88
C ALA A 28 10.60 -2.86 -5.73
N ALA A 29 9.83 -3.82 -5.30
CA ALA A 29 8.86 -3.55 -4.19
C ALA A 29 9.63 -3.17 -2.92
N VAL A 30 10.64 -3.93 -2.58
CA VAL A 30 11.41 -3.61 -1.35
C VAL A 30 12.10 -2.26 -1.51
N ASP A 31 12.76 -2.04 -2.62
CA ASP A 31 13.43 -0.73 -2.83
C ASP A 31 12.35 0.35 -2.77
N LEU A 32 11.25 0.13 -3.44
CA LEU A 32 10.15 1.14 -3.41
C LEU A 32 9.63 1.27 -1.98
N SER A 33 9.50 0.18 -1.28
CA SER A 33 8.99 0.25 0.12
C SER A 33 9.80 1.27 0.91
N HIS A 34 11.11 1.14 0.92
CA HIS A 34 11.95 2.10 1.68
C HIS A 34 11.97 3.45 0.96
N PHE A 35 11.82 3.46 -0.33
CA PHE A 35 11.82 4.77 -1.03
C PHE A 35 10.70 5.63 -0.48
N LEU A 36 9.49 5.15 -0.59
CA LEU A 36 8.32 5.94 -0.07
C LEU A 36 8.42 6.11 1.45
N LYS A 37 9.23 5.33 2.12
CA LYS A 37 9.33 5.48 3.61
C LYS A 37 9.83 6.89 3.95
N GLU A 38 10.51 7.54 3.05
CA GLU A 38 11.02 8.90 3.34
C GLU A 38 9.85 9.89 3.37
N LYS A 39 9.47 10.38 2.23
CA LYS A 39 8.34 11.35 2.18
C LYS A 39 7.00 10.61 2.17
N GLY A 40 6.95 9.46 1.56
CA GLY A 40 5.67 8.70 1.51
C GLY A 40 5.17 8.38 2.92
N GLY A 41 4.50 9.29 3.56
CA GLY A 41 3.98 9.02 4.93
C GLY A 41 2.74 8.14 4.83
N LEU A 42 2.85 7.04 4.14
CA LEU A 42 1.67 6.13 3.98
C LEU A 42 1.52 5.26 5.24
N GLU A 43 2.60 4.99 5.91
CA GLU A 43 2.53 4.14 7.14
C GLU A 43 1.50 4.71 8.10
N GLY A 44 0.84 3.86 8.83
CA GLY A 44 -0.17 4.32 9.83
C GLY A 44 -1.24 5.19 9.18
N LEU A 45 -1.15 5.43 7.89
CA LEU A 45 -2.19 6.27 7.23
C LEU A 45 -3.48 5.46 7.10
N ILE A 46 -4.54 5.87 7.74
CA ILE A 46 -5.81 5.10 7.65
C ILE A 46 -6.29 5.03 6.20
N HIS A 47 -6.11 3.91 5.57
CA HIS A 47 -6.54 3.73 4.15
C HIS A 47 -8.07 3.75 4.06
N SER A 48 -8.62 4.84 3.59
CA SER A 48 -10.10 4.94 3.44
C SER A 48 -10.56 4.02 2.30
N GLN A 49 -10.33 4.44 1.08
CA GLN A 49 -10.73 3.62 -0.09
C GLN A 49 -10.17 4.28 -1.35
N ARG A 50 -10.22 5.58 -1.42
CA ARG A 50 -9.69 6.30 -2.62
C ARG A 50 -8.18 6.49 -2.46
N ARG A 51 -7.69 6.41 -1.25
CA ARG A 51 -6.23 6.58 -1.01
C ARG A 51 -5.45 5.56 -1.84
N GLN A 52 -6.00 4.41 -2.07
CA GLN A 52 -5.27 3.38 -2.87
C GLN A 52 -5.06 3.91 -4.29
N ASP A 53 -6.07 4.50 -4.88
CA ASP A 53 -5.94 5.02 -6.27
C ASP A 53 -4.81 6.06 -6.33
N ILE A 54 -4.72 6.93 -5.36
CA ILE A 54 -3.65 7.96 -5.39
C ILE A 54 -2.27 7.30 -5.40
N LEU A 55 -2.12 6.21 -4.70
CA LEU A 55 -0.79 5.52 -4.67
C LEU A 55 -0.44 5.02 -6.08
N ASP A 56 -1.21 4.11 -6.61
CA ASP A 56 -0.91 3.58 -7.97
C ASP A 56 -0.77 4.73 -8.97
N LEU A 57 -1.57 5.75 -8.84
CA LEU A 57 -1.48 6.89 -9.80
C LEU A 57 -0.15 7.61 -9.63
N TRP A 58 0.19 8.05 -8.45
CA TRP A 58 1.49 8.74 -8.26
C TRP A 58 2.61 7.91 -8.88
N ILE A 59 2.61 6.64 -8.61
CA ILE A 59 3.65 5.76 -9.20
C ILE A 59 3.60 5.87 -10.73
N TYR A 60 2.44 6.10 -11.27
CA TYR A 60 2.30 6.20 -12.75
C TYR A 60 3.08 7.43 -13.29
N HIS A 61 2.66 8.62 -12.93
CA HIS A 61 3.35 9.84 -13.43
C HIS A 61 4.82 9.88 -12.98
N THR A 62 5.31 8.83 -12.37
CA THR A 62 6.74 8.82 -11.91
C THR A 62 7.48 7.61 -12.50
N GLN A 63 7.32 6.46 -11.90
CA GLN A 63 8.02 5.25 -12.40
C GLN A 63 7.24 4.64 -13.57
N GLY A 64 6.02 5.05 -13.75
CA GLY A 64 5.21 4.52 -14.88
C GLY A 64 4.93 3.01 -14.71
N TYR A 65 5.10 2.48 -13.53
CA TYR A 65 4.83 1.02 -13.36
C TYR A 65 3.32 0.80 -13.42
N PHE A 66 2.87 -0.12 -14.23
CA PHE A 66 1.41 -0.38 -14.33
C PHE A 66 0.95 -1.17 -13.08
N PRO A 67 -0.28 -1.01 -12.66
CA PRO A 67 -0.80 -1.74 -11.47
C PRO A 67 -1.19 -3.20 -11.76
N ASP A 68 -0.34 -4.10 -11.40
CA ASP A 68 -0.63 -5.56 -11.62
C ASP A 68 0.19 -6.35 -10.60
N TRP A 69 0.57 -5.70 -9.53
CA TRP A 69 1.39 -6.35 -8.46
C TRP A 69 0.77 -6.07 -7.10
N GLN A 70 0.10 -4.97 -7.00
CA GLN A 70 -0.55 -4.59 -5.72
C GLN A 70 -1.80 -5.44 -5.51
N ASN A 71 -1.78 -6.33 -4.55
CA ASN A 71 -2.98 -7.18 -4.29
C ASN A 71 -2.98 -7.63 -2.82
N TYR A 72 -4.00 -8.32 -2.41
CA TYR A 72 -4.07 -8.77 -0.97
C TYR A 72 -5.09 -9.91 -0.86
N THR A 73 -4.99 -10.70 0.18
CA THR A 73 -5.94 -11.83 0.36
C THR A 73 -7.36 -11.28 0.58
N PRO A 74 -8.37 -11.99 0.15
CA PRO A 74 -9.78 -11.55 0.33
C PRO A 74 -10.25 -11.76 1.78
N GLY A 75 -9.37 -11.57 2.72
CA GLY A 75 -9.76 -11.76 4.15
C GLY A 75 -10.72 -10.65 4.58
N PRO A 76 -11.08 -10.64 5.83
CA PRO A 76 -12.01 -9.63 6.41
C PRO A 76 -11.30 -8.33 6.75
N GLY A 77 -11.01 -8.14 8.00
CA GLY A 77 -10.33 -6.90 8.44
C GLY A 77 -8.87 -6.90 8.01
N ILE A 78 -8.06 -7.74 8.60
CA ILE A 78 -6.61 -7.78 8.22
C ILE A 78 -6.49 -7.97 6.71
N ARG A 79 -5.30 -7.83 6.18
CA ARG A 79 -5.12 -8.00 4.71
C ARG A 79 -3.61 -8.04 4.39
N TYR A 80 -3.06 -9.20 4.20
CA TYR A 80 -1.59 -9.29 3.87
C TYR A 80 -1.41 -9.17 2.35
N PRO A 81 -0.30 -8.64 1.89
CA PRO A 81 -0.02 -8.49 0.42
C PRO A 81 0.36 -9.83 -0.22
N LEU A 82 -0.34 -10.23 -1.24
CA LEU A 82 -0.01 -11.52 -1.91
C LEU A 82 1.38 -11.43 -2.55
N THR A 83 1.65 -10.37 -3.25
CA THR A 83 2.99 -10.24 -3.89
C THR A 83 4.05 -10.21 -2.81
N PHE A 84 5.23 -10.67 -3.10
CA PHE A 84 6.32 -10.68 -2.08
C PHE A 84 7.20 -9.45 -2.25
N GLY A 85 7.89 -9.06 -1.22
CA GLY A 85 8.78 -7.87 -1.29
C GLY A 85 8.03 -6.63 -0.82
N TRP A 86 6.75 -6.55 -1.11
CA TRP A 86 5.95 -5.37 -0.68
C TRP A 86 5.66 -5.52 0.82
N CYS A 87 6.45 -4.87 1.64
CA CYS A 87 6.28 -5.00 3.10
C CYS A 87 5.17 -4.12 3.65
N TYR A 88 4.09 -3.98 2.95
CA TYR A 88 2.95 -3.13 3.45
C TYR A 88 1.75 -4.05 3.73
N LYS A 89 1.24 -4.03 4.94
CA LYS A 89 0.08 -4.91 5.29
C LYS A 89 -1.02 -4.06 5.94
N LEU A 90 -2.21 -4.12 5.40
CA LEU A 90 -3.33 -3.32 5.97
C LEU A 90 -3.84 -4.02 7.23
N VAL A 91 -4.34 -3.26 8.19
CA VAL A 91 -4.85 -3.84 9.46
C VAL A 91 -5.86 -2.84 10.07
N PRO A 92 -6.98 -3.30 10.56
CA PRO A 92 -8.01 -2.39 11.17
C PRO A 92 -7.58 -1.89 12.57
N VAL A 93 -8.31 -0.96 13.10
CA VAL A 93 -7.96 -0.42 14.45
C VAL A 93 -8.55 -1.35 15.51
N GLU A 94 -7.84 -2.40 15.78
CA GLU A 94 -8.31 -3.39 16.79
C GLU A 94 -8.17 -2.86 18.23
N PRO A 95 -7.17 -2.07 18.52
CA PRO A 95 -6.96 -1.52 19.90
C PRO A 95 -8.21 -0.84 20.46
N GLU A 96 -8.35 -0.82 21.76
CA GLU A 96 -9.56 -0.19 22.36
C GLU A 96 -9.66 1.28 21.96
N LYS A 97 -10.68 1.96 22.42
CA LYS A 97 -10.85 3.40 22.08
C LYS A 97 -10.03 4.25 23.05
N LEU A 98 -8.73 4.19 22.95
CA LEU A 98 -7.88 5.00 23.87
C LEU A 98 -7.76 6.42 23.34
N GLU A 99 -8.64 6.81 22.46
CA GLU A 99 -8.59 8.19 21.89
C GLU A 99 -9.17 9.18 22.91
N GLU A 100 -8.62 10.35 22.99
CA GLU A 100 -9.14 11.36 23.96
C GLU A 100 -10.46 11.93 23.43
N ALA A 101 -11.13 12.74 24.20
CA ALA A 101 -12.41 13.32 23.74
C ALA A 101 -12.13 14.44 22.73
N ASN A 102 -11.95 14.08 21.48
CA ASN A 102 -11.66 15.13 20.45
C ASN A 102 -12.20 14.66 19.10
N LYS A 103 -12.37 13.38 18.92
CA LYS A 103 -12.90 12.87 17.62
C LYS A 103 -13.41 11.45 17.79
N ASP A 104 -14.31 11.02 16.94
CA ASP A 104 -14.85 9.63 17.04
C ASP A 104 -15.20 9.13 15.63
N ASP A 105 -15.75 7.95 15.53
CA ASP A 105 -16.10 7.41 14.19
C ASP A 105 -17.22 6.37 14.34
N PRO A 106 -18.07 6.22 13.35
CA PRO A 106 -19.20 5.22 13.41
C PRO A 106 -18.68 3.78 13.36
N GLU A 107 -19.52 2.85 12.98
CA GLU A 107 -19.06 1.43 12.90
C GLU A 107 -18.27 1.22 11.61
N ARG A 108 -17.83 2.28 11.00
CA ARG A 108 -17.05 2.14 9.73
C ARG A 108 -15.61 1.75 10.08
N GLU A 109 -15.33 0.48 10.12
CA GLU A 109 -13.94 0.03 10.44
C GLU A 109 -13.03 0.26 9.25
N VAL A 110 -12.20 1.27 9.31
CA VAL A 110 -11.27 1.56 8.18
C VAL A 110 -9.95 0.80 8.40
N LEU A 111 -9.13 0.71 7.38
CA LEU A 111 -7.83 -0.05 7.52
C LEU A 111 -6.64 0.89 7.35
N GLU A 112 -5.59 0.70 8.12
CA GLU A 112 -4.37 1.57 8.02
C GLU A 112 -3.18 0.78 7.46
N TRP A 113 -2.34 1.46 6.72
CA TRP A 113 -1.14 0.81 6.12
C TRP A 113 -0.07 0.64 7.21
N ARG A 114 0.22 -0.58 7.60
CA ARG A 114 1.27 -0.81 8.65
C ARG A 114 2.58 -1.17 7.97
N PHE A 115 3.49 -0.24 7.87
CA PHE A 115 4.80 -0.51 7.21
C PHE A 115 5.61 -1.52 8.05
N ASP A 116 6.24 -2.47 7.41
CA ASP A 116 7.04 -3.48 8.16
C ASP A 116 8.13 -4.05 7.23
N SER A 117 9.02 -3.21 6.77
CA SER A 117 10.13 -3.66 5.85
C SER A 117 10.70 -5.02 6.31
N ARG A 118 10.43 -5.44 7.51
CA ARG A 118 10.99 -6.75 7.98
C ARG A 118 10.44 -7.88 7.11
N LEU A 119 9.23 -7.74 6.62
CA LEU A 119 8.64 -8.80 5.76
C LEU A 119 9.49 -8.96 4.50
N ALA A 120 10.55 -8.22 4.38
CA ALA A 120 11.41 -8.33 3.17
C ALA A 120 12.17 -9.65 3.25
N PHE A 121 11.91 -10.43 4.26
CA PHE A 121 12.61 -11.75 4.41
C PHE A 121 11.57 -12.84 4.70
N HIS A 122 10.92 -12.78 5.82
CA HIS A 122 9.90 -13.82 6.15
C HIS A 122 8.65 -13.58 5.30
N HIS A 123 7.75 -14.54 5.27
CA HIS A 123 6.50 -14.38 4.47
C HIS A 123 5.32 -14.95 5.28
N MET A 124 4.55 -14.09 5.89
CA MET A 124 3.40 -14.56 6.70
C MET A 124 2.22 -14.90 5.78
N ALA A 125 1.95 -14.05 4.81
CA ALA A 125 0.80 -14.31 3.89
C ALA A 125 0.82 -15.78 3.44
N ARG A 126 1.98 -16.37 3.40
CA ARG A 126 2.07 -17.79 2.97
C ARG A 126 1.49 -18.69 4.08
N GLU A 127 1.72 -18.34 5.31
CA GLU A 127 1.19 -19.16 6.43
C GLU A 127 -0.33 -18.97 6.53
N LEU A 128 -0.85 -17.92 5.94
CA LEU A 128 -2.32 -17.68 6.01
C LEU A 128 -3.04 -18.62 5.02
N HIS A 129 -2.94 -18.36 3.75
CA HIS A 129 -3.64 -19.22 2.75
C HIS A 129 -2.82 -19.29 1.45
N PRO A 130 -1.86 -20.19 1.38
CA PRO A 130 -1.01 -20.36 0.17
C PRO A 130 -1.65 -21.33 -0.84
N GLU A 131 -2.13 -20.83 -1.95
CA GLU A 131 -2.77 -21.70 -2.98
C GLU A 131 -1.94 -21.75 -4.26
N TYR A 132 -2.06 -20.73 -5.09
CA TYR A 132 -1.29 -20.73 -6.37
C TYR A 132 0.17 -20.33 -6.11
N PHE A 133 0.53 -20.08 -4.88
CA PHE A 133 1.95 -19.69 -4.58
C PHE A 133 2.77 -20.94 -4.30
N LYS A 134 3.91 -21.06 -4.91
CA LYS A 134 4.76 -22.27 -4.68
C LYS A 134 6.17 -22.02 -5.20
N ASN A 135 7.17 -22.50 -4.50
CA ASN A 135 8.56 -22.27 -4.95
C ASN A 135 8.71 -22.70 -6.41
N ALA A 136 9.84 -22.46 -7.00
CA ALA A 136 10.04 -22.85 -8.43
C ALA A 136 10.42 -24.33 -8.50
N ALA A 1 6.27 16.52 -1.65
CA ALA A 1 5.01 17.30 -1.62
C ALA A 1 3.88 16.48 -2.26
N TRP A 2 4.05 15.18 -2.34
CA TRP A 2 3.00 14.34 -2.96
C TRP A 2 1.79 14.26 -2.02
N LEU A 3 2.02 14.42 -0.74
CA LEU A 3 0.88 14.37 0.23
C LEU A 3 0.19 15.73 0.23
N GLU A 4 0.78 16.71 0.85
CA GLU A 4 0.16 18.06 0.87
C GLU A 4 0.35 18.72 -0.49
N ALA A 5 -0.57 18.50 -1.38
CA ALA A 5 -0.46 19.09 -2.73
C ALA A 5 -0.63 20.62 -2.66
N GLN A 6 -0.18 21.33 -3.65
CA GLN A 6 -0.31 22.81 -3.64
C GLN A 6 -1.74 23.19 -3.26
N GLU A 7 -2.64 22.25 -3.27
CA GLU A 7 -4.07 22.54 -2.93
C GLU A 7 -4.57 21.51 -1.92
N GLU A 8 -5.70 20.91 -2.17
CA GLU A 8 -6.23 19.89 -1.22
C GLU A 8 -7.27 19.02 -1.94
N GLU A 9 -8.10 19.63 -2.75
CA GLU A 9 -9.13 18.83 -3.47
C GLU A 9 -8.45 17.76 -4.34
N GLU A 10 -7.59 18.18 -5.23
CA GLU A 10 -6.88 17.21 -6.10
C GLU A 10 -5.64 17.86 -6.70
N VAL A 11 -5.05 17.24 -7.69
CA VAL A 11 -3.84 17.83 -8.32
C VAL A 11 -4.28 18.92 -9.31
N GLY A 12 -4.44 20.11 -8.84
CA GLY A 12 -4.88 21.22 -9.74
C GLY A 12 -3.82 21.47 -10.81
N PHE A 13 -2.80 20.65 -10.85
CA PHE A 13 -1.73 20.84 -11.87
C PHE A 13 -1.11 19.47 -12.22
N PRO A 14 -1.80 18.70 -13.01
CA PRO A 14 -1.33 17.35 -13.42
C PRO A 14 -0.40 17.41 -14.64
N VAL A 15 0.81 16.92 -14.50
CA VAL A 15 1.77 16.92 -15.64
C VAL A 15 1.48 15.74 -16.55
N THR A 16 2.12 15.66 -17.68
CA THR A 16 1.89 14.51 -18.60
C THR A 16 2.81 13.35 -18.19
N PRO A 17 2.27 12.22 -17.78
CA PRO A 17 3.11 11.05 -17.36
C PRO A 17 3.60 10.24 -18.56
N GLN A 18 4.81 10.49 -19.01
CA GLN A 18 5.36 9.73 -20.18
C GLN A 18 6.75 9.21 -19.81
N VAL A 19 6.83 7.99 -19.35
CA VAL A 19 8.16 7.38 -18.98
C VAL A 19 8.23 5.97 -19.56
N PRO A 20 9.42 5.46 -19.80
CA PRO A 20 9.59 4.08 -20.35
C PRO A 20 9.01 3.03 -19.40
N LEU A 21 8.07 2.25 -19.86
CA LEU A 21 7.46 1.23 -18.95
C LEU A 21 8.54 0.24 -18.50
N ARG A 22 9.07 0.43 -17.32
CA ARG A 22 10.12 -0.50 -16.81
C ARG A 22 9.42 -1.73 -16.21
N PRO A 23 10.09 -2.86 -16.15
CA PRO A 23 9.52 -4.10 -15.57
C PRO A 23 9.44 -4.02 -14.02
N MET A 24 8.29 -4.24 -13.47
CA MET A 24 8.14 -4.17 -11.99
C MET A 24 8.98 -5.29 -11.36
N THR A 25 10.09 -4.94 -10.77
CA THR A 25 10.97 -5.97 -10.13
C THR A 25 10.55 -6.20 -8.70
N TYR A 26 10.37 -7.44 -8.31
CA TYR A 26 10.00 -7.73 -6.89
C TYR A 26 11.00 -6.96 -6.03
N LYS A 27 12.23 -6.99 -6.46
CA LYS A 27 13.28 -6.25 -5.74
C LYS A 27 12.92 -4.76 -5.76
N ALA A 28 12.30 -4.28 -6.82
CA ALA A 28 11.95 -2.82 -6.84
C ALA A 28 10.89 -2.52 -5.76
N ALA A 29 10.02 -3.47 -5.48
CA ALA A 29 9.00 -3.22 -4.43
C ALA A 29 9.69 -2.97 -3.10
N VAL A 30 10.70 -3.74 -2.78
CA VAL A 30 11.42 -3.52 -1.50
C VAL A 30 12.08 -2.15 -1.52
N ASP A 31 12.78 -1.85 -2.58
CA ASP A 31 13.45 -0.52 -2.67
C ASP A 31 12.35 0.54 -2.62
N LEU A 32 11.29 0.34 -3.36
CA LEU A 32 10.17 1.32 -3.34
C LEU A 32 9.57 1.37 -1.94
N SER A 33 9.43 0.24 -1.28
CA SER A 33 8.85 0.26 0.08
C SER A 33 9.55 1.31 0.93
N HIS A 34 10.84 1.22 1.06
CA HIS A 34 11.57 2.23 1.89
C HIS A 34 11.60 3.58 1.18
N PHE A 35 11.50 3.59 -0.12
CA PHE A 35 11.50 4.89 -0.84
C PHE A 35 10.34 5.74 -0.31
N LEU A 36 9.14 5.24 -0.45
CA LEU A 36 7.96 6.00 0.03
C LEU A 36 8.06 6.23 1.55
N LYS A 37 8.80 5.42 2.25
CA LYS A 37 8.91 5.63 3.73
C LYS A 37 9.54 6.99 4.03
N GLU A 38 10.72 7.23 3.54
CA GLU A 38 11.37 8.55 3.82
C GLU A 38 10.66 9.65 3.04
N LYS A 39 10.17 9.35 1.87
CA LYS A 39 9.47 10.39 1.05
C LYS A 39 8.06 10.60 1.62
N GLY A 40 7.90 10.45 2.90
CA GLY A 40 6.57 10.63 3.56
C GLY A 40 6.24 9.41 4.43
N GLY A 41 5.45 9.59 5.46
CA GLY A 41 5.11 8.44 6.37
C GLY A 41 3.75 7.86 6.00
N LEU A 42 3.70 6.91 5.11
CA LEU A 42 2.39 6.29 4.74
C LEU A 42 2.01 5.28 5.83
N GLU A 43 2.98 4.79 6.54
CA GLU A 43 2.69 3.80 7.62
C GLU A 43 1.63 4.34 8.57
N GLY A 44 0.91 3.46 9.19
CA GLY A 44 -0.13 3.85 10.18
C GLY A 44 -1.11 4.86 9.56
N LEU A 45 -0.96 5.21 8.32
CA LEU A 45 -1.92 6.19 7.71
C LEU A 45 -3.24 5.48 7.42
N ILE A 46 -4.33 5.96 7.97
CA ILE A 46 -5.64 5.29 7.75
C ILE A 46 -6.04 5.33 6.26
N HIS A 47 -5.93 4.20 5.61
CA HIS A 47 -6.32 4.11 4.18
C HIS A 47 -7.84 4.35 4.08
N SER A 48 -8.22 5.48 3.53
CA SER A 48 -9.67 5.77 3.39
C SER A 48 -10.27 4.86 2.32
N GLN A 49 -10.11 5.22 1.07
CA GLN A 49 -10.67 4.39 -0.03
C GLN A 49 -10.11 4.89 -1.37
N ARG A 50 -10.06 6.19 -1.54
CA ARG A 50 -9.53 6.76 -2.81
C ARG A 50 -8.02 6.92 -2.69
N ARG A 51 -7.52 7.08 -1.49
CA ARG A 51 -6.05 7.24 -1.31
C ARG A 51 -5.32 6.04 -1.95
N GLN A 52 -5.95 4.91 -1.98
CA GLN A 52 -5.29 3.71 -2.57
C GLN A 52 -5.04 3.96 -4.07
N ASP A 53 -6.03 4.42 -4.77
CA ASP A 53 -5.86 4.69 -6.24
C ASP A 53 -4.72 5.69 -6.45
N ILE A 54 -4.80 6.84 -5.82
CA ILE A 54 -3.73 7.86 -6.00
C ILE A 54 -2.36 7.19 -5.84
N LEU A 55 -2.20 6.35 -4.86
CA LEU A 55 -0.88 5.68 -4.65
C LEU A 55 -0.42 5.07 -5.98
N ASP A 56 -1.08 4.04 -6.44
CA ASP A 56 -0.67 3.40 -7.72
C ASP A 56 -0.51 4.45 -8.81
N LEU A 57 -1.36 5.42 -8.84
CA LEU A 57 -1.27 6.47 -9.90
C LEU A 57 0.04 7.24 -9.75
N TRP A 58 0.31 7.77 -8.58
CA TRP A 58 1.57 8.53 -8.39
C TRP A 58 2.74 7.70 -8.92
N ILE A 59 2.76 6.43 -8.62
CA ILE A 59 3.87 5.56 -9.12
C ILE A 59 3.90 5.58 -10.65
N TYR A 60 2.77 5.81 -11.27
CA TYR A 60 2.75 5.84 -12.76
C TYR A 60 3.57 7.04 -13.27
N HIS A 61 3.21 8.23 -12.85
CA HIS A 61 3.95 9.44 -13.32
C HIS A 61 5.43 9.37 -12.90
N THR A 62 5.81 8.38 -12.12
CA THR A 62 7.24 8.30 -11.69
C THR A 62 8.02 7.35 -12.62
N GLN A 63 8.17 6.11 -12.25
CA GLN A 63 8.92 5.16 -13.11
C GLN A 63 8.00 4.58 -14.19
N GLY A 64 6.71 4.78 -14.05
CA GLY A 64 5.77 4.26 -15.09
C GLY A 64 5.50 2.78 -14.87
N TYR A 65 5.47 2.32 -13.64
CA TYR A 65 5.19 0.87 -13.41
C TYR A 65 3.71 0.62 -13.63
N PHE A 66 3.36 -0.40 -14.36
CA PHE A 66 1.92 -0.69 -14.62
C PHE A 66 1.32 -1.34 -13.36
N PRO A 67 0.09 -1.04 -13.02
CA PRO A 67 -0.57 -1.63 -11.82
C PRO A 67 -1.03 -3.07 -12.03
N ASP A 68 -0.25 -4.01 -11.60
CA ASP A 68 -0.63 -5.44 -11.75
C ASP A 68 0.14 -6.24 -10.70
N TRP A 69 0.54 -5.58 -9.64
CA TRP A 69 1.33 -6.27 -8.56
C TRP A 69 0.73 -5.93 -7.20
N GLN A 70 0.20 -4.77 -7.07
CA GLN A 70 -0.41 -4.35 -5.77
C GLN A 70 -1.76 -5.04 -5.59
N ASN A 71 -1.85 -5.95 -4.65
CA ASN A 71 -3.14 -6.67 -4.43
C ASN A 71 -3.19 -7.19 -2.99
N TYR A 72 -4.26 -7.85 -2.62
CA TYR A 72 -4.36 -8.38 -1.22
C TYR A 72 -5.44 -9.47 -1.19
N THR A 73 -5.66 -10.07 -0.06
CA THR A 73 -6.69 -11.15 0.03
C THR A 73 -8.07 -10.55 -0.29
N PRO A 74 -8.96 -11.31 -0.87
CA PRO A 74 -10.33 -10.82 -1.21
C PRO A 74 -11.25 -10.80 0.02
N GLY A 75 -10.97 -9.96 0.98
CA GLY A 75 -11.84 -9.89 2.19
C GLY A 75 -11.26 -8.90 3.19
N PRO A 76 -12.02 -8.56 4.21
CA PRO A 76 -11.57 -7.60 5.26
C PRO A 76 -10.64 -8.26 6.29
N GLY A 77 -10.47 -7.63 7.43
CA GLY A 77 -9.58 -8.22 8.47
C GLY A 77 -8.12 -8.02 8.08
N ILE A 78 -7.22 -8.72 8.72
CA ILE A 78 -5.78 -8.57 8.39
C ILE A 78 -5.58 -8.79 6.88
N ARG A 79 -5.64 -7.75 6.11
CA ARG A 79 -5.46 -7.90 4.64
C ARG A 79 -3.97 -8.07 4.33
N TYR A 80 -3.55 -9.26 4.01
CA TYR A 80 -2.10 -9.49 3.70
C TYR A 80 -1.84 -9.16 2.22
N PRO A 81 -0.65 -8.69 1.89
CA PRO A 81 -0.28 -8.35 0.48
C PRO A 81 0.09 -9.61 -0.31
N LEU A 82 -0.61 -9.91 -1.36
CA LEU A 82 -0.27 -11.13 -2.14
C LEU A 82 1.13 -10.98 -2.74
N THR A 83 1.53 -9.78 -3.04
CA THR A 83 2.89 -9.59 -3.63
C THR A 83 3.94 -9.97 -2.58
N PHE A 84 5.19 -9.98 -2.95
CA PHE A 84 6.27 -10.35 -1.99
C PHE A 84 6.98 -9.10 -1.46
N GLY A 85 7.87 -8.60 -2.24
CA GLY A 85 8.67 -7.40 -1.84
C GLY A 85 7.78 -6.32 -1.23
N TRP A 86 6.52 -6.28 -1.56
CA TRP A 86 5.64 -5.22 -0.98
C TRP A 86 5.38 -5.57 0.47
N CYS A 87 6.13 -4.98 1.35
CA CYS A 87 5.99 -5.29 2.80
C CYS A 87 4.92 -4.43 3.47
N TYR A 88 3.77 -4.30 2.86
CA TYR A 88 2.68 -3.48 3.47
C TYR A 88 1.56 -4.40 3.96
N LYS A 89 1.07 -4.18 5.16
CA LYS A 89 -0.02 -5.04 5.72
C LYS A 89 -1.15 -4.14 6.21
N LEU A 90 -2.27 -4.13 5.53
CA LEU A 90 -3.40 -3.29 6.00
C LEU A 90 -4.03 -3.99 7.22
N VAL A 91 -4.49 -3.24 8.19
CA VAL A 91 -5.07 -3.86 9.41
C VAL A 91 -5.99 -2.82 10.09
N PRO A 92 -7.18 -3.20 10.52
CA PRO A 92 -8.11 -2.24 11.18
C PRO A 92 -7.57 -1.80 12.55
N VAL A 93 -8.29 -0.98 13.25
CA VAL A 93 -7.83 -0.51 14.58
C VAL A 93 -8.18 -1.55 15.64
N GLU A 94 -8.68 -1.09 16.74
CA GLU A 94 -9.05 -2.03 17.84
C GLU A 94 -10.27 -2.86 17.42
N PRO A 95 -10.29 -4.15 17.66
CA PRO A 95 -11.45 -5.00 17.28
C PRO A 95 -12.80 -4.31 17.55
N GLU A 96 -13.84 -4.73 16.88
CA GLU A 96 -15.16 -4.11 17.10
C GLU A 96 -15.58 -4.30 18.56
N LYS A 97 -14.87 -5.12 19.28
CA LYS A 97 -15.21 -5.35 20.72
C LYS A 97 -14.58 -4.25 21.58
N LEU A 98 -15.02 -3.03 21.42
CA LEU A 98 -14.46 -1.92 22.23
C LEU A 98 -15.14 -1.88 23.60
N GLU A 99 -14.50 -1.29 24.58
CA GLU A 99 -15.12 -1.22 25.93
C GLU A 99 -14.38 -0.18 26.78
N GLU A 100 -14.32 1.04 26.33
CA GLU A 100 -13.62 2.10 27.10
C GLU A 100 -14.00 3.47 26.57
N ALA A 101 -15.16 3.59 25.96
CA ALA A 101 -15.59 4.90 25.42
C ALA A 101 -17.10 4.88 25.14
N ASN A 102 -17.88 5.51 25.98
CA ASN A 102 -19.35 5.52 25.76
C ASN A 102 -19.70 6.58 24.72
N LYS A 103 -18.83 7.54 24.52
CA LYS A 103 -19.11 8.59 23.52
C LYS A 103 -18.99 8.02 22.11
N ASP A 104 -20.10 7.82 21.43
CA ASP A 104 -20.05 7.24 20.06
C ASP A 104 -19.97 8.37 19.02
N ASP A 105 -19.45 8.08 17.86
CA ASP A 105 -19.35 9.12 16.81
C ASP A 105 -19.31 8.44 15.43
N PRO A 106 -19.79 9.08 14.39
CA PRO A 106 -19.79 8.49 13.03
C PRO A 106 -18.38 8.43 12.42
N GLU A 107 -17.39 8.80 13.18
CA GLU A 107 -16.00 8.76 12.67
C GLU A 107 -15.46 7.34 12.72
N ARG A 108 -15.90 6.49 11.83
CA ARG A 108 -15.41 5.09 11.82
C ARG A 108 -14.03 5.03 11.18
N GLU A 109 -13.06 4.51 11.87
CA GLU A 109 -11.68 4.44 11.30
C GLU A 109 -11.63 3.31 10.27
N VAL A 110 -10.98 3.54 9.16
CA VAL A 110 -10.89 2.50 8.09
C VAL A 110 -9.69 1.58 8.37
N LEU A 111 -8.84 1.38 7.40
CA LEU A 111 -7.66 0.47 7.61
C LEU A 111 -6.35 1.27 7.54
N GLU A 112 -5.41 0.96 8.40
CA GLU A 112 -4.10 1.70 8.41
C GLU A 112 -3.00 0.85 7.75
N TRP A 113 -2.15 1.47 6.98
CA TRP A 113 -1.04 0.73 6.31
C TRP A 113 0.03 0.39 7.37
N ARG A 114 0.27 -0.85 7.62
CA ARG A 114 1.31 -1.23 8.63
C ARG A 114 2.62 -1.54 7.90
N PHE A 115 3.48 -0.56 7.78
CA PHE A 115 4.78 -0.78 7.08
C PHE A 115 5.63 -1.79 7.86
N ASP A 116 6.18 -2.77 7.20
CA ASP A 116 7.01 -3.79 7.90
C ASP A 116 8.01 -4.40 6.93
N SER A 117 8.97 -3.62 6.48
CA SER A 117 10.00 -4.13 5.52
C SER A 117 10.50 -5.52 5.92
N ARG A 118 10.18 -5.98 7.09
CA ARG A 118 10.65 -7.33 7.51
C ARG A 118 10.06 -8.40 6.58
N LEU A 119 8.92 -8.13 6.01
CA LEU A 119 8.29 -9.11 5.08
C LEU A 119 9.23 -9.33 3.89
N ALA A 120 10.33 -8.64 3.87
CA ALA A 120 11.29 -8.80 2.74
C ALA A 120 12.03 -10.11 2.90
N PHE A 121 11.61 -10.96 3.82
CA PHE A 121 12.32 -12.26 4.03
C PHE A 121 11.34 -13.42 4.20
N HIS A 122 10.06 -13.21 3.98
CA HIS A 122 9.10 -14.36 4.13
C HIS A 122 7.85 -14.09 3.29
N HIS A 123 6.86 -14.96 3.39
CA HIS A 123 5.61 -14.78 2.61
C HIS A 123 4.46 -15.49 3.30
N MET A 124 3.73 -14.78 4.13
CA MET A 124 2.59 -15.42 4.85
C MET A 124 1.43 -15.69 3.88
N ALA A 125 1.02 -14.69 3.14
CA ALA A 125 -0.11 -14.90 2.18
C ALA A 125 0.14 -16.17 1.36
N ARG A 126 1.36 -16.44 1.03
CA ARG A 126 1.67 -17.66 0.22
C ARG A 126 1.44 -18.91 1.09
N GLU A 127 1.72 -18.82 2.35
CA GLU A 127 1.52 -20.00 3.23
C GLU A 127 0.02 -20.28 3.36
N LEU A 128 -0.81 -19.31 3.03
CA LEU A 128 -2.28 -19.52 3.14
C LEU A 128 -2.77 -20.32 1.92
N HIS A 129 -2.85 -19.70 0.77
CA HIS A 129 -3.35 -20.45 -0.43
C HIS A 129 -2.75 -19.87 -1.72
N PRO A 130 -1.61 -20.37 -2.15
CA PRO A 130 -0.96 -19.90 -3.42
C PRO A 130 -1.87 -20.10 -4.63
N GLU A 131 -2.53 -19.05 -5.08
CA GLU A 131 -3.45 -19.17 -6.26
C GLU A 131 -2.87 -18.40 -7.45
N TYR A 132 -2.82 -17.09 -7.36
CA TYR A 132 -2.27 -16.29 -8.50
C TYR A 132 -0.74 -16.36 -8.48
N PHE A 133 -0.18 -17.23 -7.69
CA PHE A 133 1.30 -17.34 -7.62
C PHE A 133 1.79 -18.40 -8.61
N LYS A 134 2.97 -18.24 -9.14
CA LYS A 134 3.50 -19.21 -10.14
C LYS A 134 3.27 -20.64 -9.64
N ASN A 135 4.25 -21.23 -9.02
CA ASN A 135 4.11 -22.63 -8.52
C ASN A 135 2.76 -22.80 -7.83
N ALA A 136 1.83 -23.45 -8.47
CA ALA A 136 0.49 -23.65 -7.85
C ALA A 136 0.54 -24.84 -6.90
N ALA A 1 -0.90 18.04 2.17
CA ALA A 1 0.35 18.36 1.44
C ALA A 1 1.22 17.10 1.34
N TRP A 2 0.61 15.95 1.35
CA TRP A 2 1.38 14.69 1.25
C TRP A 2 1.85 14.54 -0.21
N LEU A 3 1.53 13.45 -0.85
CA LEU A 3 1.94 13.29 -2.28
C LEU A 3 0.91 13.98 -3.17
N GLU A 4 0.20 14.93 -2.63
CA GLU A 4 -0.84 15.65 -3.41
C GLU A 4 -0.16 16.62 -4.39
N ALA A 5 -0.28 17.89 -4.14
CA ALA A 5 0.35 18.89 -5.06
C ALA A 5 1.87 18.81 -4.94
N GLN A 6 2.54 18.53 -6.03
CA GLN A 6 4.03 18.44 -5.99
C GLN A 6 4.63 19.84 -5.88
N GLU A 7 4.31 20.56 -4.84
CA GLU A 7 4.88 21.93 -4.68
C GLU A 7 6.39 21.82 -4.41
N GLU A 8 6.92 22.70 -3.60
CA GLU A 8 8.38 22.64 -3.31
C GLU A 8 8.76 21.20 -2.94
N GLU A 9 7.83 20.43 -2.46
CA GLU A 9 8.14 19.02 -2.09
C GLU A 9 8.18 18.16 -3.35
N GLU A 10 9.22 18.29 -4.14
CA GLU A 10 9.33 17.48 -5.39
C GLU A 10 9.91 16.10 -5.05
N VAL A 11 9.82 15.17 -5.96
CA VAL A 11 10.36 13.81 -5.69
C VAL A 11 11.87 13.81 -5.91
N GLY A 12 12.57 14.71 -5.29
CA GLY A 12 14.04 14.76 -5.46
C GLY A 12 14.37 15.09 -6.92
N PHE A 13 14.43 14.09 -7.76
CA PHE A 13 14.75 14.34 -9.19
C PHE A 13 13.43 14.64 -9.94
N PRO A 14 13.48 15.42 -10.99
CA PRO A 14 12.27 15.77 -11.79
C PRO A 14 11.29 14.58 -11.90
N VAL A 15 10.02 14.86 -12.03
CA VAL A 15 9.03 13.75 -12.16
C VAL A 15 8.98 13.26 -13.60
N THR A 16 9.23 12.00 -13.81
CA THR A 16 9.21 11.46 -15.20
C THR A 16 7.79 10.94 -15.53
N PRO A 17 7.25 11.26 -16.68
CA PRO A 17 5.88 10.79 -17.07
C PRO A 17 5.92 9.33 -17.54
N GLN A 18 4.93 8.91 -18.29
CA GLN A 18 4.90 7.50 -18.77
C GLN A 18 6.27 7.09 -19.29
N VAL A 19 7.05 6.46 -18.47
CA VAL A 19 8.39 5.98 -18.90
C VAL A 19 8.24 4.53 -19.39
N PRO A 20 9.12 4.07 -20.26
CA PRO A 20 9.06 2.68 -20.79
C PRO A 20 8.55 1.69 -19.73
N LEU A 21 7.43 1.06 -19.99
CA LEU A 21 6.87 0.10 -18.98
C LEU A 21 7.84 -1.07 -18.80
N ARG A 22 8.67 -1.01 -17.78
CA ARG A 22 9.63 -2.12 -17.53
C ARG A 22 8.92 -3.20 -16.69
N PRO A 23 9.22 -4.46 -16.89
CA PRO A 23 8.58 -5.55 -16.10
C PRO A 23 8.42 -5.17 -14.62
N MET A 24 7.39 -5.64 -13.96
CA MET A 24 7.21 -5.29 -12.53
C MET A 24 8.38 -5.88 -11.73
N THR A 25 9.21 -5.03 -11.18
CA THR A 25 10.39 -5.51 -10.41
C THR A 25 10.04 -5.73 -8.94
N TYR A 26 9.90 -6.98 -8.54
CA TYR A 26 9.61 -7.26 -7.11
C TYR A 26 10.70 -6.56 -6.31
N LYS A 27 11.90 -6.65 -6.80
CA LYS A 27 13.03 -5.98 -6.13
C LYS A 27 12.68 -4.51 -5.97
N ALA A 28 12.03 -3.91 -6.94
CA ALA A 28 11.69 -2.47 -6.78
C ALA A 28 10.67 -2.30 -5.64
N ALA A 29 9.85 -3.29 -5.43
CA ALA A 29 8.84 -3.19 -4.33
C ALA A 29 9.57 -2.96 -2.99
N VAL A 30 10.60 -3.71 -2.74
CA VAL A 30 11.34 -3.52 -1.46
C VAL A 30 11.98 -2.15 -1.45
N ASP A 31 12.66 -1.79 -2.50
CA ASP A 31 13.28 -0.44 -2.54
C ASP A 31 12.17 0.59 -2.45
N LEU A 32 11.10 0.38 -3.16
CA LEU A 32 9.95 1.32 -3.09
C LEU A 32 9.42 1.34 -1.66
N SER A 33 9.29 0.20 -1.05
CA SER A 33 8.78 0.17 0.35
C SER A 33 9.63 1.11 1.20
N HIS A 34 10.92 1.00 1.12
CA HIS A 34 11.82 1.88 1.92
C HIS A 34 11.79 3.30 1.35
N PHE A 35 11.67 3.43 0.06
CA PHE A 35 11.66 4.80 -0.55
C PHE A 35 10.53 5.59 0.09
N LEU A 36 9.32 5.10 0.03
CA LEU A 36 8.18 5.83 0.64
C LEU A 36 8.40 5.97 2.15
N LYS A 37 9.08 5.04 2.77
CA LYS A 37 9.29 5.16 4.24
C LYS A 37 10.15 6.39 4.54
N GLU A 38 11.04 6.73 3.65
CA GLU A 38 11.90 7.92 3.90
C GLU A 38 11.08 9.20 3.76
N LYS A 39 10.80 9.59 2.55
CA LYS A 39 10.02 10.84 2.32
C LYS A 39 8.52 10.58 2.52
N GLY A 40 7.91 9.87 1.60
CA GLY A 40 6.44 9.59 1.72
C GLY A 40 6.09 9.17 3.15
N GLY A 41 4.84 9.33 3.53
CA GLY A 41 4.40 8.93 4.90
C GLY A 41 3.19 7.99 4.76
N LEU A 42 3.39 6.87 4.10
CA LEU A 42 2.26 5.92 3.91
C LEU A 42 2.05 5.09 5.17
N GLU A 43 3.10 4.80 5.88
CA GLU A 43 2.94 3.99 7.12
C GLU A 43 1.85 4.58 7.99
N GLY A 44 1.10 3.75 8.66
CA GLY A 44 0.02 4.22 9.56
C GLY A 44 -0.93 5.16 8.81
N LEU A 45 -0.76 5.34 7.53
CA LEU A 45 -1.68 6.25 6.77
C LEU A 45 -3.02 5.54 6.59
N ILE A 46 -4.07 6.06 7.18
CA ILE A 46 -5.40 5.39 7.07
C ILE A 46 -5.90 5.36 5.62
N HIS A 47 -5.84 4.21 5.01
CA HIS A 47 -6.35 4.06 3.61
C HIS A 47 -7.87 4.23 3.62
N SER A 48 -8.34 5.39 3.27
CA SER A 48 -9.82 5.63 3.25
C SER A 48 -10.44 4.75 2.16
N GLN A 49 -10.21 5.09 0.92
CA GLN A 49 -10.78 4.29 -0.20
C GLN A 49 -10.17 4.77 -1.52
N ARG A 50 -10.24 6.05 -1.78
CA ARG A 50 -9.65 6.57 -3.05
C ARG A 50 -8.14 6.73 -2.88
N ARG A 51 -7.67 6.81 -1.66
CA ARG A 51 -6.20 6.96 -1.44
C ARG A 51 -5.48 5.80 -2.13
N GLN A 52 -6.15 4.70 -2.32
CA GLN A 52 -5.50 3.54 -2.98
C GLN A 52 -5.12 3.94 -4.41
N ASP A 53 -6.04 4.50 -5.14
CA ASP A 53 -5.73 4.92 -6.54
C ASP A 53 -4.58 5.93 -6.54
N ILE A 54 -4.60 6.87 -5.63
CA ILE A 54 -3.51 7.88 -5.58
C ILE A 54 -2.16 7.17 -5.43
N LEU A 55 -2.11 6.12 -4.65
CA LEU A 55 -0.83 5.39 -4.45
C LEU A 55 -0.38 4.81 -5.80
N ASP A 56 -1.09 3.84 -6.30
CA ASP A 56 -0.71 3.23 -7.61
C ASP A 56 -0.54 4.31 -8.68
N LEU A 57 -1.37 5.32 -8.63
CA LEU A 57 -1.25 6.42 -9.65
C LEU A 57 0.08 7.13 -9.49
N TRP A 58 0.39 7.58 -8.30
CA TRP A 58 1.69 8.28 -8.09
C TRP A 58 2.82 7.40 -8.67
N ILE A 59 2.78 6.13 -8.42
CA ILE A 59 3.84 5.23 -8.97
C ILE A 59 3.82 5.29 -10.50
N TYR A 60 2.68 5.53 -11.09
CA TYR A 60 2.61 5.59 -12.58
C TYR A 60 3.44 6.78 -13.10
N HIS A 61 3.11 7.97 -12.67
CA HIS A 61 3.86 9.18 -13.13
C HIS A 61 5.33 9.13 -12.67
N THR A 62 5.83 7.99 -12.27
CA THR A 62 7.26 7.88 -11.81
C THR A 62 7.99 6.82 -12.63
N GLN A 63 8.08 5.62 -12.13
CA GLN A 63 8.79 4.55 -12.90
C GLN A 63 7.82 3.98 -13.94
N GLY A 64 6.57 4.31 -13.82
CA GLY A 64 5.56 3.82 -14.82
C GLY A 64 5.27 2.33 -14.60
N TYR A 65 5.29 1.87 -13.38
CA TYR A 65 4.98 0.42 -13.16
C TYR A 65 3.47 0.22 -13.32
N PHE A 66 3.07 -0.73 -14.10
CA PHE A 66 1.61 -0.98 -14.28
C PHE A 66 1.09 -1.69 -13.03
N PRO A 67 -0.07 -1.35 -12.53
CA PRO A 67 -0.63 -2.00 -11.31
C PRO A 67 -1.24 -3.38 -11.59
N ASP A 68 -0.53 -4.41 -11.24
CA ASP A 68 -1.04 -5.79 -11.45
C ASP A 68 -0.34 -6.70 -10.43
N TRP A 69 0.14 -6.11 -9.37
CA TRP A 69 0.86 -6.88 -8.31
C TRP A 69 0.19 -6.65 -6.96
N GLN A 70 -0.49 -5.56 -6.84
CA GLN A 70 -1.18 -5.24 -5.56
C GLN A 70 -2.46 -6.07 -5.45
N ASN A 71 -2.45 -7.08 -4.63
CA ASN A 71 -3.66 -7.93 -4.47
C ASN A 71 -3.65 -8.58 -3.08
N TYR A 72 -4.16 -7.90 -2.10
CA TYR A 72 -4.17 -8.47 -0.73
C TYR A 72 -5.14 -9.66 -0.68
N THR A 73 -5.24 -10.30 0.46
CA THR A 73 -6.17 -11.45 0.58
C THR A 73 -7.62 -10.95 0.46
N PRO A 74 -8.52 -11.77 -0.03
CA PRO A 74 -9.96 -11.38 -0.19
C PRO A 74 -10.74 -11.49 1.14
N GLY A 75 -11.28 -10.40 1.61
CA GLY A 75 -12.08 -10.45 2.88
C GLY A 75 -11.78 -9.20 3.72
N PRO A 76 -12.66 -8.86 4.64
CA PRO A 76 -12.48 -7.68 5.53
C PRO A 76 -11.46 -7.95 6.65
N GLY A 77 -11.53 -7.22 7.73
CA GLY A 77 -10.57 -7.43 8.84
C GLY A 77 -9.15 -7.23 8.33
N ILE A 78 -8.18 -7.78 9.01
CA ILE A 78 -6.76 -7.62 8.57
C ILE A 78 -6.66 -7.98 7.08
N ARG A 79 -5.52 -7.77 6.50
CA ARG A 79 -5.34 -8.10 5.06
C ARG A 79 -3.84 -8.11 4.73
N TYR A 80 -3.29 -9.28 4.53
CA TYR A 80 -1.83 -9.39 4.20
C TYR A 80 -1.64 -9.22 2.68
N PRO A 81 -0.50 -8.74 2.25
CA PRO A 81 -0.20 -8.55 0.79
C PRO A 81 0.20 -9.86 0.12
N LEU A 82 -0.51 -10.29 -0.88
CA LEU A 82 -0.13 -11.56 -1.56
C LEU A 82 1.26 -11.40 -2.19
N THR A 83 1.61 -10.20 -2.57
CA THR A 83 2.96 -10.01 -3.19
C THR A 83 4.03 -10.30 -2.14
N PHE A 84 5.27 -10.30 -2.54
CA PHE A 84 6.39 -10.58 -1.58
C PHE A 84 7.07 -9.30 -1.13
N GLY A 85 8.03 -8.88 -1.89
CA GLY A 85 8.81 -7.65 -1.57
C GLY A 85 7.92 -6.56 -0.99
N TRP A 86 6.66 -6.53 -1.33
CA TRP A 86 5.78 -5.46 -0.78
C TRP A 86 5.53 -5.77 0.69
N CYS A 87 6.31 -5.16 1.54
CA CYS A 87 6.18 -5.42 3.01
C CYS A 87 5.12 -4.53 3.65
N TYR A 88 3.99 -4.35 3.03
CA TYR A 88 2.92 -3.48 3.62
C TYR A 88 1.73 -4.37 4.02
N LYS A 89 1.25 -4.21 5.23
CA LYS A 89 0.08 -5.04 5.70
C LYS A 89 -0.98 -4.11 6.29
N LEU A 90 -2.16 -4.13 5.71
CA LEU A 90 -3.25 -3.26 6.24
C LEU A 90 -3.79 -3.87 7.53
N VAL A 91 -4.26 -3.04 8.44
CA VAL A 91 -4.79 -3.57 9.74
C VAL A 91 -5.80 -2.54 10.30
N PRO A 92 -6.95 -2.98 10.81
CA PRO A 92 -7.96 -2.06 11.40
C PRO A 92 -7.62 -1.66 12.83
N VAL A 93 -7.51 -0.39 13.10
CA VAL A 93 -7.19 0.06 14.47
C VAL A 93 -8.50 0.16 15.25
N GLU A 94 -8.56 -0.54 16.33
CA GLU A 94 -9.79 -0.55 17.17
C GLU A 94 -9.42 -0.96 18.60
N PRO A 95 -9.04 -0.02 19.43
CA PRO A 95 -8.65 -0.29 20.84
C PRO A 95 -9.87 -0.30 21.77
N GLU A 96 -9.66 -0.56 23.04
CA GLU A 96 -10.82 -0.56 24.00
C GLU A 96 -11.45 0.82 24.03
N LYS A 97 -12.41 1.07 23.17
CA LYS A 97 -13.06 2.42 23.15
C LYS A 97 -14.17 2.48 24.20
N LEU A 98 -13.85 2.18 25.43
CA LEU A 98 -14.89 2.23 26.50
C LEU A 98 -15.03 3.68 26.99
N GLU A 99 -14.63 4.62 26.18
CA GLU A 99 -14.74 6.05 26.58
C GLU A 99 -16.20 6.51 26.46
N GLU A 100 -16.94 5.93 25.55
CA GLU A 100 -18.36 6.33 25.38
C GLU A 100 -19.08 5.28 24.54
N ALA A 101 -20.33 5.04 24.82
CA ALA A 101 -21.09 4.01 24.04
C ALA A 101 -21.45 4.58 22.67
N ASN A 102 -21.19 5.84 22.45
CA ASN A 102 -21.53 6.45 21.13
C ASN A 102 -20.31 6.35 20.20
N LYS A 103 -20.28 5.37 19.36
CA LYS A 103 -19.10 5.22 18.43
C LYS A 103 -19.18 6.30 17.35
N ASP A 104 -18.09 6.52 16.64
CA ASP A 104 -18.10 7.57 15.58
C ASP A 104 -18.50 6.93 14.24
N ASP A 105 -17.60 6.92 13.29
CA ASP A 105 -17.93 6.32 11.96
C ASP A 105 -17.73 4.79 12.04
N PRO A 106 -18.46 4.03 11.26
CA PRO A 106 -18.34 2.54 11.26
C PRO A 106 -16.96 2.07 10.77
N GLU A 107 -16.51 0.94 11.24
CA GLU A 107 -15.17 0.44 10.80
C GLU A 107 -15.32 -0.20 9.42
N ARG A 108 -15.51 0.60 8.40
CA ARG A 108 -15.65 0.04 7.02
C ARG A 108 -14.27 -0.32 6.49
N GLU A 109 -14.06 -0.18 5.21
CA GLU A 109 -12.72 -0.52 4.62
C GLU A 109 -11.71 0.55 5.01
N VAL A 110 -11.90 1.17 6.14
CA VAL A 110 -10.94 2.22 6.60
C VAL A 110 -9.78 1.55 7.34
N LEU A 111 -8.79 1.15 6.60
CA LEU A 111 -7.61 0.45 7.20
C LEU A 111 -6.35 1.31 7.01
N GLU A 112 -5.32 1.05 7.79
CA GLU A 112 -4.04 1.84 7.65
C GLU A 112 -2.92 0.93 7.14
N TRP A 113 -2.10 1.46 6.28
CA TRP A 113 -0.97 0.67 5.72
C TRP A 113 0.09 0.47 6.82
N ARG A 114 0.30 -0.75 7.26
CA ARG A 114 1.31 -1.00 8.32
C ARG A 114 2.66 -1.36 7.67
N PHE A 115 3.58 -0.43 7.66
CA PHE A 115 4.91 -0.69 7.04
C PHE A 115 5.69 -1.73 7.88
N ASP A 116 6.26 -2.72 7.24
CA ASP A 116 7.02 -3.77 7.97
C ASP A 116 8.06 -4.39 7.03
N SER A 117 9.05 -3.63 6.63
CA SER A 117 10.12 -4.13 5.70
C SER A 117 10.64 -5.51 6.10
N ARG A 118 10.21 -6.07 7.20
CA ARG A 118 10.72 -7.42 7.58
C ARG A 118 10.29 -8.44 6.53
N LEU A 119 9.20 -8.20 5.84
CA LEU A 119 8.73 -9.15 4.79
C LEU A 119 9.78 -9.22 3.68
N ALA A 120 10.79 -8.41 3.75
CA ALA A 120 11.84 -8.44 2.69
C ALA A 120 12.68 -9.70 2.87
N PHE A 121 12.32 -10.54 3.80
CA PHE A 121 13.10 -11.80 4.04
C PHE A 121 12.12 -12.97 4.25
N HIS A 122 11.43 -12.98 5.36
CA HIS A 122 10.48 -14.09 5.63
C HIS A 122 9.24 -13.94 4.75
N HIS A 123 8.23 -14.74 4.99
CA HIS A 123 6.98 -14.66 4.19
C HIS A 123 5.81 -15.22 4.99
N MET A 124 5.09 -14.38 5.68
CA MET A 124 3.94 -14.87 6.49
C MET A 124 2.73 -15.14 5.59
N ALA A 125 2.44 -14.25 4.68
CA ALA A 125 1.26 -14.44 3.79
C ALA A 125 1.27 -15.87 3.21
N ARG A 126 2.43 -16.41 2.97
CA ARG A 126 2.52 -17.77 2.41
C ARG A 126 2.12 -18.80 3.49
N GLU A 127 2.49 -18.55 4.71
CA GLU A 127 2.14 -19.50 5.80
C GLU A 127 0.63 -19.48 6.03
N LEU A 128 -0.04 -18.44 5.60
CA LEU A 128 -1.52 -18.37 5.80
C LEU A 128 -2.22 -19.28 4.80
N HIS A 129 -2.20 -18.95 3.52
CA HIS A 129 -2.89 -19.80 2.52
C HIS A 129 -2.16 -19.74 1.16
N PRO A 130 -1.21 -20.62 0.94
CA PRO A 130 -0.45 -20.66 -0.34
C PRO A 130 -1.38 -20.85 -1.55
N GLU A 131 -1.52 -19.85 -2.39
CA GLU A 131 -2.41 -19.98 -3.58
C GLU A 131 -1.56 -20.29 -4.82
N TYR A 132 -1.45 -19.37 -5.72
CA TYR A 132 -0.64 -19.60 -6.95
C TYR A 132 0.84 -19.43 -6.63
N PHE A 133 1.17 -19.27 -5.38
CA PHE A 133 2.61 -19.10 -5.00
C PHE A 133 3.21 -20.46 -4.67
N LYS A 134 4.15 -20.91 -5.46
CA LYS A 134 4.81 -22.23 -5.21
C LYS A 134 6.33 -22.08 -5.34
N ASN A 135 7.02 -23.11 -5.72
CA ASN A 135 8.50 -23.00 -5.85
C ASN A 135 8.84 -21.75 -6.66
N ALA A 136 9.66 -20.89 -6.12
CA ALA A 136 10.04 -19.64 -6.84
C ALA A 136 11.15 -19.95 -7.85
N ALA A 1 5.26 15.98 -3.10
CA ALA A 1 3.80 16.31 -3.05
C ALA A 1 2.99 15.14 -3.61
N TRP A 2 3.31 13.93 -3.23
CA TRP A 2 2.56 12.77 -3.74
C TRP A 2 1.17 12.75 -3.09
N LEU A 3 1.08 13.19 -1.86
CA LEU A 3 -0.24 13.22 -1.16
C LEU A 3 -1.01 14.47 -1.61
N GLU A 4 -0.62 15.62 -1.12
CA GLU A 4 -1.32 16.87 -1.50
C GLU A 4 -0.91 17.27 -2.91
N ALA A 5 -1.06 16.38 -3.86
CA ALA A 5 -0.68 16.72 -5.26
C ALA A 5 -1.70 17.68 -5.86
N GLN A 6 -1.36 18.93 -5.98
CA GLN A 6 -2.31 19.92 -6.55
C GLN A 6 -2.16 19.95 -8.08
N GLU A 7 -1.46 20.93 -8.59
CA GLU A 7 -1.28 21.00 -10.08
C GLU A 7 -0.02 21.80 -10.41
N GLU A 8 0.72 22.22 -9.41
CA GLU A 8 1.96 23.00 -9.70
C GLU A 8 2.79 22.27 -10.76
N GLU A 9 3.28 22.98 -11.74
CA GLU A 9 4.09 22.32 -12.80
C GLU A 9 5.49 22.03 -12.28
N GLU A 10 5.98 22.82 -11.36
CA GLU A 10 7.36 22.59 -10.82
C GLU A 10 7.28 21.59 -9.65
N VAL A 11 7.16 20.32 -9.95
CA VAL A 11 7.10 19.30 -8.87
C VAL A 11 8.51 18.95 -8.41
N GLY A 12 9.31 19.95 -8.12
CA GLY A 12 10.70 19.68 -7.68
C GLY A 12 11.43 18.86 -8.75
N PHE A 13 11.32 17.55 -8.68
CA PHE A 13 11.99 16.69 -9.69
C PHE A 13 11.05 16.47 -10.90
N PRO A 14 11.59 16.25 -12.08
CA PRO A 14 10.76 16.03 -13.30
C PRO A 14 10.15 14.62 -13.32
N VAL A 15 8.86 14.51 -13.19
CA VAL A 15 8.22 13.16 -13.20
C VAL A 15 8.06 12.71 -14.65
N THR A 16 8.59 11.57 -15.00
CA THR A 16 8.45 11.09 -16.41
C THR A 16 7.14 10.32 -16.55
N PRO A 17 6.51 10.36 -17.71
CA PRO A 17 5.22 9.65 -17.93
C PRO A 17 5.43 8.14 -18.10
N GLN A 18 4.47 7.47 -18.68
CA GLN A 18 4.61 6.01 -18.86
C GLN A 18 5.73 5.70 -19.85
N VAL A 19 6.89 5.41 -19.35
CA VAL A 19 8.04 5.08 -20.23
C VAL A 19 7.95 3.57 -20.54
N PRO A 20 8.82 2.99 -21.33
CA PRO A 20 8.73 1.53 -21.64
C PRO A 20 8.44 0.70 -20.38
N LEU A 21 7.51 -0.20 -20.46
CA LEU A 21 7.15 -1.01 -19.26
C LEU A 21 8.36 -1.83 -18.80
N ARG A 22 9.06 -1.36 -17.80
CA ARG A 22 10.23 -2.12 -17.28
C ARG A 22 9.74 -3.19 -16.30
N PRO A 23 10.01 -4.46 -16.54
CA PRO A 23 9.56 -5.54 -15.62
C PRO A 23 9.73 -5.16 -14.14
N MET A 24 8.67 -5.07 -13.39
CA MET A 24 8.80 -4.71 -11.96
C MET A 24 9.59 -5.80 -11.25
N THR A 25 10.73 -5.46 -10.69
CA THR A 25 11.58 -6.48 -10.01
C THR A 25 11.16 -6.66 -8.56
N TYR A 26 11.27 -7.86 -8.05
CA TYR A 26 10.92 -8.10 -6.62
C TYR A 26 11.70 -7.05 -5.83
N LYS A 27 12.93 -6.86 -6.21
CA LYS A 27 13.77 -5.83 -5.55
C LYS A 27 13.10 -4.48 -5.75
N ALA A 28 12.38 -4.30 -6.83
CA ALA A 28 11.71 -2.97 -7.04
C ALA A 28 10.70 -2.74 -5.92
N ALA A 29 10.02 -3.77 -5.51
CA ALA A 29 9.02 -3.62 -4.42
C ALA A 29 9.71 -3.25 -3.10
N VAL A 30 10.70 -4.01 -2.72
CA VAL A 30 11.40 -3.70 -1.44
C VAL A 30 12.08 -2.34 -1.53
N ASP A 31 12.68 -2.03 -2.64
CA ASP A 31 13.33 -0.70 -2.78
C ASP A 31 12.26 0.37 -2.63
N LEU A 32 11.20 0.26 -3.38
CA LEU A 32 10.11 1.25 -3.27
C LEU A 32 9.55 1.23 -1.85
N SER A 33 9.47 0.07 -1.23
CA SER A 33 8.93 0.02 0.15
C SER A 33 9.70 0.99 1.04
N HIS A 34 11.01 0.95 1.00
CA HIS A 34 11.81 1.87 1.85
C HIS A 34 11.78 3.29 1.28
N PHE A 35 11.73 3.43 -0.02
CA PHE A 35 11.68 4.79 -0.60
C PHE A 35 10.48 5.53 0.00
N LEU A 36 9.31 4.99 -0.16
CA LEU A 36 8.10 5.64 0.39
C LEU A 36 8.19 5.75 1.92
N LYS A 37 8.93 4.89 2.56
CA LYS A 37 9.02 4.97 4.05
C LYS A 37 9.58 6.33 4.47
N GLU A 38 10.48 6.88 3.71
CA GLU A 38 11.05 8.21 4.09
C GLU A 38 10.01 9.30 3.83
N LYS A 39 9.84 9.69 2.60
CA LYS A 39 8.85 10.76 2.28
C LYS A 39 7.44 10.17 2.20
N GLY A 40 7.29 9.03 1.59
CA GLY A 40 5.94 8.40 1.48
C GLY A 40 5.33 8.23 2.87
N GLY A 41 4.72 9.26 3.41
CA GLY A 41 4.11 9.13 4.77
C GLY A 41 2.89 8.21 4.67
N LEU A 42 3.06 7.07 4.06
CA LEU A 42 1.92 6.12 3.92
C LEU A 42 1.76 5.29 5.20
N GLU A 43 2.83 5.03 5.89
CA GLU A 43 2.73 4.22 7.14
C GLU A 43 1.64 4.77 8.05
N GLY A 44 0.92 3.88 8.67
CA GLY A 44 -0.16 4.28 9.62
C GLY A 44 -1.17 5.25 8.95
N LEU A 45 -1.04 5.51 7.68
CA LEU A 45 -2.00 6.44 7.01
C LEU A 45 -3.35 5.71 6.82
N ILE A 46 -4.34 6.02 7.61
CA ILE A 46 -5.65 5.31 7.48
C ILE A 46 -6.21 5.46 6.05
N HIS A 47 -6.14 4.38 5.30
CA HIS A 47 -6.67 4.37 3.91
C HIS A 47 -8.20 4.54 3.97
N SER A 48 -8.69 5.68 3.52
CA SER A 48 -10.16 5.92 3.53
C SER A 48 -10.81 5.09 2.42
N GLN A 49 -10.77 5.58 1.21
CA GLN A 49 -11.39 4.83 0.07
C GLN A 49 -10.64 5.18 -1.22
N ARG A 50 -10.46 6.45 -1.47
CA ARG A 50 -9.77 6.89 -2.71
C ARG A 50 -8.25 6.93 -2.50
N ARG A 51 -7.81 6.92 -1.26
CA ARG A 51 -6.34 6.96 -1.02
C ARG A 51 -5.66 5.82 -1.78
N GLN A 52 -6.37 4.75 -2.04
CA GLN A 52 -5.76 3.62 -2.78
C GLN A 52 -5.39 4.08 -4.19
N ASP A 53 -6.26 4.81 -4.82
CA ASP A 53 -5.98 5.30 -6.20
C ASP A 53 -4.74 6.19 -6.21
N ILE A 54 -4.74 7.25 -5.43
CA ILE A 54 -3.57 8.17 -5.42
C ILE A 54 -2.26 7.37 -5.35
N LEU A 55 -2.15 6.46 -4.43
CA LEU A 55 -0.89 5.66 -4.32
C LEU A 55 -0.53 5.07 -5.68
N ASP A 56 -1.26 4.08 -6.12
CA ASP A 56 -0.96 3.45 -7.45
C ASP A 56 -0.86 4.51 -8.54
N LEU A 57 -1.61 5.59 -8.42
CA LEU A 57 -1.55 6.64 -9.47
C LEU A 57 -0.18 7.30 -9.45
N TRP A 58 0.23 7.88 -8.35
CA TRP A 58 1.57 8.53 -8.30
C TRP A 58 2.60 7.56 -8.87
N ILE A 59 2.58 6.33 -8.43
CA ILE A 59 3.55 5.33 -8.94
C ILE A 59 3.39 5.22 -10.46
N TYR A 60 2.23 5.53 -10.99
CA TYR A 60 2.02 5.41 -12.46
C TYR A 60 2.86 6.47 -13.21
N HIS A 61 2.65 7.73 -12.94
CA HIS A 61 3.42 8.79 -13.67
C HIS A 61 4.93 8.67 -13.37
N THR A 62 5.41 7.50 -13.01
CA THR A 62 6.87 7.35 -12.73
C THR A 62 7.57 6.82 -13.98
N GLN A 63 8.20 5.68 -13.89
CA GLN A 63 8.90 5.12 -15.05
C GLN A 63 7.91 4.31 -15.88
N GLY A 64 8.02 3.01 -15.79
CA GLY A 64 7.11 2.10 -16.57
C GLY A 64 6.38 1.14 -15.62
N TYR A 65 6.12 1.54 -14.41
CA TYR A 65 5.42 0.61 -13.48
C TYR A 65 3.93 0.53 -13.86
N PHE A 66 3.37 -0.63 -13.76
CA PHE A 66 1.91 -0.83 -14.09
C PHE A 66 1.24 -1.53 -12.91
N PRO A 67 0.55 -0.80 -12.05
CA PRO A 67 -0.11 -1.39 -10.86
C PRO A 67 -0.77 -2.74 -11.13
N ASP A 68 -0.06 -3.80 -10.86
CA ASP A 68 -0.60 -5.16 -11.05
C ASP A 68 0.16 -6.08 -10.09
N TRP A 69 0.66 -5.50 -9.04
CA TRP A 69 1.45 -6.26 -8.02
C TRP A 69 0.82 -6.05 -6.65
N GLN A 70 0.02 -5.04 -6.54
CA GLN A 70 -0.65 -4.74 -5.25
C GLN A 70 -1.82 -5.72 -5.06
N ASN A 71 -1.74 -6.57 -4.06
CA ASN A 71 -2.84 -7.55 -3.83
C ASN A 71 -2.82 -8.02 -2.37
N TYR A 72 -3.81 -8.76 -1.95
CA TYR A 72 -3.86 -9.25 -0.54
C TYR A 72 -4.84 -10.42 -0.44
N THR A 73 -4.86 -11.10 0.68
CA THR A 73 -5.78 -12.27 0.82
C THR A 73 -7.24 -11.79 0.74
N PRO A 74 -8.14 -12.59 0.19
CA PRO A 74 -9.58 -12.21 0.08
C PRO A 74 -10.31 -12.35 1.43
N GLY A 75 -9.95 -11.57 2.40
CA GLY A 75 -10.63 -11.66 3.73
C GLY A 75 -10.23 -10.45 4.58
N PRO A 76 -11.03 -10.11 5.57
CA PRO A 76 -10.73 -8.94 6.45
C PRO A 76 -9.65 -9.26 7.48
N GLY A 77 -9.53 -8.45 8.50
CA GLY A 77 -8.50 -8.71 9.55
C GLY A 77 -7.13 -8.27 9.04
N ILE A 78 -6.09 -8.95 9.43
CA ILE A 78 -4.72 -8.56 8.97
C ILE A 78 -4.59 -8.89 7.48
N ARG A 79 -4.79 -7.92 6.63
CA ARG A 79 -4.68 -8.17 5.16
C ARG A 79 -3.19 -8.26 4.78
N TYR A 80 -2.69 -9.44 4.57
CA TYR A 80 -1.25 -9.59 4.20
C TYR A 80 -1.10 -9.41 2.68
N PRO A 81 0.03 -8.91 2.22
CA PRO A 81 0.29 -8.72 0.76
C PRO A 81 0.62 -10.05 0.07
N LEU A 82 -0.15 -10.43 -0.91
CA LEU A 82 0.13 -11.73 -1.60
C LEU A 82 1.52 -11.70 -2.22
N THR A 83 1.84 -10.65 -2.94
CA THR A 83 3.19 -10.57 -3.57
C THR A 83 4.26 -10.48 -2.47
N PHE A 84 5.46 -10.89 -2.79
CA PHE A 84 6.56 -10.86 -1.77
C PHE A 84 7.41 -9.59 -1.94
N GLY A 85 8.01 -9.12 -0.87
CA GLY A 85 8.87 -7.90 -0.95
C GLY A 85 8.06 -6.67 -0.52
N TRP A 86 6.83 -6.60 -0.91
CA TRP A 86 6.01 -5.42 -0.51
C TRP A 86 5.67 -5.57 0.96
N CYS A 87 6.47 -4.97 1.79
CA CYS A 87 6.26 -5.09 3.26
C CYS A 87 5.18 -4.12 3.74
N TYR A 88 4.10 -4.03 3.02
CA TYR A 88 2.99 -3.13 3.42
C TYR A 88 1.73 -3.98 3.64
N LYS A 89 1.30 -4.09 4.87
CA LYS A 89 0.09 -4.91 5.19
C LYS A 89 -1.00 -4.02 5.78
N LEU A 90 -2.18 -4.06 5.23
CA LEU A 90 -3.28 -3.22 5.77
C LEU A 90 -3.81 -3.88 7.04
N VAL A 91 -4.41 -3.12 7.93
CA VAL A 91 -4.93 -3.72 9.19
C VAL A 91 -6.03 -2.80 9.77
N PRO A 92 -7.20 -3.32 10.08
CA PRO A 92 -8.30 -2.48 10.67
C PRO A 92 -8.06 -2.20 12.15
N VAL A 93 -8.43 -1.03 12.62
CA VAL A 93 -8.23 -0.71 14.05
C VAL A 93 -9.36 -1.32 14.85
N GLU A 94 -8.99 -2.11 15.79
CA GLU A 94 -10.00 -2.79 16.66
C GLU A 94 -10.64 -1.74 17.58
N PRO A 95 -11.86 -1.97 18.03
CA PRO A 95 -12.57 -1.02 18.93
C PRO A 95 -11.63 -0.41 19.98
N GLU A 96 -11.94 0.78 20.41
CA GLU A 96 -11.07 1.46 21.42
C GLU A 96 -11.01 0.61 22.70
N LYS A 97 -11.80 0.94 23.68
CA LYS A 97 -11.78 0.15 24.95
C LYS A 97 -12.63 -1.10 24.76
N LEU A 98 -13.69 -1.21 25.51
CA LEU A 98 -14.58 -2.41 25.38
C LEU A 98 -15.52 -2.22 24.19
N GLU A 99 -16.77 -2.54 24.36
CA GLU A 99 -17.74 -2.38 23.24
C GLU A 99 -19.17 -2.42 23.79
N GLU A 100 -20.12 -1.92 23.04
CA GLU A 100 -21.53 -1.93 23.53
C GLU A 100 -22.49 -1.62 22.37
N ALA A 101 -23.65 -2.21 22.38
CA ALA A 101 -24.63 -1.94 21.28
C ALA A 101 -24.95 -0.44 21.23
N ASN A 102 -25.35 0.12 22.34
CA ASN A 102 -25.68 1.57 22.37
C ASN A 102 -24.40 2.39 22.24
N LYS A 103 -24.09 2.83 21.05
CA LYS A 103 -22.85 3.63 20.85
C LYS A 103 -22.87 4.27 19.47
N ASP A 104 -23.12 5.54 19.39
CA ASP A 104 -23.17 6.23 18.07
C ASP A 104 -21.79 6.82 17.76
N ASP A 105 -21.18 6.41 16.68
CA ASP A 105 -19.84 6.93 16.32
C ASP A 105 -19.64 6.86 14.80
N PRO A 106 -20.35 7.69 14.07
CA PRO A 106 -20.26 7.73 12.57
C PRO A 106 -18.81 7.74 12.07
N GLU A 107 -17.89 8.21 12.88
CA GLU A 107 -16.47 8.25 12.43
C GLU A 107 -15.84 6.86 12.61
N ARG A 108 -16.18 5.95 11.75
CA ARG A 108 -15.61 4.57 11.87
C ARG A 108 -14.18 4.54 11.31
N GLU A 109 -13.29 3.85 11.97
CA GLU A 109 -11.89 3.78 11.48
C GLU A 109 -11.80 2.81 10.30
N VAL A 110 -11.14 3.20 9.25
CA VAL A 110 -11.02 2.31 8.06
C VAL A 110 -9.77 1.43 8.20
N LEU A 111 -8.99 1.33 7.15
CA LEU A 111 -7.75 0.47 7.20
C LEU A 111 -6.50 1.34 7.08
N GLU A 112 -5.44 0.99 7.76
CA GLU A 112 -4.17 1.78 7.68
C GLU A 112 -3.01 0.94 7.16
N TRP A 113 -2.14 1.56 6.41
CA TRP A 113 -0.97 0.85 5.85
C TRP A 113 0.05 0.64 6.98
N ARG A 114 0.29 -0.58 7.36
CA ARG A 114 1.27 -0.84 8.46
C ARG A 114 2.62 -1.25 7.84
N PHE A 115 3.53 -0.33 7.75
CA PHE A 115 4.86 -0.64 7.15
C PHE A 115 5.63 -1.61 8.06
N ASP A 116 6.22 -2.61 7.49
CA ASP A 116 6.97 -3.61 8.32
C ASP A 116 8.04 -4.28 7.45
N SER A 117 9.08 -3.57 7.09
CA SER A 117 10.15 -4.14 6.22
C SER A 117 10.53 -5.56 6.71
N ARG A 118 10.08 -5.96 7.86
CA ARG A 118 10.44 -7.31 8.37
C ARG A 118 9.96 -8.39 7.40
N LEU A 119 8.78 -8.25 6.87
CA LEU A 119 8.27 -9.26 5.90
C LEU A 119 9.17 -9.30 4.67
N ALA A 120 10.21 -8.51 4.66
CA ALA A 120 11.13 -8.51 3.49
C ALA A 120 11.98 -9.78 3.54
N PHE A 121 11.75 -10.61 4.53
CA PHE A 121 12.55 -11.87 4.67
C PHE A 121 11.59 -13.04 4.98
N HIS A 122 10.99 -13.04 6.14
CA HIS A 122 10.05 -14.15 6.47
C HIS A 122 8.76 -13.95 5.69
N HIS A 123 8.44 -14.88 4.81
CA HIS A 123 7.20 -14.74 3.99
C HIS A 123 6.00 -15.36 4.74
N MET A 124 5.20 -14.55 5.37
CA MET A 124 4.02 -15.08 6.11
C MET A 124 2.93 -15.48 5.11
N ALA A 125 2.63 -14.62 4.17
CA ALA A 125 1.56 -14.95 3.18
C ALA A 125 1.80 -16.35 2.60
N ARG A 126 3.03 -16.73 2.43
CA ARG A 126 3.33 -18.08 1.87
C ARG A 126 3.05 -19.16 2.91
N GLU A 127 3.49 -18.97 4.13
CA GLU A 127 3.26 -20.00 5.18
C GLU A 127 1.77 -20.07 5.53
N LEU A 128 1.03 -19.04 5.22
CA LEU A 128 -0.42 -19.04 5.56
C LEU A 128 -1.18 -19.93 4.56
N HIS A 129 -1.36 -19.46 3.36
CA HIS A 129 -2.09 -20.27 2.34
C HIS A 129 -1.51 -20.01 0.94
N PRO A 130 -0.49 -20.74 0.57
CA PRO A 130 0.17 -20.58 -0.76
C PRO A 130 -0.56 -21.38 -1.85
N GLU A 131 -1.43 -22.27 -1.46
CA GLU A 131 -2.15 -23.09 -2.47
C GLU A 131 -2.82 -22.16 -3.49
N TYR A 132 -2.90 -20.89 -3.19
CA TYR A 132 -3.54 -19.94 -4.15
C TYR A 132 -2.58 -19.64 -5.30
N PHE A 133 -1.52 -20.39 -5.42
CA PHE A 133 -0.54 -20.16 -6.53
C PHE A 133 0.11 -21.48 -6.92
N LYS A 134 0.48 -22.29 -5.96
CA LYS A 134 1.11 -23.60 -6.31
C LYS A 134 0.08 -24.50 -6.97
N ASN A 135 0.28 -24.83 -8.22
CA ASN A 135 -0.69 -25.71 -8.92
C ASN A 135 -0.62 -27.11 -8.33
N ALA A 136 -1.63 -27.92 -8.55
CA ALA A 136 -1.62 -29.30 -7.98
C ALA A 136 -2.52 -30.19 -8.83
N ALA A 1 5.57 16.01 -2.08
CA ALA A 1 4.81 16.76 -1.04
C ALA A 1 3.34 16.36 -1.11
N TRP A 2 3.05 15.17 -1.55
CA TRP A 2 1.64 14.72 -1.64
C TRP A 2 1.09 14.47 -0.23
N LEU A 3 1.96 14.36 0.73
CA LEU A 3 1.50 14.12 2.13
C LEU A 3 1.09 15.45 2.76
N GLU A 4 1.63 16.53 2.29
CA GLU A 4 1.29 17.86 2.84
C GLU A 4 -0.09 18.30 2.34
N ALA A 5 -0.11 19.16 1.37
CA ALA A 5 -1.40 19.65 0.82
C ALA A 5 -2.10 18.53 0.06
N GLN A 6 -3.19 18.01 0.60
CA GLN A 6 -3.94 16.92 -0.07
C GLN A 6 -5.38 17.40 -0.32
N GLU A 7 -5.57 18.69 -0.40
CA GLU A 7 -6.95 19.23 -0.64
C GLU A 7 -7.31 19.06 -2.11
N GLU A 8 -6.60 19.73 -2.99
CA GLU A 8 -6.89 19.61 -4.46
C GLU A 8 -5.58 19.61 -5.25
N GLU A 9 -4.54 19.07 -4.68
CA GLU A 9 -3.22 19.03 -5.39
C GLU A 9 -2.58 17.66 -5.18
N GLU A 10 -3.03 16.67 -5.92
CA GLU A 10 -2.46 15.30 -5.77
C GLU A 10 -1.13 15.22 -6.52
N VAL A 11 -0.36 16.27 -6.51
CA VAL A 11 0.95 16.25 -7.22
C VAL A 11 1.88 17.29 -6.60
N GLY A 12 3.02 16.88 -6.13
CA GLY A 12 3.98 17.85 -5.52
C GLY A 12 4.43 18.82 -6.59
N PHE A 13 5.01 18.34 -7.66
CA PHE A 13 5.46 19.23 -8.76
C PHE A 13 5.47 18.42 -10.07
N PRO A 14 5.14 19.03 -11.19
CA PRO A 14 5.13 18.32 -12.50
C PRO A 14 6.28 17.32 -12.64
N VAL A 15 6.02 16.06 -12.39
CA VAL A 15 7.10 15.03 -12.52
C VAL A 15 7.15 14.57 -13.98
N THR A 16 7.81 13.47 -14.24
CA THR A 16 7.89 12.97 -15.65
C THR A 16 6.67 12.07 -15.92
N PRO A 17 6.09 12.14 -17.10
CA PRO A 17 4.89 11.30 -17.45
C PRO A 17 5.28 9.85 -17.76
N GLN A 18 4.43 9.15 -18.46
CA GLN A 18 4.70 7.73 -18.80
C GLN A 18 6.17 7.55 -19.20
N VAL A 19 6.97 7.13 -18.27
CA VAL A 19 8.41 6.90 -18.55
C VAL A 19 8.57 5.47 -19.08
N PRO A 20 9.59 5.20 -19.86
CA PRO A 20 9.84 3.84 -20.41
C PRO A 20 9.42 2.75 -19.43
N LEU A 21 8.40 2.01 -19.74
CA LEU A 21 7.92 0.95 -18.81
C LEU A 21 9.02 -0.09 -18.60
N ARG A 22 9.75 0.03 -17.53
CA ARG A 22 10.83 -0.97 -17.24
C ARG A 22 10.16 -2.20 -16.60
N PRO A 23 10.92 -3.20 -16.24
CA PRO A 23 10.36 -4.43 -15.62
C PRO A 23 10.34 -4.35 -14.09
N MET A 24 9.18 -4.35 -13.49
CA MET A 24 9.12 -4.29 -12.00
C MET A 24 9.76 -5.56 -11.43
N THR A 25 10.41 -5.44 -10.30
CA THR A 25 11.08 -6.63 -9.69
C THR A 25 10.74 -6.73 -8.21
N TYR A 26 10.72 -7.93 -7.68
CA TYR A 26 10.45 -8.09 -6.23
C TYR A 26 11.43 -7.15 -5.52
N LYS A 27 12.65 -7.17 -5.99
CA LYS A 27 13.67 -6.27 -5.44
C LYS A 27 13.18 -4.84 -5.64
N ALA A 28 12.45 -4.59 -6.71
CA ALA A 28 11.95 -3.20 -6.92
C ALA A 28 10.94 -2.86 -5.82
N ALA A 29 10.15 -3.82 -5.41
CA ALA A 29 9.15 -3.58 -4.34
C ALA A 29 9.87 -3.19 -3.05
N VAL A 30 10.88 -3.91 -2.67
CA VAL A 30 11.61 -3.58 -1.43
C VAL A 30 12.24 -2.20 -1.56
N ASP A 31 12.82 -1.90 -2.70
CA ASP A 31 13.43 -0.56 -2.89
C ASP A 31 12.32 0.48 -2.74
N LEU A 32 11.22 0.27 -3.41
CA LEU A 32 10.08 1.21 -3.32
C LEU A 32 9.57 1.25 -1.88
N SER A 33 9.50 0.10 -1.24
CA SER A 33 8.99 0.08 0.16
C SER A 33 9.73 1.12 1.00
N HIS A 34 11.03 1.06 1.02
CA HIS A 34 11.80 2.04 1.83
C HIS A 34 11.75 3.42 1.18
N PHE A 35 11.57 3.48 -0.10
CA PHE A 35 11.50 4.80 -0.78
C PHE A 35 10.37 5.62 -0.16
N LEU A 36 9.16 5.15 -0.29
CA LEU A 36 8.00 5.89 0.29
C LEU A 36 8.14 6.00 1.82
N LYS A 37 8.94 5.14 2.43
CA LYS A 37 9.07 5.23 3.91
C LYS A 37 9.66 6.58 4.31
N GLU A 38 10.53 7.13 3.50
CA GLU A 38 11.14 8.44 3.85
C GLU A 38 10.13 9.57 3.64
N LYS A 39 10.02 10.04 2.43
CA LYS A 39 9.09 11.16 2.14
C LYS A 39 7.65 10.66 1.98
N GLY A 40 7.47 9.52 1.37
CA GLY A 40 6.09 8.99 1.17
C GLY A 40 5.24 9.17 2.44
N GLY A 41 5.57 8.46 3.49
CA GLY A 41 4.78 8.60 4.75
C GLY A 41 3.44 7.88 4.60
N LEU A 42 3.43 6.77 3.90
CA LEU A 42 2.16 6.02 3.72
C LEU A 42 1.90 5.19 4.99
N GLU A 43 2.92 4.85 5.70
CA GLU A 43 2.74 4.05 6.94
C GLU A 43 1.69 4.68 7.84
N GLY A 44 0.99 3.87 8.58
CA GLY A 44 -0.05 4.38 9.52
C GLY A 44 -1.05 5.29 8.81
N LEU A 45 -0.96 5.45 7.52
CA LEU A 45 -1.94 6.32 6.82
C LEU A 45 -3.28 5.60 6.71
N ILE A 46 -4.28 6.05 7.41
CA ILE A 46 -5.61 5.36 7.37
C ILE A 46 -6.16 5.38 5.94
N HIS A 47 -6.16 4.24 5.30
CA HIS A 47 -6.70 4.14 3.91
C HIS A 47 -8.20 4.41 3.94
N SER A 48 -8.61 5.54 3.40
CA SER A 48 -10.05 5.89 3.38
C SER A 48 -10.78 5.00 2.35
N GLN A 49 -10.78 5.40 1.11
CA GLN A 49 -11.46 4.59 0.06
C GLN A 49 -10.81 4.86 -1.29
N ARG A 50 -10.49 6.10 -1.58
CA ARG A 50 -9.84 6.45 -2.88
C ARG A 50 -8.34 6.67 -2.65
N ARG A 51 -7.92 6.68 -1.42
CA ARG A 51 -6.47 6.90 -1.12
C ARG A 51 -5.61 5.87 -1.86
N GLN A 52 -6.08 4.66 -2.00
CA GLN A 52 -5.27 3.63 -2.71
C GLN A 52 -5.07 4.06 -4.17
N ASP A 53 -6.08 4.62 -4.78
CA ASP A 53 -5.95 5.05 -6.20
C ASP A 53 -4.79 6.05 -6.33
N ILE A 54 -4.78 7.06 -5.51
CA ILE A 54 -3.67 8.07 -5.60
C ILE A 54 -2.33 7.35 -5.57
N LEU A 55 -2.12 6.47 -4.63
CA LEU A 55 -0.82 5.74 -4.55
C LEU A 55 -0.50 5.14 -5.93
N ASP A 56 -1.21 4.11 -6.31
CA ASP A 56 -0.95 3.47 -7.63
C ASP A 56 -0.84 4.54 -8.71
N LEU A 57 -1.70 5.53 -8.67
CA LEU A 57 -1.65 6.60 -9.70
C LEU A 57 -0.33 7.38 -9.56
N TRP A 58 -0.06 7.91 -8.41
CA TRP A 58 1.21 8.68 -8.23
C TRP A 58 2.38 7.85 -8.76
N ILE A 59 2.43 6.59 -8.45
CA ILE A 59 3.55 5.73 -8.96
C ILE A 59 3.54 5.76 -10.48
N TYR A 60 2.38 5.89 -11.08
CA TYR A 60 2.31 5.90 -12.57
C TYR A 60 3.06 7.11 -13.14
N HIS A 61 2.62 8.31 -12.85
CA HIS A 61 3.30 9.53 -13.38
C HIS A 61 4.74 9.63 -12.86
N THR A 62 5.27 8.59 -12.26
CA THR A 62 6.67 8.63 -11.73
C THR A 62 7.47 7.46 -12.32
N GLN A 63 7.34 6.30 -11.75
CA GLN A 63 8.11 5.13 -12.27
C GLN A 63 7.38 4.54 -13.48
N GLY A 64 6.09 4.67 -13.54
CA GLY A 64 5.33 4.14 -14.71
C GLY A 64 5.06 2.64 -14.54
N TYR A 65 5.28 2.10 -13.37
CA TYR A 65 5.02 0.64 -13.19
C TYR A 65 3.52 0.41 -13.06
N PHE A 66 3.00 -0.61 -13.68
CA PHE A 66 1.53 -0.88 -13.58
C PHE A 66 1.26 -1.56 -12.23
N PRO A 67 0.08 -1.38 -11.67
CA PRO A 67 -0.27 -2.00 -10.36
C PRO A 67 -0.68 -3.48 -10.50
N ASP A 68 0.00 -4.21 -11.33
CA ASP A 68 -0.34 -5.65 -11.51
C ASP A 68 0.42 -6.46 -10.45
N TRP A 69 0.77 -5.84 -9.36
CA TRP A 69 1.52 -6.54 -8.27
C TRP A 69 0.80 -6.35 -6.94
N GLN A 70 0.09 -5.28 -6.82
CA GLN A 70 -0.66 -5.02 -5.55
C GLN A 70 -1.94 -5.84 -5.52
N ASN A 71 -1.98 -6.90 -4.75
CA ASN A 71 -3.21 -7.74 -4.68
C ASN A 71 -3.22 -8.56 -3.39
N TYR A 72 -3.80 -8.05 -2.34
CA TYR A 72 -3.83 -8.82 -1.07
C TYR A 72 -4.77 -10.02 -1.22
N THR A 73 -5.27 -10.53 -0.12
CA THR A 73 -6.18 -11.71 -0.21
C THR A 73 -6.91 -11.93 1.13
N PRO A 74 -8.09 -12.51 1.08
CA PRO A 74 -8.91 -12.81 2.29
C PRO A 74 -8.07 -13.25 3.50
N GLY A 75 -8.69 -13.32 4.65
CA GLY A 75 -7.96 -13.76 5.88
C GLY A 75 -8.36 -12.85 7.03
N PRO A 76 -7.73 -13.01 8.17
CA PRO A 76 -8.03 -12.17 9.37
C PRO A 76 -8.07 -10.68 9.01
N GLY A 77 -8.50 -9.85 9.93
CA GLY A 77 -8.55 -8.39 9.63
C GLY A 77 -7.21 -7.94 9.05
N ILE A 78 -6.20 -8.78 9.14
CA ILE A 78 -4.87 -8.42 8.61
C ILE A 78 -4.76 -8.90 7.15
N ARG A 79 -5.02 -8.03 6.22
CA ARG A 79 -4.93 -8.44 4.78
C ARG A 79 -3.46 -8.54 4.37
N TYR A 80 -3.02 -9.72 4.02
CA TYR A 80 -1.59 -9.90 3.62
C TYR A 80 -1.41 -9.66 2.10
N PRO A 81 -0.23 -9.23 1.68
CA PRO A 81 0.08 -8.99 0.24
C PRO A 81 0.48 -10.29 -0.48
N LEU A 82 -0.16 -10.62 -1.57
CA LEU A 82 0.22 -11.87 -2.29
C LEU A 82 1.66 -11.78 -2.80
N THR A 83 1.96 -10.78 -3.58
CA THR A 83 3.35 -10.66 -4.11
C THR A 83 4.31 -10.43 -2.94
N PHE A 84 5.53 -10.86 -3.09
CA PHE A 84 6.53 -10.70 -2.00
C PHE A 84 7.36 -9.43 -2.25
N GLY A 85 8.05 -8.96 -1.26
CA GLY A 85 8.87 -7.72 -1.42
C GLY A 85 8.07 -6.53 -0.94
N TRP A 86 6.79 -6.51 -1.23
CA TRP A 86 5.94 -5.39 -0.78
C TRP A 86 5.63 -5.58 0.70
N CYS A 87 6.41 -4.96 1.54
CA CYS A 87 6.24 -5.12 3.00
C CYS A 87 5.13 -4.22 3.54
N TYR A 88 4.02 -4.17 2.86
CA TYR A 88 2.87 -3.31 3.33
C TYR A 88 1.66 -4.20 3.59
N LYS A 89 1.14 -4.17 4.79
CA LYS A 89 -0.05 -5.01 5.15
C LYS A 89 -1.12 -4.12 5.79
N LEU A 90 -2.33 -4.21 5.34
CA LEU A 90 -3.40 -3.36 5.94
C LEU A 90 -3.86 -3.97 7.26
N VAL A 91 -4.22 -3.16 8.22
CA VAL A 91 -4.66 -3.70 9.55
C VAL A 91 -5.58 -2.66 10.22
N PRO A 92 -6.76 -3.06 10.68
CA PRO A 92 -7.71 -2.11 11.35
C PRO A 92 -7.38 -1.94 12.84
N VAL A 93 -7.38 -0.72 13.34
CA VAL A 93 -7.09 -0.51 14.78
C VAL A 93 -8.38 -0.73 15.57
N GLU A 94 -9.41 -1.12 14.90
CA GLU A 94 -10.71 -1.37 15.57
C GLU A 94 -10.63 -2.68 16.36
N PRO A 95 -11.36 -2.80 17.46
CA PRO A 95 -11.35 -4.05 18.28
C PRO A 95 -12.05 -5.21 17.57
N GLU A 96 -11.98 -6.39 18.13
CA GLU A 96 -12.63 -7.56 17.49
C GLU A 96 -14.14 -7.32 17.39
N LYS A 97 -14.92 -8.36 17.27
CA LYS A 97 -16.39 -8.19 17.16
C LYS A 97 -17.02 -8.08 18.55
N LEU A 98 -16.77 -7.00 19.24
CA LEU A 98 -17.36 -6.83 20.60
C LEU A 98 -18.81 -6.35 20.45
N GLU A 99 -19.49 -6.82 19.45
CA GLU A 99 -20.91 -6.39 19.26
C GLU A 99 -21.81 -7.11 20.27
N GLU A 100 -22.14 -6.44 21.34
CA GLU A 100 -23.01 -7.08 22.37
C GLU A 100 -23.52 -6.00 23.34
N ALA A 101 -22.78 -4.94 23.49
CA ALA A 101 -23.21 -3.85 24.41
C ALA A 101 -24.45 -3.16 23.84
N ASN A 102 -24.69 -1.95 24.24
CA ASN A 102 -25.89 -1.22 23.73
C ASN A 102 -25.56 -0.62 22.35
N LYS A 103 -26.12 0.53 22.05
CA LYS A 103 -25.85 1.16 20.73
C LYS A 103 -24.34 1.30 20.53
N ASP A 104 -23.71 0.31 19.96
CA ASP A 104 -22.23 0.39 19.73
C ASP A 104 -21.96 0.96 18.33
N ASP A 105 -21.66 2.23 18.24
CA ASP A 105 -21.38 2.83 16.90
C ASP A 105 -20.52 4.09 17.06
N PRO A 106 -19.33 3.93 17.59
CA PRO A 106 -18.39 5.07 17.79
C PRO A 106 -17.69 5.48 16.48
N GLU A 107 -16.55 6.09 16.58
CA GLU A 107 -15.82 6.51 15.35
C GLU A 107 -15.10 5.29 14.77
N ARG A 108 -15.76 4.59 13.89
CA ARG A 108 -15.16 3.37 13.28
C ARG A 108 -14.09 3.79 12.26
N GLU A 109 -12.85 3.49 12.54
CA GLU A 109 -11.76 3.87 11.61
C GLU A 109 -11.72 2.89 10.42
N VAL A 110 -11.03 3.26 9.36
CA VAL A 110 -10.95 2.36 8.17
C VAL A 110 -9.72 1.46 8.31
N LEU A 111 -8.95 1.31 7.26
CA LEU A 111 -7.72 0.43 7.35
C LEU A 111 -6.45 1.26 7.13
N GLU A 112 -5.43 1.01 7.91
CA GLU A 112 -4.14 1.78 7.75
C GLU A 112 -3.03 0.88 7.20
N TRP A 113 -2.19 1.46 6.38
CA TRP A 113 -1.05 0.69 5.80
C TRP A 113 0.01 0.49 6.88
N ARG A 114 0.19 -0.71 7.36
CA ARG A 114 1.22 -0.94 8.43
C ARG A 114 2.54 -1.33 7.77
N PHE A 115 3.45 -0.39 7.66
CA PHE A 115 4.76 -0.67 7.03
C PHE A 115 5.57 -1.63 7.91
N ASP A 116 6.20 -2.60 7.31
CA ASP A 116 7.00 -3.58 8.09
C ASP A 116 8.09 -4.18 7.18
N SER A 117 9.01 -3.37 6.74
CA SER A 117 10.10 -3.86 5.81
C SER A 117 10.68 -5.19 6.33
N ARG A 118 10.33 -5.62 7.50
CA ARG A 118 10.89 -6.91 8.00
C ARG A 118 10.49 -8.02 7.03
N LEU A 119 9.33 -7.91 6.45
CA LEU A 119 8.87 -8.94 5.47
C LEU A 119 9.82 -8.94 4.27
N ALA A 120 10.84 -8.14 4.32
CA ALA A 120 11.79 -8.07 3.18
C ALA A 120 12.68 -9.31 3.19
N PHE A 121 12.49 -10.21 4.13
CA PHE A 121 13.36 -11.44 4.18
C PHE A 121 12.52 -12.69 4.49
N HIS A 122 11.22 -12.58 4.56
CA HIS A 122 10.39 -13.79 4.84
C HIS A 122 8.98 -13.59 4.29
N HIS A 123 8.58 -14.45 3.37
CA HIS A 123 7.21 -14.33 2.78
C HIS A 123 6.20 -15.03 3.68
N MET A 124 5.49 -14.29 4.48
CA MET A 124 4.48 -14.92 5.38
C MET A 124 3.23 -15.27 4.57
N ALA A 125 2.83 -14.41 3.67
CA ALA A 125 1.62 -14.69 2.86
C ALA A 125 1.76 -16.04 2.15
N ARG A 126 2.98 -16.46 1.88
CA ARG A 126 3.16 -17.76 1.18
C ARG A 126 2.82 -18.92 2.13
N GLU A 127 3.23 -18.85 3.36
CA GLU A 127 2.92 -19.95 4.30
C GLU A 127 1.41 -20.00 4.56
N LEU A 128 0.77 -18.87 4.61
CA LEU A 128 -0.70 -18.85 4.86
C LEU A 128 -1.47 -19.20 3.57
N HIS A 129 -0.97 -18.79 2.43
CA HIS A 129 -1.69 -19.08 1.15
C HIS A 129 -0.69 -19.41 0.04
N PRO A 130 -0.12 -20.59 0.08
CA PRO A 130 0.85 -21.05 -0.95
C PRO A 130 0.15 -21.64 -2.18
N GLU A 131 -0.96 -22.29 -1.97
CA GLU A 131 -1.70 -22.91 -3.11
C GLU A 131 -1.87 -21.88 -4.23
N TYR A 132 -1.65 -20.64 -3.96
CA TYR A 132 -1.80 -19.61 -5.02
C TYR A 132 -0.58 -19.63 -5.94
N PHE A 133 0.60 -19.54 -5.38
CA PHE A 133 1.83 -19.56 -6.22
C PHE A 133 2.34 -21.00 -6.34
N LYS A 134 3.13 -21.29 -7.34
CA LYS A 134 3.64 -22.68 -7.50
C LYS A 134 4.76 -22.71 -8.54
N ASN A 135 4.67 -21.88 -9.55
CA ASN A 135 5.73 -21.87 -10.59
C ASN A 135 7.01 -21.26 -10.03
N ALA A 136 7.07 -19.95 -9.92
CA ALA A 136 8.30 -19.30 -9.37
C ALA A 136 8.27 -19.37 -7.85
N ALA A 1 2.09 17.95 -1.71
CA ALA A 1 2.83 17.08 -2.68
C ALA A 1 1.87 16.06 -3.29
N TRP A 2 2.30 14.82 -3.40
CA TRP A 2 1.41 13.78 -3.98
C TRP A 2 0.29 13.46 -2.99
N LEU A 3 0.54 13.62 -1.73
CA LEU A 3 -0.50 13.32 -0.70
C LEU A 3 -1.44 14.52 -0.56
N GLU A 4 -0.95 15.70 -0.83
CA GLU A 4 -1.82 16.90 -0.70
C GLU A 4 -2.77 16.98 -1.91
N ALA A 5 -3.40 15.89 -2.25
CA ALA A 5 -4.33 15.91 -3.41
C ALA A 5 -5.59 16.69 -3.04
N GLN A 6 -5.59 17.31 -1.89
CA GLN A 6 -6.78 18.09 -1.45
C GLN A 6 -6.83 19.42 -2.21
N GLU A 7 -5.92 19.63 -3.13
CA GLU A 7 -5.92 20.90 -3.89
C GLU A 7 -4.98 20.78 -5.09
N GLU A 8 -3.91 20.04 -4.94
CA GLU A 8 -2.95 19.88 -6.07
C GLU A 8 -2.26 18.53 -5.97
N GLU A 9 -1.92 17.93 -7.09
CA GLU A 9 -1.24 16.61 -7.07
C GLU A 9 -0.10 16.61 -8.09
N GLU A 10 -0.11 17.56 -8.99
CA GLU A 10 0.97 17.64 -10.03
C GLU A 10 2.34 17.72 -9.33
N VAL A 11 3.34 17.13 -9.92
CA VAL A 11 4.70 17.17 -9.31
C VAL A 11 5.36 18.50 -9.63
N GLY A 12 4.67 19.59 -9.44
CA GLY A 12 5.27 20.92 -9.76
C GLY A 12 5.60 20.96 -11.25
N PHE A 13 6.78 20.53 -11.62
CA PHE A 13 7.15 20.52 -13.06
C PHE A 13 6.66 19.20 -13.69
N PRO A 14 6.34 19.20 -14.96
CA PRO A 14 5.87 17.96 -15.64
C PRO A 14 7.00 16.94 -15.82
N VAL A 15 6.95 15.83 -15.13
CA VAL A 15 8.02 14.80 -15.26
C VAL A 15 7.77 13.95 -16.50
N THR A 16 8.39 12.81 -16.59
CA THR A 16 8.18 11.92 -17.78
C THR A 16 6.95 11.03 -17.53
N PRO A 17 6.06 10.90 -18.49
CA PRO A 17 4.84 10.05 -18.34
C PRO A 17 5.17 8.56 -18.50
N GLN A 18 4.18 7.75 -18.79
CA GLN A 18 4.38 6.29 -18.96
C GLN A 18 5.69 6.01 -19.69
N VAL A 19 6.73 5.72 -18.96
CA VAL A 19 8.04 5.39 -19.58
C VAL A 19 8.02 3.88 -19.89
N PRO A 20 8.89 3.36 -20.73
CA PRO A 20 8.90 1.90 -21.06
C PRO A 20 8.57 1.05 -19.82
N LEU A 21 7.55 0.24 -19.92
CA LEU A 21 7.12 -0.59 -18.75
C LEU A 21 8.22 -1.59 -18.37
N ARG A 22 9.03 -1.26 -17.40
CA ARG A 22 10.10 -2.19 -16.94
C ARG A 22 9.50 -3.19 -15.92
N PRO A 23 9.55 -4.48 -16.17
CA PRO A 23 8.98 -5.48 -15.21
C PRO A 23 9.29 -5.13 -13.74
N MET A 24 8.28 -5.12 -12.90
CA MET A 24 8.51 -4.78 -11.46
C MET A 24 9.34 -5.89 -10.81
N THR A 25 10.48 -5.56 -10.27
CA THR A 25 11.34 -6.58 -9.63
C THR A 25 10.93 -6.77 -8.18
N TYR A 26 10.87 -7.99 -7.72
CA TYR A 26 10.51 -8.22 -6.29
C TYR A 26 11.44 -7.32 -5.48
N LYS A 27 12.67 -7.28 -5.90
CA LYS A 27 13.66 -6.40 -5.25
C LYS A 27 13.20 -4.95 -5.41
N ALA A 28 12.57 -4.61 -6.52
CA ALA A 28 12.13 -3.19 -6.69
C ALA A 28 11.02 -2.87 -5.69
N ALA A 29 10.19 -3.82 -5.37
CA ALA A 29 9.08 -3.56 -4.40
C ALA A 29 9.67 -3.19 -3.03
N VAL A 30 10.58 -3.98 -2.54
CA VAL A 30 11.18 -3.67 -1.21
C VAL A 30 11.94 -2.35 -1.28
N ASP A 31 12.74 -2.17 -2.28
CA ASP A 31 13.50 -0.89 -2.40
C ASP A 31 12.48 0.25 -2.49
N LEU A 32 11.50 0.10 -3.34
CA LEU A 32 10.47 1.16 -3.47
C LEU A 32 9.76 1.35 -2.12
N SER A 33 9.48 0.28 -1.43
CA SER A 33 8.80 0.41 -0.11
C SER A 33 9.56 1.40 0.78
N HIS A 34 10.87 1.35 0.76
CA HIS A 34 11.66 2.27 1.62
C HIS A 34 11.63 3.68 1.03
N PHE A 35 11.65 3.82 -0.26
CA PHE A 35 11.63 5.18 -0.86
C PHE A 35 10.40 5.92 -0.32
N LEU A 36 9.24 5.34 -0.50
CA LEU A 36 8.00 6.00 0.00
C LEU A 36 8.04 6.11 1.53
N LYS A 37 8.70 5.22 2.21
CA LYS A 37 8.74 5.30 3.70
C LYS A 37 9.38 6.62 4.12
N GLU A 38 10.42 7.03 3.46
CA GLU A 38 11.09 8.32 3.82
C GLU A 38 10.22 9.50 3.40
N LYS A 39 10.14 9.77 2.12
CA LYS A 39 9.33 10.93 1.63
C LYS A 39 7.84 10.59 1.61
N GLY A 40 7.48 9.43 1.14
CA GLY A 40 6.03 9.05 1.08
C GLY A 40 5.41 9.13 2.47
N GLY A 41 5.77 8.25 3.35
CA GLY A 41 5.18 8.29 4.73
C GLY A 41 3.77 7.71 4.69
N LEU A 42 3.58 6.64 3.97
CA LEU A 42 2.23 6.01 3.89
C LEU A 42 2.00 5.14 5.13
N GLU A 43 3.07 4.77 5.78
CA GLU A 43 2.94 3.92 7.01
C GLU A 43 1.99 4.58 8.02
N GLY A 44 1.37 3.77 8.83
CA GLY A 44 0.45 4.28 9.88
C GLY A 44 -0.62 5.21 9.29
N LEU A 45 -0.61 5.43 8.00
CA LEU A 45 -1.65 6.34 7.41
C LEU A 45 -2.97 5.56 7.33
N ILE A 46 -3.98 5.97 8.05
CA ILE A 46 -5.27 5.24 7.99
C ILE A 46 -5.85 5.31 6.57
N HIS A 47 -5.77 4.20 5.86
CA HIS A 47 -6.30 4.13 4.47
C HIS A 47 -7.82 4.33 4.50
N SER A 48 -8.27 5.50 4.11
CA SER A 48 -9.73 5.78 4.09
C SER A 48 -10.38 4.91 3.01
N GLN A 49 -10.23 5.28 1.77
CA GLN A 49 -10.84 4.47 0.67
C GLN A 49 -10.35 4.99 -0.69
N ARG A 50 -10.33 6.29 -0.87
CA ARG A 50 -9.87 6.86 -2.17
C ARG A 50 -8.35 7.03 -2.17
N ARG A 51 -7.76 7.19 -1.01
CA ARG A 51 -6.28 7.37 -0.95
C ARG A 51 -5.60 6.22 -1.70
N GLN A 52 -6.25 5.10 -1.78
CA GLN A 52 -5.66 3.93 -2.49
C GLN A 52 -5.48 4.25 -3.97
N ASP A 53 -6.46 4.84 -4.59
CA ASP A 53 -6.35 5.17 -6.04
C ASP A 53 -5.18 6.13 -6.28
N ILE A 54 -5.06 7.15 -5.48
CA ILE A 54 -3.96 8.13 -5.67
C ILE A 54 -2.61 7.41 -5.55
N LEU A 55 -2.50 6.48 -4.65
CA LEU A 55 -1.21 5.74 -4.48
C LEU A 55 -0.74 5.18 -5.83
N ASP A 56 -1.46 4.22 -6.37
CA ASP A 56 -1.05 3.62 -7.66
C ASP A 56 -0.82 4.69 -8.73
N LEU A 57 -1.59 5.75 -8.71
CA LEU A 57 -1.42 6.81 -9.74
C LEU A 57 -0.04 7.45 -9.62
N TRP A 58 0.34 7.89 -8.46
CA TRP A 58 1.68 8.53 -8.33
C TRP A 58 2.74 7.60 -8.90
N ILE A 59 2.74 6.36 -8.51
CA ILE A 59 3.75 5.42 -9.04
C ILE A 59 3.65 5.41 -10.57
N TYR A 60 2.51 5.77 -11.10
CA TYR A 60 2.33 5.76 -12.57
C TYR A 60 3.20 6.82 -13.25
N HIS A 61 2.87 8.08 -13.11
CA HIS A 61 3.67 9.15 -13.79
C HIS A 61 5.12 9.20 -13.26
N THR A 62 5.55 8.21 -12.52
CA THR A 62 6.95 8.23 -11.99
C THR A 62 7.83 7.29 -12.81
N GLN A 63 8.06 6.09 -12.34
CA GLN A 63 8.90 5.13 -13.11
C GLN A 63 8.05 4.46 -14.18
N GLY A 64 6.78 4.75 -14.21
CA GLY A 64 5.90 4.14 -15.23
C GLY A 64 5.59 2.68 -14.89
N TYR A 65 5.58 2.32 -13.63
CA TYR A 65 5.27 0.90 -13.30
C TYR A 65 3.77 0.68 -13.50
N PHE A 66 3.41 -0.34 -14.22
CA PHE A 66 1.96 -0.61 -14.45
C PHE A 66 1.37 -1.21 -13.16
N PRO A 67 0.24 -0.75 -12.70
CA PRO A 67 -0.38 -1.27 -11.44
C PRO A 67 -1.08 -2.62 -11.63
N ASP A 68 -0.43 -3.68 -11.26
CA ASP A 68 -1.03 -5.03 -11.37
C ASP A 68 -0.32 -5.94 -10.36
N TRP A 69 0.26 -5.32 -9.36
CA TRP A 69 0.99 -6.09 -8.30
C TRP A 69 0.40 -5.75 -6.94
N GLN A 70 -0.27 -4.66 -6.85
CA GLN A 70 -0.88 -4.24 -5.56
C GLN A 70 -2.13 -5.07 -5.29
N ASN A 71 -2.06 -6.00 -4.37
CA ASN A 71 -3.25 -6.84 -4.07
C ASN A 71 -3.12 -7.40 -2.65
N TYR A 72 -4.09 -8.17 -2.22
CA TYR A 72 -4.04 -8.73 -0.84
C TYR A 72 -5.02 -9.91 -0.77
N THR A 73 -4.99 -10.63 0.31
CA THR A 73 -5.92 -11.79 0.44
C THR A 73 -7.37 -11.28 0.42
N PRO A 74 -8.29 -12.00 -0.21
CA PRO A 74 -9.72 -11.58 -0.27
C PRO A 74 -10.44 -11.77 1.08
N GLY A 75 -10.50 -10.73 1.88
CA GLY A 75 -11.20 -10.85 3.19
C GLY A 75 -10.64 -9.79 4.14
N PRO A 76 -11.39 -9.44 5.17
CA PRO A 76 -10.95 -8.43 6.17
C PRO A 76 -9.84 -8.98 7.08
N GLY A 77 -9.68 -8.42 8.25
CA GLY A 77 -8.62 -8.91 9.17
C GLY A 77 -7.24 -8.47 8.65
N ILE A 78 -6.19 -9.06 9.14
CA ILE A 78 -4.84 -8.67 8.68
C ILE A 78 -4.67 -9.00 7.20
N ARG A 79 -4.87 -8.04 6.33
CA ARG A 79 -4.73 -8.32 4.88
C ARG A 79 -3.24 -8.37 4.50
N TYR A 80 -2.72 -9.55 4.26
CA TYR A 80 -1.29 -9.65 3.87
C TYR A 80 -1.16 -9.39 2.36
N PRO A 81 -0.07 -8.83 1.90
CA PRO A 81 0.14 -8.55 0.45
C PRO A 81 0.38 -9.84 -0.34
N LEU A 82 -0.36 -10.06 -1.40
CA LEU A 82 -0.17 -11.30 -2.21
C LEU A 82 1.23 -11.29 -2.81
N THR A 83 1.57 -10.29 -3.58
CA THR A 83 2.92 -10.26 -4.20
C THR A 83 3.98 -10.18 -3.11
N PHE A 84 5.15 -10.68 -3.39
CA PHE A 84 6.25 -10.66 -2.38
C PHE A 84 7.12 -9.41 -2.56
N GLY A 85 7.80 -9.01 -1.53
CA GLY A 85 8.68 -7.80 -1.62
C GLY A 85 7.92 -6.58 -1.12
N TRP A 86 6.65 -6.49 -1.41
CA TRP A 86 5.86 -5.32 -0.94
C TRP A 86 5.58 -5.50 0.54
N CYS A 87 6.39 -4.90 1.36
CA CYS A 87 6.23 -5.05 2.84
C CYS A 87 5.12 -4.14 3.37
N TYR A 88 4.02 -4.04 2.67
CA TYR A 88 2.89 -3.18 3.13
C TYR A 88 1.68 -4.09 3.41
N LYS A 89 1.22 -4.10 4.64
CA LYS A 89 0.04 -4.96 4.99
C LYS A 89 -1.01 -4.09 5.67
N LEU A 90 -2.23 -4.11 5.18
CA LEU A 90 -3.30 -3.27 5.80
C LEU A 90 -3.79 -3.96 7.07
N VAL A 91 -4.43 -3.21 7.96
CA VAL A 91 -4.92 -3.82 9.23
C VAL A 91 -6.06 -2.96 9.80
N PRO A 92 -7.21 -3.53 10.11
CA PRO A 92 -8.36 -2.76 10.70
C PRO A 92 -8.19 -2.53 12.20
N VAL A 93 -7.99 -1.30 12.62
CA VAL A 93 -7.84 -1.02 14.05
C VAL A 93 -9.23 -0.84 14.65
N GLU A 94 -9.35 -1.10 15.90
CA GLU A 94 -10.66 -0.96 16.58
C GLU A 94 -11.07 0.53 16.62
N PRO A 95 -12.35 0.82 16.65
CA PRO A 95 -12.86 2.22 16.69
C PRO A 95 -12.64 2.87 18.07
N GLU A 96 -13.56 3.69 18.53
CA GLU A 96 -13.38 4.35 19.85
C GLU A 96 -13.12 3.29 20.92
N LYS A 97 -12.33 3.62 21.91
CA LYS A 97 -12.01 2.63 22.99
C LYS A 97 -13.12 2.63 24.03
N LEU A 98 -13.38 3.77 24.60
CA LEU A 98 -14.44 3.86 25.65
C LEU A 98 -15.82 3.97 24.99
N GLU A 99 -16.75 3.17 25.43
CA GLU A 99 -18.12 3.22 24.83
C GLU A 99 -18.86 4.44 25.35
N GLU A 100 -19.88 4.87 24.66
CA GLU A 100 -20.65 6.07 25.13
C GLU A 100 -21.97 6.13 24.35
N ALA A 101 -22.10 5.41 23.28
CA ALA A 101 -23.37 5.44 22.49
C ALA A 101 -23.60 4.07 21.83
N ASN A 102 -24.64 3.97 21.05
CA ASN A 102 -24.95 2.67 20.38
C ASN A 102 -23.79 2.28 19.46
N LYS A 103 -23.89 1.14 18.82
CA LYS A 103 -22.79 0.69 17.91
C LYS A 103 -23.02 1.27 16.51
N ASP A 104 -22.73 2.53 16.31
CA ASP A 104 -22.92 3.14 14.97
C ASP A 104 -21.62 3.04 14.16
N ASP A 105 -20.91 1.94 14.30
CA ASP A 105 -19.64 1.78 13.54
C ASP A 105 -19.36 0.29 13.33
N PRO A 106 -20.23 -0.39 12.61
CA PRO A 106 -20.09 -1.85 12.33
C PRO A 106 -19.05 -2.13 11.23
N GLU A 107 -19.48 -2.18 10.00
CA GLU A 107 -18.52 -2.47 8.88
C GLU A 107 -17.76 -1.20 8.51
N ARG A 108 -17.99 -0.11 9.21
CA ARG A 108 -17.28 1.15 8.87
C ARG A 108 -15.86 1.10 9.44
N GLU A 109 -15.26 -0.07 9.45
CA GLU A 109 -13.88 -0.20 9.98
C GLU A 109 -12.87 0.29 8.93
N VAL A 110 -12.06 1.26 9.28
CA VAL A 110 -11.06 1.77 8.29
C VAL A 110 -9.76 0.97 8.44
N LEU A 111 -8.91 1.00 7.45
CA LEU A 111 -7.62 0.22 7.52
C LEU A 111 -6.40 1.14 7.48
N GLU A 112 -5.29 0.73 8.06
CA GLU A 112 -4.04 1.57 8.03
C GLU A 112 -2.90 0.77 7.38
N TRP A 113 -2.06 1.46 6.64
CA TRP A 113 -0.91 0.80 5.98
C TRP A 113 0.18 0.53 7.02
N ARG A 114 0.38 -0.70 7.41
CA ARG A 114 1.44 -0.99 8.42
C ARG A 114 2.74 -1.39 7.71
N PHE A 115 3.66 -0.48 7.58
CA PHE A 115 4.94 -0.79 6.89
C PHE A 115 5.75 -1.76 7.76
N ASP A 116 6.27 -2.81 7.17
CA ASP A 116 7.05 -3.79 7.95
C ASP A 116 8.05 -4.49 7.02
N SER A 117 9.12 -3.81 6.67
CA SER A 117 10.14 -4.39 5.75
C SER A 117 10.51 -5.82 6.16
N ARG A 118 10.03 -6.27 7.29
CA ARG A 118 10.37 -7.66 7.72
C ARG A 118 9.86 -8.65 6.68
N LEU A 119 8.73 -8.36 6.09
CA LEU A 119 8.17 -9.27 5.05
C LEU A 119 9.14 -9.33 3.87
N ALA A 120 10.23 -8.61 3.95
CA ALA A 120 11.22 -8.63 2.83
C ALA A 120 12.01 -9.94 2.88
N PHE A 121 11.77 -10.75 3.89
CA PHE A 121 12.51 -12.04 4.02
C PHE A 121 11.56 -13.16 4.43
N HIS A 122 10.48 -12.85 5.09
CA HIS A 122 9.52 -13.91 5.51
C HIS A 122 8.76 -14.43 4.30
N HIS A 123 7.65 -15.08 4.51
CA HIS A 123 6.87 -15.62 3.36
C HIS A 123 5.51 -16.13 3.86
N MET A 124 4.71 -15.26 4.42
CA MET A 124 3.38 -15.69 4.91
C MET A 124 2.40 -15.77 3.75
N ALA A 125 2.21 -14.69 3.03
CA ALA A 125 1.27 -14.72 1.87
C ALA A 125 1.55 -15.96 1.01
N ARG A 126 2.79 -16.33 0.89
CA ARG A 126 3.13 -17.53 0.08
C ARG A 126 2.67 -18.78 0.82
N GLU A 127 2.77 -18.77 2.12
CA GLU A 127 2.33 -19.95 2.92
C GLU A 127 0.80 -20.05 2.90
N LEU A 128 0.13 -18.98 2.59
CA LEU A 128 -1.37 -19.01 2.56
C LEU A 128 -1.83 -19.70 1.27
N HIS A 129 -1.68 -19.06 0.14
CA HIS A 129 -2.12 -19.67 -1.15
C HIS A 129 -1.15 -19.27 -2.26
N PRO A 130 -0.10 -20.03 -2.48
CA PRO A 130 0.89 -19.72 -3.54
C PRO A 130 0.42 -20.19 -4.93
N GLU A 131 -0.50 -21.12 -4.96
CA GLU A 131 -0.99 -21.61 -6.27
C GLU A 131 -1.41 -20.43 -7.15
N TYR A 132 -1.46 -19.25 -6.58
CA TYR A 132 -1.86 -18.06 -7.38
C TYR A 132 -0.67 -17.58 -8.21
N PHE A 133 0.52 -17.63 -7.65
CA PHE A 133 1.73 -17.19 -8.41
C PHE A 133 2.33 -18.38 -9.16
N LYS A 134 3.62 -18.42 -9.31
CA LYS A 134 4.27 -19.56 -10.02
C LYS A 134 4.58 -20.67 -9.03
N ASN A 135 4.14 -21.86 -9.31
CA ASN A 135 4.41 -23.00 -8.37
C ASN A 135 5.89 -23.38 -8.47
N ALA A 136 6.26 -24.51 -7.90
CA ALA A 136 7.68 -24.93 -7.96
C ALA A 136 7.76 -26.44 -7.72
N ALA A 1 3.20 16.09 -3.79
CA ALA A 1 2.29 16.68 -2.77
C ALA A 1 1.11 15.75 -2.53
N TRP A 2 1.29 14.47 -2.72
CA TRP A 2 0.17 13.52 -2.49
C TRP A 2 -0.11 13.41 -0.99
N LEU A 3 0.89 13.56 -0.18
CA LEU A 3 0.71 13.46 1.30
C LEU A 3 0.12 14.77 1.82
N GLU A 4 0.92 15.80 1.91
CA GLU A 4 0.43 17.10 2.41
C GLU A 4 -0.43 17.77 1.35
N ALA A 5 -1.37 17.06 0.79
CA ALA A 5 -2.24 17.66 -0.26
C ALA A 5 -3.21 18.65 0.39
N GLN A 6 -2.93 19.05 1.60
CA GLN A 6 -3.83 20.01 2.31
C GLN A 6 -3.63 21.41 1.72
N GLU A 7 -2.63 22.12 2.17
CA GLU A 7 -2.37 23.49 1.64
C GLU A 7 -0.86 23.74 1.58
N GLU A 8 -0.15 23.41 2.63
CA GLU A 8 1.33 23.62 2.62
C GLU A 8 1.98 22.52 1.77
N GLU A 9 2.99 22.86 1.03
CA GLU A 9 3.65 21.82 0.18
C GLU A 9 4.94 22.38 -0.45
N GLU A 10 6.06 22.15 0.17
CA GLU A 10 7.34 22.65 -0.41
C GLU A 10 7.81 21.66 -1.49
N VAL A 11 6.95 20.77 -1.87
CA VAL A 11 7.30 19.76 -2.91
C VAL A 11 7.10 20.39 -4.30
N GLY A 12 6.62 19.62 -5.22
CA GLY A 12 6.38 20.17 -6.60
C GLY A 12 7.65 20.05 -7.44
N PHE A 13 7.69 19.12 -8.36
CA PHE A 13 8.89 18.97 -9.22
C PHE A 13 8.48 18.27 -10.53
N PRO A 14 9.14 18.57 -11.63
CA PRO A 14 8.83 17.93 -12.94
C PRO A 14 8.47 16.44 -12.79
N VAL A 15 7.20 16.11 -12.81
CA VAL A 15 6.81 14.68 -12.70
C VAL A 15 6.94 14.02 -14.07
N THR A 16 7.49 12.83 -14.13
CA THR A 16 7.66 12.14 -15.44
C THR A 16 6.38 11.36 -15.80
N PRO A 17 5.80 11.57 -16.96
CA PRO A 17 4.56 10.84 -17.37
C PRO A 17 4.88 9.42 -17.87
N GLN A 18 4.00 8.84 -18.65
CA GLN A 18 4.22 7.47 -19.16
C GLN A 18 5.68 7.30 -19.63
N VAL A 19 6.51 6.80 -18.77
CA VAL A 19 7.94 6.54 -19.11
C VAL A 19 8.08 5.06 -19.47
N PRO A 20 9.09 4.69 -20.24
CA PRO A 20 9.31 3.27 -20.63
C PRO A 20 8.88 2.29 -19.52
N LEU A 21 8.03 1.36 -19.84
CA LEU A 21 7.53 0.40 -18.81
C LEU A 21 8.68 -0.44 -18.26
N ARG A 22 9.22 -0.07 -17.13
CA ARG A 22 10.34 -0.86 -16.52
C ARG A 22 9.72 -2.07 -15.78
N PRO A 23 10.27 -3.26 -15.91
CA PRO A 23 9.71 -4.45 -15.20
C PRO A 23 9.86 -4.34 -13.68
N MET A 24 8.76 -4.43 -12.96
CA MET A 24 8.81 -4.31 -11.47
C MET A 24 9.54 -5.54 -10.88
N THR A 25 10.69 -5.33 -10.31
CA THR A 25 11.46 -6.47 -9.72
C THR A 25 11.09 -6.67 -8.25
N TYR A 26 11.25 -7.88 -7.75
CA TYR A 26 10.95 -8.11 -6.31
C TYR A 26 11.74 -7.06 -5.55
N LYS A 27 12.98 -6.91 -5.91
CA LYS A 27 13.82 -5.87 -5.29
C LYS A 27 13.15 -4.52 -5.51
N ALA A 28 12.43 -4.36 -6.61
CA ALA A 28 11.76 -3.06 -6.84
C ALA A 28 10.67 -2.83 -5.79
N ALA A 29 9.92 -3.85 -5.46
CA ALA A 29 8.84 -3.70 -4.43
C ALA A 29 9.47 -3.29 -3.09
N VAL A 30 10.46 -4.01 -2.65
CA VAL A 30 11.11 -3.66 -1.36
C VAL A 30 11.78 -2.29 -1.49
N ASP A 31 12.49 -2.06 -2.55
CA ASP A 31 13.14 -0.73 -2.72
C ASP A 31 12.05 0.34 -2.74
N LEU A 32 11.03 0.12 -3.52
CA LEU A 32 9.92 1.11 -3.59
C LEU A 32 9.28 1.23 -2.20
N SER A 33 9.09 0.12 -1.51
CA SER A 33 8.48 0.21 -0.15
C SER A 33 9.27 1.19 0.70
N HIS A 34 10.57 1.09 0.69
CA HIS A 34 11.41 2.02 1.50
C HIS A 34 11.43 3.40 0.85
N PHE A 35 11.38 3.46 -0.46
CA PHE A 35 11.38 4.79 -1.13
C PHE A 35 10.19 5.59 -0.62
N LEU A 36 9.02 5.04 -0.72
CA LEU A 36 7.80 5.76 -0.25
C LEU A 36 7.91 6.02 1.26
N LYS A 37 8.53 5.15 2.01
CA LYS A 37 8.64 5.38 3.47
C LYS A 37 9.46 6.65 3.74
N GLU A 38 10.51 6.86 2.98
CA GLU A 38 11.35 8.07 3.19
C GLU A 38 10.60 9.32 2.75
N LYS A 39 10.37 9.46 1.47
CA LYS A 39 9.65 10.68 0.97
C LYS A 39 8.14 10.57 1.26
N GLY A 40 7.52 9.52 0.81
CA GLY A 40 6.04 9.37 1.03
C GLY A 40 5.76 9.02 2.50
N GLY A 41 4.52 9.17 2.91
CA GLY A 41 4.14 8.84 4.32
C GLY A 41 2.95 7.88 4.30
N LEU A 42 3.12 6.72 3.75
CA LEU A 42 1.99 5.75 3.68
C LEU A 42 1.85 5.01 5.02
N GLU A 43 2.94 4.86 5.73
CA GLU A 43 2.87 4.15 7.03
C GLU A 43 1.78 4.77 7.92
N GLY A 44 1.08 3.93 8.63
CA GLY A 44 0.00 4.43 9.55
C GLY A 44 -0.94 5.40 8.83
N LEU A 45 -0.78 5.58 7.54
CA LEU A 45 -1.69 6.51 6.81
C LEU A 45 -3.05 5.81 6.62
N ILE A 46 -4.01 6.11 7.45
CA ILE A 46 -5.34 5.43 7.34
C ILE A 46 -5.91 5.55 5.93
N HIS A 47 -5.98 4.44 5.24
CA HIS A 47 -6.53 4.41 3.86
C HIS A 47 -8.02 4.74 3.91
N SER A 48 -8.40 5.92 3.51
CA SER A 48 -9.83 6.30 3.52
C SER A 48 -10.57 5.47 2.48
N GLN A 49 -10.34 5.75 1.23
CA GLN A 49 -11.03 4.98 0.14
C GLN A 49 -10.37 5.29 -1.19
N ARG A 50 -10.34 6.55 -1.57
CA ARG A 50 -9.71 6.92 -2.87
C ARG A 50 -8.19 7.00 -2.69
N ARG A 51 -7.72 7.08 -1.48
CA ARG A 51 -6.25 7.16 -1.24
C ARG A 51 -5.57 5.98 -1.94
N GLN A 52 -6.26 4.89 -2.12
CA GLN A 52 -5.64 3.71 -2.80
C GLN A 52 -5.25 4.11 -4.22
N ASP A 53 -6.16 4.67 -4.97
CA ASP A 53 -5.84 5.08 -6.36
C ASP A 53 -4.66 6.05 -6.37
N ILE A 54 -4.74 7.11 -5.60
CA ILE A 54 -3.62 8.10 -5.56
C ILE A 54 -2.28 7.36 -5.50
N LEU A 55 -2.15 6.43 -4.59
CA LEU A 55 -0.87 5.68 -4.48
C LEU A 55 -0.47 5.14 -5.86
N ASP A 56 -1.18 4.17 -6.35
CA ASP A 56 -0.84 3.59 -7.68
C ASP A 56 -0.72 4.73 -8.71
N LEU A 57 -1.47 5.78 -8.53
CA LEU A 57 -1.40 6.92 -9.48
C LEU A 57 -0.01 7.58 -9.38
N TRP A 58 0.36 8.03 -8.21
CA TRP A 58 1.70 8.67 -8.07
C TRP A 58 2.77 7.74 -8.65
N ILE A 59 2.71 6.48 -8.34
CA ILE A 59 3.72 5.53 -8.90
C ILE A 59 3.63 5.54 -10.42
N TYR A 60 2.44 5.60 -10.97
CA TYR A 60 2.32 5.60 -12.46
C TYR A 60 2.93 6.89 -13.03
N HIS A 61 2.49 8.03 -12.57
CA HIS A 61 3.04 9.33 -13.08
C HIS A 61 4.52 9.46 -12.72
N THR A 62 5.18 8.40 -12.33
CA THR A 62 6.64 8.48 -11.97
C THR A 62 7.43 7.46 -12.77
N GLN A 63 7.60 6.28 -12.24
CA GLN A 63 8.37 5.24 -12.97
C GLN A 63 7.46 4.62 -14.04
N GLY A 64 6.19 4.83 -13.93
CA GLY A 64 5.26 4.27 -14.95
C GLY A 64 5.12 2.76 -14.78
N TYR A 65 5.15 2.28 -13.56
CA TYR A 65 5.00 0.82 -13.35
C TYR A 65 3.54 0.43 -13.62
N PHE A 66 3.31 -0.67 -14.26
CA PHE A 66 1.90 -1.09 -14.55
C PHE A 66 1.33 -1.78 -13.30
N PRO A 67 0.09 -1.55 -12.95
CA PRO A 67 -0.53 -2.18 -11.74
C PRO A 67 -0.89 -3.65 -11.95
N ASP A 68 -0.07 -4.54 -11.48
CA ASP A 68 -0.36 -5.99 -11.62
C ASP A 68 0.38 -6.75 -10.51
N TRP A 69 0.83 -6.03 -9.51
CA TRP A 69 1.58 -6.66 -8.38
C TRP A 69 0.78 -6.51 -7.09
N GLN A 70 0.02 -5.48 -7.00
CA GLN A 70 -0.80 -5.24 -5.77
C GLN A 70 -1.99 -6.20 -5.75
N ASN A 71 -1.96 -7.18 -4.88
CA ASN A 71 -3.09 -8.14 -4.80
C ASN A 71 -3.11 -8.78 -3.41
N TYR A 72 -3.73 -8.13 -2.46
CA TYR A 72 -3.78 -8.71 -1.08
C TYR A 72 -4.68 -9.95 -1.06
N THR A 73 -4.96 -10.45 0.11
CA THR A 73 -5.84 -11.64 0.23
C THR A 73 -7.24 -11.26 -0.27
N PRO A 74 -8.05 -12.23 -0.68
CA PRO A 74 -9.44 -12.00 -1.19
C PRO A 74 -10.19 -10.86 -0.47
N GLY A 75 -11.32 -11.16 0.13
CA GLY A 75 -12.12 -10.10 0.82
C GLY A 75 -12.34 -10.42 2.31
N PRO A 76 -11.33 -10.89 3.02
CA PRO A 76 -11.46 -11.20 4.47
C PRO A 76 -11.37 -9.92 5.32
N GLY A 77 -11.03 -10.04 6.58
CA GLY A 77 -10.91 -8.84 7.44
C GLY A 77 -9.53 -8.21 7.21
N ILE A 78 -8.51 -8.72 7.85
CA ILE A 78 -7.14 -8.17 7.65
C ILE A 78 -6.79 -8.29 6.16
N ARG A 79 -5.60 -7.93 5.77
CA ARG A 79 -5.24 -8.04 4.33
C ARG A 79 -3.72 -8.16 4.17
N TYR A 80 -3.23 -9.38 4.09
CA TYR A 80 -1.77 -9.60 3.91
C TYR A 80 -1.45 -9.52 2.41
N PRO A 81 -0.24 -9.13 2.05
CA PRO A 81 0.16 -9.01 0.61
C PRO A 81 0.51 -10.38 0.00
N LEU A 82 -0.20 -10.79 -1.02
CA LEU A 82 0.11 -12.10 -1.65
C LEU A 82 1.53 -12.05 -2.22
N THR A 83 1.86 -10.98 -2.89
CA THR A 83 3.22 -10.86 -3.48
C THR A 83 4.24 -10.73 -2.34
N PHE A 84 5.47 -11.11 -2.60
CA PHE A 84 6.53 -11.02 -1.54
C PHE A 84 7.34 -9.74 -1.72
N GLY A 85 7.95 -9.26 -0.66
CA GLY A 85 8.78 -8.04 -0.75
C GLY A 85 7.96 -6.81 -0.35
N TRP A 86 6.71 -6.80 -0.70
CA TRP A 86 5.87 -5.63 -0.34
C TRP A 86 5.58 -5.69 1.16
N CYS A 87 6.38 -4.99 1.93
CA CYS A 87 6.24 -5.03 3.41
C CYS A 87 5.11 -4.10 3.90
N TYR A 88 4.02 -4.02 3.18
CA TYR A 88 2.89 -3.15 3.63
C TYR A 88 1.69 -4.04 3.97
N LYS A 89 1.47 -4.29 5.24
CA LYS A 89 0.32 -5.15 5.67
C LYS A 89 -0.81 -4.25 6.18
N LEU A 90 -1.92 -4.24 5.50
CA LEU A 90 -3.07 -3.38 5.95
C LEU A 90 -3.81 -4.08 7.10
N VAL A 91 -4.37 -3.33 8.01
CA VAL A 91 -5.11 -3.96 9.17
C VAL A 91 -6.17 -2.96 9.68
N PRO A 92 -7.42 -3.37 9.82
CA PRO A 92 -8.51 -2.46 10.32
C PRO A 92 -8.08 -1.64 11.55
N VAL A 93 -8.95 -0.79 12.02
CA VAL A 93 -8.63 0.04 13.22
C VAL A 93 -9.00 -0.76 14.48
N GLU A 94 -9.65 -0.11 15.39
CA GLU A 94 -10.06 -0.77 16.67
C GLU A 94 -11.25 -0.01 17.27
N PRO A 95 -12.44 -0.30 16.79
CA PRO A 95 -13.68 0.38 17.30
C PRO A 95 -13.73 0.46 18.82
N GLU A 96 -14.73 1.11 19.36
CA GLU A 96 -14.85 1.24 20.84
C GLU A 96 -14.98 -0.14 21.49
N LYS A 97 -15.04 -0.18 22.79
CA LYS A 97 -15.16 -1.48 23.51
C LYS A 97 -16.65 -1.84 23.66
N LEU A 98 -17.08 -2.10 24.86
CA LEU A 98 -18.52 -2.45 25.08
C LEU A 98 -19.35 -1.17 25.23
N GLU A 99 -18.91 -0.10 24.64
CA GLU A 99 -19.68 1.17 24.77
C GLU A 99 -20.94 1.08 23.90
N GLU A 100 -21.90 1.93 24.15
CA GLU A 100 -23.16 1.89 23.35
C GLU A 100 -22.89 2.44 21.96
N ALA A 101 -23.31 1.72 20.94
CA ALA A 101 -23.09 2.20 19.53
C ALA A 101 -24.30 1.83 18.67
N ASN A 102 -25.34 2.61 18.74
CA ASN A 102 -26.56 2.31 17.93
C ASN A 102 -26.23 2.57 16.46
N LYS A 103 -25.15 3.22 16.18
CA LYS A 103 -24.77 3.50 14.77
C LYS A 103 -24.45 2.18 14.05
N ASP A 104 -23.71 2.25 12.99
CA ASP A 104 -23.35 1.01 12.23
C ASP A 104 -21.93 1.16 11.68
N ASP A 105 -21.47 0.20 10.93
CA ASP A 105 -20.08 0.29 10.38
C ASP A 105 -20.00 -0.53 9.09
N PRO A 106 -20.66 -0.08 8.05
CA PRO A 106 -20.66 -0.78 6.73
C PRO A 106 -19.41 -0.44 5.91
N GLU A 107 -19.12 0.82 5.74
CA GLU A 107 -17.91 1.21 4.97
C GLU A 107 -16.68 1.06 5.86
N ARG A 108 -16.35 -0.14 6.25
CA ARG A 108 -15.16 -0.34 7.12
C ARG A 108 -13.88 -0.27 6.27
N GLU A 109 -13.88 0.55 5.25
CA GLU A 109 -12.67 0.66 4.40
C GLU A 109 -11.63 1.50 5.14
N VAL A 110 -11.77 1.60 6.42
CA VAL A 110 -10.81 2.39 7.24
C VAL A 110 -9.64 1.50 7.62
N LEU A 111 -8.70 1.38 6.73
CA LEU A 111 -7.50 0.50 6.98
C LEU A 111 -6.22 1.32 7.05
N GLU A 112 -5.30 0.91 7.89
CA GLU A 112 -4.00 1.63 8.03
C GLU A 112 -2.86 0.80 7.41
N TRP A 113 -2.09 1.42 6.57
CA TRP A 113 -0.93 0.71 5.93
C TRP A 113 0.15 0.52 7.01
N ARG A 114 0.36 -0.69 7.48
CA ARG A 114 1.38 -0.91 8.54
C ARG A 114 2.73 -1.28 7.89
N PHE A 115 3.63 -0.35 7.84
CA PHE A 115 4.95 -0.63 7.23
C PHE A 115 5.76 -1.58 8.12
N ASP A 116 6.32 -2.61 7.55
CA ASP A 116 7.12 -3.59 8.33
C ASP A 116 8.14 -4.26 7.40
N SER A 117 9.21 -3.57 7.08
CA SER A 117 10.24 -4.15 6.15
C SER A 117 10.60 -5.58 6.57
N ARG A 118 10.13 -6.03 7.70
CA ARG A 118 10.48 -7.41 8.15
C ARG A 118 9.99 -8.42 7.12
N LEU A 119 8.95 -8.11 6.39
CA LEU A 119 8.45 -9.04 5.36
C LEU A 119 9.57 -9.25 4.33
N ALA A 120 10.64 -8.54 4.47
CA ALA A 120 11.76 -8.69 3.50
C ALA A 120 12.51 -9.98 3.80
N PHE A 121 12.07 -10.71 4.81
CA PHE A 121 12.75 -11.99 5.17
C PHE A 121 11.71 -13.08 5.49
N HIS A 122 11.04 -12.96 6.61
CA HIS A 122 10.02 -14.00 6.97
C HIS A 122 8.78 -13.84 6.10
N HIS A 123 8.56 -14.73 5.17
CA HIS A 123 7.35 -14.63 4.31
C HIS A 123 6.16 -15.27 5.03
N MET A 124 5.39 -14.48 5.72
CA MET A 124 4.21 -15.04 6.46
C MET A 124 3.11 -15.44 5.47
N ALA A 125 2.81 -14.58 4.53
CA ALA A 125 1.73 -14.88 3.55
C ALA A 125 1.83 -16.33 3.07
N ARG A 126 2.99 -16.92 3.13
CA ARG A 126 3.12 -18.33 2.67
C ARG A 126 2.43 -19.27 3.69
N GLU A 127 2.58 -18.98 4.95
CA GLU A 127 1.94 -19.85 5.99
C GLU A 127 0.42 -19.63 6.00
N LEU A 128 -0.04 -18.54 5.46
CA LEU A 128 -1.51 -18.28 5.46
C LEU A 128 -2.20 -19.16 4.40
N HIS A 129 -1.96 -18.92 3.15
CA HIS A 129 -2.62 -19.73 2.08
C HIS A 129 -1.70 -19.86 0.86
N PRO A 130 -0.79 -20.80 0.85
CA PRO A 130 0.15 -20.99 -0.28
C PRO A 130 -0.49 -21.75 -1.46
N GLU A 131 -1.61 -22.37 -1.25
CA GLU A 131 -2.26 -23.12 -2.37
C GLU A 131 -2.50 -22.16 -3.54
N TYR A 132 -2.43 -20.88 -3.31
CA TYR A 132 -2.65 -19.90 -4.41
C TYR A 132 -1.40 -19.81 -5.28
N PHE A 133 -0.24 -19.92 -4.70
CA PHE A 133 1.02 -19.85 -5.50
C PHE A 133 1.40 -21.26 -5.98
N LYS A 134 2.67 -21.54 -6.10
CA LYS A 134 3.09 -22.90 -6.55
C LYS A 134 3.05 -23.87 -5.38
N ASN A 135 2.75 -25.12 -5.64
CA ASN A 135 2.69 -26.11 -4.53
C ASN A 135 4.09 -26.30 -3.92
N ALA A 136 4.41 -27.49 -3.51
CA ALA A 136 5.75 -27.73 -2.91
C ALA A 136 6.78 -27.92 -4.02
N ALA A 1 5.22 15.42 -0.44
CA ALA A 1 4.14 16.43 -0.20
C ALA A 1 2.91 16.05 -1.02
N TRP A 2 2.84 14.83 -1.48
CA TRP A 2 1.66 14.41 -2.27
C TRP A 2 0.46 14.21 -1.34
N LEU A 3 0.68 14.30 -0.05
CA LEU A 3 -0.44 14.13 0.91
C LEU A 3 -1.18 15.46 1.03
N GLU A 4 -0.50 16.49 1.45
CA GLU A 4 -1.17 17.81 1.59
C GLU A 4 -1.33 18.43 0.21
N ALA A 5 -1.91 17.70 -0.72
CA ALA A 5 -2.11 18.26 -2.09
C ALA A 5 -3.20 19.33 -2.05
N GLN A 6 -3.68 19.66 -0.88
CA GLN A 6 -4.75 20.68 -0.78
C GLN A 6 -4.32 21.93 -1.57
N GLU A 7 -3.15 22.44 -1.32
CA GLU A 7 -2.69 23.65 -2.05
C GLU A 7 -2.81 23.40 -3.56
N GLU A 8 -3.52 24.25 -4.25
CA GLU A 8 -3.67 24.07 -5.72
C GLU A 8 -2.32 24.35 -6.41
N GLU A 9 -1.48 23.37 -6.51
CA GLU A 9 -0.15 23.59 -7.16
C GLU A 9 0.38 22.25 -7.68
N GLU A 10 1.16 22.28 -8.73
CA GLU A 10 1.70 21.01 -9.30
C GLU A 10 2.46 20.25 -8.20
N VAL A 11 3.09 19.15 -8.55
CA VAL A 11 3.85 18.37 -7.55
C VAL A 11 5.22 19.00 -7.32
N GLY A 12 5.25 20.24 -6.93
CA GLY A 12 6.55 20.92 -6.70
C GLY A 12 7.17 21.33 -8.04
N PHE A 13 7.36 20.39 -8.92
CA PHE A 13 7.97 20.72 -10.25
C PHE A 13 7.48 19.68 -11.28
N PRO A 14 7.37 20.06 -12.54
CA PRO A 14 6.91 19.14 -13.61
C PRO A 14 7.47 17.72 -13.43
N VAL A 15 6.61 16.78 -13.14
CA VAL A 15 7.08 15.37 -12.96
C VAL A 15 7.23 14.71 -14.33
N THR A 16 7.87 13.57 -14.39
CA THR A 16 8.04 12.88 -15.69
C THR A 16 6.77 12.05 -15.98
N PRO A 17 6.20 12.15 -17.15
CA PRO A 17 4.95 11.39 -17.48
C PRO A 17 5.23 9.91 -17.76
N GLN A 18 4.33 9.24 -18.41
CA GLN A 18 4.51 7.80 -18.70
C GLN A 18 5.91 7.56 -19.27
N VAL A 19 6.81 7.17 -18.42
CA VAL A 19 8.20 6.89 -18.87
C VAL A 19 8.26 5.41 -19.31
N PRO A 20 9.17 5.05 -20.18
CA PRO A 20 9.31 3.66 -20.67
C PRO A 20 8.96 2.63 -19.59
N LEU A 21 8.07 1.72 -19.90
CA LEU A 21 7.68 0.69 -18.89
C LEU A 21 8.88 -0.15 -18.51
N ARG A 22 9.50 0.14 -17.40
CA ARG A 22 10.68 -0.65 -16.96
C ARG A 22 10.19 -1.95 -16.31
N PRO A 23 11.01 -2.97 -16.28
CA PRO A 23 10.64 -4.28 -15.67
C PRO A 23 10.56 -4.20 -14.14
N MET A 24 9.38 -4.36 -13.59
CA MET A 24 9.22 -4.29 -12.11
C MET A 24 9.94 -5.46 -11.44
N THR A 25 10.98 -5.18 -10.70
CA THR A 25 11.74 -6.27 -10.01
C THR A 25 11.21 -6.49 -8.61
N TYR A 26 11.21 -7.71 -8.15
CA TYR A 26 10.74 -7.96 -6.75
C TYR A 26 11.58 -7.03 -5.89
N LYS A 27 12.84 -6.95 -6.23
CA LYS A 27 13.76 -6.03 -5.50
C LYS A 27 13.19 -4.63 -5.64
N ALA A 28 12.48 -4.34 -6.72
CA ALA A 28 11.91 -2.97 -6.88
C ALA A 28 10.89 -2.73 -5.76
N ALA A 29 10.14 -3.74 -5.40
CA ALA A 29 9.12 -3.59 -4.33
C ALA A 29 9.80 -3.23 -3.00
N VAL A 30 10.78 -3.98 -2.59
CA VAL A 30 11.47 -3.68 -1.31
C VAL A 30 12.12 -2.30 -1.40
N ASP A 31 12.76 -2.01 -2.50
CA ASP A 31 13.39 -0.67 -2.64
C ASP A 31 12.28 0.38 -2.56
N LEU A 32 11.23 0.17 -3.30
CA LEU A 32 10.09 1.13 -3.27
C LEU A 32 9.49 1.17 -1.86
N SER A 33 9.34 0.04 -1.22
CA SER A 33 8.75 0.03 0.14
C SER A 33 9.49 1.05 1.02
N HIS A 34 10.80 1.00 1.03
CA HIS A 34 11.58 1.95 1.87
C HIS A 34 11.53 3.35 1.26
N PHE A 35 11.50 3.46 -0.04
CA PHE A 35 11.47 4.80 -0.66
C PHE A 35 10.27 5.56 -0.11
N LEU A 36 9.09 5.07 -0.34
CA LEU A 36 7.87 5.77 0.16
C LEU A 36 7.86 5.79 1.69
N LYS A 37 8.59 4.91 2.34
CA LYS A 37 8.58 4.93 3.83
C LYS A 37 9.15 6.25 4.34
N GLU A 38 10.39 6.50 4.09
CA GLU A 38 11.02 7.76 4.60
C GLU A 38 10.43 8.98 3.88
N LYS A 39 10.49 9.00 2.57
CA LYS A 39 9.97 10.17 1.81
C LYS A 39 8.43 10.13 1.72
N GLY A 40 7.86 9.03 1.32
CA GLY A 40 6.38 8.95 1.19
C GLY A 40 5.69 9.14 2.54
N GLY A 41 5.89 8.22 3.45
CA GLY A 41 5.23 8.32 4.78
C GLY A 41 3.83 7.69 4.73
N LEU A 42 3.71 6.56 4.09
CA LEU A 42 2.40 5.87 3.99
C LEU A 42 2.14 5.05 5.26
N GLU A 43 3.19 4.76 5.99
CA GLU A 43 3.03 3.96 7.24
C GLU A 43 2.03 4.63 8.19
N GLY A 44 1.39 3.84 9.00
CA GLY A 44 0.41 4.38 9.99
C GLY A 44 -0.61 5.33 9.32
N LEU A 45 -0.54 5.49 8.03
CA LEU A 45 -1.52 6.39 7.35
C LEU A 45 -2.88 5.66 7.26
N ILE A 46 -3.88 6.17 7.93
CA ILE A 46 -5.20 5.48 7.89
C ILE A 46 -5.73 5.44 6.44
N HIS A 47 -5.70 4.27 5.83
CA HIS A 47 -6.20 4.15 4.43
C HIS A 47 -7.70 4.41 4.39
N SER A 48 -8.08 5.57 3.92
CA SER A 48 -9.53 5.94 3.83
C SER A 48 -10.22 5.06 2.79
N GLN A 49 -10.13 5.44 1.54
CA GLN A 49 -10.79 4.62 0.47
C GLN A 49 -10.12 4.90 -0.88
N ARG A 50 -10.20 6.12 -1.36
CA ARG A 50 -9.58 6.46 -2.67
C ARG A 50 -8.08 6.74 -2.49
N ARG A 51 -7.64 6.88 -1.27
CA ARG A 51 -6.19 7.16 -1.04
C ARG A 51 -5.33 6.12 -1.75
N GLN A 52 -5.79 4.89 -1.82
CA GLN A 52 -5.00 3.83 -2.51
C GLN A 52 -4.84 4.17 -3.99
N ASP A 53 -5.89 4.61 -4.62
CA ASP A 53 -5.80 4.94 -6.07
C ASP A 53 -4.66 5.94 -6.32
N ILE A 54 -4.58 6.97 -5.53
CA ILE A 54 -3.49 7.97 -5.72
C ILE A 54 -2.15 7.24 -5.76
N LEU A 55 -1.92 6.35 -4.83
CA LEU A 55 -0.63 5.61 -4.82
C LEU A 55 -0.35 5.04 -6.21
N ASP A 56 -1.12 4.06 -6.62
CA ASP A 56 -0.90 3.44 -7.95
C ASP A 56 -0.79 4.53 -9.03
N LEU A 57 -1.67 5.48 -9.02
CA LEU A 57 -1.61 6.56 -10.05
C LEU A 57 -0.32 7.37 -9.88
N TRP A 58 -0.05 7.86 -8.71
CA TRP A 58 1.19 8.65 -8.49
C TRP A 58 2.38 7.92 -9.10
N ILE A 59 2.49 6.65 -8.83
CA ILE A 59 3.62 5.87 -9.41
C ILE A 59 3.58 5.97 -10.94
N TYR A 60 2.41 6.03 -11.51
CA TYR A 60 2.29 6.11 -13.00
C TYR A 60 2.90 7.43 -13.50
N HIS A 61 2.35 8.54 -13.12
CA HIS A 61 2.87 9.86 -13.60
C HIS A 61 4.32 10.07 -13.15
N THR A 62 4.97 9.05 -12.61
CA THR A 62 6.39 9.21 -12.15
C THR A 62 7.28 8.15 -12.79
N GLN A 63 7.41 7.01 -12.17
CA GLN A 63 8.28 5.94 -12.73
C GLN A 63 7.55 5.17 -13.83
N GLY A 64 6.26 5.37 -13.95
CA GLY A 64 5.50 4.68 -15.02
C GLY A 64 5.41 3.17 -14.75
N TYR A 65 5.67 2.73 -13.55
CA TYR A 65 5.59 1.26 -13.27
C TYR A 65 4.10 0.87 -13.23
N PHE A 66 3.76 -0.25 -13.81
CA PHE A 66 2.34 -0.69 -13.81
C PHE A 66 2.01 -1.31 -12.45
N PRO A 67 0.88 -0.98 -11.85
CA PRO A 67 0.48 -1.53 -10.51
C PRO A 67 -0.05 -2.97 -10.60
N ASP A 68 0.60 -3.80 -11.36
CA ASP A 68 0.15 -5.22 -11.47
C ASP A 68 0.79 -6.01 -10.33
N TRP A 69 1.15 -5.32 -9.27
CA TRP A 69 1.81 -5.98 -8.10
C TRP A 69 1.09 -5.59 -6.83
N GLN A 70 0.44 -4.47 -6.84
CA GLN A 70 -0.27 -4.00 -5.62
C GLN A 70 -1.59 -4.78 -5.47
N ASN A 71 -1.61 -5.77 -4.63
CA ASN A 71 -2.86 -6.56 -4.43
C ASN A 71 -2.83 -7.18 -3.02
N TYR A 72 -3.87 -7.87 -2.63
CA TYR A 72 -3.90 -8.48 -1.27
C TYR A 72 -4.98 -9.57 -1.22
N THR A 73 -5.02 -10.32 -0.17
CA THR A 73 -6.04 -11.41 -0.07
C THR A 73 -7.44 -10.76 -0.01
N PRO A 74 -8.45 -11.41 -0.56
CA PRO A 74 -9.84 -10.86 -0.55
C PRO A 74 -10.52 -11.05 0.81
N GLY A 75 -10.51 -10.04 1.64
CA GLY A 75 -11.18 -10.17 2.97
C GLY A 75 -10.63 -9.10 3.93
N PRO A 76 -11.33 -8.85 5.01
CA PRO A 76 -10.91 -7.84 6.03
C PRO A 76 -9.83 -8.39 6.96
N GLY A 77 -9.58 -7.71 8.05
CA GLY A 77 -8.54 -8.18 9.01
C GLY A 77 -7.14 -7.97 8.44
N ILE A 78 -6.15 -8.52 9.09
CA ILE A 78 -4.75 -8.35 8.60
C ILE A 78 -4.68 -8.71 7.12
N ARG A 79 -4.84 -7.73 6.29
CA ARG A 79 -4.78 -7.98 4.81
C ARG A 79 -3.32 -8.19 4.40
N TYR A 80 -2.96 -9.40 4.04
CA TYR A 80 -1.55 -9.70 3.64
C TYR A 80 -1.38 -9.41 2.14
N PRO A 81 -0.18 -9.05 1.72
CA PRO A 81 0.09 -8.78 0.26
C PRO A 81 0.21 -10.09 -0.52
N LEU A 82 -0.44 -10.18 -1.65
CA LEU A 82 -0.36 -11.43 -2.44
C LEU A 82 1.09 -11.69 -2.87
N THR A 83 1.62 -10.90 -3.76
CA THR A 83 3.03 -11.14 -4.20
C THR A 83 3.99 -10.89 -3.03
N PHE A 84 5.23 -11.11 -3.29
CA PHE A 84 6.28 -10.91 -2.24
C PHE A 84 7.04 -9.60 -2.49
N GLY A 85 7.75 -9.12 -1.50
CA GLY A 85 8.53 -7.87 -1.65
C GLY A 85 7.75 -6.68 -1.09
N TRP A 86 6.48 -6.62 -1.36
CA TRP A 86 5.67 -5.47 -0.84
C TRP A 86 5.39 -5.71 0.63
N CYS A 87 6.20 -5.13 1.48
CA CYS A 87 6.04 -5.32 2.95
C CYS A 87 4.98 -4.38 3.50
N TYR A 88 3.85 -4.26 2.85
CA TYR A 88 2.77 -3.37 3.34
C TYR A 88 1.48 -4.18 3.55
N LYS A 89 1.02 -4.24 4.77
CA LYS A 89 -0.23 -5.01 5.07
C LYS A 89 -1.20 -4.12 5.86
N LEU A 90 -2.44 -4.10 5.48
CA LEU A 90 -3.42 -3.24 6.21
C LEU A 90 -3.82 -3.94 7.52
N VAL A 91 -4.27 -3.19 8.50
CA VAL A 91 -4.66 -3.80 9.80
C VAL A 91 -5.64 -2.86 10.53
N PRO A 92 -6.77 -3.34 11.02
CA PRO A 92 -7.74 -2.49 11.75
C PRO A 92 -7.32 -2.28 13.22
N VAL A 93 -6.67 -1.17 13.51
CA VAL A 93 -6.23 -0.91 14.91
C VAL A 93 -7.32 -0.14 15.65
N GLU A 94 -8.49 -0.14 15.11
CA GLU A 94 -9.63 0.60 15.75
C GLU A 94 -10.14 -0.12 17.02
N PRO A 95 -10.13 -1.43 17.05
CA PRO A 95 -10.62 -2.23 18.20
C PRO A 95 -9.49 -2.61 19.17
N GLU A 96 -8.67 -1.68 19.56
CA GLU A 96 -7.56 -2.01 20.49
C GLU A 96 -8.13 -2.55 21.80
N LYS A 97 -8.95 -1.78 22.46
CA LYS A 97 -9.55 -2.25 23.75
C LYS A 97 -10.76 -3.13 23.46
N LEU A 98 -11.94 -2.65 23.73
CA LEU A 98 -13.16 -3.47 23.47
C LEU A 98 -13.52 -3.40 21.98
N GLU A 99 -14.28 -4.33 21.50
CA GLU A 99 -14.66 -4.32 20.06
C GLU A 99 -15.73 -3.24 19.83
N GLU A 100 -15.59 -2.49 18.78
CA GLU A 100 -16.60 -1.41 18.50
C GLU A 100 -17.88 -2.06 17.97
N ALA A 101 -17.97 -3.37 18.00
CA ALA A 101 -19.18 -4.05 17.49
C ALA A 101 -20.23 -4.13 18.61
N ASN A 102 -20.64 -3.00 19.13
CA ASN A 102 -21.66 -3.01 20.22
C ASN A 102 -23.04 -3.15 19.59
N LYS A 103 -23.96 -2.30 19.97
CA LYS A 103 -25.34 -2.37 19.41
C LYS A 103 -25.40 -1.54 18.12
N ASP A 104 -24.51 -1.77 17.20
CA ASP A 104 -24.52 -0.98 15.93
C ASP A 104 -24.02 -1.86 14.77
N ASP A 105 -23.40 -1.25 13.78
CA ASP A 105 -22.90 -2.05 12.63
C ASP A 105 -21.75 -1.30 11.95
N PRO A 106 -20.56 -1.39 12.48
CA PRO A 106 -19.37 -0.71 11.90
C PRO A 106 -18.76 -1.51 10.74
N GLU A 107 -19.48 -1.63 9.65
CA GLU A 107 -18.96 -2.39 8.49
C GLU A 107 -17.99 -1.51 7.70
N ARG A 108 -18.26 -0.25 7.58
CA ARG A 108 -17.34 0.65 6.82
C ARG A 108 -16.13 0.97 7.70
N GLU A 109 -15.50 -0.03 8.25
CA GLU A 109 -14.31 0.22 9.12
C GLU A 109 -13.12 0.63 8.24
N VAL A 110 -12.41 1.65 8.63
CA VAL A 110 -11.23 2.10 7.83
C VAL A 110 -9.98 1.38 8.33
N LEU A 111 -9.03 1.16 7.45
CA LEU A 111 -7.77 0.45 7.87
C LEU A 111 -6.54 1.33 7.66
N GLU A 112 -5.45 1.01 8.32
CA GLU A 112 -4.19 1.79 8.17
C GLU A 112 -3.09 0.92 7.57
N TRP A 113 -2.24 1.53 6.78
CA TRP A 113 -1.11 0.79 6.15
C TRP A 113 -0.04 0.50 7.22
N ARG A 114 0.18 -0.74 7.54
CA ARG A 114 1.22 -1.07 8.57
C ARG A 114 2.52 -1.47 7.85
N PHE A 115 3.45 -0.56 7.77
CA PHE A 115 4.74 -0.86 7.09
C PHE A 115 5.55 -1.88 7.93
N ASP A 116 6.14 -2.84 7.28
CA ASP A 116 6.93 -3.87 8.02
C ASP A 116 7.99 -4.46 7.09
N SER A 117 8.89 -3.64 6.61
CA SER A 117 9.97 -4.12 5.69
C SER A 117 10.54 -5.46 6.17
N ARG A 118 10.27 -5.82 7.40
CA ARG A 118 10.79 -7.13 7.91
C ARG A 118 10.23 -8.25 7.06
N LEU A 119 9.03 -8.08 6.56
CA LEU A 119 8.43 -9.14 5.70
C LEU A 119 9.29 -9.30 4.44
N ALA A 120 10.32 -8.51 4.32
CA ALA A 120 11.20 -8.62 3.13
C ALA A 120 12.03 -9.90 3.25
N PHE A 121 11.90 -10.58 4.37
CA PHE A 121 12.66 -11.85 4.58
C PHE A 121 11.72 -12.88 5.23
N HIS A 122 10.44 -12.70 5.08
CA HIS A 122 9.47 -13.66 5.68
C HIS A 122 8.16 -13.63 4.89
N HIS A 123 8.08 -14.39 3.83
CA HIS A 123 6.83 -14.40 3.01
C HIS A 123 5.71 -15.08 3.81
N MET A 124 4.84 -14.29 4.39
CA MET A 124 3.72 -14.89 5.19
C MET A 124 2.62 -15.39 4.23
N ALA A 125 2.34 -14.64 3.21
CA ALA A 125 1.28 -15.07 2.25
C ALA A 125 1.57 -16.50 1.78
N ARG A 126 2.81 -16.83 1.60
CA ARG A 126 3.16 -18.20 1.13
C ARG A 126 2.97 -19.21 2.27
N GLU A 127 3.41 -18.88 3.44
CA GLU A 127 3.25 -19.83 4.59
C GLU A 127 1.78 -19.92 4.99
N LEU A 128 0.99 -18.93 4.65
CA LEU A 128 -0.45 -18.98 5.02
C LEU A 128 -1.19 -19.90 4.04
N HIS A 129 -1.39 -19.47 2.83
CA HIS A 129 -2.14 -20.30 1.84
C HIS A 129 -1.59 -20.04 0.42
N PRO A 130 -0.65 -20.83 -0.05
CA PRO A 130 -0.07 -20.64 -1.42
C PRO A 130 -0.91 -21.33 -2.49
N GLU A 131 -2.16 -21.56 -2.23
CA GLU A 131 -3.03 -22.23 -3.23
C GLU A 131 -3.47 -21.23 -4.30
N TYR A 132 -3.27 -19.96 -4.07
CA TYR A 132 -3.68 -18.95 -5.07
C TYR A 132 -2.70 -18.94 -6.24
N PHE A 133 -1.43 -19.05 -5.96
CA PHE A 133 -0.41 -19.06 -7.06
C PHE A 133 -0.16 -20.51 -7.48
N LYS A 134 -0.11 -20.77 -8.76
CA LYS A 134 0.12 -22.17 -9.24
C LYS A 134 0.95 -22.13 -10.52
N ASN A 135 0.46 -21.46 -11.54
CA ASN A 135 1.20 -21.38 -12.84
C ASN A 135 1.72 -19.96 -13.04
N ALA A 136 1.04 -18.98 -12.51
CA ALA A 136 1.49 -17.57 -12.66
C ALA A 136 0.89 -16.71 -11.56
N ALA A 1 3.75 17.99 0.64
CA ALA A 1 3.62 17.26 -0.65
C ALA A 1 2.24 16.60 -0.73
N TRP A 2 2.17 15.39 -1.21
CA TRP A 2 0.85 14.71 -1.30
C TRP A 2 0.37 14.34 0.10
N LEU A 3 1.29 14.16 1.02
CA LEU A 3 0.87 13.83 2.41
C LEU A 3 0.48 15.11 3.13
N GLU A 4 1.17 16.19 2.84
CA GLU A 4 0.84 17.48 3.49
C GLU A 4 -0.42 18.08 2.83
N ALA A 5 -0.37 19.33 2.47
CA ALA A 5 -1.56 19.96 1.82
C ALA A 5 -1.66 19.49 0.37
N GLN A 6 -2.84 19.13 -0.06
CA GLN A 6 -2.99 18.67 -1.47
C GLN A 6 -3.09 19.88 -2.40
N GLU A 7 -3.00 21.06 -1.85
CA GLU A 7 -3.10 22.29 -2.69
C GLU A 7 -1.78 22.52 -3.41
N GLU A 8 -0.72 22.73 -2.67
CA GLU A 8 0.60 22.98 -3.32
C GLU A 8 0.93 21.82 -4.26
N GLU A 9 2.00 21.93 -5.01
CA GLU A 9 2.38 20.84 -5.95
C GLU A 9 3.90 20.85 -6.15
N GLU A 10 4.57 19.80 -5.76
CA GLU A 10 6.05 19.77 -5.92
C GLU A 10 6.52 18.31 -5.89
N VAL A 11 6.59 17.67 -7.03
CA VAL A 11 7.05 16.25 -7.06
C VAL A 11 8.57 16.21 -7.04
N GLY A 12 9.17 16.91 -6.11
CA GLY A 12 10.66 16.92 -6.03
C GLY A 12 11.25 17.26 -7.39
N PHE A 13 11.97 16.35 -7.98
CA PHE A 13 12.59 16.62 -9.32
C PHE A 13 11.58 16.25 -10.43
N PRO A 14 11.39 17.08 -11.43
CA PRO A 14 10.44 16.79 -12.53
C PRO A 14 10.49 15.31 -12.98
N VAL A 15 9.51 14.53 -12.61
CA VAL A 15 9.51 13.10 -13.02
C VAL A 15 8.97 12.97 -14.45
N THR A 16 9.26 11.90 -15.12
CA THR A 16 8.76 11.73 -16.51
C THR A 16 7.36 11.10 -16.48
N PRO A 17 6.53 11.39 -17.45
CA PRO A 17 5.14 10.84 -17.52
C PRO A 17 5.12 9.34 -17.90
N GLN A 18 4.02 8.86 -18.38
CA GLN A 18 3.91 7.43 -18.75
C GLN A 18 5.16 6.98 -19.50
N VAL A 19 6.09 6.40 -18.80
CA VAL A 19 7.35 5.90 -19.45
C VAL A 19 7.12 4.43 -19.82
N PRO A 20 7.81 3.93 -20.82
CA PRO A 20 7.68 2.51 -21.26
C PRO A 20 7.43 1.57 -20.07
N LEU A 21 6.54 0.63 -20.23
CA LEU A 21 6.24 -0.32 -19.10
C LEU A 21 7.47 -1.15 -18.76
N ARG A 22 8.21 -0.76 -17.75
CA ARG A 22 9.42 -1.54 -17.36
C ARG A 22 8.99 -2.69 -16.42
N PRO A 23 9.36 -3.93 -16.69
CA PRO A 23 8.99 -5.07 -15.81
C PRO A 23 9.15 -4.75 -14.32
N MET A 24 8.14 -4.97 -13.53
CA MET A 24 8.24 -4.68 -12.06
C MET A 24 9.22 -5.67 -11.43
N THR A 25 10.29 -5.18 -10.85
CA THR A 25 11.29 -6.09 -10.21
C THR A 25 10.92 -6.36 -8.77
N TYR A 26 11.04 -7.58 -8.32
CA TYR A 26 10.73 -7.89 -6.90
C TYR A 26 11.53 -6.87 -6.08
N LYS A 27 12.73 -6.62 -6.51
CA LYS A 27 13.57 -5.61 -5.82
C LYS A 27 12.89 -4.25 -5.93
N ALA A 28 12.13 -4.01 -6.99
CA ALA A 28 11.47 -2.67 -7.10
C ALA A 28 10.44 -2.51 -5.97
N ALA A 29 9.75 -3.56 -5.62
CA ALA A 29 8.75 -3.45 -4.52
C ALA A 29 9.44 -3.08 -3.20
N VAL A 30 10.42 -3.85 -2.81
CA VAL A 30 11.13 -3.54 -1.53
C VAL A 30 11.82 -2.20 -1.64
N ASP A 31 12.50 -1.94 -2.73
CA ASP A 31 13.20 -0.64 -2.87
C ASP A 31 12.14 0.47 -2.78
N LEU A 32 11.09 0.35 -3.53
CA LEU A 32 10.03 1.38 -3.48
C LEU A 32 9.40 1.41 -2.08
N SER A 33 9.16 0.27 -1.49
CA SER A 33 8.54 0.26 -0.14
C SER A 33 9.35 1.16 0.81
N HIS A 34 10.64 0.99 0.85
CA HIS A 34 11.46 1.84 1.76
C HIS A 34 11.56 3.26 1.22
N PHE A 35 11.59 3.43 -0.08
CA PHE A 35 11.68 4.81 -0.62
C PHE A 35 10.49 5.62 -0.12
N LEU A 36 9.30 5.13 -0.35
CA LEU A 36 8.09 5.87 0.12
C LEU A 36 8.08 5.98 1.64
N LYS A 37 8.73 5.08 2.34
CA LYS A 37 8.72 5.16 3.82
C LYS A 37 9.36 6.49 4.27
N GLU A 38 10.53 6.78 3.79
CA GLU A 38 11.19 8.05 4.20
C GLU A 38 10.44 9.25 3.62
N LYS A 39 10.43 9.40 2.33
CA LYS A 39 9.74 10.56 1.71
C LYS A 39 8.21 10.33 1.68
N GLY A 40 7.76 9.30 1.02
CA GLY A 40 6.29 9.03 0.94
C GLY A 40 5.63 9.18 2.32
N GLY A 41 5.71 8.18 3.15
CA GLY A 41 5.07 8.25 4.49
C GLY A 41 3.65 7.67 4.44
N LEU A 42 3.50 6.49 3.89
CA LEU A 42 2.16 5.85 3.80
C LEU A 42 1.85 5.15 5.12
N GLU A 43 2.87 4.78 5.86
CA GLU A 43 2.67 4.08 7.14
C GLU A 43 1.63 4.78 8.02
N GLY A 44 0.95 4.02 8.81
CA GLY A 44 -0.08 4.59 9.74
C GLY A 44 -1.10 5.45 9.00
N LEU A 45 -0.98 5.60 7.71
CA LEU A 45 -1.98 6.45 6.97
C LEU A 45 -3.29 5.65 6.83
N ILE A 46 -4.35 6.10 7.44
CA ILE A 46 -5.63 5.35 7.34
C ILE A 46 -6.11 5.32 5.89
N HIS A 47 -6.04 4.17 5.28
CA HIS A 47 -6.48 4.02 3.87
C HIS A 47 -7.98 4.26 3.79
N SER A 48 -8.38 5.41 3.31
CA SER A 48 -9.84 5.71 3.21
C SER A 48 -10.44 4.87 2.08
N GLN A 49 -10.17 5.23 0.86
CA GLN A 49 -10.71 4.48 -0.30
C GLN A 49 -10.03 4.95 -1.58
N ARG A 50 -9.84 6.24 -1.71
CA ARG A 50 -9.17 6.79 -2.93
C ARG A 50 -7.65 6.82 -2.67
N ARG A 51 -7.26 6.82 -1.43
CA ARG A 51 -5.79 6.88 -1.10
C ARG A 51 -5.05 5.79 -1.88
N GLN A 52 -5.65 4.65 -2.06
CA GLN A 52 -4.96 3.56 -2.79
C GLN A 52 -4.70 4.00 -4.23
N ASP A 53 -5.67 4.61 -4.86
CA ASP A 53 -5.49 5.06 -6.27
C ASP A 53 -4.33 6.05 -6.33
N ILE A 54 -4.37 7.11 -5.58
CA ILE A 54 -3.27 8.11 -5.61
C ILE A 54 -1.92 7.38 -5.52
N LEU A 55 -1.79 6.46 -4.61
CA LEU A 55 -0.50 5.72 -4.49
C LEU A 55 -0.16 5.06 -5.82
N ASP A 56 -0.90 4.06 -6.20
CA ASP A 56 -0.62 3.37 -7.50
C ASP A 56 -0.55 4.39 -8.63
N LEU A 57 -1.38 5.39 -8.59
CA LEU A 57 -1.36 6.42 -9.67
C LEU A 57 -0.03 7.19 -9.65
N TRP A 58 0.36 7.68 -8.51
CA TRP A 58 1.65 8.43 -8.43
C TRP A 58 2.75 7.57 -9.06
N ILE A 59 2.83 6.32 -8.70
CA ILE A 59 3.88 5.45 -9.29
C ILE A 59 3.72 5.42 -10.81
N TYR A 60 2.52 5.61 -11.31
CA TYR A 60 2.31 5.60 -12.78
C TYR A 60 3.05 6.78 -13.45
N HIS A 61 2.67 7.98 -13.13
CA HIS A 61 3.32 9.17 -13.76
C HIS A 61 4.82 9.21 -13.44
N THR A 62 5.34 8.21 -12.78
CA THR A 62 6.81 8.20 -12.43
C THR A 62 7.53 7.16 -13.28
N GLN A 63 7.77 5.99 -12.74
CA GLN A 63 8.49 4.93 -13.52
C GLN A 63 7.49 4.22 -14.45
N GLY A 64 6.24 4.59 -14.38
CA GLY A 64 5.23 3.94 -15.26
C GLY A 64 5.04 2.47 -14.92
N TYR A 65 5.20 2.09 -13.68
CA TYR A 65 4.99 0.64 -13.34
C TYR A 65 3.49 0.37 -13.38
N PHE A 66 3.08 -0.68 -14.05
CA PHE A 66 1.62 -1.00 -14.12
C PHE A 66 1.19 -1.64 -12.80
N PRO A 67 0.06 -1.26 -12.24
CA PRO A 67 -0.42 -1.85 -10.95
C PRO A 67 -1.01 -3.25 -11.14
N ASP A 68 -0.25 -4.25 -10.82
CA ASP A 68 -0.73 -5.66 -10.96
C ASP A 68 0.03 -6.49 -9.94
N TRP A 69 0.51 -5.85 -8.90
CA TRP A 69 1.29 -6.55 -7.85
C TRP A 69 0.68 -6.25 -6.48
N GLN A 70 0.00 -5.16 -6.38
CA GLN A 70 -0.64 -4.78 -5.10
C GLN A 70 -1.92 -5.59 -4.88
N ASN A 71 -1.91 -6.47 -3.93
CA ASN A 71 -3.13 -7.30 -3.65
C ASN A 71 -3.08 -7.80 -2.20
N TYR A 72 -4.12 -8.46 -1.77
CA TYR A 72 -4.14 -8.96 -0.35
C TYR A 72 -5.22 -10.04 -0.23
N THR A 73 -5.32 -10.66 0.92
CA THR A 73 -6.37 -11.71 1.12
C THR A 73 -7.74 -11.06 0.91
N PRO A 74 -8.75 -11.86 0.58
CA PRO A 74 -10.15 -11.37 0.34
C PRO A 74 -10.56 -10.18 1.22
N GLY A 75 -11.56 -10.34 2.03
CA GLY A 75 -12.04 -9.21 2.90
C GLY A 75 -12.10 -9.62 4.38
N PRO A 76 -11.09 -10.30 4.89
CA PRO A 76 -11.05 -10.71 6.33
C PRO A 76 -10.56 -9.57 7.22
N GLY A 77 -10.46 -9.79 8.51
CA GLY A 77 -9.96 -8.71 9.40
C GLY A 77 -8.53 -8.36 8.98
N ILE A 78 -7.56 -8.96 9.60
CA ILE A 78 -6.15 -8.69 9.20
C ILE A 78 -6.02 -9.02 7.71
N ARG A 79 -5.00 -8.55 7.04
CA ARG A 79 -4.87 -8.87 5.59
C ARG A 79 -3.41 -8.68 5.14
N TYR A 80 -2.78 -9.78 4.82
CA TYR A 80 -1.35 -9.77 4.37
C TYR A 80 -1.31 -9.58 2.85
N PRO A 81 -0.25 -8.99 2.31
CA PRO A 81 -0.09 -8.81 0.84
C PRO A 81 0.31 -10.13 0.17
N LEU A 82 -0.38 -10.52 -0.87
CA LEU A 82 -0.02 -11.80 -1.55
C LEU A 82 1.40 -11.73 -2.11
N THR A 83 1.72 -10.68 -2.82
CA THR A 83 3.08 -10.57 -3.39
C THR A 83 4.10 -10.46 -2.26
N PHE A 84 5.30 -10.94 -2.49
CA PHE A 84 6.37 -10.87 -1.44
C PHE A 84 7.25 -9.64 -1.67
N GLY A 85 7.91 -9.17 -0.66
CA GLY A 85 8.79 -7.97 -0.81
C GLY A 85 8.02 -6.72 -0.41
N TRP A 86 6.76 -6.68 -0.73
CA TRP A 86 5.93 -5.50 -0.35
C TRP A 86 5.66 -5.57 1.15
N CYS A 87 6.41 -4.81 1.91
CA CYS A 87 6.27 -4.84 3.39
C CYS A 87 5.12 -3.98 3.89
N TYR A 88 3.96 -4.14 3.32
CA TYR A 88 2.76 -3.34 3.79
C TYR A 88 1.64 -4.30 4.18
N LYS A 89 1.22 -4.24 5.42
CA LYS A 89 0.12 -5.13 5.92
C LYS A 89 -1.02 -4.27 6.41
N LEU A 90 -2.16 -4.33 5.78
CA LEU A 90 -3.31 -3.50 6.23
C LEU A 90 -3.97 -4.16 7.45
N VAL A 91 -4.53 -3.37 8.33
CA VAL A 91 -5.17 -3.94 9.55
C VAL A 91 -6.16 -2.91 10.14
N PRO A 92 -7.42 -3.24 10.33
CA PRO A 92 -8.41 -2.30 10.92
C PRO A 92 -7.87 -1.65 12.21
N VAL A 93 -8.48 -0.58 12.65
CA VAL A 93 -8.02 0.10 13.89
C VAL A 93 -8.65 -0.54 15.12
N GLU A 94 -8.42 -1.79 15.32
CA GLU A 94 -9.00 -2.49 16.49
C GLU A 94 -8.34 -2.00 17.80
N PRO A 95 -7.05 -1.74 17.78
CA PRO A 95 -6.31 -1.28 18.98
C PRO A 95 -6.27 0.26 19.07
N GLU A 96 -7.26 0.85 19.70
CA GLU A 96 -7.29 2.33 19.82
C GLU A 96 -6.04 2.81 20.59
N LYS A 97 -5.11 3.42 19.92
CA LYS A 97 -3.89 3.92 20.62
C LYS A 97 -4.17 5.30 21.20
N LEU A 98 -3.39 6.28 20.81
CA LEU A 98 -3.61 7.66 21.34
C LEU A 98 -4.70 8.35 20.52
N GLU A 99 -5.53 9.13 21.16
CA GLU A 99 -6.61 9.83 20.40
C GLU A 99 -6.01 11.01 19.63
N GLU A 100 -6.75 11.58 18.71
CA GLU A 100 -6.22 12.73 17.93
C GLU A 100 -6.20 13.98 18.81
N ALA A 101 -6.67 15.09 18.29
CA ALA A 101 -6.68 16.35 19.09
C ALA A 101 -8.07 16.56 19.71
N ASN A 102 -8.46 17.78 19.90
CA ASN A 102 -9.81 18.05 20.49
C ASN A 102 -10.89 17.40 19.63
N LYS A 103 -11.18 17.98 18.49
CA LYS A 103 -12.22 17.38 17.61
C LYS A 103 -11.70 16.06 17.04
N ASP A 104 -12.17 14.96 17.56
CA ASP A 104 -11.70 13.63 17.05
C ASP A 104 -12.63 13.16 15.93
N ASP A 105 -12.19 12.24 15.13
CA ASP A 105 -13.05 11.74 14.02
C ASP A 105 -14.00 10.66 14.56
N PRO A 106 -15.15 10.49 13.96
CA PRO A 106 -16.14 9.46 14.41
C PRO A 106 -15.56 8.04 14.32
N GLU A 107 -16.39 7.03 14.50
CA GLU A 107 -15.88 5.64 14.43
C GLU A 107 -15.73 5.23 12.95
N ARG A 108 -15.64 6.18 12.07
CA ARG A 108 -15.48 5.83 10.62
C ARG A 108 -14.03 5.44 10.35
N GLU A 109 -13.45 4.66 11.22
CA GLU A 109 -12.03 4.25 11.02
C GLU A 109 -11.95 3.16 9.94
N VAL A 110 -11.20 3.41 8.90
CA VAL A 110 -11.07 2.40 7.80
C VAL A 110 -9.88 1.48 8.05
N LEU A 111 -9.02 1.31 7.08
CA LEU A 111 -7.83 0.39 7.25
C LEU A 111 -6.53 1.19 7.24
N GLU A 112 -5.60 0.86 8.10
CA GLU A 112 -4.30 1.61 8.16
C GLU A 112 -3.16 0.78 7.55
N TRP A 113 -2.32 1.44 6.77
CA TRP A 113 -1.16 0.76 6.14
C TRP A 113 -0.08 0.55 7.22
N ARG A 114 0.15 -0.67 7.63
CA ARG A 114 1.18 -0.92 8.68
C ARG A 114 2.52 -1.25 8.02
N PHE A 115 3.39 -0.29 7.93
CA PHE A 115 4.73 -0.53 7.30
C PHE A 115 5.56 -1.45 8.19
N ASP A 116 6.20 -2.44 7.61
CA ASP A 116 7.04 -3.38 8.42
C ASP A 116 8.11 -4.00 7.51
N SER A 117 9.07 -3.21 7.08
CA SER A 117 10.15 -3.73 6.16
C SER A 117 10.65 -5.11 6.63
N ARG A 118 10.29 -5.56 7.80
CA ARG A 118 10.77 -6.89 8.26
C ARG A 118 10.27 -7.96 7.28
N LEU A 119 9.20 -7.66 6.58
CA LEU A 119 8.65 -8.63 5.60
C LEU A 119 9.68 -8.87 4.49
N ALA A 120 10.79 -8.19 4.56
CA ALA A 120 11.83 -8.37 3.51
C ALA A 120 12.56 -9.70 3.73
N PHE A 121 12.27 -10.37 4.83
CA PHE A 121 12.92 -11.68 5.11
C PHE A 121 11.89 -12.67 5.67
N HIS A 122 11.03 -12.21 6.53
CA HIS A 122 10.01 -13.11 7.11
C HIS A 122 8.93 -13.40 6.04
N HIS A 123 8.39 -14.59 6.04
CA HIS A 123 7.32 -14.94 5.04
C HIS A 123 6.12 -15.56 5.76
N MET A 124 5.38 -14.75 6.47
CA MET A 124 4.19 -15.27 7.19
C MET A 124 3.02 -15.44 6.24
N ALA A 125 2.86 -14.53 5.31
CA ALA A 125 1.73 -14.63 4.34
C ALA A 125 1.74 -15.98 3.65
N ARG A 126 2.90 -16.49 3.33
CA ARG A 126 2.98 -17.82 2.64
C ARG A 126 2.62 -18.94 3.61
N GLU A 127 3.06 -18.84 4.83
CA GLU A 127 2.75 -19.93 5.82
C GLU A 127 1.26 -19.91 6.14
N LEU A 128 0.62 -18.78 6.04
CA LEU A 128 -0.83 -18.71 6.36
C LEU A 128 -1.65 -19.27 5.19
N HIS A 129 -1.32 -18.92 3.98
CA HIS A 129 -2.09 -19.43 2.81
C HIS A 129 -1.18 -19.61 1.59
N PRO A 130 -0.44 -20.69 1.54
CA PRO A 130 0.48 -20.98 0.41
C PRO A 130 -0.25 -21.66 -0.76
N GLU A 131 -1.39 -22.25 -0.50
CA GLU A 131 -2.15 -22.92 -1.59
C GLU A 131 -2.24 -22.00 -2.81
N TYR A 132 -2.01 -20.73 -2.62
CA TYR A 132 -2.07 -19.78 -3.77
C TYR A 132 -0.78 -19.88 -4.59
N PHE A 133 0.34 -19.71 -3.96
CA PHE A 133 1.64 -19.79 -4.70
C PHE A 133 2.16 -21.23 -4.65
N LYS A 134 1.96 -21.98 -5.70
CA LYS A 134 2.44 -23.39 -5.71
C LYS A 134 3.92 -23.42 -6.13
N ASN A 135 4.82 -23.33 -5.19
CA ASN A 135 6.26 -23.35 -5.54
C ASN A 135 6.65 -24.77 -5.96
N ALA A 136 6.80 -25.67 -5.03
CA ALA A 136 7.17 -27.07 -5.37
C ALA A 136 5.93 -27.82 -5.83
N ALA A 1 5.57 17.12 0.29
CA ALA A 1 4.74 16.91 -0.92
C ALA A 1 3.93 15.61 -0.76
N TRP A 2 3.40 15.37 0.41
CA TRP A 2 2.61 14.13 0.61
C TRP A 2 1.25 14.30 -0.09
N LEU A 3 0.16 14.37 0.63
CA LEU A 3 -1.17 14.54 -0.03
C LEU A 3 -1.42 16.03 -0.32
N GLU A 4 -0.41 16.85 -0.18
CA GLU A 4 -0.61 18.30 -0.45
C GLU A 4 -0.71 18.53 -1.95
N ALA A 5 -1.74 18.02 -2.57
CA ALA A 5 -1.90 18.22 -4.04
C ALA A 5 -2.30 19.66 -4.33
N GLN A 6 -2.33 20.49 -3.32
CA GLN A 6 -2.72 21.91 -3.53
C GLN A 6 -1.57 22.65 -4.23
N GLU A 7 -0.52 22.94 -3.51
CA GLU A 7 0.63 23.65 -4.13
C GLU A 7 1.56 22.65 -4.81
N GLU A 8 1.29 22.30 -6.03
CA GLU A 8 2.15 21.32 -6.75
C GLU A 8 3.42 22.03 -7.23
N GLU A 9 4.46 21.28 -7.51
CA GLU A 9 5.72 21.93 -7.98
C GLU A 9 6.68 20.86 -8.51
N GLU A 10 7.91 21.22 -8.74
CA GLU A 10 8.90 20.22 -9.26
C GLU A 10 8.98 19.03 -8.30
N VAL A 11 8.75 17.84 -8.81
CA VAL A 11 8.82 16.64 -7.93
C VAL A 11 10.27 16.21 -7.76
N GLY A 12 11.15 17.16 -7.52
CA GLY A 12 12.59 16.82 -7.34
C GLY A 12 13.17 16.38 -8.70
N PHE A 13 13.18 15.10 -8.96
CA PHE A 13 13.72 14.61 -10.26
C PHE A 13 12.59 14.64 -11.30
N PRO A 14 12.92 14.77 -12.57
CA PRO A 14 11.89 14.81 -13.65
C PRO A 14 11.17 13.47 -13.81
N VAL A 15 9.92 13.41 -13.44
CA VAL A 15 9.16 12.13 -13.56
C VAL A 15 8.68 11.96 -15.00
N THR A 16 9.01 10.85 -15.62
CA THR A 16 8.57 10.62 -17.03
C THR A 16 7.19 9.96 -17.02
N PRO A 17 6.40 10.17 -18.06
CA PRO A 17 5.03 9.59 -18.15
C PRO A 17 5.05 8.07 -18.39
N GLN A 18 3.97 7.53 -18.88
CA GLN A 18 3.91 6.06 -19.12
C GLN A 18 5.00 5.63 -20.10
N VAL A 19 6.08 5.15 -19.56
CA VAL A 19 7.21 4.67 -20.41
C VAL A 19 6.97 3.17 -20.69
N PRO A 20 7.54 2.61 -21.74
CA PRO A 20 7.35 1.18 -22.08
C PRO A 20 7.23 0.31 -20.82
N LEU A 21 6.20 -0.49 -20.75
CA LEU A 21 6.00 -1.34 -19.54
C LEU A 21 7.15 -2.32 -19.38
N ARG A 22 8.11 -2.00 -18.55
CA ARG A 22 9.26 -2.92 -18.33
C ARG A 22 8.86 -3.97 -17.28
N PRO A 23 9.44 -5.15 -17.31
CA PRO A 23 9.11 -6.21 -16.32
C PRO A 23 8.99 -5.63 -14.91
N MET A 24 7.98 -6.04 -14.16
CA MET A 24 7.82 -5.48 -12.79
C MET A 24 9.06 -5.83 -11.95
N THR A 25 9.66 -4.86 -11.33
CA THR A 25 10.88 -5.09 -10.51
C THR A 25 10.50 -5.44 -9.07
N TYR A 26 10.38 -6.72 -8.78
CA TYR A 26 10.05 -7.13 -7.38
C TYR A 26 11.06 -6.42 -6.48
N LYS A 27 12.30 -6.40 -6.90
CA LYS A 27 13.33 -5.70 -6.09
C LYS A 27 12.89 -4.25 -5.89
N ALA A 28 12.27 -3.66 -6.88
CA ALA A 28 11.82 -2.24 -6.69
C ALA A 28 10.73 -2.18 -5.61
N ALA A 29 9.96 -3.23 -5.48
CA ALA A 29 8.89 -3.22 -4.44
C ALA A 29 9.53 -2.97 -3.07
N VAL A 30 10.55 -3.71 -2.74
CA VAL A 30 11.21 -3.51 -1.43
C VAL A 30 11.87 -2.13 -1.40
N ASP A 31 12.61 -1.79 -2.42
CA ASP A 31 13.25 -0.45 -2.43
C ASP A 31 12.15 0.60 -2.40
N LEU A 32 11.12 0.42 -3.18
CA LEU A 32 10.01 1.40 -3.18
C LEU A 32 9.38 1.45 -1.79
N SER A 33 9.20 0.31 -1.16
CA SER A 33 8.57 0.33 0.20
C SER A 33 9.31 1.34 1.09
N HIS A 34 10.61 1.25 1.17
CA HIS A 34 11.38 2.19 2.02
C HIS A 34 11.44 3.59 1.37
N PHE A 35 11.48 3.66 0.07
CA PHE A 35 11.54 4.99 -0.58
C PHE A 35 10.38 5.85 -0.08
N LEU A 36 9.18 5.35 -0.20
CA LEU A 36 8.01 6.13 0.28
C LEU A 36 8.11 6.40 1.77
N LYS A 37 8.63 5.46 2.53
CA LYS A 37 8.73 5.67 4.01
C LYS A 37 9.75 6.79 4.32
N GLU A 38 10.54 7.18 3.37
CA GLU A 38 11.53 8.26 3.66
C GLU A 38 10.80 9.59 3.78
N LYS A 39 10.56 10.23 2.67
CA LYS A 39 9.85 11.54 2.70
C LYS A 39 8.33 11.34 2.76
N GLY A 40 7.85 10.25 2.23
CA GLY A 40 6.38 10.01 2.25
C GLY A 40 5.91 9.68 3.67
N GLY A 41 5.81 8.42 4.01
CA GLY A 41 5.34 8.03 5.38
C GLY A 41 3.91 7.49 5.31
N LEU A 42 3.71 6.41 4.60
CA LEU A 42 2.35 5.83 4.47
C LEU A 42 2.07 4.95 5.70
N GLU A 43 3.09 4.56 6.41
CA GLU A 43 2.88 3.70 7.62
C GLU A 43 1.81 4.31 8.52
N GLY A 44 1.09 3.46 9.20
CA GLY A 44 0.03 3.93 10.14
C GLY A 44 -0.92 4.95 9.48
N LEU A 45 -0.81 5.15 8.20
CA LEU A 45 -1.71 6.13 7.53
C LEU A 45 -3.10 5.49 7.37
N ILE A 46 -4.06 5.90 8.15
CA ILE A 46 -5.42 5.28 8.04
C ILE A 46 -5.92 5.39 6.60
N HIS A 47 -5.86 4.30 5.88
CA HIS A 47 -6.35 4.29 4.47
C HIS A 47 -7.85 4.55 4.45
N SER A 48 -8.25 5.69 3.97
CA SER A 48 -9.71 6.02 3.91
C SER A 48 -10.36 5.20 2.79
N GLN A 49 -10.35 5.71 1.60
CA GLN A 49 -10.95 4.98 0.45
C GLN A 49 -10.56 5.69 -0.85
N ARG A 50 -9.37 6.24 -0.88
CA ARG A 50 -8.92 6.95 -2.11
C ARG A 50 -7.39 7.11 -2.07
N ARG A 51 -6.82 7.09 -0.90
CA ARG A 51 -5.34 7.23 -0.79
C ARG A 51 -4.66 6.13 -1.61
N GLN A 52 -5.28 5.00 -1.75
CA GLN A 52 -4.67 3.89 -2.53
C GLN A 52 -4.48 4.35 -3.99
N ASP A 53 -5.46 5.00 -4.55
CA ASP A 53 -5.34 5.47 -5.96
C ASP A 53 -4.12 6.40 -6.08
N ILE A 54 -4.03 7.38 -5.24
CA ILE A 54 -2.88 8.32 -5.31
C ILE A 54 -1.57 7.53 -5.39
N LEU A 55 -1.51 6.39 -4.74
CA LEU A 55 -0.25 5.59 -4.78
C LEU A 55 -0.14 4.86 -6.12
N ASP A 56 -0.99 3.91 -6.38
CA ASP A 56 -0.92 3.17 -7.66
C ASP A 56 -0.74 4.14 -8.83
N LEU A 57 -1.50 5.20 -8.86
CA LEU A 57 -1.38 6.18 -9.97
C LEU A 57 0.02 6.81 -9.94
N TRP A 58 0.42 7.33 -8.81
CA TRP A 58 1.77 7.96 -8.73
C TRP A 58 2.80 7.01 -9.33
N ILE A 59 2.80 5.76 -8.93
CA ILE A 59 3.78 4.80 -9.50
C ILE A 59 3.60 4.73 -11.01
N TYR A 60 2.41 4.96 -11.50
CA TYR A 60 2.17 4.91 -12.96
C TYR A 60 2.92 6.06 -13.66
N HIS A 61 2.66 7.27 -13.28
CA HIS A 61 3.33 8.44 -13.92
C HIS A 61 4.85 8.41 -13.68
N THR A 62 5.37 7.41 -13.01
CA THR A 62 6.85 7.35 -12.77
C THR A 62 7.51 6.41 -13.77
N GLN A 63 7.88 5.23 -13.35
CA GLN A 63 8.54 4.26 -14.28
C GLN A 63 7.48 3.56 -15.13
N GLY A 64 6.24 3.93 -14.98
CA GLY A 64 5.17 3.30 -15.79
C GLY A 64 5.00 1.82 -15.42
N TYR A 65 5.16 1.47 -14.17
CA TYR A 65 4.98 0.04 -13.79
C TYR A 65 3.48 -0.26 -13.80
N PHE A 66 3.09 -1.33 -14.44
CA PHE A 66 1.65 -1.70 -14.47
C PHE A 66 1.28 -2.36 -13.13
N PRO A 67 0.16 -2.01 -12.54
CA PRO A 67 -0.25 -2.61 -11.23
C PRO A 67 -0.74 -4.06 -11.36
N ASP A 68 -0.08 -4.86 -12.15
CA ASP A 68 -0.50 -6.27 -12.29
C ASP A 68 0.09 -7.07 -11.12
N TRP A 69 0.74 -6.38 -10.21
CA TRP A 69 1.36 -7.06 -9.03
C TRP A 69 0.54 -6.74 -7.78
N GLN A 70 -0.18 -5.69 -7.83
CA GLN A 70 -1.02 -5.29 -6.67
C GLN A 70 -2.27 -6.16 -6.60
N ASN A 71 -2.31 -7.09 -5.69
CA ASN A 71 -3.50 -7.99 -5.56
C ASN A 71 -3.53 -8.58 -4.16
N TYR A 72 -4.11 -7.91 -3.22
CA TYR A 72 -4.15 -8.43 -1.83
C TYR A 72 -5.13 -9.61 -1.72
N THR A 73 -5.00 -10.37 -0.66
CA THR A 73 -5.92 -11.54 -0.46
C THR A 73 -7.33 -11.02 -0.11
N PRO A 74 -8.38 -11.69 -0.55
CA PRO A 74 -9.78 -11.27 -0.22
C PRO A 74 -10.20 -11.72 1.18
N GLY A 75 -9.34 -11.54 2.15
CA GLY A 75 -9.68 -11.99 3.54
C GLY A 75 -10.46 -10.89 4.28
N PRO A 76 -10.71 -11.10 5.55
CA PRO A 76 -11.46 -10.11 6.40
C PRO A 76 -10.86 -8.71 6.34
N GLY A 77 -11.02 -7.95 7.40
CA GLY A 77 -10.46 -6.57 7.42
C GLY A 77 -8.96 -6.61 7.15
N ILE A 78 -8.27 -7.56 7.73
CA ILE A 78 -6.81 -7.65 7.50
C ILE A 78 -6.57 -8.24 6.12
N ARG A 79 -5.40 -8.05 5.58
CA ARG A 79 -5.12 -8.62 4.23
C ARG A 79 -3.62 -8.56 3.94
N TYR A 80 -3.06 -9.70 3.59
CA TYR A 80 -1.60 -9.78 3.27
C TYR A 80 -1.43 -9.60 1.76
N PRO A 81 -0.31 -9.08 1.31
CA PRO A 81 -0.06 -8.90 -0.15
C PRO A 81 0.28 -10.22 -0.85
N LEU A 82 -0.42 -10.56 -1.90
CA LEU A 82 -0.13 -11.84 -2.60
C LEU A 82 1.31 -11.80 -3.12
N THR A 83 1.64 -10.80 -3.90
CA THR A 83 3.02 -10.71 -4.44
C THR A 83 4.00 -10.52 -3.29
N PHE A 84 5.22 -10.93 -3.47
CA PHE A 84 6.24 -10.79 -2.39
C PHE A 84 7.07 -9.53 -2.59
N GLY A 85 7.74 -9.08 -1.56
CA GLY A 85 8.58 -7.85 -1.67
C GLY A 85 7.81 -6.66 -1.12
N TRP A 86 6.54 -6.59 -1.42
CA TRP A 86 5.72 -5.45 -0.91
C TRP A 86 5.40 -5.72 0.55
N CYS A 87 6.16 -5.13 1.44
CA CYS A 87 5.97 -5.37 2.90
C CYS A 87 4.88 -4.46 3.48
N TYR A 88 3.76 -4.36 2.83
CA TYR A 88 2.64 -3.49 3.37
C TYR A 88 1.44 -4.39 3.70
N LYS A 89 0.96 -4.32 4.93
CA LYS A 89 -0.23 -5.15 5.34
C LYS A 89 -1.26 -4.25 6.00
N LEU A 90 -2.48 -4.22 5.51
CA LEU A 90 -3.50 -3.34 6.15
C LEU A 90 -4.08 -4.05 7.38
N VAL A 91 -4.41 -3.28 8.39
CA VAL A 91 -4.97 -3.85 9.65
C VAL A 91 -5.72 -2.71 10.37
N PRO A 92 -6.90 -2.96 10.91
CA PRO A 92 -7.68 -1.90 11.62
C PRO A 92 -7.00 -1.51 12.94
N VAL A 93 -7.50 -0.48 13.58
CA VAL A 93 -6.89 -0.05 14.86
C VAL A 93 -7.49 -0.90 15.98
N GLU A 94 -7.12 -0.62 17.18
CA GLU A 94 -7.64 -1.38 18.34
C GLU A 94 -9.14 -1.08 18.51
N PRO A 95 -10.00 -2.07 18.48
CA PRO A 95 -11.48 -1.84 18.64
C PRO A 95 -11.87 -1.62 20.10
N GLU A 96 -13.04 -1.12 20.34
CA GLU A 96 -13.48 -0.88 21.74
C GLU A 96 -13.51 -2.20 22.50
N LYS A 97 -14.67 -2.61 22.97
CA LYS A 97 -14.76 -3.90 23.72
C LYS A 97 -14.91 -5.06 22.73
N LEU A 98 -16.03 -5.71 22.74
CA LEU A 98 -16.24 -6.86 21.80
C LEU A 98 -16.59 -6.32 20.41
N GLU A 99 -16.68 -7.18 19.44
CA GLU A 99 -17.03 -6.72 18.07
C GLU A 99 -18.51 -6.37 17.99
N GLU A 100 -18.83 -5.12 17.88
CA GLU A 100 -20.27 -4.71 17.80
C GLU A 100 -20.81 -5.06 16.41
N ALA A 101 -22.09 -5.34 16.31
CA ALA A 101 -22.68 -5.67 14.99
C ALA A 101 -22.65 -4.45 14.07
N ASN A 102 -23.38 -3.41 14.42
CA ASN A 102 -23.40 -2.18 13.58
C ASN A 102 -23.16 -0.95 14.46
N LYS A 103 -22.39 0.01 13.98
CA LYS A 103 -22.11 1.23 14.79
C LYS A 103 -23.05 2.35 14.36
N ASP A 104 -23.55 3.13 15.29
CA ASP A 104 -24.46 4.25 14.94
C ASP A 104 -23.67 5.54 14.78
N ASP A 105 -22.61 5.51 14.00
CA ASP A 105 -21.79 6.75 13.80
C ASP A 105 -21.05 6.65 12.46
N PRO A 106 -20.95 7.73 11.71
CA PRO A 106 -20.24 7.72 10.39
C PRO A 106 -18.71 7.81 10.56
N GLU A 107 -18.25 8.24 11.71
CA GLU A 107 -16.78 8.36 11.93
C GLU A 107 -16.18 6.99 12.22
N ARG A 108 -16.41 6.02 11.38
CA ARG A 108 -15.84 4.66 11.61
C ARG A 108 -14.37 4.65 11.17
N GLU A 109 -13.51 4.06 11.95
CA GLU A 109 -12.07 4.02 11.58
C GLU A 109 -11.89 3.00 10.45
N VAL A 110 -11.21 3.35 9.40
CA VAL A 110 -11.00 2.40 8.28
C VAL A 110 -9.78 1.53 8.55
N LEU A 111 -8.95 1.32 7.56
CA LEU A 111 -7.73 0.45 7.75
C LEU A 111 -6.45 1.27 7.57
N GLU A 112 -5.42 0.97 8.33
CA GLU A 112 -4.13 1.73 8.21
C GLU A 112 -3.05 0.84 7.61
N TRP A 113 -2.20 1.43 6.80
CA TRP A 113 -1.11 0.67 6.16
C TRP A 113 -0.05 0.32 7.22
N ARG A 114 0.11 -0.93 7.53
CA ARG A 114 1.13 -1.33 8.55
C ARG A 114 2.45 -1.67 7.87
N PHE A 115 3.37 -0.75 7.86
CA PHE A 115 4.69 -1.00 7.20
C PHE A 115 5.47 -2.06 8.00
N ASP A 116 6.04 -3.03 7.33
CA ASP A 116 6.80 -4.09 8.04
C ASP A 116 7.86 -4.69 7.10
N SER A 117 8.80 -3.86 6.67
CA SER A 117 9.87 -4.33 5.74
C SER A 117 10.43 -5.71 6.14
N ARG A 118 10.13 -6.21 7.30
CA ARG A 118 10.70 -7.53 7.67
C ARG A 118 10.17 -8.60 6.71
N LEU A 119 8.97 -8.42 6.20
CA LEU A 119 8.41 -9.40 5.25
C LEU A 119 9.28 -9.45 4.00
N ALA A 120 10.35 -8.70 3.97
CA ALA A 120 11.24 -8.71 2.78
C ALA A 120 12.02 -10.02 2.78
N PHE A 121 11.93 -10.77 3.86
CA PHE A 121 12.66 -12.08 3.94
C PHE A 121 11.73 -13.10 4.62
N HIS A 122 11.08 -12.70 5.68
CA HIS A 122 10.16 -13.64 6.38
C HIS A 122 8.89 -13.82 5.54
N HIS A 123 8.83 -14.88 4.78
CA HIS A 123 7.63 -15.11 3.94
C HIS A 123 6.46 -15.57 4.82
N MET A 124 5.69 -14.65 5.32
CA MET A 124 4.53 -15.01 6.19
C MET A 124 3.37 -15.45 5.30
N ALA A 125 3.03 -14.65 4.32
CA ALA A 125 1.88 -15.02 3.43
C ALA A 125 2.05 -16.47 2.97
N ARG A 126 3.25 -16.99 3.04
CA ARG A 126 3.50 -18.39 2.62
C ARG A 126 2.92 -19.35 3.66
N GLU A 127 3.13 -19.07 4.91
CA GLU A 127 2.60 -19.96 5.98
C GLU A 127 1.08 -19.85 6.07
N LEU A 128 0.52 -18.78 5.58
CA LEU A 128 -0.97 -18.63 5.64
C LEU A 128 -1.63 -19.49 4.57
N HIS A 129 -1.51 -19.12 3.32
CA HIS A 129 -2.17 -19.92 2.24
C HIS A 129 -1.32 -19.87 0.96
N PRO A 130 -0.38 -20.77 0.80
CA PRO A 130 0.50 -20.80 -0.41
C PRO A 130 -0.14 -21.57 -1.56
N GLU A 131 -1.14 -22.38 -1.28
CA GLU A 131 -1.80 -23.16 -2.36
C GLU A 131 -2.29 -22.23 -3.47
N TYR A 132 -2.19 -20.95 -3.28
CA TYR A 132 -2.65 -20.00 -4.32
C TYR A 132 -1.59 -19.91 -5.43
N PHE A 133 -0.34 -19.89 -5.07
CA PHE A 133 0.73 -19.81 -6.11
C PHE A 133 1.15 -21.22 -6.53
N LYS A 134 2.41 -21.53 -6.43
CA LYS A 134 2.88 -22.90 -6.82
C LYS A 134 2.08 -23.94 -6.04
N ASN A 135 1.50 -24.89 -6.72
CA ASN A 135 0.70 -25.94 -6.03
C ASN A 135 1.64 -26.88 -5.27
N ALA A 136 1.91 -28.04 -5.82
CA ALA A 136 2.81 -28.99 -5.14
C ALA A 136 4.26 -28.62 -5.44
N ALA A 1 -2.15 18.06 -0.89
CA ALA A 1 -1.04 17.62 -1.79
C ALA A 1 -0.01 16.83 -0.98
N TRP A 2 -0.39 15.70 -0.48
CA TRP A 2 0.57 14.88 0.32
C TRP A 2 1.61 14.23 -0.61
N LEU A 3 1.16 13.49 -1.59
CA LEU A 3 2.14 12.83 -2.52
C LEU A 3 2.64 13.87 -3.53
N GLU A 4 1.79 14.77 -3.95
CA GLU A 4 2.22 15.80 -4.94
C GLU A 4 3.13 16.82 -4.25
N ALA A 5 2.76 18.07 -4.26
CA ALA A 5 3.61 19.10 -3.60
C ALA A 5 3.58 18.91 -2.08
N GLN A 6 4.67 18.50 -1.50
CA GLN A 6 4.71 18.31 -0.02
C GLN A 6 4.68 19.68 0.65
N GLU A 7 5.82 20.31 0.79
CA GLU A 7 5.84 21.66 1.43
C GLU A 7 5.60 22.72 0.36
N GLU A 8 6.41 23.74 0.29
CA GLU A 8 6.20 24.80 -0.74
C GLU A 8 6.99 24.44 -2.00
N GLU A 9 7.83 23.44 -1.93
CA GLU A 9 8.61 23.04 -3.14
C GLU A 9 7.65 22.58 -4.24
N GLU A 10 7.01 23.50 -4.91
CA GLU A 10 6.07 23.12 -5.98
C GLU A 10 6.78 22.18 -6.97
N VAL A 11 6.14 21.12 -7.37
CA VAL A 11 6.78 20.17 -8.32
C VAL A 11 6.67 20.72 -9.74
N GLY A 12 7.16 21.91 -9.97
CA GLY A 12 7.08 22.50 -11.33
C GLY A 12 7.95 21.71 -12.30
N PHE A 13 8.49 20.60 -11.86
CA PHE A 13 9.35 19.78 -12.76
C PHE A 13 9.26 18.31 -12.34
N PRO A 14 8.14 17.69 -12.60
CA PRO A 14 7.90 16.27 -12.25
C PRO A 14 8.42 15.32 -13.34
N VAL A 15 8.09 14.06 -13.24
CA VAL A 15 8.55 13.08 -14.27
C VAL A 15 7.60 13.15 -15.48
N THR A 16 7.97 12.54 -16.57
CA THR A 16 7.09 12.56 -17.77
C THR A 16 6.04 11.44 -17.64
N PRO A 17 4.89 11.57 -18.27
CA PRO A 17 3.82 10.52 -18.21
C PRO A 17 4.35 9.11 -18.52
N GLN A 18 3.46 8.22 -18.88
CA GLN A 18 3.84 6.81 -19.20
C GLN A 18 5.24 6.70 -19.80
N VAL A 19 6.20 6.41 -18.97
CA VAL A 19 7.60 6.24 -19.45
C VAL A 19 7.76 4.75 -19.82
N PRO A 20 8.78 4.36 -20.57
CA PRO A 20 8.96 2.93 -20.95
C PRO A 20 8.60 1.98 -19.80
N LEU A 21 7.63 1.13 -20.03
CA LEU A 21 7.19 0.19 -18.96
C LEU A 21 8.34 -0.75 -18.58
N ARG A 22 9.04 -0.44 -17.52
CA ARG A 22 10.16 -1.31 -17.07
C ARG A 22 9.58 -2.44 -16.20
N PRO A 23 10.20 -3.59 -16.16
CA PRO A 23 9.70 -4.74 -15.34
C PRO A 23 9.88 -4.52 -13.85
N MET A 24 8.81 -4.53 -13.10
CA MET A 24 8.92 -4.32 -11.62
C MET A 24 9.66 -5.50 -10.99
N THR A 25 10.79 -5.24 -10.37
CA THR A 25 11.58 -6.35 -9.75
C THR A 25 11.14 -6.61 -8.32
N TYR A 26 11.24 -7.84 -7.88
CA TYR A 26 10.87 -8.14 -6.47
C TYR A 26 11.66 -7.15 -5.63
N LYS A 27 12.89 -6.96 -5.99
CA LYS A 27 13.75 -5.99 -5.28
C LYS A 27 13.12 -4.61 -5.45
N ALA A 28 12.43 -4.38 -6.55
CA ALA A 28 11.81 -3.04 -6.74
C ALA A 28 10.74 -2.80 -5.68
N ALA A 29 9.98 -3.82 -5.35
CA ALA A 29 8.91 -3.65 -4.32
C ALA A 29 9.55 -3.27 -2.97
N VAL A 30 10.53 -4.00 -2.53
CA VAL A 30 11.17 -3.67 -1.23
C VAL A 30 11.82 -2.29 -1.32
N ASP A 31 12.47 -2.00 -2.41
CA ASP A 31 13.10 -0.67 -2.56
C ASP A 31 11.99 0.39 -2.53
N LEU A 32 10.91 0.13 -3.21
CA LEU A 32 9.79 1.10 -3.23
C LEU A 32 9.26 1.29 -1.81
N SER A 33 9.07 0.22 -1.08
CA SER A 33 8.55 0.37 0.31
C SER A 33 9.40 1.38 1.06
N HIS A 34 10.69 1.29 0.95
CA HIS A 34 11.58 2.26 1.66
C HIS A 34 11.57 3.61 0.96
N PHE A 35 11.48 3.62 -0.34
CA PHE A 35 11.47 4.93 -1.05
C PHE A 35 10.31 5.77 -0.52
N LEU A 36 9.11 5.25 -0.60
CA LEU A 36 7.93 6.01 -0.10
C LEU A 36 8.09 6.27 1.41
N LYS A 37 8.78 5.40 2.11
CA LYS A 37 8.94 5.62 3.58
C LYS A 37 9.67 6.94 3.83
N GLU A 38 10.75 7.18 3.14
CA GLU A 38 11.52 8.44 3.34
C GLU A 38 10.75 9.63 2.78
N LYS A 39 10.30 9.55 1.55
CA LYS A 39 9.57 10.70 0.95
C LYS A 39 8.12 10.74 1.45
N GLY A 40 7.26 9.89 0.94
CA GLY A 40 5.84 9.89 1.37
C GLY A 40 5.61 8.87 2.48
N GLY A 41 5.83 9.24 3.71
CA GLY A 41 5.62 8.27 4.82
C GLY A 41 4.24 7.61 4.68
N LEU A 42 4.16 6.50 4.00
CA LEU A 42 2.84 5.82 3.83
C LEU A 42 2.53 5.04 5.12
N GLU A 43 3.54 4.63 5.83
CA GLU A 43 3.31 3.86 7.09
C GLU A 43 2.30 4.59 7.98
N GLY A 44 1.60 3.84 8.77
CA GLY A 44 0.61 4.43 9.71
C GLY A 44 -0.38 5.34 8.98
N LEU A 45 -0.27 5.49 7.69
CA LEU A 45 -1.24 6.38 6.98
C LEU A 45 -2.60 5.67 6.88
N ILE A 46 -3.60 6.19 7.52
CA ILE A 46 -4.93 5.53 7.49
C ILE A 46 -5.49 5.51 6.06
N HIS A 47 -5.48 4.34 5.44
CA HIS A 47 -6.02 4.18 4.07
C HIS A 47 -7.54 4.38 4.10
N SER A 48 -8.01 5.50 3.62
CA SER A 48 -9.48 5.76 3.59
C SER A 48 -10.11 4.86 2.53
N GLN A 49 -10.28 5.36 1.33
CA GLN A 49 -10.89 4.55 0.23
C GLN A 49 -10.23 4.92 -1.09
N ARG A 50 -10.33 6.16 -1.49
CA ARG A 50 -9.71 6.58 -2.78
C ARG A 50 -8.21 6.77 -2.61
N ARG A 51 -7.75 6.93 -1.40
CA ARG A 51 -6.28 7.12 -1.18
C ARG A 51 -5.53 5.96 -1.86
N GLN A 52 -6.18 4.84 -2.06
CA GLN A 52 -5.50 3.70 -2.71
C GLN A 52 -5.14 4.07 -4.16
N ASP A 53 -6.07 4.62 -4.89
CA ASP A 53 -5.79 4.99 -6.30
C ASP A 53 -4.61 5.97 -6.35
N ILE A 54 -4.65 7.02 -5.58
CA ILE A 54 -3.54 8.02 -5.59
C ILE A 54 -2.19 7.30 -5.56
N LEU A 55 -2.01 6.41 -4.62
CA LEU A 55 -0.71 5.67 -4.55
C LEU A 55 -0.37 5.12 -5.94
N ASP A 56 -1.18 4.22 -6.44
CA ASP A 56 -0.91 3.63 -7.78
C ASP A 56 -0.79 4.76 -8.82
N LEU A 57 -1.59 5.78 -8.71
CA LEU A 57 -1.52 6.89 -9.70
C LEU A 57 -0.15 7.56 -9.62
N TRP A 58 0.22 8.05 -8.46
CA TRP A 58 1.54 8.71 -8.33
C TRP A 58 2.61 7.77 -8.87
N ILE A 59 2.55 6.50 -8.52
CA ILE A 59 3.55 5.54 -9.03
C ILE A 59 3.50 5.52 -10.56
N TYR A 60 2.33 5.67 -11.13
CA TYR A 60 2.21 5.65 -12.62
C TYR A 60 2.89 6.87 -13.24
N HIS A 61 2.42 8.06 -12.93
CA HIS A 61 3.03 9.29 -13.53
C HIS A 61 4.52 9.40 -13.12
N THR A 62 5.03 8.49 -12.34
CA THR A 62 6.47 8.58 -11.93
C THR A 62 7.33 7.65 -12.79
N GLN A 63 7.62 6.46 -12.33
CA GLN A 63 8.47 5.52 -13.12
C GLN A 63 7.60 4.80 -14.16
N GLY A 64 6.30 4.96 -14.08
CA GLY A 64 5.41 4.30 -15.07
C GLY A 64 5.32 2.78 -14.82
N TYR A 65 5.39 2.35 -13.59
CA TYR A 65 5.27 0.89 -13.33
C TYR A 65 3.82 0.51 -13.54
N PHE A 66 3.56 -0.56 -14.25
CA PHE A 66 2.15 -0.96 -14.48
C PHE A 66 1.57 -1.53 -13.17
N PRO A 67 0.36 -1.14 -12.79
CA PRO A 67 -0.25 -1.64 -11.53
C PRO A 67 -0.85 -3.05 -11.68
N ASP A 68 -0.12 -4.04 -11.25
CA ASP A 68 -0.62 -5.44 -11.33
C ASP A 68 0.08 -6.26 -10.26
N TRP A 69 0.64 -5.60 -9.28
CA TRP A 69 1.37 -6.29 -8.18
C TRP A 69 0.63 -6.08 -6.87
N GLN A 70 -0.19 -5.08 -6.83
CA GLN A 70 -0.97 -4.78 -5.60
C GLN A 70 -2.11 -5.79 -5.47
N ASN A 71 -1.98 -6.72 -4.56
CA ASN A 71 -3.06 -7.74 -4.38
C ASN A 71 -3.10 -8.17 -2.91
N TYR A 72 -4.15 -8.83 -2.51
CA TYR A 72 -4.26 -9.28 -1.08
C TYR A 72 -5.33 -10.36 -0.99
N THR A 73 -5.49 -10.96 0.16
CA THR A 73 -6.52 -12.03 0.29
C THR A 73 -7.92 -11.41 0.10
N PRO A 74 -8.85 -12.10 -0.51
CA PRO A 74 -10.23 -11.57 -0.71
C PRO A 74 -11.10 -11.72 0.54
N GLY A 75 -11.33 -10.65 1.26
CA GLY A 75 -12.17 -10.74 2.48
C GLY A 75 -11.92 -9.53 3.39
N PRO A 76 -12.80 -9.30 4.33
CA PRO A 76 -12.68 -8.15 5.28
C PRO A 76 -11.60 -8.40 6.36
N GLY A 77 -11.57 -7.57 7.37
CA GLY A 77 -10.56 -7.75 8.45
C GLY A 77 -9.15 -7.51 7.89
N ILE A 78 -8.14 -7.89 8.63
CA ILE A 78 -6.74 -7.69 8.15
C ILE A 78 -6.63 -8.14 6.70
N ARG A 79 -5.53 -7.83 6.05
CA ARG A 79 -5.34 -8.24 4.63
C ARG A 79 -3.85 -8.33 4.32
N TYR A 80 -3.33 -9.51 4.16
CA TYR A 80 -1.88 -9.68 3.84
C TYR A 80 -1.70 -9.61 2.31
N PRO A 81 -0.56 -9.14 1.84
CA PRO A 81 -0.29 -9.03 0.38
C PRO A 81 0.06 -10.39 -0.25
N LEU A 82 -0.66 -10.80 -1.26
CA LEU A 82 -0.35 -12.11 -1.91
C LEU A 82 1.05 -12.06 -2.52
N THR A 83 1.36 -11.02 -3.26
CA THR A 83 2.71 -10.92 -3.87
C THR A 83 3.76 -10.74 -2.77
N PHE A 84 4.97 -11.15 -3.03
CA PHE A 84 6.07 -11.02 -2.03
C PHE A 84 6.91 -9.79 -2.35
N GLY A 85 7.67 -9.32 -1.39
CA GLY A 85 8.53 -8.11 -1.64
C GLY A 85 7.81 -6.87 -1.11
N TRP A 86 6.53 -6.79 -1.31
CA TRP A 86 5.77 -5.61 -0.81
C TRP A 86 5.57 -5.75 0.70
N CYS A 87 6.43 -5.13 1.46
CA CYS A 87 6.35 -5.24 2.94
C CYS A 87 5.24 -4.34 3.49
N TYR A 88 4.10 -4.32 2.85
CA TYR A 88 2.98 -3.46 3.34
C TYR A 88 1.73 -4.32 3.54
N LYS A 89 1.20 -4.33 4.73
CA LYS A 89 -0.03 -5.13 5.03
C LYS A 89 -1.04 -4.22 5.73
N LEU A 90 -2.27 -4.21 5.28
CA LEU A 90 -3.28 -3.34 5.93
C LEU A 90 -3.76 -3.99 7.25
N VAL A 91 -4.24 -3.18 8.16
CA VAL A 91 -4.70 -3.72 9.48
C VAL A 91 -5.66 -2.71 10.13
N PRO A 92 -6.84 -3.13 10.56
CA PRO A 92 -7.79 -2.19 11.22
C PRO A 92 -7.39 -1.95 12.69
N VAL A 93 -7.48 -0.73 13.15
CA VAL A 93 -7.09 -0.44 14.55
C VAL A 93 -8.26 -0.77 15.48
N GLU A 94 -8.55 0.10 16.38
CA GLU A 94 -9.68 -0.13 17.33
C GLU A 94 -11.01 -0.01 16.58
N PRO A 95 -12.04 -0.71 17.02
CA PRO A 95 -13.38 -0.65 16.37
C PRO A 95 -14.10 0.66 16.67
N GLU A 96 -15.40 0.70 16.51
CA GLU A 96 -16.13 1.97 16.80
C GLU A 96 -15.88 2.36 18.26
N LYS A 97 -15.32 3.52 18.48
CA LYS A 97 -15.04 3.96 19.88
C LYS A 97 -16.30 4.59 20.47
N LEU A 98 -16.20 5.82 20.89
CA LEU A 98 -17.38 6.51 21.48
C LEU A 98 -18.25 7.10 20.36
N GLU A 99 -19.22 7.91 20.72
CA GLU A 99 -20.10 8.52 19.68
C GLU A 99 -20.86 9.69 20.30
N GLU A 100 -20.56 10.89 19.87
CA GLU A 100 -21.26 12.08 20.45
C GLU A 100 -21.02 13.30 19.56
N ALA A 101 -19.83 13.45 19.04
CA ALA A 101 -19.54 14.62 18.17
C ALA A 101 -20.24 14.44 16.82
N ASN A 102 -19.73 15.08 15.80
CA ASN A 102 -20.36 14.95 14.45
C ASN A 102 -19.45 15.58 13.41
N LYS A 103 -18.29 15.00 13.20
CA LYS A 103 -17.35 15.57 12.19
C LYS A 103 -17.92 15.38 10.78
N ASP A 104 -17.19 15.77 9.78
CA ASP A 104 -17.69 15.61 8.38
C ASP A 104 -17.18 14.28 7.82
N ASP A 105 -17.15 13.25 8.64
CA ASP A 105 -16.66 11.92 8.16
C ASP A 105 -17.31 10.82 9.00
N PRO A 106 -17.45 9.62 8.47
CA PRO A 106 -18.07 8.48 9.21
C PRO A 106 -17.14 7.90 10.28
N GLU A 107 -17.67 7.60 11.43
CA GLU A 107 -16.82 7.03 12.52
C GLU A 107 -16.62 5.54 12.26
N ARG A 108 -16.54 5.14 11.03
CA ARG A 108 -16.36 3.70 10.71
C ARG A 108 -14.89 3.32 10.92
N GLU A 109 -14.60 2.06 11.09
CA GLU A 109 -13.19 1.64 11.31
C GLU A 109 -12.43 1.70 9.97
N VAL A 110 -11.49 2.60 9.86
CA VAL A 110 -10.71 2.73 8.60
C VAL A 110 -9.50 1.79 8.67
N LEU A 111 -8.79 1.62 7.58
CA LEU A 111 -7.60 0.69 7.59
C LEU A 111 -6.31 1.47 7.34
N GLU A 112 -5.23 1.09 7.98
CA GLU A 112 -3.91 1.80 7.80
C GLU A 112 -2.85 0.86 7.24
N TRP A 113 -1.97 1.40 6.42
CA TRP A 113 -0.87 0.59 5.84
C TRP A 113 0.18 0.33 6.92
N ARG A 114 0.35 -0.90 7.34
CA ARG A 114 1.37 -1.19 8.39
C ARG A 114 2.69 -1.57 7.71
N PHE A 115 3.62 -0.65 7.67
CA PHE A 115 4.93 -0.94 7.02
C PHE A 115 5.69 -2.00 7.82
N ASP A 116 6.30 -2.95 7.15
CA ASP A 116 7.04 -4.02 7.87
C ASP A 116 8.13 -4.60 6.96
N SER A 117 9.16 -3.82 6.67
CA SER A 117 10.25 -4.32 5.78
C SER A 117 10.71 -5.72 6.21
N ARG A 118 10.25 -6.18 7.35
CA ARG A 118 10.67 -7.52 7.82
C ARG A 118 10.20 -8.59 6.83
N LEU A 119 9.03 -8.41 6.27
CA LEU A 119 8.52 -9.39 5.28
C LEU A 119 9.47 -9.45 4.09
N ALA A 120 10.53 -8.69 4.12
CA ALA A 120 11.49 -8.71 2.99
C ALA A 120 12.28 -10.00 3.04
N PHE A 121 12.09 -10.77 4.09
CA PHE A 121 12.82 -12.07 4.22
C PHE A 121 11.88 -13.15 4.77
N HIS A 122 11.04 -12.79 5.71
CA HIS A 122 10.11 -13.78 6.30
C HIS A 122 8.99 -14.07 5.29
N HIS A 123 7.94 -14.72 5.71
CA HIS A 123 6.84 -15.03 4.75
C HIS A 123 5.58 -15.42 5.52
N MET A 124 5.07 -14.54 6.35
CA MET A 124 3.83 -14.86 7.12
C MET A 124 2.75 -15.35 6.16
N ALA A 125 2.58 -14.69 5.05
CA ALA A 125 1.54 -15.11 4.08
C ALA A 125 1.65 -16.62 3.82
N ARG A 126 2.84 -17.13 3.66
CA ARG A 126 3.00 -18.59 3.40
C ARG A 126 2.69 -19.36 4.68
N GLU A 127 2.89 -18.74 5.82
CA GLU A 127 2.58 -19.43 7.10
C GLU A 127 1.06 -19.59 7.20
N LEU A 128 0.34 -18.61 6.73
CA LEU A 128 -1.15 -18.69 6.78
C LEU A 128 -1.63 -19.60 5.64
N HIS A 129 -1.43 -19.19 4.41
CA HIS A 129 -1.89 -20.01 3.25
C HIS A 129 -0.95 -19.79 2.04
N PRO A 130 -0.86 -20.73 1.12
CA PRO A 130 0.00 -20.61 -0.10
C PRO A 130 -0.09 -19.26 -0.84
N GLU A 131 -0.36 -19.29 -2.13
CA GLU A 131 -0.46 -18.02 -2.94
C GLU A 131 -1.85 -17.89 -3.57
N TYR A 132 -2.04 -18.52 -4.71
CA TYR A 132 -3.36 -18.46 -5.42
C TYR A 132 -4.27 -19.54 -4.86
N PHE A 133 -4.47 -19.54 -3.60
CA PHE A 133 -5.34 -20.58 -2.98
C PHE A 133 -6.82 -20.23 -3.18
N LYS A 134 -7.24 -20.09 -4.40
CA LYS A 134 -8.67 -19.75 -4.66
C LYS A 134 -9.57 -20.65 -3.81
N ASN A 135 -9.29 -21.93 -3.80
CA ASN A 135 -10.12 -22.86 -2.98
C ASN A 135 -9.95 -22.52 -1.50
N ALA A 136 -10.99 -22.60 -0.72
CA ALA A 136 -10.88 -22.27 0.72
C ALA A 136 -12.01 -22.94 1.49
N ALA A 1 1.75 15.81 -6.13
CA ALA A 1 0.38 15.39 -5.71
C ALA A 1 0.47 14.06 -4.95
N TRP A 2 1.62 13.72 -4.46
CA TRP A 2 1.76 12.44 -3.71
C TRP A 2 1.04 12.58 -2.36
N LEU A 3 1.71 13.08 -1.36
CA LEU A 3 1.06 13.25 -0.03
C LEU A 3 0.27 14.57 -0.02
N GLU A 4 -0.77 14.66 -0.79
CA GLU A 4 -1.56 15.93 -0.83
C GLU A 4 -2.38 16.04 0.46
N ALA A 5 -2.00 15.34 1.48
CA ALA A 5 -2.77 15.43 2.76
C ALA A 5 -2.52 16.79 3.40
N GLN A 6 -1.74 17.61 2.74
CA GLN A 6 -1.43 18.98 3.26
C GLN A 6 -2.07 20.02 2.34
N GLU A 7 -1.40 20.36 1.28
CA GLU A 7 -1.96 21.38 0.33
C GLU A 7 -1.23 21.29 -1.00
N GLU A 8 -0.04 21.82 -1.08
CA GLU A 8 0.72 21.75 -2.37
C GLU A 8 2.17 22.21 -2.15
N GLU A 9 2.45 22.87 -1.06
CA GLU A 9 3.84 23.32 -0.81
C GLU A 9 4.80 22.13 -0.88
N GLU A 10 4.27 20.93 -0.89
CA GLU A 10 5.15 19.72 -0.95
C GLU A 10 5.34 19.31 -2.41
N VAL A 11 5.08 20.20 -3.33
CA VAL A 11 5.25 19.88 -4.78
C VAL A 11 5.60 21.16 -5.54
N GLY A 12 6.77 21.23 -6.11
CA GLY A 12 7.18 22.46 -6.87
C GLY A 12 6.87 22.27 -8.36
N PHE A 13 7.08 21.11 -8.88
CA PHE A 13 6.81 20.86 -10.33
C PHE A 13 6.49 19.37 -10.53
N PRO A 14 5.68 19.03 -11.51
CA PRO A 14 5.31 17.61 -11.77
C PRO A 14 6.51 16.83 -12.33
N VAL A 15 6.54 15.55 -12.10
CA VAL A 15 7.68 14.73 -12.61
C VAL A 15 7.44 14.38 -14.07
N THR A 16 8.14 13.40 -14.58
CA THR A 16 7.96 13.02 -16.01
C THR A 16 6.79 12.03 -16.14
N PRO A 17 6.08 12.02 -17.25
CA PRO A 17 4.92 11.10 -17.47
C PRO A 17 5.38 9.67 -17.78
N GLN A 18 4.53 8.88 -18.37
CA GLN A 18 4.89 7.48 -18.68
C GLN A 18 6.19 7.42 -19.49
N VAL A 19 7.27 7.16 -18.81
CA VAL A 19 8.61 7.06 -19.49
C VAL A 19 8.74 5.60 -19.99
N PRO A 20 9.83 5.20 -20.62
CA PRO A 20 9.95 3.80 -21.11
C PRO A 20 9.49 2.79 -20.05
N LEU A 21 8.59 1.92 -20.42
CA LEU A 21 8.05 0.92 -19.45
C LEU A 21 9.15 0.01 -18.91
N ARG A 22 9.64 0.30 -17.73
CA ARG A 22 10.71 -0.56 -17.14
C ARG A 22 10.03 -1.75 -16.43
N PRO A 23 10.69 -2.88 -16.33
CA PRO A 23 10.12 -4.08 -15.66
C PRO A 23 10.19 -3.98 -14.13
N MET A 24 9.08 -4.14 -13.44
CA MET A 24 9.10 -4.07 -11.96
C MET A 24 9.90 -5.25 -11.41
N THR A 25 10.50 -5.11 -10.26
CA THR A 25 11.30 -6.23 -9.67
C THR A 25 10.93 -6.44 -8.21
N TYR A 26 10.96 -7.68 -7.76
CA TYR A 26 10.64 -7.94 -6.32
C TYR A 26 11.53 -6.97 -5.53
N LYS A 27 12.75 -6.86 -5.95
CA LYS A 27 13.68 -5.92 -5.30
C LYS A 27 13.11 -4.51 -5.46
N ALA A 28 12.43 -4.24 -6.55
CA ALA A 28 11.86 -2.87 -6.71
C ALA A 28 10.80 -2.62 -5.63
N ALA A 29 10.03 -3.63 -5.32
CA ALA A 29 8.98 -3.45 -4.27
C ALA A 29 9.64 -3.11 -2.93
N VAL A 30 10.61 -3.88 -2.53
CA VAL A 30 11.29 -3.60 -1.22
C VAL A 30 12.00 -2.25 -1.33
N ASP A 31 12.74 -2.02 -2.37
CA ASP A 31 13.42 -0.71 -2.50
C ASP A 31 12.34 0.36 -2.54
N LEU A 32 11.30 0.13 -3.29
CA LEU A 32 10.19 1.11 -3.37
C LEU A 32 9.58 1.27 -1.98
N SER A 33 9.33 0.19 -1.29
CA SER A 33 8.74 0.30 0.07
C SER A 33 9.56 1.28 0.90
N HIS A 34 10.87 1.19 0.84
CA HIS A 34 11.72 2.11 1.63
C HIS A 34 11.69 3.51 1.03
N PHE A 35 11.62 3.62 -0.27
CA PHE A 35 11.59 4.98 -0.88
C PHE A 35 10.41 5.75 -0.28
N LEU A 36 9.23 5.26 -0.44
CA LEU A 36 8.03 5.94 0.12
C LEU A 36 8.15 6.02 1.65
N LYS A 37 8.82 5.09 2.28
CA LYS A 37 8.93 5.14 3.76
C LYS A 37 9.70 6.39 4.18
N GLU A 38 10.86 6.59 3.62
CA GLU A 38 11.68 7.78 4.00
C GLU A 38 11.05 9.07 3.45
N LYS A 39 10.98 9.20 2.16
CA LYS A 39 10.42 10.45 1.56
C LYS A 39 8.89 10.49 1.66
N GLY A 40 8.27 9.40 2.01
CA GLY A 40 6.77 9.38 2.12
C GLY A 40 6.34 8.87 3.49
N GLY A 41 5.11 9.09 3.87
CA GLY A 41 4.60 8.62 5.19
C GLY A 41 3.34 7.79 4.99
N LEU A 42 3.46 6.70 4.27
CA LEU A 42 2.26 5.84 4.04
C LEU A 42 2.03 4.98 5.29
N GLU A 43 3.09 4.60 5.95
CA GLU A 43 2.94 3.77 7.18
C GLU A 43 1.93 4.43 8.12
N GLY A 44 1.23 3.63 8.86
CA GLY A 44 0.24 4.16 9.83
C GLY A 44 -0.74 5.13 9.16
N LEU A 45 -0.63 5.35 7.88
CA LEU A 45 -1.57 6.29 7.21
C LEU A 45 -2.93 5.58 7.07
N ILE A 46 -3.94 6.07 7.73
CA ILE A 46 -5.27 5.42 7.64
C ILE A 46 -5.78 5.43 6.19
N HIS A 47 -5.68 4.30 5.53
CA HIS A 47 -6.15 4.18 4.12
C HIS A 47 -7.66 4.36 4.05
N SER A 48 -8.11 5.49 3.57
CA SER A 48 -9.57 5.73 3.44
C SER A 48 -10.14 4.79 2.37
N GLN A 49 -10.34 5.30 1.18
CA GLN A 49 -10.88 4.45 0.07
C GLN A 49 -10.22 4.88 -1.25
N ARG A 50 -10.17 6.16 -1.50
CA ARG A 50 -9.56 6.66 -2.76
C ARG A 50 -8.05 6.84 -2.58
N ARG A 51 -7.59 6.89 -1.36
CA ARG A 51 -6.13 7.08 -1.12
C ARG A 51 -5.34 6.01 -1.88
N GLN A 52 -5.92 4.86 -2.11
CA GLN A 52 -5.19 3.80 -2.85
C GLN A 52 -4.91 4.29 -4.28
N ASP A 53 -5.87 4.93 -4.89
CA ASP A 53 -5.65 5.43 -6.28
C ASP A 53 -4.45 6.37 -6.30
N ILE A 54 -4.41 7.32 -5.40
CA ILE A 54 -3.26 8.28 -5.37
C ILE A 54 -1.95 7.48 -5.41
N LEU A 55 -1.72 6.66 -4.42
CA LEU A 55 -0.47 5.86 -4.41
C LEU A 55 -0.29 5.14 -5.75
N ASP A 56 -1.16 4.20 -6.05
CA ASP A 56 -1.04 3.46 -7.34
C ASP A 56 -0.92 4.44 -8.51
N LEU A 57 -1.81 5.39 -8.60
CA LEU A 57 -1.74 6.37 -9.73
C LEU A 57 -0.42 7.14 -9.65
N TRP A 58 -0.03 7.56 -8.49
CA TRP A 58 1.25 8.31 -8.38
C TRP A 58 2.36 7.49 -9.05
N ILE A 59 2.45 6.23 -8.75
CA ILE A 59 3.50 5.40 -9.40
C ILE A 59 3.29 5.44 -10.93
N TYR A 60 2.10 5.75 -11.36
CA TYR A 60 1.83 5.79 -12.82
C TYR A 60 2.57 6.95 -13.48
N HIS A 61 2.15 8.16 -13.26
CA HIS A 61 2.80 9.34 -13.91
C HIS A 61 4.23 9.55 -13.39
N THR A 62 4.82 8.57 -12.76
CA THR A 62 6.22 8.75 -12.24
C THR A 62 7.20 8.22 -13.29
N GLN A 63 7.74 7.04 -13.13
CA GLN A 63 8.68 6.53 -14.14
C GLN A 63 7.88 5.86 -15.25
N GLY A 64 8.07 4.59 -15.42
CA GLY A 64 7.35 3.81 -16.49
C GLY A 64 6.59 2.65 -15.83
N TYR A 65 6.60 2.58 -14.53
CA TYR A 65 5.90 1.44 -13.87
C TYR A 65 4.39 1.63 -13.92
N PHE A 66 3.68 0.53 -13.93
CA PHE A 66 2.18 0.56 -13.98
C PHE A 66 1.66 -0.35 -12.87
N PRO A 67 0.49 -0.08 -12.35
CA PRO A 67 -0.10 -0.91 -11.26
C PRO A 67 -0.51 -2.31 -11.73
N ASP A 68 0.28 -3.27 -11.40
CA ASP A 68 -0.02 -4.68 -11.78
C ASP A 68 0.66 -5.57 -10.76
N TRP A 69 0.94 -4.99 -9.60
CA TRP A 69 1.62 -5.74 -8.51
C TRP A 69 0.87 -5.50 -7.20
N GLN A 70 0.16 -4.43 -7.14
CA GLN A 70 -0.60 -4.10 -5.91
C GLN A 70 -1.82 -5.03 -5.82
N ASN A 71 -1.73 -6.07 -5.04
CA ASN A 71 -2.86 -7.04 -4.92
C ASN A 71 -3.02 -7.42 -3.45
N TYR A 72 -4.11 -8.06 -3.11
CA TYR A 72 -4.34 -8.45 -1.68
C TYR A 72 -5.41 -9.55 -1.65
N THR A 73 -5.39 -10.37 -0.64
CA THR A 73 -6.41 -11.45 -0.56
C THR A 73 -7.81 -10.84 -0.38
N PRO A 74 -8.85 -11.46 -0.91
CA PRO A 74 -10.24 -10.95 -0.78
C PRO A 74 -10.80 -11.22 0.62
N GLY A 75 -11.00 -10.20 1.42
CA GLY A 75 -11.54 -10.42 2.79
C GLY A 75 -11.44 -9.12 3.60
N PRO A 76 -12.55 -8.48 3.94
CA PRO A 76 -12.52 -7.21 4.72
C PRO A 76 -11.57 -7.31 5.94
N GLY A 77 -11.42 -6.23 6.66
CA GLY A 77 -10.51 -6.26 7.85
C GLY A 77 -9.06 -6.34 7.37
N ILE A 78 -8.26 -7.11 8.05
CA ILE A 78 -6.82 -7.23 7.64
C ILE A 78 -6.74 -7.65 6.17
N ARG A 79 -5.56 -7.61 5.61
CA ARG A 79 -5.40 -8.01 4.18
C ARG A 79 -3.91 -8.14 3.88
N TYR A 80 -3.45 -9.32 3.58
CA TYR A 80 -2.01 -9.52 3.29
C TYR A 80 -1.75 -9.24 1.79
N PRO A 81 -0.58 -8.75 1.45
CA PRO A 81 -0.22 -8.47 0.03
C PRO A 81 0.14 -9.76 -0.70
N LEU A 82 -0.47 -10.05 -1.81
CA LEU A 82 -0.12 -11.31 -2.53
C LEU A 82 1.36 -11.28 -2.87
N THR A 83 1.88 -10.14 -3.25
CA THR A 83 3.33 -10.05 -3.58
C THR A 83 4.14 -10.22 -2.28
N PHE A 84 5.41 -10.49 -2.41
CA PHE A 84 6.28 -10.68 -1.21
C PHE A 84 7.07 -9.41 -0.95
N GLY A 85 7.92 -9.08 -1.86
CA GLY A 85 8.79 -7.86 -1.72
C GLY A 85 7.97 -6.70 -1.16
N TRP A 86 6.70 -6.64 -1.44
CA TRP A 86 5.87 -5.52 -0.90
C TRP A 86 5.57 -5.79 0.57
N CYS A 87 6.34 -5.19 1.44
CA CYS A 87 6.15 -5.41 2.90
C CYS A 87 5.08 -4.49 3.47
N TYR A 88 3.95 -4.40 2.84
CA TYR A 88 2.85 -3.52 3.36
C TYR A 88 1.59 -4.36 3.62
N LYS A 89 1.08 -4.30 4.83
CA LYS A 89 -0.15 -5.11 5.18
C LYS A 89 -1.19 -4.19 5.82
N LEU A 90 -2.39 -4.20 5.33
CA LEU A 90 -3.45 -3.34 5.93
C LEU A 90 -3.95 -3.99 7.22
N VAL A 91 -4.36 -3.19 8.18
CA VAL A 91 -4.84 -3.75 9.48
C VAL A 91 -5.71 -2.68 10.16
N PRO A 92 -6.92 -3.00 10.61
CA PRO A 92 -7.80 -2.00 11.28
C PRO A 92 -7.37 -1.73 12.74
N VAL A 93 -6.50 -0.78 12.94
CA VAL A 93 -6.04 -0.46 14.33
C VAL A 93 -7.00 0.57 14.95
N GLU A 94 -8.06 0.84 14.26
CA GLU A 94 -9.05 1.83 14.77
C GLU A 94 -9.83 1.21 15.95
N PRO A 95 -9.98 1.91 17.06
CA PRO A 95 -10.73 1.37 18.24
C PRO A 95 -12.04 0.68 17.81
N GLU A 96 -12.73 0.08 18.74
CA GLU A 96 -14.01 -0.60 18.41
C GLU A 96 -14.99 0.44 17.86
N LYS A 97 -16.14 0.57 18.47
CA LYS A 97 -17.14 1.57 17.99
C LYS A 97 -16.80 2.94 18.57
N LEU A 98 -15.71 3.04 19.28
CA LEU A 98 -15.33 4.36 19.89
C LEU A 98 -14.58 5.19 18.84
N GLU A 99 -15.30 5.95 18.06
CA GLU A 99 -14.62 6.79 17.01
C GLU A 99 -15.58 7.86 16.50
N GLU A 100 -15.13 9.06 16.36
CA GLU A 100 -16.03 10.15 15.86
C GLU A 100 -15.18 11.35 15.43
N ALA A 101 -14.19 11.14 14.62
CA ALA A 101 -13.34 12.30 14.18
C ALA A 101 -14.24 13.41 13.63
N ASN A 102 -15.25 13.06 12.89
CA ASN A 102 -16.18 14.10 12.34
C ASN A 102 -17.51 13.43 11.97
N LYS A 103 -17.49 12.15 11.77
CA LYS A 103 -18.76 11.44 11.40
C LYS A 103 -18.62 9.95 11.78
N ASP A 104 -19.67 9.35 12.23
CA ASP A 104 -19.60 7.90 12.62
C ASP A 104 -19.95 7.02 11.42
N ASP A 105 -19.00 6.27 10.93
CA ASP A 105 -19.26 5.39 9.76
C ASP A 105 -19.86 4.06 10.24
N PRO A 106 -20.57 3.32 9.39
CA PRO A 106 -21.17 1.99 9.77
C PRO A 106 -20.16 1.05 10.46
N GLU A 107 -20.36 -0.23 10.35
CA GLU A 107 -19.43 -1.19 10.99
C GLU A 107 -18.15 -1.32 10.14
N ARG A 108 -18.12 -0.69 9.00
CA ARG A 108 -16.91 -0.78 8.13
C ARG A 108 -15.83 0.18 8.65
N GLU A 109 -14.90 -0.32 9.44
CA GLU A 109 -13.82 0.57 9.97
C GLU A 109 -12.82 0.88 8.86
N VAL A 110 -12.01 1.89 9.05
CA VAL A 110 -11.00 2.23 7.99
C VAL A 110 -9.72 1.42 8.26
N LEU A 111 -8.87 1.28 7.27
CA LEU A 111 -7.61 0.47 7.46
C LEU A 111 -6.36 1.35 7.28
N GLU A 112 -5.30 1.03 7.99
CA GLU A 112 -4.02 1.81 7.85
C GLU A 112 -2.94 0.91 7.27
N TRP A 113 -2.05 1.48 6.50
CA TRP A 113 -0.95 0.68 5.89
C TRP A 113 0.07 0.33 6.98
N ARG A 114 0.28 -0.94 7.23
CA ARG A 114 1.26 -1.34 8.28
C ARG A 114 2.59 -1.66 7.62
N PHE A 115 3.50 -0.71 7.60
CA PHE A 115 4.83 -0.96 6.97
C PHE A 115 5.62 -1.98 7.81
N ASP A 116 6.25 -2.92 7.17
CA ASP A 116 7.03 -3.95 7.92
C ASP A 116 8.14 -4.50 7.01
N SER A 117 8.99 -3.64 6.51
CA SER A 117 10.10 -4.09 5.62
C SER A 117 10.75 -5.37 6.18
N ARG A 118 10.49 -5.72 7.41
CA ARG A 118 11.10 -6.96 7.96
C ARG A 118 10.61 -8.14 7.13
N LEU A 119 9.42 -8.03 6.60
CA LEU A 119 8.87 -9.14 5.76
C LEU A 119 9.74 -9.28 4.52
N ALA A 120 10.75 -8.46 4.38
CA ALA A 120 11.65 -8.54 3.20
C ALA A 120 12.51 -9.78 3.31
N PHE A 121 12.33 -10.55 4.37
CA PHE A 121 13.14 -11.80 4.57
C PHE A 121 12.21 -12.95 4.93
N HIS A 122 11.05 -12.67 5.47
CA HIS A 122 10.11 -13.76 5.85
C HIS A 122 9.48 -14.37 4.58
N HIS A 123 8.30 -14.90 4.70
CA HIS A 123 7.63 -15.51 3.52
C HIS A 123 6.19 -15.87 3.87
N MET A 124 5.45 -14.94 4.41
CA MET A 124 4.04 -15.25 4.79
C MET A 124 3.14 -15.21 3.55
N ALA A 125 3.05 -14.08 2.91
CA ALA A 125 2.19 -13.97 1.70
C ALA A 125 2.53 -15.09 0.71
N ARG A 126 3.72 -15.61 0.78
CA ARG A 126 4.11 -16.70 -0.17
C ARG A 126 3.36 -17.98 0.19
N GLU A 127 3.21 -18.27 1.46
CA GLU A 127 2.49 -19.51 1.85
C GLU A 127 0.99 -19.37 1.54
N LEU A 128 0.51 -18.18 1.36
CA LEU A 128 -0.93 -17.99 1.06
C LEU A 128 -1.22 -18.34 -0.39
N HIS A 129 -0.79 -17.53 -1.32
CA HIS A 129 -1.07 -17.82 -2.77
C HIS A 129 0.10 -17.33 -3.64
N PRO A 130 1.15 -18.11 -3.74
CA PRO A 130 2.35 -17.75 -4.55
C PRO A 130 2.22 -18.22 -6.01
N GLU A 131 1.43 -19.25 -6.24
CA GLU A 131 1.28 -19.78 -7.62
C GLU A 131 0.46 -18.82 -8.48
N TYR A 132 -0.05 -17.77 -7.90
CA TYR A 132 -0.87 -16.81 -8.70
C TYR A 132 0.06 -15.93 -9.56
N PHE A 133 1.31 -16.27 -9.65
CA PHE A 133 2.26 -15.45 -10.47
C PHE A 133 3.32 -16.36 -11.09
N LYS A 134 4.46 -15.79 -11.45
CA LYS A 134 5.54 -16.60 -12.07
C LYS A 134 5.80 -17.86 -11.24
N ASN A 135 6.07 -18.96 -11.89
CA ASN A 135 6.33 -20.23 -11.16
C ASN A 135 7.50 -20.04 -10.19
N ALA A 136 7.97 -21.10 -9.59
CA ALA A 136 9.11 -20.99 -8.64
C ALA A 136 10.42 -20.97 -9.41
N ALA A 1 3.91 15.05 4.77
CA ALA A 1 2.99 16.19 4.50
C ALA A 1 2.63 16.22 3.02
N TRP A 2 2.98 15.20 2.30
CA TRP A 2 2.64 15.18 0.85
C TRP A 2 1.15 14.90 0.68
N LEU A 3 0.47 14.69 1.77
CA LEU A 3 -1.00 14.42 1.70
C LEU A 3 -1.75 15.75 1.63
N GLU A 4 -1.40 16.68 2.47
CA GLU A 4 -2.10 18.00 2.48
C GLU A 4 -1.67 18.83 1.27
N ALA A 5 -1.27 20.06 1.50
CA ALA A 5 -0.85 20.93 0.36
C ALA A 5 0.50 20.46 -0.19
N GLN A 6 0.64 20.45 -1.48
CA GLN A 6 1.93 20.01 -2.08
C GLN A 6 2.91 21.18 -2.10
N GLU A 7 3.35 21.62 -0.95
CA GLU A 7 4.30 22.76 -0.91
C GLU A 7 5.45 22.52 -1.90
N GLU A 8 5.59 21.32 -2.38
CA GLU A 8 6.69 21.04 -3.34
C GLU A 8 6.38 21.73 -4.69
N GLU A 9 7.06 22.80 -4.98
CA GLU A 9 6.81 23.51 -6.27
C GLU A 9 7.37 22.69 -7.42
N GLU A 10 6.55 21.86 -8.03
CA GLU A 10 7.04 21.05 -9.18
C GLU A 10 5.86 20.59 -10.03
N VAL A 11 4.76 20.35 -9.40
CA VAL A 11 3.54 19.90 -10.15
C VAL A 11 2.83 21.12 -10.74
N GLY A 12 3.51 21.85 -11.58
CA GLY A 12 2.89 23.06 -12.19
C GLY A 12 1.47 22.72 -12.69
N PHE A 13 1.35 21.69 -13.49
CA PHE A 13 0.02 21.31 -14.03
C PHE A 13 0.01 19.81 -14.37
N PRO A 14 -1.12 19.15 -14.27
CA PRO A 14 -1.21 17.69 -14.59
C PRO A 14 -0.37 17.33 -15.82
N VAL A 15 0.80 16.79 -15.61
CA VAL A 15 1.67 16.41 -16.75
C VAL A 15 1.21 15.06 -17.32
N THR A 16 1.54 14.76 -18.54
CA THR A 16 1.11 13.47 -19.15
C THR A 16 2.12 12.38 -18.74
N PRO A 17 1.67 11.25 -18.23
CA PRO A 17 2.59 10.16 -17.81
C PRO A 17 3.13 9.34 -19.01
N GLN A 18 4.32 9.65 -19.46
CA GLN A 18 4.91 8.89 -20.60
C GLN A 18 6.32 8.44 -20.22
N VAL A 19 6.44 7.24 -19.72
CA VAL A 19 7.79 6.71 -19.31
C VAL A 19 7.92 5.27 -19.85
N PRO A 20 9.13 4.81 -20.08
CA PRO A 20 9.36 3.42 -20.58
C PRO A 20 8.80 2.39 -19.60
N LEU A 21 7.84 1.59 -20.02
CA LEU A 21 7.25 0.59 -19.10
C LEU A 21 8.32 -0.41 -18.66
N ARG A 22 8.89 -0.20 -17.50
CA ARG A 22 9.92 -1.14 -16.99
C ARG A 22 9.23 -2.31 -16.26
N PRO A 23 9.83 -3.47 -16.23
CA PRO A 23 9.24 -4.65 -15.53
C PRO A 23 9.34 -4.52 -14.00
N MET A 24 8.24 -4.64 -13.30
CA MET A 24 8.29 -4.50 -11.81
C MET A 24 9.15 -5.62 -11.22
N THR A 25 10.27 -5.27 -10.64
CA THR A 25 11.17 -6.31 -10.04
C THR A 25 10.78 -6.55 -8.59
N TYR A 26 10.89 -7.78 -8.14
CA TYR A 26 10.56 -8.06 -6.71
C TYR A 26 11.38 -7.06 -5.90
N LYS A 27 12.61 -6.86 -6.30
CA LYS A 27 13.46 -5.87 -5.61
C LYS A 27 12.82 -4.49 -5.78
N ALA A 28 12.09 -4.27 -6.85
CA ALA A 28 11.45 -2.93 -7.04
C ALA A 28 10.46 -2.68 -5.90
N ALA A 29 9.76 -3.70 -5.47
CA ALA A 29 8.78 -3.51 -4.37
C ALA A 29 9.50 -3.10 -3.08
N VAL A 30 10.52 -3.83 -2.71
CA VAL A 30 11.24 -3.48 -1.45
C VAL A 30 11.89 -2.11 -1.58
N ASP A 31 12.55 -1.86 -2.68
CA ASP A 31 13.20 -0.53 -2.85
C ASP A 31 12.10 0.54 -2.76
N LEU A 32 11.02 0.34 -3.46
CA LEU A 32 9.91 1.33 -3.40
C LEU A 32 9.33 1.37 -1.98
N SER A 33 9.13 0.23 -1.37
CA SER A 33 8.56 0.24 0.01
C SER A 33 9.37 1.20 0.89
N HIS A 34 10.67 1.03 0.93
CA HIS A 34 11.50 1.92 1.78
C HIS A 34 11.52 3.33 1.19
N PHE A 35 11.46 3.46 -0.10
CA PHE A 35 11.48 4.82 -0.69
C PHE A 35 10.28 5.61 -0.14
N LEU A 36 9.11 5.05 -0.23
CA LEU A 36 7.90 5.75 0.30
C LEU A 36 8.06 5.96 1.82
N LYS A 37 8.78 5.12 2.49
CA LYS A 37 8.95 5.30 3.96
C LYS A 37 9.67 6.63 4.23
N GLU A 38 10.42 7.11 3.27
CA GLU A 38 11.13 8.40 3.46
C GLU A 38 10.12 9.54 3.50
N LYS A 39 9.18 9.55 2.58
CA LYS A 39 8.18 10.65 2.55
C LYS A 39 7.15 10.43 3.67
N GLY A 40 7.10 9.25 4.22
CA GLY A 40 6.12 9.00 5.31
C GLY A 40 4.71 9.32 4.82
N GLY A 41 3.82 9.66 5.71
CA GLY A 41 2.43 10.02 5.27
C GLY A 41 1.61 8.75 4.99
N LEU A 42 2.22 7.72 4.49
CA LEU A 42 1.45 6.47 4.18
C LEU A 42 1.32 5.60 5.43
N GLU A 43 2.43 5.22 6.00
CA GLU A 43 2.39 4.36 7.23
C GLU A 43 1.32 4.85 8.20
N GLY A 44 0.57 3.92 8.73
CA GLY A 44 -0.48 4.26 9.72
C GLY A 44 -1.59 5.14 9.11
N LEU A 45 -1.54 5.43 7.83
CA LEU A 45 -2.62 6.29 7.23
C LEU A 45 -3.88 5.44 7.01
N ILE A 46 -4.95 5.76 7.69
CA ILE A 46 -6.20 4.96 7.53
C ILE A 46 -6.70 5.03 6.08
N HIS A 47 -6.55 3.93 5.37
CA HIS A 47 -7.03 3.85 3.97
C HIS A 47 -8.56 3.94 3.96
N SER A 48 -9.07 5.02 3.44
CA SER A 48 -10.55 5.21 3.38
C SER A 48 -11.12 4.28 2.30
N GLN A 49 -11.15 4.76 1.08
CA GLN A 49 -11.68 3.93 -0.05
C GLN A 49 -11.30 4.57 -1.38
N ARG A 50 -10.15 5.19 -1.45
CA ARG A 50 -9.71 5.83 -2.72
C ARG A 50 -8.26 6.28 -2.60
N ARG A 51 -7.76 6.41 -1.39
CA ARG A 51 -6.35 6.84 -1.21
C ARG A 51 -5.43 5.89 -1.99
N GLN A 52 -5.84 4.66 -2.14
CA GLN A 52 -4.99 3.69 -2.90
C GLN A 52 -4.85 4.19 -4.33
N ASP A 53 -5.90 4.69 -4.90
CA ASP A 53 -5.82 5.20 -6.30
C ASP A 53 -4.74 6.28 -6.39
N ILE A 54 -4.61 7.09 -5.37
CA ILE A 54 -3.57 8.15 -5.41
C ILE A 54 -2.18 7.51 -5.28
N LEU A 55 -2.09 6.37 -4.66
CA LEU A 55 -0.77 5.71 -4.49
C LEU A 55 -0.34 5.07 -5.83
N ASP A 56 -1.09 4.10 -6.29
CA ASP A 56 -0.73 3.42 -7.57
C ASP A 56 -0.55 4.45 -8.70
N LEU A 57 -1.41 5.44 -8.77
CA LEU A 57 -1.28 6.44 -9.87
C LEU A 57 0.02 7.22 -9.75
N TRP A 58 0.29 7.83 -8.62
CA TRP A 58 1.55 8.60 -8.48
C TRP A 58 2.73 7.75 -8.97
N ILE A 59 2.77 6.50 -8.59
CA ILE A 59 3.89 5.63 -9.04
C ILE A 59 3.91 5.57 -10.57
N TYR A 60 2.77 5.68 -11.19
CA TYR A 60 2.71 5.61 -12.68
C TYR A 60 3.47 6.79 -13.32
N HIS A 61 3.04 7.99 -13.08
CA HIS A 61 3.72 9.18 -13.70
C HIS A 61 5.19 9.27 -13.26
N THR A 62 5.55 8.64 -12.18
CA THR A 62 6.98 8.71 -11.71
C THR A 62 7.77 7.51 -12.24
N GLN A 63 7.50 6.33 -11.74
CA GLN A 63 8.25 5.13 -12.21
C GLN A 63 7.69 4.68 -13.56
N GLY A 64 6.46 4.24 -13.59
CA GLY A 64 5.84 3.79 -14.88
C GLY A 64 5.50 2.30 -14.78
N TYR A 65 5.56 1.75 -13.59
CA TYR A 65 5.24 0.31 -13.43
C TYR A 65 3.73 0.12 -13.52
N PHE A 66 3.29 -0.86 -14.26
CA PHE A 66 1.82 -1.08 -14.40
C PHE A 66 1.30 -1.73 -13.10
N PRO A 67 0.14 -1.34 -12.62
CA PRO A 67 -0.44 -1.92 -11.37
C PRO A 67 -0.95 -3.35 -11.56
N ASP A 68 -0.14 -4.31 -11.22
CA ASP A 68 -0.53 -5.73 -11.35
C ASP A 68 0.28 -6.52 -10.34
N TRP A 69 0.72 -5.85 -9.31
CA TRP A 69 1.55 -6.49 -8.25
C TRP A 69 0.91 -6.25 -6.89
N GLN A 70 0.18 -5.19 -6.78
CA GLN A 70 -0.48 -4.85 -5.50
C GLN A 70 -1.71 -5.75 -5.31
N ASN A 71 -1.66 -6.65 -4.38
CA ASN A 71 -2.83 -7.56 -4.15
C ASN A 71 -2.84 -8.01 -2.69
N TYR A 72 -3.84 -8.74 -2.29
CA TYR A 72 -3.91 -9.22 -0.88
C TYR A 72 -4.91 -10.37 -0.78
N THR A 73 -5.06 -10.95 0.38
CA THR A 73 -6.01 -12.07 0.53
C THR A 73 -7.43 -11.56 0.21
N PRO A 74 -8.42 -12.43 0.21
CA PRO A 74 -9.83 -12.04 -0.09
C PRO A 74 -10.62 -11.67 1.17
N GLY A 75 -11.78 -11.12 1.00
CA GLY A 75 -12.63 -10.74 2.17
C GLY A 75 -12.10 -9.43 2.79
N PRO A 76 -12.93 -8.75 3.55
CA PRO A 76 -12.54 -7.46 4.21
C PRO A 76 -11.69 -7.70 5.46
N GLY A 77 -11.55 -6.69 6.29
CA GLY A 77 -10.76 -6.84 7.54
C GLY A 77 -9.27 -6.84 7.20
N ILE A 78 -8.46 -7.48 8.01
CA ILE A 78 -7.01 -7.53 7.74
C ILE A 78 -6.76 -7.91 6.29
N ARG A 79 -5.54 -7.83 5.84
CA ARG A 79 -5.24 -8.21 4.43
C ARG A 79 -3.72 -8.28 4.24
N TYR A 80 -3.18 -9.47 4.15
CA TYR A 80 -1.70 -9.62 3.96
C TYR A 80 -1.37 -9.46 2.46
N PRO A 81 -0.19 -8.98 2.13
CA PRO A 81 0.23 -8.80 0.72
C PRO A 81 0.60 -10.13 0.05
N LEU A 82 -0.10 -10.50 -1.00
CA LEU A 82 0.20 -11.79 -1.68
C LEU A 82 1.61 -11.73 -2.31
N THR A 83 1.90 -10.69 -3.04
CA THR A 83 3.23 -10.57 -3.70
C THR A 83 4.32 -10.51 -2.62
N PHE A 84 5.51 -10.93 -2.96
CA PHE A 84 6.64 -10.91 -1.98
C PHE A 84 7.46 -9.63 -2.16
N GLY A 85 8.13 -9.19 -1.12
CA GLY A 85 8.96 -7.95 -1.20
C GLY A 85 8.14 -6.77 -0.68
N TRP A 86 6.87 -6.74 -0.98
CA TRP A 86 6.01 -5.63 -0.50
C TRP A 86 5.78 -5.84 1.01
N CYS A 87 6.53 -5.13 1.80
CA CYS A 87 6.48 -5.32 3.27
C CYS A 87 5.38 -4.51 3.98
N TYR A 88 4.24 -4.30 3.39
CA TYR A 88 3.16 -3.53 4.10
C TYR A 88 1.90 -4.40 4.15
N LYS A 89 1.23 -4.43 5.28
CA LYS A 89 -0.01 -5.26 5.44
C LYS A 89 -1.13 -4.38 6.01
N LEU A 90 -2.32 -4.49 5.49
CA LEU A 90 -3.44 -3.65 6.01
C LEU A 90 -3.87 -4.20 7.38
N VAL A 91 -4.13 -3.32 8.32
CA VAL A 91 -4.55 -3.77 9.68
C VAL A 91 -5.24 -2.59 10.39
N PRO A 92 -6.44 -2.76 10.92
CA PRO A 92 -7.16 -1.67 11.64
C PRO A 92 -6.65 -1.50 13.09
N VAL A 93 -6.61 -0.29 13.57
CA VAL A 93 -6.13 -0.05 14.95
C VAL A 93 -7.30 -0.21 15.91
N GLU A 94 -7.14 -1.11 16.82
CA GLU A 94 -8.20 -1.36 17.83
C GLU A 94 -8.26 -0.18 18.81
N PRO A 95 -9.39 0.06 19.42
CA PRO A 95 -9.54 1.19 20.40
C PRO A 95 -8.87 0.89 21.74
N GLU A 96 -7.60 1.18 21.85
CA GLU A 96 -6.88 0.90 23.13
C GLU A 96 -7.53 1.72 24.25
N LYS A 97 -6.78 1.99 25.29
CA LYS A 97 -7.35 2.79 26.43
C LYS A 97 -7.25 4.28 26.09
N LEU A 98 -8.00 4.74 25.13
CA LEU A 98 -7.94 6.18 24.75
C LEU A 98 -8.78 6.99 25.75
N GLU A 99 -8.84 8.28 25.58
CA GLU A 99 -9.65 9.12 26.51
C GLU A 99 -11.13 8.94 26.19
N GLU A 100 -11.88 8.42 27.13
CA GLU A 100 -13.34 8.21 26.88
C GLU A 100 -14.06 9.56 26.91
N ALA A 101 -14.11 10.23 25.79
CA ALA A 101 -14.81 11.55 25.74
C ALA A 101 -16.32 11.33 25.71
N ASN A 102 -16.87 11.12 24.55
CA ASN A 102 -18.34 10.89 24.44
C ASN A 102 -18.67 10.28 23.08
N LYS A 103 -19.89 10.39 22.63
CA LYS A 103 -20.26 9.81 21.32
C LYS A 103 -19.83 10.76 20.21
N ASP A 104 -18.75 11.45 20.40
CA ASP A 104 -18.25 12.41 19.36
C ASP A 104 -17.16 11.75 18.52
N ASP A 105 -16.95 10.47 18.68
CA ASP A 105 -15.88 9.78 17.89
C ASP A 105 -16.21 8.29 17.77
N PRO A 106 -16.79 7.85 16.67
CA PRO A 106 -17.13 6.41 16.48
C PRO A 106 -15.92 5.59 15.99
N GLU A 107 -15.89 4.33 16.30
CA GLU A 107 -14.74 3.48 15.86
C GLU A 107 -14.92 3.12 14.38
N ARG A 108 -15.39 4.04 13.58
CA ARG A 108 -15.58 3.73 12.13
C ARG A 108 -14.23 3.82 11.42
N GLU A 109 -13.20 3.36 12.07
CA GLU A 109 -11.84 3.41 11.44
C GLU A 109 -11.74 2.32 10.37
N VAL A 110 -11.21 2.65 9.22
CA VAL A 110 -11.08 1.65 8.13
C VAL A 110 -9.77 0.88 8.33
N LEU A 111 -8.98 0.75 7.29
CA LEU A 111 -7.68 0.00 7.41
C LEU A 111 -6.52 0.96 7.20
N GLU A 112 -5.43 0.79 7.92
CA GLU A 112 -4.25 1.70 7.76
C GLU A 112 -3.03 0.96 7.21
N TRP A 113 -2.16 1.70 6.56
CA TRP A 113 -0.92 1.10 5.99
C TRP A 113 0.05 0.78 7.14
N ARG A 114 0.18 -0.48 7.48
CA ARG A 114 1.14 -0.84 8.58
C ARG A 114 2.46 -1.24 7.92
N PHE A 115 3.31 -0.28 7.71
CA PHE A 115 4.62 -0.55 7.05
C PHE A 115 5.54 -1.39 7.96
N ASP A 116 6.16 -2.41 7.41
CA ASP A 116 7.06 -3.27 8.23
C ASP A 116 8.13 -3.92 7.34
N SER A 117 9.12 -3.16 6.94
CA SER A 117 10.21 -3.71 6.06
C SER A 117 10.72 -5.07 6.57
N ARG A 118 10.29 -5.49 7.72
CA ARG A 118 10.78 -6.80 8.24
C ARG A 118 10.36 -7.92 7.29
N LEU A 119 9.17 -7.84 6.75
CA LEU A 119 8.70 -8.90 5.82
C LEU A 119 9.58 -8.89 4.56
N ALA A 120 10.58 -8.05 4.51
CA ALA A 120 11.45 -8.03 3.30
C ALA A 120 12.33 -9.28 3.34
N PHE A 121 12.12 -10.10 4.33
CA PHE A 121 12.92 -11.36 4.46
C PHE A 121 11.97 -12.51 4.80
N HIS A 122 11.22 -12.36 5.86
CA HIS A 122 10.25 -13.43 6.24
C HIS A 122 9.07 -13.40 5.28
N HIS A 123 8.20 -14.37 5.35
CA HIS A 123 7.03 -14.39 4.43
C HIS A 123 5.84 -15.04 5.15
N MET A 124 5.03 -14.25 5.80
CA MET A 124 3.86 -14.81 6.54
C MET A 124 2.77 -15.21 5.54
N ALA A 125 2.50 -14.38 4.57
CA ALA A 125 1.44 -14.71 3.58
C ALA A 125 1.72 -16.09 2.96
N ARG A 126 2.98 -16.47 2.87
CA ARG A 126 3.32 -17.78 2.28
C ARG A 126 2.94 -18.90 3.25
N GLU A 127 3.37 -18.81 4.48
CA GLU A 127 3.03 -19.88 5.46
C GLU A 127 1.54 -19.84 5.80
N LEU A 128 0.87 -18.77 5.47
CA LEU A 128 -0.59 -18.68 5.77
C LEU A 128 -1.36 -19.51 4.74
N HIS A 129 -1.48 -19.01 3.53
CA HIS A 129 -2.22 -19.75 2.46
C HIS A 129 -1.54 -19.51 1.11
N PRO A 130 -0.56 -20.30 0.76
CA PRO A 130 0.18 -20.14 -0.53
C PRO A 130 -0.55 -20.81 -1.70
N GLU A 131 -1.80 -21.16 -1.53
CA GLU A 131 -2.54 -21.81 -2.63
C GLU A 131 -2.49 -20.91 -3.87
N TYR A 132 -2.16 -19.67 -3.69
CA TYR A 132 -2.09 -18.74 -4.85
C TYR A 132 -0.80 -19.01 -5.63
N PHE A 133 0.30 -19.15 -4.94
CA PHE A 133 1.60 -19.42 -5.63
C PHE A 133 1.81 -20.93 -5.71
N LYS A 134 1.45 -21.54 -6.81
CA LYS A 134 1.63 -23.01 -6.94
C LYS A 134 3.06 -23.39 -6.58
N ASN A 135 3.24 -24.51 -5.91
CA ASN A 135 4.61 -24.96 -5.52
C ASN A 135 4.99 -26.19 -6.36
N ALA A 136 4.12 -27.15 -6.45
CA ALA A 136 4.42 -28.37 -7.24
C ALA A 136 3.11 -29.06 -7.65
N ALA A 1 -2.09 14.94 -6.15
CA ALA A 1 -1.83 15.49 -4.79
C ALA A 1 -1.54 14.35 -3.83
N TRP A 2 -0.39 13.72 -3.97
CA TRP A 2 -0.04 12.59 -3.07
C TRP A 2 0.27 13.15 -1.69
N LEU A 3 1.52 13.28 -1.34
CA LEU A 3 1.86 13.84 0.00
C LEU A 3 1.85 15.38 -0.07
N GLU A 4 1.56 15.91 -1.23
CA GLU A 4 1.51 17.38 -1.41
C GLU A 4 0.22 17.94 -0.82
N ALA A 5 0.24 18.29 0.44
CA ALA A 5 -0.98 18.84 1.08
C ALA A 5 -1.25 20.24 0.54
N GLN A 6 -1.68 21.14 1.39
CA GLN A 6 -1.96 22.54 0.92
C GLN A 6 -0.65 23.27 0.73
N GLU A 7 0.29 22.68 0.03
CA GLU A 7 1.60 23.35 -0.19
C GLU A 7 1.45 24.43 -1.28
N GLU A 8 2.34 25.39 -1.28
CA GLU A 8 2.26 26.47 -2.31
C GLU A 8 2.46 25.87 -3.70
N GLU A 9 2.81 24.63 -3.78
CA GLU A 9 3.03 23.99 -5.11
C GLU A 9 1.73 23.98 -5.90
N GLU A 10 1.75 24.47 -7.11
CA GLU A 10 0.50 24.48 -7.94
C GLU A 10 0.33 23.12 -8.62
N VAL A 11 -0.75 22.44 -8.34
CA VAL A 11 -0.99 21.10 -8.97
C VAL A 11 -2.49 20.89 -9.12
N GLY A 12 -2.95 19.69 -8.95
CA GLY A 12 -4.41 19.41 -9.08
C GLY A 12 -4.73 18.91 -10.49
N PHE A 13 -3.76 18.92 -11.38
CA PHE A 13 -4.03 18.45 -12.76
C PHE A 13 -2.73 17.98 -13.42
N PRO A 14 -2.08 17.00 -12.85
CA PRO A 14 -0.80 16.46 -13.41
C PRO A 14 -0.85 16.33 -14.94
N VAL A 15 0.28 16.13 -15.56
CA VAL A 15 0.29 16.00 -17.05
C VAL A 15 -0.06 14.56 -17.42
N THR A 16 0.24 14.16 -18.62
CA THR A 16 -0.07 12.76 -19.04
C THR A 16 1.09 11.86 -18.60
N PRO A 17 0.82 10.65 -18.15
CA PRO A 17 1.90 9.73 -17.70
C PRO A 17 2.56 8.98 -18.86
N GLN A 18 3.68 9.46 -19.35
CA GLN A 18 4.38 8.76 -20.48
C GLN A 18 5.86 8.60 -20.13
N VAL A 19 6.23 7.48 -19.57
CA VAL A 19 7.65 7.23 -19.21
C VAL A 19 8.04 5.81 -19.66
N PRO A 20 9.27 5.56 -20.05
CA PRO A 20 9.70 4.19 -20.47
C PRO A 20 9.14 3.12 -19.52
N LEU A 21 8.18 2.36 -19.95
CA LEU A 21 7.62 1.32 -19.05
C LEU A 21 8.73 0.34 -18.64
N ARG A 22 9.31 0.56 -17.49
CA ARG A 22 10.39 -0.35 -17.02
C ARG A 22 9.77 -1.58 -16.33
N PRO A 23 10.44 -2.71 -16.34
CA PRO A 23 9.93 -3.94 -15.67
C PRO A 23 10.05 -3.85 -14.15
N MET A 24 8.95 -3.92 -13.45
CA MET A 24 9.02 -3.84 -11.96
C MET A 24 9.77 -5.05 -11.40
N THR A 25 10.86 -4.82 -10.72
CA THR A 25 11.65 -5.96 -10.17
C THR A 25 11.19 -6.29 -8.76
N TYR A 26 11.26 -7.55 -8.38
CA TYR A 26 10.88 -7.92 -6.99
C TYR A 26 11.67 -6.99 -6.08
N LYS A 27 12.92 -6.79 -6.41
CA LYS A 27 13.76 -5.85 -5.63
C LYS A 27 13.15 -4.47 -5.75
N ALA A 28 12.49 -4.18 -6.85
CA ALA A 28 11.89 -2.80 -6.99
C ALA A 28 10.85 -2.62 -5.88
N ALA A 29 10.10 -3.64 -5.58
CA ALA A 29 9.07 -3.52 -4.50
C ALA A 29 9.76 -3.25 -3.17
N VAL A 30 10.73 -4.06 -2.81
CA VAL A 30 11.44 -3.85 -1.52
C VAL A 30 12.14 -2.49 -1.55
N ASP A 31 12.82 -2.19 -2.62
CA ASP A 31 13.51 -0.87 -2.69
C ASP A 31 12.43 0.22 -2.59
N LEU A 32 11.39 0.09 -3.37
CA LEU A 32 10.29 1.10 -3.32
C LEU A 32 9.68 1.11 -1.92
N SER A 33 9.56 -0.04 -1.29
CA SER A 33 8.96 -0.08 0.06
C SER A 33 9.68 0.91 0.98
N HIS A 34 10.98 0.86 1.03
CA HIS A 34 11.74 1.79 1.91
C HIS A 34 11.73 3.20 1.32
N PHE A 35 11.63 3.34 0.04
CA PHE A 35 11.62 4.70 -0.56
C PHE A 35 10.44 5.47 0.03
N LEU A 36 9.26 4.96 -0.11
CA LEU A 36 8.06 5.65 0.43
C LEU A 36 8.17 5.78 1.96
N LYS A 37 8.88 4.90 2.62
CA LYS A 37 8.98 5.00 4.10
C LYS A 37 9.63 6.33 4.49
N GLU A 38 10.69 6.71 3.83
CA GLU A 38 11.36 7.99 4.19
C GLU A 38 10.55 9.20 3.70
N LYS A 39 10.58 9.46 2.42
CA LYS A 39 9.86 10.64 1.87
C LYS A 39 8.36 10.39 1.76
N GLY A 40 7.94 9.17 1.58
CA GLY A 40 6.48 8.90 1.44
C GLY A 40 5.78 9.02 2.80
N GLY A 41 6.02 8.11 3.69
CA GLY A 41 5.36 8.17 5.03
C GLY A 41 3.93 7.62 4.91
N LEU A 42 3.77 6.52 4.23
CA LEU A 42 2.41 5.93 4.06
C LEU A 42 2.08 5.13 5.32
N GLU A 43 3.07 4.70 6.04
CA GLU A 43 2.81 3.92 7.28
C GLU A 43 1.77 4.61 8.17
N GLY A 44 1.02 3.82 8.89
CA GLY A 44 0.00 4.36 9.82
C GLY A 44 -1.00 5.28 9.12
N LEU A 45 -0.89 5.48 7.83
CA LEU A 45 -1.86 6.39 7.15
C LEU A 45 -3.19 5.64 6.97
N ILE A 46 -4.24 6.14 7.57
CA ILE A 46 -5.56 5.43 7.45
C ILE A 46 -6.04 5.41 5.99
N HIS A 47 -5.95 4.26 5.37
CA HIS A 47 -6.42 4.13 3.97
C HIS A 47 -7.95 4.34 3.96
N SER A 48 -8.39 5.47 3.49
CA SER A 48 -9.85 5.75 3.45
C SER A 48 -10.50 4.84 2.39
N GLN A 49 -10.94 5.41 1.30
CA GLN A 49 -11.59 4.60 0.22
C GLN A 49 -11.19 5.17 -1.13
N ARG A 50 -10.08 5.84 -1.20
CA ARG A 50 -9.62 6.43 -2.49
C ARG A 50 -8.11 6.60 -2.47
N ARG A 51 -7.53 6.67 -1.30
CA ARG A 51 -6.05 6.84 -1.21
C ARG A 51 -5.36 5.68 -1.94
N GLN A 52 -6.03 4.57 -2.08
CA GLN A 52 -5.40 3.42 -2.79
C GLN A 52 -5.13 3.83 -4.24
N ASP A 53 -6.10 4.44 -4.87
CA ASP A 53 -5.91 4.86 -6.28
C ASP A 53 -4.75 5.86 -6.36
N ILE A 54 -4.74 6.85 -5.51
CA ILE A 54 -3.63 7.85 -5.55
C ILE A 54 -2.29 7.12 -5.54
N LEU A 55 -2.10 6.23 -4.59
CA LEU A 55 -0.81 5.48 -4.53
C LEU A 55 -0.46 4.92 -5.90
N ASP A 56 -1.16 3.92 -6.36
CA ASP A 56 -0.86 3.33 -7.70
C ASP A 56 -0.76 4.43 -8.75
N LEU A 57 -1.64 5.39 -8.71
CA LEU A 57 -1.59 6.48 -9.73
C LEU A 57 -0.30 7.30 -9.54
N TRP A 58 -0.09 7.86 -8.38
CA TRP A 58 1.15 8.66 -8.17
C TRP A 58 2.35 7.86 -8.66
N ILE A 59 2.40 6.59 -8.33
CA ILE A 59 3.54 5.75 -8.79
C ILE A 59 3.57 5.74 -10.33
N TYR A 60 2.42 5.75 -10.95
CA TYR A 60 2.37 5.72 -12.44
C TYR A 60 2.97 7.01 -13.04
N HIS A 61 2.40 8.15 -12.73
CA HIS A 61 2.92 9.43 -13.30
C HIS A 61 4.38 9.65 -12.90
N THR A 62 4.82 9.06 -11.81
CA THR A 62 6.24 9.26 -11.37
C THR A 62 7.11 8.11 -11.86
N GLN A 63 6.90 6.92 -11.35
CA GLN A 63 7.73 5.76 -11.79
C GLN A 63 7.23 5.28 -13.15
N GLY A 64 6.07 4.67 -13.19
CA GLY A 64 5.51 4.17 -14.48
C GLY A 64 5.35 2.65 -14.43
N TYR A 65 5.55 2.07 -13.28
CA TYR A 65 5.40 0.60 -13.18
C TYR A 65 3.92 0.23 -13.21
N PHE A 66 3.56 -0.74 -14.00
CA PHE A 66 2.13 -1.14 -14.08
C PHE A 66 1.71 -1.77 -12.74
N PRO A 67 0.46 -1.69 -12.37
CA PRO A 67 -0.04 -2.27 -11.09
C PRO A 67 -0.31 -3.78 -11.19
N ASP A 68 0.55 -4.52 -11.83
CA ASP A 68 0.33 -5.98 -11.95
C ASP A 68 0.90 -6.67 -10.71
N TRP A 69 1.39 -5.91 -9.77
CA TRP A 69 1.99 -6.49 -8.54
C TRP A 69 1.09 -6.24 -7.34
N GLN A 70 0.36 -5.17 -7.38
CA GLN A 70 -0.55 -4.85 -6.24
C GLN A 70 -1.78 -5.76 -6.27
N ASN A 71 -1.86 -6.67 -5.33
CA ASN A 71 -3.02 -7.60 -5.28
C ASN A 71 -3.17 -8.12 -3.85
N TYR A 72 -3.63 -7.29 -2.96
CA TYR A 72 -3.80 -7.71 -1.54
C TYR A 72 -4.94 -8.73 -1.43
N THR A 73 -5.08 -9.34 -0.30
CA THR A 73 -6.18 -10.34 -0.11
C THR A 73 -7.53 -9.61 -0.28
N PRO A 74 -8.63 -10.32 -0.36
CA PRO A 74 -9.99 -9.72 -0.55
C PRO A 74 -10.19 -8.34 0.12
N GLY A 75 -11.08 -8.24 1.07
CA GLY A 75 -11.33 -6.89 1.72
C GLY A 75 -11.52 -7.03 3.24
N PRO A 76 -12.71 -7.31 3.70
CA PRO A 76 -12.99 -7.45 5.15
C PRO A 76 -11.84 -8.07 5.95
N GLY A 77 -11.71 -7.71 7.21
CA GLY A 77 -10.62 -8.29 8.06
C GLY A 77 -9.27 -7.69 7.66
N ILE A 78 -8.21 -8.14 8.29
CA ILE A 78 -6.85 -7.62 7.98
C ILE A 78 -6.61 -7.79 6.47
N ARG A 79 -5.41 -7.57 6.00
CA ARG A 79 -5.15 -7.72 4.55
C ARG A 79 -3.65 -7.82 4.28
N TYR A 80 -3.16 -9.00 3.99
CA TYR A 80 -1.71 -9.19 3.71
C TYR A 80 -1.47 -9.08 2.21
N PRO A 81 -0.30 -8.63 1.78
CA PRO A 81 0.02 -8.51 0.33
C PRO A 81 0.35 -9.88 -0.27
N LEU A 82 -0.39 -10.31 -1.26
CA LEU A 82 -0.10 -11.63 -1.87
C LEU A 82 1.32 -11.61 -2.45
N THR A 83 1.72 -10.51 -3.03
CA THR A 83 3.09 -10.42 -3.60
C THR A 83 4.12 -10.43 -2.45
N PHE A 84 5.32 -10.86 -2.75
CA PHE A 84 6.38 -10.90 -1.70
C PHE A 84 7.31 -9.69 -1.87
N GLY A 85 7.91 -9.23 -0.79
CA GLY A 85 8.83 -8.05 -0.89
C GLY A 85 8.07 -6.78 -0.52
N TRP A 86 6.83 -6.69 -0.90
CA TRP A 86 6.03 -5.47 -0.56
C TRP A 86 5.65 -5.54 0.92
N CYS A 87 6.41 -4.86 1.75
CA CYS A 87 6.16 -4.88 3.21
C CYS A 87 5.05 -3.91 3.62
N TYR A 88 3.95 -3.90 2.91
CA TYR A 88 2.83 -2.98 3.27
C TYR A 88 1.55 -3.82 3.48
N LYS A 89 1.03 -3.84 4.68
CA LYS A 89 -0.21 -4.63 4.96
C LYS A 89 -1.24 -3.76 5.69
N LEU A 90 -2.48 -3.82 5.29
CA LEU A 90 -3.54 -3.01 5.97
C LEU A 90 -3.93 -3.69 7.27
N VAL A 91 -4.30 -2.93 8.27
CA VAL A 91 -4.69 -3.51 9.59
C VAL A 91 -5.60 -2.51 10.34
N PRO A 92 -6.67 -2.96 10.96
CA PRO A 92 -7.58 -2.06 11.73
C PRO A 92 -7.05 -1.75 13.14
N VAL A 93 -7.22 -0.55 13.60
CA VAL A 93 -6.76 -0.19 14.96
C VAL A 93 -7.86 -0.53 15.94
N GLU A 94 -7.59 -0.37 17.20
CA GLU A 94 -8.61 -0.68 18.24
C GLU A 94 -9.74 0.36 18.16
N PRO A 95 -10.99 -0.03 18.34
CA PRO A 95 -12.14 0.92 18.29
C PRO A 95 -12.31 1.73 19.58
N GLU A 96 -11.36 2.56 19.91
CA GLU A 96 -11.49 3.37 21.16
C GLU A 96 -12.72 4.26 21.09
N LYS A 97 -13.86 3.73 21.44
CA LYS A 97 -15.12 4.54 21.39
C LYS A 97 -15.26 5.35 22.68
N LEU A 98 -14.18 5.88 23.19
CA LEU A 98 -14.26 6.67 24.45
C LEU A 98 -14.73 8.10 24.11
N GLU A 99 -15.01 8.34 22.87
CA GLU A 99 -15.48 9.70 22.46
C GLU A 99 -16.96 9.85 22.81
N GLU A 100 -17.29 10.81 23.64
CA GLU A 100 -18.71 11.02 24.03
C GLU A 100 -19.45 11.74 22.90
N ALA A 101 -20.20 11.01 22.10
CA ALA A 101 -20.95 11.65 20.98
C ALA A 101 -22.21 10.83 20.68
N ASN A 102 -23.30 11.49 20.41
CA ASN A 102 -24.56 10.75 20.11
C ASN A 102 -24.49 10.12 18.73
N LYS A 103 -25.61 9.75 18.17
CA LYS A 103 -25.60 9.13 16.81
C LYS A 103 -25.36 10.20 15.75
N ASP A 104 -24.17 10.76 15.72
CA ASP A 104 -23.86 11.81 14.71
C ASP A 104 -22.39 11.70 14.31
N ASP A 105 -21.83 10.52 14.44
CA ASP A 105 -20.39 10.33 14.06
C ASP A 105 -20.18 8.86 13.71
N PRO A 106 -20.67 8.43 12.57
CA PRO A 106 -20.54 7.03 12.13
C PRO A 106 -19.11 6.50 12.26
N GLU A 107 -18.93 5.22 12.37
CA GLU A 107 -17.57 4.65 12.52
C GLU A 107 -16.88 4.65 11.15
N ARG A 108 -16.51 5.80 10.66
CA ARG A 108 -15.84 5.86 9.33
C ARG A 108 -14.38 5.46 9.49
N GLU A 109 -14.08 4.69 10.49
CA GLU A 109 -12.67 4.25 10.70
C GLU A 109 -12.35 3.12 9.72
N VAL A 110 -11.56 3.39 8.71
CA VAL A 110 -11.22 2.33 7.72
C VAL A 110 -9.96 1.60 8.16
N LEU A 111 -9.08 1.29 7.23
CA LEU A 111 -7.82 0.53 7.60
C LEU A 111 -6.59 1.40 7.32
N GLU A 112 -5.49 1.13 8.00
CA GLU A 112 -4.23 1.92 7.79
C GLU A 112 -3.10 1.03 7.29
N TRP A 113 -2.18 1.63 6.57
CA TRP A 113 -1.02 0.88 6.03
C TRP A 113 -0.03 0.59 7.17
N ARG A 114 0.19 -0.67 7.48
CA ARG A 114 1.15 -1.04 8.57
C ARG A 114 2.49 -1.42 7.93
N PHE A 115 3.42 -0.50 7.88
CA PHE A 115 4.75 -0.78 7.27
C PHE A 115 5.55 -1.75 8.15
N ASP A 116 6.11 -2.79 7.56
CA ASP A 116 6.88 -3.79 8.36
C ASP A 116 7.92 -4.47 7.45
N SER A 117 8.98 -3.80 7.12
CA SER A 117 10.03 -4.39 6.22
C SER A 117 10.38 -5.81 6.64
N ARG A 118 9.89 -6.30 7.75
CA ARG A 118 10.24 -7.68 8.16
C ARG A 118 9.74 -8.65 7.10
N LEU A 119 8.61 -8.38 6.51
CA LEU A 119 8.06 -9.28 5.45
C LEU A 119 9.06 -9.34 4.29
N ALA A 120 10.07 -8.50 4.32
CA ALA A 120 11.08 -8.49 3.23
C ALA A 120 12.03 -9.67 3.42
N PHE A 121 11.88 -10.42 4.48
CA PHE A 121 12.77 -11.59 4.74
C PHE A 121 11.93 -12.78 5.19
N HIS A 122 10.63 -12.63 5.21
CA HIS A 122 9.75 -13.77 5.65
C HIS A 122 8.37 -13.61 5.02
N HIS A 123 8.04 -14.44 4.07
CA HIS A 123 6.71 -14.33 3.42
C HIS A 123 5.62 -14.83 4.37
N MET A 124 4.94 -13.93 5.03
CA MET A 124 3.87 -14.35 5.98
C MET A 124 2.67 -14.86 5.18
N ALA A 125 2.27 -14.15 4.16
CA ALA A 125 1.10 -14.59 3.35
C ALA A 125 1.28 -16.05 2.93
N ARG A 126 2.49 -16.44 2.61
CA ARG A 126 2.73 -17.85 2.19
C ARG A 126 2.59 -18.78 3.40
N GLU A 127 3.20 -18.42 4.49
CA GLU A 127 3.11 -19.29 5.71
C GLU A 127 1.71 -19.19 6.32
N LEU A 128 0.95 -18.18 5.96
CA LEU A 128 -0.42 -18.03 6.54
C LEU A 128 -1.37 -19.02 5.87
N HIS A 129 -1.81 -18.72 4.67
CA HIS A 129 -2.76 -19.63 3.97
C HIS A 129 -2.51 -19.55 2.46
N PRO A 130 -1.59 -20.32 1.94
CA PRO A 130 -1.26 -20.31 0.49
C PRO A 130 -2.20 -21.23 -0.31
N GLU A 131 -3.26 -20.69 -0.84
CA GLU A 131 -4.23 -21.51 -1.64
C GLU A 131 -4.04 -21.18 -3.13
N TYR A 132 -4.10 -19.93 -3.48
CA TYR A 132 -3.92 -19.54 -4.90
C TYR A 132 -2.44 -19.50 -5.25
N PHE A 133 -1.65 -20.29 -4.57
CA PHE A 133 -0.18 -20.32 -4.85
C PHE A 133 0.35 -21.74 -4.63
N LYS A 134 0.44 -22.51 -5.69
CA LYS A 134 0.94 -23.90 -5.54
C LYS A 134 2.43 -23.88 -5.19
N ASN A 135 3.14 -24.91 -5.56
CA ASN A 135 4.60 -24.95 -5.23
C ASN A 135 5.31 -23.80 -5.95
N ALA A 136 6.46 -23.41 -5.46
CA ALA A 136 7.21 -22.29 -6.10
C ALA A 136 7.99 -22.84 -7.30
N ALA A 1 2.50 14.46 -7.33
CA ALA A 1 1.31 14.63 -6.46
C ALA A 1 1.19 13.46 -5.50
N TRP A 2 2.09 13.37 -4.54
CA TRP A 2 2.05 12.24 -3.58
C TRP A 2 0.87 12.47 -2.61
N LEU A 3 1.12 12.94 -1.41
CA LEU A 3 0.02 13.19 -0.45
C LEU A 3 -0.58 14.57 -0.70
N GLU A 4 -0.47 15.08 -1.89
CA GLU A 4 -1.01 16.43 -2.20
C GLU A 4 -2.53 16.36 -2.30
N ALA A 5 -3.21 16.31 -1.20
CA ALA A 5 -4.69 16.25 -1.23
C ALA A 5 -5.22 17.62 -1.68
N GLN A 6 -6.08 18.22 -0.91
CA GLN A 6 -6.63 19.56 -1.30
C GLN A 6 -5.48 20.57 -1.33
N GLU A 7 -4.47 20.37 -0.52
CA GLU A 7 -3.33 21.32 -0.50
C GLU A 7 -2.53 21.17 -1.79
N GLU A 8 -2.58 22.15 -2.65
CA GLU A 8 -1.83 22.06 -3.93
C GLU A 8 -0.39 22.53 -3.73
N GLU A 9 0.57 21.77 -4.16
CA GLU A 9 1.99 22.19 -3.98
C GLU A 9 2.89 21.31 -4.86
N GLU A 10 3.67 21.91 -5.72
CA GLU A 10 4.57 21.11 -6.61
C GLU A 10 5.56 20.31 -5.76
N VAL A 11 5.86 19.10 -6.17
CA VAL A 11 6.82 18.27 -5.40
C VAL A 11 8.25 18.66 -5.77
N GLY A 12 8.57 19.92 -5.66
CA GLY A 12 9.95 20.37 -6.00
C GLY A 12 10.23 20.05 -7.48
N PHE A 13 10.92 18.97 -7.75
CA PHE A 13 11.22 18.61 -9.16
C PHE A 13 10.05 17.77 -9.73
N PRO A 14 9.33 18.26 -10.72
CA PRO A 14 8.19 17.50 -11.31
C PRO A 14 8.50 16.01 -11.50
N VAL A 15 7.49 15.18 -11.50
CA VAL A 15 7.71 13.72 -11.68
C VAL A 15 7.86 13.40 -13.17
N THR A 16 8.38 12.23 -13.48
CA THR A 16 8.55 11.84 -14.91
C THR A 16 7.25 11.16 -15.40
N PRO A 17 6.52 11.74 -16.35
CA PRO A 17 5.26 11.14 -16.88
C PRO A 17 5.40 9.65 -17.26
N GLN A 18 4.50 9.17 -18.07
CA GLN A 18 4.55 7.75 -18.48
C GLN A 18 5.89 7.44 -19.14
N VAL A 19 6.80 6.92 -18.38
CA VAL A 19 8.14 6.55 -18.92
C VAL A 19 8.12 5.07 -19.32
N PRO A 20 8.95 4.66 -20.25
CA PRO A 20 9.00 3.23 -20.69
C PRO A 20 8.76 2.26 -19.52
N LEU A 21 8.06 1.19 -19.77
CA LEU A 21 7.76 0.21 -18.68
C LEU A 21 9.06 -0.36 -18.12
N ARG A 22 9.50 0.13 -16.99
CA ARG A 22 10.76 -0.41 -16.38
C ARG A 22 10.44 -1.75 -15.69
N PRO A 23 11.01 -2.85 -16.10
CA PRO A 23 10.75 -4.17 -15.46
C PRO A 23 10.68 -4.08 -13.93
N MET A 24 9.50 -4.16 -13.36
CA MET A 24 9.37 -4.09 -11.88
C MET A 24 10.02 -5.33 -11.25
N THR A 25 11.09 -5.14 -10.53
CA THR A 25 11.77 -6.30 -9.87
C THR A 25 11.22 -6.54 -8.48
N TYR A 26 11.18 -7.78 -8.05
CA TYR A 26 10.69 -8.05 -6.67
C TYR A 26 11.50 -7.14 -5.76
N LYS A 27 12.78 -7.07 -6.03
CA LYS A 27 13.66 -6.17 -5.26
C LYS A 27 13.14 -4.74 -5.45
N ALA A 28 12.54 -4.44 -6.58
CA ALA A 28 12.02 -3.06 -6.77
C ALA A 28 10.94 -2.79 -5.72
N ALA A 29 10.15 -3.77 -5.40
CA ALA A 29 9.08 -3.59 -4.39
C ALA A 29 9.70 -3.26 -3.02
N VAL A 30 10.65 -4.03 -2.59
CA VAL A 30 11.28 -3.76 -1.26
C VAL A 30 11.98 -2.40 -1.29
N ASP A 31 12.71 -2.12 -2.34
CA ASP A 31 13.40 -0.80 -2.42
C ASP A 31 12.32 0.28 -2.43
N LEU A 32 11.29 0.08 -3.20
CA LEU A 32 10.20 1.09 -3.26
C LEU A 32 9.57 1.24 -1.87
N SER A 33 9.34 0.15 -1.19
CA SER A 33 8.71 0.26 0.17
C SER A 33 9.51 1.26 1.02
N HIS A 34 10.81 1.15 1.01
CA HIS A 34 11.63 2.09 1.82
C HIS A 34 11.63 3.47 1.19
N PHE A 35 11.62 3.54 -0.12
CA PHE A 35 11.62 4.87 -0.79
C PHE A 35 10.44 5.68 -0.26
N LEU A 36 9.25 5.18 -0.42
CA LEU A 36 8.05 5.90 0.07
C LEU A 36 8.12 6.05 1.59
N LYS A 37 8.81 5.15 2.26
CA LYS A 37 8.89 5.26 3.74
C LYS A 37 9.63 6.55 4.14
N GLU A 38 10.51 7.04 3.29
CA GLU A 38 11.26 8.28 3.63
C GLU A 38 10.32 9.49 3.52
N LYS A 39 10.17 10.01 2.34
CA LYS A 39 9.30 11.21 2.15
C LYS A 39 7.83 10.79 2.03
N GLY A 40 7.55 9.70 1.36
CA GLY A 40 6.15 9.26 1.18
C GLY A 40 5.38 9.34 2.51
N GLY A 41 5.60 8.40 3.39
CA GLY A 41 4.88 8.43 4.71
C GLY A 41 3.53 7.73 4.58
N LEU A 42 3.50 6.57 3.96
CA LEU A 42 2.23 5.83 3.81
C LEU A 42 1.96 5.05 5.10
N GLU A 43 2.99 4.69 5.80
CA GLU A 43 2.82 3.93 7.06
C GLU A 43 1.80 4.61 7.97
N GLY A 44 1.05 3.83 8.68
CA GLY A 44 0.04 4.39 9.63
C GLY A 44 -0.94 5.34 8.92
N LEU A 45 -0.80 5.52 7.63
CA LEU A 45 -1.75 6.44 6.93
C LEU A 45 -3.10 5.73 6.80
N ILE A 46 -4.04 6.08 7.64
CA ILE A 46 -5.37 5.41 7.59
C ILE A 46 -5.99 5.52 6.19
N HIS A 47 -6.06 4.42 5.48
CA HIS A 47 -6.66 4.41 4.12
C HIS A 47 -8.14 4.76 4.26
N SER A 48 -8.51 5.92 3.80
CA SER A 48 -9.94 6.35 3.88
C SER A 48 -10.81 5.51 2.93
N GLN A 49 -10.78 5.83 1.67
CA GLN A 49 -11.62 5.06 0.70
C GLN A 49 -11.11 5.32 -0.73
N ARG A 50 -10.10 6.12 -0.89
CA ARG A 50 -9.58 6.40 -2.26
C ARG A 50 -8.07 6.67 -2.20
N ARG A 51 -7.50 6.70 -1.02
CA ARG A 51 -6.03 6.94 -0.91
C ARG A 51 -5.29 5.88 -1.73
N GLN A 52 -5.87 4.72 -1.90
CA GLN A 52 -5.21 3.64 -2.69
C GLN A 52 -5.03 4.10 -4.14
N ASP A 53 -6.06 4.61 -4.75
CA ASP A 53 -5.94 5.05 -6.16
C ASP A 53 -4.81 6.08 -6.29
N ILE A 54 -4.78 7.04 -5.41
CA ILE A 54 -3.71 8.08 -5.47
C ILE A 54 -2.34 7.38 -5.45
N LEU A 55 -2.10 6.57 -4.47
CA LEU A 55 -0.80 5.86 -4.38
C LEU A 55 -0.47 5.19 -5.72
N ASP A 56 -1.27 4.23 -6.12
CA ASP A 56 -1.02 3.52 -7.40
C ASP A 56 -0.91 4.53 -8.55
N LEU A 57 -1.77 5.50 -8.60
CA LEU A 57 -1.71 6.50 -9.71
C LEU A 57 -0.38 7.27 -9.62
N TRP A 58 -0.04 7.78 -8.48
CA TRP A 58 1.23 8.54 -8.35
C TRP A 58 2.36 7.70 -8.94
N ILE A 59 2.37 6.42 -8.68
CA ILE A 59 3.44 5.55 -9.22
C ILE A 59 3.44 5.61 -10.76
N TYR A 60 2.29 5.64 -11.37
CA TYR A 60 2.23 5.67 -12.86
C TYR A 60 2.87 6.98 -13.38
N HIS A 61 2.38 8.11 -12.94
CA HIS A 61 2.94 9.42 -13.42
C HIS A 61 4.42 9.56 -13.04
N THR A 62 5.01 8.57 -12.43
CA THR A 62 6.46 8.67 -12.02
C THR A 62 7.32 7.71 -12.85
N GLN A 63 7.71 6.61 -12.28
CA GLN A 63 8.59 5.65 -13.03
C GLN A 63 7.74 4.86 -14.04
N GLY A 64 6.49 5.19 -14.16
CA GLY A 64 5.61 4.48 -15.14
C GLY A 64 5.56 2.98 -14.85
N TYR A 65 5.52 2.58 -13.60
CA TYR A 65 5.44 1.11 -13.32
C TYR A 65 4.00 0.65 -13.61
N PHE A 66 3.84 -0.48 -14.21
CA PHE A 66 2.46 -0.98 -14.50
C PHE A 66 1.92 -1.61 -13.19
N PRO A 67 0.66 -1.45 -12.89
CA PRO A 67 0.07 -2.00 -11.62
C PRO A 67 -0.13 -3.53 -11.67
N ASP A 68 0.80 -4.25 -12.24
CA ASP A 68 0.66 -5.73 -12.29
C ASP A 68 1.27 -6.34 -11.01
N TRP A 69 1.41 -5.53 -9.99
CA TRP A 69 2.01 -6.03 -8.70
C TRP A 69 1.12 -5.65 -7.53
N GLN A 70 0.33 -4.63 -7.69
CA GLN A 70 -0.56 -4.18 -6.59
C GLN A 70 -1.77 -5.13 -6.49
N ASN A 71 -1.79 -5.95 -5.47
CA ASN A 71 -2.95 -6.89 -5.31
C ASN A 71 -3.05 -7.29 -3.83
N TYR A 72 -4.16 -7.85 -3.43
CA TYR A 72 -4.31 -8.26 -1.99
C TYR A 72 -5.45 -9.26 -1.86
N THR A 73 -5.69 -9.75 -0.67
CA THR A 73 -6.80 -10.72 -0.46
C THR A 73 -8.14 -10.04 -0.79
N PRO A 74 -9.16 -10.80 -1.15
CA PRO A 74 -10.51 -10.26 -1.49
C PRO A 74 -10.92 -9.03 -0.68
N GLY A 75 -11.94 -9.15 0.13
CA GLY A 75 -12.38 -7.98 0.95
C GLY A 75 -12.70 -8.38 2.41
N PRO A 76 -11.84 -9.15 3.05
CA PRO A 76 -12.05 -9.56 4.47
C PRO A 76 -11.60 -8.46 5.43
N GLY A 77 -11.69 -8.68 6.71
CA GLY A 77 -11.24 -7.64 7.68
C GLY A 77 -9.80 -7.24 7.32
N ILE A 78 -8.84 -7.89 7.91
CA ILE A 78 -7.42 -7.59 7.58
C ILE A 78 -7.23 -7.78 6.07
N ARG A 79 -6.05 -7.56 5.57
CA ARG A 79 -5.84 -7.74 4.10
C ARG A 79 -4.34 -7.82 3.81
N TYR A 80 -3.85 -9.00 3.56
CA TYR A 80 -2.38 -9.16 3.28
C TYR A 80 -2.13 -8.97 1.78
N PRO A 81 -0.98 -8.46 1.40
CA PRO A 81 -0.65 -8.25 -0.04
C PRO A 81 -0.19 -9.56 -0.70
N LEU A 82 -0.81 -9.92 -1.80
CA LEU A 82 -0.42 -11.18 -2.49
C LEU A 82 1.06 -11.08 -2.91
N THR A 83 1.53 -9.89 -3.18
CA THR A 83 2.95 -9.74 -3.59
C THR A 83 3.85 -10.13 -2.42
N PHE A 84 5.13 -10.27 -2.67
CA PHE A 84 6.08 -10.66 -1.58
C PHE A 84 6.87 -9.44 -1.08
N GLY A 85 7.82 -9.03 -1.85
CA GLY A 85 8.69 -7.88 -1.46
C GLY A 85 7.86 -6.70 -0.95
N TRP A 86 6.61 -6.63 -1.27
CA TRP A 86 5.78 -5.48 -0.79
C TRP A 86 5.48 -5.66 0.69
N CYS A 87 6.27 -5.03 1.54
CA CYS A 87 6.09 -5.17 3.01
C CYS A 87 4.98 -4.24 3.52
N TYR A 88 4.06 -3.84 2.70
CA TYR A 88 2.96 -2.95 3.16
C TYR A 88 1.69 -3.79 3.30
N LYS A 89 1.17 -3.93 4.49
CA LYS A 89 -0.06 -4.75 4.69
C LYS A 89 -1.11 -3.94 5.45
N LEU A 90 -2.32 -3.94 4.98
CA LEU A 90 -3.39 -3.17 5.66
C LEU A 90 -3.88 -3.94 6.87
N VAL A 91 -4.17 -3.24 7.94
CA VAL A 91 -4.66 -3.90 9.18
C VAL A 91 -5.46 -2.86 9.98
N PRO A 92 -6.62 -3.20 10.51
CA PRO A 92 -7.43 -2.23 11.29
C PRO A 92 -6.73 -1.80 12.58
N VAL A 93 -7.27 -0.82 13.26
CA VAL A 93 -6.64 -0.35 14.53
C VAL A 93 -7.03 -1.28 15.67
N GLU A 94 -8.00 -0.90 16.42
CA GLU A 94 -8.45 -1.74 17.56
C GLU A 94 -9.00 -3.07 17.00
N PRO A 95 -8.99 -4.14 17.78
CA PRO A 95 -9.50 -5.48 17.32
C PRO A 95 -10.88 -5.41 16.65
N GLU A 96 -11.70 -6.41 16.86
CA GLU A 96 -13.06 -6.41 16.24
C GLU A 96 -13.81 -5.15 16.67
N LYS A 97 -14.65 -4.64 15.81
CA LYS A 97 -15.41 -3.40 16.16
C LYS A 97 -16.65 -3.76 16.99
N LEU A 98 -16.46 -4.33 18.15
CA LEU A 98 -17.64 -4.69 18.99
C LEU A 98 -18.11 -3.46 19.77
N GLU A 99 -18.81 -3.67 20.86
CA GLU A 99 -19.29 -2.50 21.65
C GLU A 99 -18.13 -1.90 22.46
N GLU A 100 -17.70 -0.73 22.10
CA GLU A 100 -16.58 -0.08 22.85
C GLU A 100 -16.50 1.40 22.48
N ALA A 101 -17.46 1.90 21.75
CA ALA A 101 -17.43 3.34 21.37
C ALA A 101 -18.85 3.81 21.03
N ASN A 102 -19.28 4.89 21.63
CA ASN A 102 -20.65 5.40 21.34
C ASN A 102 -20.70 5.92 19.89
N LYS A 103 -20.91 7.20 19.73
CA LYS A 103 -20.97 7.76 18.34
C LYS A 103 -19.70 7.37 17.58
N ASP A 104 -19.84 6.97 16.35
CA ASP A 104 -18.64 6.56 15.54
C ASP A 104 -18.85 6.95 14.08
N ASP A 105 -19.57 8.00 13.84
CA ASP A 105 -19.81 8.43 12.42
C ASP A 105 -18.66 9.34 11.93
N PRO A 106 -18.07 10.14 12.78
CA PRO A 106 -16.96 11.04 12.38
C PRO A 106 -15.59 10.37 12.53
N GLU A 107 -15.27 9.93 13.72
CA GLU A 107 -13.95 9.27 13.93
C GLU A 107 -14.02 7.81 13.47
N ARG A 108 -14.39 7.58 12.24
CA ARG A 108 -14.47 6.18 11.74
C ARG A 108 -13.06 5.67 11.39
N GLU A 109 -12.53 4.79 12.20
CA GLU A 109 -11.16 4.26 11.91
C GLU A 109 -11.25 3.24 10.77
N VAL A 110 -10.70 3.55 9.63
CA VAL A 110 -10.75 2.61 8.49
C VAL A 110 -9.54 1.65 8.55
N LEU A 111 -8.82 1.52 7.47
CA LEU A 111 -7.63 0.60 7.47
C LEU A 111 -6.35 1.42 7.32
N GLU A 112 -5.30 1.03 8.00
CA GLU A 112 -3.99 1.78 7.91
C GLU A 112 -2.90 0.88 7.35
N TRP A 113 -2.04 1.45 6.53
CA TRP A 113 -0.92 0.69 5.94
C TRP A 113 0.12 0.43 7.04
N ARG A 114 0.23 -0.78 7.50
CA ARG A 114 1.24 -1.07 8.57
C ARG A 114 2.55 -1.50 7.91
N PHE A 115 3.51 -0.61 7.88
CA PHE A 115 4.82 -0.92 7.24
C PHE A 115 5.58 -1.98 8.07
N ASP A 116 6.15 -2.96 7.41
CA ASP A 116 6.90 -4.03 8.13
C ASP A 116 7.94 -4.63 7.19
N SER A 117 8.96 -3.88 6.86
CA SER A 117 10.02 -4.39 5.93
C SER A 117 10.44 -5.82 6.32
N ARG A 118 10.07 -6.27 7.49
CA ARG A 118 10.47 -7.64 7.90
C ARG A 118 9.81 -8.64 6.94
N LEU A 119 8.81 -8.20 6.23
CA LEU A 119 8.10 -9.06 5.25
C LEU A 119 9.10 -9.44 4.14
N ALA A 120 10.30 -8.93 4.22
CA ALA A 120 11.31 -9.23 3.16
C ALA A 120 11.78 -10.67 3.29
N PHE A 121 11.31 -11.39 4.27
CA PHE A 121 11.74 -12.82 4.44
C PHE A 121 10.54 -13.68 4.85
N HIS A 122 9.57 -13.10 5.51
CA HIS A 122 8.39 -13.90 5.93
C HIS A 122 7.51 -14.20 4.72
N HIS A 123 6.47 -14.99 4.90
CA HIS A 123 5.58 -15.31 3.75
C HIS A 123 4.16 -15.59 4.28
N MET A 124 3.64 -14.70 5.08
CA MET A 124 2.27 -14.91 5.65
C MET A 124 1.27 -15.21 4.52
N ALA A 125 1.51 -14.72 3.35
CA ALA A 125 0.56 -14.97 2.22
C ALA A 125 0.41 -16.48 2.02
N ARG A 126 1.49 -17.21 2.07
CA ARG A 126 1.42 -18.69 1.88
C ARG A 126 0.77 -19.34 3.11
N GLU A 127 1.08 -18.84 4.28
CA GLU A 127 0.49 -19.43 5.52
C GLU A 127 -1.01 -19.10 5.60
N LEU A 128 -1.41 -18.01 5.02
CA LEU A 128 -2.85 -17.62 5.09
C LEU A 128 -3.67 -18.45 4.10
N HIS A 129 -3.56 -18.18 2.83
CA HIS A 129 -4.34 -18.96 1.82
C HIS A 129 -3.52 -19.12 0.52
N PRO A 130 -2.85 -20.24 0.35
CA PRO A 130 -2.03 -20.49 -0.87
C PRO A 130 -2.86 -21.07 -2.03
N GLU A 131 -3.95 -21.71 -1.70
CA GLU A 131 -4.80 -22.31 -2.77
C GLU A 131 -5.32 -21.21 -3.71
N TYR A 132 -5.13 -19.97 -3.35
CA TYR A 132 -5.63 -18.87 -4.23
C TYR A 132 -4.65 -18.66 -5.39
N PHE A 133 -3.43 -19.14 -5.26
CA PHE A 133 -2.45 -18.96 -6.36
C PHE A 133 -2.54 -20.14 -7.32
N LYS A 134 -3.74 -20.58 -7.61
CA LYS A 134 -3.92 -21.74 -8.54
C LYS A 134 -3.93 -21.24 -9.99
N ASN A 135 -3.79 -19.96 -10.19
CA ASN A 135 -3.80 -19.42 -11.58
C ASN A 135 -2.53 -19.86 -12.31
N ALA A 136 -2.03 -19.04 -13.20
CA ALA A 136 -0.80 -19.40 -13.94
C ALA A 136 0.43 -19.07 -13.10
N ALA A 1 1.21 14.65 -7.59
CA ALA A 1 0.06 14.71 -6.65
C ALA A 1 0.18 13.60 -5.61
N TRP A 2 1.35 13.39 -5.08
CA TRP A 2 1.54 12.32 -4.06
C TRP A 2 0.87 12.77 -2.76
N LEU A 3 1.62 13.34 -1.85
CA LEU A 3 1.00 13.79 -0.57
C LEU A 3 0.42 15.19 -0.78
N GLU A 4 -0.67 15.28 -1.48
CA GLU A 4 -1.29 16.62 -1.73
C GLU A 4 -1.98 17.10 -0.45
N ALA A 5 -1.30 17.05 0.66
CA ALA A 5 -1.92 17.50 1.94
C ALA A 5 -2.08 19.02 1.92
N GLN A 6 -2.39 19.61 3.04
CA GLN A 6 -2.56 21.09 3.09
C GLN A 6 -1.19 21.76 3.03
N GLU A 7 -0.15 21.04 3.38
CA GLU A 7 1.21 21.64 3.33
C GLU A 7 1.50 22.17 1.92
N GLU A 8 2.43 23.07 1.79
CA GLU A 8 2.75 23.63 0.45
C GLU A 8 2.97 22.49 -0.54
N GLU A 9 2.39 22.58 -1.71
CA GLU A 9 2.55 21.50 -2.72
C GLU A 9 4.01 21.49 -3.22
N GLU A 10 4.84 20.70 -2.61
CA GLU A 10 6.27 20.62 -3.04
C GLU A 10 6.41 19.61 -4.18
N VAL A 11 5.36 19.42 -4.94
CA VAL A 11 5.41 18.45 -6.06
C VAL A 11 6.01 19.13 -7.28
N GLY A 12 7.06 18.57 -7.79
CA GLY A 12 7.69 19.16 -9.01
C GLY A 12 6.61 19.49 -10.03
N PHE A 13 6.83 20.48 -10.84
CA PHE A 13 5.81 20.88 -11.86
C PHE A 13 5.86 19.96 -13.09
N PRO A 14 7.01 19.50 -13.49
CA PRO A 14 7.16 18.62 -14.67
C PRO A 14 7.01 17.14 -14.31
N VAL A 15 5.85 16.58 -14.50
CA VAL A 15 5.61 15.15 -14.18
C VAL A 15 5.97 14.29 -15.39
N THR A 16 6.54 13.13 -15.17
CA THR A 16 6.90 12.23 -16.30
C THR A 16 5.67 11.35 -16.63
N PRO A 17 5.15 11.39 -17.83
CA PRO A 17 3.94 10.58 -18.19
C PRO A 17 4.25 9.09 -18.37
N GLN A 18 3.39 8.38 -19.05
CA GLN A 18 3.59 6.92 -19.25
C GLN A 18 4.96 6.65 -19.86
N VAL A 19 5.91 6.31 -19.04
CA VAL A 19 7.28 5.97 -19.55
C VAL A 19 7.30 4.48 -19.88
N PRO A 20 8.13 4.06 -20.81
CA PRO A 20 8.22 2.61 -21.20
C PRO A 20 8.00 1.67 -20.01
N LEU A 21 7.11 0.73 -20.16
CA LEU A 21 6.84 -0.21 -19.03
C LEU A 21 8.06 -1.06 -18.72
N ARG A 22 8.82 -0.68 -17.72
CA ARG A 22 10.02 -1.49 -17.35
C ARG A 22 9.56 -2.66 -16.47
N PRO A 23 10.29 -3.74 -16.44
CA PRO A 23 9.91 -4.92 -15.60
C PRO A 23 10.15 -4.66 -14.11
N MET A 24 9.10 -4.69 -13.32
CA MET A 24 9.26 -4.43 -11.86
C MET A 24 10.05 -5.58 -11.23
N THR A 25 11.17 -5.28 -10.60
CA THR A 25 12.00 -6.37 -9.98
C THR A 25 11.55 -6.62 -8.55
N TYR A 26 11.65 -7.84 -8.10
CA TYR A 26 11.28 -8.15 -6.69
C TYR A 26 12.05 -7.14 -5.84
N LYS A 27 13.29 -6.95 -6.17
CA LYS A 27 14.10 -5.96 -5.44
C LYS A 27 13.45 -4.59 -5.62
N ALA A 28 12.76 -4.38 -6.71
CA ALA A 28 12.09 -3.05 -6.91
C ALA A 28 11.01 -2.85 -5.84
N ALA A 29 10.30 -3.90 -5.49
CA ALA A 29 9.24 -3.78 -4.46
C ALA A 29 9.85 -3.36 -3.13
N VAL A 30 10.82 -4.08 -2.65
CA VAL A 30 11.45 -3.71 -1.34
C VAL A 30 12.10 -2.34 -1.45
N ASP A 31 12.80 -2.07 -2.52
CA ASP A 31 13.43 -0.74 -2.66
C ASP A 31 12.31 0.31 -2.66
N LEU A 32 11.28 0.08 -3.42
CA LEU A 32 10.15 1.04 -3.46
C LEU A 32 9.49 1.14 -2.08
N SER A 33 9.30 0.03 -1.41
CA SER A 33 8.66 0.09 -0.07
C SER A 33 9.36 1.15 0.79
N HIS A 34 10.66 1.05 0.92
CA HIS A 34 11.39 2.05 1.75
C HIS A 34 11.39 3.40 1.03
N PHE A 35 11.35 3.40 -0.27
CA PHE A 35 11.34 4.69 -1.01
C PHE A 35 10.12 5.50 -0.55
N LEU A 36 8.95 4.92 -0.66
CA LEU A 36 7.72 5.64 -0.24
C LEU A 36 7.78 5.92 1.26
N LYS A 37 8.56 5.19 2.01
CA LYS A 37 8.64 5.43 3.48
C LYS A 37 9.21 6.83 3.76
N GLU A 38 10.42 7.08 3.34
CA GLU A 38 11.04 8.41 3.60
C GLU A 38 10.34 9.51 2.77
N LYS A 39 9.82 9.15 1.62
CA LYS A 39 9.14 10.17 0.77
C LYS A 39 7.76 10.45 1.33
N GLY A 40 7.61 10.41 2.63
CA GLY A 40 6.29 10.69 3.27
C GLY A 40 5.94 9.57 4.26
N GLY A 41 5.16 9.87 5.27
CA GLY A 41 4.80 8.82 6.28
C GLY A 41 3.52 8.10 5.84
N LEU A 42 3.63 7.08 5.03
CA LEU A 42 2.41 6.34 4.60
C LEU A 42 2.02 5.40 5.74
N GLU A 43 2.98 4.96 6.50
CA GLU A 43 2.69 4.05 7.64
C GLU A 43 1.57 4.63 8.53
N GLY A 44 0.70 3.77 8.98
CA GLY A 44 -0.39 4.18 9.90
C GLY A 44 -1.38 5.18 9.25
N LEU A 45 -1.26 5.46 7.99
CA LEU A 45 -2.23 6.43 7.36
C LEU A 45 -3.58 5.73 7.16
N ILE A 46 -4.59 6.10 7.91
CA ILE A 46 -5.91 5.42 7.76
C ILE A 46 -6.44 5.56 6.33
N HIS A 47 -6.40 4.48 5.58
CA HIS A 47 -6.90 4.49 4.18
C HIS A 47 -8.41 4.70 4.17
N SER A 48 -8.85 5.82 3.69
CA SER A 48 -10.31 6.10 3.62
C SER A 48 -10.98 5.20 2.59
N GLN A 49 -11.04 5.64 1.35
CA GLN A 49 -11.70 4.81 0.30
C GLN A 49 -11.08 5.12 -1.08
N ARG A 50 -10.20 6.08 -1.15
CA ARG A 50 -9.57 6.44 -2.46
C ARG A 50 -8.10 6.79 -2.25
N ARG A 51 -7.66 6.80 -1.02
CA ARG A 51 -6.23 7.15 -0.73
C ARG A 51 -5.29 6.21 -1.51
N GLN A 52 -5.58 4.95 -1.54
CA GLN A 52 -4.69 4.01 -2.28
C GLN A 52 -4.68 4.36 -3.76
N ASP A 53 -5.78 4.86 -4.27
CA ASP A 53 -5.81 5.23 -5.71
C ASP A 53 -4.68 6.22 -5.98
N ILE A 54 -4.48 7.16 -5.09
CA ILE A 54 -3.38 8.15 -5.29
C ILE A 54 -2.03 7.41 -5.29
N LEU A 55 -1.86 6.47 -4.40
CA LEU A 55 -0.58 5.71 -4.34
C LEU A 55 -0.30 5.08 -5.71
N ASP A 56 -1.02 4.07 -6.07
CA ASP A 56 -0.80 3.39 -7.38
C ASP A 56 -0.82 4.43 -8.51
N LEU A 57 -1.71 5.38 -8.46
CA LEU A 57 -1.77 6.40 -9.54
C LEU A 57 -0.47 7.21 -9.56
N TRP A 58 -0.05 7.71 -8.42
CA TRP A 58 1.21 8.49 -8.40
C TRP A 58 2.31 7.69 -9.10
N ILE A 59 2.46 6.45 -8.75
CA ILE A 59 3.50 5.62 -9.41
C ILE A 59 3.26 5.63 -10.91
N TYR A 60 2.02 5.78 -11.32
CA TYR A 60 1.69 5.79 -12.78
C TYR A 60 2.32 7.01 -13.48
N HIS A 61 1.81 8.19 -13.24
CA HIS A 61 2.37 9.39 -13.93
C HIS A 61 3.82 9.67 -13.49
N THR A 62 4.51 8.68 -12.99
CA THR A 62 5.93 8.89 -12.56
C THR A 62 6.83 7.83 -13.21
N GLN A 63 6.92 6.68 -12.59
CA GLN A 63 7.79 5.59 -13.13
C GLN A 63 7.05 4.81 -14.23
N GLY A 64 5.76 4.97 -14.32
CA GLY A 64 5.00 4.24 -15.37
C GLY A 64 4.85 2.76 -15.02
N TYR A 65 5.11 2.37 -13.81
CA TYR A 65 4.94 0.93 -13.45
C TYR A 65 3.46 0.61 -13.37
N PHE A 66 3.03 -0.46 -13.96
CA PHE A 66 1.59 -0.84 -13.90
C PHE A 66 1.32 -1.54 -12.55
N PRO A 67 0.26 -1.21 -11.86
CA PRO A 67 -0.04 -1.84 -10.54
C PRO A 67 -0.48 -3.31 -10.67
N ASP A 68 0.18 -4.06 -11.52
CA ASP A 68 -0.18 -5.50 -11.67
C ASP A 68 0.52 -6.30 -10.56
N TRP A 69 1.20 -5.62 -9.68
CA TRP A 69 1.93 -6.31 -8.57
C TRP A 69 1.20 -6.09 -7.26
N GLN A 70 0.47 -5.03 -7.17
CA GLN A 70 -0.27 -4.72 -5.91
C GLN A 70 -1.50 -5.63 -5.80
N ASN A 71 -1.53 -6.46 -4.79
CA ASN A 71 -2.70 -7.37 -4.61
C ASN A 71 -2.79 -7.80 -3.15
N TYR A 72 -3.81 -8.52 -2.80
CA TYR A 72 -3.96 -8.98 -1.38
C TYR A 72 -4.97 -10.14 -1.34
N THR A 73 -4.94 -10.90 -0.28
CA THR A 73 -5.88 -12.06 -0.18
C THR A 73 -7.32 -11.54 -0.14
N PRO A 74 -8.27 -12.29 -0.66
CA PRO A 74 -9.71 -11.86 -0.67
C PRO A 74 -10.34 -11.99 0.73
N GLY A 75 -10.64 -10.89 1.36
CA GLY A 75 -11.24 -10.95 2.72
C GLY A 75 -11.13 -9.57 3.38
N PRO A 76 -12.21 -8.81 3.47
CA PRO A 76 -12.19 -7.46 4.11
C PRO A 76 -11.43 -7.46 5.44
N GLY A 77 -11.32 -6.33 6.08
CA GLY A 77 -10.59 -6.26 7.38
C GLY A 77 -9.09 -6.39 7.10
N ILE A 78 -8.39 -7.15 7.89
CA ILE A 78 -6.92 -7.31 7.65
C ILE A 78 -6.71 -7.74 6.20
N ARG A 79 -5.50 -7.70 5.72
CA ARG A 79 -5.25 -8.12 4.31
C ARG A 79 -3.73 -8.23 4.07
N TYR A 80 -3.24 -9.41 3.87
CA TYR A 80 -1.78 -9.59 3.63
C TYR A 80 -1.51 -9.46 2.12
N PRO A 81 -0.34 -8.99 1.73
CA PRO A 81 0.00 -8.83 0.28
C PRO A 81 0.31 -10.17 -0.40
N LEU A 82 -0.37 -10.47 -1.46
CA LEU A 82 -0.12 -11.77 -2.17
C LEU A 82 1.32 -11.78 -2.70
N THR A 83 1.68 -10.81 -3.48
CA THR A 83 3.07 -10.77 -4.03
C THR A 83 4.07 -10.58 -2.88
N PHE A 84 5.29 -11.04 -3.07
CA PHE A 84 6.32 -10.89 -2.00
C PHE A 84 7.15 -9.63 -2.26
N GLY A 85 7.89 -9.19 -1.29
CA GLY A 85 8.72 -7.96 -1.45
C GLY A 85 7.96 -6.77 -0.87
N TRP A 86 6.68 -6.72 -1.10
CA TRP A 86 5.84 -5.61 -0.55
C TRP A 86 5.63 -5.87 0.94
N CYS A 87 6.37 -5.20 1.75
CA CYS A 87 6.29 -5.43 3.23
C CYS A 87 5.15 -4.68 3.93
N TYR A 88 4.21 -4.10 3.22
CA TYR A 88 3.10 -3.37 3.95
C TYR A 88 1.80 -4.18 3.83
N LYS A 89 1.07 -4.29 4.92
CA LYS A 89 -0.23 -5.03 4.92
C LYS A 89 -1.30 -4.15 5.58
N LEU A 90 -2.51 -4.18 5.08
CA LEU A 90 -3.58 -3.34 5.70
C LEU A 90 -4.00 -3.98 7.04
N VAL A 91 -4.45 -3.18 7.98
CA VAL A 91 -4.87 -3.74 9.30
C VAL A 91 -5.88 -2.77 9.95
N PRO A 92 -6.98 -3.27 10.48
CA PRO A 92 -8.01 -2.40 11.14
C PRO A 92 -7.61 -2.06 12.58
N VAL A 93 -8.16 -1.00 13.11
CA VAL A 93 -7.83 -0.62 14.52
C VAL A 93 -8.70 -1.43 15.46
N GLU A 94 -9.31 -0.79 16.40
CA GLU A 94 -10.19 -1.52 17.37
C GLU A 94 -11.41 -2.09 16.60
N PRO A 95 -11.56 -3.39 16.51
CA PRO A 95 -12.71 -4.01 15.78
C PRO A 95 -13.95 -4.14 16.65
N GLU A 96 -15.10 -3.80 16.12
CA GLU A 96 -16.35 -3.92 16.92
C GLU A 96 -16.57 -5.40 17.28
N LYS A 97 -17.72 -5.73 17.81
CA LYS A 97 -17.98 -7.15 18.17
C LYS A 97 -18.51 -7.89 16.94
N LEU A 98 -19.68 -8.45 17.03
CA LEU A 98 -20.26 -9.19 15.86
C LEU A 98 -20.90 -8.18 14.91
N GLU A 99 -20.35 -8.02 13.74
CA GLU A 99 -20.93 -7.04 12.77
C GLU A 99 -22.20 -7.64 12.15
N GLU A 100 -23.25 -6.87 12.06
CA GLU A 100 -24.51 -7.40 11.48
C GLU A 100 -25.46 -6.23 11.17
N ALA A 101 -25.34 -5.16 11.91
CA ALA A 101 -26.24 -3.99 11.67
C ALA A 101 -25.87 -3.34 10.34
N ASN A 102 -26.83 -2.83 9.62
CA ASN A 102 -26.53 -2.18 8.32
C ASN A 102 -25.82 -0.84 8.56
N LYS A 103 -25.05 -0.41 7.60
CA LYS A 103 -24.33 0.90 7.76
C LYS A 103 -23.91 1.42 6.39
N ASP A 104 -22.99 2.34 6.34
CA ASP A 104 -22.53 2.89 5.04
C ASP A 104 -21.05 3.27 5.12
N ASP A 105 -20.76 4.50 5.43
CA ASP A 105 -19.34 4.95 5.53
C ASP A 105 -19.24 6.13 6.48
N PRO A 106 -19.65 5.96 7.71
CA PRO A 106 -19.59 7.05 8.73
C PRO A 106 -18.14 7.43 9.07
N GLU A 107 -17.95 8.24 10.07
CA GLU A 107 -16.57 8.65 10.44
C GLU A 107 -15.91 7.52 11.23
N ARG A 108 -16.16 6.29 10.86
CA ARG A 108 -15.55 5.14 11.59
C ARG A 108 -14.11 4.94 11.12
N GLU A 109 -13.33 4.22 11.87
CA GLU A 109 -11.92 3.98 11.47
C GLU A 109 -11.87 2.93 10.36
N VAL A 110 -11.24 3.26 9.25
CA VAL A 110 -11.16 2.27 8.13
C VAL A 110 -9.89 1.43 8.28
N LEU A 111 -9.12 1.30 7.23
CA LEU A 111 -7.86 0.47 7.31
C LEU A 111 -6.63 1.35 7.08
N GLU A 112 -5.58 1.15 7.85
CA GLU A 112 -4.34 1.99 7.69
C GLU A 112 -3.18 1.18 7.13
N TRP A 113 -2.20 1.87 6.60
CA TRP A 113 -0.98 1.21 6.04
C TRP A 113 -0.08 0.75 7.19
N ARG A 114 0.12 -0.55 7.32
CA ARG A 114 1.02 -1.07 8.41
C ARG A 114 2.37 -1.43 7.79
N PHE A 115 3.27 -0.50 7.74
CA PHE A 115 4.61 -0.76 7.13
C PHE A 115 5.43 -1.70 8.02
N ASP A 116 6.11 -2.65 7.43
CA ASP A 116 6.92 -3.61 8.23
C ASP A 116 8.03 -4.22 7.34
N SER A 117 8.98 -3.42 6.93
CA SER A 117 10.09 -3.95 6.05
C SER A 117 10.65 -5.26 6.61
N ARG A 118 10.27 -5.65 7.79
CA ARG A 118 10.80 -6.93 8.35
C ARG A 118 10.36 -8.08 7.46
N LEU A 119 9.15 -8.04 6.97
CA LEU A 119 8.66 -9.13 6.08
C LEU A 119 9.48 -9.12 4.79
N ALA A 120 10.45 -8.25 4.71
CA ALA A 120 11.29 -8.20 3.48
C ALA A 120 12.20 -9.43 3.47
N PHE A 121 12.05 -10.29 4.44
CA PHE A 121 12.89 -11.52 4.50
C PHE A 121 12.01 -12.73 4.83
N HIS A 122 11.09 -12.57 5.75
CA HIS A 122 10.20 -13.71 6.11
C HIS A 122 9.19 -13.95 4.99
N HIS A 123 8.08 -14.57 5.29
CA HIS A 123 7.04 -14.84 4.25
C HIS A 123 5.80 -15.41 4.92
N MET A 124 5.01 -14.57 5.53
CA MET A 124 3.77 -15.06 6.22
C MET A 124 2.66 -15.28 5.18
N ALA A 125 2.46 -14.33 4.30
CA ALA A 125 1.38 -14.49 3.29
C ALA A 125 1.52 -15.84 2.59
N ARG A 126 2.72 -16.35 2.52
CA ARG A 126 2.92 -17.68 1.86
C ARG A 126 2.35 -18.79 2.74
N GLU A 127 2.44 -18.63 4.04
CA GLU A 127 1.90 -19.68 4.96
C GLU A 127 0.37 -19.66 4.94
N LEU A 128 -0.21 -18.56 4.51
CA LEU A 128 -1.69 -18.48 4.47
C LEU A 128 -2.24 -19.27 3.28
N HIS A 129 -1.98 -18.82 2.07
CA HIS A 129 -2.50 -19.53 0.87
C HIS A 129 -1.51 -19.40 -0.29
N PRO A 130 -0.52 -20.26 -0.35
CA PRO A 130 0.50 -20.23 -1.45
C PRO A 130 0.04 -21.00 -2.69
N GLU A 131 -0.84 -21.95 -2.52
CA GLU A 131 -1.33 -22.74 -3.68
C GLU A 131 -1.84 -21.81 -4.78
N TYR A 132 -1.91 -20.53 -4.51
CA TYR A 132 -2.40 -19.59 -5.55
C TYR A 132 -1.28 -19.30 -6.56
N PHE A 133 -0.05 -19.35 -6.12
CA PHE A 133 1.09 -19.07 -7.06
C PHE A 133 1.60 -20.39 -7.66
N LYS A 134 1.23 -20.67 -8.88
CA LYS A 134 1.70 -21.94 -9.52
C LYS A 134 3.16 -21.77 -9.92
N ASN A 135 4.05 -22.47 -9.26
CA ASN A 135 5.50 -22.35 -9.61
C ASN A 135 5.77 -23.08 -10.92
N ALA A 136 6.28 -22.38 -11.90
CA ALA A 136 6.59 -23.03 -13.20
C ALA A 136 7.62 -22.19 -13.97
N ALA A 1 3.36 16.32 0.66
CA ALA A 1 1.91 16.56 0.92
C ALA A 1 1.08 15.94 -0.20
N TRP A 2 1.57 14.90 -0.80
CA TRP A 2 0.80 14.24 -1.90
C TRP A 2 -0.39 13.50 -1.31
N LEU A 3 -0.40 13.29 -0.02
CA LEU A 3 -1.54 12.58 0.62
C LEU A 3 -2.67 13.59 0.88
N GLU A 4 -2.32 14.85 1.03
CA GLU A 4 -3.36 15.88 1.28
C GLU A 4 -4.09 16.21 -0.03
N ALA A 5 -4.15 15.27 -0.94
CA ALA A 5 -4.84 15.53 -2.23
C ALA A 5 -6.35 15.58 -1.99
N GLN A 6 -6.77 16.19 -0.91
CA GLN A 6 -8.22 16.28 -0.62
C GLN A 6 -8.96 16.86 -1.83
N GLU A 7 -8.59 18.04 -2.24
CA GLU A 7 -9.27 18.66 -3.42
C GLU A 7 -8.33 19.67 -4.07
N GLU A 8 -8.09 20.78 -3.41
CA GLU A 8 -7.19 21.80 -3.99
C GLU A 8 -5.74 21.33 -3.90
N GLU A 9 -5.15 20.97 -5.00
CA GLU A 9 -3.74 20.50 -4.98
C GLU A 9 -2.85 21.62 -4.44
N GLU A 10 -1.60 21.34 -4.19
CA GLU A 10 -0.68 22.39 -3.66
C GLU A 10 0.74 22.12 -4.14
N VAL A 11 0.90 21.22 -5.08
CA VAL A 11 2.24 20.91 -5.60
C VAL A 11 2.56 21.88 -6.73
N GLY A 12 3.80 21.96 -7.09
CA GLY A 12 4.19 22.89 -8.19
C GLY A 12 3.50 22.47 -9.48
N PHE A 13 4.24 22.23 -10.53
CA PHE A 13 3.62 21.81 -11.82
C PHE A 13 4.61 20.97 -12.63
N PRO A 14 5.33 20.07 -12.00
CA PRO A 14 6.30 19.19 -12.72
C PRO A 14 5.58 18.18 -13.61
N VAL A 15 5.63 18.37 -14.90
CA VAL A 15 4.92 17.41 -15.82
C VAL A 15 5.82 16.19 -16.07
N THR A 16 5.41 15.07 -15.54
CA THR A 16 6.17 13.80 -15.73
C THR A 16 5.19 12.71 -16.16
N PRO A 17 5.09 12.42 -17.44
CA PRO A 17 4.16 11.40 -17.95
C PRO A 17 4.79 10.00 -18.08
N GLN A 18 4.18 9.15 -18.87
CA GLN A 18 4.67 7.76 -19.06
C GLN A 18 6.18 7.74 -19.32
N VAL A 19 6.94 7.48 -18.30
CA VAL A 19 8.42 7.40 -18.46
C VAL A 19 8.75 5.95 -18.85
N PRO A 20 9.85 5.71 -19.53
CA PRO A 20 10.26 4.34 -19.95
C PRO A 20 9.83 3.26 -18.95
N LEU A 21 8.96 2.37 -19.36
CA LEU A 21 8.47 1.30 -18.45
C LEU A 21 9.62 0.39 -18.02
N ARG A 22 10.15 0.57 -16.85
CA ARG A 22 11.26 -0.32 -16.37
C ARG A 22 10.63 -1.62 -15.86
N PRO A 23 11.43 -2.56 -15.43
CA PRO A 23 10.92 -3.86 -14.92
C PRO A 23 10.68 -3.84 -13.40
N MET A 24 9.44 -3.85 -12.97
CA MET A 24 9.16 -3.84 -11.51
C MET A 24 9.65 -5.16 -10.91
N THR A 25 10.84 -5.15 -10.34
CA THR A 25 11.40 -6.40 -9.75
C THR A 25 10.88 -6.61 -8.33
N TYR A 26 10.84 -7.84 -7.89
CA TYR A 26 10.38 -8.11 -6.50
C TYR A 26 11.22 -7.20 -5.61
N LYS A 27 12.50 -7.17 -5.87
CA LYS A 27 13.39 -6.28 -5.11
C LYS A 27 12.91 -4.85 -5.32
N ALA A 28 12.30 -4.57 -6.46
CA ALA A 28 11.81 -3.17 -6.68
C ALA A 28 10.72 -2.85 -5.66
N ALA A 29 9.88 -3.81 -5.34
CA ALA A 29 8.81 -3.55 -4.34
C ALA A 29 9.45 -3.21 -2.99
N VAL A 30 10.36 -4.01 -2.52
CA VAL A 30 11.00 -3.72 -1.21
C VAL A 30 11.76 -2.41 -1.32
N ASP A 31 12.45 -2.19 -2.41
CA ASP A 31 13.18 -0.90 -2.56
C ASP A 31 12.16 0.23 -2.55
N LEU A 32 11.09 0.08 -3.29
CA LEU A 32 10.04 1.13 -3.31
C LEU A 32 9.48 1.30 -1.89
N SER A 33 9.30 0.22 -1.18
CA SER A 33 8.75 0.32 0.20
C SER A 33 9.60 1.33 1.00
N HIS A 34 10.89 1.25 0.89
CA HIS A 34 11.77 2.19 1.65
C HIS A 34 11.72 3.58 1.01
N PHE A 35 11.67 3.66 -0.29
CA PHE A 35 11.63 5.00 -0.93
C PHE A 35 10.44 5.77 -0.37
N LEU A 36 9.26 5.24 -0.53
CA LEU A 36 8.04 5.93 0.00
C LEU A 36 8.13 6.05 1.53
N LYS A 37 8.88 5.19 2.17
CA LYS A 37 8.97 5.29 3.66
C LYS A 37 9.61 6.62 4.04
N GLU A 38 10.53 7.10 3.25
CA GLU A 38 11.20 8.39 3.58
C GLU A 38 10.23 9.56 3.34
N LYS A 39 10.08 9.95 2.11
CA LYS A 39 9.18 11.10 1.78
C LYS A 39 7.72 10.64 1.73
N GLY A 40 7.46 9.53 1.07
CA GLY A 40 6.05 9.04 0.97
C GLY A 40 5.33 9.16 2.32
N GLY A 41 5.75 8.41 3.30
CA GLY A 41 5.10 8.49 4.63
C GLY A 41 3.70 7.86 4.56
N LEU A 42 3.58 6.75 3.89
CA LEU A 42 2.25 6.08 3.78
C LEU A 42 2.00 5.28 5.04
N GLU A 43 3.05 4.93 5.75
CA GLU A 43 2.89 4.14 7.01
C GLU A 43 1.89 4.82 7.94
N GLY A 44 1.20 4.02 8.71
CA GLY A 44 0.22 4.56 9.70
C GLY A 44 -0.88 5.39 9.02
N LEU A 45 -0.79 5.61 7.73
CA LEU A 45 -1.85 6.43 7.06
C LEU A 45 -3.12 5.57 6.93
N ILE A 46 -4.20 5.98 7.55
CA ILE A 46 -5.45 5.18 7.47
C ILE A 46 -5.93 5.06 6.01
N HIS A 47 -5.79 3.88 5.44
CA HIS A 47 -6.26 3.67 4.04
C HIS A 47 -7.79 3.76 4.02
N SER A 48 -8.31 4.90 3.63
CA SER A 48 -9.79 5.06 3.56
C SER A 48 -10.34 4.20 2.43
N GLN A 49 -10.18 4.63 1.21
CA GLN A 49 -10.69 3.83 0.06
C GLN A 49 -10.19 4.45 -1.25
N ARG A 50 -10.18 5.75 -1.35
CA ARG A 50 -9.70 6.41 -2.60
C ARG A 50 -8.19 6.66 -2.52
N ARG A 51 -7.67 6.85 -1.34
CA ARG A 51 -6.21 7.11 -1.19
C ARG A 51 -5.41 6.03 -1.91
N GLN A 52 -5.96 4.85 -2.03
CA GLN A 52 -5.22 3.75 -2.70
C GLN A 52 -5.00 4.11 -4.18
N ASP A 53 -6.01 4.62 -4.83
CA ASP A 53 -5.88 4.98 -6.27
C ASP A 53 -4.74 5.99 -6.44
N ILE A 54 -4.72 7.03 -5.65
CA ILE A 54 -3.64 8.04 -5.79
C ILE A 54 -2.28 7.34 -5.73
N LEU A 55 -2.07 6.50 -4.75
CA LEU A 55 -0.76 5.79 -4.62
C LEU A 55 -0.36 5.22 -5.99
N ASP A 56 -1.04 4.21 -6.44
CA ASP A 56 -0.68 3.59 -7.75
C ASP A 56 -0.62 4.65 -8.84
N LEU A 57 -1.54 5.58 -8.85
CA LEU A 57 -1.53 6.64 -9.91
C LEU A 57 -0.25 7.47 -9.78
N TRP A 58 0.03 7.97 -8.61
CA TRP A 58 1.26 8.80 -8.44
C TRP A 58 2.45 8.03 -9.01
N ILE A 59 2.53 6.75 -8.74
CA ILE A 59 3.66 5.95 -9.27
C ILE A 59 3.66 6.03 -10.80
N TYR A 60 2.51 6.13 -11.41
CA TYR A 60 2.44 6.20 -12.89
C TYR A 60 3.11 7.48 -13.41
N HIS A 61 2.58 8.63 -13.10
CA HIS A 61 3.19 9.90 -13.60
C HIS A 61 4.63 10.06 -13.09
N THR A 62 4.98 9.40 -12.01
CA THR A 62 6.37 9.56 -11.47
C THR A 62 7.27 8.41 -11.92
N GLN A 63 7.11 7.23 -11.37
CA GLN A 63 7.99 6.10 -11.77
C GLN A 63 7.51 5.52 -13.11
N GLY A 64 6.23 5.40 -13.30
CA GLY A 64 5.71 4.86 -14.59
C GLY A 64 5.58 3.34 -14.52
N TYR A 65 5.68 2.75 -13.37
CA TYR A 65 5.55 1.26 -13.30
C TYR A 65 4.08 0.92 -13.52
N PHE A 66 3.81 -0.04 -14.37
CA PHE A 66 2.40 -0.42 -14.63
C PHE A 66 1.80 -1.00 -13.33
N PRO A 67 0.58 -0.63 -12.96
CA PRO A 67 -0.04 -1.16 -11.72
C PRO A 67 -0.55 -2.60 -11.88
N ASP A 68 0.23 -3.55 -11.47
CA ASP A 68 -0.17 -4.98 -11.56
C ASP A 68 0.55 -5.76 -10.47
N TRP A 69 1.11 -5.05 -9.52
CA TRP A 69 1.83 -5.69 -8.39
C TRP A 69 0.99 -5.51 -7.13
N GLN A 70 0.05 -4.62 -7.19
CA GLN A 70 -0.82 -4.37 -6.02
C GLN A 70 -1.86 -5.49 -5.91
N ASN A 71 -1.81 -6.24 -4.85
CA ASN A 71 -2.80 -7.36 -4.68
C ASN A 71 -2.94 -7.68 -3.21
N TYR A 72 -4.05 -8.25 -2.81
CA TYR A 72 -4.26 -8.59 -1.38
C TYR A 72 -5.39 -9.62 -1.28
N THR A 73 -5.54 -10.24 -0.13
CA THR A 73 -6.63 -11.25 0.02
C THR A 73 -8.00 -10.56 -0.15
N PRO A 74 -8.92 -11.14 -0.91
CA PRO A 74 -10.26 -10.53 -1.11
C PRO A 74 -11.19 -10.77 0.08
N GLY A 75 -11.01 -10.03 1.15
CA GLY A 75 -11.89 -10.21 2.33
C GLY A 75 -11.68 -9.06 3.32
N PRO A 76 -12.55 -8.93 4.28
CA PRO A 76 -12.47 -7.86 5.32
C PRO A 76 -11.39 -8.15 6.37
N GLY A 77 -11.30 -7.34 7.38
CA GLY A 77 -10.27 -7.56 8.44
C GLY A 77 -8.87 -7.33 7.86
N ILE A 78 -7.88 -7.99 8.42
CA ILE A 78 -6.49 -7.81 7.91
C ILE A 78 -6.48 -7.95 6.39
N ARG A 79 -5.35 -7.74 5.79
CA ARG A 79 -5.25 -7.86 4.31
C ARG A 79 -3.76 -7.98 3.95
N TYR A 80 -3.28 -9.19 3.81
CA TYR A 80 -1.84 -9.37 3.47
C TYR A 80 -1.65 -9.23 1.95
N PRO A 81 -0.50 -8.78 1.50
CA PRO A 81 -0.22 -8.63 0.05
C PRO A 81 0.09 -9.97 -0.63
N LEU A 82 -0.69 -10.36 -1.58
CA LEU A 82 -0.41 -11.65 -2.27
C LEU A 82 0.97 -11.59 -2.92
N THR A 83 1.26 -10.49 -3.56
CA THR A 83 2.60 -10.35 -4.21
C THR A 83 3.68 -10.30 -3.13
N PHE A 84 4.87 -10.70 -3.45
CA PHE A 84 5.99 -10.69 -2.45
C PHE A 84 6.84 -9.43 -2.65
N GLY A 85 7.60 -9.05 -1.66
CA GLY A 85 8.47 -7.85 -1.78
C GLY A 85 7.75 -6.63 -1.18
N TRP A 86 6.46 -6.54 -1.38
CA TRP A 86 5.71 -5.38 -0.82
C TRP A 86 5.53 -5.59 0.69
N CYS A 87 6.35 -4.94 1.48
CA CYS A 87 6.29 -5.12 2.95
C CYS A 87 5.18 -4.27 3.57
N TYR A 88 4.06 -4.11 2.91
CA TYR A 88 2.94 -3.30 3.47
C TYR A 88 1.77 -4.22 3.80
N LYS A 89 1.37 -4.26 5.06
CA LYS A 89 0.24 -5.14 5.47
C LYS A 89 -0.86 -4.27 6.08
N LEU A 90 -2.02 -4.27 5.49
CA LEU A 90 -3.13 -3.45 6.05
C LEU A 90 -3.66 -4.13 7.32
N VAL A 91 -4.05 -3.36 8.30
CA VAL A 91 -4.55 -3.97 9.58
C VAL A 91 -5.41 -2.92 10.32
N PRO A 92 -6.61 -3.29 10.77
CA PRO A 92 -7.48 -2.34 11.53
C PRO A 92 -7.05 -2.26 13.00
N VAL A 93 -6.18 -1.35 13.33
CA VAL A 93 -5.72 -1.23 14.74
C VAL A 93 -6.71 -0.38 15.52
N GLU A 94 -6.20 0.48 16.34
CA GLU A 94 -7.05 1.38 17.18
C GLU A 94 -6.25 2.63 17.52
N PRO A 95 -6.26 3.62 16.66
CA PRO A 95 -5.50 4.88 16.90
C PRO A 95 -5.66 5.38 18.33
N GLU A 96 -6.78 5.13 18.92
CA GLU A 96 -7.02 5.57 20.32
C GLU A 96 -6.03 4.84 21.23
N LYS A 97 -5.14 5.54 21.87
CA LYS A 97 -4.15 4.88 22.77
C LYS A 97 -4.79 4.68 24.15
N LEU A 98 -4.12 5.15 25.18
CA LEU A 98 -4.67 4.98 26.55
C LEU A 98 -5.63 6.14 26.86
N GLU A 99 -6.91 5.95 26.66
CA GLU A 99 -7.89 7.04 26.93
C GLU A 99 -9.28 6.42 27.09
N GLU A 100 -10.30 7.23 27.14
CA GLU A 100 -11.67 6.68 27.29
C GLU A 100 -12.70 7.77 26.96
N ALA A 101 -13.66 7.46 26.12
CA ALA A 101 -14.68 8.48 25.76
C ALA A 101 -15.90 7.78 25.16
N ASN A 102 -17.05 8.41 25.21
CA ASN A 102 -18.27 7.77 24.64
C ASN A 102 -18.30 8.00 23.13
N LYS A 103 -17.85 7.06 22.35
CA LYS A 103 -17.86 7.23 20.87
C LYS A 103 -17.80 5.86 20.20
N ASP A 104 -18.64 5.64 19.21
CA ASP A 104 -18.63 4.33 18.49
C ASP A 104 -17.72 4.45 17.26
N ASP A 105 -16.89 3.48 17.02
CA ASP A 105 -15.99 3.54 15.83
C ASP A 105 -16.73 3.03 14.58
N PRO A 106 -16.38 3.51 13.41
CA PRO A 106 -17.02 3.07 12.14
C PRO A 106 -16.55 1.68 11.71
N GLU A 107 -17.46 0.74 11.58
CA GLU A 107 -17.05 -0.64 11.18
C GLU A 107 -16.88 -0.70 9.66
N ARG A 108 -16.58 0.40 9.03
CA ARG A 108 -16.39 0.39 7.55
C ARG A 108 -14.99 -0.17 7.24
N GLU A 109 -14.63 -0.20 5.99
CA GLU A 109 -13.29 -0.74 5.62
C GLU A 109 -12.22 0.29 5.97
N VAL A 110 -12.15 0.65 7.21
CA VAL A 110 -11.13 1.65 7.65
C VAL A 110 -9.87 0.91 8.09
N LEU A 111 -8.95 0.73 7.17
CA LEU A 111 -7.68 0.01 7.49
C LEU A 111 -6.48 0.95 7.32
N GLU A 112 -5.39 0.69 8.01
CA GLU A 112 -4.17 1.55 7.88
C GLU A 112 -3.00 0.76 7.30
N TRP A 113 -2.19 1.41 6.52
CA TRP A 113 -1.00 0.74 5.91
C TRP A 113 0.06 0.54 6.99
N ARG A 114 0.29 -0.67 7.42
CA ARG A 114 1.31 -0.92 8.48
C ARG A 114 2.64 -1.26 7.80
N PHE A 115 3.52 -0.30 7.69
CA PHE A 115 4.83 -0.55 7.04
C PHE A 115 5.65 -1.54 7.88
N ASP A 116 6.24 -2.53 7.26
CA ASP A 116 7.05 -3.51 8.02
C ASP A 116 8.08 -4.15 7.09
N SER A 117 9.07 -3.39 6.68
CA SER A 117 10.12 -3.93 5.75
C SER A 117 10.51 -5.36 6.18
N ARG A 118 10.23 -5.74 7.39
CA ARG A 118 10.58 -7.12 7.84
C ARG A 118 9.78 -8.11 6.98
N LEU A 119 8.59 -7.74 6.61
CA LEU A 119 7.75 -8.63 5.77
C LEU A 119 8.51 -8.87 4.45
N ALA A 120 9.65 -8.23 4.29
CA ALA A 120 10.45 -8.43 3.04
C ALA A 120 11.06 -9.83 3.09
N PHE A 121 10.78 -10.56 4.13
CA PHE A 121 11.34 -11.95 4.26
C PHE A 121 10.21 -12.92 4.63
N HIS A 122 9.37 -12.54 5.56
CA HIS A 122 8.25 -13.44 5.97
C HIS A 122 7.19 -13.45 4.87
N HIS A 123 6.29 -14.39 4.91
CA HIS A 123 5.22 -14.46 3.87
C HIS A 123 4.02 -15.22 4.42
N MET A 124 3.16 -14.54 5.13
CA MET A 124 1.95 -15.22 5.70
C MET A 124 0.89 -15.37 4.62
N ALA A 125 0.74 -14.39 3.77
CA ALA A 125 -0.29 -14.47 2.70
C ALA A 125 -0.21 -15.83 2.00
N ARG A 126 0.92 -16.49 2.09
CA ARG A 126 1.06 -17.81 1.43
C ARG A 126 0.27 -18.87 2.21
N GLU A 127 0.38 -18.89 3.50
CA GLU A 127 -0.35 -19.92 4.30
C GLU A 127 -1.86 -19.65 4.25
N LEU A 128 -2.26 -18.47 3.87
CA LEU A 128 -3.72 -18.16 3.80
C LEU A 128 -4.32 -18.80 2.55
N HIS A 129 -3.79 -18.50 1.39
CA HIS A 129 -4.35 -19.09 0.13
C HIS A 129 -3.24 -19.32 -0.89
N PRO A 130 -2.47 -20.37 -0.72
CA PRO A 130 -1.36 -20.70 -1.65
C PRO A 130 -1.85 -21.52 -2.85
N GLU A 131 -3.04 -22.04 -2.79
CA GLU A 131 -3.58 -22.85 -3.92
C GLU A 131 -3.30 -22.13 -5.24
N TYR A 132 -3.27 -20.83 -5.23
CA TYR A 132 -2.99 -20.08 -6.49
C TYR A 132 -1.48 -20.12 -6.77
N PHE A 133 -0.73 -19.34 -6.05
CA PHE A 133 0.75 -19.33 -6.25
C PHE A 133 1.38 -20.39 -5.33
N LYS A 134 1.59 -21.57 -5.84
CA LYS A 134 2.19 -22.68 -5.02
C LYS A 134 3.57 -23.04 -5.57
N ASN A 135 3.84 -22.73 -6.81
CA ASN A 135 5.17 -23.07 -7.39
C ASN A 135 6.21 -22.05 -6.90
N ALA A 136 7.24 -22.52 -6.25
CA ALA A 136 8.30 -21.58 -5.76
C ALA A 136 9.26 -21.25 -6.90
N ALA A 1 2.65 17.04 2.42
CA ALA A 1 3.76 16.58 1.53
C ALA A 1 3.17 16.04 0.22
N TRP A 2 3.65 14.92 -0.23
CA TRP A 2 3.12 14.34 -1.50
C TRP A 2 1.72 13.79 -1.27
N LEU A 3 1.44 13.34 -0.08
CA LEU A 3 0.09 12.77 0.21
C LEU A 3 -0.89 13.92 0.46
N GLU A 4 -0.41 15.06 0.89
CA GLU A 4 -1.31 16.21 1.14
C GLU A 4 -1.71 16.85 -0.19
N ALA A 5 -2.63 16.26 -0.89
CA ALA A 5 -3.06 16.82 -2.20
C ALA A 5 -3.87 18.10 -1.95
N GLN A 6 -3.39 18.97 -1.10
CA GLN A 6 -4.14 20.22 -0.82
C GLN A 6 -4.04 21.15 -2.03
N GLU A 7 -2.84 21.45 -2.48
CA GLU A 7 -2.69 22.35 -3.65
C GLU A 7 -3.42 21.74 -4.86
N GLU A 8 -3.94 22.57 -5.72
CA GLU A 8 -4.66 22.04 -6.91
C GLU A 8 -3.76 21.07 -7.67
N GLU A 9 -4.34 20.19 -8.45
CA GLU A 9 -3.51 19.21 -9.21
C GLU A 9 -2.75 19.94 -10.33
N GLU A 10 -2.26 21.12 -10.05
CA GLU A 10 -1.51 21.89 -11.09
C GLU A 10 -0.01 21.69 -10.91
N VAL A 11 0.52 20.59 -11.39
CA VAL A 11 1.97 20.33 -11.23
C VAL A 11 2.74 21.09 -12.33
N GLY A 12 2.69 22.40 -12.27
CA GLY A 12 3.39 23.22 -13.29
C GLY A 12 4.84 22.75 -13.45
N PHE A 13 5.29 21.87 -12.59
CA PHE A 13 6.70 21.39 -12.71
C PHE A 13 6.75 20.21 -13.70
N PRO A 14 7.85 20.03 -14.40
CA PRO A 14 8.00 18.91 -15.38
C PRO A 14 8.28 17.57 -14.70
N VAL A 15 7.28 16.77 -14.51
CA VAL A 15 7.48 15.43 -13.86
C VAL A 15 7.89 14.41 -14.93
N THR A 16 8.29 13.24 -14.52
CA THR A 16 8.70 12.19 -15.51
C THR A 16 7.44 11.39 -15.93
N PRO A 17 7.00 11.49 -17.17
CA PRO A 17 5.79 10.76 -17.64
C PRO A 17 6.07 9.28 -17.95
N GLN A 18 5.20 8.68 -18.73
CA GLN A 18 5.38 7.24 -19.07
C GLN A 18 6.80 6.97 -19.53
N VAL A 19 7.62 6.51 -18.63
CA VAL A 19 9.03 6.16 -18.97
C VAL A 19 9.06 4.68 -19.33
N PRO A 20 10.03 4.23 -20.10
CA PRO A 20 10.13 2.79 -20.50
C PRO A 20 9.64 1.85 -19.39
N LEU A 21 8.70 0.99 -19.71
CA LEU A 21 8.14 0.08 -18.66
C LEU A 21 9.25 -0.82 -18.10
N ARG A 22 9.78 -0.46 -16.96
CA ARG A 22 10.85 -1.30 -16.34
C ARG A 22 10.18 -2.46 -15.56
N PRO A 23 10.43 -3.70 -15.92
CA PRO A 23 9.82 -4.86 -15.21
C PRO A 23 9.84 -4.69 -13.69
N MET A 24 8.70 -4.78 -13.05
CA MET A 24 8.66 -4.62 -11.56
C MET A 24 9.36 -5.81 -10.90
N THR A 25 10.51 -5.59 -10.32
CA THR A 25 11.25 -6.71 -9.66
C THR A 25 10.84 -6.84 -8.20
N TYR A 26 10.89 -8.04 -7.66
CA TYR A 26 10.55 -8.20 -6.22
C TYR A 26 11.45 -7.20 -5.49
N LYS A 27 12.67 -7.12 -5.94
CA LYS A 27 13.62 -6.15 -5.36
C LYS A 27 13.03 -4.76 -5.56
N ALA A 28 12.28 -4.56 -6.63
CA ALA A 28 11.69 -3.21 -6.85
C ALA A 28 10.69 -2.91 -5.73
N ALA A 29 9.99 -3.91 -5.28
CA ALA A 29 8.99 -3.70 -4.18
C ALA A 29 9.73 -3.25 -2.90
N VAL A 30 10.72 -3.98 -2.49
CA VAL A 30 11.47 -3.60 -1.26
C VAL A 30 12.14 -2.25 -1.47
N ASP A 31 12.75 -2.05 -2.61
CA ASP A 31 13.40 -0.74 -2.87
C ASP A 31 12.33 0.34 -2.80
N LEU A 32 11.25 0.15 -3.52
CA LEU A 32 10.15 1.15 -3.51
C LEU A 32 9.55 1.22 -2.11
N SER A 33 9.42 0.11 -1.42
CA SER A 33 8.83 0.14 -0.06
C SER A 33 9.55 1.19 0.78
N HIS A 34 10.85 1.13 0.84
CA HIS A 34 11.61 2.13 1.65
C HIS A 34 11.61 3.49 0.96
N PHE A 35 11.58 3.51 -0.34
CA PHE A 35 11.58 4.83 -1.05
C PHE A 35 10.39 5.65 -0.54
N LEU A 36 9.20 5.14 -0.73
CA LEU A 36 7.99 5.90 -0.26
C LEU A 36 8.08 6.08 1.26
N LYS A 37 8.76 5.21 1.94
CA LYS A 37 8.88 5.33 3.42
C LYS A 37 9.66 6.60 3.79
N GLU A 38 10.87 6.72 3.34
CA GLU A 38 11.69 7.92 3.67
C GLU A 38 11.08 9.17 3.03
N LYS A 39 10.22 9.00 2.06
CA LYS A 39 9.59 10.18 1.39
C LYS A 39 8.48 10.73 2.29
N GLY A 40 8.61 10.56 3.59
CA GLY A 40 7.56 11.07 4.54
C GLY A 40 7.15 9.94 5.49
N GLY A 41 6.55 8.90 4.97
CA GLY A 41 6.11 7.76 5.83
C GLY A 41 4.62 7.46 5.61
N LEU A 42 4.31 6.49 4.80
CA LEU A 42 2.87 6.14 4.55
C LEU A 42 2.38 5.30 5.74
N GLU A 43 3.31 4.80 6.51
CA GLU A 43 2.97 3.96 7.69
C GLU A 43 1.94 4.64 8.59
N GLY A 44 1.19 3.83 9.29
CA GLY A 44 0.17 4.34 10.25
C GLY A 44 -0.88 5.24 9.58
N LEU A 45 -0.74 5.53 8.31
CA LEU A 45 -1.76 6.40 7.66
C LEU A 45 -3.04 5.59 7.41
N ILE A 46 -4.14 5.98 8.03
CA ILE A 46 -5.40 5.20 7.83
C ILE A 46 -5.84 5.23 6.37
N HIS A 47 -5.72 4.12 5.69
CA HIS A 47 -6.15 4.04 4.27
C HIS A 47 -7.67 4.20 4.21
N SER A 48 -8.14 5.35 3.80
CA SER A 48 -9.61 5.57 3.72
C SER A 48 -10.21 4.69 2.63
N GLN A 49 -10.05 5.06 1.38
CA GLN A 49 -10.62 4.23 0.29
C GLN A 49 -10.05 4.69 -1.06
N ARG A 50 -10.41 5.87 -1.50
CA ARG A 50 -9.90 6.37 -2.81
C ARG A 50 -8.43 6.74 -2.70
N ARG A 51 -7.94 6.97 -1.51
CA ARG A 51 -6.51 7.33 -1.34
C ARG A 51 -5.64 6.23 -1.97
N GLN A 52 -6.12 5.02 -1.99
CA GLN A 52 -5.33 3.92 -2.59
C GLN A 52 -5.12 4.20 -4.08
N ASP A 53 -6.12 4.71 -4.75
CA ASP A 53 -5.98 5.02 -6.20
C ASP A 53 -4.85 6.02 -6.40
N ILE A 54 -4.86 7.10 -5.67
CA ILE A 54 -3.78 8.13 -5.84
C ILE A 54 -2.41 7.45 -5.73
N LEU A 55 -2.19 6.68 -4.70
CA LEU A 55 -0.88 5.99 -4.52
C LEU A 55 -0.45 5.35 -5.86
N ASP A 56 -1.14 4.33 -6.28
CA ASP A 56 -0.77 3.66 -7.56
C ASP A 56 -0.67 4.68 -8.70
N LEU A 57 -1.52 5.68 -8.69
CA LEU A 57 -1.47 6.68 -9.80
C LEU A 57 -0.14 7.45 -9.76
N TRP A 58 0.19 8.04 -8.65
CA TRP A 58 1.48 8.81 -8.59
C TRP A 58 2.60 7.95 -9.15
N ILE A 59 2.68 6.71 -8.76
CA ILE A 59 3.75 5.83 -9.30
C ILE A 59 3.63 5.81 -10.83
N TYR A 60 2.44 5.99 -11.33
CA TYR A 60 2.24 5.95 -12.82
C TYR A 60 2.98 7.11 -13.51
N HIS A 61 2.50 8.32 -13.38
CA HIS A 61 3.17 9.47 -14.08
C HIS A 61 4.57 9.74 -13.51
N THR A 62 5.19 8.74 -12.92
CA THR A 62 6.57 8.93 -12.36
C THR A 62 7.52 7.87 -12.94
N GLN A 63 7.61 6.73 -12.30
CA GLN A 63 8.52 5.67 -12.81
C GLN A 63 7.83 4.92 -13.97
N GLY A 64 6.61 5.27 -14.26
CA GLY A 64 5.88 4.62 -15.38
C GLY A 64 5.61 3.14 -15.08
N TYR A 65 5.50 2.75 -13.84
CA TYR A 65 5.21 1.32 -13.56
C TYR A 65 3.75 1.06 -13.96
N PHE A 66 3.39 -0.18 -14.18
CA PHE A 66 1.98 -0.51 -14.56
C PHE A 66 1.30 -1.23 -13.39
N PRO A 67 0.56 -0.53 -12.56
CA PRO A 67 -0.12 -1.14 -11.38
C PRO A 67 -0.77 -2.49 -11.70
N ASP A 68 -0.06 -3.55 -11.46
CA ASP A 68 -0.60 -4.91 -11.72
C ASP A 68 0.12 -5.89 -10.79
N TRP A 69 0.73 -5.37 -9.76
CA TRP A 69 1.47 -6.23 -8.78
C TRP A 69 0.75 -6.20 -7.44
N GLN A 70 0.04 -5.15 -7.20
CA GLN A 70 -0.71 -5.03 -5.91
C GLN A 70 -1.96 -5.92 -5.95
N ASN A 71 -2.04 -6.85 -5.03
CA ASN A 71 -3.23 -7.75 -5.00
C ASN A 71 -3.33 -8.39 -3.61
N TYR A 72 -3.86 -7.66 -2.67
CA TYR A 72 -3.98 -8.23 -1.29
C TYR A 72 -5.01 -9.36 -1.27
N THR A 73 -5.12 -10.04 -0.16
CA THR A 73 -6.11 -11.15 -0.07
C THR A 73 -7.49 -10.59 -0.42
N PRO A 74 -8.42 -11.44 -0.80
CA PRO A 74 -9.82 -11.04 -1.18
C PRO A 74 -10.36 -9.84 -0.39
N GLY A 75 -11.41 -10.03 0.35
CA GLY A 75 -12.01 -8.89 1.13
C GLY A 75 -12.31 -9.32 2.57
N PRO A 76 -11.38 -9.94 3.24
CA PRO A 76 -11.56 -10.36 4.67
C PRO A 76 -11.43 -9.17 5.63
N GLY A 77 -11.07 -9.42 6.86
CA GLY A 77 -10.91 -8.29 7.83
C GLY A 77 -9.51 -7.68 7.66
N ILE A 78 -8.51 -8.52 7.57
CA ILE A 78 -7.11 -8.02 7.39
C ILE A 78 -6.80 -8.00 5.88
N ARG A 79 -5.55 -7.81 5.51
CA ARG A 79 -5.22 -7.79 4.06
C ARG A 79 -3.71 -8.02 3.90
N TYR A 80 -3.31 -9.26 3.71
CA TYR A 80 -1.86 -9.57 3.54
C TYR A 80 -1.47 -9.50 2.04
N PRO A 81 -0.58 -8.61 1.64
CA PRO A 81 -0.13 -8.51 0.22
C PRO A 81 0.27 -9.88 -0.35
N LEU A 82 -0.45 -10.39 -1.32
CA LEU A 82 -0.06 -11.71 -1.87
C LEU A 82 1.34 -11.61 -2.46
N THR A 83 1.65 -10.52 -3.11
CA THR A 83 3.01 -10.36 -3.68
C THR A 83 4.04 -10.28 -2.55
N PHE A 84 5.25 -10.68 -2.81
CA PHE A 84 6.31 -10.65 -1.75
C PHE A 84 7.16 -9.38 -1.92
N GLY A 85 7.79 -8.94 -0.86
CA GLY A 85 8.65 -7.73 -0.95
C GLY A 85 7.86 -6.48 -0.52
N TRP A 86 6.60 -6.43 -0.83
CA TRP A 86 5.78 -5.24 -0.44
C TRP A 86 5.52 -5.33 1.06
N CYS A 87 6.32 -4.65 1.84
CA CYS A 87 6.19 -4.69 3.32
C CYS A 87 5.08 -3.77 3.81
N TYR A 88 3.94 -3.79 3.18
CA TYR A 88 2.81 -2.92 3.63
C TYR A 88 1.59 -3.81 3.93
N LYS A 89 1.39 -4.14 5.19
CA LYS A 89 0.24 -5.01 5.57
C LYS A 89 -0.92 -4.16 6.10
N LEU A 90 -2.04 -4.16 5.43
CA LEU A 90 -3.19 -3.37 5.94
C LEU A 90 -3.84 -4.15 7.09
N VAL A 91 -4.27 -3.46 8.12
CA VAL A 91 -4.89 -4.17 9.29
C VAL A 91 -5.86 -3.20 10.01
N PRO A 92 -7.05 -3.65 10.40
CA PRO A 92 -8.01 -2.79 11.12
C PRO A 92 -7.75 -2.74 12.63
N VAL A 93 -6.98 -1.79 13.07
CA VAL A 93 -6.67 -1.70 14.52
C VAL A 93 -7.76 -0.89 15.21
N GLU A 94 -7.37 0.05 16.02
CA GLU A 94 -8.34 0.91 16.75
C GLU A 94 -7.69 2.28 16.98
N PRO A 95 -7.67 3.11 15.97
CA PRO A 95 -7.07 4.48 16.06
C PRO A 95 -7.57 5.29 17.25
N GLU A 96 -8.38 4.70 18.09
CA GLU A 96 -8.89 5.45 19.27
C GLU A 96 -7.70 5.90 20.13
N LYS A 97 -7.77 7.08 20.69
CA LYS A 97 -6.66 7.58 21.53
C LYS A 97 -6.80 7.01 22.94
N LEU A 98 -6.99 7.85 23.92
CA LEU A 98 -7.13 7.34 25.32
C LEU A 98 -8.57 6.84 25.52
N GLU A 99 -8.92 6.47 26.72
CA GLU A 99 -10.30 5.97 26.96
C GLU A 99 -11.27 7.16 26.95
N GLU A 100 -12.45 6.96 26.43
CA GLU A 100 -13.44 8.08 26.39
C GLU A 100 -14.83 7.52 26.10
N ALA A 101 -15.85 8.20 26.54
CA ALA A 101 -17.23 7.70 26.29
C ALA A 101 -17.51 7.72 24.78
N ASN A 102 -17.46 6.59 24.15
CA ASN A 102 -17.72 6.54 22.68
C ASN A 102 -17.97 5.08 22.26
N LYS A 103 -19.14 4.79 21.77
CA LYS A 103 -19.44 3.40 21.33
C LYS A 103 -18.74 3.11 20.00
N ASP A 104 -17.68 2.35 20.02
CA ASP A 104 -16.95 2.04 18.76
C ASP A 104 -17.50 0.72 18.19
N ASP A 105 -18.54 0.81 17.40
CA ASP A 105 -19.12 -0.43 16.80
C ASP A 105 -18.34 -0.80 15.53
N PRO A 106 -18.26 -2.07 15.20
CA PRO A 106 -17.53 -2.52 13.97
C PRO A 106 -18.30 -2.20 12.69
N GLU A 107 -18.75 -0.98 12.56
CA GLU A 107 -19.51 -0.60 11.32
C GLU A 107 -18.52 -0.33 10.19
N ARG A 108 -18.31 0.91 9.84
CA ARG A 108 -17.35 1.22 8.74
C ARG A 108 -15.92 1.15 9.27
N GLU A 109 -15.37 -0.04 9.36
CA GLU A 109 -13.97 -0.18 9.85
C GLU A 109 -12.99 0.22 8.75
N VAL A 110 -12.19 1.23 8.99
CA VAL A 110 -11.21 1.67 7.95
C VAL A 110 -9.92 0.86 8.12
N LEU A 111 -9.04 0.89 7.14
CA LEU A 111 -7.77 0.10 7.23
C LEU A 111 -6.55 1.04 7.27
N GLU A 112 -5.51 0.63 7.95
CA GLU A 112 -4.27 1.47 8.03
C GLU A 112 -3.07 0.69 7.46
N TRP A 113 -2.20 1.40 6.78
CA TRP A 113 -0.99 0.76 6.18
C TRP A 113 0.03 0.47 7.30
N ARG A 114 0.32 -0.78 7.55
CA ARG A 114 1.30 -1.13 8.61
C ARG A 114 2.67 -1.41 7.97
N PHE A 115 3.55 -0.46 7.99
CA PHE A 115 4.90 -0.67 7.38
C PHE A 115 5.71 -1.66 8.23
N ASP A 116 6.30 -2.65 7.60
CA ASP A 116 7.10 -3.64 8.36
C ASP A 116 8.14 -4.27 7.43
N SER A 117 9.14 -3.51 7.04
CA SER A 117 10.19 -4.04 6.10
C SER A 117 10.66 -5.44 6.57
N ARG A 118 10.27 -5.87 7.74
CA ARG A 118 10.71 -7.21 8.21
C ARG A 118 10.17 -8.27 7.24
N LEU A 119 9.07 -7.96 6.60
CA LEU A 119 8.48 -8.93 5.62
C LEU A 119 9.48 -9.12 4.48
N ALA A 120 10.60 -8.46 4.55
CA ALA A 120 11.62 -8.61 3.48
C ALA A 120 12.33 -9.96 3.61
N PHE A 121 12.04 -10.68 4.67
CA PHE A 121 12.68 -12.02 4.86
C PHE A 121 11.64 -13.02 5.39
N HIS A 122 10.71 -12.57 6.18
CA HIS A 122 9.67 -13.49 6.72
C HIS A 122 8.70 -13.85 5.61
N HIS A 123 7.59 -14.48 5.94
CA HIS A 123 6.62 -14.85 4.88
C HIS A 123 5.35 -15.42 5.52
N MET A 124 4.48 -14.57 6.01
CA MET A 124 3.23 -15.05 6.65
C MET A 124 2.20 -15.40 5.58
N ALA A 125 2.09 -14.57 4.57
CA ALA A 125 1.09 -14.84 3.50
C ALA A 125 1.33 -16.22 2.89
N ARG A 126 2.57 -16.60 2.71
CA ARG A 126 2.85 -17.94 2.11
C ARG A 126 2.53 -19.05 3.13
N GLU A 127 2.95 -18.88 4.35
CA GLU A 127 2.68 -19.92 5.38
C GLU A 127 1.19 -19.94 5.71
N LEU A 128 0.48 -18.91 5.36
CA LEU A 128 -0.98 -18.87 5.68
C LEU A 128 -1.75 -19.74 4.66
N HIS A 129 -1.87 -19.30 3.45
CA HIS A 129 -2.62 -20.09 2.42
C HIS A 129 -1.98 -19.89 1.03
N PRO A 130 -0.95 -20.66 0.72
CA PRO A 130 -0.25 -20.57 -0.58
C PRO A 130 -0.94 -21.40 -1.67
N GLU A 131 -1.64 -20.76 -2.58
CA GLU A 131 -2.35 -21.50 -3.67
C GLU A 131 -1.74 -21.10 -5.02
N TYR A 132 -2.00 -19.90 -5.46
CA TYR A 132 -1.43 -19.45 -6.77
C TYR A 132 0.04 -19.07 -6.56
N PHE A 133 0.60 -19.51 -5.47
CA PHE A 133 2.04 -19.18 -5.18
C PHE A 133 2.92 -20.29 -5.77
N LYS A 134 4.21 -20.21 -5.57
CA LYS A 134 5.12 -21.26 -6.11
C LYS A 134 6.43 -21.27 -5.33
N ASN A 135 7.06 -22.41 -5.24
CA ASN A 135 8.34 -22.48 -4.48
C ASN A 135 9.38 -21.55 -5.12
N ALA A 136 10.57 -21.51 -4.58
CA ALA A 136 11.63 -20.63 -5.16
C ALA A 136 12.27 -21.33 -6.36
N ALA A 1 1.31 17.27 4.35
CA ALA A 1 1.64 17.57 2.92
C ALA A 1 1.33 16.36 2.06
N TRP A 2 0.63 15.40 2.59
CA TRP A 2 0.30 14.17 1.80
C TRP A 2 -0.80 14.52 0.78
N LEU A 3 -2.05 14.45 1.19
CA LEU A 3 -3.15 14.76 0.23
C LEU A 3 -3.37 16.27 0.20
N GLU A 4 -2.75 16.99 1.10
CA GLU A 4 -2.93 18.47 1.14
C GLU A 4 -2.13 19.13 0.02
N ALA A 5 -0.84 19.04 0.08
CA ALA A 5 0.01 19.67 -0.96
C ALA A 5 -0.16 18.94 -2.30
N GLN A 6 -0.93 19.49 -3.19
CA GLN A 6 -1.12 18.83 -4.52
C GLN A 6 0.08 19.16 -5.40
N GLU A 7 -0.04 20.13 -6.27
CA GLU A 7 1.11 20.49 -7.15
C GLU A 7 2.23 21.06 -6.28
N GLU A 8 3.20 20.25 -5.95
CA GLU A 8 4.32 20.73 -5.08
C GLU A 8 5.09 21.86 -5.81
N GLU A 9 6.35 22.00 -5.51
CA GLU A 9 7.17 23.07 -6.15
C GLU A 9 8.60 22.55 -6.36
N GLU A 10 9.05 21.70 -5.48
CA GLU A 10 10.44 21.15 -5.62
C GLU A 10 10.43 20.05 -6.69
N VAL A 11 9.49 20.11 -7.60
CA VAL A 11 9.42 19.06 -8.67
C VAL A 11 8.73 19.66 -9.90
N GLY A 12 8.63 20.96 -9.94
CA GLY A 12 8.00 21.65 -11.10
C GLY A 12 6.74 20.89 -11.56
N PHE A 13 6.70 20.51 -12.81
CA PHE A 13 5.51 19.76 -13.34
C PHE A 13 5.74 18.26 -13.12
N PRO A 14 4.71 17.45 -13.21
CA PRO A 14 4.84 15.97 -13.03
C PRO A 14 6.05 15.40 -13.80
N VAL A 15 6.30 14.13 -13.65
CA VAL A 15 7.46 13.51 -14.37
C VAL A 15 7.03 13.17 -15.80
N THR A 16 7.74 12.29 -16.45
CA THR A 16 7.37 11.91 -17.85
C THR A 16 6.31 10.79 -17.79
N PRO A 17 5.22 10.88 -18.55
CA PRO A 17 4.16 9.82 -18.55
C PRO A 17 4.72 8.39 -18.70
N GLN A 18 3.86 7.47 -19.06
CA GLN A 18 4.29 6.06 -19.24
C GLN A 18 5.62 5.99 -19.97
N VAL A 19 6.68 5.83 -19.25
CA VAL A 19 8.04 5.73 -19.88
C VAL A 19 8.22 4.24 -20.27
N PRO A 20 9.29 3.85 -20.90
CA PRO A 20 9.48 2.43 -21.30
C PRO A 20 9.11 1.48 -20.15
N LEU A 21 8.14 0.65 -20.36
CA LEU A 21 7.69 -0.28 -19.27
C LEU A 21 8.82 -1.21 -18.84
N ARG A 22 9.50 -0.88 -17.76
CA ARG A 22 10.58 -1.75 -17.26
C ARG A 22 9.93 -2.89 -16.45
N PRO A 23 10.56 -4.04 -16.36
CA PRO A 23 10.00 -5.19 -15.59
C PRO A 23 10.07 -4.96 -14.08
N MET A 24 8.96 -4.96 -13.41
CA MET A 24 8.96 -4.75 -11.93
C MET A 24 9.71 -5.91 -11.27
N THR A 25 10.30 -5.68 -10.13
CA THR A 25 11.06 -6.76 -9.43
C THR A 25 10.67 -6.84 -7.97
N TYR A 26 10.69 -8.01 -7.39
CA TYR A 26 10.35 -8.13 -5.95
C TYR A 26 11.21 -7.09 -5.23
N LYS A 27 12.46 -7.04 -5.60
CA LYS A 27 13.37 -6.04 -5.02
C LYS A 27 12.81 -4.65 -5.37
N ALA A 28 12.14 -4.51 -6.49
CA ALA A 28 11.60 -3.16 -6.83
C ALA A 28 10.56 -2.77 -5.79
N ALA A 29 9.73 -3.71 -5.39
CA ALA A 29 8.70 -3.40 -4.36
C ALA A 29 9.38 -3.03 -3.04
N VAL A 30 10.32 -3.82 -2.59
CA VAL A 30 11.02 -3.51 -1.32
C VAL A 30 11.77 -2.19 -1.48
N ASP A 31 12.42 -2.00 -2.59
CA ASP A 31 13.17 -0.73 -2.80
C ASP A 31 12.16 0.41 -2.76
N LEU A 32 11.09 0.29 -3.50
CA LEU A 32 10.05 1.35 -3.50
C LEU A 32 9.46 1.48 -2.09
N SER A 33 9.23 0.37 -1.43
CA SER A 33 8.65 0.44 -0.06
C SER A 33 9.47 1.40 0.81
N HIS A 34 10.78 1.27 0.77
CA HIS A 34 11.64 2.16 1.59
C HIS A 34 11.66 3.57 1.00
N PHE A 35 11.56 3.69 -0.30
CA PHE A 35 11.57 5.05 -0.92
C PHE A 35 10.46 5.89 -0.29
N LEU A 36 9.23 5.43 -0.39
CA LEU A 36 8.11 6.20 0.20
C LEU A 36 8.29 6.30 1.71
N LYS A 37 8.99 5.37 2.31
CA LYS A 37 9.19 5.42 3.79
C LYS A 37 9.95 6.70 4.18
N GLU A 38 10.66 7.29 3.26
CA GLU A 38 11.41 8.53 3.60
C GLU A 38 10.45 9.69 3.81
N LYS A 39 10.04 10.31 2.74
CA LYS A 39 9.11 11.47 2.84
C LYS A 39 7.66 10.98 2.98
N GLY A 40 7.06 10.56 1.90
CA GLY A 40 5.65 10.07 1.95
C GLY A 40 5.44 9.16 3.17
N GLY A 41 4.94 9.68 4.25
CA GLY A 41 4.69 8.83 5.45
C GLY A 41 3.35 8.10 5.27
N LEU A 42 3.31 7.08 4.45
CA LEU A 42 2.04 6.34 4.23
C LEU A 42 1.81 5.38 5.40
N GLU A 43 2.86 4.99 6.07
CA GLU A 43 2.71 4.04 7.21
C GLU A 43 1.66 4.56 8.20
N GLY A 44 0.98 3.66 8.85
CA GLY A 44 -0.03 4.05 9.87
C GLY A 44 -1.11 4.96 9.26
N LEU A 45 -0.99 5.33 8.02
CA LEU A 45 -2.05 6.22 7.43
C LEU A 45 -3.31 5.40 7.19
N ILE A 46 -4.41 5.80 7.78
CA ILE A 46 -5.67 5.01 7.62
C ILE A 46 -6.10 4.98 6.14
N HIS A 47 -5.91 3.85 5.50
CA HIS A 47 -6.31 3.69 4.07
C HIS A 47 -7.84 3.72 3.97
N SER A 48 -8.37 4.81 3.47
CA SER A 48 -9.85 4.92 3.31
C SER A 48 -10.30 3.97 2.19
N GLN A 49 -10.11 4.37 0.96
CA GLN A 49 -10.51 3.52 -0.18
C GLN A 49 -10.00 4.14 -1.48
N ARG A 50 -10.23 5.41 -1.67
CA ARG A 50 -9.76 6.09 -2.91
C ARG A 50 -8.30 6.51 -2.73
N ARG A 51 -7.88 6.74 -1.51
CA ARG A 51 -6.46 7.16 -1.27
C ARG A 51 -5.52 6.12 -1.89
N GLN A 52 -5.94 4.89 -1.97
CA GLN A 52 -5.07 3.84 -2.57
C GLN A 52 -4.81 4.17 -4.03
N ASP A 53 -5.81 4.65 -4.73
CA ASP A 53 -5.61 5.01 -6.16
C ASP A 53 -4.51 6.06 -6.28
N ILE A 54 -4.58 7.10 -5.50
CA ILE A 54 -3.54 8.16 -5.56
C ILE A 54 -2.15 7.51 -5.52
N LEU A 55 -1.93 6.62 -4.60
CA LEU A 55 -0.60 5.95 -4.52
C LEU A 55 -0.26 5.31 -5.87
N ASP A 56 -0.99 4.29 -6.25
CA ASP A 56 -0.72 3.62 -7.54
C ASP A 56 -0.65 4.65 -8.67
N LEU A 57 -1.44 5.68 -8.60
CA LEU A 57 -1.42 6.72 -9.67
C LEU A 57 -0.06 7.42 -9.70
N TRP A 58 0.33 8.04 -8.61
CA TRP A 58 1.65 8.74 -8.59
C TRP A 58 2.73 7.77 -9.09
N ILE A 59 2.73 6.56 -8.60
CA ILE A 59 3.74 5.58 -9.07
C ILE A 59 3.60 5.41 -10.58
N TYR A 60 2.41 5.58 -11.10
CA TYR A 60 2.20 5.43 -12.56
C TYR A 60 2.91 6.53 -13.36
N HIS A 61 2.44 7.75 -13.26
CA HIS A 61 3.06 8.87 -14.06
C HIS A 61 4.51 9.12 -13.62
N THR A 62 5.10 8.25 -12.84
CA THR A 62 6.51 8.46 -12.38
C THR A 62 7.46 7.60 -13.21
N GLN A 63 7.85 6.47 -12.69
CA GLN A 63 8.80 5.59 -13.44
C GLN A 63 8.03 4.80 -14.51
N GLY A 64 6.73 4.94 -14.56
CA GLY A 64 5.94 4.22 -15.58
C GLY A 64 5.77 2.75 -15.20
N TYR A 65 5.74 2.44 -13.93
CA TYR A 65 5.55 1.01 -13.53
C TYR A 65 4.09 0.63 -13.79
N PHE A 66 3.86 -0.45 -14.47
CA PHE A 66 2.46 -0.86 -14.76
C PHE A 66 1.86 -1.51 -13.50
N PRO A 67 0.61 -1.21 -13.17
CA PRO A 67 -0.03 -1.79 -11.96
C PRO A 67 -0.43 -3.26 -12.15
N ASP A 68 0.43 -4.16 -11.78
CA ASP A 68 0.13 -5.61 -11.91
C ASP A 68 0.93 -6.36 -10.85
N TRP A 69 1.40 -5.63 -9.87
CA TRP A 69 2.21 -6.24 -8.77
C TRP A 69 1.43 -6.08 -7.47
N GLN A 70 0.53 -5.17 -7.46
CA GLN A 70 -0.30 -4.93 -6.24
C GLN A 70 -1.38 -6.02 -6.15
N ASN A 71 -1.43 -6.73 -5.07
CA ASN A 71 -2.45 -7.80 -4.92
C ASN A 71 -2.64 -8.10 -3.42
N TYR A 72 -3.80 -8.58 -3.05
CA TYR A 72 -4.05 -8.89 -1.61
C TYR A 72 -5.26 -9.83 -1.51
N THR A 73 -5.50 -10.38 -0.34
CA THR A 73 -6.67 -11.30 -0.19
C THR A 73 -7.96 -10.48 -0.46
N PRO A 74 -9.15 -11.00 -0.18
CA PRO A 74 -10.43 -10.26 -0.44
C PRO A 74 -10.44 -8.81 0.08
N GLY A 75 -11.39 -8.47 0.91
CA GLY A 75 -11.48 -7.06 1.43
C GLY A 75 -11.68 -7.06 2.96
N PRO A 76 -12.86 -7.36 3.42
CA PRO A 76 -13.19 -7.40 4.87
C PRO A 76 -12.08 -8.05 5.73
N GLY A 77 -12.01 -7.68 6.99
CA GLY A 77 -10.99 -8.28 7.89
C GLY A 77 -9.57 -7.82 7.51
N ILE A 78 -8.58 -8.28 8.23
CA ILE A 78 -7.17 -7.89 7.93
C ILE A 78 -6.89 -8.18 6.45
N ARG A 79 -5.70 -7.95 5.98
CA ARG A 79 -5.42 -8.21 4.54
C ARG A 79 -3.91 -8.21 4.27
N TYR A 80 -3.37 -9.36 3.96
CA TYR A 80 -1.91 -9.47 3.67
C TYR A 80 -1.69 -9.37 2.14
N PRO A 81 -0.53 -8.94 1.71
CA PRO A 81 -0.22 -8.83 0.25
C PRO A 81 0.19 -10.19 -0.36
N LEU A 82 -0.52 -10.65 -1.35
CA LEU A 82 -0.17 -11.96 -1.97
C LEU A 82 1.22 -11.86 -2.61
N THR A 83 1.46 -10.83 -3.39
CA THR A 83 2.79 -10.69 -4.04
C THR A 83 3.87 -10.51 -2.98
N PHE A 84 5.08 -10.87 -3.30
CA PHE A 84 6.21 -10.74 -2.33
C PHE A 84 6.99 -9.45 -2.57
N GLY A 85 7.72 -8.98 -1.58
CA GLY A 85 8.53 -7.74 -1.76
C GLY A 85 7.77 -6.54 -1.19
N TRP A 86 6.49 -6.49 -1.40
CA TRP A 86 5.69 -5.34 -0.87
C TRP A 86 5.47 -5.54 0.63
N CYS A 87 6.29 -4.92 1.43
CA CYS A 87 6.18 -5.08 2.91
C CYS A 87 5.08 -4.17 3.47
N TYR A 88 3.96 -4.08 2.81
CA TYR A 88 2.83 -3.23 3.32
C TYR A 88 1.63 -4.14 3.61
N LYS A 89 1.29 -4.30 4.86
CA LYS A 89 0.13 -5.17 5.25
C LYS A 89 -0.95 -4.31 5.89
N LEU A 90 -2.12 -4.28 5.33
CA LEU A 90 -3.21 -3.46 5.93
C LEU A 90 -3.77 -4.17 7.15
N VAL A 91 -4.07 -3.44 8.20
CA VAL A 91 -4.59 -4.06 9.45
C VAL A 91 -5.42 -3.00 10.21
N PRO A 92 -6.59 -3.34 10.73
CA PRO A 92 -7.43 -2.37 11.48
C PRO A 92 -6.91 -2.17 12.91
N VAL A 93 -5.97 -1.28 13.07
CA VAL A 93 -5.40 -1.01 14.43
C VAL A 93 -6.25 0.04 15.14
N GLU A 94 -7.45 0.21 14.71
CA GLU A 94 -8.34 1.21 15.34
C GLU A 94 -8.68 0.76 16.78
N PRO A 95 -8.56 1.64 17.76
CA PRO A 95 -8.86 1.28 19.18
C PRO A 95 -10.36 1.21 19.47
N GLU A 96 -11.18 1.31 18.46
CA GLU A 96 -12.66 1.25 18.70
C GLU A 96 -13.02 -0.11 19.31
N LYS A 97 -13.02 -0.20 20.62
CA LYS A 97 -13.36 -1.50 21.26
C LYS A 97 -14.89 -1.66 21.34
N LEU A 98 -15.60 -0.73 20.78
CA LEU A 98 -17.09 -0.82 20.81
C LEU A 98 -17.57 -1.74 19.70
N GLU A 99 -18.61 -2.50 19.95
CA GLU A 99 -19.14 -3.43 18.91
C GLU A 99 -20.58 -3.79 19.25
N GLU A 100 -20.78 -4.55 20.29
CA GLU A 100 -22.16 -4.93 20.68
C GLU A 100 -22.86 -3.74 21.35
N ALA A 101 -23.54 -2.93 20.57
CA ALA A 101 -24.24 -1.76 21.16
C ALA A 101 -25.27 -1.23 20.15
N ASN A 102 -26.18 -0.40 20.60
CA ASN A 102 -27.20 0.15 19.66
C ASN A 102 -26.63 1.36 18.93
N LYS A 103 -25.81 2.13 19.59
CA LYS A 103 -25.22 3.33 18.92
C LYS A 103 -24.10 2.90 17.97
N ASP A 104 -24.33 1.86 17.20
CA ASP A 104 -23.28 1.38 16.25
C ASP A 104 -23.95 0.76 15.03
N ASP A 105 -23.32 0.86 13.88
CA ASP A 105 -23.92 0.27 12.65
C ASP A 105 -22.81 -0.02 11.63
N PRO A 106 -22.12 0.97 11.14
CA PRO A 106 -21.03 0.77 10.14
C PRO A 106 -19.94 -0.16 10.68
N GLU A 107 -20.15 -1.44 10.56
CA GLU A 107 -19.13 -2.40 11.05
C GLU A 107 -17.96 -2.40 10.07
N ARG A 108 -18.05 -1.58 9.06
CA ARG A 108 -16.95 -1.51 8.06
C ARG A 108 -15.82 -0.65 8.62
N GLU A 109 -14.93 -1.25 9.37
CA GLU A 109 -13.80 -0.45 9.95
C GLU A 109 -12.81 -0.12 8.84
N VAL A 110 -12.13 1.00 8.95
CA VAL A 110 -11.15 1.37 7.90
C VAL A 110 -9.81 0.69 8.21
N LEU A 111 -8.95 0.57 7.23
CA LEU A 111 -7.62 -0.11 7.48
C LEU A 111 -6.47 0.87 7.27
N GLU A 112 -5.37 0.66 7.96
CA GLU A 112 -4.18 1.56 7.80
C GLU A 112 -2.99 0.78 7.24
N TRP A 113 -2.18 1.45 6.45
CA TRP A 113 -0.99 0.79 5.86
C TRP A 113 0.07 0.57 6.95
N ARG A 114 0.28 -0.67 7.33
CA ARG A 114 1.30 -0.95 8.38
C ARG A 114 2.63 -1.32 7.71
N PHE A 115 3.53 -0.39 7.62
CA PHE A 115 4.84 -0.69 6.96
C PHE A 115 5.62 -1.70 7.82
N ASP A 116 6.14 -2.74 7.20
CA ASP A 116 6.88 -3.76 7.97
C ASP A 116 7.92 -4.45 7.05
N SER A 117 9.01 -3.78 6.77
CA SER A 117 10.06 -4.39 5.88
C SER A 117 10.38 -5.81 6.33
N ARG A 118 9.85 -6.24 7.45
CA ARG A 118 10.14 -7.61 7.94
C ARG A 118 9.69 -8.62 6.88
N LEU A 119 8.57 -8.37 6.26
CA LEU A 119 8.08 -9.30 5.20
C LEU A 119 9.08 -9.28 4.04
N ALA A 120 10.17 -8.59 4.19
CA ALA A 120 11.18 -8.56 3.09
C ALA A 120 11.85 -9.92 3.03
N PHE A 121 11.56 -10.76 3.98
CA PHE A 121 12.15 -12.13 3.99
C PHE A 121 11.08 -13.14 4.40
N HIS A 122 10.29 -12.82 5.41
CA HIS A 122 9.22 -13.76 5.83
C HIS A 122 8.07 -13.70 4.80
N HIS A 123 7.23 -14.70 4.76
CA HIS A 123 6.11 -14.68 3.77
C HIS A 123 4.95 -15.53 4.30
N MET A 124 4.05 -14.94 5.04
CA MET A 124 2.89 -15.70 5.58
C MET A 124 1.81 -15.84 4.51
N ALA A 125 1.57 -14.79 3.75
CA ALA A 125 0.52 -14.85 2.70
C ALA A 125 0.68 -16.12 1.86
N ARG A 126 1.89 -16.54 1.63
CA ARG A 126 2.11 -17.77 0.81
C ARG A 126 1.71 -19.00 1.63
N GLU A 127 2.06 -19.04 2.88
CA GLU A 127 1.70 -20.23 3.72
C GLU A 127 0.20 -20.25 3.98
N LEU A 128 -0.45 -19.12 3.92
CA LEU A 128 -1.92 -19.08 4.18
C LEU A 128 -2.68 -19.63 2.95
N HIS A 129 -2.20 -19.36 1.76
CA HIS A 129 -2.91 -19.86 0.54
C HIS A 129 -1.89 -20.10 -0.58
N PRO A 130 -1.15 -21.18 -0.49
CA PRO A 130 -0.13 -21.53 -1.51
C PRO A 130 -0.72 -22.34 -2.68
N GLU A 131 -1.77 -23.07 -2.44
CA GLU A 131 -2.39 -23.88 -3.53
C GLU A 131 -2.56 -23.01 -4.78
N TYR A 132 -2.59 -21.72 -4.62
CA TYR A 132 -2.76 -20.82 -5.80
C TYR A 132 -1.42 -20.69 -6.52
N PHE A 133 -0.39 -20.31 -5.82
CA PHE A 133 0.95 -20.15 -6.47
C PHE A 133 1.73 -21.46 -6.34
N LYS A 134 2.04 -22.10 -7.43
CA LYS A 134 2.80 -23.38 -7.37
C LYS A 134 4.08 -23.18 -6.56
N ASN A 135 4.56 -24.21 -5.92
CA ASN A 135 5.82 -24.10 -5.12
C ASN A 135 7.00 -24.54 -5.99
N ALA A 136 7.43 -23.71 -6.89
CA ALA A 136 8.58 -24.08 -7.77
C ALA A 136 9.89 -23.83 -7.03
N ALA A 1 4.37 15.63 1.45
CA ALA A 1 3.36 16.41 2.21
C ALA A 1 1.95 16.01 1.76
N TRP A 2 1.84 14.97 0.99
CA TRP A 2 0.49 14.53 0.53
C TRP A 2 -0.25 13.87 1.69
N LEU A 3 0.39 13.75 2.82
CA LEU A 3 -0.27 13.14 4.01
C LEU A 3 -1.09 14.22 4.73
N GLU A 4 -0.45 15.30 5.11
CA GLU A 4 -1.16 16.39 5.83
C GLU A 4 -2.01 17.20 4.86
N ALA A 5 -1.47 18.27 4.36
CA ALA A 5 -2.24 19.13 3.42
C ALA A 5 -2.48 18.36 2.12
N GLN A 6 -3.72 18.05 1.84
CA GLN A 6 -4.03 17.31 0.58
C GLN A 6 -3.86 18.25 -0.62
N GLU A 7 -2.97 19.18 -0.53
CA GLU A 7 -2.75 20.12 -1.67
C GLU A 7 -2.61 19.32 -2.97
N GLU A 8 -2.23 18.08 -2.85
CA GLU A 8 -2.09 17.23 -4.07
C GLU A 8 -3.47 16.96 -4.67
N GLU A 9 -4.47 17.62 -4.16
CA GLU A 9 -5.85 17.43 -4.69
C GLU A 9 -5.89 17.77 -6.18
N GLU A 10 -5.63 19.01 -6.50
CA GLU A 10 -5.64 19.41 -7.95
C GLU A 10 -4.28 19.09 -8.56
N VAL A 11 -4.03 19.54 -9.77
CA VAL A 11 -2.73 19.26 -10.43
C VAL A 11 -2.43 20.40 -11.40
N GLY A 12 -1.26 20.97 -11.31
CA GLY A 12 -0.89 22.10 -12.22
C GLY A 12 -1.20 21.73 -13.67
N PHE A 13 -0.20 21.39 -14.44
CA PHE A 13 -0.44 21.02 -15.87
C PHE A 13 0.72 20.16 -16.39
N PRO A 14 1.00 19.08 -15.72
CA PRO A 14 2.10 18.15 -16.13
C PRO A 14 1.79 17.47 -17.48
N VAL A 15 2.75 16.76 -18.02
CA VAL A 15 2.52 16.09 -19.34
C VAL A 15 1.79 14.75 -19.11
N THR A 16 1.73 13.92 -20.10
CA THR A 16 1.04 12.60 -19.94
C THR A 16 2.04 11.60 -19.35
N PRO A 17 1.57 10.60 -18.65
CA PRO A 17 2.48 9.57 -18.04
C PRO A 17 3.18 8.71 -19.10
N GLN A 18 4.38 9.07 -19.49
CA GLN A 18 5.12 8.25 -20.51
C GLN A 18 6.56 8.03 -20.04
N VAL A 19 6.83 6.90 -19.41
CA VAL A 19 8.22 6.60 -18.96
C VAL A 19 8.58 5.16 -19.36
N PRO A 20 9.83 4.86 -19.66
CA PRO A 20 10.25 3.48 -20.04
C PRO A 20 9.54 2.42 -19.18
N LEU A 21 8.66 1.64 -19.76
CA LEU A 21 7.96 0.61 -18.95
C LEU A 21 8.97 -0.42 -18.45
N ARG A 22 9.44 -0.26 -17.24
CA ARG A 22 10.41 -1.24 -16.66
C ARG A 22 9.63 -2.36 -15.97
N PRO A 23 10.16 -3.56 -15.90
CA PRO A 23 9.46 -4.70 -15.23
C PRO A 23 9.50 -4.57 -13.70
N MET A 24 8.37 -4.74 -13.06
CA MET A 24 8.34 -4.63 -11.57
C MET A 24 9.18 -5.76 -10.97
N THR A 25 10.36 -5.44 -10.51
CA THR A 25 11.25 -6.49 -9.92
C THR A 25 10.96 -6.69 -8.45
N TYR A 26 11.14 -7.88 -7.94
CA TYR A 26 10.92 -8.09 -6.49
C TYR A 26 11.77 -7.04 -5.79
N LYS A 27 12.96 -6.87 -6.28
CA LYS A 27 13.85 -5.82 -5.72
C LYS A 27 13.13 -4.48 -5.87
N ALA A 28 12.33 -4.33 -6.91
CA ALA A 28 11.61 -3.04 -7.07
C ALA A 28 10.62 -2.84 -5.91
N ALA A 29 9.97 -3.90 -5.49
CA ALA A 29 9.00 -3.79 -4.37
C ALA A 29 9.71 -3.37 -3.08
N VAL A 30 10.74 -4.08 -2.70
CA VAL A 30 11.47 -3.74 -1.45
C VAL A 30 12.10 -2.36 -1.57
N ASP A 31 12.77 -2.09 -2.65
CA ASP A 31 13.40 -0.75 -2.82
C ASP A 31 12.30 0.30 -2.75
N LEU A 32 11.20 0.06 -3.41
CA LEU A 32 10.08 1.03 -3.37
C LEU A 32 9.57 1.16 -1.94
N SER A 33 9.49 0.07 -1.23
CA SER A 33 9.01 0.13 0.17
C SER A 33 9.74 1.25 0.93
N HIS A 34 11.03 1.17 1.00
CA HIS A 34 11.79 2.23 1.73
C HIS A 34 11.75 3.54 0.95
N PHE A 35 11.66 3.49 -0.34
CA PHE A 35 11.62 4.77 -1.11
C PHE A 35 10.42 5.58 -0.64
N LEU A 36 9.25 4.99 -0.63
CA LEU A 36 8.05 5.74 -0.17
C LEU A 36 8.21 6.13 1.31
N LYS A 37 9.05 5.43 2.04
CA LYS A 37 9.22 5.79 3.48
C LYS A 37 9.78 7.22 3.59
N GLU A 38 10.83 7.51 2.88
CA GLU A 38 11.45 8.87 2.95
C GLU A 38 10.52 9.90 2.29
N LYS A 39 9.74 9.50 1.34
CA LYS A 39 8.82 10.47 0.66
C LYS A 39 7.62 10.77 1.56
N GLY A 40 7.77 10.61 2.86
CA GLY A 40 6.65 10.89 3.80
C GLY A 40 6.41 9.67 4.70
N GLY A 41 5.56 9.82 5.69
CA GLY A 41 5.28 8.68 6.62
C GLY A 41 3.98 7.99 6.22
N LEU A 42 4.05 7.00 5.35
CA LEU A 42 2.81 6.28 4.94
C LEU A 42 2.39 5.34 6.07
N GLU A 43 3.30 5.07 6.96
CA GLU A 43 3.00 4.16 8.10
C GLU A 43 1.79 4.66 8.90
N GLY A 44 1.10 3.75 9.53
CA GLY A 44 -0.09 4.10 10.38
C GLY A 44 -1.04 5.07 9.68
N LEU A 45 -0.85 5.32 8.41
CA LEU A 45 -1.79 6.27 7.72
C LEU A 45 -3.11 5.54 7.44
N ILE A 46 -4.19 5.95 8.05
CA ILE A 46 -5.48 5.25 7.81
C ILE A 46 -5.90 5.34 6.34
N HIS A 47 -5.78 4.25 5.63
CA HIS A 47 -6.17 4.19 4.20
C HIS A 47 -7.69 4.39 4.09
N SER A 48 -8.12 5.58 3.75
CA SER A 48 -9.58 5.86 3.61
C SER A 48 -10.12 5.13 2.37
N GLN A 49 -9.88 5.69 1.21
CA GLN A 49 -10.38 5.04 -0.04
C GLN A 49 -9.75 5.74 -1.25
N ARG A 50 -9.80 7.04 -1.29
CA ARG A 50 -9.20 7.77 -2.45
C ARG A 50 -7.68 7.70 -2.37
N ARG A 51 -7.14 7.65 -1.19
CA ARG A 51 -5.66 7.57 -1.04
C ARG A 51 -5.14 6.33 -1.78
N GLN A 52 -5.97 5.33 -1.93
CA GLN A 52 -5.52 4.10 -2.65
C GLN A 52 -5.15 4.46 -4.09
N ASP A 53 -6.05 5.07 -4.80
CA ASP A 53 -5.75 5.44 -6.21
C ASP A 53 -4.50 6.32 -6.25
N ILE A 54 -4.51 7.40 -5.53
CA ILE A 54 -3.31 8.30 -5.52
C ILE A 54 -2.06 7.46 -5.26
N LEU A 55 -2.19 6.36 -4.56
CA LEU A 55 -1.00 5.51 -4.26
C LEU A 55 -0.51 4.90 -5.59
N ASP A 56 -1.24 3.96 -6.12
CA ASP A 56 -0.83 3.30 -7.40
C ASP A 56 -0.74 4.31 -8.55
N LEU A 57 -1.66 5.23 -8.65
CA LEU A 57 -1.60 6.20 -9.79
C LEU A 57 -0.33 7.05 -9.70
N TRP A 58 -0.17 7.80 -8.64
CA TRP A 58 1.05 8.64 -8.50
C TRP A 58 2.28 7.81 -8.84
N ILE A 59 2.31 6.58 -8.41
CA ILE A 59 3.47 5.70 -8.73
C ILE A 59 3.58 5.58 -10.25
N TYR A 60 2.47 5.61 -10.94
CA TYR A 60 2.47 5.47 -12.42
C TYR A 60 3.19 6.65 -13.09
N HIS A 61 2.67 7.85 -12.94
CA HIS A 61 3.30 9.04 -13.59
C HIS A 61 4.78 9.16 -13.17
N THR A 62 5.16 8.56 -12.07
CA THR A 62 6.58 8.66 -11.61
C THR A 62 7.37 7.44 -12.09
N GLN A 63 7.07 6.28 -11.57
CA GLN A 63 7.82 5.06 -11.98
C GLN A 63 7.22 4.50 -13.27
N GLY A 64 5.92 4.40 -13.34
CA GLY A 64 5.28 3.87 -14.59
C GLY A 64 5.07 2.37 -14.48
N TYR A 65 5.20 1.82 -13.30
CA TYR A 65 5.00 0.35 -13.15
C TYR A 65 3.50 0.05 -13.26
N PHE A 66 3.12 -0.96 -14.00
CA PHE A 66 1.68 -1.28 -14.14
C PHE A 66 1.17 -1.89 -12.82
N PRO A 67 -0.01 -1.52 -12.36
CA PRO A 67 -0.56 -2.07 -11.09
C PRO A 67 -1.14 -3.47 -11.25
N ASP A 68 -0.42 -4.45 -10.81
CA ASP A 68 -0.90 -5.86 -10.89
C ASP A 68 -0.21 -6.66 -9.80
N TRP A 69 0.27 -5.98 -8.78
CA TRP A 69 0.99 -6.65 -7.66
C TRP A 69 0.30 -6.33 -6.34
N GLN A 70 -0.44 -5.26 -6.31
CA GLN A 70 -1.15 -4.88 -5.06
C GLN A 70 -2.38 -5.78 -4.88
N ASN A 71 -2.25 -6.86 -4.15
CA ASN A 71 -3.41 -7.77 -3.93
C ASN A 71 -3.24 -8.54 -2.62
N TYR A 72 -3.72 -8.01 -1.54
CA TYR A 72 -3.60 -8.71 -0.23
C TYR A 72 -4.50 -9.95 -0.23
N THR A 73 -4.77 -10.49 0.94
CA THR A 73 -5.64 -11.69 1.03
C THR A 73 -7.04 -11.34 0.50
N PRO A 74 -7.76 -12.29 -0.05
CA PRO A 74 -9.13 -12.05 -0.60
C PRO A 74 -10.21 -12.05 0.51
N GLY A 75 -9.95 -11.46 1.63
CA GLY A 75 -10.98 -11.44 2.71
C GLY A 75 -10.53 -10.58 3.89
N PRO A 76 -11.35 -10.48 4.92
CA PRO A 76 -11.03 -9.67 6.14
C PRO A 76 -9.74 -10.13 6.84
N GLY A 77 -9.68 -9.94 8.13
CA GLY A 77 -8.47 -10.37 8.90
C GLY A 77 -7.25 -9.56 8.44
N ILE A 78 -6.16 -9.66 9.16
CA ILE A 78 -4.94 -8.90 8.75
C ILE A 78 -4.69 -9.13 7.26
N ARG A 79 -4.79 -8.10 6.48
CA ARG A 79 -4.58 -8.24 5.02
C ARG A 79 -3.08 -8.40 4.73
N TYR A 80 -2.61 -9.62 4.62
CA TYR A 80 -1.17 -9.84 4.32
C TYR A 80 -0.97 -9.69 2.80
N PRO A 81 0.19 -9.25 2.36
CA PRO A 81 0.47 -9.08 0.90
C PRO A 81 0.81 -10.41 0.24
N LEU A 82 -0.01 -10.88 -0.68
CA LEU A 82 0.31 -12.17 -1.34
C LEU A 82 1.65 -12.03 -2.04
N THR A 83 1.88 -10.93 -2.71
CA THR A 83 3.19 -10.74 -3.39
C THR A 83 4.27 -10.61 -2.32
N PHE A 84 5.48 -10.96 -2.64
CA PHE A 84 6.59 -10.87 -1.64
C PHE A 84 7.41 -9.59 -1.87
N GLY A 85 8.03 -9.09 -0.83
CA GLY A 85 8.86 -7.86 -0.96
C GLY A 85 8.07 -6.63 -0.54
N TRP A 86 6.80 -6.59 -0.85
CA TRP A 86 5.98 -5.41 -0.45
C TRP A 86 5.71 -5.51 1.06
N CYS A 87 6.51 -4.83 1.84
CA CYS A 87 6.36 -4.89 3.31
C CYS A 87 5.25 -3.98 3.81
N TYR A 88 4.14 -3.94 3.13
CA TYR A 88 3.01 -3.08 3.57
C TYR A 88 1.78 -3.98 3.74
N LYS A 89 1.31 -4.12 4.95
CA LYS A 89 0.12 -4.97 5.22
C LYS A 89 -0.98 -4.11 5.84
N LEU A 90 -2.16 -4.14 5.29
CA LEU A 90 -3.25 -3.30 5.85
C LEU A 90 -3.80 -4.01 7.10
N VAL A 91 -4.48 -3.29 7.95
CA VAL A 91 -5.03 -3.92 9.19
C VAL A 91 -6.19 -3.05 9.73
N PRO A 92 -7.40 -3.56 9.82
CA PRO A 92 -8.56 -2.78 10.33
C PRO A 92 -8.21 -1.97 11.58
N VAL A 93 -9.09 -1.12 12.03
CA VAL A 93 -8.79 -0.31 13.24
C VAL A 93 -9.13 -1.10 14.51
N GLU A 94 -8.26 -1.97 14.87
CA GLU A 94 -8.48 -2.79 16.10
C GLU A 94 -8.32 -1.96 17.39
N PRO A 95 -7.42 -1.01 17.41
CA PRO A 95 -7.17 -0.16 18.60
C PRO A 95 -8.03 1.12 18.61
N GLU A 96 -9.27 1.00 18.99
CA GLU A 96 -10.16 2.20 19.01
C GLU A 96 -9.67 3.18 20.09
N LYS A 97 -8.39 3.38 20.19
CA LYS A 97 -7.86 4.34 21.23
C LYS A 97 -7.88 5.76 20.65
N LEU A 98 -8.79 6.03 19.76
CA LEU A 98 -8.86 7.40 19.16
C LEU A 98 -9.60 8.34 20.10
N GLU A 99 -10.17 9.40 19.58
CA GLU A 99 -10.92 10.36 20.44
C GLU A 99 -11.81 11.24 19.57
N GLU A 100 -12.84 10.69 19.00
CA GLU A 100 -13.74 11.49 18.13
C GLU A 100 -14.61 12.41 19.00
N ALA A 101 -15.66 12.94 18.44
CA ALA A 101 -16.56 13.85 19.22
C ALA A 101 -17.94 13.89 18.56
N ASN A 102 -18.17 14.84 17.70
CA ASN A 102 -19.49 14.92 17.02
C ASN A 102 -19.52 13.95 15.83
N LYS A 103 -19.35 12.69 16.10
CA LYS A 103 -19.36 11.68 15.01
C LYS A 103 -19.42 10.28 15.63
N ASP A 104 -20.21 9.40 15.08
CA ASP A 104 -20.31 8.02 15.64
C ASP A 104 -19.26 7.13 15.00
N ASP A 105 -19.51 5.84 14.97
CA ASP A 105 -18.50 4.90 14.36
C ASP A 105 -19.22 3.63 13.89
N PRO A 106 -19.95 3.72 12.81
CA PRO A 106 -20.68 2.55 12.23
C PRO A 106 -19.77 1.34 12.09
N GLU A 107 -20.24 0.29 11.47
CA GLU A 107 -19.39 -0.93 11.32
C GLU A 107 -18.39 -0.71 10.17
N ARG A 108 -18.42 0.44 9.55
CA ARG A 108 -17.48 0.70 8.43
C ARG A 108 -16.09 1.03 8.99
N GLU A 109 -15.34 0.02 9.38
CA GLU A 109 -13.98 0.28 9.92
C GLU A 109 -13.02 0.63 8.78
N VAL A 110 -12.20 1.62 8.96
CA VAL A 110 -11.24 2.01 7.88
C VAL A 110 -9.98 1.16 8.02
N LEU A 111 -9.11 1.16 7.03
CA LEU A 111 -7.86 0.32 7.11
C LEU A 111 -6.62 1.22 7.14
N GLU A 112 -5.58 0.78 7.83
CA GLU A 112 -4.31 1.58 7.90
C GLU A 112 -3.12 0.80 7.35
N TRP A 113 -2.26 1.49 6.64
CA TRP A 113 -1.05 0.83 6.06
C TRP A 113 -0.03 0.58 7.19
N ARG A 114 0.17 -0.65 7.57
CA ARG A 114 1.16 -0.94 8.66
C ARG A 114 2.53 -1.23 8.02
N PHE A 115 3.38 -0.26 7.98
CA PHE A 115 4.73 -0.46 7.36
C PHE A 115 5.55 -1.45 8.21
N ASP A 116 6.22 -2.38 7.56
CA ASP A 116 7.02 -3.40 8.32
C ASP A 116 8.15 -3.93 7.43
N SER A 117 8.99 -3.05 6.95
CA SER A 117 10.12 -3.47 6.05
C SER A 117 10.73 -4.81 6.48
N ARG A 118 10.63 -5.18 7.73
CA ARG A 118 11.23 -6.49 8.16
C ARG A 118 10.52 -7.62 7.44
N LEU A 119 9.30 -7.42 7.02
CA LEU A 119 8.56 -8.48 6.30
C LEU A 119 9.29 -8.73 4.97
N ALA A 120 10.38 -8.04 4.75
CA ALA A 120 11.16 -8.24 3.49
C ALA A 120 11.95 -9.54 3.60
N PHE A 121 11.86 -10.18 4.74
CA PHE A 121 12.59 -11.47 4.95
C PHE A 121 11.58 -12.63 4.96
N HIS A 122 10.85 -12.76 6.03
CA HIS A 122 9.86 -13.87 6.13
C HIS A 122 8.64 -13.56 5.26
N HIS A 123 7.81 -14.53 5.04
CA HIS A 123 6.58 -14.30 4.20
C HIS A 123 5.49 -15.26 4.65
N MET A 124 4.60 -14.79 5.50
CA MET A 124 3.51 -15.68 6.00
C MET A 124 2.44 -15.89 4.92
N ALA A 125 2.13 -14.87 4.17
CA ALA A 125 1.08 -15.00 3.12
C ALA A 125 1.34 -16.26 2.28
N ARG A 126 2.57 -16.61 2.09
CA ARG A 126 2.88 -17.82 1.27
C ARG A 126 2.50 -19.07 2.05
N GLU A 127 2.78 -19.10 3.32
CA GLU A 127 2.44 -20.30 4.15
C GLU A 127 0.94 -20.40 4.34
N LEU A 128 0.22 -19.34 4.19
CA LEU A 128 -1.27 -19.40 4.39
C LEU A 128 -1.92 -20.04 3.17
N HIS A 129 -1.96 -19.36 2.05
CA HIS A 129 -2.61 -19.94 0.83
C HIS A 129 -1.88 -19.47 -0.43
N PRO A 130 -0.86 -20.17 -0.86
CA PRO A 130 -0.09 -19.81 -2.08
C PRO A 130 -0.72 -20.40 -3.35
N GLU A 131 -1.56 -21.39 -3.22
CA GLU A 131 -2.20 -22.01 -4.41
C GLU A 131 -2.89 -20.93 -5.26
N TYR A 132 -2.98 -19.73 -4.76
CA TYR A 132 -3.63 -18.65 -5.56
C TYR A 132 -2.66 -18.18 -6.64
N PHE A 133 -1.63 -18.96 -6.88
CA PHE A 133 -0.61 -18.59 -7.92
C PHE A 133 -0.09 -19.87 -8.56
N LYS A 134 0.27 -20.85 -7.77
CA LYS A 134 0.79 -22.13 -8.35
C LYS A 134 -0.30 -22.77 -9.20
N ASN A 135 0.09 -23.54 -10.19
CA ASN A 135 -0.92 -24.20 -11.06
C ASN A 135 -1.67 -25.26 -10.26
N ALA A 136 -2.92 -25.51 -10.59
CA ALA A 136 -3.70 -26.52 -9.85
C ALA A 136 -3.39 -27.92 -10.40
N ALA A 1 4.54 18.10 0.08
CA ALA A 1 5.00 17.20 -1.01
C ALA A 1 3.78 16.58 -1.70
N TRP A 2 3.81 15.31 -1.98
CA TRP A 2 2.64 14.68 -2.66
C TRP A 2 1.48 14.62 -1.68
N LEU A 3 1.76 14.79 -0.41
CA LEU A 3 0.67 14.78 0.61
C LEU A 3 0.05 16.18 0.68
N GLU A 4 0.79 17.18 0.31
CA GLU A 4 0.25 18.57 0.36
C GLU A 4 -0.70 18.78 -0.83
N ALA A 5 -0.86 17.77 -1.64
CA ALA A 5 -1.77 17.89 -2.81
C ALA A 5 -3.21 17.92 -2.32
N GLN A 6 -3.80 19.09 -2.22
CA GLN A 6 -5.20 19.19 -1.74
C GLN A 6 -6.15 18.91 -2.91
N GLU A 7 -6.78 19.93 -3.45
CA GLU A 7 -7.71 19.73 -4.60
C GLU A 7 -7.02 20.18 -5.88
N GLU A 8 -6.14 21.14 -5.79
CA GLU A 8 -5.44 21.61 -7.02
C GLU A 8 -4.68 20.45 -7.65
N GLU A 9 -3.79 20.74 -8.57
CA GLU A 9 -3.01 19.67 -9.25
C GLU A 9 -1.54 20.11 -9.34
N GLU A 10 -1.33 21.39 -9.53
CA GLU A 10 0.07 21.90 -9.61
C GLU A 10 0.79 21.63 -8.29
N VAL A 11 1.68 20.67 -8.27
CA VAL A 11 2.41 20.36 -7.01
C VAL A 11 3.58 21.35 -6.86
N GLY A 12 4.70 20.85 -6.42
CA GLY A 12 5.90 21.73 -6.25
C GLY A 12 6.65 21.80 -7.58
N PHE A 13 6.76 20.70 -8.27
CA PHE A 13 7.49 20.70 -9.58
C PHE A 13 6.95 19.55 -10.45
N PRO A 14 6.96 19.70 -11.76
CA PRO A 14 6.48 18.63 -12.69
C PRO A 14 7.51 17.50 -12.84
N VAL A 15 7.16 16.31 -12.45
CA VAL A 15 8.11 15.17 -12.57
C VAL A 15 8.10 14.62 -13.99
N THR A 16 8.71 13.49 -14.20
CA THR A 16 8.74 12.90 -15.58
C THR A 16 7.52 11.99 -15.77
N PRO A 17 6.84 12.07 -16.90
CA PRO A 17 5.64 11.21 -17.17
C PRO A 17 6.02 9.78 -17.54
N GLN A 18 5.14 9.07 -18.18
CA GLN A 18 5.39 7.65 -18.57
C GLN A 18 6.86 7.43 -18.94
N VAL A 19 7.61 6.93 -18.00
CA VAL A 19 9.06 6.65 -18.25
C VAL A 19 9.18 5.22 -18.81
N PRO A 20 10.23 4.91 -19.54
CA PRO A 20 10.44 3.56 -20.11
C PRO A 20 9.89 2.47 -19.18
N LEU A 21 8.91 1.74 -19.64
CA LEU A 21 8.29 0.69 -18.78
C LEU A 21 9.33 -0.37 -18.41
N ARG A 22 9.90 -0.25 -17.24
CA ARG A 22 10.89 -1.26 -16.77
C ARG A 22 10.13 -2.41 -16.12
N PRO A 23 10.70 -3.60 -16.07
CA PRO A 23 10.02 -4.77 -15.44
C PRO A 23 9.88 -4.59 -13.93
N MET A 24 8.68 -4.69 -13.41
CA MET A 24 8.47 -4.51 -11.94
C MET A 24 9.15 -5.66 -11.20
N THR A 25 10.27 -5.39 -10.56
CA THR A 25 11.00 -6.47 -9.82
C THR A 25 10.53 -6.56 -8.38
N TYR A 26 10.46 -7.76 -7.86
CA TYR A 26 10.04 -7.92 -6.44
C TYR A 26 10.97 -7.00 -5.65
N LYS A 27 12.22 -7.01 -6.02
CA LYS A 27 13.20 -6.12 -5.36
C LYS A 27 12.72 -4.69 -5.55
N ALA A 28 12.03 -4.41 -6.64
CA ALA A 28 11.55 -3.00 -6.83
C ALA A 28 10.56 -2.65 -5.71
N ALA A 29 9.73 -3.58 -5.32
CA ALA A 29 8.75 -3.30 -4.24
C ALA A 29 9.49 -2.98 -2.93
N VAL A 30 10.46 -3.77 -2.57
CA VAL A 30 11.21 -3.49 -1.31
C VAL A 30 11.92 -2.15 -1.42
N ASP A 31 12.65 -1.94 -2.47
CA ASP A 31 13.35 -0.64 -2.62
C ASP A 31 12.29 0.46 -2.62
N LEU A 32 11.25 0.28 -3.37
CA LEU A 32 10.17 1.29 -3.42
C LEU A 32 9.53 1.44 -2.04
N SER A 33 9.26 0.35 -1.37
CA SER A 33 8.62 0.46 -0.03
C SER A 33 9.44 1.42 0.84
N HIS A 34 10.69 1.16 1.04
CA HIS A 34 11.50 2.07 1.89
C HIS A 34 11.73 3.40 1.18
N PHE A 35 11.69 3.43 -0.12
CA PHE A 35 11.90 4.72 -0.84
C PHE A 35 10.90 5.74 -0.30
N LEU A 36 9.65 5.38 -0.25
CA LEU A 36 8.61 6.32 0.27
C LEU A 36 8.91 6.67 1.74
N LYS A 37 9.29 5.70 2.52
CA LYS A 37 9.56 5.98 3.97
C LYS A 37 10.71 6.96 4.12
N GLU A 38 11.36 7.30 3.06
CA GLU A 38 12.46 8.30 3.17
C GLU A 38 11.82 9.67 3.45
N LYS A 39 11.30 10.28 2.42
CA LYS A 39 10.65 11.62 2.60
C LYS A 39 9.16 11.45 2.95
N GLY A 40 8.41 10.76 2.13
CA GLY A 40 6.95 10.59 2.39
C GLY A 40 6.71 9.63 3.57
N GLY A 41 5.55 9.74 4.21
CA GLY A 41 5.22 8.84 5.36
C GLY A 41 3.86 8.17 5.13
N LEU A 42 3.82 7.09 4.38
CA LEU A 42 2.53 6.40 4.12
C LEU A 42 2.19 5.50 5.32
N GLU A 43 3.18 5.11 6.07
CA GLU A 43 2.95 4.23 7.25
C GLU A 43 1.82 4.75 8.15
N GLY A 44 1.14 3.86 8.79
CA GLY A 44 0.03 4.22 9.73
C GLY A 44 -1.02 5.12 9.06
N LEU A 45 -0.89 5.38 7.78
CA LEU A 45 -1.92 6.26 7.12
C LEU A 45 -3.20 5.46 6.91
N ILE A 46 -4.29 5.88 7.51
CA ILE A 46 -5.57 5.13 7.36
C ILE A 46 -6.04 5.14 5.89
N HIS A 47 -5.94 4.02 5.23
CA HIS A 47 -6.42 3.93 3.82
C HIS A 47 -7.93 4.14 3.82
N SER A 48 -8.37 5.30 3.41
CA SER A 48 -9.84 5.57 3.37
C SER A 48 -10.47 4.77 2.24
N GLN A 49 -10.31 5.22 1.02
CA GLN A 49 -10.90 4.50 -0.13
C GLN A 49 -10.27 5.01 -1.43
N ARG A 50 -10.09 6.30 -1.54
CA ARG A 50 -9.49 6.88 -2.79
C ARG A 50 -7.97 6.97 -2.66
N ARG A 51 -7.47 7.03 -1.45
CA ARG A 51 -5.99 7.14 -1.27
C ARG A 51 -5.28 5.99 -1.99
N GLN A 52 -5.94 4.87 -2.16
CA GLN A 52 -5.29 3.74 -2.86
C GLN A 52 -4.98 4.14 -4.31
N ASP A 53 -5.95 4.72 -4.98
CA ASP A 53 -5.73 5.14 -6.39
C ASP A 53 -4.54 6.12 -6.46
N ILE A 54 -4.55 7.13 -5.62
CA ILE A 54 -3.44 8.12 -5.63
C ILE A 54 -2.10 7.38 -5.53
N LEU A 55 -2.03 6.37 -4.73
CA LEU A 55 -0.75 5.62 -4.59
C LEU A 55 -0.38 4.97 -5.93
N ASP A 56 -1.15 4.00 -6.36
CA ASP A 56 -0.85 3.33 -7.65
C ASP A 56 -0.70 4.38 -8.76
N LEU A 57 -1.59 5.35 -8.79
CA LEU A 57 -1.50 6.41 -9.84
C LEU A 57 -0.21 7.21 -9.66
N TRP A 58 0.01 7.75 -8.49
CA TRP A 58 1.25 8.54 -8.28
C TRP A 58 2.45 7.74 -8.78
N ILE A 59 2.51 6.47 -8.45
CA ILE A 59 3.64 5.64 -8.93
C ILE A 59 3.66 5.67 -10.45
N TYR A 60 2.52 5.88 -11.07
CA TYR A 60 2.46 5.89 -12.55
C TYR A 60 3.22 7.09 -13.15
N HIS A 61 2.73 8.29 -12.97
CA HIS A 61 3.42 9.48 -13.56
C HIS A 61 4.82 9.67 -12.94
N THR A 62 5.35 8.67 -12.28
CA THR A 62 6.71 8.79 -11.67
C THR A 62 7.59 7.64 -12.18
N GLN A 63 7.41 6.46 -11.66
CA GLN A 63 8.24 5.31 -12.10
C GLN A 63 7.65 4.66 -13.36
N GLY A 64 6.42 4.94 -13.66
CA GLY A 64 5.80 4.35 -14.87
C GLY A 64 5.50 2.86 -14.68
N TYR A 65 5.59 2.35 -13.48
CA TYR A 65 5.28 0.91 -13.28
C TYR A 65 3.77 0.71 -13.40
N PHE A 66 3.35 -0.24 -14.19
CA PHE A 66 1.89 -0.47 -14.34
C PHE A 66 1.38 -1.22 -13.10
N PRO A 67 0.16 -0.97 -12.67
CA PRO A 67 -0.42 -1.64 -11.46
C PRO A 67 -0.89 -3.07 -11.75
N ASP A 68 -0.09 -4.03 -11.38
CA ASP A 68 -0.46 -5.46 -11.58
C ASP A 68 0.30 -6.27 -10.55
N TRP A 69 0.63 -5.64 -9.44
CA TRP A 69 1.39 -6.32 -8.36
C TRP A 69 0.78 -6.00 -7.01
N GLN A 70 0.20 -4.85 -6.91
CA GLN A 70 -0.43 -4.42 -5.64
C GLN A 70 -1.75 -5.16 -5.42
N ASN A 71 -1.80 -6.00 -4.42
CA ASN A 71 -3.07 -6.75 -4.16
C ASN A 71 -3.09 -7.22 -2.70
N TYR A 72 -4.17 -7.83 -2.28
CA TYR A 72 -4.26 -8.30 -0.87
C TYR A 72 -5.39 -9.33 -0.76
N THR A 73 -5.33 -10.18 0.22
CA THR A 73 -6.40 -11.21 0.39
C THR A 73 -7.74 -10.48 0.62
N PRO A 74 -8.85 -11.05 0.18
CA PRO A 74 -10.18 -10.41 0.36
C PRO A 74 -10.76 -10.62 1.76
N GLY A 75 -11.96 -10.18 1.99
CA GLY A 75 -12.61 -10.34 3.32
C GLY A 75 -11.87 -9.49 4.37
N PRO A 76 -12.52 -9.20 5.47
CA PRO A 76 -11.92 -8.38 6.57
C PRO A 76 -10.87 -9.15 7.35
N GLY A 77 -10.09 -8.47 8.17
CA GLY A 77 -9.02 -9.14 8.97
C GLY A 77 -7.65 -8.60 8.55
N ILE A 78 -6.59 -9.27 8.91
CA ILE A 78 -5.24 -8.77 8.53
C ILE A 78 -5.06 -8.95 7.02
N ARG A 79 -5.13 -7.90 6.27
CA ARG A 79 -4.97 -8.00 4.79
C ARG A 79 -3.49 -8.23 4.46
N TYR A 80 -3.13 -9.46 4.19
CA TYR A 80 -1.71 -9.76 3.85
C TYR A 80 -1.50 -9.45 2.35
N PRO A 81 -0.33 -9.03 1.95
CA PRO A 81 -0.04 -8.71 0.52
C PRO A 81 0.19 -9.97 -0.33
N LEU A 82 -0.47 -10.09 -1.44
CA LEU A 82 -0.27 -11.30 -2.30
C LEU A 82 1.17 -11.33 -2.83
N THR A 83 1.55 -10.33 -3.58
CA THR A 83 2.93 -10.31 -4.12
C THR A 83 3.94 -10.22 -2.98
N PHE A 84 5.13 -10.70 -3.19
CA PHE A 84 6.17 -10.66 -2.11
C PHE A 84 7.07 -9.43 -2.30
N GLY A 85 7.77 -9.05 -1.27
CA GLY A 85 8.66 -7.86 -1.35
C GLY A 85 7.93 -6.64 -0.83
N TRP A 86 6.65 -6.55 -1.10
CA TRP A 86 5.86 -5.39 -0.61
C TRP A 86 5.67 -5.55 0.89
N CYS A 87 6.52 -4.92 1.66
CA CYS A 87 6.44 -5.06 3.14
C CYS A 87 5.33 -4.19 3.70
N TYR A 88 4.16 -4.26 3.13
CA TYR A 88 3.02 -3.44 3.63
C TYR A 88 1.87 -4.38 4.00
N LYS A 89 1.34 -4.22 5.18
CA LYS A 89 0.22 -5.08 5.66
C LYS A 89 -0.94 -4.20 6.12
N LEU A 90 -2.04 -4.20 5.41
CA LEU A 90 -3.18 -3.38 5.84
C LEU A 90 -3.84 -4.08 7.04
N VAL A 91 -4.33 -3.33 7.99
CA VAL A 91 -4.95 -3.97 9.19
C VAL A 91 -5.90 -2.94 9.85
N PRO A 92 -7.11 -3.32 10.18
CA PRO A 92 -8.06 -2.37 10.83
C PRO A 92 -7.71 -2.16 12.32
N VAL A 93 -8.26 -1.15 12.93
CA VAL A 93 -7.94 -0.88 14.37
C VAL A 93 -8.86 -1.72 15.27
N GLU A 94 -9.45 -2.72 14.72
CA GLU A 94 -10.38 -3.58 15.52
C GLU A 94 -9.63 -4.44 16.56
N PRO A 95 -8.45 -4.90 16.25
CA PRO A 95 -7.66 -5.74 17.20
C PRO A 95 -7.22 -4.95 18.44
N GLU A 96 -7.22 -3.66 18.32
CA GLU A 96 -6.80 -2.79 19.47
C GLU A 96 -7.78 -2.99 20.62
N LYS A 97 -7.29 -3.00 21.83
CA LYS A 97 -8.20 -3.18 23.00
C LYS A 97 -8.79 -1.82 23.37
N LEU A 98 -7.98 -0.98 23.94
CA LEU A 98 -8.44 0.38 24.34
C LEU A 98 -8.39 1.30 23.11
N GLU A 99 -9.49 1.87 22.73
CA GLU A 99 -9.47 2.78 21.54
C GLU A 99 -8.79 4.09 21.95
N GLU A 100 -7.55 4.25 21.63
CA GLU A 100 -6.84 5.50 22.00
C GLU A 100 -7.36 6.65 21.14
N ALA A 101 -7.79 7.72 21.76
CA ALA A 101 -8.32 8.86 20.98
C ALA A 101 -8.52 10.06 21.91
N ASN A 102 -7.98 11.19 21.55
CA ASN A 102 -8.14 12.40 22.42
C ASN A 102 -9.51 13.03 22.15
N LYS A 103 -9.84 13.25 20.91
CA LYS A 103 -11.16 13.86 20.59
C LYS A 103 -12.26 12.84 20.86
N ASP A 104 -13.42 13.03 20.28
CA ASP A 104 -14.54 12.07 20.51
C ASP A 104 -15.40 11.99 19.24
N ASP A 105 -15.26 10.94 18.48
CA ASP A 105 -16.07 10.80 17.23
C ASP A 105 -16.20 9.31 16.89
N PRO A 106 -17.24 8.90 16.21
CA PRO A 106 -17.45 7.48 15.83
C PRO A 106 -16.14 6.80 15.40
N GLU A 107 -16.03 5.53 15.59
CA GLU A 107 -14.79 4.81 15.18
C GLU A 107 -14.83 4.57 13.67
N ARG A 108 -14.93 5.60 12.89
CA ARG A 108 -14.99 5.43 11.41
C ARG A 108 -13.58 5.24 10.85
N GLU A 109 -12.72 4.60 11.59
CA GLU A 109 -11.33 4.36 11.08
C GLU A 109 -11.35 3.19 10.09
N VAL A 110 -10.80 3.36 8.92
CA VAL A 110 -10.79 2.26 7.92
C VAL A 110 -9.56 1.38 8.14
N LEU A 111 -8.82 1.11 7.10
CA LEU A 111 -7.60 0.23 7.25
C LEU A 111 -6.34 1.08 7.13
N GLU A 112 -5.34 0.79 7.92
CA GLU A 112 -4.05 1.57 7.84
C GLU A 112 -2.91 0.71 7.29
N TRP A 113 -2.08 1.31 6.49
CA TRP A 113 -0.93 0.59 5.89
C TRP A 113 0.15 0.43 6.98
N ARG A 114 0.41 -0.77 7.44
CA ARG A 114 1.46 -0.96 8.49
C ARG A 114 2.79 -1.27 7.82
N PHE A 115 3.64 -0.28 7.69
CA PHE A 115 4.96 -0.51 7.03
C PHE A 115 5.86 -1.37 7.93
N ASP A 116 6.44 -2.40 7.38
CA ASP A 116 7.33 -3.28 8.19
C ASP A 116 8.31 -4.00 7.25
N SER A 117 9.34 -3.30 6.82
CA SER A 117 10.35 -3.90 5.90
C SER A 117 10.77 -5.30 6.38
N ARG A 118 10.36 -5.70 7.56
CA ARG A 118 10.76 -7.05 8.06
C ARG A 118 10.17 -8.13 7.15
N LEU A 119 8.98 -7.93 6.64
CA LEU A 119 8.37 -8.95 5.75
C LEU A 119 9.28 -9.13 4.52
N ALA A 120 10.34 -8.38 4.44
CA ALA A 120 11.25 -8.50 3.29
C ALA A 120 12.03 -9.80 3.42
N PHE A 121 11.70 -10.60 4.42
CA PHE A 121 12.42 -11.90 4.63
C PHE A 121 11.41 -13.01 4.92
N HIS A 122 10.32 -12.69 5.57
CA HIS A 122 9.33 -13.75 5.91
C HIS A 122 8.57 -14.18 4.65
N HIS A 123 7.47 -14.86 4.82
CA HIS A 123 6.69 -15.33 3.64
C HIS A 123 5.33 -15.88 4.12
N MET A 124 4.60 -15.10 4.87
CA MET A 124 3.28 -15.58 5.37
C MET A 124 2.27 -15.60 4.23
N ALA A 125 2.18 -14.52 3.48
CA ALA A 125 1.20 -14.47 2.36
C ALA A 125 1.34 -15.72 1.49
N ARG A 126 2.51 -16.28 1.42
CA ARG A 126 2.70 -17.51 0.59
C ARG A 126 2.03 -18.70 1.27
N GLU A 127 2.05 -18.74 2.57
CA GLU A 127 1.41 -19.87 3.30
C GLU A 127 -0.12 -19.74 3.22
N LEU A 128 -0.62 -18.56 2.98
CA LEU A 128 -2.09 -18.39 2.89
C LEU A 128 -2.63 -18.99 1.60
N HIS A 129 -2.20 -18.52 0.47
CA HIS A 129 -2.72 -19.07 -0.82
C HIS A 129 -1.65 -19.03 -1.92
N PRO A 130 -0.74 -19.98 -1.91
CA PRO A 130 0.35 -20.06 -2.92
C PRO A 130 -0.08 -20.86 -4.15
N GLU A 131 -0.84 -21.90 -3.96
CA GLU A 131 -1.28 -22.73 -5.12
C GLU A 131 -1.83 -21.84 -6.23
N TYR A 132 -2.10 -20.60 -5.94
CA TYR A 132 -2.64 -19.69 -7.00
C TYR A 132 -1.49 -19.21 -7.88
N PHE A 133 -0.43 -18.74 -7.29
CA PHE A 133 0.74 -18.26 -8.09
C PHE A 133 1.73 -19.42 -8.29
N LYS A 134 1.78 -19.98 -9.49
CA LYS A 134 2.73 -21.10 -9.74
C LYS A 134 4.10 -20.53 -10.10
N ASN A 135 4.87 -21.23 -10.88
CA ASN A 135 6.21 -20.72 -11.27
C ASN A 135 6.05 -19.50 -12.18
N ALA A 136 5.15 -18.60 -11.83
CA ALA A 136 4.93 -17.39 -12.67
C ALA A 136 4.29 -16.30 -11.82
N ALA A 1 0.42 16.45 -5.93
CA ALA A 1 -0.13 16.51 -4.55
C ALA A 1 0.10 15.18 -3.84
N TRP A 2 1.33 14.87 -3.52
CA TRP A 2 1.62 13.58 -2.83
C TRP A 2 1.10 13.67 -1.38
N LEU A 3 1.96 13.98 -0.45
CA LEU A 3 1.51 14.08 0.97
C LEU A 3 0.92 15.47 1.22
N GLU A 4 1.27 16.43 0.40
CA GLU A 4 0.73 17.81 0.59
C GLU A 4 -0.72 17.87 0.13
N ALA A 5 -1.62 17.34 0.90
CA ALA A 5 -3.07 17.38 0.51
C ALA A 5 -3.59 18.81 0.66
N GLN A 6 -2.80 19.78 0.27
CA GLN A 6 -3.22 21.21 0.37
C GLN A 6 -3.19 21.83 -1.02
N GLU A 7 -4.32 21.79 -1.71
CA GLU A 7 -4.45 22.34 -3.11
C GLU A 7 -3.18 23.04 -3.58
N GLU A 8 -2.79 24.12 -2.95
CA GLU A 8 -1.55 24.82 -3.37
C GLU A 8 -0.36 23.89 -3.11
N GLU A 9 -0.18 22.92 -3.96
CA GLU A 9 0.96 21.97 -3.77
C GLU A 9 2.28 22.63 -4.13
N GLU A 10 3.35 21.90 -4.02
CA GLU A 10 4.70 22.46 -4.35
C GLU A 10 5.68 21.31 -4.53
N VAL A 11 5.59 20.61 -5.63
CA VAL A 11 6.53 19.46 -5.87
C VAL A 11 7.87 20.00 -6.35
N GLY A 12 8.31 21.09 -5.80
CA GLY A 12 9.62 21.68 -6.20
C GLY A 12 9.78 21.64 -7.72
N PHE A 13 10.58 20.73 -8.21
CA PHE A 13 10.79 20.63 -9.68
C PHE A 13 9.68 19.77 -10.30
N PRO A 14 9.33 20.00 -11.54
CA PRO A 14 8.27 19.19 -12.23
C PRO A 14 8.71 17.75 -12.46
N VAL A 15 7.84 16.80 -12.22
CA VAL A 15 8.21 15.37 -12.42
C VAL A 15 8.06 15.00 -13.89
N THR A 16 8.82 14.02 -14.35
CA THR A 16 8.74 13.60 -15.79
C THR A 16 7.66 12.51 -15.94
N PRO A 17 6.59 12.76 -16.66
CA PRO A 17 5.50 11.74 -16.88
C PRO A 17 6.03 10.36 -17.33
N GLN A 18 5.17 9.57 -17.92
CA GLN A 18 5.53 8.20 -18.39
C GLN A 18 6.99 8.11 -18.83
N VAL A 19 7.83 7.65 -17.96
CA VAL A 19 9.28 7.47 -18.29
C VAL A 19 9.44 6.04 -18.82
N PRO A 20 10.44 5.76 -19.61
CA PRO A 20 10.67 4.39 -20.17
C PRO A 20 10.25 3.30 -19.17
N LEU A 21 9.44 2.37 -19.61
CA LEU A 21 8.95 1.30 -18.69
C LEU A 21 10.12 0.47 -18.15
N ARG A 22 10.57 0.76 -16.96
CA ARG A 22 11.68 -0.04 -16.36
C ARG A 22 11.06 -1.29 -15.70
N PRO A 23 11.38 -2.49 -16.14
CA PRO A 23 10.81 -3.74 -15.56
C PRO A 23 10.69 -3.70 -14.04
N MET A 24 9.51 -3.93 -13.52
CA MET A 24 9.30 -3.92 -12.04
C MET A 24 10.02 -5.13 -11.42
N THR A 25 11.08 -4.92 -10.69
CA THR A 25 11.81 -6.07 -10.08
C THR A 25 11.28 -6.36 -8.69
N TYR A 26 11.28 -7.62 -8.29
CA TYR A 26 10.81 -7.95 -6.92
C TYR A 26 11.60 -7.04 -5.99
N LYS A 27 12.87 -6.94 -6.24
CA LYS A 27 13.72 -6.05 -5.44
C LYS A 27 13.15 -4.64 -5.56
N ALA A 28 12.52 -4.31 -6.67
CA ALA A 28 11.94 -2.95 -6.81
C ALA A 28 10.85 -2.76 -5.74
N ALA A 29 10.13 -3.81 -5.43
CA ALA A 29 9.05 -3.69 -4.40
C ALA A 29 9.66 -3.33 -3.05
N VAL A 30 10.64 -4.08 -2.61
CA VAL A 30 11.26 -3.77 -1.29
C VAL A 30 11.93 -2.39 -1.34
N ASP A 31 12.69 -2.12 -2.35
CA ASP A 31 13.35 -0.79 -2.43
C ASP A 31 12.24 0.27 -2.47
N LEU A 32 11.21 0.02 -3.21
CA LEU A 32 10.08 0.99 -3.29
C LEU A 32 9.47 1.17 -1.90
N SER A 33 9.27 0.10 -1.19
CA SER A 33 8.66 0.22 0.17
C SER A 33 9.43 1.25 0.98
N HIS A 34 10.72 1.12 1.07
CA HIS A 34 11.53 2.09 1.86
C HIS A 34 11.61 3.42 1.10
N PHE A 35 11.57 3.40 -0.20
CA PHE A 35 11.65 4.67 -0.96
C PHE A 35 10.49 5.58 -0.53
N LEU A 36 9.29 5.07 -0.56
CA LEU A 36 8.12 5.88 -0.15
C LEU A 36 8.28 6.30 1.32
N LYS A 37 8.96 5.49 2.11
CA LYS A 37 9.14 5.84 3.55
C LYS A 37 9.96 7.13 3.66
N GLU A 38 10.97 7.27 2.85
CA GLU A 38 11.81 8.50 2.91
C GLU A 38 11.02 9.72 2.42
N LYS A 39 10.28 9.57 1.36
CA LYS A 39 9.50 10.71 0.81
C LYS A 39 8.24 10.93 1.65
N GLY A 40 8.30 10.64 2.92
CA GLY A 40 7.10 10.83 3.80
C GLY A 40 6.82 9.54 4.59
N GLY A 41 6.02 9.62 5.62
CA GLY A 41 5.69 8.41 6.42
C GLY A 41 4.35 7.83 6.00
N LEU A 42 4.33 6.87 5.11
CA LEU A 42 3.04 6.27 4.67
C LEU A 42 2.58 5.29 5.75
N GLU A 43 3.50 4.84 6.57
CA GLU A 43 3.15 3.88 7.65
C GLU A 43 2.05 4.45 8.54
N GLY A 44 1.30 3.58 9.16
CA GLY A 44 0.22 4.02 10.09
C GLY A 44 -0.71 5.05 9.44
N LEU A 45 -0.55 5.34 8.17
CA LEU A 45 -1.47 6.34 7.54
C LEU A 45 -2.82 5.66 7.29
N ILE A 46 -3.86 6.11 7.95
CA ILE A 46 -5.19 5.48 7.77
C ILE A 46 -5.71 5.67 6.34
N HIS A 47 -5.73 4.60 5.58
CA HIS A 47 -6.24 4.65 4.18
C HIS A 47 -7.75 4.96 4.21
N SER A 48 -8.13 6.10 3.71
CA SER A 48 -9.58 6.45 3.70
C SER A 48 -10.32 5.56 2.71
N GLN A 49 -10.14 5.79 1.43
CA GLN A 49 -10.85 4.95 0.42
C GLN A 49 -10.21 5.15 -0.96
N ARG A 50 -10.59 6.18 -1.66
CA ARG A 50 -10.01 6.43 -3.01
C ARG A 50 -8.53 6.79 -2.86
N ARG A 51 -8.10 7.05 -1.67
CA ARG A 51 -6.67 7.42 -1.45
C ARG A 51 -5.77 6.31 -2.02
N GLN A 52 -6.23 5.09 -2.02
CA GLN A 52 -5.40 3.98 -2.57
C GLN A 52 -5.18 4.21 -4.07
N ASP A 53 -6.20 4.62 -4.77
CA ASP A 53 -6.05 4.86 -6.23
C ASP A 53 -4.92 5.88 -6.46
N ILE A 54 -4.85 6.90 -5.65
CA ILE A 54 -3.77 7.91 -5.83
C ILE A 54 -2.40 7.23 -5.70
N LEU A 55 -2.22 6.40 -4.71
CA LEU A 55 -0.92 5.70 -4.54
C LEU A 55 -0.51 5.06 -5.87
N ASP A 56 -1.24 4.06 -6.29
CA ASP A 56 -0.91 3.36 -7.57
C ASP A 56 -0.74 4.38 -8.70
N LEU A 57 -1.68 5.27 -8.87
CA LEU A 57 -1.56 6.28 -9.96
C LEU A 57 -0.36 7.18 -9.72
N TRP A 58 -0.22 7.72 -8.54
CA TRP A 58 0.94 8.61 -8.25
C TRP A 58 2.22 7.89 -8.68
N ILE A 59 2.35 6.64 -8.34
CA ILE A 59 3.57 5.90 -8.74
C ILE A 59 3.67 5.90 -10.28
N TYR A 60 2.56 6.03 -10.95
CA TYR A 60 2.58 6.00 -12.44
C TYR A 60 3.30 7.23 -13.03
N HIS A 61 2.72 8.40 -12.91
CA HIS A 61 3.37 9.61 -13.52
C HIS A 61 4.73 9.88 -12.87
N THR A 62 5.18 9.01 -12.00
CA THR A 62 6.52 9.22 -11.35
C THR A 62 7.57 8.34 -12.04
N GLN A 63 7.71 7.11 -11.60
CA GLN A 63 8.72 6.21 -12.23
C GLN A 63 8.15 5.57 -13.50
N GLY A 64 6.90 5.81 -13.79
CA GLY A 64 6.29 5.24 -15.02
C GLY A 64 6.14 3.72 -14.91
N TYR A 65 5.79 3.22 -13.75
CA TYR A 65 5.62 1.74 -13.62
C TYR A 65 4.29 1.32 -14.27
N PHE A 66 3.92 0.09 -14.08
CA PHE A 66 2.63 -0.43 -14.64
C PHE A 66 1.93 -1.21 -13.53
N PRO A 67 1.28 -0.52 -12.63
CA PRO A 67 0.59 -1.15 -11.47
C PRO A 67 -0.12 -2.46 -11.82
N ASP A 68 0.50 -3.55 -11.48
CA ASP A 68 -0.08 -4.90 -11.74
C ASP A 68 0.49 -5.84 -10.69
N TRP A 69 0.99 -5.28 -9.62
CA TRP A 69 1.60 -6.08 -8.52
C TRP A 69 0.87 -5.78 -7.22
N GLN A 70 0.20 -4.67 -7.19
CA GLN A 70 -0.55 -4.26 -5.97
C GLN A 70 -1.81 -5.12 -5.85
N ASN A 71 -1.77 -6.13 -5.01
CA ASN A 71 -2.96 -7.01 -4.85
C ASN A 71 -3.06 -7.46 -3.39
N TYR A 72 -4.12 -8.14 -3.04
CA TYR A 72 -4.30 -8.59 -1.63
C TYR A 72 -5.33 -9.71 -1.59
N THR A 73 -5.48 -10.37 -0.47
CA THR A 73 -6.48 -11.47 -0.39
C THR A 73 -7.88 -10.88 -0.59
N PRO A 74 -8.77 -11.56 -1.27
CA PRO A 74 -10.16 -11.06 -1.51
C PRO A 74 -11.04 -11.16 -0.26
N GLY A 75 -10.82 -10.31 0.71
CA GLY A 75 -11.65 -10.37 1.95
C GLY A 75 -11.49 -9.06 2.73
N PRO A 76 -12.47 -8.69 3.53
CA PRO A 76 -12.42 -7.43 4.33
C PRO A 76 -11.53 -7.58 5.58
N GLY A 77 -11.68 -6.71 6.54
CA GLY A 77 -10.85 -6.80 7.77
C GLY A 77 -9.37 -6.72 7.41
N ILE A 78 -8.55 -7.52 8.04
CA ILE A 78 -7.10 -7.49 7.74
C ILE A 78 -6.90 -7.59 6.22
N ARG A 79 -5.68 -7.54 5.77
CA ARG A 79 -5.43 -7.64 4.30
C ARG A 79 -3.93 -7.89 4.06
N TYR A 80 -3.56 -9.12 3.82
CA TYR A 80 -2.12 -9.43 3.58
C TYR A 80 -1.80 -9.22 2.09
N PRO A 81 -0.60 -8.79 1.76
CA PRO A 81 -0.20 -8.57 0.35
C PRO A 81 0.05 -9.90 -0.38
N LEU A 82 -0.68 -10.18 -1.42
CA LEU A 82 -0.49 -11.46 -2.15
C LEU A 82 0.93 -11.49 -2.74
N THR A 83 1.31 -10.47 -3.45
CA THR A 83 2.66 -10.44 -4.06
C THR A 83 3.73 -10.40 -2.96
N PHE A 84 4.91 -10.85 -3.26
CA PHE A 84 6.02 -10.85 -2.25
C PHE A 84 6.89 -9.61 -2.45
N GLY A 85 7.61 -9.22 -1.43
CA GLY A 85 8.51 -8.03 -1.55
C GLY A 85 7.78 -6.79 -1.02
N TRP A 86 6.51 -6.68 -1.28
CA TRP A 86 5.74 -5.49 -0.78
C TRP A 86 5.53 -5.64 0.73
N CYS A 87 6.36 -4.99 1.50
CA CYS A 87 6.26 -5.10 2.98
C CYS A 87 5.20 -4.17 3.55
N TYR A 88 4.03 -4.18 2.99
CA TYR A 88 2.92 -3.32 3.50
C TYR A 88 1.73 -4.22 3.84
N LYS A 89 1.20 -4.10 5.04
CA LYS A 89 0.03 -4.95 5.46
C LYS A 89 -1.07 -4.04 6.01
N LEU A 90 -2.20 -4.01 5.37
CA LEU A 90 -3.31 -3.15 5.88
C LEU A 90 -3.97 -3.85 7.07
N VAL A 91 -4.35 -3.08 8.07
CA VAL A 91 -4.99 -3.68 9.28
C VAL A 91 -5.87 -2.61 9.95
N PRO A 92 -7.11 -2.93 10.30
CA PRO A 92 -8.01 -1.94 10.97
C PRO A 92 -7.69 -1.78 12.46
N VAL A 93 -7.56 -0.56 12.93
CA VAL A 93 -7.27 -0.35 14.35
C VAL A 93 -8.60 -0.38 15.11
N GLU A 94 -8.55 -0.16 16.37
CA GLU A 94 -9.78 -0.18 17.21
C GLU A 94 -9.56 0.67 18.47
N PRO A 95 -9.41 1.96 18.30
CA PRO A 95 -9.19 2.89 19.42
C PRO A 95 -10.51 3.44 19.97
N GLU A 96 -11.61 2.85 19.58
CA GLU A 96 -12.94 3.33 20.06
C GLU A 96 -13.01 3.26 21.59
N LYS A 97 -12.08 2.57 22.21
CA LYS A 97 -12.09 2.47 23.70
C LYS A 97 -11.44 3.71 24.30
N LEU A 98 -11.40 4.79 23.56
CA LEU A 98 -10.78 6.03 24.10
C LEU A 98 -11.80 6.78 24.97
N GLU A 99 -12.93 6.18 25.16
CA GLU A 99 -13.99 6.83 26.00
C GLU A 99 -15.08 5.80 26.31
N GLU A 100 -15.57 5.79 27.52
CA GLU A 100 -16.63 4.81 27.88
C GLU A 100 -17.95 5.24 27.23
N ALA A 101 -18.37 4.56 26.19
CA ALA A 101 -19.64 4.93 25.51
C ALA A 101 -20.25 3.69 24.84
N ASN A 102 -21.49 3.77 24.44
CA ASN A 102 -22.14 2.59 23.78
C ASN A 102 -21.90 2.66 22.27
N LYS A 103 -22.13 3.79 21.66
CA LYS A 103 -21.91 3.91 20.20
C LYS A 103 -20.43 3.71 19.88
N ASP A 104 -20.10 2.74 19.07
CA ASP A 104 -18.66 2.49 18.73
C ASP A 104 -18.28 3.22 17.44
N ASP A 105 -17.09 2.98 16.95
CA ASP A 105 -16.64 3.64 15.70
C ASP A 105 -17.12 2.81 14.50
N PRO A 106 -17.30 3.43 13.35
CA PRO A 106 -17.77 2.71 12.13
C PRO A 106 -16.71 1.75 11.57
N GLU A 107 -16.99 0.49 11.51
CA GLU A 107 -16.00 -0.48 10.98
C GLU A 107 -16.02 -0.42 9.45
N ARG A 108 -15.90 0.76 8.90
CA ARG A 108 -15.90 0.88 7.42
C ARG A 108 -14.52 0.50 6.86
N GLU A 109 -14.24 0.88 5.64
CA GLU A 109 -12.91 0.53 5.05
C GLU A 109 -11.81 1.43 5.60
N VAL A 110 -11.89 1.74 6.87
CA VAL A 110 -10.83 2.62 7.48
C VAL A 110 -9.66 1.75 7.91
N LEU A 111 -8.75 1.52 7.00
CA LEU A 111 -7.55 0.66 7.30
C LEU A 111 -6.27 1.50 7.21
N GLU A 112 -5.23 1.08 7.88
CA GLU A 112 -3.93 1.84 7.83
C GLU A 112 -2.82 0.96 7.26
N TRP A 113 -1.93 1.56 6.51
CA TRP A 113 -0.81 0.79 5.91
C TRP A 113 0.21 0.46 7.00
N ARG A 114 0.37 -0.80 7.31
CA ARG A 114 1.34 -1.19 8.38
C ARG A 114 2.69 -1.52 7.73
N PHE A 115 3.62 -0.62 7.79
CA PHE A 115 4.96 -0.86 7.18
C PHE A 115 5.70 -1.95 7.98
N ASP A 116 6.27 -2.92 7.30
CA ASP A 116 6.97 -4.02 8.01
C ASP A 116 8.06 -4.60 7.10
N SER A 117 9.02 -3.78 6.71
CA SER A 117 10.12 -4.25 5.82
C SER A 117 10.59 -5.66 6.20
N ARG A 118 10.32 -6.09 7.40
CA ARG A 118 10.76 -7.46 7.81
C ARG A 118 10.09 -8.47 6.87
N LEU A 119 9.00 -8.10 6.27
CA LEU A 119 8.30 -9.02 5.34
C LEU A 119 9.26 -9.34 4.18
N ALA A 120 10.41 -8.72 4.16
CA ALA A 120 11.37 -8.98 3.06
C ALA A 120 12.00 -10.35 3.26
N PHE A 121 11.62 -11.03 4.32
CA PHE A 121 12.19 -12.39 4.60
C PHE A 121 11.06 -13.32 5.06
N HIS A 122 10.20 -12.84 5.91
CA HIS A 122 9.07 -13.69 6.39
C HIS A 122 8.04 -13.84 5.27
N HIS A 123 7.20 -14.84 5.35
CA HIS A 123 6.15 -15.04 4.30
C HIS A 123 4.90 -15.63 4.94
N MET A 124 4.15 -14.83 5.63
CA MET A 124 2.91 -15.34 6.30
C MET A 124 1.78 -15.44 5.26
N ALA A 125 1.68 -14.46 4.40
CA ALA A 125 0.59 -14.49 3.38
C ALA A 125 0.61 -15.83 2.65
N ARG A 126 1.77 -16.41 2.49
CA ARG A 126 1.86 -17.72 1.78
C ARG A 126 1.29 -18.83 2.68
N GLU A 127 1.77 -18.93 3.89
CA GLU A 127 1.26 -20.00 4.81
C GLU A 127 -0.17 -19.69 5.25
N LEU A 128 -0.59 -18.45 5.15
CA LEU A 128 -1.97 -18.10 5.59
C LEU A 128 -2.98 -18.57 4.53
N HIS A 129 -2.78 -18.23 3.28
CA HIS A 129 -3.76 -18.67 2.24
C HIS A 129 -3.04 -18.89 0.90
N PRO A 130 -2.38 -20.01 0.74
CA PRO A 130 -1.66 -20.34 -0.52
C PRO A 130 -2.60 -20.96 -1.56
N GLU A 131 -3.87 -20.75 -1.42
CA GLU A 131 -4.85 -21.33 -2.39
C GLU A 131 -4.52 -20.85 -3.81
N TYR A 132 -4.01 -19.66 -3.95
CA TYR A 132 -3.67 -19.15 -5.31
C TYR A 132 -2.33 -19.75 -5.75
N PHE A 133 -1.25 -19.17 -5.31
CA PHE A 133 0.09 -19.71 -5.69
C PHE A 133 0.54 -20.70 -4.60
N LYS A 134 1.48 -21.55 -4.92
CA LYS A 134 1.95 -22.54 -3.92
C LYS A 134 3.32 -23.08 -4.34
N ASN A 135 3.45 -23.48 -5.58
CA ASN A 135 4.76 -24.01 -6.05
C ASN A 135 5.71 -22.85 -6.36
N ALA A 136 6.97 -23.13 -6.54
CA ALA A 136 7.95 -22.03 -6.84
C ALA A 136 9.19 -22.62 -7.50
N ALA A 1 6.00 16.41 -1.33
CA ALA A 1 4.93 17.16 -0.62
C ALA A 1 3.56 16.68 -1.10
N TRP A 2 3.47 15.44 -1.54
CA TRP A 2 2.16 14.91 -2.01
C TRP A 2 1.23 14.68 -0.81
N LEU A 3 1.72 14.01 0.19
CA LEU A 3 0.86 13.75 1.39
C LEU A 3 0.83 14.99 2.28
N GLU A 4 1.95 15.66 2.43
CA GLU A 4 1.97 16.87 3.28
C GLU A 4 1.33 18.03 2.53
N ALA A 5 0.21 17.80 1.89
CA ALA A 5 -0.46 18.89 1.15
C ALA A 5 -1.08 19.89 2.13
N GLN A 6 -0.38 20.96 2.42
CA GLN A 6 -0.91 21.98 3.38
C GLN A 6 -1.54 23.14 2.61
N GLU A 7 -0.85 23.66 1.62
CA GLU A 7 -1.41 24.80 0.84
C GLU A 7 -0.97 24.70 -0.62
N GLU A 8 0.17 24.09 -0.88
CA GLU A 8 0.66 23.96 -2.28
C GLU A 8 0.25 22.59 -2.83
N GLU A 9 -1.01 22.43 -3.17
CA GLU A 9 -1.48 21.13 -3.72
C GLU A 9 -1.41 21.15 -5.25
N GLU A 10 -1.00 22.25 -5.81
CA GLU A 10 -0.91 22.35 -7.30
C GLU A 10 0.22 21.46 -7.81
N VAL A 11 0.10 20.99 -9.03
CA VAL A 11 1.17 20.11 -9.63
C VAL A 11 1.17 20.33 -11.14
N GLY A 12 1.07 21.56 -11.58
CA GLY A 12 1.05 21.84 -13.04
C GLY A 12 2.48 21.81 -13.59
N PHE A 13 3.40 21.24 -12.86
CA PHE A 13 4.81 21.17 -13.36
C PHE A 13 4.99 19.92 -14.22
N PRO A 14 5.85 19.96 -15.21
CA PRO A 14 6.08 18.78 -16.10
C PRO A 14 6.90 17.68 -15.42
N VAL A 15 6.25 16.69 -14.88
CA VAL A 15 6.99 15.57 -14.22
C VAL A 15 7.33 14.52 -15.30
N THR A 16 7.71 13.34 -14.90
CA THR A 16 8.05 12.28 -15.91
C THR A 16 6.77 11.50 -16.24
N PRO A 17 6.25 11.58 -17.46
CA PRO A 17 5.01 10.85 -17.84
C PRO A 17 5.26 9.37 -18.13
N GLN A 18 4.35 8.73 -18.79
CA GLN A 18 4.50 7.28 -19.08
C GLN A 18 5.90 6.99 -19.63
N VAL A 19 6.77 6.57 -18.77
CA VAL A 19 8.16 6.21 -19.19
C VAL A 19 8.14 4.73 -19.61
N PRO A 20 9.04 4.28 -20.44
CA PRO A 20 9.08 2.85 -20.88
C PRO A 20 8.62 1.90 -19.78
N LEU A 21 7.58 1.15 -20.03
CA LEU A 21 7.05 0.22 -18.98
C LEU A 21 8.09 -0.81 -18.58
N ARG A 22 8.79 -0.57 -17.51
CA ARG A 22 9.81 -1.54 -17.03
C ARG A 22 9.10 -2.63 -16.20
N PRO A 23 9.68 -3.80 -16.10
CA PRO A 23 9.07 -4.91 -15.31
C PRO A 23 9.24 -4.69 -13.80
N MET A 24 8.19 -4.85 -13.04
CA MET A 24 8.30 -4.65 -11.56
C MET A 24 9.22 -5.72 -10.96
N THR A 25 10.35 -5.31 -10.45
CA THR A 25 11.30 -6.30 -9.85
C THR A 25 11.03 -6.50 -8.37
N TYR A 26 11.12 -7.72 -7.89
CA TYR A 26 10.92 -7.96 -6.44
C TYR A 26 11.83 -6.98 -5.72
N LYS A 27 13.02 -6.84 -6.23
CA LYS A 27 13.97 -5.87 -5.64
C LYS A 27 13.36 -4.48 -5.75
N ALA A 28 12.64 -4.20 -6.83
CA ALA A 28 12.04 -2.84 -6.96
C ALA A 28 10.91 -2.67 -5.92
N ALA A 29 10.24 -3.74 -5.57
CA ALA A 29 9.13 -3.64 -4.58
C ALA A 29 9.68 -3.26 -3.20
N VAL A 30 10.53 -4.06 -2.64
CA VAL A 30 11.08 -3.75 -1.28
C VAL A 30 11.85 -2.44 -1.33
N ASP A 31 12.61 -2.23 -2.37
CA ASP A 31 13.36 -0.95 -2.46
C ASP A 31 12.37 0.20 -2.42
N LEU A 32 11.33 0.11 -3.21
CA LEU A 32 10.31 1.19 -3.21
C LEU A 32 9.68 1.29 -1.82
N SER A 33 9.38 0.17 -1.19
CA SER A 33 8.78 0.23 0.17
C SER A 33 9.65 1.10 1.08
N HIS A 34 10.95 0.90 1.06
CA HIS A 34 11.85 1.73 1.92
C HIS A 34 11.94 3.16 1.37
N PHE A 35 11.96 3.29 0.07
CA PHE A 35 12.06 4.65 -0.53
C PHE A 35 10.94 5.53 0.05
N LEU A 36 9.71 5.12 -0.13
CA LEU A 36 8.56 5.90 0.41
C LEU A 36 8.65 6.00 1.94
N LYS A 37 9.32 5.09 2.59
CA LYS A 37 9.41 5.16 4.07
C LYS A 37 10.08 6.47 4.50
N GLU A 38 11.22 6.76 3.96
CA GLU A 38 11.93 8.02 4.36
C GLU A 38 11.15 9.23 3.85
N LYS A 39 11.07 9.40 2.57
CA LYS A 39 10.36 10.59 2.00
C LYS A 39 8.84 10.42 2.11
N GLY A 40 8.31 9.27 1.78
CA GLY A 40 6.84 9.07 1.84
C GLY A 40 6.37 8.87 3.28
N GLY A 41 5.14 9.22 3.57
CA GLY A 41 4.58 9.05 4.95
C GLY A 41 3.27 8.26 4.84
N LEU A 42 3.29 7.19 4.09
CA LEU A 42 2.06 6.37 3.90
C LEU A 42 1.87 5.44 5.10
N GLU A 43 2.93 4.97 5.69
CA GLU A 43 2.79 4.05 6.85
C GLU A 43 1.82 4.64 7.88
N GLY A 44 1.02 3.79 8.45
CA GLY A 44 0.06 4.22 9.49
C GLY A 44 -1.00 5.18 8.92
N LEU A 45 -0.96 5.47 7.64
CA LEU A 45 -1.97 6.40 7.07
C LEU A 45 -3.31 5.65 6.95
N ILE A 46 -4.33 6.09 7.63
CA ILE A 46 -5.63 5.39 7.56
C ILE A 46 -6.18 5.38 6.13
N HIS A 47 -6.12 4.25 5.49
CA HIS A 47 -6.65 4.11 4.10
C HIS A 47 -8.17 4.24 4.14
N SER A 48 -8.68 5.36 3.70
CA SER A 48 -10.15 5.57 3.70
C SER A 48 -10.81 4.70 2.63
N GLN A 49 -10.55 5.00 1.38
CA GLN A 49 -11.16 4.20 0.28
C GLN A 49 -10.49 4.54 -1.05
N ARG A 50 -10.49 5.80 -1.41
CA ARG A 50 -9.86 6.21 -2.71
C ARG A 50 -8.35 6.44 -2.51
N ARG A 51 -7.92 6.59 -1.30
CA ARG A 51 -6.47 6.84 -1.05
C ARG A 51 -5.63 5.77 -1.77
N GLN A 52 -6.16 4.59 -1.94
CA GLN A 52 -5.39 3.53 -2.63
C GLN A 52 -5.13 3.95 -4.08
N ASP A 53 -6.12 4.45 -4.76
CA ASP A 53 -5.92 4.86 -6.19
C ASP A 53 -4.81 5.91 -6.26
N ILE A 54 -4.75 6.80 -5.31
CA ILE A 54 -3.68 7.84 -5.34
C ILE A 54 -2.31 7.16 -5.46
N LEU A 55 -2.01 6.25 -4.58
CA LEU A 55 -0.68 5.56 -4.64
C LEU A 55 -0.44 5.04 -6.07
N ASP A 56 -1.21 4.08 -6.50
CA ASP A 56 -1.00 3.52 -7.87
C ASP A 56 -0.90 4.65 -8.90
N LEU A 57 -1.76 5.62 -8.83
CA LEU A 57 -1.72 6.74 -9.83
C LEU A 57 -0.40 7.49 -9.72
N TRP A 58 -0.08 8.01 -8.57
CA TRP A 58 1.19 8.77 -8.42
C TRP A 58 2.35 7.94 -8.99
N ILE A 59 2.42 6.69 -8.66
CA ILE A 59 3.52 5.84 -9.20
C ILE A 59 3.45 5.88 -10.73
N TYR A 60 2.29 6.04 -11.29
CA TYR A 60 2.16 6.06 -12.78
C TYR A 60 2.86 7.31 -13.37
N HIS A 61 2.33 8.48 -13.11
CA HIS A 61 2.94 9.73 -13.67
C HIS A 61 4.38 9.91 -13.17
N THR A 62 4.94 8.93 -12.51
CA THR A 62 6.34 9.06 -12.00
C THR A 62 7.18 7.88 -12.50
N GLN A 63 7.00 6.72 -11.93
CA GLN A 63 7.79 5.53 -12.37
C GLN A 63 7.15 4.93 -13.63
N GLY A 64 5.85 4.94 -13.71
CA GLY A 64 5.17 4.39 -14.92
C GLY A 64 4.97 2.87 -14.78
N TYR A 65 5.10 2.33 -13.60
CA TYR A 65 4.89 0.87 -13.44
C TYR A 65 3.39 0.60 -13.51
N PHE A 66 2.98 -0.36 -14.30
CA PHE A 66 1.53 -0.66 -14.42
C PHE A 66 1.05 -1.35 -13.12
N PRO A 67 -0.10 -0.99 -12.61
CA PRO A 67 -0.63 -1.61 -11.36
C PRO A 67 -1.25 -2.99 -11.58
N ASP A 68 -0.51 -4.02 -11.28
CA ASP A 68 -1.03 -5.41 -11.43
C ASP A 68 -0.27 -6.27 -10.44
N TRP A 69 0.30 -5.64 -9.44
CA TRP A 69 1.08 -6.37 -8.41
C TRP A 69 0.48 -6.10 -7.03
N GLN A 70 -0.27 -5.06 -6.94
CA GLN A 70 -0.91 -4.70 -5.64
C GLN A 70 -2.12 -5.60 -5.40
N ASN A 71 -2.05 -6.46 -4.43
CA ASN A 71 -3.20 -7.36 -4.14
C ASN A 71 -3.15 -7.77 -2.67
N TYR A 72 -4.17 -8.43 -2.20
CA TYR A 72 -4.21 -8.87 -0.77
C TYR A 72 -5.26 -9.97 -0.61
N THR A 73 -5.33 -10.59 0.54
CA THR A 73 -6.33 -11.66 0.74
C THR A 73 -7.74 -11.06 0.64
N PRO A 74 -8.71 -11.79 0.14
CA PRO A 74 -10.12 -11.27 0.00
C PRO A 74 -10.88 -11.33 1.32
N GLY A 75 -10.90 -10.25 2.05
CA GLY A 75 -11.65 -10.24 3.34
C GLY A 75 -11.36 -8.93 4.09
N PRO A 76 -12.22 -8.59 5.02
CA PRO A 76 -12.05 -7.33 5.83
C PRO A 76 -11.00 -7.48 6.93
N GLY A 77 -10.97 -6.58 7.87
CA GLY A 77 -9.96 -6.68 8.97
C GLY A 77 -8.55 -6.65 8.39
N ILE A 78 -7.61 -7.26 9.06
CA ILE A 78 -6.21 -7.28 8.54
C ILE A 78 -6.21 -7.69 7.07
N ARG A 79 -5.09 -7.61 6.43
CA ARG A 79 -5.01 -8.00 5.00
C ARG A 79 -3.54 -8.06 4.57
N TYR A 80 -3.01 -9.25 4.39
CA TYR A 80 -1.59 -9.37 3.99
C TYR A 80 -1.47 -9.27 2.45
N PRO A 81 -0.38 -8.76 1.94
CA PRO A 81 -0.17 -8.63 0.48
C PRO A 81 0.12 -9.99 -0.17
N LEU A 82 -0.67 -10.39 -1.12
CA LEU A 82 -0.45 -11.71 -1.79
C LEU A 82 0.93 -11.70 -2.46
N THR A 83 1.22 -10.68 -3.23
CA THR A 83 2.54 -10.63 -3.91
C THR A 83 3.66 -10.48 -2.88
N PHE A 84 4.84 -10.92 -3.22
CA PHE A 84 5.99 -10.84 -2.27
C PHE A 84 6.82 -9.58 -2.56
N GLY A 85 7.57 -9.11 -1.59
CA GLY A 85 8.41 -7.89 -1.78
C GLY A 85 7.69 -6.70 -1.16
N TRP A 86 6.44 -6.56 -1.45
CA TRP A 86 5.65 -5.43 -0.88
C TRP A 86 5.34 -5.79 0.57
N CYS A 87 6.14 -5.29 1.47
CA CYS A 87 5.97 -5.64 2.92
C CYS A 87 4.94 -4.76 3.63
N TYR A 88 3.80 -4.52 3.05
CA TYR A 88 2.77 -3.67 3.76
C TYR A 88 1.47 -4.47 3.86
N LYS A 89 0.87 -4.47 5.02
CA LYS A 89 -0.42 -5.20 5.23
C LYS A 89 -1.40 -4.24 5.92
N LEU A 90 -2.65 -4.24 5.52
CA LEU A 90 -3.61 -3.33 6.18
C LEU A 90 -3.91 -3.85 7.59
N VAL A 91 -4.14 -2.96 8.53
CA VAL A 91 -4.41 -3.40 9.93
C VAL A 91 -5.19 -2.27 10.63
N PRO A 92 -6.24 -2.59 11.37
CA PRO A 92 -7.05 -1.55 12.09
C PRO A 92 -6.31 -0.98 13.31
N VAL A 93 -6.75 0.14 13.80
CA VAL A 93 -6.12 0.75 14.98
C VAL A 93 -6.73 0.15 16.23
N GLU A 94 -5.92 -0.07 17.20
CA GLU A 94 -6.41 -0.66 18.48
C GLU A 94 -7.29 0.36 19.22
N PRO A 95 -8.52 0.04 19.52
CA PRO A 95 -9.43 0.97 20.25
C PRO A 95 -9.16 0.95 21.76
N GLU A 96 -8.05 0.37 22.15
CA GLU A 96 -7.71 0.29 23.60
C GLU A 96 -7.56 1.71 24.18
N LYS A 97 -7.77 1.85 25.46
CA LYS A 97 -7.67 3.20 26.09
C LYS A 97 -6.21 3.50 26.47
N LEU A 98 -5.30 3.40 25.53
CA LEU A 98 -3.87 3.69 25.84
C LEU A 98 -3.64 5.19 25.77
N GLU A 99 -4.31 5.95 26.59
CA GLU A 99 -4.13 7.44 26.55
C GLU A 99 -2.78 7.80 27.15
N GLU A 100 -2.18 8.86 26.67
CA GLU A 100 -0.86 9.29 27.20
C GLU A 100 -0.57 10.72 26.74
N ALA A 101 -0.41 10.93 25.47
CA ALA A 101 -0.13 12.30 24.94
C ALA A 101 -1.46 12.97 24.60
N ASN A 102 -2.01 12.67 23.45
CA ASN A 102 -3.31 13.29 23.05
C ASN A 102 -3.88 12.53 21.86
N LYS A 103 -4.77 11.61 22.10
CA LYS A 103 -5.38 10.83 20.99
C LYS A 103 -6.35 11.72 20.21
N ASP A 104 -5.84 12.69 19.51
CA ASP A 104 -6.73 13.60 18.72
C ASP A 104 -6.87 13.06 17.30
N ASP A 105 -7.49 11.92 17.15
CA ASP A 105 -7.67 11.33 15.78
C ASP A 105 -8.90 10.42 15.78
N PRO A 106 -10.05 10.97 16.05
CA PRO A 106 -11.33 10.20 16.09
C PRO A 106 -11.79 9.79 14.70
N GLU A 107 -11.02 10.08 13.69
CA GLU A 107 -11.41 9.70 12.30
C GLU A 107 -11.12 8.21 12.09
N ARG A 108 -11.84 7.36 12.77
CA ARG A 108 -11.61 5.90 12.60
C ARG A 108 -12.27 5.41 11.31
N GLU A 109 -11.63 5.63 10.19
CA GLU A 109 -12.22 5.18 8.90
C GLU A 109 -12.04 3.68 8.73
N VAL A 110 -11.54 3.25 7.61
CA VAL A 110 -11.34 1.80 7.37
C VAL A 110 -10.03 1.31 8.00
N LEU A 111 -9.07 0.95 7.19
CA LEU A 111 -7.75 0.42 7.72
C LEU A 111 -6.59 1.35 7.35
N GLU A 112 -5.41 1.11 7.92
CA GLU A 112 -4.21 1.96 7.61
C GLU A 112 -3.05 1.14 7.02
N TRP A 113 -2.13 1.81 6.36
CA TRP A 113 -0.93 1.14 5.76
C TRP A 113 0.05 0.76 6.89
N ARG A 114 0.25 -0.51 7.13
CA ARG A 114 1.22 -0.91 8.21
C ARG A 114 2.51 -1.40 7.54
N PHE A 115 3.41 -0.50 7.21
CA PHE A 115 4.67 -0.93 6.54
C PHE A 115 5.57 -1.66 7.54
N ASP A 116 6.14 -2.76 7.12
CA ASP A 116 7.04 -3.54 8.00
C ASP A 116 8.02 -4.34 7.12
N SER A 117 9.04 -3.68 6.63
CA SER A 117 10.03 -4.36 5.74
C SER A 117 10.42 -5.73 6.30
N ARG A 118 10.06 -6.03 7.51
CA ARG A 118 10.42 -7.37 8.08
C ARG A 118 9.83 -8.45 7.18
N LEU A 119 8.66 -8.21 6.65
CA LEU A 119 8.02 -9.19 5.74
C LEU A 119 8.88 -9.33 4.48
N ALA A 120 9.94 -8.58 4.40
CA ALA A 120 10.83 -8.65 3.21
C ALA A 120 11.62 -9.97 3.26
N PHE A 121 11.39 -10.74 4.29
CA PHE A 121 12.11 -12.05 4.43
C PHE A 121 11.09 -13.13 4.81
N HIS A 122 10.24 -12.85 5.75
CA HIS A 122 9.22 -13.86 6.17
C HIS A 122 8.15 -13.97 5.07
N HIS A 123 7.19 -14.84 5.23
CA HIS A 123 6.12 -14.99 4.19
C HIS A 123 4.83 -15.44 4.87
N MET A 124 4.40 -14.73 5.88
CA MET A 124 3.15 -15.12 6.58
C MET A 124 2.03 -15.37 5.57
N ALA A 125 1.88 -14.48 4.61
CA ALA A 125 0.80 -14.64 3.60
C ALA A 125 0.78 -16.09 3.09
N ARG A 126 1.89 -16.77 3.14
CA ARG A 126 1.92 -18.17 2.65
C ARG A 126 1.16 -19.07 3.63
N GLU A 127 1.35 -18.87 4.91
CA GLU A 127 0.65 -19.72 5.90
C GLU A 127 -0.85 -19.40 5.92
N LEU A 128 -1.23 -18.27 5.37
CA LEU A 128 -2.68 -17.91 5.36
C LEU A 128 -3.39 -18.70 4.25
N HIS A 129 -3.21 -18.31 3.01
CA HIS A 129 -3.89 -19.03 1.90
C HIS A 129 -3.01 -18.99 0.63
N PRO A 130 -2.13 -19.94 0.45
CA PRO A 130 -1.25 -19.99 -0.75
C PRO A 130 -1.94 -20.63 -1.95
N GLU A 131 -3.12 -21.17 -1.75
CA GLU A 131 -3.85 -21.81 -2.88
C GLU A 131 -4.02 -20.80 -4.01
N TYR A 132 -3.67 -19.56 -3.78
CA TYR A 132 -3.81 -18.53 -4.85
C TYR A 132 -2.65 -18.68 -5.84
N PHE A 133 -1.50 -19.05 -5.36
CA PHE A 133 -0.31 -19.22 -6.27
C PHE A 133 -0.26 -20.66 -6.76
N LYS A 134 0.90 -21.12 -7.16
CA LYS A 134 1.04 -22.54 -7.65
C LYS A 134 2.37 -23.11 -7.17
N ASN A 135 2.83 -24.15 -7.81
CA ASN A 135 4.12 -24.77 -7.40
C ASN A 135 4.66 -25.62 -8.55
N ALA A 136 3.97 -25.65 -9.66
CA ALA A 136 4.45 -26.45 -10.82
C ALA A 136 3.82 -25.93 -12.10
N ALA A 1 6.73 13.85 0.51
CA ALA A 1 5.85 14.94 1.01
C ALA A 1 4.68 15.14 0.03
N TRP A 2 4.37 14.13 -0.74
CA TRP A 2 3.24 14.27 -1.71
C TRP A 2 1.91 14.23 -0.96
N LEU A 3 1.89 13.65 0.22
CA LEU A 3 0.62 13.60 0.99
C LEU A 3 0.44 14.90 1.76
N GLU A 4 1.49 15.67 1.91
CA GLU A 4 1.37 16.95 2.66
C GLU A 4 0.67 18.00 1.77
N ALA A 5 -0.48 17.70 1.27
CA ALA A 5 -1.21 18.68 0.40
C ALA A 5 -1.75 19.82 1.27
N GLN A 6 -1.15 20.06 2.40
CA GLN A 6 -1.63 21.17 3.28
C GLN A 6 -1.52 22.50 2.54
N GLU A 7 -0.43 23.19 2.68
CA GLU A 7 -0.26 24.49 1.99
C GLU A 7 -0.05 24.27 0.49
N GLU A 8 0.89 24.96 -0.09
CA GLU A 8 1.14 24.79 -1.55
C GLU A 8 1.95 23.51 -1.79
N GLU A 9 1.75 22.87 -2.90
CA GLU A 9 2.50 21.62 -3.20
C GLU A 9 3.97 21.98 -3.48
N GLU A 10 4.70 21.08 -4.10
CA GLU A 10 6.13 21.36 -4.40
C GLU A 10 6.60 20.46 -5.54
N VAL A 11 5.70 20.00 -6.36
CA VAL A 11 6.09 19.11 -7.50
C VAL A 11 6.60 19.97 -8.65
N GLY A 12 7.51 20.87 -8.38
CA GLY A 12 8.06 21.75 -9.46
C GLY A 12 9.40 21.20 -9.94
N PHE A 13 9.43 20.02 -10.50
CA PHE A 13 10.71 19.45 -11.00
C PHE A 13 10.41 18.45 -12.13
N PRO A 14 11.29 18.32 -13.10
CA PRO A 14 11.08 17.37 -14.24
C PRO A 14 10.48 16.03 -13.80
N VAL A 15 9.20 15.87 -13.93
CA VAL A 15 8.56 14.58 -13.53
C VAL A 15 8.64 13.58 -14.69
N THR A 16 8.79 12.33 -14.38
CA THR A 16 8.88 11.29 -15.46
C THR A 16 7.46 10.72 -15.75
N PRO A 17 6.87 11.01 -16.88
CA PRO A 17 5.50 10.51 -17.21
C PRO A 17 5.52 9.05 -17.67
N GLN A 18 4.49 8.62 -18.34
CA GLN A 18 4.43 7.21 -18.82
C GLN A 18 5.78 6.79 -19.42
N VAL A 19 6.59 6.16 -18.62
CA VAL A 19 7.92 5.68 -19.12
C VAL A 19 7.73 4.24 -19.62
N PRO A 20 8.56 3.78 -20.53
CA PRO A 20 8.46 2.40 -21.07
C PRO A 20 8.01 1.41 -19.98
N LEU A 21 6.97 0.67 -20.24
CA LEU A 21 6.46 -0.27 -19.20
C LEU A 21 7.54 -1.30 -18.85
N ARG A 22 8.26 -1.07 -17.79
CA ARG A 22 9.32 -2.05 -17.36
C ARG A 22 8.64 -3.11 -16.48
N PRO A 23 9.37 -4.12 -16.06
CA PRO A 23 8.81 -5.19 -15.19
C PRO A 23 9.04 -4.92 -13.70
N MET A 24 8.01 -4.99 -12.89
CA MET A 24 8.17 -4.72 -11.44
C MET A 24 9.08 -5.80 -10.84
N THR A 25 10.26 -5.43 -10.42
CA THR A 25 11.21 -6.44 -9.85
C THR A 25 10.95 -6.62 -8.36
N TYR A 26 11.12 -7.82 -7.86
CA TYR A 26 10.93 -8.04 -6.41
C TYR A 26 11.81 -6.99 -5.72
N LYS A 27 12.98 -6.81 -6.24
CA LYS A 27 13.88 -5.77 -5.69
C LYS A 27 13.18 -4.42 -5.82
N ALA A 28 12.35 -4.25 -6.83
CA ALA A 28 11.66 -2.93 -6.97
C ALA A 28 10.68 -2.74 -5.80
N ALA A 29 10.01 -3.78 -5.40
CA ALA A 29 9.03 -3.65 -4.28
C ALA A 29 9.75 -3.29 -2.98
N VAL A 30 10.76 -4.04 -2.61
CA VAL A 30 11.50 -3.74 -1.35
C VAL A 30 12.15 -2.36 -1.45
N ASP A 31 12.76 -2.06 -2.57
CA ASP A 31 13.39 -0.72 -2.71
C ASP A 31 12.29 0.33 -2.60
N LEU A 32 11.22 0.14 -3.31
CA LEU A 32 10.10 1.11 -3.23
C LEU A 32 9.56 1.15 -1.80
N SER A 33 9.48 0.02 -1.15
CA SER A 33 8.96 0.00 0.25
C SER A 33 9.70 1.04 1.08
N HIS A 34 11.00 1.02 1.06
CA HIS A 34 11.79 2.01 1.84
C HIS A 34 11.71 3.38 1.17
N PHE A 35 11.65 3.42 -0.12
CA PHE A 35 11.57 4.75 -0.81
C PHE A 35 10.39 5.53 -0.24
N LEU A 36 9.20 5.02 -0.42
CA LEU A 36 8.01 5.73 0.11
C LEU A 36 8.06 5.82 1.64
N LYS A 37 8.80 4.95 2.29
CA LYS A 37 8.86 5.01 3.77
C LYS A 37 9.47 6.34 4.22
N GLU A 38 10.71 6.58 3.87
CA GLU A 38 11.37 7.86 4.28
C GLU A 38 10.73 9.04 3.54
N LYS A 39 10.67 8.99 2.23
CA LYS A 39 10.08 10.12 1.46
C LYS A 39 8.55 10.11 1.57
N GLY A 40 7.93 8.99 1.34
CA GLY A 40 6.43 8.94 1.40
C GLY A 40 5.97 8.75 2.85
N GLY A 41 4.72 9.04 3.12
CA GLY A 41 4.17 8.88 4.50
C GLY A 41 2.90 8.01 4.44
N LEU A 42 2.98 6.90 3.77
CA LEU A 42 1.79 6.01 3.65
C LEU A 42 1.68 5.15 4.91
N GLU A 43 2.76 4.90 5.59
CA GLU A 43 2.70 4.08 6.82
C GLU A 43 1.63 4.64 7.78
N GLY A 44 1.00 3.78 8.51
CA GLY A 44 -0.04 4.22 9.49
C GLY A 44 -1.06 5.16 8.82
N LEU A 45 -0.99 5.33 7.53
CA LEU A 45 -1.98 6.24 6.87
C LEU A 45 -3.33 5.52 6.76
N ILE A 46 -4.32 6.01 7.47
CA ILE A 46 -5.65 5.35 7.46
C ILE A 46 -6.26 5.36 6.04
N HIS A 47 -6.47 4.19 5.49
CA HIS A 47 -7.07 4.09 4.12
C HIS A 47 -8.51 4.58 4.19
N SER A 48 -8.75 5.82 3.88
CA SER A 48 -10.12 6.36 3.91
C SER A 48 -10.92 5.82 2.72
N GLN A 49 -10.62 6.26 1.53
CA GLN A 49 -11.36 5.79 0.33
C GLN A 49 -10.46 5.84 -0.91
N ARG A 50 -10.51 6.92 -1.64
CA ARG A 50 -9.70 7.06 -2.88
C ARG A 50 -8.19 7.15 -2.53
N ARG A 51 -7.85 7.19 -1.28
CA ARG A 51 -6.40 7.30 -0.92
C ARG A 51 -5.59 6.22 -1.64
N GLN A 52 -6.11 5.03 -1.74
CA GLN A 52 -5.34 3.94 -2.42
C GLN A 52 -5.14 4.29 -3.91
N ASP A 53 -6.15 4.82 -4.55
CA ASP A 53 -6.00 5.18 -5.99
C ASP A 53 -4.82 6.12 -6.18
N ILE A 54 -4.78 7.20 -5.44
CA ILE A 54 -3.67 8.18 -5.60
C ILE A 54 -2.32 7.43 -5.54
N LEU A 55 -2.14 6.59 -4.56
CA LEU A 55 -0.85 5.85 -4.44
C LEU A 55 -0.48 5.22 -5.79
N ASP A 56 -1.17 4.18 -6.17
CA ASP A 56 -0.86 3.50 -7.47
C ASP A 56 -0.77 4.52 -8.61
N LEU A 57 -1.60 5.53 -8.59
CA LEU A 57 -1.56 6.53 -9.70
C LEU A 57 -0.22 7.28 -9.68
N TRP A 58 0.10 7.94 -8.60
CA TRP A 58 1.39 8.68 -8.54
C TRP A 58 2.52 7.78 -9.06
N ILE A 59 2.49 6.52 -8.70
CA ILE A 59 3.56 5.60 -9.19
C ILE A 59 3.51 5.53 -10.72
N TYR A 60 2.34 5.55 -11.29
CA TYR A 60 2.22 5.48 -12.78
C TYR A 60 2.85 6.72 -13.43
N HIS A 61 2.35 7.89 -13.12
CA HIS A 61 2.91 9.13 -13.73
C HIS A 61 4.38 9.31 -13.34
N THR A 62 4.96 8.34 -12.67
CA THR A 62 6.40 8.44 -12.27
C THR A 62 7.16 7.22 -12.77
N GLN A 63 6.94 6.08 -12.16
CA GLN A 63 7.66 4.84 -12.61
C GLN A 63 6.94 4.23 -13.81
N GLY A 64 5.65 4.41 -13.90
CA GLY A 64 4.89 3.86 -15.06
C GLY A 64 4.67 2.35 -14.89
N TYR A 65 4.79 1.83 -13.71
CA TYR A 65 4.57 0.37 -13.52
C TYR A 65 3.07 0.08 -13.57
N PHE A 66 2.67 -1.00 -14.18
CA PHE A 66 1.22 -1.32 -14.27
C PHE A 66 0.76 -1.89 -12.90
N PRO A 67 -0.48 -1.67 -12.53
CA PRO A 67 -1.01 -2.18 -11.23
C PRO A 67 -1.38 -3.67 -11.27
N ASP A 68 -0.53 -4.49 -10.73
CA ASP A 68 -0.79 -5.95 -10.69
C ASP A 68 0.02 -6.54 -9.54
N TRP A 69 0.39 -5.70 -8.60
CA TRP A 69 1.20 -6.15 -7.44
C TRP A 69 0.67 -5.51 -6.18
N GLN A 70 0.52 -4.23 -6.20
CA GLN A 70 -0.01 -3.50 -5.02
C GLN A 70 -1.49 -3.85 -4.87
N ASN A 71 -1.77 -5.09 -4.58
CA ASN A 71 -3.18 -5.52 -4.43
C ASN A 71 -3.27 -6.67 -3.41
N TYR A 72 -3.82 -6.39 -2.25
CA TYR A 72 -3.93 -7.43 -1.20
C TYR A 72 -4.98 -8.47 -1.58
N THR A 73 -5.20 -9.44 -0.74
CA THR A 73 -6.22 -10.48 -1.04
C THR A 73 -7.61 -9.83 -1.05
N PRO A 74 -8.54 -10.34 -1.82
CA PRO A 74 -9.92 -9.78 -1.89
C PRO A 74 -10.75 -10.17 -0.66
N GLY A 75 -10.74 -9.36 0.36
CA GLY A 75 -11.55 -9.69 1.58
C GLY A 75 -11.52 -8.51 2.56
N PRO A 76 -12.44 -8.47 3.49
CA PRO A 76 -12.53 -7.38 4.51
C PRO A 76 -11.54 -7.56 5.66
N GLY A 77 -11.66 -6.76 6.68
CA GLY A 77 -10.74 -6.88 7.85
C GLY A 77 -9.28 -6.85 7.39
N ILE A 78 -8.40 -7.39 8.19
CA ILE A 78 -6.96 -7.41 7.81
C ILE A 78 -6.79 -7.87 6.38
N ARG A 79 -5.61 -7.74 5.84
CA ARG A 79 -5.39 -8.19 4.42
C ARG A 79 -3.88 -8.20 4.12
N TYR A 80 -3.36 -9.33 3.69
CA TYR A 80 -1.90 -9.43 3.39
C TYR A 80 -1.64 -9.06 1.92
N PRO A 81 -0.46 -8.57 1.59
CA PRO A 81 -0.10 -8.21 0.19
C PRO A 81 0.19 -9.46 -0.66
N LEU A 82 -0.47 -9.62 -1.78
CA LEU A 82 -0.20 -10.83 -2.60
C LEU A 82 1.25 -10.82 -3.04
N THR A 83 1.79 -9.69 -3.38
CA THR A 83 3.21 -9.64 -3.81
C THR A 83 4.10 -10.03 -2.61
N PHE A 84 5.37 -10.19 -2.82
CA PHE A 84 6.29 -10.57 -1.71
C PHE A 84 7.05 -9.34 -1.21
N GLY A 85 8.02 -8.95 -1.95
CA GLY A 85 8.86 -7.77 -1.56
C GLY A 85 7.99 -6.63 -1.02
N TRP A 86 6.75 -6.56 -1.42
CA TRP A 86 5.87 -5.47 -0.91
C TRP A 86 5.51 -5.77 0.53
N CYS A 87 6.28 -5.23 1.45
CA CYS A 87 6.05 -5.51 2.89
C CYS A 87 4.97 -4.59 3.48
N TYR A 88 3.91 -4.34 2.77
CA TYR A 88 2.81 -3.46 3.31
C TYR A 88 1.64 -4.36 3.72
N LYS A 89 1.17 -4.22 4.94
CA LYS A 89 0.03 -5.06 5.43
C LYS A 89 -1.05 -4.16 6.03
N LEU A 90 -2.23 -4.21 5.49
CA LEU A 90 -3.34 -3.36 6.02
C LEU A 90 -3.89 -3.99 7.31
N VAL A 91 -4.42 -3.20 8.21
CA VAL A 91 -4.96 -3.76 9.48
C VAL A 91 -5.96 -2.74 10.08
N PRO A 92 -7.16 -3.16 10.46
CA PRO A 92 -8.16 -2.22 11.06
C PRO A 92 -7.81 -1.86 12.51
N VAL A 93 -8.18 -0.70 12.95
CA VAL A 93 -7.88 -0.27 14.33
C VAL A 93 -8.99 -0.78 15.24
N GLU A 94 -8.73 -0.79 16.50
CA GLU A 94 -9.74 -1.25 17.49
C GLU A 94 -10.88 -0.22 17.57
N PRO A 95 -12.09 -0.64 17.86
CA PRO A 95 -13.26 0.28 17.95
C PRO A 95 -12.89 1.63 18.57
N GLU A 96 -12.59 2.61 17.74
CA GLU A 96 -12.22 3.95 18.27
C GLU A 96 -13.40 4.52 19.07
N LYS A 97 -13.19 4.80 20.33
CA LYS A 97 -14.29 5.34 21.18
C LYS A 97 -14.38 6.86 21.00
N LEU A 98 -14.50 7.33 19.78
CA LEU A 98 -14.59 8.81 19.57
C LEU A 98 -16.03 9.27 19.79
N GLU A 99 -16.36 10.47 19.40
CA GLU A 99 -17.75 10.99 19.60
C GLU A 99 -18.70 10.34 18.59
N GLU A 100 -19.95 10.71 18.63
CA GLU A 100 -20.93 10.12 17.68
C GLU A 100 -20.73 10.73 16.29
N ALA A 101 -20.34 9.94 15.33
CA ALA A 101 -20.12 10.46 13.95
C ALA A 101 -21.44 10.44 13.19
N ASN A 102 -21.39 10.53 11.89
CA ASN A 102 -22.63 10.51 11.08
C ASN A 102 -22.27 10.20 9.62
N LYS A 103 -21.20 9.51 9.40
CA LYS A 103 -20.79 9.17 8.01
C LYS A 103 -21.73 8.11 7.45
N ASP A 104 -21.25 7.31 6.53
CA ASP A 104 -22.12 6.24 5.93
C ASP A 104 -22.00 4.98 6.79
N ASP A 105 -22.53 3.87 6.33
CA ASP A 105 -22.45 2.60 7.14
C ASP A 105 -21.13 1.85 6.87
N PRO A 106 -20.77 1.68 5.63
CA PRO A 106 -19.51 0.94 5.27
C PRO A 106 -18.26 1.62 5.83
N GLU A 107 -18.24 1.94 7.09
CA GLU A 107 -17.05 2.59 7.70
C GLU A 107 -16.00 1.52 8.00
N ARG A 108 -16.19 0.31 7.53
CA ARG A 108 -15.20 -0.76 7.79
C ARG A 108 -14.03 -0.63 6.80
N GLU A 109 -14.15 0.29 5.91
CA GLU A 109 -13.06 0.50 4.91
C GLU A 109 -11.96 1.37 5.53
N VAL A 110 -11.98 1.48 6.82
CA VAL A 110 -10.95 2.30 7.53
C VAL A 110 -9.76 1.42 7.88
N LEU A 111 -8.89 1.20 6.93
CA LEU A 111 -7.68 0.34 7.18
C LEU A 111 -6.39 1.15 7.03
N GLU A 112 -5.47 1.01 7.94
CA GLU A 112 -4.19 1.78 7.85
C GLU A 112 -3.06 0.91 7.28
N TRP A 113 -2.24 1.51 6.44
CA TRP A 113 -1.10 0.77 5.83
C TRP A 113 -0.01 0.59 6.90
N ARG A 114 0.21 -0.60 7.37
CA ARG A 114 1.26 -0.80 8.40
C ARG A 114 2.56 -1.24 7.72
N PHE A 115 3.51 -0.35 7.61
CA PHE A 115 4.80 -0.70 6.94
C PHE A 115 5.56 -1.71 7.83
N ASP A 116 6.07 -2.76 7.23
CA ASP A 116 6.81 -3.78 8.04
C ASP A 116 7.81 -4.51 7.14
N SER A 117 8.90 -3.86 6.79
CA SER A 117 9.92 -4.51 5.89
C SER A 117 10.28 -5.92 6.41
N ARG A 118 9.75 -6.32 7.54
CA ARG A 118 10.09 -7.68 8.06
C ARG A 118 9.66 -8.71 6.99
N LEU A 119 8.67 -8.37 6.21
CA LEU A 119 8.21 -9.28 5.13
C LEU A 119 9.36 -9.42 4.12
N ALA A 120 10.47 -8.77 4.38
CA ALA A 120 11.61 -8.86 3.43
C ALA A 120 12.27 -10.23 3.58
N PHE A 121 11.90 -10.98 4.59
CA PHE A 121 12.50 -12.34 4.79
C PHE A 121 11.42 -13.32 5.24
N HIS A 122 10.51 -12.90 6.09
CA HIS A 122 9.43 -13.82 6.54
C HIS A 122 8.43 -14.00 5.40
N HIS A 123 7.42 -14.82 5.58
CA HIS A 123 6.44 -15.02 4.47
C HIS A 123 5.16 -15.67 5.02
N MET A 124 4.25 -14.88 5.54
CA MET A 124 2.98 -15.45 6.07
C MET A 124 2.00 -15.71 4.92
N ALA A 125 1.97 -14.84 3.95
CA ALA A 125 1.03 -15.03 2.80
C ALA A 125 1.20 -16.43 2.22
N ARG A 126 2.30 -17.07 2.48
CA ARG A 126 2.53 -18.44 1.93
C ARG A 126 1.63 -19.44 2.65
N GLU A 127 1.67 -19.47 3.96
CA GLU A 127 0.83 -20.44 4.71
C GLU A 127 -0.65 -20.07 4.61
N LEU A 128 -0.96 -18.86 4.22
CA LEU A 128 -2.38 -18.46 4.12
C LEU A 128 -3.01 -19.04 2.85
N HIS A 129 -2.70 -18.48 1.71
CA HIS A 129 -3.30 -18.99 0.43
C HIS A 129 -2.30 -18.82 -0.71
N PRO A 130 -1.40 -19.75 -0.89
CA PRO A 130 -0.38 -19.70 -1.97
C PRO A 130 -0.92 -20.29 -3.30
N GLU A 131 -2.02 -20.98 -3.25
CA GLU A 131 -2.59 -21.58 -4.48
C GLU A 131 -2.59 -20.55 -5.62
N TYR A 132 -2.47 -19.29 -5.29
CA TYR A 132 -2.47 -18.25 -6.36
C TYR A 132 -1.09 -18.20 -7.02
N PHE A 133 -0.04 -18.25 -6.24
CA PHE A 133 1.33 -18.21 -6.82
C PHE A 133 1.79 -19.65 -7.11
N LYS A 134 2.84 -19.80 -7.87
CA LYS A 134 3.33 -21.17 -8.20
C LYS A 134 3.69 -21.92 -6.91
N ASN A 135 2.93 -22.92 -6.57
CA ASN A 135 3.22 -23.69 -5.32
C ASN A 135 4.40 -24.62 -5.57
N ALA A 136 5.58 -24.06 -5.73
CA ALA A 136 6.78 -24.91 -5.97
C ALA A 136 7.29 -25.47 -4.65
N ALA A 1 1.06 14.44 -7.04
CA ALA A 1 -0.11 14.49 -6.10
C ALA A 1 0.02 13.35 -5.08
N TRP A 2 1.17 13.19 -4.49
CA TRP A 2 1.34 12.09 -3.50
C TRP A 2 0.56 12.47 -2.23
N LEU A 3 1.20 13.06 -1.25
CA LEU A 3 0.49 13.45 -0.01
C LEU A 3 -0.15 14.82 -0.22
N GLU A 4 -1.20 14.88 -1.00
CA GLU A 4 -1.86 16.19 -1.26
C GLU A 4 -2.63 16.63 -0.01
N ALA A 5 -1.96 16.76 1.10
CA ALA A 5 -2.65 17.20 2.34
C ALA A 5 -2.98 18.69 2.24
N GLN A 6 -4.10 19.10 2.76
CA GLN A 6 -4.47 20.55 2.70
C GLN A 6 -3.40 21.38 3.42
N GLU A 7 -2.40 20.73 3.97
CA GLU A 7 -1.34 21.49 4.68
C GLU A 7 -0.43 22.20 3.66
N GLU A 8 0.59 22.86 4.12
CA GLU A 8 1.49 23.57 3.19
C GLU A 8 2.43 22.56 2.52
N GLU A 9 2.99 22.90 1.39
CA GLU A 9 3.90 21.94 0.70
C GLU A 9 4.90 22.72 -0.17
N GLU A 10 5.84 22.04 -0.76
CA GLU A 10 6.83 22.75 -1.62
C GLU A 10 7.48 21.74 -2.59
N VAL A 11 6.76 20.70 -2.93
CA VAL A 11 7.32 19.68 -3.85
C VAL A 11 7.19 20.19 -5.29
N GLY A 12 7.17 21.48 -5.45
CA GLY A 12 7.04 22.04 -6.83
C GLY A 12 5.91 21.33 -7.56
N PHE A 13 6.09 20.99 -8.81
CA PHE A 13 5.02 20.28 -9.57
C PHE A 13 5.63 19.50 -10.75
N PRO A 14 6.74 18.83 -10.54
CA PRO A 14 7.38 18.03 -11.62
C PRO A 14 6.46 16.91 -12.10
N VAL A 15 5.74 17.14 -13.17
CA VAL A 15 4.80 16.10 -13.68
C VAL A 15 5.50 15.19 -14.70
N THR A 16 5.95 14.03 -14.29
CA THR A 16 6.59 13.08 -15.23
C THR A 16 5.50 12.11 -15.74
N PRO A 17 5.08 12.19 -16.97
CA PRO A 17 4.00 11.31 -17.50
C PRO A 17 4.50 9.91 -17.89
N GLN A 18 3.73 9.21 -18.70
CA GLN A 18 4.11 7.85 -19.12
C GLN A 18 5.57 7.80 -19.58
N VAL A 19 6.43 7.42 -18.69
CA VAL A 19 7.88 7.29 -19.04
C VAL A 19 8.11 5.85 -19.50
N PRO A 20 9.14 5.59 -20.27
CA PRO A 20 9.42 4.21 -20.76
C PRO A 20 9.02 3.13 -19.75
N LEU A 21 8.10 2.29 -20.13
CA LEU A 21 7.62 1.23 -19.18
C LEU A 21 8.78 0.33 -18.74
N ARG A 22 9.33 0.59 -17.59
CA ARG A 22 10.44 -0.26 -17.09
C ARG A 22 9.84 -1.49 -16.38
N PRO A 23 10.54 -2.60 -16.35
CA PRO A 23 10.03 -3.84 -15.70
C PRO A 23 10.04 -3.74 -14.17
N MET A 24 8.90 -3.86 -13.54
CA MET A 24 8.85 -3.78 -12.05
C MET A 24 9.61 -4.96 -11.46
N THR A 25 10.74 -4.72 -10.84
CA THR A 25 11.54 -5.84 -10.25
C THR A 25 11.07 -6.15 -8.84
N TYR A 26 11.10 -7.41 -8.46
CA TYR A 26 10.69 -7.76 -7.08
C TYR A 26 11.52 -6.86 -6.17
N LYS A 27 12.77 -6.71 -6.51
CA LYS A 27 13.65 -5.82 -5.73
C LYS A 27 13.07 -4.40 -5.81
N ALA A 28 12.41 -4.06 -6.90
CA ALA A 28 11.84 -2.69 -6.99
C ALA A 28 10.75 -2.51 -5.93
N ALA A 29 9.97 -3.54 -5.68
CA ALA A 29 8.88 -3.44 -4.67
C ALA A 29 9.48 -3.19 -3.28
N VAL A 30 10.41 -4.00 -2.87
CA VAL A 30 11.02 -3.80 -1.51
C VAL A 30 11.76 -2.45 -1.47
N ASP A 31 12.50 -2.14 -2.49
CA ASP A 31 13.23 -0.85 -2.50
C ASP A 31 12.20 0.28 -2.44
N LEU A 32 11.14 0.17 -3.21
CA LEU A 32 10.10 1.22 -3.21
C LEU A 32 9.48 1.31 -1.81
N SER A 33 9.26 0.20 -1.15
CA SER A 33 8.66 0.25 0.21
C SER A 33 9.44 1.24 1.09
N HIS A 34 10.75 1.17 1.08
CA HIS A 34 11.54 2.11 1.92
C HIS A 34 11.51 3.52 1.31
N PHE A 35 11.45 3.61 0.01
CA PHE A 35 11.42 4.97 -0.61
C PHE A 35 10.21 5.72 -0.07
N LEU A 36 9.05 5.15 -0.20
CA LEU A 36 7.82 5.81 0.31
C LEU A 36 7.89 5.99 1.83
N LYS A 37 8.68 5.22 2.51
CA LYS A 37 8.74 5.39 4.00
C LYS A 37 9.31 6.77 4.33
N GLU A 38 10.52 7.04 3.94
CA GLU A 38 11.14 8.36 4.25
C GLU A 38 10.53 9.48 3.37
N LYS A 39 10.79 9.45 2.09
CA LYS A 39 10.28 10.53 1.19
C LYS A 39 8.78 10.40 0.92
N GLY A 40 8.08 9.54 1.60
CA GLY A 40 6.61 9.38 1.35
C GLY A 40 5.83 9.49 2.67
N GLY A 41 6.00 8.55 3.55
CA GLY A 41 5.27 8.60 4.86
C GLY A 41 3.91 7.88 4.72
N LEU A 42 3.90 6.73 4.12
CA LEU A 42 2.62 5.98 3.95
C LEU A 42 2.34 5.20 5.23
N GLU A 43 3.36 4.83 5.96
CA GLU A 43 3.16 4.06 7.21
C GLU A 43 2.09 4.72 8.08
N GLY A 44 1.39 3.92 8.84
CA GLY A 44 0.34 4.44 9.75
C GLY A 44 -0.59 5.42 9.04
N LEU A 45 -0.46 5.58 7.75
CA LEU A 45 -1.36 6.53 7.03
C LEU A 45 -2.74 5.86 6.89
N ILE A 46 -3.72 6.31 7.64
CA ILE A 46 -5.06 5.67 7.56
C ILE A 46 -5.61 5.71 6.13
N HIS A 47 -5.62 4.57 5.47
CA HIS A 47 -6.16 4.49 4.08
C HIS A 47 -7.67 4.74 4.12
N SER A 48 -8.09 5.90 3.70
CA SER A 48 -9.55 6.22 3.71
C SER A 48 -10.28 5.34 2.69
N GLN A 49 -10.24 5.69 1.44
CA GLN A 49 -10.94 4.88 0.41
C GLN A 49 -10.25 5.08 -0.94
N ARG A 50 -10.41 6.23 -1.53
CA ARG A 50 -9.77 6.50 -2.85
C ARG A 50 -8.27 6.72 -2.66
N ARG A 51 -7.82 6.83 -1.45
CA ARG A 51 -6.36 7.06 -1.20
C ARG A 51 -5.56 5.92 -1.85
N GLN A 52 -6.12 4.75 -1.95
CA GLN A 52 -5.37 3.62 -2.56
C GLN A 52 -5.05 3.94 -4.02
N ASP A 53 -6.02 4.40 -4.77
CA ASP A 53 -5.78 4.73 -6.19
C ASP A 53 -4.64 5.73 -6.29
N ILE A 54 -4.64 6.73 -5.45
CA ILE A 54 -3.55 7.75 -5.49
C ILE A 54 -2.19 7.05 -5.37
N LEU A 55 -2.10 6.03 -4.57
CA LEU A 55 -0.79 5.31 -4.42
C LEU A 55 -0.35 4.78 -5.79
N ASP A 56 -1.03 3.79 -6.31
CA ASP A 56 -0.64 3.23 -7.63
C ASP A 56 -0.54 4.35 -8.66
N LEU A 57 -1.37 5.34 -8.57
CA LEU A 57 -1.32 6.47 -9.54
C LEU A 57 0.01 7.20 -9.41
N TRP A 58 0.36 7.62 -8.22
CA TRP A 58 1.64 8.35 -8.04
C TRP A 58 2.76 7.54 -8.72
N ILE A 59 2.78 6.25 -8.50
CA ILE A 59 3.84 5.41 -9.14
C ILE A 59 3.74 5.56 -10.67
N TYR A 60 2.54 5.72 -11.17
CA TYR A 60 2.37 5.86 -12.65
C TYR A 60 3.02 7.16 -13.14
N HIS A 61 2.52 8.30 -12.71
CA HIS A 61 3.11 9.60 -13.16
C HIS A 61 4.57 9.74 -12.70
N THR A 62 5.22 8.66 -12.34
CA THR A 62 6.65 8.73 -11.89
C THR A 62 7.50 7.80 -12.75
N GLN A 63 7.69 6.57 -12.32
CA GLN A 63 8.50 5.62 -13.13
C GLN A 63 7.63 5.01 -14.23
N GLY A 64 6.35 5.28 -14.19
CA GLY A 64 5.43 4.74 -15.23
C GLY A 64 5.30 3.22 -15.09
N TYR A 65 5.35 2.68 -13.91
CA TYR A 65 5.19 1.21 -13.77
C TYR A 65 3.73 0.87 -14.04
N PHE A 66 3.47 -0.11 -14.86
CA PHE A 66 2.05 -0.47 -15.15
C PHE A 66 1.44 -1.18 -13.93
N PRO A 67 0.23 -0.84 -13.53
CA PRO A 67 -0.42 -1.49 -12.35
C PRO A 67 -0.94 -2.89 -12.68
N ASP A 68 -0.13 -3.89 -12.47
CA ASP A 68 -0.55 -5.28 -12.75
C ASP A 68 0.28 -6.21 -11.86
N TRP A 69 0.82 -5.66 -10.80
CA TRP A 69 1.66 -6.45 -9.86
C TRP A 69 1.10 -6.33 -8.46
N GLN A 70 0.58 -5.18 -8.17
CA GLN A 70 0.00 -4.93 -6.82
C GLN A 70 -1.39 -5.58 -6.71
N ASN A 71 -1.45 -6.73 -6.08
CA ASN A 71 -2.76 -7.42 -5.91
C ASN A 71 -2.90 -7.84 -4.45
N TYR A 72 -3.96 -8.50 -4.07
CA TYR A 72 -4.11 -8.90 -2.64
C TYR A 72 -5.14 -10.04 -2.52
N THR A 73 -5.28 -10.59 -1.34
CA THR A 73 -6.27 -11.69 -1.16
C THR A 73 -7.69 -11.12 -1.36
N PRO A 74 -8.62 -11.91 -1.84
CA PRO A 74 -10.03 -11.45 -2.07
C PRO A 74 -10.83 -11.38 -0.76
N GLY A 75 -10.95 -10.20 -0.19
CA GLY A 75 -11.74 -10.08 1.08
C GLY A 75 -11.36 -8.79 1.80
N PRO A 76 -12.28 -8.17 2.51
CA PRO A 76 -12.01 -6.90 3.26
C PRO A 76 -11.23 -7.15 4.55
N GLY A 77 -11.30 -6.22 5.48
CA GLY A 77 -10.57 -6.40 6.77
C GLY A 77 -9.07 -6.49 6.50
N ILE A 78 -8.36 -7.32 7.22
CA ILE A 78 -6.89 -7.46 6.99
C ILE A 78 -6.64 -7.62 5.49
N ARG A 79 -5.43 -7.47 5.05
CA ARG A 79 -5.17 -7.62 3.59
C ARG A 79 -3.68 -7.85 3.33
N TYR A 80 -3.32 -9.06 2.98
CA TYR A 80 -1.89 -9.40 2.68
C TYR A 80 -1.66 -9.27 1.16
N PRO A 81 -0.46 -8.93 0.75
CA PRO A 81 -0.14 -8.79 -0.71
C PRO A 81 0.12 -10.15 -1.38
N LEU A 82 -0.49 -10.40 -2.50
CA LEU A 82 -0.24 -11.70 -3.20
C LEU A 82 1.23 -11.75 -3.61
N THR A 83 1.71 -10.72 -4.25
CA THR A 83 3.14 -10.70 -4.67
C THR A 83 4.04 -10.64 -3.43
N PHE A 84 5.26 -11.08 -3.55
CA PHE A 84 6.20 -11.05 -2.40
C PHE A 84 7.13 -9.83 -2.49
N GLY A 85 7.73 -9.43 -1.40
CA GLY A 85 8.65 -8.25 -1.42
C GLY A 85 7.90 -7.01 -0.95
N TRP A 86 6.68 -6.86 -1.37
CA TRP A 86 5.90 -5.65 -0.95
C TRP A 86 5.51 -5.84 0.53
N CYS A 87 6.27 -5.24 1.41
CA CYS A 87 6.02 -5.38 2.87
C CYS A 87 4.91 -4.45 3.33
N TYR A 88 3.78 -4.52 2.70
CA TYR A 88 2.61 -3.66 3.07
C TYR A 88 1.56 -4.54 3.80
N LYS A 89 1.07 -4.10 4.93
CA LYS A 89 0.06 -4.91 5.69
C LYS A 89 -1.11 -4.02 6.13
N LEU A 90 -2.24 -4.09 5.47
CA LEU A 90 -3.38 -3.24 5.92
C LEU A 90 -4.00 -3.88 7.16
N VAL A 91 -4.40 -3.09 8.12
CA VAL A 91 -5.00 -3.64 9.37
C VAL A 91 -5.87 -2.54 10.03
N PRO A 92 -7.12 -2.81 10.38
CA PRO A 92 -7.99 -1.79 11.04
C PRO A 92 -7.30 -1.10 12.22
N VAL A 93 -7.97 -0.19 12.87
CA VAL A 93 -7.38 0.53 14.03
C VAL A 93 -7.63 -0.25 15.33
N GLU A 94 -7.47 -1.53 15.29
CA GLU A 94 -7.70 -2.36 16.52
C GLU A 94 -6.67 -1.97 17.59
N PRO A 95 -7.04 -1.99 18.85
CA PRO A 95 -6.10 -1.65 19.98
C PRO A 95 -5.18 -2.82 20.32
N GLU A 96 -4.03 -2.91 19.68
CA GLU A 96 -3.10 -4.02 19.97
C GLU A 96 -2.67 -3.95 21.45
N LYS A 97 -1.50 -3.42 21.72
CA LYS A 97 -1.04 -3.33 23.13
C LYS A 97 -1.62 -2.08 23.79
N LEU A 98 -2.52 -1.41 23.13
CA LEU A 98 -3.11 -0.17 23.72
C LEU A 98 -4.24 -0.55 24.68
N GLU A 99 -4.96 0.42 25.18
CA GLU A 99 -6.07 0.11 26.12
C GLU A 99 -6.99 1.34 26.24
N GLU A 100 -6.88 2.25 25.31
CA GLU A 100 -7.75 3.46 25.37
C GLU A 100 -7.69 4.18 24.02
N ALA A 101 -8.52 5.16 23.82
CA ALA A 101 -8.52 5.91 22.54
C ALA A 101 -9.31 7.21 22.69
N ASN A 102 -9.61 7.86 21.60
CA ASN A 102 -10.37 9.15 21.69
C ASN A 102 -11.04 9.43 20.34
N LYS A 103 -10.48 10.34 19.57
CA LYS A 103 -11.08 10.66 18.25
C LYS A 103 -10.92 9.47 17.30
N ASP A 104 -11.60 8.39 17.57
CA ASP A 104 -11.49 7.18 16.68
C ASP A 104 -12.58 7.25 15.60
N ASP A 105 -13.20 6.13 15.31
CA ASP A 105 -14.27 6.12 14.28
C ASP A 105 -15.22 4.94 14.53
N PRO A 106 -16.00 5.02 15.57
CA PRO A 106 -16.96 3.93 15.94
C PRO A 106 -17.87 3.54 14.76
N GLU A 107 -17.94 4.36 13.75
CA GLU A 107 -18.81 4.03 12.58
C GLU A 107 -18.08 3.03 11.67
N ARG A 108 -17.73 3.43 10.49
CA ARG A 108 -17.02 2.50 9.56
C ARG A 108 -15.55 2.43 9.95
N GLU A 109 -15.04 1.24 10.17
CA GLU A 109 -13.61 1.10 10.57
C GLU A 109 -12.72 1.34 9.35
N VAL A 110 -11.82 2.29 9.43
CA VAL A 110 -10.91 2.57 8.27
C VAL A 110 -9.67 1.67 8.36
N LEU A 111 -8.88 1.61 7.32
CA LEU A 111 -7.66 0.73 7.34
C LEU A 111 -6.39 1.58 7.25
N GLU A 112 -5.34 1.18 7.92
CA GLU A 112 -4.05 1.95 7.89
C GLU A 112 -2.91 1.11 7.31
N TRP A 113 -2.00 1.77 6.65
CA TRP A 113 -0.81 1.09 6.06
C TRP A 113 0.19 0.75 7.15
N ARG A 114 0.32 -0.51 7.49
CA ARG A 114 1.32 -0.92 8.51
C ARG A 114 2.57 -1.38 7.77
N PHE A 115 3.46 -0.46 7.50
CA PHE A 115 4.70 -0.82 6.75
C PHE A 115 5.61 -1.68 7.64
N ASP A 116 6.09 -2.77 7.14
CA ASP A 116 6.96 -3.66 7.96
C ASP A 116 7.95 -4.41 7.05
N SER A 117 8.98 -3.74 6.61
CA SER A 117 9.99 -4.36 5.70
C SER A 117 10.37 -5.76 6.18
N ARG A 118 9.97 -6.17 7.35
CA ARG A 118 10.35 -7.52 7.85
C ARG A 118 9.75 -8.60 6.92
N LEU A 119 8.55 -8.38 6.45
CA LEU A 119 7.93 -9.39 5.54
C LEU A 119 8.80 -9.55 4.29
N ALA A 120 9.85 -8.76 4.19
CA ALA A 120 10.73 -8.88 3.00
C ALA A 120 11.62 -10.10 3.16
N PHE A 121 11.50 -10.79 4.28
CA PHE A 121 12.33 -12.01 4.52
C PHE A 121 11.44 -13.15 5.02
N HIS A 122 10.15 -12.96 5.00
CA HIS A 122 9.23 -14.03 5.47
C HIS A 122 7.86 -13.86 4.81
N HIS A 123 7.50 -14.75 3.93
CA HIS A 123 6.18 -14.64 3.24
C HIS A 123 5.09 -15.25 4.14
N MET A 124 4.38 -14.44 4.87
CA MET A 124 3.30 -14.97 5.75
C MET A 124 2.08 -15.33 4.91
N ALA A 125 1.88 -14.64 3.83
CA ALA A 125 0.70 -14.93 2.96
C ALA A 125 0.68 -16.42 2.61
N ARG A 126 1.82 -17.03 2.47
CA ARG A 126 1.85 -18.47 2.12
C ARG A 126 1.44 -19.31 3.35
N GLU A 127 1.65 -18.79 4.53
CA GLU A 127 1.28 -19.56 5.74
C GLU A 127 -0.25 -19.59 5.90
N LEU A 128 -0.91 -18.48 5.66
CA LEU A 128 -2.39 -18.46 5.79
C LEU A 128 -3.03 -19.17 4.60
N HIS A 129 -2.64 -18.82 3.40
CA HIS A 129 -3.22 -19.47 2.18
C HIS A 129 -2.13 -19.59 1.11
N PRO A 130 -2.19 -20.61 0.27
CA PRO A 130 -1.16 -20.83 -0.79
C PRO A 130 -1.12 -19.76 -1.90
N GLU A 131 -1.63 -20.06 -3.09
CA GLU A 131 -1.58 -19.07 -4.22
C GLU A 131 -2.99 -18.71 -4.72
N TYR A 132 -3.45 -19.40 -5.73
CA TYR A 132 -4.79 -19.12 -6.29
C TYR A 132 -5.85 -19.74 -5.40
N PHE A 133 -5.82 -19.38 -4.17
CA PHE A 133 -6.80 -19.93 -3.19
C PHE A 133 -8.14 -19.22 -3.37
N LYS A 134 -8.65 -19.18 -4.57
CA LYS A 134 -9.96 -18.52 -4.82
C LYS A 134 -11.08 -19.48 -4.43
N ASN A 135 -12.21 -18.95 -4.04
CA ASN A 135 -13.35 -19.85 -3.65
C ASN A 135 -14.06 -20.33 -4.91
N ALA A 136 -13.48 -20.12 -6.06
CA ALA A 136 -14.12 -20.57 -7.32
C ALA A 136 -13.06 -20.71 -8.41
N ALA A 1 6.24 15.11 2.37
CA ALA A 1 5.38 16.16 1.75
C ALA A 1 4.67 15.58 0.53
N TRP A 2 4.78 14.30 0.33
CA TRP A 2 4.11 13.68 -0.85
C TRP A 2 2.61 13.62 -0.60
N LEU A 3 2.20 13.58 0.65
CA LEU A 3 0.76 13.52 0.98
C LEU A 3 0.14 14.91 0.83
N GLU A 4 0.88 15.85 0.34
CA GLU A 4 0.33 17.23 0.17
C GLU A 4 -0.65 17.25 -1.01
N ALA A 5 -0.93 16.11 -1.57
CA ALA A 5 -1.89 16.05 -2.71
C ALA A 5 -3.30 16.28 -2.19
N GLN A 6 -3.49 17.31 -1.39
CA GLN A 6 -4.85 17.58 -0.84
C GLN A 6 -5.75 18.17 -1.93
N GLU A 7 -5.31 19.19 -2.60
CA GLU A 7 -6.15 19.81 -3.67
C GLU A 7 -5.29 20.75 -4.52
N GLU A 8 -4.28 20.24 -5.17
CA GLU A 8 -3.40 21.09 -6.02
C GLU A 8 -3.93 21.10 -7.45
N GLU A 9 -3.70 22.17 -8.17
CA GLU A 9 -4.18 22.23 -9.58
C GLU A 9 -3.20 21.48 -10.48
N GLU A 10 -2.14 22.13 -10.90
CA GLU A 10 -1.13 21.47 -11.78
C GLU A 10 0.08 21.05 -10.93
N VAL A 11 0.96 20.27 -11.49
CA VAL A 11 2.15 19.84 -10.71
C VAL A 11 3.20 20.95 -10.75
N GLY A 12 4.44 20.58 -10.91
CA GLY A 12 5.54 21.60 -10.96
C GLY A 12 6.19 21.55 -12.34
N PHE A 13 7.29 20.86 -12.47
CA PHE A 13 7.97 20.76 -13.80
C PHE A 13 7.35 19.60 -14.59
N PRO A 14 7.50 19.61 -15.89
CA PRO A 14 6.93 18.54 -16.77
C PRO A 14 7.47 17.15 -16.43
N VAL A 15 6.68 16.34 -15.77
CA VAL A 15 7.14 14.96 -15.41
C VAL A 15 6.93 14.03 -16.61
N THR A 16 7.56 12.89 -16.61
CA THR A 16 7.41 11.95 -17.75
C THR A 16 6.19 11.02 -17.47
N PRO A 17 5.31 10.82 -18.44
CA PRO A 17 4.11 9.94 -18.26
C PRO A 17 4.48 8.44 -18.35
N GLN A 18 3.50 7.61 -18.63
CA GLN A 18 3.74 6.14 -18.72
C GLN A 18 5.09 5.85 -19.38
N VAL A 19 6.07 5.59 -18.57
CA VAL A 19 7.43 5.27 -19.09
C VAL A 19 7.46 3.77 -19.42
N PRO A 20 8.30 3.34 -20.33
CA PRO A 20 8.40 1.91 -20.71
C PRO A 20 8.13 0.97 -19.53
N LEU A 21 7.24 0.04 -19.70
CA LEU A 21 6.90 -0.90 -18.59
C LEU A 21 8.15 -1.67 -18.15
N ARG A 22 8.76 -1.23 -17.09
CA ARG A 22 9.98 -1.93 -16.58
C ARG A 22 9.53 -3.17 -15.81
N PRO A 23 10.36 -4.20 -15.76
CA PRO A 23 10.01 -5.45 -15.02
C PRO A 23 10.07 -5.24 -13.49
N MET A 24 8.94 -5.33 -12.83
CA MET A 24 8.93 -5.13 -11.35
C MET A 24 9.71 -6.25 -10.67
N THR A 25 10.89 -5.97 -10.20
CA THR A 25 11.73 -7.02 -9.54
C THR A 25 11.41 -7.10 -8.06
N TYR A 26 11.59 -8.25 -7.46
CA TYR A 26 11.33 -8.37 -6.01
C TYR A 26 12.14 -7.25 -5.35
N LYS A 27 13.35 -7.08 -5.80
CA LYS A 27 14.18 -5.98 -5.28
C LYS A 27 13.46 -4.66 -5.57
N ALA A 28 12.69 -4.61 -6.64
CA ALA A 28 11.97 -3.33 -6.94
C ALA A 28 10.97 -3.01 -5.83
N ALA A 29 10.20 -3.97 -5.41
CA ALA A 29 9.20 -3.72 -4.34
C ALA A 29 9.91 -3.29 -3.05
N VAL A 30 10.93 -3.99 -2.66
CA VAL A 30 11.65 -3.60 -1.41
C VAL A 30 12.28 -2.22 -1.60
N ASP A 31 12.82 -1.96 -2.75
CA ASP A 31 13.43 -0.62 -2.99
C ASP A 31 12.33 0.42 -2.85
N LEU A 32 11.25 0.25 -3.56
CA LEU A 32 10.13 1.21 -3.47
C LEU A 32 9.59 1.23 -2.04
N SER A 33 9.53 0.09 -1.40
CA SER A 33 8.99 0.07 -0.01
C SER A 33 9.75 1.07 0.85
N HIS A 34 11.06 0.99 0.87
CA HIS A 34 11.84 1.95 1.70
C HIS A 34 11.84 3.34 1.05
N PHE A 35 11.62 3.42 -0.22
CA PHE A 35 11.60 4.75 -0.88
C PHE A 35 10.51 5.61 -0.22
N LEU A 36 9.29 5.15 -0.25
CA LEU A 36 8.19 5.93 0.37
C LEU A 36 8.46 6.08 1.88
N LYS A 37 9.18 5.17 2.47
CA LYS A 37 9.47 5.26 3.94
C LYS A 37 10.31 6.52 4.21
N GLU A 38 10.81 7.16 3.19
CA GLU A 38 11.62 8.39 3.41
C GLU A 38 10.71 9.50 3.93
N LYS A 39 9.86 10.01 3.09
CA LYS A 39 8.92 11.09 3.54
C LYS A 39 7.81 10.46 4.36
N GLY A 40 7.62 9.18 4.24
CA GLY A 40 6.56 8.49 5.02
C GLY A 40 5.21 9.16 4.76
N GLY A 41 4.19 8.76 5.48
CA GLY A 41 2.83 9.35 5.30
C GLY A 41 1.80 8.24 5.06
N LEU A 42 2.20 7.17 4.44
CA LEU A 42 1.24 6.05 4.19
C LEU A 42 1.18 5.15 5.44
N GLU A 43 2.29 4.91 6.07
CA GLU A 43 2.28 4.05 7.29
C GLU A 43 1.23 4.56 8.26
N GLY A 44 0.57 3.65 8.94
CA GLY A 44 -0.46 4.04 9.95
C GLY A 44 -1.52 4.98 9.34
N LEU A 45 -1.46 5.26 8.07
CA LEU A 45 -2.47 6.18 7.46
C LEU A 45 -3.79 5.41 7.28
N ILE A 46 -4.75 5.64 8.15
CA ILE A 46 -6.05 4.92 8.03
C ILE A 46 -6.60 5.05 6.59
N HIS A 47 -6.78 3.93 5.94
CA HIS A 47 -7.30 3.94 4.54
C HIS A 47 -8.72 4.50 4.53
N SER A 48 -8.85 5.79 4.35
CA SER A 48 -10.20 6.41 4.29
C SER A 48 -10.84 6.08 2.94
N GLN A 49 -10.50 6.83 1.91
CA GLN A 49 -11.08 6.55 0.56
C GLN A 49 -10.46 7.50 -0.48
N ARG A 50 -9.15 7.54 -0.59
CA ARG A 50 -8.53 8.45 -1.61
C ARG A 50 -7.03 8.14 -1.73
N ARG A 51 -6.34 8.06 -0.64
CA ARG A 51 -4.86 7.78 -0.68
C ARG A 51 -4.59 6.56 -1.58
N GLN A 52 -5.37 5.53 -1.47
CA GLN A 52 -5.11 4.33 -2.33
C GLN A 52 -5.11 4.73 -3.80
N ASP A 53 -6.06 5.55 -4.20
CA ASP A 53 -6.12 5.99 -5.62
C ASP A 53 -4.83 6.72 -6.00
N ILE A 54 -4.58 7.84 -5.37
CA ILE A 54 -3.35 8.62 -5.69
C ILE A 54 -2.11 7.71 -5.60
N LEU A 55 -2.07 6.87 -4.62
CA LEU A 55 -0.89 5.96 -4.47
C LEU A 55 -0.65 5.21 -5.79
N ASP A 56 -1.50 4.28 -6.12
CA ASP A 56 -1.32 3.51 -7.38
C ASP A 56 -1.14 4.47 -8.57
N LEU A 57 -1.95 5.48 -8.65
CA LEU A 57 -1.83 6.43 -9.79
C LEU A 57 -0.48 7.14 -9.73
N TRP A 58 -0.11 7.66 -8.60
CA TRP A 58 1.19 8.36 -8.48
C TRP A 58 2.30 7.48 -9.06
N ILE A 59 2.38 6.25 -8.64
CA ILE A 59 3.43 5.35 -9.18
C ILE A 59 3.25 5.24 -10.70
N TYR A 60 2.04 5.39 -11.18
CA TYR A 60 1.79 5.27 -12.64
C TYR A 60 2.48 6.40 -13.43
N HIS A 61 2.07 7.62 -13.21
CA HIS A 61 2.67 8.77 -13.98
C HIS A 61 4.16 8.90 -13.66
N THR A 62 4.65 8.24 -12.65
CA THR A 62 6.11 8.36 -12.29
C THR A 62 6.91 7.16 -12.82
N GLN A 63 6.83 6.05 -12.15
CA GLN A 63 7.62 4.86 -12.58
C GLN A 63 6.89 4.10 -13.70
N GLY A 64 5.61 4.26 -13.82
CA GLY A 64 4.87 3.56 -14.90
C GLY A 64 4.69 2.07 -14.55
N TYR A 65 4.94 1.69 -13.32
CA TYR A 65 4.76 0.25 -12.96
C TYR A 65 3.27 -0.07 -12.93
N PHE A 66 2.87 -1.09 -13.61
CA PHE A 66 1.42 -1.47 -13.61
C PHE A 66 1.11 -2.15 -12.27
N PRO A 67 0.01 -1.83 -11.63
CA PRO A 67 -0.35 -2.43 -10.31
C PRO A 67 -0.72 -3.92 -10.41
N ASP A 68 0.03 -4.68 -11.16
CA ASP A 68 -0.27 -6.14 -11.27
C ASP A 68 0.38 -6.83 -10.07
N TRP A 69 1.01 -6.06 -9.22
CA TRP A 69 1.69 -6.64 -8.01
C TRP A 69 0.87 -6.32 -6.78
N GLN A 70 0.07 -5.31 -6.87
CA GLN A 70 -0.77 -4.90 -5.71
C GLN A 70 -1.95 -5.86 -5.57
N ASN A 71 -1.83 -6.84 -4.71
CA ASN A 71 -2.94 -7.82 -4.51
C ASN A 71 -2.97 -8.25 -3.04
N TYR A 72 -3.92 -9.07 -2.66
CA TYR A 72 -4.00 -9.51 -1.24
C TYR A 72 -4.88 -10.76 -1.13
N THR A 73 -5.00 -11.31 0.05
CA THR A 73 -5.83 -12.54 0.23
C THR A 73 -7.29 -12.20 -0.15
N PRO A 74 -8.24 -13.10 0.03
CA PRO A 74 -9.68 -12.86 -0.34
C PRO A 74 -10.30 -11.61 0.30
N GLY A 75 -9.50 -10.63 0.61
CA GLY A 75 -10.03 -9.36 1.20
C GLY A 75 -10.78 -9.61 2.51
N PRO A 76 -10.23 -10.41 3.41
CA PRO A 76 -10.87 -10.68 4.73
C PRO A 76 -10.69 -9.48 5.67
N GLY A 77 -10.84 -9.67 6.96
CA GLY A 77 -10.63 -8.53 7.89
C GLY A 77 -9.24 -7.95 7.62
N ILE A 78 -8.22 -8.62 8.07
CA ILE A 78 -6.83 -8.15 7.81
C ILE A 78 -6.58 -8.26 6.30
N ARG A 79 -5.40 -7.97 5.84
CA ARG A 79 -5.14 -8.08 4.38
C ARG A 79 -3.62 -8.15 4.12
N TYR A 80 -3.11 -9.36 4.00
CA TYR A 80 -1.65 -9.53 3.73
C TYR A 80 -1.40 -9.42 2.22
N PRO A 81 -0.25 -8.95 1.81
CA PRO A 81 0.09 -8.83 0.37
C PRO A 81 0.45 -10.19 -0.26
N LEU A 82 -0.22 -10.56 -1.31
CA LEU A 82 0.08 -11.88 -1.96
C LEU A 82 1.53 -11.87 -2.45
N THR A 83 1.89 -10.90 -3.24
CA THR A 83 3.30 -10.84 -3.76
C THR A 83 4.27 -10.58 -2.61
N PHE A 84 5.50 -10.96 -2.78
CA PHE A 84 6.52 -10.73 -1.71
C PHE A 84 7.33 -9.48 -2.03
N GLY A 85 8.02 -8.95 -1.05
CA GLY A 85 8.84 -7.72 -1.29
C GLY A 85 8.06 -6.49 -0.84
N TRP A 86 6.78 -6.46 -1.11
CA TRP A 86 5.95 -5.29 -0.70
C TRP A 86 5.67 -5.43 0.80
N CYS A 87 6.44 -4.75 1.60
CA CYS A 87 6.28 -4.85 3.07
C CYS A 87 5.17 -3.95 3.60
N TYR A 88 4.10 -3.79 2.85
CA TYR A 88 2.97 -2.92 3.33
C TYR A 88 1.71 -3.79 3.43
N LYS A 89 1.15 -3.90 4.61
CA LYS A 89 -0.07 -4.75 4.79
C LYS A 89 -1.16 -3.96 5.51
N LEU A 90 -2.37 -4.05 5.04
CA LEU A 90 -3.49 -3.29 5.69
C LEU A 90 -3.92 -4.03 6.97
N VAL A 91 -4.41 -3.31 7.94
CA VAL A 91 -4.84 -3.95 9.22
C VAL A 91 -5.86 -3.04 9.94
N PRO A 92 -7.09 -3.49 10.15
CA PRO A 92 -8.11 -2.67 10.86
C PRO A 92 -7.55 -2.01 12.13
N VAL A 93 -8.35 -1.24 12.81
CA VAL A 93 -7.88 -0.58 14.07
C VAL A 93 -8.03 -1.56 15.22
N GLU A 94 -8.62 -1.11 16.29
CA GLU A 94 -8.82 -1.98 17.49
C GLU A 94 -10.05 -1.48 18.27
N PRO A 95 -11.20 -1.55 17.67
CA PRO A 95 -12.47 -1.10 18.30
C PRO A 95 -13.05 -2.17 19.24
N GLU A 96 -12.26 -3.15 19.61
CA GLU A 96 -12.76 -4.21 20.51
C GLU A 96 -13.22 -3.60 21.83
N LYS A 97 -12.90 -2.36 22.08
CA LYS A 97 -13.32 -1.71 23.35
C LYS A 97 -14.76 -1.23 23.23
N LEU A 98 -14.99 -0.24 22.42
CA LEU A 98 -16.37 0.29 22.23
C LEU A 98 -17.11 -0.62 21.24
N GLU A 99 -18.23 -0.16 20.73
CA GLU A 99 -19.00 -0.99 19.76
C GLU A 99 -19.90 -0.07 18.93
N GLU A 100 -20.60 -0.62 17.98
CA GLU A 100 -21.50 0.22 17.13
C GLU A 100 -22.74 0.62 17.93
N ALA A 101 -23.23 1.81 17.73
CA ALA A 101 -24.44 2.26 18.47
C ALA A 101 -24.87 3.63 17.96
N ASN A 102 -24.59 3.93 16.71
CA ASN A 102 -24.98 5.25 16.15
C ASN A 102 -25.09 5.13 14.62
N LYS A 103 -26.21 5.53 14.08
CA LYS A 103 -26.38 5.45 12.60
C LYS A 103 -25.54 6.54 11.92
N ASP A 104 -24.53 6.16 11.19
CA ASP A 104 -23.68 7.16 10.50
C ASP A 104 -23.15 6.57 9.19
N ASP A 105 -21.85 6.50 9.03
CA ASP A 105 -21.28 5.93 7.78
C ASP A 105 -21.22 4.40 7.90
N PRO A 106 -21.34 3.68 6.81
CA PRO A 106 -21.29 2.18 6.83
C PRO A 106 -19.88 1.66 7.10
N GLU A 107 -19.68 0.37 6.99
CA GLU A 107 -18.34 -0.21 7.25
C GLU A 107 -17.46 -0.02 6.01
N ARG A 108 -16.90 1.15 5.85
CA ARG A 108 -16.03 1.39 4.65
C ARG A 108 -14.66 0.75 4.88
N GLU A 109 -13.80 0.81 3.90
CA GLU A 109 -12.45 0.19 4.05
C GLU A 109 -11.57 1.08 4.93
N VAL A 110 -11.90 1.20 6.18
CA VAL A 110 -11.10 2.04 7.11
C VAL A 110 -9.95 1.20 7.65
N LEU A 111 -8.99 0.93 6.81
CA LEU A 111 -7.82 0.08 7.22
C LEU A 111 -6.51 0.88 7.15
N GLU A 112 -5.63 0.71 8.10
CA GLU A 112 -4.34 1.48 8.08
C GLU A 112 -3.21 0.66 7.44
N TRP A 113 -2.38 1.33 6.69
CA TRP A 113 -1.22 0.66 6.04
C TRP A 113 -0.16 0.41 7.12
N ARG A 114 0.07 -0.83 7.48
CA ARG A 114 1.09 -1.11 8.54
C ARG A 114 2.45 -1.38 7.89
N PHE A 115 3.32 -0.40 7.90
CA PHE A 115 4.66 -0.60 7.28
C PHE A 115 5.44 -1.64 8.10
N ASP A 116 6.10 -2.55 7.44
CA ASP A 116 6.87 -3.59 8.16
C ASP A 116 8.00 -4.09 7.25
N SER A 117 8.91 -3.22 6.88
CA SER A 117 10.04 -3.62 5.99
C SER A 117 10.62 -4.96 6.42
N ARG A 118 10.27 -5.44 7.59
CA ARG A 118 10.83 -6.73 8.06
C ARG A 118 10.37 -7.85 7.13
N LEU A 119 9.21 -7.71 6.54
CA LEU A 119 8.72 -8.76 5.60
C LEU A 119 9.66 -8.84 4.40
N ALA A 120 10.74 -8.09 4.45
CA ALA A 120 11.69 -8.12 3.30
C ALA A 120 12.45 -9.44 3.33
N PHE A 121 12.22 -10.26 4.31
CA PHE A 121 12.94 -11.59 4.38
C PHE A 121 11.95 -12.71 4.72
N HIS A 122 11.36 -12.70 5.88
CA HIS A 122 10.39 -13.79 6.23
C HIS A 122 9.08 -13.58 5.46
N HIS A 123 8.44 -14.65 5.08
CA HIS A 123 7.15 -14.55 4.34
C HIS A 123 6.00 -14.97 5.26
N MET A 124 5.29 -14.02 5.79
CA MET A 124 4.16 -14.37 6.72
C MET A 124 2.95 -14.85 5.90
N ALA A 125 2.64 -14.18 4.83
CA ALA A 125 1.47 -14.59 4.01
C ALA A 125 1.58 -16.08 3.67
N ARG A 126 2.78 -16.58 3.56
CA ARG A 126 2.94 -18.03 3.24
C ARG A 126 2.60 -18.87 4.47
N GLU A 127 2.76 -18.32 5.65
CA GLU A 127 2.42 -19.09 6.88
C GLU A 127 0.91 -19.26 6.98
N LEU A 128 0.16 -18.28 6.53
CA LEU A 128 -1.32 -18.39 6.60
C LEU A 128 -1.81 -19.31 5.49
N HIS A 129 -1.63 -18.92 4.25
CA HIS A 129 -2.07 -19.77 3.11
C HIS A 129 -1.06 -19.63 1.95
N PRO A 130 -1.03 -20.55 1.01
CA PRO A 130 -0.06 -20.51 -0.14
C PRO A 130 0.05 -19.14 -0.85
N GLU A 131 -0.09 -19.12 -2.16
CA GLU A 131 0.05 -17.84 -2.92
C GLU A 131 -1.25 -17.50 -3.67
N TYR A 132 -1.32 -17.88 -4.91
CA TYR A 132 -2.53 -17.60 -5.74
C TYR A 132 -3.59 -18.65 -5.43
N PHE A 133 -3.91 -18.79 -4.19
CA PHE A 133 -4.92 -19.79 -3.77
C PHE A 133 -6.33 -19.24 -4.08
N LYS A 134 -6.45 -18.45 -5.11
CA LYS A 134 -7.78 -17.87 -5.45
C LYS A 134 -8.76 -19.00 -5.79
N ASN A 135 -9.45 -18.88 -6.89
CA ASN A 135 -10.43 -19.93 -7.29
C ASN A 135 -10.60 -19.90 -8.82
N ALA A 136 -9.78 -19.15 -9.50
CA ALA A 136 -9.90 -19.08 -10.97
C ALA A 136 -9.19 -20.27 -11.61
N ALA A 1 3.14 17.19 -4.83
CA ALA A 1 1.75 16.68 -4.77
C ALA A 1 1.77 15.23 -4.27
N TRP A 2 2.68 14.91 -3.39
CA TRP A 2 2.76 13.51 -2.87
C TRP A 2 1.59 13.27 -1.91
N LEU A 3 1.75 13.59 -0.66
CA LEU A 3 0.65 13.37 0.32
C LEU A 3 -0.35 14.54 0.22
N GLU A 4 -1.08 14.61 -0.86
CA GLU A 4 -2.05 15.71 -1.02
C GLU A 4 -3.26 15.45 -0.11
N ALA A 5 -3.19 15.90 1.10
CA ALA A 5 -4.32 15.69 2.04
C ALA A 5 -5.52 16.53 1.60
N GLN A 6 -5.43 17.14 0.44
CA GLN A 6 -6.55 17.97 -0.08
C GLN A 6 -7.27 17.21 -1.19
N GLU A 7 -8.04 16.22 -0.84
CA GLU A 7 -8.76 15.43 -1.88
C GLU A 7 -9.39 16.37 -2.93
N GLU A 8 -9.49 15.91 -4.15
CA GLU A 8 -10.10 16.78 -5.21
C GLU A 8 -10.38 15.92 -6.45
N GLU A 9 -11.34 16.30 -7.25
CA GLU A 9 -11.65 15.50 -8.47
C GLU A 9 -10.47 15.56 -9.43
N GLU A 10 -10.25 16.68 -10.06
CA GLU A 10 -9.12 16.79 -11.01
C GLU A 10 -7.81 17.01 -10.25
N VAL A 11 -6.75 16.38 -10.66
CA VAL A 11 -5.45 16.56 -9.96
C VAL A 11 -4.79 17.85 -10.42
N GLY A 12 -5.50 18.94 -10.34
CA GLY A 12 -4.93 20.24 -10.78
C GLY A 12 -4.69 20.20 -12.29
N PHE A 13 -3.46 20.39 -12.72
CA PHE A 13 -3.17 20.35 -14.18
C PHE A 13 -2.89 18.90 -14.59
N PRO A 14 -3.16 18.54 -15.83
CA PRO A 14 -2.93 17.15 -16.34
C PRO A 14 -1.44 16.86 -16.56
N VAL A 15 -0.85 16.04 -15.72
CA VAL A 15 0.59 15.72 -15.88
C VAL A 15 0.74 14.61 -16.93
N THR A 16 1.79 14.65 -17.72
CA THR A 16 1.99 13.60 -18.77
C THR A 16 2.73 12.39 -18.15
N PRO A 17 2.57 11.21 -18.69
CA PRO A 17 3.26 9.98 -18.17
C PRO A 17 4.75 10.20 -17.90
N GLN A 18 5.47 9.12 -17.70
CA GLN A 18 6.93 9.20 -17.42
C GLN A 18 7.67 8.24 -18.37
N VAL A 19 8.80 7.76 -17.95
CA VAL A 19 9.64 6.89 -18.80
C VAL A 19 8.87 5.60 -19.17
N PRO A 20 9.19 5.00 -20.30
CA PRO A 20 8.51 3.76 -20.78
C PRO A 20 8.13 2.79 -19.65
N LEU A 21 7.31 1.82 -19.96
CA LEU A 21 6.90 0.84 -18.91
C LEU A 21 8.13 0.03 -18.46
N ARG A 22 8.65 0.35 -17.31
CA ARG A 22 9.84 -0.40 -16.80
C ARG A 22 9.36 -1.74 -16.20
N PRO A 23 10.20 -2.74 -16.18
CA PRO A 23 9.84 -4.07 -15.62
C PRO A 23 9.72 -4.04 -14.09
N MET A 24 8.60 -4.45 -13.56
CA MET A 24 8.41 -4.44 -12.08
C MET A 24 9.39 -5.45 -11.46
N THR A 25 10.46 -4.97 -10.87
CA THR A 25 11.45 -5.91 -10.26
C THR A 25 11.07 -6.21 -8.82
N TYR A 26 11.23 -7.43 -8.40
CA TYR A 26 10.93 -7.77 -6.99
C TYR A 26 11.69 -6.75 -6.15
N LYS A 27 12.88 -6.45 -6.57
CA LYS A 27 13.70 -5.42 -5.87
C LYS A 27 12.96 -4.09 -5.96
N ALA A 28 12.19 -3.87 -7.01
CA ALA A 28 11.47 -2.56 -7.12
C ALA A 28 10.45 -2.43 -5.99
N ALA A 29 9.74 -3.48 -5.68
CA ALA A 29 8.72 -3.42 -4.60
C ALA A 29 9.38 -3.10 -3.26
N VAL A 30 10.37 -3.86 -2.88
CA VAL A 30 11.04 -3.61 -1.58
C VAL A 30 11.73 -2.25 -1.60
N ASP A 31 12.45 -1.94 -2.65
CA ASP A 31 13.12 -0.61 -2.70
C ASP A 31 12.04 0.47 -2.63
N LEU A 32 10.98 0.30 -3.37
CA LEU A 32 9.88 1.30 -3.34
C LEU A 32 9.30 1.36 -1.93
N SER A 33 9.04 0.24 -1.32
CA SER A 33 8.47 0.25 0.05
C SER A 33 9.35 1.11 0.95
N HIS A 34 10.65 0.97 0.85
CA HIS A 34 11.55 1.78 1.71
C HIS A 34 11.53 3.25 1.27
N PHE A 35 11.52 3.51 0.00
CA PHE A 35 11.49 4.93 -0.45
C PHE A 35 10.26 5.60 0.16
N LEU A 36 9.11 5.04 -0.07
CA LEU A 36 7.86 5.64 0.48
C LEU A 36 7.89 5.59 2.01
N LYS A 37 8.73 4.78 2.61
CA LYS A 37 8.75 4.71 4.09
C LYS A 37 9.14 6.08 4.67
N GLU A 38 10.37 6.47 4.54
CA GLU A 38 10.82 7.78 5.10
C GLU A 38 10.18 8.95 4.34
N LYS A 39 10.31 8.97 3.05
CA LYS A 39 9.75 10.11 2.26
C LYS A 39 8.23 9.99 2.14
N GLY A 40 7.73 8.85 1.73
CA GLY A 40 6.25 8.71 1.58
C GLY A 40 5.54 8.92 2.91
N GLY A 41 5.79 8.08 3.87
CA GLY A 41 5.11 8.25 5.19
C GLY A 41 3.70 7.67 5.10
N LEU A 42 3.51 6.62 4.34
CA LEU A 42 2.17 6.01 4.20
C LEU A 42 1.90 5.13 5.43
N GLU A 43 2.94 4.71 6.09
CA GLU A 43 2.75 3.84 7.30
C GLU A 43 1.77 4.48 8.27
N GLY A 44 1.05 3.67 8.98
CA GLY A 44 0.08 4.18 9.99
C GLY A 44 -0.93 5.15 9.36
N LEU A 45 -0.84 5.41 8.09
CA LEU A 45 -1.82 6.36 7.47
C LEU A 45 -3.18 5.65 7.30
N ILE A 46 -4.20 6.15 7.94
CA ILE A 46 -5.54 5.49 7.84
C ILE A 46 -6.02 5.52 6.39
N HIS A 47 -6.02 4.37 5.75
CA HIS A 47 -6.47 4.29 4.33
C HIS A 47 -7.96 4.61 4.24
N SER A 48 -8.30 5.79 3.80
CA SER A 48 -9.73 6.17 3.67
C SER A 48 -10.36 5.38 2.51
N GLN A 49 -10.03 5.73 1.30
CA GLN A 49 -10.60 5.00 0.13
C GLN A 49 -9.90 5.44 -1.16
N ARG A 50 -9.70 6.71 -1.33
CA ARG A 50 -9.02 7.21 -2.58
C ARG A 50 -7.50 7.19 -2.38
N ARG A 51 -7.04 7.09 -1.16
CA ARG A 51 -5.57 7.09 -0.91
C ARG A 51 -4.90 5.97 -1.73
N GLN A 52 -5.49 4.80 -1.78
CA GLN A 52 -4.85 3.70 -2.55
C GLN A 52 -4.77 4.10 -4.03
N ASP A 53 -5.81 4.68 -4.55
CA ASP A 53 -5.81 5.09 -5.98
C ASP A 53 -4.62 6.01 -6.25
N ILE A 54 -4.51 7.07 -5.51
CA ILE A 54 -3.37 8.02 -5.73
C ILE A 54 -2.05 7.25 -5.74
N LEU A 55 -1.87 6.36 -4.81
CA LEU A 55 -0.60 5.59 -4.77
C LEU A 55 -0.33 4.94 -6.13
N ASP A 56 -1.13 3.98 -6.50
CA ASP A 56 -0.92 3.29 -7.80
C ASP A 56 -0.65 4.30 -8.91
N LEU A 57 -1.47 5.30 -9.05
CA LEU A 57 -1.25 6.30 -10.14
C LEU A 57 0.05 7.06 -9.90
N TRP A 58 0.28 7.54 -8.71
CA TRP A 58 1.55 8.30 -8.45
C TRP A 58 2.73 7.46 -8.95
N ILE A 59 2.78 6.20 -8.59
CA ILE A 59 3.91 5.35 -9.05
C ILE A 59 3.95 5.36 -10.58
N TYR A 60 2.82 5.55 -11.22
CA TYR A 60 2.81 5.56 -12.71
C TYR A 60 3.57 6.79 -13.23
N HIS A 61 3.06 7.97 -12.99
CA HIS A 61 3.75 9.21 -13.48
C HIS A 61 5.09 9.41 -12.79
N THR A 62 5.74 8.34 -12.39
CA THR A 62 7.10 8.46 -11.74
C THR A 62 8.07 7.56 -12.51
N GLN A 63 8.18 6.32 -12.11
CA GLN A 63 9.09 5.37 -12.83
C GLN A 63 8.33 4.73 -13.99
N GLY A 64 7.04 4.93 -14.05
CA GLY A 64 6.23 4.35 -15.17
C GLY A 64 5.99 2.85 -14.96
N TYR A 65 5.81 2.40 -13.75
CA TYR A 65 5.57 0.94 -13.54
C TYR A 65 4.11 0.61 -13.89
N PHE A 66 3.88 -0.48 -14.56
CA PHE A 66 2.49 -0.86 -14.91
C PHE A 66 1.86 -1.56 -13.69
N PRO A 67 0.62 -1.27 -13.35
CA PRO A 67 -0.03 -1.91 -12.16
C PRO A 67 -0.43 -3.36 -12.44
N ASP A 68 0.36 -4.28 -11.97
CA ASP A 68 0.05 -5.73 -12.16
C ASP A 68 0.72 -6.49 -11.03
N TRP A 69 0.98 -5.81 -9.95
CA TRP A 69 1.65 -6.45 -8.77
C TRP A 69 0.81 -6.19 -7.52
N GLN A 70 -0.09 -5.28 -7.61
CA GLN A 70 -0.96 -4.94 -6.45
C GLN A 70 -2.05 -6.02 -6.29
N ASN A 71 -1.73 -7.11 -5.66
CA ASN A 71 -2.72 -8.21 -5.45
C ASN A 71 -2.81 -8.52 -3.96
N TYR A 72 -3.83 -9.22 -3.53
CA TYR A 72 -3.97 -9.54 -2.08
C TYR A 72 -4.93 -10.72 -1.89
N THR A 73 -5.03 -11.23 -0.70
CA THR A 73 -5.95 -12.37 -0.45
C THR A 73 -7.40 -11.92 -0.71
N PRO A 74 -8.26 -12.81 -1.17
CA PRO A 74 -9.68 -12.45 -1.45
C PRO A 74 -10.53 -12.32 -0.17
N GLY A 75 -10.29 -11.28 0.60
CA GLY A 75 -11.08 -11.12 1.85
C GLY A 75 -10.60 -9.87 2.61
N PRO A 76 -11.44 -9.29 3.44
CA PRO A 76 -11.08 -8.08 4.24
C PRO A 76 -10.19 -8.42 5.45
N GLY A 77 -10.16 -7.56 6.42
CA GLY A 77 -9.33 -7.83 7.64
C GLY A 77 -7.85 -7.69 7.29
N ILE A 78 -6.99 -8.34 8.02
CA ILE A 78 -5.53 -8.24 7.74
C ILE A 78 -5.29 -8.55 6.26
N ARG A 79 -5.25 -7.55 5.44
CA ARG A 79 -5.03 -7.79 3.97
C ARG A 79 -3.54 -8.07 3.71
N TYR A 80 -3.19 -9.30 3.45
CA TYR A 80 -1.77 -9.64 3.16
C TYR A 80 -1.51 -9.52 1.64
N PRO A 81 -0.32 -9.18 1.23
CA PRO A 81 0.02 -9.07 -0.22
C PRO A 81 0.34 -10.43 -0.84
N LEU A 82 -0.42 -10.87 -1.81
CA LEU A 82 -0.10 -12.19 -2.42
C LEU A 82 1.29 -12.09 -3.04
N THR A 83 1.60 -10.98 -3.66
CA THR A 83 2.94 -10.82 -4.27
C THR A 83 3.98 -10.72 -3.15
N PHE A 84 5.20 -11.06 -3.44
CA PHE A 84 6.27 -11.01 -2.39
C PHE A 84 7.10 -9.73 -2.55
N GLY A 85 7.75 -9.30 -1.50
CA GLY A 85 8.59 -8.07 -1.57
C GLY A 85 7.81 -6.87 -1.04
N TRP A 86 6.55 -6.79 -1.32
CA TRP A 86 5.74 -5.63 -0.84
C TRP A 86 5.46 -5.81 0.67
N CYS A 87 6.23 -5.16 1.49
CA CYS A 87 6.06 -5.29 2.96
C CYS A 87 4.93 -4.40 3.48
N TYR A 88 3.79 -4.50 2.88
CA TYR A 88 2.61 -3.67 3.31
C TYR A 88 1.60 -4.56 4.07
N LYS A 89 1.07 -4.08 5.17
CA LYS A 89 0.10 -4.90 5.98
C LYS A 89 -1.12 -4.04 6.35
N LEU A 90 -2.22 -4.18 5.66
CA LEU A 90 -3.41 -3.37 6.04
C LEU A 90 -4.01 -3.99 7.29
N VAL A 91 -4.53 -3.19 8.20
CA VAL A 91 -5.10 -3.77 9.46
C VAL A 91 -6.20 -2.85 10.03
N PRO A 92 -7.44 -3.29 10.10
CA PRO A 92 -8.54 -2.46 10.66
C PRO A 92 -8.16 -1.81 12.00
N VAL A 93 -8.97 -0.91 12.49
CA VAL A 93 -8.68 -0.24 13.78
C VAL A 93 -9.25 -1.08 14.92
N GLU A 94 -9.94 -0.44 15.81
CA GLU A 94 -10.55 -1.15 16.98
C GLU A 94 -11.76 -0.36 17.47
N PRO A 95 -12.78 -0.27 16.65
CA PRO A 95 -14.03 0.46 16.99
C PRO A 95 -14.94 -0.33 17.93
N GLU A 96 -15.91 0.31 18.52
CA GLU A 96 -16.83 -0.40 19.44
C GLU A 96 -17.55 -1.52 18.67
N LYS A 97 -18.34 -2.30 19.36
CA LYS A 97 -19.07 -3.41 18.68
C LYS A 97 -20.37 -2.86 18.08
N LEU A 98 -21.47 -3.41 18.45
CA LEU A 98 -22.78 -2.92 17.90
C LEU A 98 -23.25 -1.71 18.72
N GLU A 99 -22.89 -0.53 18.31
CA GLU A 99 -23.32 0.69 19.06
C GLU A 99 -24.81 0.94 18.77
N GLU A 100 -25.09 1.85 17.89
CA GLU A 100 -26.51 2.15 17.54
C GLU A 100 -27.06 1.01 16.66
N ALA A 101 -28.14 1.25 15.97
CA ALA A 101 -28.73 0.18 15.09
C ALA A 101 -29.24 0.83 13.80
N ASN A 102 -28.36 1.19 12.92
CA ASN A 102 -28.79 1.82 11.64
C ASN A 102 -27.62 1.86 10.66
N LYS A 103 -26.49 2.38 11.08
CA LYS A 103 -25.31 2.45 10.19
C LYS A 103 -24.62 1.08 10.15
N ASP A 104 -25.34 0.06 9.78
CA ASP A 104 -24.72 -1.32 9.73
C ASP A 104 -24.17 -1.58 8.32
N ASP A 105 -23.68 -0.57 7.66
CA ASP A 105 -23.13 -0.78 6.29
C ASP A 105 -21.67 -1.24 6.41
N PRO A 106 -21.17 -2.00 5.45
CA PRO A 106 -19.76 -2.50 5.48
C PRO A 106 -18.76 -1.38 5.15
N GLU A 107 -18.97 -0.21 5.68
CA GLU A 107 -18.04 0.91 5.40
C GLU A 107 -16.80 0.80 6.30
N ARG A 108 -16.39 -0.39 6.62
CA ARG A 108 -15.18 -0.56 7.49
C ARG A 108 -13.93 -0.39 6.64
N GLU A 109 -13.97 0.49 5.67
CA GLU A 109 -12.78 0.70 4.80
C GLU A 109 -11.74 1.54 5.55
N VAL A 110 -11.87 1.59 6.84
CA VAL A 110 -10.91 2.39 7.67
C VAL A 110 -9.73 1.49 8.05
N LEU A 111 -8.80 1.34 7.15
CA LEU A 111 -7.61 0.46 7.42
C LEU A 111 -6.32 1.29 7.44
N GLU A 112 -5.45 1.02 8.38
CA GLU A 112 -4.15 1.78 8.45
C GLU A 112 -3.02 0.96 7.84
N TRP A 113 -2.17 1.61 7.09
CA TRP A 113 -1.02 0.91 6.44
C TRP A 113 0.06 0.61 7.49
N ARG A 114 0.25 -0.64 7.81
CA ARG A 114 1.30 -1.01 8.79
C ARG A 114 2.55 -1.44 8.02
N PHE A 115 3.45 -0.53 7.80
CA PHE A 115 4.70 -0.86 7.05
C PHE A 115 5.57 -1.80 7.89
N ASP A 116 6.14 -2.81 7.28
CA ASP A 116 6.99 -3.77 8.03
C ASP A 116 7.99 -4.44 7.09
N SER A 117 9.02 -3.71 6.69
CA SER A 117 10.03 -4.30 5.76
C SER A 117 10.47 -5.68 6.24
N ARG A 118 10.08 -6.08 7.41
CA ARG A 118 10.49 -7.42 7.91
C ARG A 118 9.92 -8.49 6.97
N LEU A 119 8.80 -8.21 6.35
CA LEU A 119 8.21 -9.19 5.41
C LEU A 119 9.18 -9.39 4.24
N ALA A 120 10.29 -8.71 4.26
CA ALA A 120 11.28 -8.86 3.17
C ALA A 120 11.97 -10.21 3.32
N PHE A 121 11.59 -10.96 4.32
CA PHE A 121 12.23 -12.31 4.56
C PHE A 121 11.12 -13.34 4.81
N HIS A 122 10.33 -13.14 5.84
CA HIS A 122 9.25 -14.11 6.14
C HIS A 122 8.12 -13.93 5.12
N HIS A 123 7.25 -14.89 4.99
CA HIS A 123 6.14 -14.77 4.00
C HIS A 123 4.90 -15.50 4.55
N MET A 124 4.00 -14.78 5.15
CA MET A 124 2.78 -15.44 5.70
C MET A 124 1.82 -15.78 4.56
N ALA A 125 1.70 -14.90 3.60
CA ALA A 125 0.78 -15.18 2.46
C ALA A 125 1.11 -16.54 1.84
N ARG A 126 2.37 -16.92 1.87
CA ARG A 126 2.77 -18.23 1.29
C ARG A 126 2.30 -19.38 2.19
N GLU A 127 2.58 -19.30 3.46
CA GLU A 127 2.16 -20.39 4.39
C GLU A 127 0.64 -20.38 4.55
N LEU A 128 -0.01 -19.32 4.16
CA LEU A 128 -1.49 -19.26 4.31
C LEU A 128 -2.15 -20.09 3.21
N HIS A 129 -2.14 -19.61 2.00
CA HIS A 129 -2.79 -20.36 0.87
C HIS A 129 -1.98 -20.16 -0.41
N PRO A 130 -0.92 -20.92 -0.60
CA PRO A 130 -0.05 -20.81 -1.80
C PRO A 130 -0.60 -21.61 -2.98
N GLU A 131 -1.30 -20.96 -3.88
CA GLU A 131 -1.86 -21.66 -5.08
C GLU A 131 -0.95 -21.41 -6.27
N TYR A 132 -1.06 -20.27 -6.89
CA TYR A 132 -0.19 -19.97 -8.05
C TYR A 132 1.20 -19.56 -7.55
N PHE A 133 1.56 -19.98 -6.37
CA PHE A 133 2.89 -19.63 -5.80
C PHE A 133 3.91 -20.71 -6.19
N LYS A 134 3.47 -21.74 -6.86
CA LYS A 134 4.40 -22.82 -7.26
C LYS A 134 5.41 -22.30 -8.29
N ASN A 135 6.66 -22.28 -7.93
CA ASN A 135 7.71 -21.77 -8.88
C ASN A 135 8.33 -22.94 -9.64
N ALA A 136 8.12 -24.15 -9.17
CA ALA A 136 8.71 -25.33 -9.87
C ALA A 136 7.81 -25.73 -11.05
N ALA A 1 1.07 17.15 -4.17
CA ALA A 1 -0.16 16.55 -3.58
C ALA A 1 0.14 15.10 -3.16
N TRP A 2 1.32 14.84 -2.67
CA TRP A 2 1.66 13.47 -2.23
C TRP A 2 0.87 13.15 -0.96
N LEU A 3 1.38 13.51 0.19
CA LEU A 3 0.65 13.25 1.46
C LEU A 3 -0.36 14.37 1.67
N GLU A 4 0.07 15.60 1.59
CA GLU A 4 -0.85 16.75 1.78
C GLU A 4 -1.69 16.97 0.52
N ALA A 5 -2.73 16.20 0.36
CA ALA A 5 -3.60 16.37 -0.84
C ALA A 5 -4.45 17.64 -0.69
N GLN A 6 -3.83 18.79 -0.72
CA GLN A 6 -4.61 20.06 -0.55
C GLN A 6 -5.10 20.55 -1.92
N GLU A 7 -4.23 20.66 -2.88
CA GLU A 7 -4.66 21.14 -4.23
C GLU A 7 -3.53 20.90 -5.22
N GLU A 8 -3.04 21.94 -5.86
CA GLU A 8 -1.92 21.77 -6.84
C GLU A 8 -0.94 22.94 -6.71
N GLU A 9 -0.45 23.18 -5.51
CA GLU A 9 0.51 24.30 -5.32
C GLU A 9 1.80 23.99 -6.11
N GLU A 10 2.78 24.85 -6.05
CA GLU A 10 4.04 24.60 -6.78
C GLU A 10 4.61 23.23 -6.40
N VAL A 11 4.53 22.27 -7.30
CA VAL A 11 5.06 20.91 -7.00
C VAL A 11 5.40 20.19 -8.30
N GLY A 12 6.64 19.85 -8.49
CA GLY A 12 7.05 19.15 -9.74
C GLY A 12 6.39 19.79 -10.96
N PHE A 13 7.08 20.67 -11.62
CA PHE A 13 6.49 21.33 -12.83
C PHE A 13 6.60 20.38 -14.04
N PRO A 14 7.71 19.71 -14.19
CA PRO A 14 7.93 18.75 -15.30
C PRO A 14 6.96 17.57 -15.23
N VAL A 15 6.09 17.43 -16.20
CA VAL A 15 5.12 16.29 -16.17
C VAL A 15 5.80 15.03 -16.70
N THR A 16 5.50 13.89 -16.11
CA THR A 16 6.12 12.61 -16.57
C THR A 16 5.02 11.55 -16.78
N PRO A 17 4.58 11.35 -18.00
CA PRO A 17 3.53 10.34 -18.31
C PRO A 17 4.14 8.95 -18.53
N GLN A 18 3.43 8.09 -19.21
CA GLN A 18 3.96 6.71 -19.45
C GLN A 18 5.45 6.76 -19.81
N VAL A 19 6.28 6.55 -18.81
CA VAL A 19 7.76 6.53 -19.04
C VAL A 19 8.17 5.08 -19.33
N PRO A 20 9.28 4.87 -20.00
CA PRO A 20 9.76 3.50 -20.33
C PRO A 20 9.41 2.48 -19.24
N LEU A 21 8.55 1.56 -19.55
CA LEU A 21 8.11 0.55 -18.54
C LEU A 21 9.28 -0.33 -18.10
N ARG A 22 9.80 -0.08 -16.93
CA ARG A 22 10.92 -0.89 -16.40
C ARG A 22 10.34 -2.18 -15.80
N PRO A 23 11.12 -3.24 -15.71
CA PRO A 23 10.65 -4.54 -15.14
C PRO A 23 10.52 -4.47 -13.62
N MET A 24 9.33 -4.64 -13.10
CA MET A 24 9.14 -4.56 -11.62
C MET A 24 9.84 -5.76 -10.96
N THR A 25 11.00 -5.54 -10.41
CA THR A 25 11.76 -6.65 -9.76
C THR A 25 11.34 -6.81 -8.31
N TYR A 26 11.48 -7.99 -7.76
CA TYR A 26 11.14 -8.17 -6.33
C TYR A 26 11.93 -7.10 -5.59
N LYS A 27 13.16 -6.92 -6.01
CA LYS A 27 14.01 -5.87 -5.42
C LYS A 27 13.30 -4.54 -5.61
N ALA A 28 12.52 -4.41 -6.67
CA ALA A 28 11.81 -3.12 -6.89
C ALA A 28 10.80 -2.88 -5.76
N ALA A 29 10.06 -3.89 -5.39
CA ALA A 29 9.06 -3.71 -4.30
C ALA A 29 9.76 -3.33 -2.99
N VAL A 30 10.77 -4.05 -2.61
CA VAL A 30 11.48 -3.72 -1.35
C VAL A 30 12.14 -2.34 -1.48
N ASP A 31 12.76 -2.08 -2.60
CA ASP A 31 13.40 -0.75 -2.78
C ASP A 31 12.31 0.31 -2.69
N LEU A 32 11.23 0.11 -3.39
CA LEU A 32 10.12 1.10 -3.35
C LEU A 32 9.59 1.17 -1.91
N SER A 33 9.44 0.05 -1.27
CA SER A 33 8.92 0.07 0.12
C SER A 33 9.70 1.09 0.94
N HIS A 34 11.00 0.93 1.05
CA HIS A 34 11.80 1.88 1.85
C HIS A 34 11.86 3.24 1.16
N PHE A 35 11.78 3.29 -0.15
CA PHE A 35 11.84 4.61 -0.83
C PHE A 35 10.73 5.48 -0.26
N LEU A 36 9.51 5.05 -0.40
CA LEU A 36 8.36 5.83 0.13
C LEU A 36 8.44 5.94 1.66
N LYS A 37 9.00 4.96 2.32
CA LYS A 37 9.07 5.02 3.81
C LYS A 37 9.86 6.25 4.27
N GLU A 38 10.97 6.52 3.65
CA GLU A 38 11.78 7.70 4.08
C GLU A 38 11.05 9.00 3.71
N LYS A 39 10.95 9.30 2.44
CA LYS A 39 10.27 10.55 2.01
C LYS A 39 8.75 10.41 2.11
N GLY A 40 8.21 9.30 1.66
CA GLY A 40 6.73 9.13 1.70
C GLY A 40 6.23 8.99 3.14
N GLY A 41 6.31 7.80 3.70
CA GLY A 41 5.82 7.58 5.10
C GLY A 41 4.38 7.06 5.06
N LEU A 42 4.14 6.00 4.34
CA LEU A 42 2.76 5.44 4.26
C LEU A 42 2.53 4.51 5.44
N GLU A 43 3.10 4.85 6.55
CA GLU A 43 2.96 4.03 7.79
C GLU A 43 1.47 3.84 8.12
N GLY A 44 1.15 3.88 9.38
CA GLY A 44 -0.27 3.70 9.83
C GLY A 44 -1.16 4.81 9.27
N LEU A 45 -0.92 5.23 8.06
CA LEU A 45 -1.78 6.28 7.46
C LEU A 45 -3.16 5.67 7.16
N ILE A 46 -4.17 6.12 7.84
CA ILE A 46 -5.53 5.56 7.65
C ILE A 46 -6.05 5.78 6.22
N HIS A 47 -6.21 4.72 5.48
CA HIS A 47 -6.72 4.80 4.09
C HIS A 47 -8.19 5.23 4.13
N SER A 48 -8.48 6.43 3.70
CA SER A 48 -9.90 6.92 3.72
C SER A 48 -10.71 6.20 2.63
N GLN A 49 -10.45 6.51 1.39
CA GLN A 49 -11.20 5.86 0.28
C GLN A 49 -10.40 5.98 -1.02
N ARG A 50 -10.35 7.15 -1.59
CA ARG A 50 -9.59 7.34 -2.86
C ARG A 50 -8.09 7.32 -2.57
N ARG A 51 -7.72 7.34 -1.31
CA ARG A 51 -6.27 7.34 -0.97
C ARG A 51 -5.58 6.16 -1.67
N GLN A 52 -6.30 5.10 -1.89
CA GLN A 52 -5.70 3.91 -2.58
C GLN A 52 -5.34 4.29 -4.02
N ASP A 53 -6.25 4.88 -4.74
CA ASP A 53 -5.97 5.25 -6.16
C ASP A 53 -4.76 6.17 -6.25
N ILE A 54 -4.77 7.26 -5.53
CA ILE A 54 -3.61 8.20 -5.58
C ILE A 54 -2.29 7.42 -5.50
N LEU A 55 -2.12 6.62 -4.49
CA LEU A 55 -0.86 5.84 -4.35
C LEU A 55 -0.53 5.15 -5.68
N ASP A 56 -1.34 4.22 -6.08
CA ASP A 56 -1.08 3.49 -7.37
C ASP A 56 -0.94 4.49 -8.52
N LEU A 57 -1.85 5.43 -8.63
CA LEU A 57 -1.77 6.41 -9.76
C LEU A 57 -0.48 7.23 -9.66
N TRP A 58 -0.20 7.79 -8.52
CA TRP A 58 1.04 8.59 -8.37
C TRP A 58 2.22 7.81 -8.95
N ILE A 59 2.30 6.54 -8.64
CA ILE A 59 3.42 5.72 -9.17
C ILE A 59 3.35 5.73 -10.71
N TYR A 60 2.17 5.75 -11.26
CA TYR A 60 2.03 5.74 -12.74
C TYR A 60 2.58 7.03 -13.36
N HIS A 61 1.97 8.16 -13.06
CA HIS A 61 2.44 9.45 -13.66
C HIS A 61 3.88 9.75 -13.23
N THR A 62 4.54 8.81 -12.57
CA THR A 62 5.94 9.04 -12.13
C THR A 62 6.84 7.93 -12.68
N GLN A 63 6.83 6.77 -12.07
CA GLN A 63 7.70 5.66 -12.56
C GLN A 63 7.01 4.93 -13.72
N GLY A 64 5.71 4.88 -13.73
CA GLY A 64 4.98 4.20 -14.85
C GLY A 64 4.80 2.70 -14.56
N TYR A 65 5.00 2.27 -13.34
CA TYR A 65 4.80 0.82 -13.03
C TYR A 65 3.31 0.50 -13.01
N PHE A 66 2.93 -0.56 -13.67
CA PHE A 66 1.48 -0.95 -13.66
C PHE A 66 1.22 -1.66 -12.32
N PRO A 67 0.05 -1.54 -11.75
CA PRO A 67 -0.28 -2.20 -10.46
C PRO A 67 -0.54 -3.69 -10.62
N ASP A 68 0.22 -4.35 -11.45
CA ASP A 68 0.03 -5.81 -11.64
C ASP A 68 0.75 -6.53 -10.50
N TRP A 69 0.93 -5.85 -9.40
CA TRP A 69 1.64 -6.44 -8.23
C TRP A 69 0.88 -6.08 -6.95
N GLN A 70 0.28 -4.95 -6.95
CA GLN A 70 -0.49 -4.51 -5.75
C GLN A 70 -1.82 -5.27 -5.68
N ASN A 71 -1.79 -6.50 -5.24
CA ASN A 71 -3.04 -7.31 -5.15
C ASN A 71 -3.18 -7.90 -3.74
N TYR A 72 -3.83 -7.19 -2.85
CA TYR A 72 -4.00 -7.73 -1.46
C TYR A 72 -4.96 -8.91 -1.48
N THR A 73 -5.10 -9.60 -0.38
CA THR A 73 -6.03 -10.76 -0.34
C THR A 73 -7.46 -10.24 -0.53
N PRO A 74 -8.45 -11.10 -0.46
CA PRO A 74 -9.88 -10.69 -0.62
C PRO A 74 -10.28 -9.59 0.37
N GLY A 75 -11.36 -9.77 1.08
CA GLY A 75 -11.82 -8.72 2.06
C GLY A 75 -11.85 -9.27 3.51
N PRO A 76 -10.82 -9.97 3.94
CA PRO A 76 -10.75 -10.51 5.33
C PRO A 76 -10.40 -9.40 6.34
N GLY A 77 -9.85 -9.74 7.46
CA GLY A 77 -9.47 -8.70 8.46
C GLY A 77 -8.04 -8.22 8.17
N ILE A 78 -7.06 -9.05 8.38
CA ILE A 78 -5.65 -8.65 8.11
C ILE A 78 -5.35 -8.83 6.62
N ARG A 79 -5.37 -7.77 5.86
CA ARG A 79 -5.09 -7.89 4.40
C ARG A 79 -3.59 -8.09 4.18
N TYR A 80 -3.18 -9.30 3.87
CA TYR A 80 -1.73 -9.56 3.63
C TYR A 80 -1.44 -9.27 2.15
N PRO A 81 -0.23 -8.84 1.81
CA PRO A 81 0.13 -8.58 0.40
C PRO A 81 0.38 -9.89 -0.36
N LEU A 82 -0.43 -10.19 -1.34
CA LEU A 82 -0.25 -11.48 -2.07
C LEU A 82 1.16 -11.54 -2.68
N THR A 83 1.59 -10.53 -3.36
CA THR A 83 2.95 -10.59 -3.96
C THR A 83 4.01 -10.60 -2.87
N PHE A 84 5.21 -10.83 -3.28
CA PHE A 84 6.36 -10.86 -2.31
C PHE A 84 7.18 -9.58 -2.45
N GLY A 85 7.82 -9.16 -1.39
CA GLY A 85 8.66 -7.92 -1.44
C GLY A 85 7.85 -6.72 -0.94
N TRP A 86 6.59 -6.67 -1.25
CA TRP A 86 5.76 -5.52 -0.79
C TRP A 86 5.45 -5.73 0.69
N CYS A 87 6.26 -5.14 1.53
CA CYS A 87 6.08 -5.33 2.99
C CYS A 87 5.03 -4.37 3.56
N TYR A 88 3.93 -4.20 2.88
CA TYR A 88 2.85 -3.28 3.39
C TYR A 88 1.64 -4.14 3.82
N LYS A 89 1.39 -4.22 5.10
CA LYS A 89 0.25 -5.04 5.61
C LYS A 89 -0.92 -4.13 6.00
N LEU A 90 -1.98 -4.12 5.23
CA LEU A 90 -3.14 -3.26 5.60
C LEU A 90 -3.93 -3.97 6.71
N VAL A 91 -4.52 -3.23 7.62
CA VAL A 91 -5.29 -3.90 8.73
C VAL A 91 -6.30 -2.89 9.32
N PRO A 92 -7.59 -3.22 9.36
CA PRO A 92 -8.61 -2.30 9.94
C PRO A 92 -8.19 -1.79 11.33
N VAL A 93 -9.05 -1.07 12.00
CA VAL A 93 -8.72 -0.55 13.34
C VAL A 93 -9.00 -1.63 14.38
N GLU A 94 -9.63 -1.25 15.45
CA GLU A 94 -9.94 -2.24 16.53
C GLU A 94 -11.00 -3.23 16.04
N PRO A 95 -10.98 -4.45 16.51
CA PRO A 95 -11.96 -5.50 16.10
C PRO A 95 -13.32 -5.30 16.78
N GLU A 96 -14.25 -4.69 16.10
CA GLU A 96 -15.59 -4.45 16.71
C GLU A 96 -16.28 -5.80 16.98
N LYS A 97 -15.76 -6.59 17.88
CA LYS A 97 -16.40 -7.90 18.19
C LYS A 97 -17.54 -7.67 19.17
N LEU A 98 -17.74 -6.45 19.57
CA LEU A 98 -18.84 -6.13 20.53
C LEU A 98 -20.15 -6.00 19.76
N GLU A 99 -21.05 -5.18 20.24
CA GLU A 99 -22.36 -5.02 19.53
C GLU A 99 -22.15 -4.17 18.27
N GLU A 100 -23.06 -3.28 17.98
CA GLU A 100 -22.92 -2.43 16.77
C GLU A 100 -23.91 -1.27 16.86
N ALA A 101 -23.46 -0.08 16.59
CA ALA A 101 -24.36 1.10 16.66
C ALA A 101 -25.36 1.05 15.50
N ASN A 102 -25.58 2.16 14.85
CA ASN A 102 -26.55 2.18 13.70
C ASN A 102 -25.80 1.96 12.39
N LYS A 103 -26.37 1.19 11.49
CA LYS A 103 -25.70 0.93 10.18
C LYS A 103 -26.20 1.93 9.13
N ASP A 104 -25.84 3.19 9.28
CA ASP A 104 -26.29 4.21 8.29
C ASP A 104 -25.19 5.26 8.10
N ASP A 105 -24.07 5.08 8.74
CA ASP A 105 -22.95 6.06 8.59
C ASP A 105 -22.12 5.68 7.35
N PRO A 106 -21.50 6.64 6.69
CA PRO A 106 -20.67 6.38 5.49
C PRO A 106 -19.85 5.09 5.64
N GLU A 107 -20.06 4.14 4.78
CA GLU A 107 -19.28 2.87 4.88
C GLU A 107 -17.89 3.09 4.28
N ARG A 108 -17.13 4.00 4.84
CA ARG A 108 -15.77 4.28 4.33
C ARG A 108 -14.81 3.21 4.82
N GLU A 109 -13.92 2.75 3.98
CA GLU A 109 -12.94 1.71 4.41
C GLU A 109 -11.86 2.35 5.28
N VAL A 110 -11.93 2.13 6.56
CA VAL A 110 -10.92 2.73 7.49
C VAL A 110 -9.77 1.73 7.70
N LEU A 111 -8.83 1.71 6.80
CA LEU A 111 -7.68 0.76 6.92
C LEU A 111 -6.35 1.53 7.07
N GLU A 112 -5.50 1.09 7.97
CA GLU A 112 -4.18 1.77 8.17
C GLU A 112 -3.04 0.92 7.57
N TRP A 113 -2.17 1.55 6.82
CA TRP A 113 -1.03 0.81 6.20
C TRP A 113 0.02 0.52 7.28
N ARG A 114 0.37 -0.71 7.51
CA ARG A 114 1.41 -1.03 8.55
C ARG A 114 2.73 -1.40 7.86
N PHE A 115 3.65 -0.47 7.78
CA PHE A 115 4.96 -0.75 7.12
C PHE A 115 5.74 -1.77 7.95
N ASP A 116 6.28 -2.78 7.32
CA ASP A 116 7.06 -3.81 8.07
C ASP A 116 8.09 -4.48 7.14
N SER A 117 9.04 -3.71 6.67
CA SER A 117 10.08 -4.27 5.74
C SER A 117 10.58 -5.64 6.23
N ARG A 118 10.26 -6.04 7.41
CA ARG A 118 10.74 -7.37 7.90
C ARG A 118 10.21 -8.45 6.95
N LEU A 119 9.03 -8.28 6.44
CA LEU A 119 8.46 -9.29 5.51
C LEU A 119 9.35 -9.36 4.26
N ALA A 120 10.37 -8.55 4.21
CA ALA A 120 11.27 -8.58 3.02
C ALA A 120 12.08 -9.88 3.06
N PHE A 121 11.77 -10.73 4.01
CA PHE A 121 12.50 -12.03 4.14
C PHE A 121 11.49 -13.17 4.32
N HIS A 122 10.78 -13.18 5.41
CA HIS A 122 9.78 -14.26 5.64
C HIS A 122 8.56 -14.02 4.75
N HIS A 123 8.23 -14.98 3.92
CA HIS A 123 7.05 -14.81 3.01
C HIS A 123 5.81 -15.42 3.69
N MET A 124 5.01 -14.59 4.32
CA MET A 124 3.78 -15.12 4.99
C MET A 124 2.68 -15.30 3.93
N ALA A 125 2.54 -14.36 3.05
CA ALA A 125 1.49 -14.47 2.00
C ALA A 125 1.64 -15.78 1.23
N ARG A 126 2.83 -16.14 0.87
CA ARG A 126 3.04 -17.40 0.11
C ARG A 126 2.82 -18.62 1.02
N GLU A 127 3.32 -18.57 2.22
CA GLU A 127 3.15 -19.74 3.14
C GLU A 127 1.68 -19.87 3.56
N LEU A 128 0.90 -18.82 3.45
CA LEU A 128 -0.53 -18.91 3.85
C LEU A 128 -1.33 -19.65 2.77
N HIS A 129 -1.39 -19.13 1.57
CA HIS A 129 -2.16 -19.80 0.49
C HIS A 129 -1.43 -19.66 -0.85
N PRO A 130 -0.44 -20.49 -1.09
CA PRO A 130 0.33 -20.46 -2.36
C PRO A 130 -0.35 -21.27 -3.48
N GLU A 131 -1.20 -22.18 -3.11
CA GLU A 131 -1.89 -23.03 -4.13
C GLU A 131 -2.45 -22.15 -5.25
N TYR A 132 -2.70 -20.90 -5.00
CA TYR A 132 -3.25 -20.01 -6.08
C TYR A 132 -2.13 -19.61 -7.05
N PHE A 133 -1.00 -19.20 -6.55
CA PHE A 133 0.12 -18.80 -7.46
C PHE A 133 1.03 -20.00 -7.72
N LYS A 134 1.72 -20.02 -8.84
CA LYS A 134 2.62 -21.16 -9.16
C LYS A 134 3.90 -21.03 -8.33
N ASN A 135 4.76 -22.01 -8.37
CA ASN A 135 6.02 -21.94 -7.59
C ASN A 135 7.07 -21.12 -8.34
N ALA A 136 6.68 -20.51 -9.42
CA ALA A 136 7.67 -19.70 -10.20
C ALA A 136 7.81 -18.31 -9.56
N ALA A 1 -1.80 17.95 -0.31
CA ALA A 1 -2.19 16.54 -0.02
C ALA A 1 -1.09 15.88 0.81
N TRP A 2 -1.21 14.60 1.07
CA TRP A 2 -0.17 13.91 1.88
C TRP A 2 1.11 13.74 1.05
N LEU A 3 1.00 13.39 -0.20
CA LEU A 3 2.22 13.22 -1.03
C LEU A 3 2.73 14.58 -1.48
N GLU A 4 2.02 15.63 -1.16
CA GLU A 4 2.47 16.99 -1.57
C GLU A 4 3.62 17.45 -0.66
N ALA A 5 4.79 16.93 -0.88
CA ALA A 5 5.95 17.34 -0.04
C ALA A 5 6.38 18.75 -0.42
N GLN A 6 6.30 19.68 0.48
CA GLN A 6 6.71 21.09 0.15
C GLN A 6 8.14 21.08 -0.39
N GLU A 7 8.97 20.21 0.10
CA GLU A 7 10.39 20.16 -0.38
C GLU A 7 10.41 19.70 -1.84
N GLU A 8 10.00 20.54 -2.74
CA GLU A 8 10.01 20.15 -4.19
C GLU A 8 11.43 20.28 -4.73
N GLU A 9 12.38 20.58 -3.88
CA GLU A 9 13.78 20.73 -4.36
C GLU A 9 14.16 19.50 -5.20
N GLU A 10 13.88 18.32 -4.71
CA GLU A 10 14.22 17.10 -5.47
C GLU A 10 13.28 16.97 -6.66
N VAL A 11 12.02 17.10 -6.42
CA VAL A 11 11.01 16.99 -7.50
C VAL A 11 10.85 18.36 -8.19
N GLY A 12 11.93 19.08 -8.35
CA GLY A 12 11.83 20.42 -9.00
C GLY A 12 11.61 20.24 -10.50
N PHE A 13 11.94 19.11 -11.03
CA PHE A 13 11.74 18.87 -12.49
C PHE A 13 10.33 18.33 -12.73
N PRO A 14 9.76 18.59 -13.88
CA PRO A 14 8.38 18.10 -14.21
C PRO A 14 8.35 16.57 -14.36
N VAL A 15 7.33 15.92 -13.88
CA VAL A 15 7.26 14.44 -13.99
C VAL A 15 6.76 14.06 -15.39
N THR A 16 7.33 13.05 -15.96
CA THR A 16 6.89 12.61 -17.33
C THR A 16 5.76 11.56 -17.20
N PRO A 17 4.91 11.46 -18.18
CA PRO A 17 3.78 10.49 -18.17
C PRO A 17 4.25 9.05 -18.42
N GLN A 18 3.36 8.18 -18.83
CA GLN A 18 3.69 6.76 -19.09
C GLN A 18 5.11 6.64 -19.68
N VAL A 19 6.05 6.33 -18.84
CA VAL A 19 7.47 6.16 -19.31
C VAL A 19 7.64 4.72 -19.78
N PRO A 20 8.57 4.45 -20.67
CA PRO A 20 8.82 3.09 -21.19
C PRO A 20 8.58 2.02 -20.11
N LEU A 21 7.71 1.09 -20.37
CA LEU A 21 7.41 0.05 -19.35
C LEU A 21 8.68 -0.75 -19.01
N ARG A 22 9.34 -0.40 -17.95
CA ARG A 22 10.55 -1.14 -17.53
C ARG A 22 10.11 -2.39 -16.75
N PRO A 23 10.91 -3.42 -16.71
CA PRO A 23 10.56 -4.67 -15.97
C PRO A 23 10.64 -4.46 -14.44
N MET A 24 9.54 -4.61 -13.76
CA MET A 24 9.53 -4.41 -12.29
C MET A 24 10.37 -5.50 -11.61
N THR A 25 11.35 -5.12 -10.83
CA THR A 25 12.22 -6.12 -10.14
C THR A 25 11.66 -6.43 -8.75
N TYR A 26 11.79 -7.66 -8.31
CA TYR A 26 11.32 -7.99 -6.94
C TYR A 26 12.00 -6.97 -6.02
N LYS A 27 13.25 -6.73 -6.30
CA LYS A 27 14.01 -5.73 -5.53
C LYS A 27 13.30 -4.37 -5.70
N ALA A 28 12.63 -4.17 -6.81
CA ALA A 28 11.93 -2.86 -6.99
C ALA A 28 10.86 -2.70 -5.90
N ALA A 29 10.18 -3.77 -5.56
CA ALA A 29 9.13 -3.69 -4.51
C ALA A 29 9.76 -3.32 -3.16
N VAL A 30 10.75 -4.05 -2.73
CA VAL A 30 11.40 -3.75 -1.42
C VAL A 30 12.02 -2.36 -1.47
N ASP A 31 12.73 -2.04 -2.51
CA ASP A 31 13.35 -0.70 -2.61
C ASP A 31 12.22 0.34 -2.56
N LEU A 32 11.15 0.08 -3.25
CA LEU A 32 10.00 1.02 -3.24
C LEU A 32 9.45 1.13 -1.82
N SER A 33 9.35 0.03 -1.12
CA SER A 33 8.81 0.07 0.26
C SER A 33 9.50 1.19 1.04
N HIS A 34 10.79 1.14 1.18
CA HIS A 34 11.50 2.20 1.96
C HIS A 34 11.53 3.50 1.17
N PHE A 35 11.44 3.45 -0.12
CA PHE A 35 11.46 4.72 -0.91
C PHE A 35 10.32 5.62 -0.41
N LEU A 36 9.11 5.19 -0.58
CA LEU A 36 7.96 6.01 -0.12
C LEU A 36 8.07 6.25 1.38
N LYS A 37 8.71 5.38 2.11
CA LYS A 37 8.83 5.59 3.58
C LYS A 37 9.64 6.86 3.84
N GLU A 38 10.78 6.99 3.22
CA GLU A 38 11.62 8.19 3.43
C GLU A 38 10.96 9.42 2.81
N LYS A 39 10.28 9.25 1.71
CA LYS A 39 9.61 10.41 1.06
C LYS A 39 8.33 10.77 1.83
N GLY A 40 7.30 9.96 1.71
CA GLY A 40 6.02 10.24 2.43
C GLY A 40 5.89 9.30 3.63
N GLY A 41 4.98 9.59 4.53
CA GLY A 41 4.78 8.72 5.72
C GLY A 41 3.55 7.83 5.52
N LEU A 42 3.70 6.74 4.80
CA LEU A 42 2.52 5.86 4.57
C LEU A 42 2.27 5.03 5.84
N GLU A 43 3.31 4.69 6.54
CA GLU A 43 3.15 3.89 7.78
C GLU A 43 2.08 4.50 8.67
N GLY A 44 1.32 3.66 9.31
CA GLY A 44 0.25 4.15 10.22
C GLY A 44 -0.67 5.16 9.51
N LEU A 45 -0.47 5.37 8.23
CA LEU A 45 -1.36 6.34 7.50
C LEU A 45 -2.73 5.68 7.27
N ILE A 46 -3.77 6.22 7.85
CA ILE A 46 -5.12 5.59 7.69
C ILE A 46 -5.62 5.67 6.24
N HIS A 47 -5.73 4.53 5.61
CA HIS A 47 -6.24 4.48 4.21
C HIS A 47 -7.74 4.80 4.21
N SER A 48 -8.11 5.99 3.83
CA SER A 48 -9.56 6.34 3.81
C SER A 48 -10.25 5.53 2.70
N GLN A 49 -9.99 5.87 1.47
CA GLN A 49 -10.62 5.13 0.34
C GLN A 49 -10.00 5.61 -0.98
N ARG A 50 -9.84 6.90 -1.13
CA ARG A 50 -9.23 7.45 -2.37
C ARG A 50 -7.71 7.41 -2.27
N ARG A 51 -7.19 7.40 -1.07
CA ARG A 51 -5.71 7.37 -0.89
C ARG A 51 -5.11 6.18 -1.63
N GLN A 52 -5.82 5.09 -1.71
CA GLN A 52 -5.29 3.90 -2.43
C GLN A 52 -5.09 4.25 -3.91
N ASP A 53 -6.06 4.87 -4.52
CA ASP A 53 -5.94 5.24 -5.95
C ASP A 53 -4.74 6.16 -6.16
N ILE A 54 -4.66 7.25 -5.43
CA ILE A 54 -3.53 8.19 -5.59
C ILE A 54 -2.19 7.44 -5.54
N LEU A 55 -1.99 6.67 -4.50
CA LEU A 55 -0.71 5.93 -4.37
C LEU A 55 -0.37 5.23 -5.70
N ASP A 56 -1.14 4.25 -6.08
CA ASP A 56 -0.86 3.51 -7.35
C ASP A 56 -0.79 4.49 -8.53
N LEU A 57 -1.63 5.50 -8.55
CA LEU A 57 -1.60 6.47 -9.69
C LEU A 57 -0.26 7.19 -9.72
N TRP A 58 0.19 7.71 -8.60
CA TRP A 58 1.50 8.41 -8.59
C TRP A 58 2.56 7.51 -9.23
N ILE A 59 2.57 6.26 -8.88
CA ILE A 59 3.57 5.34 -9.47
C ILE A 59 3.41 5.31 -10.99
N TYR A 60 2.20 5.37 -11.46
CA TYR A 60 1.96 5.33 -12.94
C TYR A 60 2.55 6.58 -13.61
N HIS A 61 2.08 7.74 -13.27
CA HIS A 61 2.59 8.99 -13.90
C HIS A 61 4.08 9.19 -13.59
N THR A 62 4.73 8.23 -12.98
CA THR A 62 6.18 8.39 -12.63
C THR A 62 7.01 7.24 -13.21
N GLN A 63 7.05 6.13 -12.52
CA GLN A 63 7.86 4.98 -13.01
C GLN A 63 7.08 4.23 -14.09
N GLY A 64 5.85 4.60 -14.30
CA GLY A 64 5.03 3.93 -15.35
C GLY A 64 5.00 2.41 -15.12
N TYR A 65 5.28 1.94 -13.95
CA TYR A 65 5.23 0.47 -13.73
C TYR A 65 3.75 0.03 -13.76
N PHE A 66 3.43 -0.90 -14.59
CA PHE A 66 2.02 -1.37 -14.66
C PHE A 66 1.69 -2.10 -13.34
N PRO A 67 0.53 -1.88 -12.76
CA PRO A 67 0.17 -2.54 -11.47
C PRO A 67 -0.08 -4.05 -11.61
N ASP A 68 0.80 -4.75 -12.28
CA ASP A 68 0.63 -6.22 -12.42
C ASP A 68 1.20 -6.87 -11.16
N TRP A 69 1.74 -6.08 -10.28
CA TRP A 69 2.31 -6.61 -9.00
C TRP A 69 1.32 -6.36 -7.88
N GLN A 70 0.43 -5.46 -8.10
CA GLN A 70 -0.58 -5.13 -7.07
C GLN A 70 -1.66 -6.22 -7.06
N ASN A 71 -1.60 -7.12 -6.11
CA ASN A 71 -2.62 -8.21 -6.04
C ASN A 71 -2.83 -8.59 -4.56
N TYR A 72 -3.28 -7.67 -3.77
CA TYR A 72 -3.51 -7.97 -2.33
C TYR A 72 -4.73 -8.86 -2.16
N THR A 73 -4.94 -9.35 -0.97
CA THR A 73 -6.14 -10.22 -0.70
C THR A 73 -7.39 -9.36 -0.89
N PRO A 74 -8.56 -9.97 -0.96
CA PRO A 74 -9.83 -9.22 -1.15
C PRO A 74 -9.85 -7.92 -0.32
N GLY A 75 -10.27 -6.84 -0.92
CA GLY A 75 -10.31 -5.53 -0.21
C GLY A 75 -10.82 -5.70 1.23
N PRO A 76 -12.10 -5.97 1.38
CA PRO A 76 -12.74 -6.15 2.71
C PRO A 76 -11.85 -6.89 3.72
N GLY A 77 -12.07 -6.67 4.99
CA GLY A 77 -11.27 -7.37 6.04
C GLY A 77 -9.79 -7.04 5.86
N ILE A 78 -8.94 -7.65 6.67
CA ILE A 78 -7.48 -7.40 6.56
C ILE A 78 -7.06 -7.59 5.10
N ARG A 79 -5.79 -7.43 4.79
CA ARG A 79 -5.36 -7.60 3.37
C ARG A 79 -3.85 -7.79 3.29
N TYR A 80 -3.41 -9.02 3.20
CA TYR A 80 -1.95 -9.32 3.09
C TYR A 80 -1.58 -9.37 1.59
N PRO A 81 -0.35 -9.04 1.24
CA PRO A 81 0.10 -9.06 -0.19
C PRO A 81 0.37 -10.48 -0.70
N LEU A 82 -0.31 -10.91 -1.74
CA LEU A 82 -0.06 -12.27 -2.26
C LEU A 82 1.37 -12.36 -2.76
N THR A 83 1.79 -11.45 -3.62
CA THR A 83 3.18 -11.52 -4.13
C THR A 83 4.16 -11.21 -3.02
N PHE A 84 5.41 -11.33 -3.34
CA PHE A 84 6.50 -11.07 -2.36
C PHE A 84 7.17 -9.71 -2.65
N GLY A 85 7.90 -9.18 -1.70
CA GLY A 85 8.62 -7.88 -1.92
C GLY A 85 7.82 -6.72 -1.35
N TRP A 86 6.55 -6.69 -1.58
CA TRP A 86 5.70 -5.57 -1.06
C TRP A 86 5.43 -5.79 0.43
N CYS A 87 6.18 -5.12 1.27
CA CYS A 87 6.00 -5.28 2.74
C CYS A 87 4.90 -4.36 3.26
N TYR A 88 3.76 -4.41 2.64
CA TYR A 88 2.60 -3.56 3.06
C TYR A 88 1.53 -4.44 3.73
N LYS A 89 1.00 -4.01 4.86
CA LYS A 89 -0.04 -4.83 5.56
C LYS A 89 -1.23 -3.95 5.96
N LEU A 90 -2.29 -3.96 5.20
CA LEU A 90 -3.46 -3.12 5.61
C LEU A 90 -4.17 -3.84 6.75
N VAL A 91 -4.58 -3.13 7.77
CA VAL A 91 -5.26 -3.79 8.93
C VAL A 91 -6.17 -2.75 9.61
N PRO A 92 -7.38 -3.12 9.97
CA PRO A 92 -8.33 -2.18 10.65
C PRO A 92 -7.95 -1.95 12.11
N VAL A 93 -8.70 -1.12 12.79
CA VAL A 93 -8.40 -0.86 14.22
C VAL A 93 -9.03 -1.97 15.05
N GLU A 94 -9.73 -1.61 16.08
CA GLU A 94 -10.38 -2.63 16.95
C GLU A 94 -11.46 -3.35 16.12
N PRO A 95 -11.74 -4.59 16.42
CA PRO A 95 -12.77 -5.38 15.68
C PRO A 95 -14.17 -4.77 15.82
N GLU A 96 -14.30 -3.78 16.65
CA GLU A 96 -15.61 -3.12 16.84
C GLU A 96 -16.07 -2.48 15.53
N LYS A 97 -17.28 -2.77 15.10
CA LYS A 97 -17.78 -2.18 13.82
C LYS A 97 -18.35 -0.79 14.12
N LEU A 98 -19.02 -0.66 15.22
CA LEU A 98 -19.60 0.66 15.60
C LEU A 98 -18.51 1.53 16.24
N GLU A 99 -18.09 2.56 15.58
CA GLU A 99 -17.03 3.43 16.16
C GLU A 99 -17.62 4.27 17.29
N GLU A 100 -16.91 5.25 17.76
CA GLU A 100 -17.45 6.11 18.86
C GLU A 100 -18.52 7.03 18.29
N ALA A 101 -18.38 7.42 17.05
CA ALA A 101 -19.39 8.32 16.42
C ALA A 101 -20.65 7.51 16.11
N ASN A 102 -21.77 8.17 15.96
CA ASN A 102 -23.02 7.43 15.65
C ASN A 102 -22.86 6.68 14.33
N LYS A 103 -23.29 7.27 13.23
CA LYS A 103 -23.16 6.60 11.91
C LYS A 103 -22.93 7.68 10.84
N ASP A 104 -22.27 7.34 9.77
CA ASP A 104 -22.01 8.34 8.69
C ASP A 104 -21.97 7.64 7.34
N ASP A 105 -21.35 6.49 7.28
CA ASP A 105 -21.27 5.74 5.99
C ASP A 105 -21.07 4.25 6.27
N PRO A 106 -21.64 3.37 5.47
CA PRO A 106 -21.48 1.90 5.68
C PRO A 106 -20.10 1.38 5.23
N GLU A 107 -19.45 2.10 4.35
CA GLU A 107 -18.11 1.65 3.88
C GLU A 107 -17.05 2.03 4.91
N ARG A 108 -17.01 1.33 6.01
CA ARG A 108 -15.99 1.65 7.05
C ARG A 108 -14.65 1.03 6.65
N GLU A 109 -14.22 1.24 5.43
CA GLU A 109 -12.92 0.67 4.98
C GLU A 109 -11.79 1.49 5.58
N VAL A 110 -11.88 1.77 6.85
CA VAL A 110 -10.82 2.58 7.52
C VAL A 110 -9.67 1.64 7.94
N LEU A 111 -8.70 1.50 7.09
CA LEU A 111 -7.54 0.59 7.39
C LEU A 111 -6.23 1.39 7.48
N GLU A 112 -5.36 1.01 8.39
CA GLU A 112 -4.06 1.72 8.54
C GLU A 112 -2.93 0.92 7.88
N TRP A 113 -2.10 1.59 7.12
CA TRP A 113 -0.97 0.91 6.45
C TRP A 113 0.09 0.51 7.49
N ARG A 114 0.19 -0.75 7.79
CA ARG A 114 1.22 -1.20 8.77
C ARG A 114 2.47 -1.57 7.96
N PHE A 115 3.33 -0.62 7.76
CA PHE A 115 4.58 -0.86 6.97
C PHE A 115 5.50 -1.77 7.78
N ASP A 116 6.08 -2.76 7.15
CA ASP A 116 6.99 -3.68 7.90
C ASP A 116 8.01 -4.30 6.94
N SER A 117 8.93 -3.51 6.45
CA SER A 117 9.95 -4.03 5.49
C SER A 117 10.49 -5.39 5.96
N ARG A 118 10.22 -5.76 7.18
CA ARG A 118 10.73 -7.08 7.67
C ARG A 118 10.15 -8.18 6.79
N LEU A 119 8.98 -7.97 6.25
CA LEU A 119 8.38 -8.99 5.36
C LEU A 119 9.27 -9.16 4.13
N ALA A 120 10.25 -8.31 3.98
CA ALA A 120 11.17 -8.39 2.81
C ALA A 120 12.09 -9.60 2.99
N PHE A 121 11.94 -10.31 4.08
CA PHE A 121 12.80 -11.51 4.32
C PHE A 121 11.94 -12.65 4.87
N HIS A 122 10.64 -12.48 4.84
CA HIS A 122 9.73 -13.54 5.36
C HIS A 122 8.38 -13.41 4.67
N HIS A 123 7.51 -14.38 4.86
CA HIS A 123 6.16 -14.32 4.21
C HIS A 123 5.09 -14.66 5.25
N MET A 124 4.44 -13.65 5.78
CA MET A 124 3.38 -13.90 6.81
C MET A 124 2.18 -14.59 6.16
N ALA A 125 1.76 -14.12 5.02
CA ALA A 125 0.58 -14.75 4.36
C ALA A 125 0.76 -16.27 4.30
N ARG A 126 1.90 -16.72 3.83
CA ARG A 126 2.14 -18.18 3.74
C ARG A 126 2.35 -18.76 5.14
N GLU A 127 2.63 -17.92 6.11
CA GLU A 127 2.84 -18.42 7.50
C GLU A 127 1.50 -18.90 8.05
N LEU A 128 0.45 -18.17 7.80
CA LEU A 128 -0.89 -18.57 8.31
C LEU A 128 -1.43 -19.71 7.44
N HIS A 129 -1.83 -19.42 6.23
CA HIS A 129 -2.35 -20.49 5.33
C HIS A 129 -2.02 -20.12 3.87
N PRO A 130 -1.79 -21.09 3.02
CA PRO A 130 -1.48 -20.83 1.58
C PRO A 130 -2.71 -20.40 0.79
N GLU A 131 -2.59 -19.40 -0.04
CA GLU A 131 -3.76 -18.94 -0.84
C GLU A 131 -3.83 -19.75 -2.14
N TYR A 132 -3.56 -19.12 -3.26
CA TYR A 132 -3.61 -19.86 -4.55
C TYR A 132 -2.31 -20.66 -4.71
N PHE A 133 -1.31 -20.34 -3.94
CA PHE A 133 -0.01 -21.06 -4.04
C PHE A 133 -0.03 -22.25 -3.06
N LYS A 134 1.08 -22.94 -2.94
CA LYS A 134 1.15 -24.11 -2.01
C LYS A 134 2.53 -24.15 -1.35
N ASN A 135 3.57 -24.05 -2.13
CA ASN A 135 4.95 -24.08 -1.56
C ASN A 135 5.90 -23.34 -2.51
N ALA A 136 5.50 -23.14 -3.74
CA ALA A 136 6.38 -22.42 -4.70
C ALA A 136 6.25 -20.92 -4.50
N ALA A 1 4.61 14.54 -0.11
CA ALA A 1 3.60 15.63 -0.20
C ALA A 1 2.64 15.34 -1.35
N TRP A 2 2.69 14.16 -1.89
CA TRP A 2 1.78 13.82 -3.01
C TRP A 2 0.37 13.60 -2.48
N LEU A 3 0.23 13.36 -1.20
CA LEU A 3 -1.13 13.15 -0.62
C LEU A 3 -1.79 14.51 -0.34
N GLU A 4 -1.02 15.56 -0.35
CA GLU A 4 -1.61 16.90 -0.10
C GLU A 4 -2.36 17.39 -1.33
N ALA A 5 -1.94 18.50 -1.89
CA ALA A 5 -2.64 19.02 -3.10
C ALA A 5 -2.31 18.14 -4.31
N GLN A 6 -3.31 17.77 -5.06
CA GLN A 6 -3.07 16.91 -6.25
C GLN A 6 -2.87 17.80 -7.48
N GLU A 7 -2.57 19.06 -7.27
CA GLU A 7 -2.36 19.98 -8.43
C GLU A 7 -1.07 19.59 -9.17
N GLU A 8 -0.52 20.50 -9.92
CA GLU A 8 0.72 20.18 -10.68
C GLU A 8 1.75 19.57 -9.75
N GLU A 9 1.78 18.26 -9.65
CA GLU A 9 2.77 17.59 -8.76
C GLU A 9 4.19 17.94 -9.23
N GLU A 10 5.08 18.19 -8.31
CA GLU A 10 6.50 18.53 -8.69
C GLU A 10 7.46 17.80 -7.74
N VAL A 11 6.97 16.75 -7.12
CA VAL A 11 7.80 15.92 -6.15
C VAL A 11 9.23 16.45 -5.97
N GLY A 12 9.38 17.59 -5.37
CA GLY A 12 10.75 18.15 -5.17
C GLY A 12 11.38 18.51 -6.52
N PHE A 13 11.12 17.73 -7.53
CA PHE A 13 11.71 18.03 -8.88
C PHE A 13 10.76 17.52 -9.97
N PRO A 14 10.77 18.11 -11.13
CA PRO A 14 9.88 17.69 -12.26
C PRO A 14 10.14 16.24 -12.70
N VAL A 15 9.25 15.34 -12.36
CA VAL A 15 9.43 13.91 -12.75
C VAL A 15 8.96 13.70 -14.19
N THR A 16 9.37 12.61 -14.81
CA THR A 16 8.95 12.34 -16.22
C THR A 16 7.63 11.54 -16.21
N PRO A 17 6.83 11.66 -17.24
CA PRO A 17 5.54 10.92 -17.34
C PRO A 17 5.77 9.44 -17.63
N GLN A 18 4.78 8.76 -18.13
CA GLN A 18 4.91 7.30 -18.44
C GLN A 18 6.29 7.00 -19.04
N VAL A 19 7.19 6.57 -18.22
CA VAL A 19 8.57 6.23 -18.70
C VAL A 19 8.51 4.81 -19.27
N PRO A 20 9.41 4.43 -20.15
CA PRO A 20 9.44 3.07 -20.75
C PRO A 20 8.94 2.01 -19.76
N LEU A 21 7.87 1.33 -20.12
CA LEU A 21 7.28 0.32 -19.21
C LEU A 21 8.29 -0.79 -18.88
N ARG A 22 8.42 -1.09 -17.61
CA ARG A 22 9.37 -2.16 -17.16
C ARG A 22 8.60 -3.08 -16.20
N PRO A 23 8.97 -4.33 -16.11
CA PRO A 23 8.28 -5.30 -15.21
C PRO A 23 8.55 -5.00 -13.72
N MET A 24 7.56 -5.17 -12.89
CA MET A 24 7.75 -4.89 -11.43
C MET A 24 8.78 -5.87 -10.88
N THR A 25 9.93 -5.40 -10.49
CA THR A 25 10.98 -6.31 -9.94
C THR A 25 10.76 -6.51 -8.45
N TYR A 26 10.84 -7.74 -7.99
CA TYR A 26 10.70 -7.99 -6.53
C TYR A 26 11.63 -6.99 -5.85
N LYS A 27 12.78 -6.82 -6.42
CA LYS A 27 13.75 -5.84 -5.90
C LYS A 27 13.11 -4.45 -5.94
N ALA A 28 12.33 -4.16 -6.95
CA ALA A 28 11.71 -2.80 -7.01
C ALA A 28 10.71 -2.64 -5.85
N ALA A 29 10.07 -3.70 -5.46
CA ALA A 29 9.09 -3.62 -4.33
C ALA A 29 9.82 -3.24 -3.06
N VAL A 30 10.87 -3.95 -2.72
CA VAL A 30 11.63 -3.62 -1.48
C VAL A 30 12.24 -2.22 -1.61
N ASP A 31 12.85 -1.93 -2.72
CA ASP A 31 13.44 -0.57 -2.88
C ASP A 31 12.33 0.46 -2.72
N LEU A 32 11.23 0.27 -3.41
CA LEU A 32 10.11 1.23 -3.31
C LEU A 32 9.57 1.26 -1.87
N SER A 33 9.49 0.11 -1.24
CA SER A 33 8.96 0.09 0.16
C SER A 33 9.71 1.09 1.03
N HIS A 34 11.01 0.98 1.12
CA HIS A 34 11.77 1.93 1.97
C HIS A 34 11.81 3.31 1.33
N PHE A 35 11.69 3.39 0.03
CA PHE A 35 11.73 4.72 -0.62
C PHE A 35 10.61 5.58 -0.05
N LEU A 36 9.38 5.14 -0.19
CA LEU A 36 8.23 5.93 0.34
C LEU A 36 8.36 6.08 1.87
N LYS A 37 9.01 5.15 2.53
CA LYS A 37 9.14 5.28 4.01
C LYS A 37 9.89 6.56 4.36
N GLU A 38 10.80 6.98 3.53
CA GLU A 38 11.56 8.22 3.82
C GLU A 38 10.65 9.44 3.63
N LYS A 39 10.54 9.88 2.41
CA LYS A 39 9.68 11.07 2.11
C LYS A 39 8.21 10.69 2.04
N GLY A 40 7.88 9.57 1.46
CA GLY A 40 6.45 9.16 1.37
C GLY A 40 5.78 9.26 2.74
N GLY A 41 5.96 8.28 3.59
CA GLY A 41 5.32 8.32 4.94
C GLY A 41 3.91 7.73 4.84
N LEU A 42 3.77 6.61 4.19
CA LEU A 42 2.43 5.96 4.05
C LEU A 42 2.13 5.17 5.33
N GLU A 43 3.15 4.75 6.02
CA GLU A 43 2.94 3.98 7.28
C GLU A 43 1.90 4.68 8.14
N GLY A 44 1.07 3.91 8.79
CA GLY A 44 0.04 4.48 9.69
C GLY A 44 -0.94 5.41 8.94
N LEU A 45 -0.78 5.59 7.66
CA LEU A 45 -1.73 6.48 6.92
C LEU A 45 -3.08 5.76 6.79
N ILE A 46 -4.09 6.24 7.45
CA ILE A 46 -5.42 5.56 7.40
C ILE A 46 -6.01 5.59 5.98
N HIS A 47 -6.00 4.46 5.32
CA HIS A 47 -6.58 4.36 3.95
C HIS A 47 -8.08 4.65 4.03
N SER A 48 -8.50 5.81 3.61
CA SER A 48 -9.94 6.17 3.64
C SER A 48 -10.69 5.37 2.58
N GLN A 49 -10.47 5.68 1.33
CA GLN A 49 -11.17 4.95 0.24
C GLN A 49 -10.46 5.19 -1.09
N ARG A 50 -10.64 6.33 -1.69
CA ARG A 50 -9.98 6.62 -2.99
C ARG A 50 -8.48 6.83 -2.77
N ARG A 51 -8.06 6.99 -1.55
CA ARG A 51 -6.61 7.20 -1.29
C ARG A 51 -5.79 6.09 -1.93
N GLN A 52 -6.38 4.93 -2.08
CA GLN A 52 -5.65 3.79 -2.70
C GLN A 52 -5.29 4.12 -4.15
N ASP A 53 -6.23 4.59 -4.93
CA ASP A 53 -5.94 4.92 -6.35
C ASP A 53 -4.82 5.96 -6.42
N ILE A 54 -4.88 6.98 -5.60
CA ILE A 54 -3.81 8.02 -5.62
C ILE A 54 -2.43 7.36 -5.61
N LEU A 55 -2.12 6.60 -4.59
CA LEU A 55 -0.80 5.93 -4.53
C LEU A 55 -0.48 5.28 -5.88
N ASP A 56 -1.31 4.37 -6.31
CA ASP A 56 -1.09 3.67 -7.61
C ASP A 56 -0.84 4.69 -8.72
N LEU A 57 -1.60 5.74 -8.76
CA LEU A 57 -1.43 6.76 -9.82
C LEU A 57 -0.05 7.41 -9.73
N TRP A 58 0.35 7.82 -8.56
CA TRP A 58 1.70 8.44 -8.42
C TRP A 58 2.74 7.51 -9.03
N ILE A 59 2.71 6.25 -8.68
CA ILE A 59 3.69 5.32 -9.27
C ILE A 59 3.58 5.38 -10.79
N TYR A 60 2.42 5.72 -11.30
CA TYR A 60 2.23 5.79 -12.78
C TYR A 60 3.07 6.92 -13.40
N HIS A 61 2.65 8.16 -13.25
CA HIS A 61 3.42 9.28 -13.88
C HIS A 61 4.80 9.44 -13.24
N THR A 62 5.32 8.42 -12.60
CA THR A 62 6.68 8.50 -11.97
C THR A 62 7.55 7.37 -12.50
N GLN A 63 7.46 6.19 -11.91
CA GLN A 63 8.30 5.06 -12.38
C GLN A 63 7.64 4.41 -13.60
N GLY A 64 6.39 4.70 -13.82
CA GLY A 64 5.69 4.14 -15.01
C GLY A 64 5.30 2.67 -14.79
N TYR A 65 5.43 2.14 -13.60
CA TYR A 65 5.05 0.71 -13.39
C TYR A 65 3.52 0.60 -13.41
N PHE A 66 3.00 -0.42 -14.06
CA PHE A 66 1.52 -0.58 -14.10
C PHE A 66 1.07 -1.21 -12.77
N PRO A 67 -0.01 -0.75 -12.17
CA PRO A 67 -0.48 -1.30 -10.86
C PRO A 67 -1.26 -2.61 -11.02
N ASP A 68 -0.64 -3.70 -10.69
CA ASP A 68 -1.32 -5.02 -10.79
C ASP A 68 -0.62 -6.00 -9.87
N TRP A 69 0.15 -5.50 -8.95
CA TRP A 69 0.91 -6.36 -7.99
C TRP A 69 0.26 -6.31 -6.62
N GLN A 70 -0.48 -5.27 -6.39
CA GLN A 70 -1.17 -5.09 -5.08
C GLN A 70 -2.37 -6.04 -5.00
N ASN A 71 -2.33 -7.00 -4.12
CA ASN A 71 -3.48 -7.95 -4.00
C ASN A 71 -3.46 -8.60 -2.62
N TYR A 72 -3.86 -7.90 -1.61
CA TYR A 72 -3.86 -8.52 -0.25
C TYR A 72 -4.96 -9.59 -0.18
N THR A 73 -4.88 -10.50 0.76
CA THR A 73 -5.91 -11.58 0.86
C THR A 73 -7.31 -10.95 1.07
N PRO A 74 -8.29 -11.30 0.27
CA PRO A 74 -9.68 -10.74 0.41
C PRO A 74 -10.55 -11.56 1.38
N GLY A 75 -10.42 -11.36 2.67
CA GLY A 75 -11.27 -12.14 3.62
C GLY A 75 -10.96 -11.75 5.06
N PRO A 76 -9.82 -12.15 5.55
CA PRO A 76 -9.39 -11.88 6.96
C PRO A 76 -9.21 -10.38 7.25
N GLY A 77 -9.41 -9.98 8.49
CA GLY A 77 -9.24 -8.54 8.86
C GLY A 77 -7.82 -8.11 8.53
N ILE A 78 -6.84 -8.82 9.02
CA ILE A 78 -5.43 -8.46 8.74
C ILE A 78 -5.12 -8.90 7.30
N ARG A 79 -5.17 -7.98 6.38
CA ARG A 79 -4.91 -8.34 4.96
C ARG A 79 -3.40 -8.46 4.69
N TYR A 80 -2.93 -9.66 4.47
CA TYR A 80 -1.48 -9.86 4.17
C TYR A 80 -1.27 -9.65 2.66
N PRO A 81 -0.13 -9.15 2.26
CA PRO A 81 0.15 -8.92 0.80
C PRO A 81 0.47 -10.23 0.08
N LEU A 82 -0.33 -10.63 -0.86
CA LEU A 82 -0.05 -11.91 -1.58
C LEU A 82 1.31 -11.79 -2.28
N THR A 83 1.55 -10.70 -2.97
CA THR A 83 2.84 -10.53 -3.68
C THR A 83 3.98 -10.40 -2.66
N PHE A 84 5.15 -10.79 -3.06
CA PHE A 84 6.33 -10.72 -2.13
C PHE A 84 7.14 -9.44 -2.40
N GLY A 85 7.87 -8.98 -1.41
CA GLY A 85 8.69 -7.75 -1.59
C GLY A 85 7.94 -6.55 -1.01
N TRP A 86 6.65 -6.50 -1.25
CA TRP A 86 5.83 -5.37 -0.70
C TRP A 86 5.56 -5.65 0.78
N CYS A 87 6.29 -5.01 1.65
CA CYS A 87 6.12 -5.26 3.11
C CYS A 87 5.00 -4.42 3.72
N TYR A 88 3.89 -4.27 3.05
CA TYR A 88 2.76 -3.47 3.62
C TYR A 88 1.63 -4.43 4.01
N LYS A 89 1.12 -4.29 5.20
CA LYS A 89 0.03 -5.19 5.69
C LYS A 89 -1.09 -4.31 6.25
N LEU A 90 -2.23 -4.28 5.60
CA LEU A 90 -3.32 -3.40 6.12
C LEU A 90 -3.89 -4.01 7.38
N VAL A 91 -4.41 -3.20 8.27
CA VAL A 91 -4.97 -3.72 9.54
C VAL A 91 -6.02 -2.72 10.06
N PRO A 92 -7.21 -3.17 10.40
CA PRO A 92 -8.28 -2.26 10.92
C PRO A 92 -8.01 -1.85 12.37
N VAL A 93 -8.70 -0.86 12.86
CA VAL A 93 -8.49 -0.41 14.26
C VAL A 93 -9.35 -1.26 15.17
N GLU A 94 -8.81 -1.64 16.27
CA GLU A 94 -9.56 -2.48 17.25
C GLU A 94 -10.67 -1.64 17.91
N PRO A 95 -11.79 -2.25 18.25
CA PRO A 95 -12.92 -1.51 18.90
C PRO A 95 -12.65 -1.26 20.39
N GLU A 96 -11.41 -1.28 20.80
CA GLU A 96 -11.11 -1.03 22.23
C GLU A 96 -11.61 0.37 22.62
N LYS A 97 -12.88 0.49 22.88
CA LYS A 97 -13.44 1.82 23.25
C LYS A 97 -13.15 2.10 24.73
N LEU A 98 -12.18 1.42 25.29
CA LEU A 98 -11.84 1.65 26.72
C LEU A 98 -10.90 2.85 26.83
N GLU A 99 -11.24 3.93 26.18
CA GLU A 99 -10.37 5.14 26.25
C GLU A 99 -11.13 6.36 25.72
N GLU A 100 -10.75 6.88 24.60
CA GLU A 100 -11.46 8.05 24.03
C GLU A 100 -11.04 8.27 22.58
N ALA A 101 -9.95 7.67 22.17
CA ALA A 101 -9.50 7.85 20.76
C ALA A 101 -10.42 7.05 19.83
N ASN A 102 -11.69 7.05 20.11
CA ASN A 102 -12.64 6.30 19.24
C ASN A 102 -12.79 7.01 17.90
N LYS A 103 -12.99 6.27 16.85
CA LYS A 103 -13.14 6.92 15.51
C LYS A 103 -13.64 5.89 14.49
N ASP A 104 -14.74 5.25 14.78
CA ASP A 104 -15.29 4.23 13.83
C ASP A 104 -16.82 4.21 13.94
N ASP A 105 -17.52 4.41 12.84
CA ASP A 105 -19.00 4.40 12.90
C ASP A 105 -19.58 4.03 11.53
N PRO A 106 -19.37 4.84 10.51
CA PRO A 106 -19.89 4.56 9.14
C PRO A 106 -19.35 3.24 8.57
N GLU A 107 -19.96 2.75 7.52
CA GLU A 107 -19.48 1.47 6.92
C GLU A 107 -18.25 1.75 6.03
N ARG A 108 -17.54 2.81 6.29
CA ARG A 108 -16.34 3.12 5.45
C ARG A 108 -15.18 2.22 5.89
N GLU A 109 -14.39 1.77 4.96
CA GLU A 109 -13.24 0.88 5.32
C GLU A 109 -12.11 1.72 5.92
N VAL A 110 -12.04 1.78 7.23
CA VAL A 110 -10.97 2.57 7.90
C VAL A 110 -9.78 1.64 8.17
N LEU A 111 -8.93 1.48 7.20
CA LEU A 111 -7.73 0.57 7.37
C LEU A 111 -6.43 1.38 7.26
N GLU A 112 -5.43 1.06 8.04
CA GLU A 112 -4.12 1.80 7.98
C GLU A 112 -3.02 0.90 7.42
N TRP A 113 -2.18 1.45 6.56
CA TRP A 113 -1.06 0.65 5.98
C TRP A 113 -0.02 0.42 7.08
N ARG A 114 0.16 -0.80 7.51
CA ARG A 114 1.17 -1.07 8.58
C ARG A 114 2.51 -1.43 7.93
N PHE A 115 3.39 -0.47 7.81
CA PHE A 115 4.71 -0.73 7.18
C PHE A 115 5.51 -1.68 8.07
N ASP A 116 6.06 -2.72 7.48
CA ASP A 116 6.85 -3.70 8.28
C ASP A 116 7.88 -4.38 7.36
N SER A 117 8.91 -3.67 6.96
CA SER A 117 9.95 -4.27 6.07
C SER A 117 10.34 -5.67 6.55
N ARG A 118 9.92 -6.06 7.73
CA ARG A 118 10.30 -7.42 8.21
C ARG A 118 9.79 -8.45 7.20
N LEU A 119 8.65 -8.22 6.62
CA LEU A 119 8.11 -9.17 5.59
C LEU A 119 9.03 -9.13 4.37
N ALA A 120 10.09 -8.38 4.43
CA ALA A 120 11.03 -8.31 3.27
C ALA A 120 11.77 -9.62 3.17
N PHE A 121 11.72 -10.41 4.20
CA PHE A 121 12.42 -11.74 4.17
C PHE A 121 11.54 -12.77 4.90
N HIS A 122 11.03 -12.42 6.05
CA HIS A 122 10.15 -13.38 6.79
C HIS A 122 8.78 -13.44 6.11
N HIS A 123 8.72 -13.97 4.93
CA HIS A 123 7.40 -14.04 4.23
C HIS A 123 6.41 -14.81 5.11
N MET A 124 5.55 -14.10 5.81
CA MET A 124 4.56 -14.79 6.68
C MET A 124 3.40 -15.28 5.83
N ALA A 125 3.08 -14.56 4.78
CA ALA A 125 1.95 -14.97 3.90
C ALA A 125 2.10 -16.45 3.53
N ARG A 126 3.31 -16.91 3.40
CA ARG A 126 3.51 -18.35 3.06
C ARG A 126 3.22 -19.22 4.28
N GLU A 127 3.56 -18.76 5.45
CA GLU A 127 3.31 -19.54 6.69
C GLU A 127 1.81 -19.59 7.00
N LEU A 128 1.08 -18.57 6.62
CA LEU A 128 -0.38 -18.55 6.92
C LEU A 128 -1.13 -19.47 5.94
N HIS A 129 -1.22 -19.08 4.69
CA HIS A 129 -1.96 -19.92 3.69
C HIS A 129 -1.25 -19.85 2.33
N PRO A 130 -0.34 -20.76 2.05
CA PRO A 130 0.40 -20.78 0.75
C PRO A 130 -0.39 -21.51 -0.35
N GLU A 131 -1.48 -22.14 0.02
CA GLU A 131 -2.30 -22.88 -0.99
C GLU A 131 -2.49 -22.03 -2.24
N TYR A 132 -2.25 -20.76 -2.16
CA TYR A 132 -2.43 -19.89 -3.37
C TYR A 132 -1.22 -20.07 -4.28
N PHE A 133 -0.04 -19.97 -3.75
CA PHE A 133 1.18 -20.12 -4.58
C PHE A 133 1.60 -21.60 -4.61
N LYS A 134 0.66 -22.48 -4.79
CA LYS A 134 1.00 -23.94 -4.81
C LYS A 134 2.08 -24.19 -5.86
N ASN A 135 2.24 -23.29 -6.80
CA ASN A 135 3.29 -23.45 -7.85
C ASN A 135 4.58 -22.83 -7.38
N ALA A 136 5.63 -23.60 -7.25
CA ALA A 136 6.93 -23.04 -6.80
C ALA A 136 8.07 -23.97 -7.22
N ALA A 1 6.63 15.69 1.27
CA ALA A 1 6.42 14.74 0.14
C ALA A 1 5.10 15.06 -0.57
N TRP A 2 4.41 14.05 -1.03
CA TRP A 2 3.11 14.30 -1.73
C TRP A 2 2.03 14.68 -0.71
N LEU A 3 1.90 13.92 0.35
CA LEU A 3 0.86 14.25 1.37
C LEU A 3 1.35 15.39 2.27
N GLU A 4 2.60 15.73 2.17
CA GLU A 4 3.13 16.84 3.02
C GLU A 4 2.68 18.18 2.43
N ALA A 5 1.39 18.38 2.29
CA ALA A 5 0.90 19.66 1.73
C ALA A 5 1.12 20.78 2.73
N GLN A 6 1.95 21.74 2.41
CA GLN A 6 2.20 22.87 3.35
C GLN A 6 0.98 23.79 3.38
N GLU A 7 1.10 24.96 2.81
CA GLU A 7 -0.05 25.91 2.80
C GLU A 7 -0.98 25.60 1.63
N GLU A 8 -0.42 25.20 0.51
CA GLU A 8 -1.26 24.87 -0.68
C GLU A 8 -0.61 23.75 -1.48
N GLU A 9 -1.36 22.74 -1.83
CA GLU A 9 -0.79 21.60 -2.61
C GLU A 9 0.00 22.15 -3.79
N GLU A 10 1.27 21.84 -3.87
CA GLU A 10 2.09 22.34 -4.99
C GLU A 10 1.66 21.65 -6.29
N VAL A 11 0.38 21.50 -6.50
CA VAL A 11 -0.12 20.83 -7.73
C VAL A 11 -1.52 21.36 -8.08
N GLY A 12 -1.61 22.19 -9.07
CA GLY A 12 -2.94 22.76 -9.48
C GLY A 12 -3.44 22.03 -10.72
N PHE A 13 -2.82 22.25 -11.85
CA PHE A 13 -3.25 21.57 -13.10
C PHE A 13 -2.55 20.21 -13.19
N PRO A 14 -3.17 19.22 -13.80
CA PRO A 14 -2.57 17.87 -13.94
C PRO A 14 -1.40 17.84 -14.92
N VAL A 15 -0.28 17.30 -14.52
CA VAL A 15 0.91 17.26 -15.42
C VAL A 15 0.77 16.06 -16.37
N THR A 16 1.58 16.00 -17.39
CA THR A 16 1.50 14.87 -18.36
C THR A 16 2.38 13.70 -17.86
N PRO A 17 1.84 12.51 -17.68
CA PRO A 17 2.64 11.35 -17.22
C PRO A 17 3.39 10.67 -18.38
N GLN A 18 4.66 10.98 -18.55
CA GLN A 18 5.45 10.35 -19.66
C GLN A 18 6.75 9.77 -19.09
N VAL A 19 6.73 8.50 -18.78
CA VAL A 19 7.95 7.83 -18.23
C VAL A 19 8.17 6.49 -18.96
N PRO A 20 9.38 6.00 -19.03
CA PRO A 20 9.68 4.71 -19.71
C PRO A 20 9.08 3.51 -18.95
N LEU A 21 8.29 2.72 -19.62
CA LEU A 21 7.67 1.55 -18.92
C LEU A 21 8.77 0.60 -18.44
N ARG A 22 9.15 0.70 -17.19
CA ARG A 22 10.21 -0.21 -16.65
C ARG A 22 9.54 -1.49 -16.14
N PRO A 23 10.24 -2.60 -16.14
CA PRO A 23 9.69 -3.89 -15.64
C PRO A 23 9.56 -3.89 -14.12
N MET A 24 8.38 -4.15 -13.60
CA MET A 24 8.21 -4.14 -12.12
C MET A 24 9.07 -5.26 -11.50
N THR A 25 10.18 -4.91 -10.92
CA THR A 25 11.08 -5.94 -10.31
C THR A 25 10.70 -6.19 -8.87
N TYR A 26 10.60 -7.45 -8.48
CA TYR A 26 10.29 -7.76 -7.06
C TYR A 26 11.32 -6.97 -6.25
N LYS A 27 12.50 -6.88 -6.78
CA LYS A 27 13.57 -6.10 -6.13
C LYS A 27 13.13 -4.64 -6.06
N ALA A 28 12.44 -4.16 -7.07
CA ALA A 28 12.00 -2.72 -7.02
C ALA A 28 10.99 -2.55 -5.88
N ALA A 29 10.24 -3.57 -5.56
CA ALA A 29 9.24 -3.46 -4.46
C ALA A 29 9.95 -3.21 -3.12
N VAL A 30 10.90 -4.04 -2.78
CA VAL A 30 11.61 -3.86 -1.48
C VAL A 30 12.36 -2.52 -1.49
N ASP A 31 13.05 -2.21 -2.55
CA ASP A 31 13.77 -0.92 -2.60
C ASP A 31 12.77 0.21 -2.44
N LEU A 32 11.70 0.17 -3.20
CA LEU A 32 10.67 1.23 -3.08
C LEU A 32 10.05 1.19 -1.68
N SER A 33 9.93 0.02 -1.10
CA SER A 33 9.33 -0.07 0.26
C SER A 33 10.03 0.91 1.20
N HIS A 34 11.33 0.85 1.30
CA HIS A 34 12.05 1.79 2.21
C HIS A 34 12.03 3.20 1.62
N PHE A 35 11.97 3.32 0.33
CA PHE A 35 11.93 4.69 -0.27
C PHE A 35 10.74 5.44 0.29
N LEU A 36 9.55 4.93 0.07
CA LEU A 36 8.34 5.61 0.59
C LEU A 36 8.44 5.70 2.12
N LYS A 37 9.15 4.80 2.75
CA LYS A 37 9.26 4.86 4.23
C LYS A 37 10.03 6.13 4.64
N GLU A 38 11.06 6.47 3.91
CA GLU A 38 11.85 7.68 4.25
C GLU A 38 11.05 8.94 3.93
N LYS A 39 10.98 9.29 2.68
CA LYS A 39 10.24 10.52 2.28
C LYS A 39 8.73 10.25 2.28
N GLY A 40 8.25 9.45 1.36
CA GLY A 40 6.78 9.18 1.30
C GLY A 40 6.23 8.92 2.71
N GLY A 41 4.93 9.10 2.89
CA GLY A 41 4.31 8.88 4.24
C GLY A 41 3.12 7.93 4.09
N LEU A 42 3.35 6.75 3.58
CA LEU A 42 2.24 5.77 3.40
C LEU A 42 1.99 5.05 4.73
N GLU A 43 3.04 4.75 5.46
CA GLU A 43 2.88 4.04 6.75
C GLU A 43 1.84 4.75 7.62
N GLY A 44 1.16 3.99 8.44
CA GLY A 44 0.14 4.56 9.36
C GLY A 44 -0.82 5.49 8.60
N LEU A 45 -0.72 5.56 7.30
CA LEU A 45 -1.65 6.46 6.55
C LEU A 45 -3.05 5.82 6.50
N ILE A 46 -3.98 6.37 7.22
CA ILE A 46 -5.36 5.78 7.24
C ILE A 46 -6.00 5.84 5.84
N HIS A 47 -6.19 4.71 5.23
CA HIS A 47 -6.83 4.64 3.88
C HIS A 47 -8.29 5.05 4.00
N SER A 48 -8.66 6.14 3.38
CA SER A 48 -10.07 6.62 3.44
C SER A 48 -10.98 5.66 2.66
N GLN A 49 -11.36 6.04 1.46
CA GLN A 49 -12.26 5.18 0.63
C GLN A 49 -11.74 5.13 -0.82
N ARG A 50 -10.55 5.59 -1.06
CA ARG A 50 -10.01 5.56 -2.45
C ARG A 50 -8.52 5.93 -2.44
N ARG A 51 -7.99 6.19 -1.29
CA ARG A 51 -6.55 6.57 -1.21
C ARG A 51 -5.71 5.50 -1.89
N GLN A 52 -6.24 4.31 -2.05
CA GLN A 52 -5.47 3.23 -2.72
C GLN A 52 -5.21 3.61 -4.17
N ASP A 53 -6.22 4.07 -4.86
CA ASP A 53 -6.02 4.47 -6.29
C ASP A 53 -4.96 5.58 -6.37
N ILE A 54 -5.03 6.55 -5.51
CA ILE A 54 -4.03 7.66 -5.55
C ILE A 54 -2.61 7.06 -5.46
N LEU A 55 -2.42 6.05 -4.65
CA LEU A 55 -1.07 5.45 -4.52
C LEU A 55 -0.61 4.92 -5.89
N ASP A 56 -1.26 3.92 -6.40
CA ASP A 56 -0.87 3.35 -7.73
C ASP A 56 -0.78 4.45 -8.77
N LEU A 57 -1.70 5.38 -8.78
CA LEU A 57 -1.66 6.46 -9.79
C LEU A 57 -0.41 7.33 -9.58
N TRP A 58 -0.26 7.89 -8.41
CA TRP A 58 0.94 8.74 -8.17
C TRP A 58 2.19 7.98 -8.61
N ILE A 59 2.23 6.70 -8.37
CA ILE A 59 3.42 5.89 -8.80
C ILE A 59 3.56 5.96 -10.33
N TYR A 60 2.47 5.91 -11.05
CA TYR A 60 2.57 5.94 -12.53
C TYR A 60 3.15 7.28 -13.02
N HIS A 61 2.55 8.38 -12.64
CA HIS A 61 3.07 9.71 -13.09
C HIS A 61 4.52 9.88 -12.64
N THR A 62 4.95 9.15 -11.65
CA THR A 62 6.36 9.28 -11.16
C THR A 62 7.22 8.16 -11.74
N GLN A 63 6.97 6.94 -11.36
CA GLN A 63 7.77 5.81 -11.87
C GLN A 63 7.27 5.40 -13.26
N GLY A 64 6.10 4.83 -13.34
CA GLY A 64 5.54 4.40 -14.66
C GLY A 64 5.29 2.90 -14.66
N TYR A 65 5.34 2.28 -13.51
CA TYR A 65 5.10 0.81 -13.44
C TYR A 65 3.61 0.54 -13.61
N PHE A 66 3.27 -0.49 -14.35
CA PHE A 66 1.82 -0.81 -14.56
C PHE A 66 1.24 -1.37 -13.24
N PRO A 67 0.01 -1.04 -12.90
CA PRO A 67 -0.63 -1.55 -11.66
C PRO A 67 -1.24 -2.94 -11.85
N ASP A 68 -0.47 -3.96 -11.60
CA ASP A 68 -0.99 -5.35 -11.73
C ASP A 68 -0.16 -6.26 -10.83
N TRP A 69 0.46 -5.67 -9.84
CA TRP A 69 1.31 -6.44 -8.88
C TRP A 69 0.74 -6.32 -7.48
N GLN A 70 0.15 -5.21 -7.19
CA GLN A 70 -0.42 -4.99 -5.83
C GLN A 70 -1.76 -5.73 -5.69
N ASN A 71 -1.71 -7.03 -5.47
CA ASN A 71 -2.98 -7.82 -5.32
C ASN A 71 -3.18 -8.15 -3.83
N TYR A 72 -4.12 -9.00 -3.49
CA TYR A 72 -4.35 -9.32 -2.06
C TYR A 72 -5.11 -10.66 -1.94
N THR A 73 -5.00 -11.29 -0.81
CA THR A 73 -5.73 -12.58 -0.62
C THR A 73 -7.23 -12.30 -0.63
N PRO A 74 -8.05 -13.31 -0.45
CA PRO A 74 -9.52 -13.17 -0.45
C PRO A 74 -10.09 -12.97 0.97
N GLY A 75 -9.73 -11.89 1.62
CA GLY A 75 -10.25 -11.64 3.00
C GLY A 75 -10.38 -10.12 3.23
N PRO A 76 -11.43 -9.67 3.90
CA PRO A 76 -11.64 -8.21 4.15
C PRO A 76 -10.78 -7.69 5.31
N GLY A 77 -10.72 -8.44 6.36
CA GLY A 77 -9.94 -8.03 7.56
C GLY A 77 -8.47 -7.83 7.19
N ILE A 78 -7.57 -8.32 8.02
CA ILE A 78 -6.11 -8.16 7.75
C ILE A 78 -5.83 -8.42 6.26
N ARG A 79 -5.72 -7.39 5.47
CA ARG A 79 -5.45 -7.61 4.01
C ARG A 79 -3.94 -7.83 3.78
N TYR A 80 -3.56 -9.03 3.42
CA TYR A 80 -2.12 -9.33 3.16
C TYR A 80 -1.83 -9.15 1.67
N PRO A 81 -0.66 -8.69 1.28
CA PRO A 81 -0.29 -8.52 -0.15
C PRO A 81 0.15 -9.86 -0.76
N LEU A 82 -0.48 -10.32 -1.80
CA LEU A 82 -0.05 -11.63 -2.38
C LEU A 82 1.38 -11.51 -2.92
N THR A 83 1.73 -10.41 -3.52
CA THR A 83 3.11 -10.27 -4.05
C THR A 83 4.11 -10.25 -2.90
N PHE A 84 5.30 -10.73 -3.13
CA PHE A 84 6.34 -10.75 -2.06
C PHE A 84 7.31 -9.58 -2.24
N GLY A 85 7.95 -9.16 -1.17
CA GLY A 85 8.91 -8.02 -1.26
C GLY A 85 8.19 -6.73 -0.86
N TRP A 86 6.98 -6.57 -1.32
CA TRP A 86 6.20 -5.34 -0.97
C TRP A 86 5.69 -5.53 0.47
N CYS A 87 6.33 -4.85 1.40
CA CYS A 87 6.00 -5.02 2.85
C CYS A 87 4.83 -4.14 3.30
N TYR A 88 3.70 -4.25 2.68
CA TYR A 88 2.50 -3.44 3.12
C TYR A 88 1.53 -4.38 3.89
N LYS A 89 1.05 -3.95 5.03
CA LYS A 89 0.07 -4.77 5.82
C LYS A 89 -1.10 -3.89 6.28
N LEU A 90 -2.25 -3.90 5.62
CA LEU A 90 -3.38 -3.03 6.11
C LEU A 90 -4.06 -3.72 7.30
N VAL A 91 -4.56 -2.93 8.22
CA VAL A 91 -5.24 -3.51 9.42
C VAL A 91 -6.23 -2.44 9.96
N PRO A 92 -7.45 -2.80 10.27
CA PRO A 92 -8.47 -1.83 10.80
C PRO A 92 -8.22 -1.48 12.27
N VAL A 93 -8.20 -0.22 12.59
CA VAL A 93 -7.97 0.19 14.00
C VAL A 93 -9.31 0.18 14.74
N GLU A 94 -9.53 1.18 15.53
CA GLU A 94 -10.79 1.28 16.33
C GLU A 94 -11.02 2.75 16.71
N PRO A 95 -11.30 3.58 15.74
CA PRO A 95 -11.55 5.04 15.96
C PRO A 95 -13.00 5.33 16.37
N GLU A 96 -13.67 4.38 16.96
CA GLU A 96 -15.08 4.62 17.37
C GLU A 96 -15.13 5.77 18.37
N LYS A 97 -15.49 6.94 17.92
CA LYS A 97 -15.56 8.11 18.85
C LYS A 97 -16.92 8.11 19.56
N LEU A 98 -17.80 8.96 19.15
CA LEU A 98 -19.14 9.00 19.79
C LEU A 98 -20.01 7.87 19.23
N GLU A 99 -20.90 7.34 20.02
CA GLU A 99 -21.76 6.22 19.55
C GLU A 99 -22.83 6.77 18.60
N GLU A 100 -23.38 7.91 18.90
CA GLU A 100 -24.43 8.50 18.01
C GLU A 100 -23.77 9.02 16.74
N ALA A 101 -24.55 9.47 15.79
CA ALA A 101 -23.96 10.01 14.54
C ALA A 101 -25.00 10.88 13.82
N ASN A 102 -24.63 12.09 13.50
CA ASN A 102 -25.59 12.99 12.80
C ASN A 102 -26.01 12.36 11.47
N LYS A 103 -25.25 12.57 10.44
CA LYS A 103 -25.60 11.97 9.11
C LYS A 103 -25.70 10.45 9.25
N ASP A 104 -26.10 9.78 8.21
CA ASP A 104 -26.23 8.29 8.28
C ASP A 104 -24.92 7.65 7.81
N ASP A 105 -23.82 7.99 8.44
CA ASP A 105 -22.51 7.41 8.03
C ASP A 105 -22.32 6.06 8.75
N PRO A 106 -22.26 4.96 8.02
CA PRO A 106 -22.07 3.62 8.64
C PRO A 106 -20.59 3.32 8.94
N GLU A 107 -20.27 2.07 9.14
CA GLU A 107 -18.85 1.71 9.44
C GLU A 107 -18.08 1.63 8.12
N ARG A 108 -17.45 2.70 7.74
CA ARG A 108 -16.68 2.71 6.47
C ARG A 108 -15.37 1.92 6.66
N GLU A 109 -14.75 1.53 5.58
CA GLU A 109 -13.48 0.74 5.69
C GLU A 109 -12.33 1.67 6.07
N VAL A 110 -12.11 1.85 7.35
CA VAL A 110 -10.99 2.72 7.80
C VAL A 110 -9.75 1.85 8.05
N LEU A 111 -8.92 1.71 7.06
CA LEU A 111 -7.69 0.84 7.19
C LEU A 111 -6.41 1.66 7.05
N GLU A 112 -5.40 1.34 7.83
CA GLU A 112 -4.09 2.09 7.75
C GLU A 112 -2.98 1.18 7.22
N TRP A 113 -2.12 1.73 6.41
CA TRP A 113 -0.98 0.94 5.85
C TRP A 113 0.05 0.69 6.95
N ARG A 114 0.17 -0.52 7.42
CA ARG A 114 1.19 -0.81 8.48
C ARG A 114 2.46 -1.30 7.78
N PHE A 115 3.35 -0.40 7.51
CA PHE A 115 4.63 -0.76 6.81
C PHE A 115 5.49 -1.66 7.71
N ASP A 116 6.07 -2.70 7.15
CA ASP A 116 6.92 -3.62 7.96
C ASP A 116 7.97 -4.28 7.05
N SER A 117 8.94 -3.52 6.59
CA SER A 117 10.00 -4.08 5.68
C SER A 117 10.49 -5.44 6.19
N ARG A 118 10.17 -5.82 7.40
CA ARG A 118 10.64 -7.13 7.91
C ARG A 118 10.07 -8.25 7.03
N LEU A 119 8.88 -8.08 6.52
CA LEU A 119 8.27 -9.12 5.65
C LEU A 119 9.10 -9.25 4.38
N ALA A 120 10.18 -8.52 4.28
CA ALA A 120 11.03 -8.62 3.06
C ALA A 120 11.75 -9.96 3.10
N PHE A 121 11.48 -10.75 4.10
CA PHE A 121 12.12 -12.09 4.23
C PHE A 121 11.03 -13.15 4.43
N HIS A 122 10.35 -13.12 5.54
CA HIS A 122 9.27 -14.12 5.79
C HIS A 122 8.05 -13.78 4.93
N HIS A 123 7.58 -14.72 4.15
CA HIS A 123 6.39 -14.47 3.27
C HIS A 123 5.13 -14.99 3.99
N MET A 124 4.26 -14.10 4.40
CA MET A 124 3.01 -14.55 5.09
C MET A 124 1.99 -15.00 4.04
N ALA A 125 1.94 -14.33 2.91
CA ALA A 125 0.96 -14.74 1.86
C ALA A 125 1.14 -16.22 1.56
N ARG A 126 2.35 -16.70 1.60
CA ARG A 126 2.60 -18.14 1.32
C ARG A 126 2.10 -18.98 2.49
N GLU A 127 2.14 -18.45 3.68
CA GLU A 127 1.66 -19.23 4.86
C GLU A 127 0.14 -19.35 4.80
N LEU A 128 -0.52 -18.43 4.15
CA LEU A 128 -2.01 -18.51 4.06
C LEU A 128 -2.40 -19.56 3.01
N HIS A 129 -2.27 -19.24 1.76
CA HIS A 129 -2.64 -20.22 0.69
C HIS A 129 -1.76 -19.99 -0.56
N PRO A 130 -0.75 -20.80 -0.79
CA PRO A 130 0.14 -20.64 -1.97
C PRO A 130 -0.42 -21.35 -3.21
N GLU A 131 -1.15 -20.64 -4.03
CA GLU A 131 -1.72 -21.26 -5.27
C GLU A 131 -0.82 -20.92 -6.46
N TYR A 132 -0.98 -19.74 -7.00
CA TYR A 132 -0.13 -19.34 -8.16
C TYR A 132 1.25 -18.93 -7.67
N PHE A 133 1.66 -19.42 -6.52
CA PHE A 133 3.00 -19.06 -5.98
C PHE A 133 4.02 -20.12 -6.41
N LYS A 134 3.55 -21.22 -6.96
CA LYS A 134 4.49 -22.29 -7.40
C LYS A 134 3.74 -23.30 -8.26
N ASN A 135 4.30 -23.67 -9.38
CA ASN A 135 3.63 -24.66 -10.26
C ASN A 135 4.62 -25.15 -11.33
N ALA A 136 5.84 -25.36 -10.94
CA ALA A 136 6.86 -25.84 -11.94
C ALA A 136 6.72 -27.35 -12.11
N ALA A 1 6.04 15.81 -0.80
CA ALA A 1 4.71 16.45 -0.93
C ALA A 1 3.84 15.64 -1.91
N TRP A 2 4.17 14.39 -2.09
CA TRP A 2 3.36 13.55 -3.03
C TRP A 2 2.01 13.22 -2.40
N LEU A 3 1.98 12.99 -1.11
CA LEU A 3 0.69 12.67 -0.45
C LEU A 3 -0.10 13.96 -0.22
N GLU A 4 0.36 15.05 -0.76
CA GLU A 4 -0.36 16.34 -0.59
C GLU A 4 -1.63 16.32 -1.44
N ALA A 5 -2.47 15.33 -1.27
CA ALA A 5 -3.72 15.26 -2.07
C ALA A 5 -4.70 16.33 -1.59
N GLN A 6 -4.34 17.08 -0.60
CA GLN A 6 -5.26 18.15 -0.10
C GLN A 6 -5.26 19.31 -1.09
N GLU A 7 -4.12 19.92 -1.28
CA GLU A 7 -4.04 21.06 -2.23
C GLU A 7 -3.87 20.51 -3.65
N GLU A 8 -2.82 20.86 -4.33
CA GLU A 8 -2.61 20.36 -5.72
C GLU A 8 -2.43 18.83 -5.67
N GLU A 9 -2.03 18.25 -6.77
CA GLU A 9 -1.82 16.76 -6.81
C GLU A 9 -0.61 16.45 -7.69
N GLU A 10 -0.02 17.46 -8.27
CA GLU A 10 1.16 17.24 -9.16
C GLU A 10 2.41 17.05 -8.30
N VAL A 11 3.53 17.56 -8.75
CA VAL A 11 4.79 17.43 -7.97
C VAL A 11 5.69 18.62 -8.28
N GLY A 12 6.08 19.35 -7.28
CA GLY A 12 6.95 20.54 -7.51
C GLY A 12 8.16 20.15 -8.36
N PHE A 13 8.64 18.94 -8.24
CA PHE A 13 9.82 18.51 -9.04
C PHE A 13 9.35 17.98 -10.41
N PRO A 14 10.14 18.15 -11.45
CA PRO A 14 9.78 17.66 -12.81
C PRO A 14 9.12 16.28 -12.78
N VAL A 15 7.85 16.20 -13.12
CA VAL A 15 7.17 14.88 -13.12
C VAL A 15 7.45 14.17 -14.45
N THR A 16 7.56 12.86 -14.43
CA THR A 16 7.81 12.09 -15.69
C THR A 16 6.56 11.28 -16.06
N PRO A 17 5.74 11.77 -16.97
CA PRO A 17 4.49 11.06 -17.40
C PRO A 17 4.73 9.60 -17.79
N GLN A 18 3.83 9.03 -18.53
CA GLN A 18 3.97 7.61 -18.95
C GLN A 18 5.38 7.36 -19.48
N VAL A 19 6.24 6.86 -18.64
CA VAL A 19 7.63 6.54 -19.07
C VAL A 19 7.65 5.05 -19.47
N PRO A 20 8.57 4.65 -20.32
CA PRO A 20 8.66 3.22 -20.76
C PRO A 20 8.29 2.26 -19.64
N LEU A 21 7.30 1.42 -19.87
CA LEU A 21 6.85 0.48 -18.82
C LEU A 21 7.99 -0.47 -18.41
N ARG A 22 8.66 -0.16 -17.34
CA ARG A 22 9.77 -1.03 -16.86
C ARG A 22 9.16 -2.20 -16.07
N PRO A 23 9.84 -3.33 -16.01
CA PRO A 23 9.33 -4.52 -15.27
C PRO A 23 9.48 -4.35 -13.74
N MET A 24 8.40 -4.50 -13.01
CA MET A 24 8.48 -4.36 -11.53
C MET A 24 9.34 -5.50 -10.96
N THR A 25 10.49 -5.18 -10.43
CA THR A 25 11.39 -6.25 -9.88
C THR A 25 11.06 -6.53 -8.43
N TYR A 26 11.25 -7.75 -7.98
CA TYR A 26 11.00 -8.06 -6.55
C TYR A 26 11.81 -7.02 -5.77
N LYS A 27 13.01 -6.80 -6.22
CA LYS A 27 13.85 -5.77 -5.57
C LYS A 27 13.15 -4.42 -5.70
N ALA A 28 12.37 -4.23 -6.76
CA ALA A 28 11.66 -2.92 -6.91
C ALA A 28 10.64 -2.77 -5.78
N ALA A 29 9.96 -3.83 -5.43
CA ALA A 29 8.95 -3.74 -4.34
C ALA A 29 9.63 -3.37 -3.03
N VAL A 30 10.64 -4.10 -2.64
CA VAL A 30 11.33 -3.79 -1.35
C VAL A 30 12.02 -2.43 -1.47
N ASP A 31 12.67 -2.15 -2.56
CA ASP A 31 13.34 -0.82 -2.69
C ASP A 31 12.26 0.26 -2.62
N LEU A 32 11.19 0.09 -3.34
CA LEU A 32 10.10 1.11 -3.32
C LEU A 32 9.56 1.21 -1.89
N SER A 33 9.45 0.10 -1.20
CA SER A 33 8.92 0.15 0.19
C SER A 33 9.63 1.26 0.98
N HIS A 34 10.94 1.20 1.05
CA HIS A 34 11.68 2.24 1.83
C HIS A 34 11.67 3.58 1.09
N PHE A 35 11.58 3.57 -0.22
CA PHE A 35 11.58 4.86 -0.96
C PHE A 35 10.43 5.71 -0.42
N LEU A 36 9.23 5.21 -0.46
CA LEU A 36 8.07 5.98 0.05
C LEU A 36 8.24 6.24 1.55
N LYS A 37 8.95 5.38 2.24
CA LYS A 37 9.14 5.59 3.71
C LYS A 37 9.96 6.86 3.96
N GLU A 38 11.12 6.96 3.38
CA GLU A 38 11.98 8.15 3.60
C GLU A 38 11.33 9.40 2.98
N LYS A 39 10.51 9.23 1.97
CA LYS A 39 9.87 10.42 1.33
C LYS A 39 8.73 10.94 2.21
N GLY A 40 7.70 10.16 2.42
CA GLY A 40 6.55 10.62 3.26
C GLY A 40 6.26 9.61 4.36
N GLY A 41 5.26 9.88 5.18
CA GLY A 41 4.91 8.94 6.29
C GLY A 41 3.64 8.17 5.91
N LEU A 42 3.76 7.19 5.06
CA LEU A 42 2.55 6.40 4.65
C LEU A 42 2.23 5.39 5.75
N GLU A 43 3.22 4.98 6.49
CA GLU A 43 2.97 4.00 7.58
C GLU A 43 1.90 4.52 8.52
N GLY A 44 1.07 3.64 8.99
CA GLY A 44 0.00 4.05 9.95
C GLY A 44 -1.00 5.03 9.29
N LEU A 45 -0.82 5.37 8.03
CA LEU A 45 -1.78 6.31 7.40
C LEU A 45 -3.10 5.57 7.13
N ILE A 46 -4.18 6.01 7.72
CA ILE A 46 -5.48 5.31 7.51
C ILE A 46 -5.93 5.39 6.05
N HIS A 47 -5.85 4.28 5.37
CA HIS A 47 -6.29 4.22 3.95
C HIS A 47 -7.82 4.41 3.91
N SER A 48 -8.26 5.53 3.38
CA SER A 48 -9.72 5.78 3.28
C SER A 48 -10.31 4.89 2.18
N GLN A 49 -10.73 5.47 1.09
CA GLN A 49 -11.31 4.67 -0.03
C GLN A 49 -10.90 5.30 -1.36
N ARG A 50 -10.06 6.31 -1.31
CA ARG A 50 -9.59 6.99 -2.56
C ARG A 50 -8.07 7.10 -2.51
N ARG A 51 -7.51 7.20 -1.33
CA ARG A 51 -6.04 7.31 -1.20
C ARG A 51 -5.38 6.11 -1.90
N GLN A 52 -6.11 5.05 -2.07
CA GLN A 52 -5.52 3.85 -2.74
C GLN A 52 -5.15 4.20 -4.18
N ASP A 53 -6.05 4.78 -4.92
CA ASP A 53 -5.76 5.16 -6.33
C ASP A 53 -4.58 6.13 -6.37
N ILE A 54 -4.63 7.16 -5.57
CA ILE A 54 -3.51 8.16 -5.57
C ILE A 54 -2.17 7.42 -5.53
N LEU A 55 -2.06 6.42 -4.70
CA LEU A 55 -0.78 5.66 -4.62
C LEU A 55 -0.47 5.05 -5.99
N ASP A 56 -1.25 4.10 -6.41
CA ASP A 56 -1.01 3.47 -7.74
C ASP A 56 -0.83 4.54 -8.81
N LEU A 57 -1.69 5.52 -8.84
CA LEU A 57 -1.57 6.59 -9.87
C LEU A 57 -0.27 7.37 -9.67
N TRP A 58 0.01 7.82 -8.48
CA TRP A 58 1.27 8.58 -8.24
C TRP A 58 2.43 7.79 -8.85
N ILE A 59 2.55 6.53 -8.51
CA ILE A 59 3.66 5.73 -9.08
C ILE A 59 3.55 5.75 -10.61
N TYR A 60 2.36 5.80 -11.13
CA TYR A 60 2.18 5.81 -12.60
C TYR A 60 2.82 7.07 -13.22
N HIS A 61 2.34 8.22 -12.85
CA HIS A 61 2.90 9.49 -13.42
C HIS A 61 4.39 9.63 -13.07
N THR A 62 4.98 8.64 -12.43
CA THR A 62 6.43 8.74 -12.05
C THR A 62 7.24 7.71 -12.84
N GLN A 63 7.47 6.55 -12.27
CA GLN A 63 8.27 5.52 -12.98
C GLN A 63 7.37 4.76 -13.97
N GLY A 64 6.09 4.93 -13.86
CA GLY A 64 5.16 4.26 -14.82
C GLY A 64 5.02 2.76 -14.51
N TYR A 65 5.18 2.35 -13.28
CA TYR A 65 5.00 0.89 -12.98
C TYR A 65 3.51 0.56 -13.04
N PHE A 66 3.15 -0.57 -13.58
CA PHE A 66 1.69 -0.93 -13.64
C PHE A 66 1.28 -1.52 -12.27
N PRO A 67 0.08 -1.26 -11.80
CA PRO A 67 -0.40 -1.81 -10.49
C PRO A 67 -0.86 -3.27 -10.59
N ASP A 68 -0.19 -4.07 -11.35
CA ASP A 68 -0.59 -5.51 -11.46
C ASP A 68 0.01 -6.26 -10.28
N TRP A 69 0.35 -5.54 -9.23
CA TRP A 69 0.97 -6.18 -8.03
C TRP A 69 0.24 -5.73 -6.77
N GLN A 70 -0.44 -4.64 -6.86
CA GLN A 70 -1.18 -4.12 -5.67
C GLN A 70 -2.46 -4.95 -5.46
N ASN A 71 -2.40 -5.92 -4.59
CA ASN A 71 -3.59 -6.75 -4.32
C ASN A 71 -3.45 -7.38 -2.93
N TYR A 72 -4.48 -8.06 -2.46
CA TYR A 72 -4.41 -8.68 -1.11
C TYR A 72 -5.51 -9.74 -0.98
N THR A 73 -5.42 -10.58 0.02
CA THR A 73 -6.45 -11.63 0.22
C THR A 73 -7.80 -10.97 0.53
N PRO A 74 -8.89 -11.46 -0.02
CA PRO A 74 -10.24 -10.89 0.26
C PRO A 74 -10.80 -11.37 1.60
N GLY A 75 -9.94 -11.50 2.59
CA GLY A 75 -10.40 -11.98 3.92
C GLY A 75 -10.93 -10.81 4.76
N PRO A 76 -11.15 -11.04 6.02
CA PRO A 76 -11.67 -10.00 6.96
C PRO A 76 -10.82 -8.73 6.95
N GLY A 77 -10.87 -7.98 8.02
CA GLY A 77 -10.08 -6.71 8.09
C GLY A 77 -8.64 -6.94 7.64
N ILE A 78 -7.91 -7.78 8.32
CA ILE A 78 -6.49 -8.04 7.92
C ILE A 78 -6.42 -8.27 6.40
N ARG A 79 -5.30 -7.96 5.81
CA ARG A 79 -5.15 -8.18 4.33
C ARG A 79 -3.66 -8.28 4.01
N TYR A 80 -3.21 -9.49 3.75
CA TYR A 80 -1.77 -9.70 3.40
C TYR A 80 -1.58 -9.44 1.91
N PRO A 81 -0.40 -9.04 1.49
CA PRO A 81 -0.11 -8.76 0.05
C PRO A 81 0.10 -10.05 -0.76
N LEU A 82 -0.60 -10.19 -1.85
CA LEU A 82 -0.44 -11.42 -2.68
C LEU A 82 1.01 -11.47 -3.19
N THR A 83 1.43 -10.48 -3.92
CA THR A 83 2.82 -10.48 -4.45
C THR A 83 3.80 -10.38 -3.28
N PHE A 84 5.01 -10.84 -3.48
CA PHE A 84 6.03 -10.81 -2.38
C PHE A 84 6.92 -9.56 -2.56
N GLY A 85 7.62 -9.18 -1.53
CA GLY A 85 8.50 -7.98 -1.62
C GLY A 85 7.78 -6.76 -1.05
N TRP A 86 6.50 -6.65 -1.29
CA TRP A 86 5.74 -5.49 -0.75
C TRP A 86 5.50 -5.73 0.74
N CYS A 87 6.27 -5.08 1.56
CA CYS A 87 6.16 -5.27 3.03
C CYS A 87 5.06 -4.39 3.63
N TYR A 88 3.88 -4.44 3.07
CA TYR A 88 2.75 -3.62 3.63
C TYR A 88 1.59 -4.54 4.04
N LYS A 89 1.07 -4.36 5.21
CA LYS A 89 -0.07 -5.20 5.70
C LYS A 89 -1.19 -4.28 6.20
N LEU A 90 -2.30 -4.23 5.52
CA LEU A 90 -3.39 -3.34 5.99
C LEU A 90 -4.04 -3.97 7.23
N VAL A 91 -4.37 -3.17 8.21
CA VAL A 91 -4.98 -3.72 9.47
C VAL A 91 -5.77 -2.58 10.15
N PRO A 92 -6.98 -2.84 10.63
CA PRO A 92 -7.79 -1.79 11.31
C PRO A 92 -7.20 -1.40 12.67
N VAL A 93 -7.66 -0.32 13.25
CA VAL A 93 -7.12 0.11 14.57
C VAL A 93 -7.81 -0.65 15.69
N GLU A 94 -7.42 -1.87 15.87
CA GLU A 94 -8.03 -2.71 16.95
C GLU A 94 -7.54 -2.30 18.35
N PRO A 95 -6.31 -1.87 18.49
CA PRO A 95 -5.74 -1.48 19.82
C PRO A 95 -6.60 -0.42 20.53
N GLU A 96 -7.45 0.25 19.81
CA GLU A 96 -8.32 1.28 20.44
C GLU A 96 -9.31 0.60 21.40
N LYS A 97 -8.86 -0.37 22.17
CA LYS A 97 -9.79 -1.06 23.10
C LYS A 97 -9.88 -0.27 24.40
N LEU A 98 -9.04 0.71 24.56
CA LEU A 98 -9.07 1.54 25.80
C LEU A 98 -10.11 2.64 25.65
N GLU A 99 -11.32 2.39 26.08
CA GLU A 99 -12.39 3.42 25.96
C GLU A 99 -12.19 4.49 27.05
N GLU A 100 -11.65 5.62 26.69
CA GLU A 100 -11.44 6.69 27.69
C GLU A 100 -11.12 8.00 26.98
N ALA A 101 -11.27 8.04 25.68
CA ALA A 101 -10.97 9.29 24.94
C ALA A 101 -12.13 10.27 25.09
N ASN A 102 -11.86 11.43 25.61
CA ASN A 102 -12.93 12.44 25.79
C ASN A 102 -13.45 12.90 24.42
N LYS A 103 -12.56 13.27 23.54
CA LYS A 103 -12.99 13.74 22.20
C LYS A 103 -13.89 12.68 21.55
N ASP A 104 -14.45 12.99 20.41
CA ASP A 104 -15.34 12.01 19.70
C ASP A 104 -14.50 11.20 18.72
N ASP A 105 -14.87 9.97 18.48
CA ASP A 105 -14.09 9.14 17.52
C ASP A 105 -14.99 8.04 16.95
N PRO A 106 -15.95 8.42 16.15
CA PRO A 106 -16.90 7.46 15.52
C PRO A 106 -16.19 6.20 15.01
N GLU A 107 -16.90 5.12 14.86
CA GLU A 107 -16.26 3.86 14.37
C GLU A 107 -16.06 3.95 12.86
N ARG A 108 -16.01 5.14 12.33
CA ARG A 108 -15.81 5.29 10.85
C ARG A 108 -14.33 5.12 10.52
N GLU A 109 -13.63 4.37 11.32
CA GLU A 109 -12.17 4.14 11.07
C GLU A 109 -11.99 3.11 9.96
N VAL A 110 -11.19 3.41 8.97
CA VAL A 110 -10.97 2.45 7.86
C VAL A 110 -9.73 1.60 8.16
N LEU A 111 -8.89 1.35 7.20
CA LEU A 111 -7.68 0.51 7.45
C LEU A 111 -6.40 1.33 7.22
N GLU A 112 -5.35 1.04 7.94
CA GLU A 112 -4.06 1.81 7.77
C GLU A 112 -2.94 0.89 7.26
N TRP A 113 -2.05 1.45 6.50
CA TRP A 113 -0.91 0.67 5.94
C TRP A 113 0.11 0.41 7.06
N ARG A 114 0.30 -0.82 7.44
CA ARG A 114 1.31 -1.13 8.51
C ARG A 114 2.63 -1.47 7.83
N PHE A 115 3.48 -0.48 7.67
CA PHE A 115 4.80 -0.72 7.00
C PHE A 115 5.66 -1.63 7.87
N ASP A 116 6.24 -2.65 7.28
CA ASP A 116 7.09 -3.58 8.06
C ASP A 116 8.12 -4.23 7.13
N SER A 117 9.06 -3.44 6.64
CA SER A 117 10.09 -3.97 5.70
C SER A 117 10.61 -5.33 6.18
N ARG A 118 10.33 -5.70 7.40
CA ARG A 118 10.81 -7.01 7.92
C ARG A 118 10.17 -8.14 7.10
N LEU A 119 8.97 -7.94 6.63
CA LEU A 119 8.30 -8.98 5.81
C LEU A 119 9.11 -9.19 4.53
N ALA A 120 10.20 -8.48 4.38
CA ALA A 120 11.03 -8.64 3.17
C ALA A 120 11.80 -9.95 3.28
N PHE A 121 11.57 -10.69 4.33
CA PHE A 121 12.30 -11.99 4.51
C PHE A 121 11.33 -13.08 5.00
N HIS A 122 10.04 -12.80 4.99
CA HIS A 122 9.07 -13.84 5.46
C HIS A 122 7.70 -13.59 4.84
N HIS A 123 7.33 -14.37 3.85
CA HIS A 123 6.01 -14.19 3.20
C HIS A 123 4.93 -14.70 4.16
N MET A 124 4.51 -13.87 5.08
CA MET A 124 3.47 -14.26 6.07
C MET A 124 2.30 -14.96 5.36
N ALA A 125 1.75 -14.34 4.37
CA ALA A 125 0.60 -14.97 3.66
C ALA A 125 0.97 -16.40 3.25
N ARG A 126 1.94 -16.56 2.41
CA ARG A 126 2.30 -17.95 1.97
C ARG A 126 2.88 -18.73 3.16
N GLU A 127 3.23 -18.05 4.22
CA GLU A 127 3.79 -18.80 5.39
C GLU A 127 2.71 -19.74 5.91
N LEU A 128 1.49 -19.27 5.96
CA LEU A 128 0.38 -20.16 6.41
C LEU A 128 0.07 -21.11 5.26
N HIS A 129 -0.66 -20.65 4.28
CA HIS A 129 -0.97 -21.49 3.10
C HIS A 129 -1.21 -20.64 1.83
N PRO A 130 -1.76 -19.44 1.91
CA PRO A 130 -1.96 -18.61 0.68
C PRO A 130 -0.75 -18.57 -0.26
N GLU A 131 -0.71 -19.48 -1.20
CA GLU A 131 0.42 -19.50 -2.19
C GLU A 131 -0.04 -18.84 -3.49
N TYR A 132 -0.03 -19.57 -4.58
CA TYR A 132 -0.48 -19.01 -5.89
C TYR A 132 -1.90 -19.48 -6.16
N PHE A 133 -2.77 -19.20 -5.25
CA PHE A 133 -4.20 -19.63 -5.39
C PHE A 133 -4.97 -18.57 -6.19
N LYS A 134 -4.29 -17.84 -7.04
CA LYS A 134 -4.99 -16.80 -7.84
C LYS A 134 -6.00 -17.48 -8.78
N ASN A 135 -6.04 -17.09 -10.02
CA ASN A 135 -6.99 -17.70 -10.99
C ASN A 135 -6.24 -18.69 -11.89
N ALA A 136 -4.97 -18.48 -12.08
CA ALA A 136 -4.18 -19.40 -12.93
C ALA A 136 -2.69 -19.25 -12.60
N ALA A 1 0.07 16.97 -2.88
CA ALA A 1 -0.25 17.47 -1.51
C ALA A 1 0.69 16.83 -0.51
N TRP A 2 0.22 15.83 0.18
CA TRP A 2 1.08 15.16 1.20
C TRP A 2 2.19 14.39 0.46
N LEU A 3 2.09 14.24 -0.83
CA LEU A 3 3.16 13.51 -1.57
C LEU A 3 4.35 14.47 -1.76
N GLU A 4 4.08 15.67 -2.18
CA GLU A 4 5.17 16.66 -2.38
C GLU A 4 5.58 17.23 -1.03
N ALA A 5 5.66 18.53 -0.92
CA ALA A 5 6.06 19.15 0.37
C ALA A 5 4.91 19.04 1.37
N GLN A 6 4.97 19.75 2.46
CA GLN A 6 3.89 19.69 3.48
C GLN A 6 2.57 20.15 2.83
N GLU A 7 2.32 21.43 2.80
CA GLU A 7 1.07 21.94 2.19
C GLU A 7 1.25 23.39 1.77
N GLU A 8 1.72 23.63 0.57
CA GLU A 8 1.93 25.04 0.12
C GLU A 8 2.12 25.06 -1.40
N GLU A 9 3.15 24.41 -1.89
CA GLU A 9 3.39 24.41 -3.36
C GLU A 9 2.29 23.59 -4.06
N GLU A 10 1.87 24.04 -5.23
CA GLU A 10 0.80 23.31 -5.98
C GLU A 10 1.42 22.62 -7.19
N VAL A 11 0.81 21.56 -7.68
CA VAL A 11 1.37 20.84 -8.85
C VAL A 11 0.96 21.58 -10.13
N GLY A 12 0.66 22.84 -10.02
CA GLY A 12 0.25 23.64 -11.21
C GLY A 12 -0.70 22.83 -12.09
N PHE A 13 -0.40 22.68 -13.35
CA PHE A 13 -1.28 21.90 -14.27
C PHE A 13 -0.83 20.42 -14.25
N PRO A 14 -1.74 19.50 -14.50
CA PRO A 14 -1.41 18.04 -14.52
C PRO A 14 -0.66 17.63 -15.80
N VAL A 15 0.50 17.03 -15.65
CA VAL A 15 1.27 16.60 -16.86
C VAL A 15 0.73 15.24 -17.34
N THR A 16 1.02 14.87 -18.55
CA THR A 16 0.54 13.56 -19.06
C THR A 16 1.54 12.47 -18.66
N PRO A 17 1.10 11.27 -18.34
CA PRO A 17 2.03 10.17 -17.94
C PRO A 17 2.69 9.48 -19.13
N GLN A 18 3.89 9.86 -19.46
CA GLN A 18 4.62 9.20 -20.60
C GLN A 18 5.99 8.77 -20.09
N VAL A 19 6.10 7.54 -19.66
CA VAL A 19 7.40 7.04 -19.12
C VAL A 19 7.68 5.62 -19.67
N PRO A 20 8.93 5.21 -19.71
CA PRO A 20 9.29 3.84 -20.19
C PRO A 20 8.88 2.80 -19.15
N LEU A 21 8.11 1.82 -19.53
CA LEU A 21 7.67 0.80 -18.54
C LEU A 21 8.86 0.03 -17.97
N ARG A 22 9.21 0.32 -16.73
CA ARG A 22 10.35 -0.41 -16.09
C ARG A 22 9.83 -1.76 -15.58
N PRO A 23 10.68 -2.75 -15.46
CA PRO A 23 10.28 -4.10 -14.97
C PRO A 23 10.06 -4.13 -13.45
N MET A 24 8.84 -4.28 -13.01
CA MET A 24 8.57 -4.32 -11.54
C MET A 24 9.27 -5.52 -10.93
N THR A 25 10.43 -5.32 -10.34
CA THR A 25 11.18 -6.45 -9.74
C THR A 25 10.75 -6.65 -8.30
N TYR A 26 10.78 -7.88 -7.82
CA TYR A 26 10.41 -8.11 -6.40
C TYR A 26 11.29 -7.15 -5.60
N LYS A 27 12.53 -7.08 -5.99
CA LYS A 27 13.46 -6.14 -5.33
C LYS A 27 12.90 -4.72 -5.51
N ALA A 28 12.21 -4.47 -6.60
CA ALA A 28 11.65 -3.11 -6.80
C ALA A 28 10.60 -2.82 -5.72
N ALA A 29 9.84 -3.82 -5.35
CA ALA A 29 8.79 -3.62 -4.30
C ALA A 29 9.47 -3.21 -2.99
N VAL A 30 10.46 -3.93 -2.57
CA VAL A 30 11.15 -3.58 -1.29
C VAL A 30 11.85 -2.23 -1.43
N ASP A 31 12.57 -2.02 -2.49
CA ASP A 31 13.26 -0.72 -2.67
C ASP A 31 12.20 0.38 -2.70
N LEU A 32 11.17 0.18 -3.46
CA LEU A 32 10.09 1.20 -3.55
C LEU A 32 9.42 1.36 -2.18
N SER A 33 9.21 0.29 -1.46
CA SER A 33 8.55 0.41 -0.13
C SER A 33 9.33 1.39 0.74
N HIS A 34 10.61 1.19 0.87
CA HIS A 34 11.42 2.11 1.71
C HIS A 34 11.53 3.46 1.02
N PHE A 35 11.47 3.49 -0.28
CA PHE A 35 11.56 4.79 -1.00
C PHE A 35 10.43 5.68 -0.52
N LEU A 36 9.23 5.19 -0.55
CA LEU A 36 8.06 6.00 -0.10
C LEU A 36 8.24 6.37 1.37
N LYS A 37 8.96 5.58 2.13
CA LYS A 37 9.15 5.91 3.57
C LYS A 37 9.87 7.26 3.72
N GLU A 38 10.97 7.43 3.05
CA GLU A 38 11.70 8.73 3.16
C GLU A 38 10.91 9.84 2.45
N LYS A 39 10.42 9.57 1.28
CA LYS A 39 9.65 10.61 0.53
C LYS A 39 8.22 10.70 1.09
N GLY A 40 8.09 10.58 2.38
CA GLY A 40 6.73 10.67 3.03
C GLY A 40 6.51 9.47 3.94
N GLY A 41 5.58 9.56 4.86
CA GLY A 41 5.32 8.43 5.81
C GLY A 41 4.01 7.71 5.43
N LEU A 42 4.09 6.69 4.61
CA LEU A 42 2.84 5.96 4.23
C LEU A 42 2.44 5.08 5.42
N GLU A 43 3.40 4.78 6.25
CA GLU A 43 3.12 3.93 7.44
C GLU A 43 1.98 4.50 8.27
N GLY A 44 1.28 3.67 8.96
CA GLY A 44 0.16 4.13 9.83
C GLY A 44 -0.76 5.09 9.08
N LEU A 45 -0.57 5.27 7.81
CA LEU A 45 -1.47 6.21 7.05
C LEU A 45 -2.82 5.51 6.85
N ILE A 46 -3.84 5.97 7.53
CA ILE A 46 -5.17 5.32 7.39
C ILE A 46 -5.67 5.37 5.93
N HIS A 47 -5.69 4.24 5.29
CA HIS A 47 -6.20 4.17 3.88
C HIS A 47 -7.70 4.48 3.89
N SER A 48 -8.08 5.66 3.50
CA SER A 48 -9.51 6.03 3.49
C SER A 48 -10.23 5.25 2.38
N GLN A 49 -10.19 5.77 1.17
CA GLN A 49 -10.86 5.07 0.03
C GLN A 49 -10.10 5.37 -1.27
N ARG A 50 -10.23 6.56 -1.78
CA ARG A 50 -9.52 6.91 -3.04
C ARG A 50 -8.02 7.03 -2.79
N ARG A 51 -7.61 7.08 -1.55
CA ARG A 51 -6.16 7.20 -1.23
C ARG A 51 -5.40 6.06 -1.91
N GLN A 52 -6.04 4.95 -2.16
CA GLN A 52 -5.35 3.81 -2.82
C GLN A 52 -4.94 4.23 -4.24
N ASP A 53 -5.86 4.77 -5.00
CA ASP A 53 -5.53 5.19 -6.39
C ASP A 53 -4.35 6.18 -6.35
N ILE A 54 -4.41 7.16 -5.48
CA ILE A 54 -3.29 8.14 -5.40
C ILE A 54 -1.96 7.40 -5.35
N LEU A 55 -1.81 6.50 -4.42
CA LEU A 55 -0.53 5.73 -4.32
C LEU A 55 -0.23 5.04 -5.66
N ASP A 56 -0.99 4.03 -5.99
CA ASP A 56 -0.76 3.30 -7.27
C ASP A 56 -0.70 4.29 -8.44
N LEU A 57 -1.66 5.17 -8.55
CA LEU A 57 -1.66 6.15 -9.67
C LEU A 57 -0.44 7.05 -9.59
N TRP A 58 -0.22 7.67 -8.46
CA TRP A 58 0.96 8.56 -8.33
C TRP A 58 2.22 7.84 -8.80
N ILE A 59 2.36 6.59 -8.45
CA ILE A 59 3.56 5.83 -8.89
C ILE A 59 3.61 5.78 -10.42
N TYR A 60 2.48 5.76 -11.07
CA TYR A 60 2.47 5.70 -12.56
C TYR A 60 3.05 6.99 -13.16
N HIS A 61 2.43 8.12 -12.91
CA HIS A 61 2.93 9.40 -13.49
C HIS A 61 4.34 9.73 -12.96
N THR A 62 4.93 8.90 -12.15
CA THR A 62 6.29 9.21 -11.60
C THR A 62 7.40 8.50 -12.38
N GLN A 63 7.76 7.30 -11.99
CA GLN A 63 8.85 6.60 -12.69
C GLN A 63 8.30 5.88 -13.91
N GLY A 64 8.57 4.62 -14.00
CA GLY A 64 8.11 3.80 -15.16
C GLY A 64 7.33 2.56 -14.67
N TYR A 65 7.20 2.38 -13.39
CA TYR A 65 6.49 1.17 -12.89
C TYR A 65 4.99 1.27 -13.13
N PHE A 66 4.41 0.18 -13.59
CA PHE A 66 2.95 0.15 -13.86
C PHE A 66 2.23 -0.47 -12.64
N PRO A 67 1.10 0.06 -12.22
CA PRO A 67 0.37 -0.49 -11.04
C PRO A 67 -0.45 -1.74 -11.38
N ASP A 68 0.12 -2.89 -11.15
CA ASP A 68 -0.59 -4.17 -11.43
C ASP A 68 -0.03 -5.23 -10.49
N TRP A 69 0.66 -4.77 -9.47
CA TRP A 69 1.26 -5.69 -8.48
C TRP A 69 0.58 -5.47 -7.13
N GLN A 70 -0.14 -4.40 -7.05
CA GLN A 70 -0.86 -4.07 -5.80
C GLN A 70 -2.09 -4.96 -5.66
N ASN A 71 -2.05 -5.89 -4.76
CA ASN A 71 -3.19 -6.82 -4.55
C ASN A 71 -3.13 -7.33 -3.11
N TYR A 72 -4.18 -7.91 -2.61
CA TYR A 72 -4.14 -8.40 -1.20
C TYR A 72 -5.28 -9.41 -0.97
N THR A 73 -5.18 -10.15 0.11
CA THR A 73 -6.24 -11.16 0.43
C THR A 73 -7.57 -10.42 0.62
N PRO A 74 -8.62 -11.12 0.98
CA PRO A 74 -9.97 -10.50 1.19
C PRO A 74 -9.93 -9.32 2.17
N GLY A 75 -10.70 -8.30 1.90
CA GLY A 75 -10.73 -7.11 2.80
C GLY A 75 -10.94 -7.52 4.26
N PRO A 76 -12.05 -8.14 4.56
CA PRO A 76 -12.39 -8.57 5.95
C PRO A 76 -11.17 -9.08 6.74
N GLY A 77 -11.21 -8.90 8.03
CA GLY A 77 -10.07 -9.37 8.88
C GLY A 77 -8.76 -8.75 8.39
N ILE A 78 -7.65 -9.18 8.93
CA ILE A 78 -6.33 -8.63 8.50
C ILE A 78 -6.23 -8.78 6.97
N ARG A 79 -5.17 -8.31 6.36
CA ARG A 79 -5.10 -8.45 4.88
C ARG A 79 -3.64 -8.25 4.42
N TYR A 80 -2.97 -9.34 4.09
CA TYR A 80 -1.56 -9.24 3.63
C TYR A 80 -1.53 -9.04 2.11
N PRO A 81 -0.49 -8.48 1.58
CA PRO A 81 -0.36 -8.27 0.11
C PRO A 81 0.00 -9.58 -0.60
N LEU A 82 -0.71 -9.92 -1.63
CA LEU A 82 -0.39 -11.19 -2.34
C LEU A 82 1.07 -11.16 -2.75
N THR A 83 1.53 -10.07 -3.29
CA THR A 83 2.96 -9.99 -3.67
C THR A 83 3.78 -9.96 -2.38
N PHE A 84 4.96 -10.52 -2.42
CA PHE A 84 5.83 -10.56 -1.21
C PHE A 84 6.89 -9.45 -1.33
N GLY A 85 7.55 -9.10 -0.25
CA GLY A 85 8.58 -8.03 -0.32
C GLY A 85 7.96 -6.65 -0.03
N TRP A 86 6.69 -6.51 -0.29
CA TRP A 86 6.02 -5.19 -0.03
C TRP A 86 5.93 -4.97 1.48
N CYS A 87 6.75 -4.07 1.99
CA CYS A 87 6.79 -3.82 3.47
C CYS A 87 5.52 -3.15 3.99
N TYR A 88 4.46 -3.14 3.23
CA TYR A 88 3.20 -2.48 3.72
C TYR A 88 2.04 -3.49 3.71
N LYS A 89 1.43 -3.71 4.83
CA LYS A 89 0.28 -4.66 4.93
C LYS A 89 -0.89 -3.94 5.61
N LEU A 90 -2.09 -4.11 5.13
CA LEU A 90 -3.25 -3.41 5.76
C LEU A 90 -3.69 -4.15 7.02
N VAL A 91 -4.22 -3.42 7.97
CA VAL A 91 -4.67 -4.03 9.25
C VAL A 91 -5.74 -3.09 9.85
N PRO A 92 -6.84 -3.62 10.35
CA PRO A 92 -7.92 -2.78 10.94
C PRO A 92 -7.54 -2.21 12.31
N VAL A 93 -8.28 -1.26 12.79
CA VAL A 93 -7.99 -0.67 14.11
C VAL A 93 -8.66 -1.52 15.18
N GLU A 94 -8.38 -1.24 16.40
CA GLU A 94 -9.00 -2.01 17.52
C GLU A 94 -10.48 -1.62 17.64
N PRO A 95 -11.40 -2.54 17.46
CA PRO A 95 -12.86 -2.23 17.56
C PRO A 95 -13.33 -2.18 19.02
N GLU A 96 -13.70 -1.01 19.49
CA GLU A 96 -14.16 -0.90 20.90
C GLU A 96 -15.37 -1.79 21.12
N LYS A 97 -15.23 -2.82 21.91
CA LYS A 97 -16.37 -3.74 22.16
C LYS A 97 -17.25 -3.16 23.27
N LEU A 98 -17.85 -2.02 23.02
CA LEU A 98 -18.72 -1.40 24.05
C LEU A 98 -20.11 -2.06 24.00
N GLU A 99 -20.18 -3.33 24.26
CA GLU A 99 -21.49 -4.03 24.21
C GLU A 99 -22.32 -3.67 25.45
N GLU A 100 -22.20 -2.47 25.93
CA GLU A 100 -22.99 -2.07 27.13
C GLU A 100 -24.45 -1.88 26.70
N ALA A 101 -24.67 -1.65 25.44
CA ALA A 101 -26.06 -1.47 24.94
C ALA A 101 -26.06 -1.60 23.41
N ASN A 102 -27.21 -1.61 22.79
CA ASN A 102 -27.26 -1.74 21.32
C ASN A 102 -26.27 -0.77 20.69
N LYS A 103 -25.07 -1.22 20.41
CA LYS A 103 -24.05 -0.32 19.80
C LYS A 103 -24.23 -0.28 18.28
N ASP A 104 -23.72 0.74 17.63
CA ASP A 104 -23.86 0.83 16.15
C ASP A 104 -22.64 0.19 15.48
N ASP A 105 -22.67 0.04 14.19
CA ASP A 105 -21.50 -0.57 13.47
C ASP A 105 -21.48 -0.07 12.02
N PRO A 106 -21.17 1.18 11.81
CA PRO A 106 -21.11 1.78 10.46
C PRO A 106 -20.15 1.03 9.53
N GLU A 107 -19.94 1.52 8.33
CA GLU A 107 -19.02 0.84 7.39
C GLU A 107 -17.58 1.21 7.76
N ARG A 108 -17.05 0.60 8.78
CA ARG A 108 -15.65 0.92 9.21
C ARG A 108 -14.64 0.23 8.29
N GLU A 109 -14.82 0.34 7.00
CA GLU A 109 -13.85 -0.30 6.06
C GLU A 109 -12.59 0.56 5.99
N VAL A 110 -12.34 1.31 7.01
CA VAL A 110 -11.15 2.21 7.05
C VAL A 110 -9.95 1.44 7.60
N LEU A 111 -8.98 1.17 6.75
CA LEU A 111 -7.76 0.40 7.20
C LEU A 111 -6.49 1.25 7.05
N GLU A 112 -5.42 0.86 7.73
CA GLU A 112 -4.13 1.61 7.64
C GLU A 112 -3.00 0.71 7.14
N TRP A 113 -2.10 1.26 6.36
CA TRP A 113 -0.93 0.48 5.85
C TRP A 113 0.07 0.32 7.00
N ARG A 114 0.32 -0.89 7.44
CA ARG A 114 1.31 -1.08 8.55
C ARG A 114 2.68 -1.42 7.95
N PHE A 115 3.67 -0.60 8.23
CA PHE A 115 5.03 -0.86 7.67
C PHE A 115 5.62 -2.12 8.30
N ASP A 116 6.14 -3.02 7.48
CA ASP A 116 6.71 -4.27 8.03
C ASP A 116 7.77 -4.82 7.06
N SER A 117 8.95 -4.26 7.04
CA SER A 117 10.01 -4.76 6.12
C SER A 117 10.30 -6.22 6.42
N ARG A 118 9.68 -6.77 7.44
CA ARG A 118 9.92 -8.20 7.74
C ARG A 118 9.46 -9.01 6.53
N LEU A 119 8.52 -8.45 5.81
CA LEU A 119 8.02 -9.11 4.57
C LEU A 119 9.17 -9.17 3.56
N ALA A 120 10.29 -8.61 3.89
CA ALA A 120 11.46 -8.63 2.94
C ALA A 120 12.24 -9.94 3.11
N PHE A 121 11.86 -10.77 4.06
CA PHE A 121 12.60 -12.07 4.27
C PHE A 121 11.70 -13.26 3.90
N HIS A 122 10.64 -13.46 4.62
CA HIS A 122 9.72 -14.60 4.29
C HIS A 122 8.32 -14.27 4.82
N HIS A 123 7.29 -14.55 4.05
CA HIS A 123 5.92 -14.22 4.52
C HIS A 123 4.92 -15.28 4.04
N MET A 124 3.72 -15.25 4.57
CA MET A 124 2.68 -16.23 4.17
C MET A 124 2.06 -15.82 2.83
N ALA A 125 2.23 -14.58 2.45
CA ALA A 125 1.65 -14.11 1.16
C ALA A 125 1.96 -15.13 0.06
N ARG A 126 3.16 -15.63 0.03
CA ARG A 126 3.52 -16.62 -1.04
C ARG A 126 2.85 -17.97 -0.76
N GLU A 127 2.80 -18.37 0.48
CA GLU A 127 2.17 -19.69 0.82
C GLU A 127 0.65 -19.60 0.60
N LEU A 128 0.12 -18.42 0.53
CA LEU A 128 -1.36 -18.29 0.33
C LEU A 128 -1.71 -18.55 -1.14
N HIS A 129 -1.22 -17.74 -2.04
CA HIS A 129 -1.55 -17.96 -3.49
C HIS A 129 -0.36 -17.55 -4.38
N PRO A 130 0.60 -18.42 -4.53
CA PRO A 130 1.78 -18.15 -5.39
C PRO A 130 1.51 -18.48 -6.86
N GLU A 131 0.50 -19.26 -7.12
CA GLU A 131 0.17 -19.63 -8.52
C GLU A 131 -0.31 -18.39 -9.28
N TYR A 132 -0.74 -17.38 -8.57
CA TYR A 132 -1.22 -16.14 -9.26
C TYR A 132 -0.01 -15.35 -9.75
N PHE A 133 1.16 -15.92 -9.67
CA PHE A 133 2.39 -15.21 -10.13
C PHE A 133 3.37 -16.23 -10.70
N LYS A 134 4.63 -15.89 -10.78
CA LYS A 134 5.63 -16.86 -11.32
C LYS A 134 5.93 -17.93 -10.27
N ASN A 135 6.67 -18.93 -10.64
CA ASN A 135 7.01 -20.02 -9.66
C ASN A 135 8.41 -20.57 -9.99
N ALA A 136 9.44 -19.89 -9.57
CA ALA A 136 10.82 -20.38 -9.86
C ALA A 136 11.80 -19.75 -8.87
N ALA A 1 2.79 14.15 2.38
CA ALA A 1 2.03 15.42 2.24
C ALA A 1 1.60 15.60 0.79
N TRP A 2 1.79 14.60 -0.03
CA TRP A 2 1.39 14.71 -1.46
C TRP A 2 -0.15 14.68 -1.51
N LEU A 3 -0.76 14.43 -0.38
CA LEU A 3 -2.25 14.39 -0.32
C LEU A 3 -2.78 15.82 -0.14
N GLU A 4 -2.62 16.37 1.04
CA GLU A 4 -3.10 17.75 1.30
C GLU A 4 -2.14 18.75 0.64
N ALA A 5 -1.73 19.75 1.36
CA ALA A 5 -0.78 20.74 0.78
C ALA A 5 0.60 20.12 0.69
N GLN A 6 1.59 20.87 0.27
CA GLN A 6 2.97 20.31 0.17
C GLN A 6 3.64 20.41 1.53
N GLU A 7 4.74 21.12 1.62
CA GLU A 7 5.44 21.26 2.93
C GLU A 7 6.59 22.27 2.78
N GLU A 8 7.68 22.06 3.46
CA GLU A 8 8.83 23.01 3.34
C GLU A 8 9.56 22.73 2.02
N GLU A 9 9.45 21.53 1.50
CA GLU A 9 10.12 21.19 0.21
C GLU A 9 9.08 21.13 -0.89
N GLU A 10 9.15 22.03 -1.84
CA GLU A 10 8.15 22.01 -2.95
C GLU A 10 8.29 20.72 -3.76
N VAL A 11 7.35 19.82 -3.64
CA VAL A 11 7.43 18.55 -4.40
C VAL A 11 6.95 18.80 -5.83
N GLY A 12 7.40 19.87 -6.43
CA GLY A 12 7.00 20.21 -7.83
C GLY A 12 8.23 20.17 -8.73
N PHE A 13 9.06 19.16 -8.57
CA PHE A 13 10.29 19.06 -9.41
C PHE A 13 9.92 18.38 -10.73
N PRO A 14 10.60 18.71 -11.81
CA PRO A 14 10.32 18.10 -13.14
C PRO A 14 9.94 16.62 -13.05
N VAL A 15 8.66 16.33 -13.07
CA VAL A 15 8.23 14.90 -12.99
C VAL A 15 8.33 14.27 -14.38
N THR A 16 8.54 12.98 -14.45
CA THR A 16 8.65 12.29 -15.78
C THR A 16 7.36 11.50 -16.07
N PRO A 17 6.49 12.01 -16.93
CA PRO A 17 5.21 11.30 -17.28
C PRO A 17 5.46 9.84 -17.71
N GLN A 18 4.52 9.26 -18.41
CA GLN A 18 4.70 7.85 -18.85
C GLN A 18 6.08 7.64 -19.44
N VAL A 19 6.99 7.17 -18.64
CA VAL A 19 8.37 6.88 -19.12
C VAL A 19 8.38 5.45 -19.68
N PRO A 20 9.29 5.12 -20.57
CA PRO A 20 9.37 3.76 -21.15
C PRO A 20 9.00 2.69 -20.12
N LEU A 21 8.00 1.90 -20.41
CA LEU A 21 7.55 0.86 -19.44
C LEU A 21 8.67 -0.15 -19.15
N ARG A 22 9.39 0.05 -18.07
CA ARG A 22 10.47 -0.90 -17.70
C ARG A 22 9.85 -2.06 -16.91
N PRO A 23 10.47 -3.21 -16.89
CA PRO A 23 9.95 -4.40 -16.15
C PRO A 23 10.00 -4.18 -14.63
N MET A 24 8.88 -4.38 -13.96
CA MET A 24 8.85 -4.18 -12.48
C MET A 24 9.71 -5.26 -11.80
N THR A 25 10.75 -4.86 -11.11
CA THR A 25 11.63 -5.87 -10.44
C THR A 25 11.14 -6.16 -9.04
N TYR A 26 11.14 -7.42 -8.65
CA TYR A 26 10.72 -7.76 -7.26
C TYR A 26 11.55 -6.87 -6.34
N LYS A 27 12.79 -6.69 -6.69
CA LYS A 27 13.66 -5.80 -5.90
C LYS A 27 13.05 -4.41 -5.92
N ALA A 28 12.37 -4.04 -6.98
CA ALA A 28 11.76 -2.67 -7.00
C ALA A 28 10.69 -2.57 -5.91
N ALA A 29 10.02 -3.66 -5.62
CA ALA A 29 8.96 -3.63 -4.56
C ALA A 29 9.58 -3.29 -3.21
N VAL A 30 10.58 -4.02 -2.80
CA VAL A 30 11.22 -3.74 -1.48
C VAL A 30 11.90 -2.37 -1.51
N ASP A 31 12.58 -2.06 -2.57
CA ASP A 31 13.25 -0.73 -2.64
C ASP A 31 12.17 0.35 -2.57
N LEU A 32 11.12 0.20 -3.32
CA LEU A 32 10.02 1.21 -3.30
C LEU A 32 9.43 1.29 -1.89
N SER A 33 9.21 0.17 -1.25
CA SER A 33 8.63 0.23 0.13
C SER A 33 9.43 1.19 1.00
N HIS A 34 10.74 1.17 0.88
CA HIS A 34 11.58 2.07 1.71
C HIS A 34 11.52 3.51 1.20
N PHE A 35 11.52 3.71 -0.09
CA PHE A 35 11.47 5.10 -0.61
C PHE A 35 10.25 5.81 -0.02
N LEU A 36 9.09 5.23 -0.15
CA LEU A 36 7.87 5.86 0.41
C LEU A 36 8.01 5.99 1.94
N LYS A 37 8.72 5.08 2.56
CA LYS A 37 8.87 5.16 4.05
C LYS A 37 9.65 6.43 4.42
N GLU A 38 10.69 6.74 3.70
CA GLU A 38 11.49 7.95 4.02
C GLU A 38 10.68 9.21 3.71
N LYS A 39 10.50 9.52 2.45
CA LYS A 39 9.73 10.75 2.08
C LYS A 39 8.23 10.51 2.22
N GLY A 40 7.73 9.43 1.68
CA GLY A 40 6.26 9.15 1.77
C GLY A 40 5.85 8.92 3.22
N GLY A 41 4.61 9.17 3.55
CA GLY A 41 4.11 8.97 4.95
C GLY A 41 2.87 8.08 4.91
N LEU A 42 2.96 6.96 4.23
CA LEU A 42 1.78 6.05 4.13
C LEU A 42 1.68 5.22 5.41
N GLU A 43 2.78 4.91 6.02
CA GLU A 43 2.74 4.10 7.27
C GLU A 43 1.70 4.68 8.24
N GLY A 44 1.03 3.82 8.94
CA GLY A 44 0.01 4.29 9.93
C GLY A 44 -1.01 5.21 9.28
N LEU A 45 -0.91 5.47 8.00
CA LEU A 45 -1.91 6.37 7.34
C LEU A 45 -3.23 5.62 7.15
N ILE A 46 -4.30 6.12 7.72
CA ILE A 46 -5.61 5.43 7.60
C ILE A 46 -6.12 5.40 6.15
N HIS A 47 -6.11 4.23 5.56
CA HIS A 47 -6.60 4.07 4.16
C HIS A 47 -8.12 4.35 4.16
N SER A 48 -8.50 5.52 3.74
CA SER A 48 -9.94 5.88 3.71
C SER A 48 -10.66 5.03 2.65
N GLN A 49 -10.69 5.48 1.43
CA GLN A 49 -11.40 4.72 0.36
C GLN A 49 -10.89 5.19 -1.00
N ARG A 50 -9.93 6.08 -1.02
CA ARG A 50 -9.39 6.59 -2.32
C ARG A 50 -7.87 6.78 -2.23
N ARG A 51 -7.34 6.90 -1.05
CA ARG A 51 -5.88 7.09 -0.90
C ARG A 51 -5.14 5.96 -1.62
N GLN A 52 -5.77 4.82 -1.76
CA GLN A 52 -5.11 3.67 -2.44
C GLN A 52 -4.87 4.01 -3.92
N ASP A 53 -5.87 4.49 -4.60
CA ASP A 53 -5.71 4.84 -6.05
C ASP A 53 -4.58 5.86 -6.23
N ILE A 54 -4.60 6.92 -5.47
CA ILE A 54 -3.54 7.96 -5.60
C ILE A 54 -2.16 7.29 -5.52
N LEU A 55 -2.03 6.26 -4.75
CA LEU A 55 -0.71 5.57 -4.63
C LEU A 55 -0.32 4.94 -5.97
N ASP A 56 -1.05 3.95 -6.40
CA ASP A 56 -0.71 3.28 -7.70
C ASP A 56 -0.54 4.32 -8.81
N LEU A 57 -1.39 5.30 -8.86
CA LEU A 57 -1.28 6.33 -9.93
C LEU A 57 0.03 7.12 -9.77
N TRP A 58 0.30 7.59 -8.59
CA TRP A 58 1.55 8.37 -8.38
C TRP A 58 2.73 7.59 -8.97
N ILE A 59 2.82 6.32 -8.70
CA ILE A 59 3.94 5.51 -9.25
C ILE A 59 3.93 5.57 -10.79
N TYR A 60 2.77 5.64 -11.37
CA TYR A 60 2.69 5.69 -12.87
C TYR A 60 3.36 6.98 -13.38
N HIS A 61 2.91 8.12 -12.94
CA HIS A 61 3.51 9.41 -13.42
C HIS A 61 5.00 9.48 -13.04
N THR A 62 5.51 8.53 -12.29
CA THR A 62 6.96 8.56 -11.90
C THR A 62 7.78 7.63 -12.79
N GLN A 63 8.05 6.43 -12.32
CA GLN A 63 8.86 5.49 -13.13
C GLN A 63 7.98 4.81 -14.19
N GLY A 64 6.70 5.04 -14.14
CA GLY A 64 5.80 4.45 -15.15
C GLY A 64 5.74 2.93 -14.98
N TYR A 65 5.70 2.44 -13.77
CA TYR A 65 5.60 0.97 -13.59
C TYR A 65 4.18 0.56 -13.96
N PHE A 66 4.04 -0.41 -14.81
CA PHE A 66 2.67 -0.83 -15.21
C PHE A 66 1.99 -1.51 -14.01
N PRO A 67 0.74 -1.22 -13.73
CA PRO A 67 0.02 -1.84 -12.59
C PRO A 67 -0.36 -3.30 -12.86
N ASP A 68 0.42 -4.21 -12.37
CA ASP A 68 0.13 -5.66 -12.57
C ASP A 68 0.76 -6.42 -11.40
N TRP A 69 0.99 -5.73 -10.31
CA TRP A 69 1.63 -6.34 -9.11
C TRP A 69 0.86 -5.96 -7.86
N GLN A 70 0.09 -4.91 -7.94
CA GLN A 70 -0.69 -4.45 -6.76
C GLN A 70 -1.91 -5.35 -6.56
N ASN A 71 -1.67 -6.59 -6.19
CA ASN A 71 -2.80 -7.54 -5.96
C ASN A 71 -2.85 -7.91 -4.48
N TYR A 72 -3.91 -8.52 -4.03
CA TYR A 72 -4.02 -8.89 -2.58
C TYR A 72 -5.08 -9.98 -2.41
N THR A 73 -5.14 -10.57 -1.25
CA THR A 73 -6.17 -11.62 -1.01
C THR A 73 -7.57 -11.01 -1.08
N PRO A 74 -8.56 -11.74 -1.51
CA PRO A 74 -9.96 -11.23 -1.61
C PRO A 74 -10.64 -11.18 -0.24
N GLY A 75 -11.92 -10.92 -0.22
CA GLY A 75 -12.65 -10.86 1.07
C GLY A 75 -12.01 -9.80 1.98
N PRO A 76 -12.71 -9.37 3.00
CA PRO A 76 -12.20 -8.35 3.96
C PRO A 76 -11.16 -8.93 4.92
N GLY A 77 -10.90 -8.25 6.01
CA GLY A 77 -9.89 -8.76 6.99
C GLY A 77 -8.52 -8.15 6.71
N ILE A 78 -7.50 -8.61 7.38
CA ILE A 78 -6.13 -8.07 7.16
C ILE A 78 -5.75 -8.33 5.70
N ARG A 79 -5.60 -7.30 4.92
CA ARG A 79 -5.24 -7.52 3.48
C ARG A 79 -3.76 -7.89 3.36
N TYR A 80 -3.48 -9.13 3.08
CA TYR A 80 -2.07 -9.57 2.91
C TYR A 80 -1.71 -9.40 1.43
N PRO A 81 -0.49 -9.04 1.11
CA PRO A 81 -0.07 -8.85 -0.32
C PRO A 81 0.20 -10.17 -1.03
N LEU A 82 -0.43 -10.40 -2.15
CA LEU A 82 -0.13 -11.65 -2.89
C LEU A 82 1.35 -11.60 -3.25
N THR A 83 1.83 -10.43 -3.57
CA THR A 83 3.28 -10.28 -3.89
C THR A 83 4.09 -10.49 -2.61
N PHE A 84 5.38 -10.64 -2.74
CA PHE A 84 6.24 -10.87 -1.53
C PHE A 84 6.96 -9.59 -1.12
N GLY A 85 7.81 -9.13 -1.97
CA GLY A 85 8.63 -7.91 -1.67
C GLY A 85 7.78 -6.73 -1.17
N TRP A 86 6.50 -6.70 -1.43
CA TRP A 86 5.69 -5.54 -0.95
C TRP A 86 5.41 -5.69 0.55
N CYS A 87 6.17 -4.99 1.35
CA CYS A 87 6.02 -5.08 2.83
C CYS A 87 4.92 -4.15 3.33
N TYR A 88 3.74 -4.31 2.80
CA TYR A 88 2.57 -3.46 3.21
C TYR A 88 1.51 -4.36 3.89
N LYS A 89 0.96 -3.93 5.01
CA LYS A 89 -0.05 -4.78 5.72
C LYS A 89 -1.25 -3.94 6.16
N LEU A 90 -2.38 -4.06 5.50
CA LEU A 90 -3.57 -3.26 5.96
C LEU A 90 -4.14 -3.97 7.18
N VAL A 91 -4.54 -3.24 8.21
CA VAL A 91 -5.08 -3.91 9.43
C VAL A 91 -6.06 -2.98 10.16
N PRO A 92 -7.26 -3.43 10.49
CA PRO A 92 -8.26 -2.60 11.23
C PRO A 92 -8.03 -2.68 12.74
N VAL A 93 -7.36 -1.71 13.31
CA VAL A 93 -7.10 -1.72 14.76
C VAL A 93 -8.27 -1.06 15.48
N GLU A 94 -8.76 -1.72 16.47
CA GLU A 94 -9.89 -1.17 17.26
C GLU A 94 -9.39 0.01 18.12
N PRO A 95 -10.21 1.00 18.38
CA PRO A 95 -9.80 2.17 19.21
C PRO A 95 -9.88 1.85 20.71
N GLU A 96 -9.70 0.61 21.07
CA GLU A 96 -9.78 0.22 22.51
C GLU A 96 -8.73 0.98 23.31
N LYS A 97 -7.52 1.06 22.82
CA LYS A 97 -6.45 1.78 23.56
C LYS A 97 -6.54 3.28 23.28
N LEU A 98 -7.38 3.66 22.36
CA LEU A 98 -7.54 5.11 22.04
C LEU A 98 -8.52 5.73 23.05
N GLU A 99 -9.77 5.73 22.70
CA GLU A 99 -10.81 6.30 23.58
C GLU A 99 -12.18 5.77 23.16
N GLU A 100 -13.18 5.94 23.97
CA GLU A 100 -14.54 5.43 23.61
C GLU A 100 -15.12 6.32 22.50
N ALA A 101 -15.84 5.73 21.59
CA ALA A 101 -16.44 6.53 20.48
C ALA A 101 -17.51 5.70 19.78
N ASN A 102 -18.65 6.29 19.50
CA ASN A 102 -19.73 5.53 18.81
C ASN A 102 -19.40 5.39 17.32
N LYS A 103 -19.95 4.39 16.68
CA LYS A 103 -19.68 4.19 15.22
C LYS A 103 -20.87 4.68 14.39
N ASP A 104 -20.64 5.60 13.49
CA ASP A 104 -21.76 6.12 12.65
C ASP A 104 -21.23 6.52 11.27
N ASP A 105 -20.27 7.40 11.24
CA ASP A 105 -19.70 7.86 9.92
C ASP A 105 -18.62 6.88 9.46
N PRO A 106 -17.74 6.47 10.33
CA PRO A 106 -16.63 5.52 9.98
C PRO A 106 -17.17 4.16 9.52
N GLU A 107 -18.23 4.14 8.76
CA GLU A 107 -18.78 2.85 8.29
C GLU A 107 -17.97 2.33 7.09
N ARG A 108 -17.13 3.16 6.53
CA ARG A 108 -16.32 2.73 5.37
C ARG A 108 -15.15 1.85 5.83
N GLU A 109 -14.34 1.40 4.92
CA GLU A 109 -13.19 0.53 5.31
C GLU A 109 -12.09 1.39 5.95
N VAL A 110 -12.05 1.41 7.25
CA VAL A 110 -11.03 2.22 7.97
C VAL A 110 -9.82 1.34 8.27
N LEU A 111 -8.90 1.26 7.34
CA LEU A 111 -7.67 0.41 7.53
C LEU A 111 -6.41 1.27 7.55
N GLU A 112 -5.48 0.96 8.43
CA GLU A 112 -4.21 1.74 8.51
C GLU A 112 -3.05 0.96 7.87
N TRP A 113 -2.24 1.64 7.12
CA TRP A 113 -1.08 0.98 6.45
C TRP A 113 0.00 0.69 7.49
N ARG A 114 0.20 -0.54 7.81
CA ARG A 114 1.27 -0.91 8.79
C ARG A 114 2.50 -1.32 7.99
N PHE A 115 3.40 -0.40 7.79
CA PHE A 115 4.64 -0.71 7.02
C PHE A 115 5.49 -1.69 7.83
N ASP A 116 6.08 -2.67 7.17
CA ASP A 116 6.92 -3.66 7.90
C ASP A 116 7.97 -4.23 6.94
N SER A 117 8.87 -3.39 6.48
CA SER A 117 9.94 -3.85 5.52
C SER A 117 10.48 -5.22 5.94
N ARG A 118 10.25 -5.64 7.16
CA ARG A 118 10.75 -6.97 7.59
C ARG A 118 10.07 -8.06 6.75
N LEU A 119 9.02 -7.71 6.06
CA LEU A 119 8.31 -8.71 5.21
C LEU A 119 9.27 -9.17 4.11
N ALA A 120 10.46 -8.64 4.09
CA ALA A 120 11.44 -9.01 3.05
C ALA A 120 11.97 -10.42 3.31
N PHE A 121 11.60 -11.01 4.42
CA PHE A 121 12.10 -12.40 4.73
C PHE A 121 11.01 -13.24 5.40
N HIS A 122 9.81 -12.74 5.50
CA HIS A 122 8.73 -13.56 6.16
C HIS A 122 8.29 -14.67 5.21
N HIS A 123 7.07 -15.13 5.34
CA HIS A 123 6.57 -16.22 4.44
C HIS A 123 5.10 -16.47 4.74
N MET A 124 4.37 -15.45 5.10
CA MET A 124 2.92 -15.64 5.41
C MET A 124 2.13 -15.69 4.10
N ALA A 125 2.13 -14.64 3.34
CA ALA A 125 1.36 -14.64 2.06
C ALA A 125 1.72 -15.89 1.26
N ARG A 126 2.88 -16.45 1.49
CA ARG A 126 3.29 -17.67 0.74
C ARG A 126 2.51 -18.88 1.26
N GLU A 127 2.60 -19.16 2.53
CA GLU A 127 1.88 -20.34 3.10
C GLU A 127 0.37 -20.11 3.08
N LEU A 128 -0.06 -18.88 3.14
CA LEU A 128 -1.53 -18.61 3.13
C LEU A 128 -2.10 -18.77 1.71
N HIS A 129 -1.34 -18.46 0.70
CA HIS A 129 -1.87 -18.60 -0.70
C HIS A 129 -0.73 -18.94 -1.67
N PRO A 130 -0.26 -20.16 -1.65
CA PRO A 130 0.83 -20.63 -2.54
C PRO A 130 0.30 -21.19 -3.87
N GLU A 131 -0.93 -21.66 -3.87
CA GLU A 131 -1.52 -22.22 -5.11
C GLU A 131 -1.60 -21.15 -6.20
N TYR A 132 -1.61 -19.90 -5.83
CA TYR A 132 -1.68 -18.83 -6.86
C TYR A 132 -0.31 -18.69 -7.55
N PHE A 133 0.74 -18.81 -6.80
CA PHE A 133 2.11 -18.71 -7.40
C PHE A 133 2.60 -20.11 -7.75
N LYS A 134 2.84 -20.37 -9.02
CA LYS A 134 3.33 -21.73 -9.40
C LYS A 134 4.80 -21.87 -9.05
N ASN A 135 5.11 -22.58 -7.99
CA ASN A 135 6.53 -22.76 -7.60
C ASN A 135 7.34 -23.24 -8.80
N ALA A 136 8.63 -23.34 -8.66
CA ALA A 136 9.47 -23.80 -9.80
C ALA A 136 10.80 -24.35 -9.27
N ALA A 1 7.41 12.49 -1.45
CA ALA A 1 7.41 13.71 -0.61
C ALA A 1 6.01 14.32 -0.61
N TRP A 2 5.01 13.56 -0.99
CA TRP A 2 3.63 14.11 -1.00
C TRP A 2 3.13 14.27 0.42
N LEU A 3 3.51 13.39 1.30
CA LEU A 3 2.94 13.46 2.65
C LEU A 3 3.38 14.77 3.32
N GLU A 4 4.64 15.12 3.20
CA GLU A 4 5.11 16.39 3.83
C GLU A 4 4.68 17.57 2.97
N ALA A 5 4.16 17.31 1.80
CA ALA A 5 3.71 18.41 0.90
C ALA A 5 2.42 19.02 1.44
N GLN A 6 2.36 20.32 1.49
CA GLN A 6 1.12 21.00 2.01
C GLN A 6 0.10 21.12 0.88
N GLU A 7 0.50 21.65 -0.25
CA GLU A 7 -0.45 21.79 -1.39
C GLU A 7 -0.47 20.49 -2.20
N GLU A 8 -0.88 19.41 -1.60
CA GLU A 8 -0.92 18.12 -2.34
C GLU A 8 -1.84 18.25 -3.55
N GLU A 9 -2.93 18.95 -3.42
CA GLU A 9 -3.86 19.12 -4.57
C GLU A 9 -3.28 20.12 -5.55
N GLU A 10 -2.04 19.94 -5.93
CA GLU A 10 -1.43 20.89 -6.91
C GLU A 10 -0.11 20.31 -7.42
N VAL A 11 -0.18 19.44 -8.40
CA VAL A 11 1.07 18.85 -8.95
C VAL A 11 1.71 19.83 -9.93
N GLY A 12 1.98 21.02 -9.48
CA GLY A 12 2.59 22.04 -10.38
C GLY A 12 4.07 21.71 -10.60
N PHE A 13 4.37 20.57 -11.18
CA PHE A 13 5.78 20.21 -11.43
C PHE A 13 5.84 19.26 -12.64
N PRO A 14 6.84 19.37 -13.49
CA PRO A 14 6.95 18.49 -14.68
C PRO A 14 6.55 17.04 -14.36
N VAL A 15 5.35 16.67 -14.67
CA VAL A 15 4.90 15.27 -14.38
C VAL A 15 5.30 14.34 -15.52
N THR A 16 5.85 13.20 -15.19
CA THR A 16 6.27 12.23 -16.24
C THR A 16 5.08 11.29 -16.54
N PRO A 17 4.51 11.31 -17.72
CA PRO A 17 3.34 10.44 -18.04
C PRO A 17 3.76 9.00 -18.34
N GLN A 18 2.92 8.25 -18.99
CA GLN A 18 3.24 6.83 -19.29
C GLN A 18 4.67 6.70 -19.78
N VAL A 19 5.56 6.36 -18.88
CA VAL A 19 6.98 6.16 -19.26
C VAL A 19 7.14 4.68 -19.64
N PRO A 20 8.10 4.34 -20.46
CA PRO A 20 8.32 2.93 -20.89
C PRO A 20 7.99 1.94 -19.76
N LEU A 21 7.02 1.10 -19.98
CA LEU A 21 6.61 0.13 -18.91
C LEU A 21 7.77 -0.79 -18.55
N ARG A 22 8.47 -0.48 -17.50
CA ARG A 22 9.61 -1.34 -17.05
C ARG A 22 9.03 -2.50 -16.21
N PRO A 23 9.68 -3.64 -16.18
CA PRO A 23 9.21 -4.79 -15.36
C PRO A 23 9.49 -4.59 -13.87
N MET A 24 8.48 -4.69 -13.04
CA MET A 24 8.69 -4.48 -11.58
C MET A 24 9.58 -5.61 -11.02
N THR A 25 10.70 -5.26 -10.43
CA THR A 25 11.62 -6.31 -9.88
C THR A 25 11.29 -6.61 -8.42
N TYR A 26 11.44 -7.84 -8.02
CA TYR A 26 11.18 -8.19 -6.59
C TYR A 26 11.97 -7.17 -5.77
N LYS A 27 13.18 -6.92 -6.20
CA LYS A 27 14.03 -5.92 -5.51
C LYS A 27 13.34 -4.56 -5.64
N ALA A 28 12.63 -4.31 -6.72
CA ALA A 28 11.97 -2.97 -6.85
C ALA A 28 10.84 -2.86 -5.82
N ALA A 29 10.19 -3.94 -5.49
CA ALA A 29 9.08 -3.88 -4.50
C ALA A 29 9.61 -3.44 -3.13
N VAL A 30 10.60 -4.12 -2.62
CA VAL A 30 11.15 -3.74 -1.29
C VAL A 30 11.79 -2.35 -1.37
N ASP A 31 12.55 -2.09 -2.39
CA ASP A 31 13.19 -0.75 -2.49
C ASP A 31 12.09 0.30 -2.54
N LEU A 32 11.05 0.06 -3.30
CA LEU A 32 9.93 1.02 -3.37
C LEU A 32 9.32 1.20 -1.99
N SER A 33 9.20 0.14 -1.23
CA SER A 33 8.60 0.25 0.13
C SER A 33 9.25 1.42 0.89
N HIS A 34 10.55 1.39 1.03
CA HIS A 34 11.24 2.50 1.77
C HIS A 34 11.19 3.79 0.95
N PHE A 35 11.19 3.69 -0.35
CA PHE A 35 11.14 4.93 -1.16
C PHE A 35 9.88 5.72 -0.79
N LEU A 36 8.74 5.13 -0.94
CA LEU A 36 7.47 5.84 -0.60
C LEU A 36 7.43 6.19 0.90
N LYS A 37 8.25 5.57 1.72
CA LYS A 37 8.18 5.89 3.17
C LYS A 37 8.41 7.39 3.39
N GLU A 38 9.62 7.85 3.31
CA GLU A 38 9.89 9.30 3.53
C GLU A 38 9.22 10.11 2.40
N LYS A 39 9.28 9.63 1.20
CA LYS A 39 8.65 10.34 0.07
C LYS A 39 7.17 10.04 0.05
N GLY A 40 6.53 10.11 1.19
CA GLY A 40 5.06 9.81 1.28
C GLY A 40 4.83 8.81 2.42
N GLY A 41 4.96 9.24 3.65
CA GLY A 41 4.76 8.31 4.81
C GLY A 41 3.39 7.63 4.73
N LEU A 42 3.31 6.54 4.01
CA LEU A 42 2.00 5.83 3.91
C LEU A 42 1.80 5.00 5.19
N GLU A 43 2.85 4.74 5.91
CA GLU A 43 2.74 3.95 7.17
C GLU A 43 1.65 4.54 8.07
N GLY A 44 1.00 3.67 8.80
CA GLY A 44 -0.07 4.11 9.75
C GLY A 44 -1.02 5.12 9.09
N LEU A 45 -0.93 5.32 7.81
CA LEU A 45 -1.86 6.29 7.14
C LEU A 45 -3.23 5.63 6.97
N ILE A 46 -4.16 5.91 7.85
CA ILE A 46 -5.51 5.29 7.74
C ILE A 46 -6.08 5.52 6.34
N HIS A 47 -6.21 4.47 5.57
CA HIS A 47 -6.76 4.60 4.19
C HIS A 47 -8.20 5.09 4.26
N SER A 48 -8.43 6.31 3.86
CA SER A 48 -9.82 6.87 3.92
C SER A 48 -10.72 6.18 2.90
N GLN A 49 -10.76 6.66 1.68
CA GLN A 49 -11.65 6.03 0.65
C GLN A 49 -10.97 6.05 -0.72
N ARG A 50 -9.97 6.87 -0.91
CA ARG A 50 -9.29 6.95 -2.24
C ARG A 50 -7.78 7.12 -2.06
N ARG A 51 -7.29 7.08 -0.84
CA ARG A 51 -5.83 7.23 -0.63
C ARG A 51 -5.12 6.15 -1.45
N GLN A 52 -5.75 5.03 -1.66
CA GLN A 52 -5.10 3.95 -2.46
C GLN A 52 -4.89 4.45 -3.88
N ASP A 53 -5.82 5.21 -4.40
CA ASP A 53 -5.67 5.74 -5.78
C ASP A 53 -4.37 6.53 -5.88
N ILE A 54 -4.21 7.53 -5.05
CA ILE A 54 -2.95 8.33 -5.08
C ILE A 54 -1.75 7.37 -5.07
N LEU A 55 -1.80 6.35 -4.27
CA LEU A 55 -0.67 5.40 -4.20
C LEU A 55 -0.43 4.78 -5.60
N ASP A 56 -1.28 3.88 -6.01
CA ASP A 56 -1.12 3.23 -7.34
C ASP A 56 -0.99 4.30 -8.44
N LEU A 57 -1.78 5.33 -8.37
CA LEU A 57 -1.72 6.39 -9.43
C LEU A 57 -0.36 7.08 -9.40
N TRP A 58 0.02 7.65 -8.29
CA TRP A 58 1.33 8.35 -8.21
C TRP A 58 2.41 7.49 -8.85
N ILE A 59 2.43 6.22 -8.59
CA ILE A 59 3.46 5.34 -9.20
C ILE A 59 3.31 5.38 -10.72
N TYR A 60 2.11 5.45 -11.22
CA TYR A 60 1.91 5.48 -12.70
C TYR A 60 2.49 6.77 -13.31
N HIS A 61 1.98 7.91 -12.91
CA HIS A 61 2.50 9.20 -13.46
C HIS A 61 3.98 9.39 -13.12
N THR A 62 4.62 8.39 -12.55
CA THR A 62 6.07 8.54 -12.18
C THR A 62 6.90 7.40 -12.79
N GLN A 63 6.91 6.26 -12.15
CA GLN A 63 7.71 5.12 -12.68
C GLN A 63 6.92 4.39 -13.77
N GLY A 64 5.66 4.67 -13.88
CA GLY A 64 4.84 4.01 -14.94
C GLY A 64 4.70 2.51 -14.66
N TYR A 65 4.99 2.06 -13.47
CA TYR A 65 4.83 0.60 -13.19
C TYR A 65 3.33 0.29 -13.13
N PHE A 66 2.92 -0.76 -13.76
CA PHE A 66 1.47 -1.11 -13.75
C PHE A 66 1.11 -1.69 -12.36
N PRO A 67 0.07 -1.21 -11.71
CA PRO A 67 -0.31 -1.71 -10.36
C PRO A 67 -0.94 -3.12 -10.41
N ASP A 68 -0.39 -4.00 -11.19
CA ASP A 68 -0.95 -5.38 -11.27
C ASP A 68 -0.23 -6.24 -10.21
N TRP A 69 0.31 -5.61 -9.21
CA TRP A 69 1.04 -6.36 -8.14
C TRP A 69 0.44 -6.04 -6.77
N GLN A 70 -0.33 -5.00 -6.72
CA GLN A 70 -0.95 -4.59 -5.43
C GLN A 70 -2.13 -5.53 -5.10
N ASN A 71 -1.85 -6.77 -4.78
CA ASN A 71 -2.95 -7.74 -4.44
C ASN A 71 -2.95 -8.03 -2.94
N TYR A 72 -4.02 -8.60 -2.44
CA TYR A 72 -4.11 -8.91 -0.98
C TYR A 72 -5.22 -9.95 -0.77
N THR A 73 -5.15 -10.70 0.28
CA THR A 73 -6.20 -11.74 0.52
C THR A 73 -7.56 -11.06 0.79
N PRO A 74 -8.60 -11.42 0.09
CA PRO A 74 -9.96 -10.83 0.30
C PRO A 74 -10.77 -11.60 1.35
N GLY A 75 -10.55 -11.35 2.61
CA GLY A 75 -11.34 -12.09 3.63
C GLY A 75 -11.08 -11.52 5.04
N PRO A 76 -10.00 -11.91 5.66
CA PRO A 76 -9.64 -11.44 7.04
C PRO A 76 -9.25 -9.97 7.08
N GLY A 77 -9.33 -9.37 8.24
CA GLY A 77 -8.96 -7.93 8.37
C GLY A 77 -7.49 -7.76 7.98
N ILE A 78 -6.60 -8.34 8.73
CA ILE A 78 -5.15 -8.21 8.39
C ILE A 78 -4.97 -8.63 6.93
N ARG A 79 -5.01 -7.70 6.02
CA ARG A 79 -4.86 -8.04 4.57
C ARG A 79 -3.38 -8.33 4.26
N TYR A 80 -3.04 -9.57 4.03
CA TYR A 80 -1.63 -9.91 3.69
C TYR A 80 -1.41 -9.72 2.18
N PRO A 81 -0.30 -9.18 1.76
CA PRO A 81 -0.03 -8.97 0.31
C PRO A 81 0.35 -10.28 -0.39
N LEU A 82 -0.40 -10.67 -1.39
CA LEU A 82 -0.08 -11.93 -2.09
C LEU A 82 1.31 -11.81 -2.73
N THR A 83 1.62 -10.67 -3.30
CA THR A 83 2.96 -10.49 -3.92
C THR A 83 4.03 -10.51 -2.83
N PHE A 84 5.23 -10.89 -3.18
CA PHE A 84 6.34 -10.95 -2.18
C PHE A 84 7.19 -9.68 -2.25
N GLY A 85 7.79 -9.28 -1.17
CA GLY A 85 8.66 -8.07 -1.17
C GLY A 85 7.86 -6.84 -0.74
N TRP A 86 6.61 -6.79 -1.06
CA TRP A 86 5.78 -5.60 -0.66
C TRP A 86 5.52 -5.68 0.84
N CYS A 87 6.31 -4.98 1.60
CA CYS A 87 6.16 -5.01 3.08
C CYS A 87 5.12 -4.02 3.57
N TYR A 88 3.97 -4.00 2.96
CA TYR A 88 2.88 -3.06 3.39
C TYR A 88 1.63 -3.89 3.70
N LYS A 89 1.40 -4.16 4.96
CA LYS A 89 0.20 -4.97 5.36
C LYS A 89 -0.94 -4.04 5.77
N LEU A 90 -2.09 -4.17 5.17
CA LEU A 90 -3.23 -3.30 5.58
C LEU A 90 -3.81 -3.83 6.88
N VAL A 91 -4.50 -3.02 7.63
CA VAL A 91 -5.09 -3.48 8.92
C VAL A 91 -6.25 -2.53 9.31
N PRO A 92 -7.44 -3.04 9.58
CA PRO A 92 -8.60 -2.17 9.95
C PRO A 92 -8.52 -1.71 11.41
N VAL A 93 -9.31 -0.73 11.77
CA VAL A 93 -9.28 -0.22 13.17
C VAL A 93 -10.13 -1.12 14.05
N GLU A 94 -10.28 -2.35 13.64
CA GLU A 94 -11.10 -3.32 14.42
C GLU A 94 -10.62 -4.75 14.12
N PRO A 95 -9.50 -5.14 14.67
CA PRO A 95 -8.94 -6.50 14.47
C PRO A 95 -9.62 -7.54 15.38
N GLU A 96 -10.66 -7.14 16.06
CA GLU A 96 -11.38 -8.09 16.95
C GLU A 96 -11.95 -9.23 16.12
N LYS A 97 -11.35 -10.38 16.17
CA LYS A 97 -11.87 -11.54 15.38
C LYS A 97 -12.97 -12.25 16.16
N LEU A 98 -13.41 -11.68 17.25
CA LEU A 98 -14.48 -12.32 18.06
C LEU A 98 -15.86 -11.99 17.46
N GLU A 99 -16.89 -12.63 17.95
CA GLU A 99 -18.25 -12.36 17.41
C GLU A 99 -18.78 -11.04 17.99
N GLU A 100 -18.95 -10.05 17.16
CA GLU A 100 -19.47 -8.74 17.66
C GLU A 100 -20.97 -8.86 17.93
N ALA A 101 -21.36 -8.84 19.17
CA ALA A 101 -22.81 -8.94 19.50
C ALA A 101 -23.59 -7.85 18.76
N ASN A 102 -22.91 -6.85 18.29
CA ASN A 102 -23.62 -5.76 17.56
C ASN A 102 -24.31 -6.33 16.32
N LYS A 103 -24.74 -5.49 15.42
CA LYS A 103 -25.43 -5.99 14.19
C LYS A 103 -25.13 -5.05 13.03
N ASP A 104 -23.94 -4.51 12.98
CA ASP A 104 -23.58 -3.58 11.87
C ASP A 104 -22.07 -3.67 11.61
N ASP A 105 -21.60 -3.01 10.58
CA ASP A 105 -20.14 -3.06 10.28
C ASP A 105 -19.75 -1.81 9.48
N PRO A 106 -18.52 -1.36 9.59
CA PRO A 106 -18.05 -0.16 8.86
C PRO A 106 -17.89 -0.43 7.35
N GLU A 107 -18.77 0.09 6.55
CA GLU A 107 -18.68 -0.13 5.09
C GLU A 107 -17.57 0.76 4.53
N ARG A 108 -17.06 1.65 5.34
CA ARG A 108 -15.97 2.56 4.87
C ARG A 108 -14.64 1.82 4.92
N GLU A 109 -13.85 1.91 3.88
CA GLU A 109 -12.54 1.19 3.87
C GLU A 109 -11.53 1.93 4.75
N VAL A 110 -11.69 1.85 6.04
CA VAL A 110 -10.75 2.54 6.97
C VAL A 110 -9.62 1.58 7.33
N LEU A 111 -8.70 1.42 6.42
CA LEU A 111 -7.54 0.48 6.66
C LEU A 111 -6.23 1.26 6.71
N GLU A 112 -5.41 1.01 7.70
CA GLU A 112 -4.09 1.73 7.81
C GLU A 112 -2.96 0.85 7.28
N TRP A 113 -2.08 1.44 6.52
CA TRP A 113 -0.94 0.68 5.95
C TRP A 113 0.10 0.42 7.05
N ARG A 114 0.31 -0.82 7.39
CA ARG A 114 1.31 -1.15 8.45
C ARG A 114 2.66 -1.45 7.80
N PHE A 115 3.56 -0.52 7.88
CA PHE A 115 4.92 -0.73 7.27
C PHE A 115 5.67 -1.82 8.06
N ASP A 116 6.28 -2.75 7.37
CA ASP A 116 7.02 -3.84 8.08
C ASP A 116 8.12 -4.39 7.16
N SER A 117 9.00 -3.53 6.70
CA SER A 117 10.10 -3.95 5.77
C SER A 117 10.66 -5.34 6.13
N ARG A 118 10.51 -5.78 7.35
CA ARG A 118 11.04 -7.13 7.71
C ARG A 118 10.34 -8.17 6.84
N LEU A 119 9.26 -7.79 6.23
CA LEU A 119 8.51 -8.71 5.34
C LEU A 119 9.39 -9.07 4.15
N ALA A 120 10.61 -8.58 4.14
CA ALA A 120 11.51 -8.89 3.00
C ALA A 120 12.06 -10.31 3.14
N PHE A 121 11.72 -11.02 4.20
CA PHE A 121 12.26 -12.42 4.36
C PHE A 121 11.21 -13.36 4.96
N HIS A 122 9.97 -12.94 5.06
CA HIS A 122 8.94 -13.86 5.65
C HIS A 122 8.59 -14.97 4.64
N HIS A 123 7.41 -15.54 4.74
CA HIS A 123 7.01 -16.60 3.79
C HIS A 123 5.56 -17.01 4.08
N MET A 124 4.78 -16.11 4.61
CA MET A 124 3.36 -16.42 4.92
C MET A 124 2.51 -16.30 3.65
N ALA A 125 2.33 -15.09 3.16
CA ALA A 125 1.52 -14.90 1.93
C ALA A 125 1.96 -15.90 0.87
N ARG A 126 3.20 -16.27 0.88
CA ARG A 126 3.71 -17.26 -0.13
C ARG A 126 3.20 -18.65 0.21
N GLU A 127 3.39 -19.09 1.43
CA GLU A 127 2.93 -20.44 1.83
C GLU A 127 1.39 -20.49 1.88
N LEU A 128 0.75 -19.35 1.87
CA LEU A 128 -0.73 -19.34 1.93
C LEU A 128 -1.31 -19.74 0.56
N HIS A 129 -1.06 -18.95 -0.46
CA HIS A 129 -1.59 -19.28 -1.81
C HIS A 129 -0.63 -18.80 -2.89
N PRO A 130 0.44 -19.53 -3.12
CA PRO A 130 1.47 -19.16 -4.13
C PRO A 130 1.10 -19.67 -5.53
N GLU A 131 0.50 -20.81 -5.63
CA GLU A 131 0.13 -21.35 -6.97
C GLU A 131 -0.65 -20.30 -7.75
N TYR A 132 -1.10 -19.27 -7.10
CA TYR A 132 -1.87 -18.21 -7.81
C TYR A 132 -0.90 -17.30 -8.57
N PHE A 133 0.34 -17.68 -8.70
CA PHE A 133 1.33 -16.84 -9.44
C PHE A 133 2.37 -17.72 -10.11
N LYS A 134 1.99 -18.86 -10.60
CA LYS A 134 2.98 -19.75 -11.28
C LYS A 134 3.58 -19.01 -12.47
N ASN A 135 2.97 -17.92 -12.87
CA ASN A 135 3.51 -17.14 -14.02
C ASN A 135 2.85 -15.76 -14.03
N ALA A 136 3.28 -14.88 -13.17
CA ALA A 136 2.68 -13.51 -13.13
C ALA A 136 3.65 -12.55 -12.46
N ALA A 1 -3.72 16.39 3.14
CA ALA A 1 -2.81 16.92 2.08
C ALA A 1 -1.55 16.02 2.00
N TRP A 2 -1.76 14.75 1.78
CA TRP A 2 -0.60 13.82 1.68
C TRP A 2 0.14 14.05 0.36
N LEU A 3 0.13 13.10 -0.54
CA LEU A 3 0.84 13.32 -1.84
C LEU A 3 -0.06 14.14 -2.78
N GLU A 4 -1.13 14.68 -2.26
CA GLU A 4 -2.04 15.49 -3.13
C GLU A 4 -1.44 16.88 -3.35
N ALA A 5 -0.68 17.03 -4.38
CA ALA A 5 -0.05 18.35 -4.66
C ALA A 5 -1.13 19.32 -5.18
N GLN A 6 -2.36 19.11 -4.80
CA GLN A 6 -3.45 20.02 -5.26
C GLN A 6 -3.41 21.32 -4.45
N GLU A 7 -2.23 21.78 -4.13
CA GLU A 7 -2.10 23.04 -3.35
C GLU A 7 -1.97 24.22 -4.31
N GLU A 8 -1.57 25.37 -3.82
CA GLU A 8 -1.41 26.55 -4.70
C GLU A 8 -0.29 26.29 -5.72
N GLU A 9 0.72 25.55 -5.33
CA GLU A 9 1.85 25.26 -6.26
C GLU A 9 1.52 24.01 -7.08
N GLU A 10 1.77 24.04 -8.37
CA GLU A 10 1.46 22.84 -9.23
C GLU A 10 2.72 21.97 -9.38
N VAL A 11 2.62 20.89 -10.10
CA VAL A 11 3.82 20.00 -10.28
C VAL A 11 4.72 20.62 -11.36
N GLY A 12 5.04 21.87 -11.23
CA GLY A 12 5.90 22.53 -12.25
C GLY A 12 5.13 22.60 -13.57
N PHE A 13 5.42 21.71 -14.48
CA PHE A 13 4.67 21.71 -15.79
C PHE A 13 3.39 20.90 -15.58
N PRO A 14 2.56 20.76 -16.58
CA PRO A 14 1.30 19.98 -16.44
C PRO A 14 1.58 18.53 -16.05
N VAL A 15 0.56 17.71 -15.99
CA VAL A 15 0.79 16.28 -15.60
C VAL A 15 1.24 15.49 -16.82
N THR A 16 2.40 14.91 -16.74
CA THR A 16 2.94 14.10 -17.87
C THR A 16 3.40 12.73 -17.33
N PRO A 17 3.28 11.67 -18.09
CA PRO A 17 3.71 10.32 -17.64
C PRO A 17 5.22 10.24 -17.44
N GLN A 18 5.75 9.05 -17.34
CA GLN A 18 7.21 8.87 -17.12
C GLN A 18 7.77 7.87 -18.14
N VAL A 19 8.83 7.22 -17.79
CA VAL A 19 9.53 6.30 -18.72
C VAL A 19 8.63 5.08 -19.01
N PRO A 20 8.80 4.44 -20.15
CA PRO A 20 7.99 3.26 -20.55
C PRO A 20 7.64 2.34 -19.38
N LEU A 21 6.71 1.45 -19.60
CA LEU A 21 6.28 0.51 -18.52
C LEU A 21 7.45 -0.40 -18.12
N ARG A 22 8.12 -0.09 -17.04
CA ARG A 22 9.26 -0.95 -16.61
C ARG A 22 8.70 -2.20 -15.89
N PRO A 23 9.43 -3.30 -15.90
CA PRO A 23 8.98 -4.57 -15.24
C PRO A 23 8.93 -4.44 -13.71
N MET A 24 7.79 -4.72 -13.12
CA MET A 24 7.67 -4.63 -11.62
C MET A 24 8.60 -5.68 -10.99
N THR A 25 9.72 -5.25 -10.45
CA THR A 25 10.68 -6.22 -9.84
C THR A 25 10.35 -6.44 -8.36
N TYR A 26 10.39 -7.68 -7.93
CA TYR A 26 10.13 -7.96 -6.50
C TYR A 26 11.06 -7.03 -5.72
N LYS A 27 12.25 -6.91 -6.22
CA LYS A 27 13.24 -6.00 -5.61
C LYS A 27 12.70 -4.57 -5.69
N ALA A 28 11.99 -4.22 -6.75
CA ALA A 28 11.45 -2.82 -6.82
C ALA A 28 10.42 -2.62 -5.72
N ALA A 29 9.67 -3.63 -5.38
CA ALA A 29 8.65 -3.49 -4.31
C ALA A 29 9.35 -3.11 -3.00
N VAL A 30 10.37 -3.83 -2.63
CA VAL A 30 11.08 -3.50 -1.36
C VAL A 30 11.75 -2.14 -1.49
N ASP A 31 12.45 -1.90 -2.57
CA ASP A 31 13.11 -0.58 -2.72
C ASP A 31 12.03 0.50 -2.69
N LEU A 32 10.95 0.28 -3.39
CA LEU A 32 9.85 1.28 -3.38
C LEU A 32 9.29 1.40 -1.96
N SER A 33 9.12 0.30 -1.28
CA SER A 33 8.57 0.36 0.09
C SER A 33 9.37 1.37 0.92
N HIS A 34 10.68 1.24 0.93
CA HIS A 34 11.50 2.21 1.71
C HIS A 34 11.53 3.56 1.01
N PHE A 35 11.48 3.57 -0.30
CA PHE A 35 11.52 4.86 -1.03
C PHE A 35 10.38 5.75 -0.53
N LEU A 36 9.18 5.25 -0.51
CA LEU A 36 8.04 6.07 -0.03
C LEU A 36 8.25 6.44 1.45
N LYS A 37 8.92 5.61 2.19
CA LYS A 37 9.15 5.92 3.64
C LYS A 37 10.05 7.14 3.78
N GLU A 38 10.80 7.49 2.77
CA GLU A 38 11.70 8.68 2.89
C GLU A 38 10.86 9.95 2.96
N LYS A 39 10.38 10.40 1.84
CA LYS A 39 9.57 11.65 1.82
C LYS A 39 8.15 11.37 2.31
N GLY A 40 7.29 10.94 1.44
CA GLY A 40 5.89 10.66 1.84
C GLY A 40 5.84 9.76 3.07
N GLY A 41 4.73 9.74 3.77
CA GLY A 41 4.59 8.88 4.99
C GLY A 41 3.34 8.00 4.83
N LEU A 42 3.46 6.87 4.19
CA LEU A 42 2.28 5.97 4.02
C LEU A 42 2.06 5.16 5.30
N GLU A 43 3.10 4.92 6.05
CA GLU A 43 2.95 4.13 7.30
C GLU A 43 1.87 4.72 8.20
N GLY A 44 1.26 3.90 8.99
CA GLY A 44 0.19 4.38 9.93
C GLY A 44 -0.81 5.28 9.22
N LEU A 45 -0.73 5.41 7.92
CA LEU A 45 -1.70 6.29 7.21
C LEU A 45 -3.03 5.53 7.06
N ILE A 46 -4.04 5.93 7.78
CA ILE A 46 -5.33 5.21 7.67
C ILE A 46 -5.86 5.28 6.23
N HIS A 47 -5.81 4.17 5.55
CA HIS A 47 -6.29 4.12 4.14
C HIS A 47 -7.81 4.29 4.13
N SER A 48 -8.27 5.45 3.77
CA SER A 48 -9.73 5.72 3.73
C SER A 48 -10.37 4.92 2.59
N GLN A 49 -10.14 5.30 1.36
CA GLN A 49 -10.75 4.56 0.22
C GLN A 49 -10.10 5.01 -1.09
N ARG A 50 -10.01 6.29 -1.32
CA ARG A 50 -9.40 6.78 -2.59
C ARG A 50 -7.87 6.92 -2.42
N ARG A 51 -7.38 6.83 -1.22
CA ARG A 51 -5.92 6.99 -0.99
C ARG A 51 -5.12 5.97 -1.82
N GLN A 52 -5.56 4.73 -1.85
CA GLN A 52 -4.81 3.70 -2.65
C GLN A 52 -4.78 4.11 -4.12
N ASP A 53 -5.89 4.56 -4.65
CA ASP A 53 -5.91 4.96 -6.09
C ASP A 53 -4.81 6.00 -6.34
N ILE A 54 -4.64 6.93 -5.46
CA ILE A 54 -3.57 7.96 -5.65
C ILE A 54 -2.20 7.28 -5.66
N LEU A 55 -1.98 6.38 -4.73
CA LEU A 55 -0.66 5.67 -4.69
C LEU A 55 -0.33 5.11 -6.07
N ASP A 56 -1.04 4.11 -6.50
CA ASP A 56 -0.77 3.50 -7.84
C ASP A 56 -0.62 4.61 -8.88
N LEU A 57 -1.38 5.66 -8.76
CA LEU A 57 -1.27 6.77 -9.75
C LEU A 57 0.11 7.41 -9.61
N TRP A 58 0.43 7.90 -8.46
CA TRP A 58 1.77 8.52 -8.27
C TRP A 58 2.84 7.54 -8.74
N ILE A 59 2.72 6.29 -8.39
CA ILE A 59 3.73 5.28 -8.83
C ILE A 59 3.77 5.22 -10.35
N TYR A 60 2.69 5.53 -11.01
CA TYR A 60 2.71 5.49 -12.50
C TYR A 60 3.64 6.60 -13.01
N HIS A 61 3.32 7.83 -12.73
CA HIS A 61 4.15 8.98 -13.20
C HIS A 61 5.53 8.98 -12.53
N THR A 62 6.07 7.82 -12.20
CA THR A 62 7.43 7.76 -11.56
C THR A 62 8.31 6.80 -12.39
N GLN A 63 8.41 5.57 -11.97
CA GLN A 63 9.24 4.59 -12.73
C GLN A 63 8.39 3.96 -13.84
N GLY A 64 7.09 4.16 -13.78
CA GLY A 64 6.20 3.59 -14.84
C GLY A 64 5.80 2.15 -14.49
N TYR A 65 5.77 1.79 -13.24
CA TYR A 65 5.38 0.40 -12.90
C TYR A 65 3.87 0.25 -13.11
N PHE A 66 3.43 -0.89 -13.59
CA PHE A 66 1.96 -1.08 -13.84
C PHE A 66 1.29 -1.69 -12.60
N PRO A 67 0.01 -1.42 -12.38
CA PRO A 67 -0.74 -1.94 -11.21
C PRO A 67 -1.23 -3.38 -11.39
N ASP A 68 -0.50 -4.33 -10.89
CA ASP A 68 -0.92 -5.75 -10.99
C ASP A 68 -0.15 -6.54 -9.93
N TRP A 69 0.33 -5.83 -8.93
CA TRP A 69 1.11 -6.46 -7.84
C TRP A 69 0.44 -6.17 -6.50
N GLN A 70 -0.37 -5.16 -6.47
CA GLN A 70 -1.08 -4.79 -5.21
C GLN A 70 -2.21 -5.78 -4.92
N ASN A 71 -2.01 -6.65 -3.97
CA ASN A 71 -3.07 -7.65 -3.63
C ASN A 71 -2.98 -7.94 -2.12
N TYR A 72 -4.03 -8.47 -1.55
CA TYR A 72 -4.02 -8.75 -0.07
C TYR A 72 -5.12 -9.76 0.28
N THR A 73 -4.96 -10.45 1.37
CA THR A 73 -5.99 -11.45 1.78
C THR A 73 -7.28 -10.72 2.15
N PRO A 74 -8.42 -11.39 2.05
CA PRO A 74 -9.74 -10.80 2.40
C PRO A 74 -9.67 -9.81 3.58
N GLY A 75 -10.67 -8.99 3.73
CA GLY A 75 -10.69 -7.99 4.83
C GLY A 75 -10.40 -8.64 6.19
N PRO A 76 -11.23 -9.55 6.61
CA PRO A 76 -11.07 -10.24 7.93
C PRO A 76 -9.63 -10.70 8.19
N GLY A 77 -9.23 -10.72 9.43
CA GLY A 77 -7.84 -11.15 9.77
C GLY A 77 -6.83 -10.16 9.19
N ILE A 78 -5.70 -10.02 9.82
CA ILE A 78 -4.65 -9.08 9.31
C ILE A 78 -4.51 -9.25 7.79
N ARG A 79 -4.64 -8.18 7.06
CA ARG A 79 -4.54 -8.30 5.58
C ARG A 79 -3.07 -8.48 5.17
N TYR A 80 -2.65 -9.69 4.96
CA TYR A 80 -1.24 -9.93 4.55
C TYR A 80 -1.13 -9.70 3.03
N PRO A 81 -0.02 -9.18 2.56
CA PRO A 81 0.17 -8.93 1.10
C PRO A 81 0.49 -10.22 0.35
N LEU A 82 -0.29 -10.55 -0.65
CA LEU A 82 0.00 -11.80 -1.41
C LEU A 82 1.38 -11.68 -2.05
N THR A 83 1.64 -10.57 -2.69
CA THR A 83 2.98 -10.37 -3.34
C THR A 83 4.05 -10.33 -2.25
N PHE A 84 5.26 -10.72 -2.58
CA PHE A 84 6.36 -10.73 -1.56
C PHE A 84 7.24 -9.48 -1.73
N GLY A 85 7.88 -9.07 -0.66
CA GLY A 85 8.78 -7.89 -0.72
C GLY A 85 8.01 -6.63 -0.31
N TRP A 86 6.74 -6.59 -0.58
CA TRP A 86 5.94 -5.39 -0.20
C TRP A 86 5.69 -5.41 1.31
N CYS A 87 6.50 -4.71 2.05
CA CYS A 87 6.36 -4.70 3.51
C CYS A 87 5.25 -3.72 3.95
N TYR A 88 4.16 -3.71 3.25
CA TYR A 88 3.02 -2.82 3.61
C TYR A 88 1.78 -3.69 3.80
N LYS A 89 1.54 -4.14 5.01
CA LYS A 89 0.35 -4.99 5.28
C LYS A 89 -0.75 -4.13 5.87
N LEU A 90 -1.95 -4.24 5.37
CA LEU A 90 -3.06 -3.43 5.94
C LEU A 90 -3.53 -4.11 7.22
N VAL A 91 -4.23 -3.40 8.07
CA VAL A 91 -4.68 -4.01 9.36
C VAL A 91 -5.96 -3.28 9.83
N PRO A 92 -6.97 -4.00 10.28
CA PRO A 92 -8.24 -3.35 10.77
C PRO A 92 -8.13 -2.89 12.21
N VAL A 93 -8.45 -1.64 12.48
CA VAL A 93 -8.39 -1.13 13.89
C VAL A 93 -9.70 -1.47 14.60
N GLU A 94 -9.84 -2.68 14.99
CA GLU A 94 -11.07 -3.12 15.69
C GLU A 94 -11.15 -2.43 17.07
N PRO A 95 -12.28 -1.83 17.43
CA PRO A 95 -12.41 -1.16 18.75
C PRO A 95 -12.72 -2.15 19.88
N GLU A 96 -11.76 -2.45 20.72
CA GLU A 96 -12.00 -3.41 21.83
C GLU A 96 -13.11 -2.87 22.74
N LYS A 97 -13.36 -1.60 22.70
CA LYS A 97 -14.43 -1.01 23.56
C LYS A 97 -15.79 -1.23 22.89
N LEU A 98 -16.11 -2.46 22.57
CA LEU A 98 -17.43 -2.75 21.93
C LEU A 98 -18.51 -2.81 23.01
N GLU A 99 -19.75 -2.76 22.63
CA GLU A 99 -20.86 -2.83 23.64
C GLU A 99 -22.12 -3.33 22.95
N GLU A 100 -22.67 -2.57 22.05
CA GLU A 100 -23.90 -3.03 21.34
C GLU A 100 -24.16 -2.14 20.13
N ALA A 101 -23.84 -0.88 20.21
CA ALA A 101 -24.08 0.03 19.06
C ALA A 101 -23.22 1.29 19.19
N ASN A 102 -21.94 1.19 18.95
CA ASN A 102 -21.05 2.37 19.06
C ASN A 102 -21.08 3.18 17.76
N LYS A 103 -20.38 2.74 16.75
CA LYS A 103 -20.38 3.48 15.46
C LYS A 103 -19.75 2.64 14.35
N ASP A 104 -20.55 1.84 13.68
CA ASP A 104 -20.02 0.99 12.57
C ASP A 104 -20.18 1.72 11.24
N ASP A 105 -19.15 1.74 10.43
CA ASP A 105 -19.25 2.44 9.11
C ASP A 105 -19.92 1.48 8.10
N PRO A 106 -20.16 1.92 6.89
CA PRO A 106 -20.80 1.06 5.86
C PRO A 106 -19.92 -0.16 5.51
N GLU A 107 -19.91 -0.56 4.28
CA GLU A 107 -19.08 -1.72 3.88
C GLU A 107 -17.63 -1.27 3.68
N ARG A 108 -17.40 0.02 3.62
CA ARG A 108 -16.00 0.52 3.44
C ARG A 108 -15.29 0.48 4.80
N GLU A 109 -14.55 -0.56 5.07
CA GLU A 109 -13.84 -0.64 6.37
C GLU A 109 -12.65 0.32 6.38
N VAL A 110 -12.37 0.92 7.50
CA VAL A 110 -11.22 1.88 7.58
C VAL A 110 -9.95 1.10 7.93
N LEU A 111 -9.03 1.00 7.00
CA LEU A 111 -7.77 0.21 7.24
C LEU A 111 -6.52 1.10 7.16
N GLU A 112 -5.47 0.74 7.86
CA GLU A 112 -4.19 1.53 7.82
C GLU A 112 -3.04 0.71 7.25
N TRP A 113 -2.16 1.37 6.56
CA TRP A 113 -0.95 0.69 5.98
C TRP A 113 0.07 0.46 7.10
N ARG A 114 0.37 -0.76 7.45
CA ARG A 114 1.37 -1.01 8.54
C ARG A 114 2.74 -1.32 7.92
N PHE A 115 3.63 -0.38 7.93
CA PHE A 115 4.99 -0.62 7.36
C PHE A 115 5.72 -1.65 8.22
N ASP A 116 6.30 -2.65 7.60
CA ASP A 116 7.04 -3.70 8.37
C ASP A 116 8.13 -4.30 7.48
N SER A 117 9.16 -3.53 7.22
CA SER A 117 10.28 -4.04 6.35
C SER A 117 10.69 -5.45 6.78
N ARG A 118 10.21 -5.91 7.90
CA ARG A 118 10.61 -7.28 8.35
C ARG A 118 10.11 -8.31 7.33
N LEU A 119 8.99 -8.07 6.71
CA LEU A 119 8.47 -9.03 5.72
C LEU A 119 9.43 -9.13 4.52
N ALA A 120 10.42 -8.27 4.49
CA ALA A 120 11.38 -8.32 3.35
C ALA A 120 12.28 -9.53 3.51
N PHE A 121 12.12 -10.28 4.57
CA PHE A 121 12.97 -11.49 4.80
C PHE A 121 12.10 -12.64 5.33
N HIS A 122 10.81 -12.51 5.25
CA HIS A 122 9.92 -13.61 5.73
C HIS A 122 8.57 -13.53 5.02
N HIS A 123 8.22 -14.56 4.29
CA HIS A 123 6.93 -14.56 3.55
C HIS A 123 5.87 -15.33 4.35
N MET A 124 5.01 -14.64 5.05
CA MET A 124 3.96 -15.34 5.83
C MET A 124 2.82 -15.76 4.89
N ALA A 125 2.56 -14.99 3.86
CA ALA A 125 1.47 -15.36 2.92
C ALA A 125 1.62 -16.82 2.49
N ARG A 126 2.84 -17.30 2.46
CA ARG A 126 3.07 -18.70 2.04
C ARG A 126 2.60 -19.67 3.14
N GLU A 127 3.06 -19.47 4.34
CA GLU A 127 2.65 -20.38 5.45
C GLU A 127 1.18 -20.12 5.82
N LEU A 128 0.63 -19.00 5.43
CA LEU A 128 -0.80 -18.70 5.79
C LEU A 128 -1.74 -19.46 4.84
N HIS A 129 -1.81 -19.06 3.60
CA HIS A 129 -2.72 -19.74 2.63
C HIS A 129 -2.03 -19.78 1.25
N PRO A 130 -1.18 -20.75 1.01
CA PRO A 130 -0.46 -20.87 -0.28
C PRO A 130 -1.30 -21.60 -1.35
N GLU A 131 -2.15 -22.50 -0.94
CA GLU A 131 -2.99 -23.23 -1.92
C GLU A 131 -3.79 -22.25 -2.78
N TYR A 132 -3.88 -21.01 -2.37
CA TYR A 132 -4.67 -20.03 -3.19
C TYR A 132 -3.86 -19.62 -4.41
N PHE A 133 -2.88 -20.41 -4.77
CA PHE A 133 -2.04 -20.09 -5.96
C PHE A 133 -1.61 -21.40 -6.62
N LYS A 134 -1.20 -22.35 -5.83
CA LYS A 134 -0.78 -23.65 -6.41
C LYS A 134 -0.69 -24.71 -5.30
N ASN A 135 -0.65 -25.96 -5.67
CA ASN A 135 -0.58 -27.04 -4.65
C ASN A 135 -0.19 -28.36 -5.33
N ALA A 136 -0.13 -29.43 -4.58
CA ALA A 136 0.23 -30.74 -5.18
C ALA A 136 -0.29 -31.88 -4.28
N ALA A 1 5.24 15.41 1.49
CA ALA A 1 4.32 16.46 2.00
C ALA A 1 2.98 16.38 1.26
N TRP A 2 2.75 15.30 0.56
CA TRP A 2 1.47 15.17 -0.18
C TRP A 2 0.34 14.91 0.81
N LEU A 3 0.66 14.79 2.08
CA LEU A 3 -0.39 14.57 3.10
C LEU A 3 -1.05 15.91 3.42
N GLU A 4 -0.26 16.93 3.59
CA GLU A 4 -0.82 18.28 3.91
C GLU A 4 -1.41 18.89 2.64
N ALA A 5 -1.03 20.10 2.32
CA ALA A 5 -1.56 20.75 1.11
C ALA A 5 -0.93 20.11 -0.14
N GLN A 6 -1.67 20.04 -1.22
CA GLN A 6 -1.11 19.44 -2.46
C GLN A 6 -0.51 20.54 -3.35
N GLU A 7 0.47 21.23 -2.84
CA GLU A 7 1.11 22.31 -3.64
C GLU A 7 2.49 22.64 -3.07
N GLU A 8 2.58 22.83 -1.78
CA GLU A 8 3.90 23.16 -1.16
C GLU A 8 4.78 21.90 -1.15
N GLU A 9 5.77 21.85 -2.00
CA GLU A 9 6.66 20.66 -2.03
C GLU A 9 7.80 20.91 -3.02
N GLU A 10 8.85 20.14 -2.94
CA GLU A 10 9.99 20.34 -3.88
C GLU A 10 9.67 19.68 -5.23
N VAL A 11 8.60 20.10 -5.85
CA VAL A 11 8.22 19.50 -7.17
C VAL A 11 7.37 20.53 -7.94
N GLY A 12 7.82 20.94 -9.08
CA GLY A 12 7.06 21.94 -9.88
C GLY A 12 5.85 21.26 -10.53
N PHE A 13 5.95 20.96 -11.80
CA PHE A 13 4.81 20.30 -12.50
C PHE A 13 5.35 19.48 -13.68
N PRO A 14 6.26 18.59 -13.42
CA PRO A 14 6.87 17.72 -14.47
C PRO A 14 5.86 16.73 -15.05
N VAL A 15 5.37 17.01 -16.24
CA VAL A 15 4.37 16.10 -16.86
C VAL A 15 5.09 14.92 -17.54
N THR A 16 5.07 13.77 -16.93
CA THR A 16 5.73 12.55 -17.52
C THR A 16 4.72 11.39 -17.53
N PRO A 17 4.08 11.13 -18.64
CA PRO A 17 3.08 10.02 -18.74
C PRO A 17 3.71 8.66 -19.02
N GLN A 18 2.92 7.73 -19.51
CA GLN A 18 3.41 6.34 -19.82
C GLN A 18 4.88 6.33 -20.22
N VAL A 19 5.73 6.06 -19.28
CA VAL A 19 7.20 5.97 -19.55
C VAL A 19 7.53 4.51 -19.88
N PRO A 20 8.58 4.25 -20.64
CA PRO A 20 8.97 2.86 -20.98
C PRO A 20 8.69 1.87 -19.84
N LEU A 21 7.79 0.95 -20.06
CA LEU A 21 7.44 -0.02 -18.98
C LEU A 21 8.65 -0.85 -18.59
N ARG A 22 9.30 -0.50 -17.52
CA ARG A 22 10.48 -1.28 -17.06
C ARG A 22 9.94 -2.51 -16.30
N PRO A 23 10.75 -3.51 -16.09
CA PRO A 23 10.32 -4.74 -15.37
C PRO A 23 10.29 -4.54 -13.84
N MET A 24 9.14 -4.65 -13.24
CA MET A 24 9.06 -4.46 -11.76
C MET A 24 9.85 -5.59 -11.09
N THR A 25 11.00 -5.27 -10.55
CA THR A 25 11.84 -6.32 -9.89
C THR A 25 11.41 -6.54 -8.46
N TYR A 26 11.59 -7.74 -7.97
CA TYR A 26 11.24 -8.01 -6.54
C TYR A 26 11.94 -6.92 -5.74
N LYS A 27 13.19 -6.72 -6.04
CA LYS A 27 13.96 -5.65 -5.37
C LYS A 27 13.24 -4.32 -5.62
N ALA A 28 12.54 -4.20 -6.74
CA ALA A 28 11.83 -2.92 -7.00
C ALA A 28 10.76 -2.71 -5.92
N ALA A 29 10.04 -3.74 -5.57
CA ALA A 29 8.98 -3.59 -4.52
C ALA A 29 9.62 -3.21 -3.19
N VAL A 30 10.62 -3.93 -2.76
CA VAL A 30 11.27 -3.60 -1.46
C VAL A 30 11.92 -2.23 -1.53
N ASP A 31 12.60 -1.93 -2.60
CA ASP A 31 13.23 -0.59 -2.71
C ASP A 31 12.13 0.47 -2.64
N LEU A 32 11.07 0.28 -3.38
CA LEU A 32 9.96 1.25 -3.36
C LEU A 32 9.36 1.29 -1.95
N SER A 33 9.22 0.15 -1.31
CA SER A 33 8.65 0.14 0.05
C SER A 33 9.44 1.09 0.95
N HIS A 34 10.73 0.98 0.97
CA HIS A 34 11.55 1.88 1.83
C HIS A 34 11.58 3.28 1.23
N PHE A 35 11.42 3.41 -0.05
CA PHE A 35 11.43 4.77 -0.65
C PHE A 35 10.30 5.59 -0.01
N LEU A 36 9.09 5.14 -0.17
CA LEU A 36 7.94 5.88 0.42
C LEU A 36 8.01 5.89 1.95
N LYS A 37 8.81 5.03 2.54
CA LYS A 37 8.87 5.00 4.03
C LYS A 37 9.40 6.35 4.56
N GLU A 38 10.54 6.78 4.10
CA GLU A 38 11.12 8.06 4.60
C GLU A 38 10.29 9.25 4.11
N LYS A 39 10.31 9.52 2.84
CA LYS A 39 9.54 10.68 2.31
C LYS A 39 8.05 10.36 2.25
N GLY A 40 7.67 9.31 1.57
CA GLY A 40 6.23 8.97 1.47
C GLY A 40 5.55 9.09 2.85
N GLY A 41 5.82 8.17 3.73
CA GLY A 41 5.19 8.23 5.09
C GLY A 41 3.79 7.61 5.03
N LEU A 42 3.65 6.51 4.34
CA LEU A 42 2.32 5.84 4.25
C LEU A 42 2.10 4.99 5.50
N GLU A 43 3.17 4.57 6.13
CA GLU A 43 3.06 3.73 7.36
C GLU A 43 2.08 4.36 8.36
N GLY A 44 1.42 3.52 9.11
CA GLY A 44 0.48 4.00 10.14
C GLY A 44 -0.53 5.01 9.58
N LEU A 45 -0.50 5.26 8.30
CA LEU A 45 -1.47 6.24 7.73
C LEU A 45 -2.85 5.59 7.62
N ILE A 46 -3.84 6.11 8.32
CA ILE A 46 -5.19 5.49 8.23
C ILE A 46 -5.70 5.56 6.79
N HIS A 47 -5.76 4.43 6.15
CA HIS A 47 -6.26 4.37 4.75
C HIS A 47 -7.73 4.79 4.71
N SER A 48 -7.98 5.97 4.20
CA SER A 48 -9.38 6.46 4.10
C SER A 48 -10.10 5.69 2.99
N GLN A 49 -10.53 6.38 1.95
CA GLN A 49 -11.23 5.68 0.82
C GLN A 49 -10.91 6.38 -0.50
N ARG A 50 -9.68 6.77 -0.74
CA ARG A 50 -9.36 7.44 -2.03
C ARG A 50 -7.85 7.51 -2.28
N ARG A 51 -7.09 7.94 -1.31
CA ARG A 51 -5.61 8.05 -1.52
C ARG A 51 -5.02 6.70 -1.98
N GLN A 52 -5.75 5.62 -1.85
CA GLN A 52 -5.21 4.30 -2.30
C GLN A 52 -4.98 4.37 -3.81
N ASP A 53 -5.97 4.81 -4.54
CA ASP A 53 -5.81 4.92 -6.02
C ASP A 53 -4.67 5.90 -6.30
N ILE A 54 -4.66 7.02 -5.62
CA ILE A 54 -3.58 8.02 -5.83
C ILE A 54 -2.22 7.32 -5.77
N LEU A 55 -2.04 6.45 -4.81
CA LEU A 55 -0.74 5.73 -4.69
C LEU A 55 -0.40 5.07 -6.03
N ASP A 56 -1.12 4.06 -6.40
CA ASP A 56 -0.83 3.36 -7.68
C ASP A 56 -0.72 4.38 -8.82
N LEU A 57 -1.53 5.41 -8.78
CA LEU A 57 -1.48 6.44 -9.86
C LEU A 57 -0.14 7.18 -9.81
N TRP A 58 0.17 7.79 -8.70
CA TRP A 58 1.46 8.54 -8.60
C TRP A 58 2.60 7.69 -9.17
N ILE A 59 2.66 6.44 -8.80
CA ILE A 59 3.74 5.57 -9.34
C ILE A 59 3.60 5.50 -10.87
N TYR A 60 2.40 5.59 -11.36
CA TYR A 60 2.18 5.51 -12.84
C TYR A 60 2.80 6.72 -13.55
N HIS A 61 2.33 7.90 -13.29
CA HIS A 61 2.87 9.11 -13.98
C HIS A 61 4.38 9.26 -13.69
N THR A 62 4.91 8.52 -12.75
CA THR A 62 6.37 8.65 -12.43
C THR A 62 7.15 7.48 -13.02
N GLN A 63 7.13 6.35 -12.36
CA GLN A 63 7.90 5.18 -12.87
C GLN A 63 7.12 4.45 -13.97
N GLY A 64 5.83 4.61 -13.99
CA GLY A 64 5.02 3.94 -15.05
C GLY A 64 4.90 2.44 -14.78
N TYR A 65 5.18 2.00 -13.59
CA TYR A 65 5.05 0.54 -13.29
C TYR A 65 3.56 0.20 -13.23
N PHE A 66 3.16 -0.85 -13.88
CA PHE A 66 1.71 -1.23 -13.84
C PHE A 66 1.39 -1.83 -12.47
N PRO A 67 0.32 -1.42 -11.82
CA PRO A 67 -0.05 -1.96 -10.48
C PRO A 67 -0.66 -3.36 -10.56
N ASP A 68 -0.10 -4.22 -11.36
CA ASP A 68 -0.64 -5.61 -11.47
C ASP A 68 -0.04 -6.46 -10.34
N TRP A 69 0.70 -5.84 -9.46
CA TRP A 69 1.33 -6.58 -8.33
C TRP A 69 0.55 -6.33 -7.05
N GLN A 70 -0.18 -5.27 -7.03
CA GLN A 70 -0.99 -4.93 -5.82
C GLN A 70 -2.24 -5.81 -5.78
N ASN A 71 -2.19 -6.92 -5.11
CA ASN A 71 -3.37 -7.83 -5.04
C ASN A 71 -3.46 -8.44 -3.64
N TYR A 72 -4.07 -7.76 -2.70
CA TYR A 72 -4.19 -8.32 -1.33
C TYR A 72 -5.10 -9.54 -1.32
N THR A 73 -5.71 -9.83 -0.22
CA THR A 73 -6.63 -11.03 -0.16
C THR A 73 -7.57 -10.90 1.05
N PRO A 74 -8.73 -11.52 0.96
CA PRO A 74 -9.75 -11.47 2.04
C PRO A 74 -9.28 -12.19 3.32
N GLY A 75 -10.21 -12.58 4.17
CA GLY A 75 -9.84 -13.28 5.44
C GLY A 75 -10.07 -12.34 6.62
N PRO A 76 -9.53 -12.65 7.76
CA PRO A 76 -9.69 -11.82 8.98
C PRO A 76 -9.46 -10.33 8.70
N GLY A 77 -9.67 -9.48 9.67
CA GLY A 77 -9.47 -8.02 9.45
C GLY A 77 -8.05 -7.77 8.93
N ILE A 78 -7.17 -8.72 9.07
CA ILE A 78 -5.78 -8.53 8.59
C ILE A 78 -5.71 -8.75 7.07
N ARG A 79 -5.73 -7.70 6.30
CA ARG A 79 -5.64 -7.87 4.82
C ARG A 79 -4.17 -8.17 4.46
N TYR A 80 -3.90 -9.39 4.06
CA TYR A 80 -2.49 -9.77 3.73
C TYR A 80 -2.14 -9.39 2.27
N PRO A 81 -0.90 -9.01 2.01
CA PRO A 81 -0.44 -8.67 0.63
C PRO A 81 0.04 -9.91 -0.13
N LEU A 82 -0.64 -10.31 -1.17
CA LEU A 82 -0.18 -11.53 -1.91
C LEU A 82 1.20 -11.29 -2.50
N THR A 83 1.55 -10.07 -2.81
CA THR A 83 2.91 -9.83 -3.38
C THR A 83 3.95 -10.20 -2.34
N PHE A 84 5.20 -10.22 -2.72
CA PHE A 84 6.29 -10.59 -1.76
C PHE A 84 7.02 -9.35 -1.25
N GLY A 85 7.97 -8.91 -2.01
CA GLY A 85 8.78 -7.72 -1.62
C GLY A 85 7.92 -6.59 -1.06
N TRP A 86 6.66 -6.55 -1.37
CA TRP A 86 5.80 -5.45 -0.86
C TRP A 86 5.53 -5.66 0.63
N CYS A 87 6.35 -5.06 1.46
CA CYS A 87 6.18 -5.22 2.92
C CYS A 87 5.12 -4.27 3.46
N TYR A 88 4.02 -4.15 2.78
CA TYR A 88 2.92 -3.23 3.24
C TYR A 88 1.65 -4.08 3.39
N LYS A 89 1.11 -4.14 4.58
CA LYS A 89 -0.13 -4.94 4.83
C LYS A 89 -1.15 -4.05 5.55
N LEU A 90 -2.38 -4.08 5.14
CA LEU A 90 -3.41 -3.22 5.82
C LEU A 90 -3.87 -3.89 7.11
N VAL A 91 -4.23 -3.10 8.09
CA VAL A 91 -4.69 -3.68 9.41
C VAL A 91 -5.62 -2.64 10.08
N PRO A 92 -6.73 -3.08 10.65
CA PRO A 92 -7.67 -2.13 11.33
C PRO A 92 -7.10 -1.60 12.66
N VAL A 93 -7.85 -0.79 13.34
CA VAL A 93 -7.36 -0.24 14.64
C VAL A 93 -7.60 -1.29 15.73
N GLU A 94 -8.37 -0.95 16.71
CA GLU A 94 -8.65 -1.90 17.83
C GLU A 94 -10.02 -1.60 18.42
N PRO A 95 -11.05 -1.78 17.64
CA PRO A 95 -12.46 -1.53 18.08
C PRO A 95 -13.02 -2.70 18.90
N GLU A 96 -14.32 -2.85 18.94
CA GLU A 96 -14.91 -3.97 19.73
C GLU A 96 -14.44 -5.32 19.17
N LYS A 97 -14.40 -6.32 19.99
CA LYS A 97 -13.94 -7.67 19.52
C LYS A 97 -15.10 -8.43 18.89
N LEU A 98 -16.16 -7.75 18.53
CA LEU A 98 -17.33 -8.46 17.91
C LEU A 98 -17.06 -8.69 16.42
N GLU A 99 -17.76 -9.62 15.82
CA GLU A 99 -17.56 -9.89 14.38
C GLU A 99 -18.75 -10.70 13.84
N GLU A 100 -19.49 -10.14 12.93
CA GLU A 100 -20.67 -10.88 12.37
C GLU A 100 -21.13 -10.20 11.09
N ALA A 101 -21.21 -8.90 11.09
CA ALA A 101 -21.66 -8.16 9.88
C ALA A 101 -21.13 -6.73 9.93
N ASN A 102 -19.83 -6.57 9.91
CA ASN A 102 -19.25 -5.20 9.96
C ASN A 102 -19.90 -4.33 8.89
N LYS A 103 -19.97 -3.05 9.12
CA LYS A 103 -20.59 -2.14 8.11
C LYS A 103 -20.15 -0.71 8.37
N ASP A 104 -19.82 -0.44 9.59
CA ASP A 104 -19.36 0.94 9.96
C ASP A 104 -18.48 0.86 11.21
N ASP A 105 -17.30 1.43 11.15
CA ASP A 105 -16.41 1.40 12.34
C ASP A 105 -16.81 2.56 13.26
N PRO A 106 -16.51 2.47 14.54
CA PRO A 106 -16.85 3.53 15.52
C PRO A 106 -16.81 4.94 14.93
N GLU A 107 -15.78 5.72 15.16
CA GLU A 107 -15.73 7.07 14.58
C GLU A 107 -15.22 6.97 13.15
N ARG A 108 -14.37 7.87 12.74
CA ARG A 108 -13.82 7.81 11.36
C ARG A 108 -12.64 6.85 11.32
N GLU A 109 -12.68 5.84 12.15
CA GLU A 109 -11.57 4.86 12.20
C GLU A 109 -11.68 3.89 11.02
N VAL A 110 -10.94 4.13 9.97
CA VAL A 110 -10.99 3.20 8.79
C VAL A 110 -9.91 2.14 8.96
N LEU A 111 -9.14 1.89 7.94
CA LEU A 111 -8.05 0.86 8.02
C LEU A 111 -6.70 1.57 7.88
N GLU A 112 -5.66 1.05 8.49
CA GLU A 112 -4.31 1.72 8.39
C GLU A 112 -3.26 0.79 7.80
N TRP A 113 -2.34 1.35 7.05
CA TRP A 113 -1.24 0.54 6.45
C TRP A 113 -0.28 0.17 7.58
N ARG A 114 0.38 -0.97 7.47
CA ARG A 114 1.34 -1.39 8.53
C ARG A 114 2.66 -1.78 7.85
N PHE A 115 3.60 -0.88 7.86
CA PHE A 115 4.91 -1.16 7.21
C PHE A 115 5.69 -2.22 8.02
N ASP A 116 6.22 -3.21 7.36
CA ASP A 116 6.99 -4.28 8.05
C ASP A 116 7.99 -4.89 7.09
N SER A 117 9.08 -4.21 6.84
CA SER A 117 10.11 -4.73 5.88
C SER A 117 10.46 -6.19 6.20
N ARG A 118 9.94 -6.73 7.27
CA ARG A 118 10.28 -8.15 7.62
C ARG A 118 9.82 -9.05 6.47
N LEU A 119 8.74 -8.70 5.82
CA LEU A 119 8.24 -9.53 4.69
C LEU A 119 9.31 -9.56 3.60
N ALA A 120 10.43 -8.92 3.82
CA ALA A 120 11.50 -8.91 2.80
C ALA A 120 12.16 -10.29 2.79
N PHE A 121 11.75 -11.14 3.69
CA PHE A 121 12.33 -12.52 3.78
C PHE A 121 11.19 -13.51 3.98
N HIS A 122 10.33 -13.25 4.94
CA HIS A 122 9.21 -14.19 5.21
C HIS A 122 8.15 -14.05 4.10
N HIS A 123 7.45 -15.12 3.82
CA HIS A 123 6.38 -15.08 2.76
C HIS A 123 5.12 -15.73 3.30
N MET A 124 4.33 -15.01 4.06
CA MET A 124 3.09 -15.60 4.63
C MET A 124 1.97 -15.61 3.59
N ALA A 125 1.61 -14.46 3.08
CA ALA A 125 0.51 -14.39 2.08
C ALA A 125 0.72 -15.44 0.97
N ARG A 126 1.93 -15.89 0.78
CA ARG A 126 2.19 -16.91 -0.28
C ARG A 126 1.61 -18.25 0.17
N GLU A 127 1.81 -18.63 1.40
CA GLU A 127 1.27 -19.93 1.89
C GLU A 127 -0.26 -19.87 1.94
N LEU A 128 -0.82 -18.69 1.96
CA LEU A 128 -2.30 -18.57 2.02
C LEU A 128 -2.89 -18.87 0.63
N HIS A 129 -2.22 -18.47 -0.42
CA HIS A 129 -2.75 -18.75 -1.79
C HIS A 129 -1.59 -18.97 -2.77
N PRO A 130 -0.85 -20.02 -2.56
CA PRO A 130 0.32 -20.38 -3.44
C PRO A 130 -0.11 -21.13 -4.70
N GLU A 131 -1.31 -21.65 -4.72
CA GLU A 131 -1.78 -22.40 -5.92
C GLU A 131 -1.74 -21.50 -7.16
N TYR A 132 -1.92 -20.22 -6.99
CA TYR A 132 -1.90 -19.31 -8.17
C TYR A 132 -0.46 -19.02 -8.57
N PHE A 133 0.20 -18.13 -7.85
CA PHE A 133 1.60 -17.77 -8.17
C PHE A 133 2.55 -18.68 -7.39
N LYS A 134 3.82 -18.37 -7.38
CA LYS A 134 4.82 -19.21 -6.65
C LYS A 134 6.01 -18.34 -6.23
N ASN A 135 6.47 -17.50 -7.11
CA ASN A 135 7.65 -16.63 -6.78
C ASN A 135 7.63 -15.39 -7.67
N ALA A 136 7.41 -15.55 -8.94
CA ALA A 136 7.38 -14.39 -9.86
C ALA A 136 6.59 -14.75 -11.12
N ALA A 1 3.97 16.90 -1.43
CA ALA A 1 2.71 17.36 -0.78
C ALA A 1 1.60 16.34 -1.05
N TRP A 2 1.95 15.17 -1.49
CA TRP A 2 0.91 14.13 -1.77
C TRP A 2 0.37 13.59 -0.44
N LEU A 3 1.08 13.80 0.63
CA LEU A 3 0.64 13.30 1.95
C LEU A 3 -0.41 14.26 2.52
N GLU A 4 -0.01 15.46 2.84
CA GLU A 4 -0.99 16.44 3.40
C GLU A 4 -1.89 16.97 2.29
N ALA A 5 -2.65 16.10 1.66
CA ALA A 5 -3.55 16.56 0.57
C ALA A 5 -4.70 17.36 1.17
N GLN A 6 -4.40 18.40 1.89
CA GLN A 6 -5.49 19.21 2.51
C GLN A 6 -6.31 19.88 1.40
N GLU A 7 -5.92 21.04 0.97
CA GLU A 7 -6.67 21.75 -0.11
C GLU A 7 -6.21 21.22 -1.46
N GLU A 8 -5.66 22.07 -2.29
CA GLU A 8 -5.19 21.61 -3.64
C GLU A 8 -4.27 20.41 -3.46
N GLU A 9 -3.96 19.72 -4.52
CA GLU A 9 -3.06 18.54 -4.41
C GLU A 9 -2.41 18.27 -5.77
N GLU A 10 -2.35 19.25 -6.62
CA GLU A 10 -1.73 19.05 -7.95
C GLU A 10 -0.22 19.35 -7.87
N VAL A 11 0.58 18.55 -8.50
CA VAL A 11 2.06 18.78 -8.47
C VAL A 11 2.42 19.85 -9.50
N GLY A 12 2.39 21.08 -9.10
CA GLY A 12 2.74 22.19 -10.05
C GLY A 12 4.21 22.06 -10.48
N PHE A 13 4.93 21.13 -9.91
CA PHE A 13 6.37 20.96 -10.29
C PHE A 13 6.46 20.01 -11.51
N PRO A 14 7.46 20.19 -12.36
CA PRO A 14 7.64 19.32 -13.55
C PRO A 14 7.31 17.86 -13.25
N VAL A 15 6.12 17.42 -13.59
CA VAL A 15 5.75 16.00 -13.33
C VAL A 15 6.24 15.11 -14.48
N THR A 16 6.85 14.00 -14.16
CA THR A 16 7.34 13.09 -15.23
C THR A 16 6.20 12.13 -15.64
N PRO A 17 5.70 12.22 -16.86
CA PRO A 17 4.60 11.32 -17.31
C PRO A 17 5.09 9.93 -17.70
N GLN A 18 4.32 9.22 -18.47
CA GLN A 18 4.72 7.84 -18.89
C GLN A 18 6.20 7.80 -19.26
N VAL A 19 7.03 7.41 -18.35
CA VAL A 19 8.49 7.30 -18.63
C VAL A 19 8.77 5.86 -19.11
N PRO A 20 9.82 5.64 -19.85
CA PRO A 20 10.17 4.29 -20.37
C PRO A 20 9.78 3.18 -19.38
N LEU A 21 8.89 2.31 -19.77
CA LEU A 21 8.43 1.23 -18.86
C LEU A 21 9.60 0.32 -18.48
N ARG A 22 10.18 0.54 -17.34
CA ARG A 22 11.31 -0.31 -16.88
C ARG A 22 10.73 -1.57 -16.22
N PRO A 23 11.46 -2.65 -16.18
CA PRO A 23 10.97 -3.93 -15.58
C PRO A 23 10.93 -3.86 -14.04
N MET A 24 9.75 -3.95 -13.47
CA MET A 24 9.65 -3.91 -11.98
C MET A 24 10.28 -5.17 -11.39
N THR A 25 11.41 -5.03 -10.76
CA THR A 25 12.09 -6.23 -10.17
C THR A 25 11.59 -6.48 -8.76
N TYR A 26 11.64 -7.71 -8.31
CA TYR A 26 11.21 -8.00 -6.92
C TYR A 26 12.05 -7.06 -6.07
N LYS A 27 13.29 -6.91 -6.44
CA LYS A 27 14.18 -5.97 -5.75
C LYS A 27 13.56 -4.58 -5.86
N ALA A 28 12.87 -4.31 -6.94
CA ALA A 28 12.24 -2.96 -7.09
C ALA A 28 11.15 -2.77 -6.03
N ALA A 29 10.39 -3.79 -5.76
CA ALA A 29 9.31 -3.67 -4.74
C ALA A 29 9.92 -3.30 -3.39
N VAL A 30 10.94 -4.00 -2.98
CA VAL A 30 11.57 -3.69 -1.67
C VAL A 30 12.19 -2.28 -1.74
N ASP A 31 12.77 -1.93 -2.85
CA ASP A 31 13.36 -0.57 -2.96
C ASP A 31 12.23 0.45 -2.81
N LEU A 32 11.19 0.30 -3.58
CA LEU A 32 10.04 1.24 -3.46
C LEU A 32 9.45 1.15 -2.05
N SER A 33 9.41 -0.04 -1.50
CA SER A 33 8.85 -0.19 -0.13
C SER A 33 9.57 0.76 0.84
N HIS A 34 10.87 0.67 0.91
CA HIS A 34 11.63 1.56 1.83
C HIS A 34 11.63 2.99 1.29
N PHE A 35 11.44 3.18 0.02
CA PHE A 35 11.44 4.58 -0.51
C PHE A 35 10.33 5.38 0.18
N LEU A 36 9.12 4.90 0.07
CA LEU A 36 7.98 5.60 0.71
C LEU A 36 8.15 5.65 2.24
N LYS A 37 8.90 4.73 2.80
CA LYS A 37 9.07 4.72 4.28
C LYS A 37 9.78 6.01 4.73
N GLU A 38 11.02 6.18 4.35
CA GLU A 38 11.77 7.39 4.76
C GLU A 38 11.25 8.64 4.03
N LYS A 39 11.16 8.59 2.72
CA LYS A 39 10.70 9.79 1.96
C LYS A 39 9.18 9.99 2.13
N GLY A 40 8.40 8.98 1.86
CA GLY A 40 6.91 9.14 1.99
C GLY A 40 6.46 8.89 3.42
N GLY A 41 5.22 9.21 3.73
CA GLY A 41 4.67 8.99 5.11
C GLY A 41 3.39 8.17 4.99
N LEU A 42 3.47 7.02 4.38
CA LEU A 42 2.27 6.16 4.19
C LEU A 42 2.00 5.34 5.46
N GLU A 43 3.03 4.90 6.12
CA GLU A 43 2.84 4.08 7.36
C GLU A 43 1.87 4.77 8.31
N GLY A 44 1.10 3.99 9.00
CA GLY A 44 0.13 4.52 10.00
C GLY A 44 -0.91 5.46 9.34
N LEU A 45 -0.83 5.68 8.06
CA LEU A 45 -1.83 6.58 7.40
C LEU A 45 -3.15 5.83 7.23
N ILE A 46 -4.22 6.36 7.79
CA ILE A 46 -5.53 5.66 7.67
C ILE A 46 -6.00 5.59 6.21
N HIS A 47 -5.88 4.44 5.59
CA HIS A 47 -6.34 4.28 4.18
C HIS A 47 -7.87 4.44 4.15
N SER A 48 -8.34 5.54 3.64
CA SER A 48 -9.81 5.76 3.58
C SER A 48 -10.43 4.79 2.60
N GLN A 49 -10.38 5.09 1.32
CA GLN A 49 -10.98 4.18 0.31
C GLN A 49 -10.26 4.36 -1.03
N ARG A 50 -10.68 5.32 -1.82
CA ARG A 50 -10.03 5.55 -3.13
C ARG A 50 -8.60 6.06 -2.91
N ARG A 51 -8.26 6.41 -1.71
CA ARG A 51 -6.88 6.92 -1.45
C ARG A 51 -5.87 5.91 -2.02
N GLN A 52 -6.23 4.66 -2.04
CA GLN A 52 -5.30 3.63 -2.60
C GLN A 52 -5.07 3.91 -4.08
N ASP A 53 -6.09 4.34 -4.79
CA ASP A 53 -5.90 4.64 -6.24
C ASP A 53 -4.85 5.74 -6.39
N ILE A 54 -4.89 6.74 -5.55
CA ILE A 54 -3.89 7.84 -5.64
C ILE A 54 -2.48 7.25 -5.45
N LEU A 55 -2.33 6.34 -4.53
CA LEU A 55 -1.00 5.71 -4.30
C LEU A 55 -0.51 5.09 -5.61
N ASP A 56 -1.24 4.12 -6.10
CA ASP A 56 -0.82 3.45 -7.37
C ASP A 56 -0.66 4.48 -8.49
N LEU A 57 -1.57 5.42 -8.59
CA LEU A 57 -1.46 6.43 -9.68
C LEU A 57 -0.19 7.26 -9.47
N TRP A 58 0.10 7.65 -8.27
CA TRP A 58 1.32 8.45 -8.01
C TRP A 58 2.53 7.73 -8.64
N ILE A 59 2.64 6.44 -8.42
CA ILE A 59 3.79 5.70 -9.02
C ILE A 59 3.75 5.85 -10.55
N TYR A 60 2.58 5.87 -11.11
CA TYR A 60 2.46 6.00 -12.59
C TYR A 60 3.02 7.34 -13.07
N HIS A 61 2.42 8.43 -12.65
CA HIS A 61 2.90 9.77 -13.10
C HIS A 61 4.33 10.03 -12.62
N THR A 62 5.01 9.03 -12.10
CA THR A 62 6.41 9.23 -11.62
C THR A 62 7.35 8.23 -12.27
N GLN A 63 7.44 7.05 -11.72
CA GLN A 63 8.36 6.01 -12.29
C GLN A 63 7.70 5.32 -13.48
N GLY A 64 6.42 5.51 -13.66
CA GLY A 64 5.72 4.88 -14.81
C GLY A 64 5.63 3.37 -14.62
N TYR A 65 5.84 2.86 -13.44
CA TYR A 65 5.75 1.39 -13.24
C TYR A 65 4.27 0.99 -13.32
N PHE A 66 3.97 -0.09 -13.98
CA PHE A 66 2.55 -0.52 -14.10
C PHE A 66 2.14 -1.26 -12.82
N PRO A 67 0.98 -0.98 -12.25
CA PRO A 67 0.52 -1.64 -10.99
C PRO A 67 0.01 -3.07 -11.21
N ASP A 68 0.71 -3.87 -11.98
CA ASP A 68 0.26 -5.28 -12.20
C ASP A 68 0.79 -6.15 -11.06
N TRP A 69 1.41 -5.55 -10.08
CA TRP A 69 1.98 -6.33 -8.94
C TRP A 69 1.08 -6.19 -7.71
N GLN A 70 0.27 -5.18 -7.71
CA GLN A 70 -0.64 -4.94 -6.56
C GLN A 70 -1.85 -5.89 -6.64
N ASN A 71 -1.89 -6.91 -5.82
CA ASN A 71 -3.05 -7.85 -5.85
C ASN A 71 -3.14 -8.61 -4.52
N TYR A 72 -3.82 -8.03 -3.55
CA TYR A 72 -3.94 -8.71 -2.23
C TYR A 72 -4.84 -9.96 -2.36
N THR A 73 -5.47 -10.36 -1.28
CA THR A 73 -6.36 -11.56 -1.35
C THR A 73 -7.28 -11.61 -0.13
N PRO A 74 -8.42 -12.26 -0.27
CA PRO A 74 -9.41 -12.39 0.82
C PRO A 74 -8.77 -12.48 2.21
N GLY A 75 -8.82 -11.41 2.95
CA GLY A 75 -8.22 -11.41 4.31
C GLY A 75 -8.79 -10.25 5.11
N PRO A 76 -10.03 -10.37 5.55
CA PRO A 76 -10.71 -9.30 6.32
C PRO A 76 -9.81 -8.67 7.40
N GLY A 77 -10.01 -7.42 7.67
CA GLY A 77 -9.18 -6.74 8.71
C GLY A 77 -7.71 -6.73 8.27
N ILE A 78 -7.07 -7.87 8.30
CA ILE A 78 -5.63 -7.93 7.91
C ILE A 78 -5.50 -8.32 6.43
N ARG A 79 -5.36 -7.37 5.55
CA ARG A 79 -5.21 -7.70 4.10
C ARG A 79 -3.76 -8.09 3.80
N TYR A 80 -3.56 -9.29 3.28
CA TYR A 80 -2.18 -9.78 2.96
C TYR A 80 -1.86 -9.57 1.46
N PRO A 81 -0.61 -9.34 1.09
CA PRO A 81 -0.18 -9.15 -0.32
C PRO A 81 0.22 -10.47 -1.01
N LEU A 82 -0.28 -10.74 -2.18
CA LEU A 82 0.11 -11.99 -2.88
C LEU A 82 1.56 -11.90 -3.34
N THR A 83 1.91 -10.90 -4.09
CA THR A 83 3.32 -10.77 -4.56
C THR A 83 4.24 -10.58 -3.37
N PHE A 84 5.48 -10.97 -3.51
CA PHE A 84 6.46 -10.84 -2.39
C PHE A 84 7.29 -9.58 -2.56
N GLY A 85 7.91 -9.10 -1.51
CA GLY A 85 8.75 -7.87 -1.60
C GLY A 85 7.95 -6.66 -1.15
N TRP A 86 6.69 -6.61 -1.48
CA TRP A 86 5.86 -5.44 -1.07
C TRP A 86 5.50 -5.59 0.42
N CYS A 87 6.19 -4.86 1.25
CA CYS A 87 5.97 -4.96 2.72
C CYS A 87 4.82 -4.06 3.18
N TYR A 88 3.66 -4.30 2.66
CA TYR A 88 2.46 -3.48 3.04
C TYR A 88 1.41 -4.40 3.70
N LYS A 89 0.97 -4.06 4.89
CA LYS A 89 -0.06 -4.90 5.60
C LYS A 89 -1.17 -3.99 6.13
N LEU A 90 -2.36 -4.05 5.59
CA LEU A 90 -3.43 -3.17 6.13
C LEU A 90 -3.97 -3.77 7.43
N VAL A 91 -4.38 -2.95 8.36
CA VAL A 91 -4.89 -3.47 9.67
C VAL A 91 -5.82 -2.39 10.29
N PRO A 92 -6.95 -2.77 10.85
CA PRO A 92 -7.89 -1.80 11.49
C PRO A 92 -7.36 -1.29 12.85
N VAL A 93 -7.83 -0.15 13.30
CA VAL A 93 -7.35 0.39 14.60
C VAL A 93 -8.18 -0.24 15.72
N GLU A 94 -8.60 0.57 16.64
CA GLU A 94 -9.39 0.09 17.80
C GLU A 94 -10.22 1.27 18.34
N PRO A 95 -11.20 1.70 17.59
CA PRO A 95 -12.07 2.85 17.99
C PRO A 95 -13.12 2.46 19.04
N GLU A 96 -12.98 1.32 19.66
CA GLU A 96 -13.98 0.92 20.68
C GLU A 96 -13.99 1.94 21.83
N LYS A 97 -14.88 2.89 21.80
CA LYS A 97 -14.93 3.90 22.89
C LYS A 97 -15.71 3.31 24.08
N LEU A 98 -16.80 3.92 24.44
CA LEU A 98 -17.60 3.38 25.59
C LEU A 98 -18.49 2.25 25.09
N GLU A 99 -18.82 1.31 25.95
CA GLU A 99 -19.69 0.19 25.51
C GLU A 99 -21.14 0.68 25.42
N GLU A 100 -21.43 1.82 25.97
CA GLU A 100 -22.82 2.35 25.92
C GLU A 100 -23.12 2.87 24.51
N ALA A 101 -23.45 1.99 23.60
CA ALA A 101 -23.76 2.44 22.21
C ALA A 101 -24.42 1.27 21.46
N ASN A 102 -25.35 1.59 20.59
CA ASN A 102 -26.03 0.50 19.83
C ASN A 102 -25.06 -0.13 18.83
N LYS A 103 -25.32 -1.33 18.40
CA LYS A 103 -24.42 -2.02 17.44
C LYS A 103 -24.66 -1.44 16.03
N ASP A 104 -23.76 -0.63 15.54
CA ASP A 104 -23.93 -0.05 14.19
C ASP A 104 -22.55 0.19 13.56
N ASP A 105 -22.16 -0.64 12.63
CA ASP A 105 -20.83 -0.46 11.98
C ASP A 105 -20.86 -1.08 10.58
N PRO A 106 -21.43 -0.37 9.62
CA PRO A 106 -21.53 -0.85 8.20
C PRO A 106 -20.19 -1.32 7.64
N GLU A 107 -20.05 -1.32 6.34
CA GLU A 107 -18.77 -1.77 5.72
C GLU A 107 -17.74 -0.65 5.82
N ARG A 108 -17.34 -0.31 7.01
CA ARG A 108 -16.31 0.76 7.18
C ARG A 108 -14.93 0.17 6.90
N GLU A 109 -14.59 -0.01 5.65
CA GLU A 109 -13.26 -0.60 5.31
C GLU A 109 -12.15 0.43 5.48
N VAL A 110 -12.28 1.28 6.47
CA VAL A 110 -11.22 2.32 6.71
C VAL A 110 -10.10 1.72 7.55
N LEU A 111 -9.04 1.29 6.90
CA LEU A 111 -7.88 0.68 7.62
C LEU A 111 -6.65 1.57 7.43
N GLU A 112 -5.57 1.29 8.13
CA GLU A 112 -4.32 2.11 8.00
C GLU A 112 -3.16 1.28 7.46
N TRP A 113 -2.24 1.94 6.79
CA TRP A 113 -1.05 1.25 6.22
C TRP A 113 -0.07 0.87 7.33
N ARG A 114 0.04 -0.39 7.63
CA ARG A 114 1.02 -0.83 8.67
C ARG A 114 2.27 -1.29 7.92
N PHE A 115 3.17 -0.39 7.66
CA PHE A 115 4.41 -0.75 6.91
C PHE A 115 5.27 -1.68 7.76
N ASP A 116 5.87 -2.68 7.15
CA ASP A 116 6.72 -3.63 7.91
C ASP A 116 7.78 -4.21 6.97
N SER A 117 8.74 -3.41 6.59
CA SER A 117 9.82 -3.88 5.67
C SER A 117 10.33 -5.27 6.07
N ARG A 118 9.98 -5.75 7.24
CA ARG A 118 10.47 -7.09 7.64
C ARG A 118 9.91 -8.13 6.66
N LEU A 119 8.87 -7.80 5.97
CA LEU A 119 8.29 -8.76 4.97
C LEU A 119 9.34 -9.03 3.89
N ALA A 120 10.45 -8.36 3.95
CA ALA A 120 11.51 -8.58 2.93
C ALA A 120 12.18 -9.92 3.21
N PHE A 121 11.88 -10.52 4.32
CA PHE A 121 12.50 -11.84 4.67
C PHE A 121 11.44 -12.75 5.32
N HIS A 122 10.19 -12.62 4.93
CA HIS A 122 9.13 -13.48 5.53
C HIS A 122 7.96 -13.62 4.56
N HIS A 123 8.09 -14.49 3.60
CA HIS A 123 6.99 -14.68 2.60
C HIS A 123 5.80 -15.36 3.29
N MET A 124 4.98 -14.61 3.98
CA MET A 124 3.81 -15.22 4.67
C MET A 124 2.66 -15.47 3.67
N ALA A 125 2.22 -14.45 2.99
CA ALA A 125 1.10 -14.61 2.02
C ALA A 125 1.38 -15.82 1.11
N ARG A 126 2.61 -16.25 1.04
CA ARG A 126 2.94 -17.41 0.17
C ARG A 126 2.42 -18.71 0.81
N GLU A 127 2.78 -18.96 2.03
CA GLU A 127 2.32 -20.21 2.71
C GLU A 127 0.81 -20.18 2.95
N LEU A 128 0.24 -19.01 3.09
CA LEU A 128 -1.22 -18.93 3.35
C LEU A 128 -2.00 -19.19 2.05
N HIS A 129 -1.57 -18.64 0.94
CA HIS A 129 -2.30 -18.84 -0.35
C HIS A 129 -1.29 -19.07 -1.50
N PRO A 130 -0.77 -20.26 -1.62
CA PRO A 130 0.19 -20.61 -2.71
C PRO A 130 -0.53 -21.08 -3.98
N GLU A 131 -1.56 -20.38 -4.37
CA GLU A 131 -2.32 -20.78 -5.60
C GLU A 131 -1.56 -20.37 -6.86
N TYR A 132 -1.52 -19.09 -7.14
CA TYR A 132 -0.80 -18.62 -8.36
C TYR A 132 0.71 -18.65 -8.12
N PHE A 133 1.13 -19.27 -7.05
CA PHE A 133 2.59 -19.34 -6.74
C PHE A 133 3.15 -20.66 -7.28
N LYS A 134 2.37 -21.37 -8.04
CA LYS A 134 2.86 -22.66 -8.60
C LYS A 134 4.05 -22.40 -9.52
N ASN A 135 3.93 -21.42 -10.38
CA ASN A 135 5.05 -21.11 -11.31
C ASN A 135 6.29 -20.74 -10.48
N ALA A 136 7.46 -20.82 -11.09
CA ALA A 136 8.76 -20.48 -10.41
C ALA A 136 8.58 -20.08 -8.94
#